data_8VB4
#
_entry.id   8VB4
#
loop_
_entity.id
_entity.type
_entity.pdbx_description
1 polymer 'Portal protein (gp35)'
2 polymer 'Adaptor protein (gp52)'
#
loop_
_entity_poly.entity_id
_entity_poly.type
_entity_poly.pdbx_seq_one_letter_code
_entity_poly.pdbx_strand_id
1 'polypeptide(L)'
;MYTSSMTYESLYTKYRDDSAILKTEDYAHWTLPTVYADPDLREGKRVNVRRDYQSVGAVYVNTLSAKLAQVLFPANQAFF
RIDSTGDAAQLAEAMGAESADLANGLAELENTAFRRIFLKSSYHQLVHAMKLLIITGNVLLYRDSNTGNMHAYSIRQYSV
LRDGGGKVLDMVLKERTVISELPVEARIKYRNRKQDDCICLYTRIKRERRAVGEVFVVTQQLEDGLMLDNLEVYPEAICP
FIPAVWNLVTGETYGRGLVEDYAGDLAKLSALSEALALYEIEACRVLHMAKPGSQIDVDSMAERESGAWVAGDPNGVAAY
EAGDYNKIIALTQEIQSIAARLAPAFMYAQNQRNAERVTAEEIRQNAEEAELALGGVYSVIADTLHIPLAHILCWEVNQQ
FINELLSNGLTLSVLTGVAALSRSTDVNKLIQAAQSLSVILPVFQNTPRVDPEKILDMVLTGFGINTKDLYRTEEQLQAL
QAAQAPVTPDLANVAGTINETGL
;
A,B,C,D,E,F,G,H,I,J,K,L
2 'polypeptide(L)'
;MELLDAVNTCLTALGEARVTSTDTRHPSVALILQTLATKQKLLLERGWWFNTQDEEMFPDLLGRIPYPAASISVESLDGY
NIYSKRNNFLFNNTCNTMYFTGPVCIRVTYNLDFEDLPESVATVITYRAARAVYVGDLGNDASVQDLVLNEQQAMLLVEE
QHMRNKKHSTRRRRPWGKYQNALSG
;
M,N,O,P,Q,R,S,T,U,V,W,X
#
# COMPACT_ATOMS: atom_id res chain seq x y z
N THR A 7 21.79 -59.28 55.23
CA THR A 7 20.33 -58.99 55.11
C THR A 7 20.11 -57.58 54.56
N TYR A 8 20.93 -57.19 53.59
CA TYR A 8 20.80 -55.84 53.02
C TYR A 8 19.48 -55.66 52.31
N GLU A 9 18.78 -56.74 51.96
CA GLU A 9 17.46 -56.60 51.35
C GLU A 9 16.50 -55.92 52.31
N SER A 10 16.60 -56.22 53.60
CA SER A 10 15.74 -55.56 54.59
C SER A 10 15.96 -54.06 54.59
N LEU A 11 17.23 -53.61 54.61
CA LEU A 11 17.51 -52.18 54.56
C LEU A 11 17.01 -51.57 53.27
N TYR A 12 17.27 -52.25 52.15
CA TYR A 12 16.85 -51.73 50.86
C TYR A 12 15.34 -51.50 50.82
N THR A 13 14.56 -52.45 51.34
CA THR A 13 13.12 -52.29 51.37
C THR A 13 12.71 -51.22 52.39
N LYS A 14 13.43 -51.11 53.51
CA LYS A 14 13.07 -50.16 54.55
C LYS A 14 13.22 -48.73 54.07
N TYR A 15 14.28 -48.43 53.32
CA TYR A 15 14.61 -47.05 52.98
C TYR A 15 13.88 -46.53 51.75
N ARG A 16 12.96 -47.30 51.17
CA ARG A 16 12.25 -46.83 49.99
C ARG A 16 11.10 -45.89 50.38
N ASP A 17 10.67 -45.10 49.41
CA ASP A 17 9.54 -44.17 49.56
C ASP A 17 8.59 -44.46 48.40
N ASP A 18 7.51 -45.19 48.70
CA ASP A 18 6.60 -45.64 47.63
C ASP A 18 5.82 -44.47 47.04
N SER A 19 5.49 -43.47 47.84
CA SER A 19 4.68 -42.35 47.34
C SER A 19 5.39 -41.63 46.20
N ALA A 20 6.66 -41.30 46.40
CA ALA A 20 7.42 -40.60 45.36
C ALA A 20 7.54 -41.46 44.11
N ILE A 21 7.82 -42.75 44.28
CA ILE A 21 7.99 -43.64 43.14
C ILE A 21 6.71 -43.72 42.33
N LEU A 22 5.56 -43.83 43.00
CA LEU A 22 4.29 -43.89 42.29
C LEU A 22 3.92 -42.55 41.64
N LYS A 23 4.23 -41.43 42.28
CA LYS A 23 3.90 -40.13 41.70
C LYS A 23 4.78 -39.82 40.48
N THR A 24 6.05 -40.21 40.51
CA THR A 24 6.96 -39.84 39.43
C THR A 24 6.72 -40.62 38.15
N GLU A 25 5.67 -41.44 38.09
CA GLU A 25 5.38 -42.16 36.86
C GLU A 25 4.77 -41.25 35.80
N ASP A 26 3.87 -40.35 36.22
CA ASP A 26 3.22 -39.47 35.26
C ASP A 26 4.22 -38.53 34.59
N TYR A 27 5.17 -38.01 35.38
CA TYR A 27 6.14 -37.08 34.81
C TYR A 27 6.94 -37.73 33.69
N ALA A 28 7.38 -38.97 33.91
CA ALA A 28 8.06 -39.70 32.86
C ALA A 28 7.11 -40.00 31.70
N HIS A 29 5.87 -40.35 32.01
CA HIS A 29 4.90 -40.67 30.95
C HIS A 29 4.61 -39.50 30.03
N TRP A 30 4.74 -38.27 30.51
CA TRP A 30 4.48 -37.10 29.68
C TRP A 30 5.67 -36.70 28.82
N THR A 31 6.89 -37.08 29.19
CA THR A 31 8.09 -36.64 28.49
C THR A 31 8.84 -37.77 27.81
N LEU A 32 9.28 -38.78 28.56
CA LEU A 32 10.14 -39.84 28.03
C LEU A 32 9.93 -41.10 28.83
N PRO A 33 8.95 -41.94 28.43
CA PRO A 33 8.65 -43.13 29.24
C PRO A 33 9.82 -44.09 29.39
N THR A 34 10.66 -44.24 28.36
CA THR A 34 11.67 -45.28 28.38
C THR A 34 12.79 -45.03 29.38
N VAL A 35 12.90 -43.83 29.92
CA VAL A 35 13.95 -43.53 30.90
C VAL A 35 13.63 -44.04 32.29
N TYR A 36 12.36 -44.35 32.56
CA TYR A 36 11.91 -44.71 33.91
C TYR A 36 11.27 -46.09 33.95
N ALA A 37 11.70 -47.00 33.07
CA ALA A 37 11.10 -48.32 33.01
C ALA A 37 11.56 -49.18 34.18
N ASP A 38 10.63 -49.99 34.69
CA ASP A 38 10.93 -50.84 35.84
C ASP A 38 11.77 -52.04 35.39
N PRO A 39 12.94 -52.27 35.98
CA PRO A 39 13.77 -53.41 35.56
C PRO A 39 13.33 -54.75 36.14
N ASP A 40 12.38 -54.77 37.08
CA ASP A 40 11.99 -56.01 37.75
C ASP A 40 10.83 -56.72 37.07
N LEU A 41 10.24 -56.12 36.02
CA LEU A 41 9.16 -56.75 35.28
C LEU A 41 9.64 -57.39 33.97
N ARG A 42 10.95 -57.40 33.72
CA ARG A 42 11.50 -57.93 32.49
C ARG A 42 12.66 -58.85 32.79
N GLU A 43 12.82 -59.88 31.94
CA GLU A 43 13.88 -60.86 32.11
C GLU A 43 14.63 -61.09 30.80
N GLY A 44 14.76 -60.05 29.98
CA GLY A 44 15.47 -60.14 28.73
C GLY A 44 14.58 -60.16 27.50
N LYS A 45 13.32 -59.76 27.63
CA LYS A 45 12.41 -59.70 26.49
C LYS A 45 11.64 -58.39 26.55
N ARG A 46 11.19 -57.92 25.39
CA ARG A 46 10.51 -56.64 25.30
C ARG A 46 9.14 -56.70 25.97
N VAL A 47 8.84 -55.70 26.78
CA VAL A 47 7.50 -55.44 27.30
C VAL A 47 7.12 -54.04 26.87
N ASN A 48 5.96 -53.91 26.22
CA ASN A 48 5.63 -52.67 25.52
C ASN A 48 5.50 -51.51 26.50
N VAL A 49 5.87 -50.32 26.02
CA VAL A 49 5.75 -49.07 26.76
C VAL A 49 4.88 -48.12 25.95
N ARG A 50 3.87 -47.56 26.60
CA ARG A 50 2.91 -46.71 25.90
C ARG A 50 3.40 -45.27 25.83
N ARG A 51 2.91 -44.55 24.82
CA ARG A 51 3.28 -43.17 24.56
C ARG A 51 2.06 -42.27 24.72
N ASP A 52 2.29 -40.97 24.59
CA ASP A 52 1.26 -39.96 24.82
C ASP A 52 0.88 -39.30 23.50
N TYR A 53 -0.24 -38.55 23.54
CA TYR A 53 -0.76 -37.92 22.33
C TYR A 53 0.06 -36.73 21.88
N GLN A 54 0.98 -36.24 22.70
CA GLN A 54 1.77 -35.05 22.39
C GLN A 54 3.26 -35.33 22.57
N SER A 55 4.07 -34.68 21.75
CA SER A 55 5.52 -34.87 21.77
C SER A 55 6.30 -33.61 22.08
N VAL A 56 5.66 -32.58 22.64
CA VAL A 56 6.38 -31.34 22.96
C VAL A 56 7.38 -31.58 24.08
N GLY A 57 6.94 -32.27 25.14
CA GLY A 57 7.82 -32.49 26.28
C GLY A 57 9.08 -33.24 25.91
N ALA A 58 8.96 -34.24 25.04
CA ALA A 58 10.13 -35.00 24.63
C ALA A 58 11.16 -34.11 23.95
N VAL A 59 10.73 -33.28 23.01
CA VAL A 59 11.65 -32.40 22.30
C VAL A 59 12.29 -31.42 23.27
N TYR A 60 11.49 -30.81 24.14
CA TYR A 60 12.03 -29.83 25.07
C TYR A 60 13.06 -30.47 25.99
N VAL A 61 12.75 -31.65 26.53
CA VAL A 61 13.68 -32.31 27.46
C VAL A 61 14.96 -32.71 26.74
N ASN A 62 14.84 -33.27 25.54
CA ASN A 62 16.02 -33.64 24.78
C ASN A 62 16.91 -32.43 24.55
N THR A 63 16.33 -31.32 24.09
CA THR A 63 17.12 -30.13 23.82
C THR A 63 17.82 -29.63 25.07
N LEU A 64 17.08 -29.52 26.18
CA LEU A 64 17.67 -28.99 27.41
C LEU A 64 18.78 -29.90 27.93
N SER A 65 18.55 -31.22 27.93
CA SER A 65 19.56 -32.14 28.42
C SER A 65 20.82 -32.09 27.55
N ALA A 66 20.66 -32.03 26.23
CA ALA A 66 21.82 -31.94 25.36
C ALA A 66 22.57 -30.63 25.59
N LYS A 67 21.83 -29.53 25.77
CA LYS A 67 22.49 -28.23 25.90
C LYS A 67 23.22 -28.10 27.22
N LEU A 68 22.66 -28.66 28.30
CA LEU A 68 23.29 -28.52 29.61
C LEU A 68 24.68 -29.13 29.67
N ALA A 69 24.93 -30.21 28.91
CA ALA A 69 26.21 -30.90 29.01
C ALA A 69 27.35 -30.02 28.51
N GLN A 70 27.11 -29.26 27.43
CA GLN A 70 28.16 -28.43 26.87
C GLN A 70 28.56 -27.31 27.83
N VAL A 71 27.59 -26.74 28.55
CA VAL A 71 27.89 -25.62 29.45
C VAL A 71 28.68 -26.10 30.66
N LEU A 72 28.28 -27.21 31.27
CA LEU A 72 28.93 -27.72 32.48
C LEU A 72 30.30 -28.33 32.21
N PHE A 73 30.47 -29.03 31.09
CA PHE A 73 31.69 -29.77 30.80
C PHE A 73 32.21 -29.36 29.44
N PRO A 74 32.80 -28.17 29.33
CA PRO A 74 33.39 -27.76 28.06
C PRO A 74 34.55 -28.65 27.67
N ALA A 75 34.75 -28.81 26.37
CA ALA A 75 35.71 -29.76 25.83
C ALA A 75 37.09 -29.18 25.60
N ASN A 76 37.31 -27.90 25.89
CA ASN A 76 38.58 -27.25 25.55
C ASN A 76 39.06 -26.36 26.70
N GLN A 77 38.67 -26.69 27.93
CA GLN A 77 39.18 -25.99 29.10
C GLN A 77 38.65 -26.67 30.35
N ALA A 78 39.41 -26.53 31.44
CA ALA A 78 39.01 -27.15 32.70
C ALA A 78 37.76 -26.48 33.26
N PHE A 79 36.99 -27.25 34.02
CA PHE A 79 35.76 -26.76 34.63
C PHE A 79 35.95 -26.41 36.12
N PHE A 80 37.17 -26.46 36.63
CA PHE A 80 37.43 -26.14 38.02
C PHE A 80 38.78 -25.46 38.14
N ARG A 81 38.94 -24.68 39.21
CA ARG A 81 40.17 -23.95 39.47
C ARG A 81 40.55 -24.10 40.94
N ILE A 82 41.84 -23.99 41.23
CA ILE A 82 42.36 -24.10 42.58
C ILE A 82 42.82 -22.73 43.04
N ASP A 83 42.39 -22.32 44.22
CA ASP A 83 42.74 -21.01 44.75
C ASP A 83 44.19 -20.97 45.22
N SER A 84 44.54 -21.84 46.18
CA SER A 84 45.91 -21.96 46.65
C SER A 84 46.32 -20.79 47.53
N THR A 85 45.42 -19.83 47.72
CA THR A 85 45.74 -18.69 48.59
C THR A 85 45.62 -19.05 50.06
N GLY A 86 44.98 -20.17 50.38
CA GLY A 86 44.82 -20.59 51.75
C GLY A 86 46.13 -20.78 52.48
N ASP A 87 46.92 -21.76 52.04
CA ASP A 87 48.20 -22.04 52.69
C ASP A 87 49.13 -22.65 51.64
N ALA A 88 50.06 -21.83 51.13
CA ALA A 88 50.99 -22.30 50.11
C ALA A 88 52.08 -23.18 50.71
N ALA A 89 52.32 -23.08 52.03
CA ALA A 89 53.39 -23.84 52.65
C ALA A 89 53.21 -25.34 52.45
N GLN A 90 52.11 -25.88 52.95
CA GLN A 90 51.85 -27.31 52.83
C GLN A 90 51.69 -27.75 51.39
N LEU A 91 51.03 -26.93 50.57
CA LEU A 91 50.86 -27.30 49.17
C LEU A 91 52.19 -27.44 48.46
N ALA A 92 53.12 -26.50 48.71
CA ALA A 92 54.45 -26.58 48.12
C ALA A 92 55.24 -27.75 48.71
N GLU A 93 55.08 -28.02 49.99
CA GLU A 93 55.82 -29.10 50.63
C GLU A 93 55.35 -30.47 50.14
N ALA A 94 54.09 -30.61 49.75
CA ALA A 94 53.58 -31.89 49.29
C ALA A 94 54.23 -32.30 47.97
N MET A 95 54.25 -31.41 46.99
CA MET A 95 54.88 -31.72 45.71
C MET A 95 56.40 -31.65 45.81
N GLY A 96 56.92 -30.75 46.64
CA GLY A 96 58.34 -30.52 46.73
C GLY A 96 58.82 -29.53 45.69
N ALA A 97 58.23 -28.34 45.69
CA ALA A 97 58.55 -27.31 44.72
C ALA A 97 58.88 -26.02 45.47
N GLU A 98 59.24 -24.98 44.72
CA GLU A 98 59.61 -23.71 45.30
C GLU A 98 58.36 -22.94 45.72
N SER A 99 58.57 -21.77 46.31
CA SER A 99 57.45 -20.96 46.78
C SER A 99 56.64 -20.40 45.62
N ALA A 100 57.31 -20.09 44.51
CA ALA A 100 56.65 -19.47 43.36
C ALA A 100 56.27 -20.47 42.28
N ASP A 101 56.89 -21.65 42.25
CA ASP A 101 56.57 -22.63 41.22
C ASP A 101 55.21 -23.28 41.45
N LEU A 102 54.59 -23.03 42.61
CA LEU A 102 53.28 -23.61 42.89
C LEU A 102 52.23 -23.14 41.90
N ALA A 103 52.30 -21.87 41.49
CA ALA A 103 51.33 -21.35 40.53
C ALA A 103 51.39 -22.10 39.21
N ASN A 104 52.60 -22.41 38.74
CA ASN A 104 52.74 -23.16 37.51
C ASN A 104 52.34 -24.62 37.69
N GLY A 105 52.70 -25.21 38.83
CA GLY A 105 52.39 -26.62 39.04
C GLY A 105 50.90 -26.88 39.13
N LEU A 106 50.18 -26.02 39.87
CA LEU A 106 48.73 -26.20 39.99
C LEU A 106 48.05 -26.02 38.64
N ALA A 107 48.50 -25.04 37.85
CA ALA A 107 47.93 -24.85 36.53
C ALA A 107 48.18 -26.06 35.64
N GLU A 108 49.40 -26.61 35.70
CA GLU A 108 49.70 -27.81 34.90
C GLU A 108 48.79 -28.97 35.31
N LEU A 109 48.62 -29.18 36.61
CA LEU A 109 47.77 -30.27 37.08
C LEU A 109 46.33 -30.08 36.61
N GLU A 110 45.79 -28.87 36.76
CA GLU A 110 44.42 -28.62 36.34
C GLU A 110 44.26 -28.83 34.84
N ASN A 111 45.22 -28.34 34.05
CA ASN A 111 45.12 -28.48 32.60
C ASN A 111 45.19 -29.93 32.16
N THR A 112 46.08 -30.72 32.77
CA THR A 112 46.27 -32.10 32.34
C THR A 112 45.25 -33.06 32.94
N ALA A 113 44.49 -32.62 33.95
CA ALA A 113 43.61 -33.54 34.67
C ALA A 113 42.25 -33.68 34.00
N PHE A 114 41.70 -32.59 33.47
CA PHE A 114 40.29 -32.59 33.09
C PHE A 114 40.01 -33.42 31.84
N ARG A 115 41.04 -33.77 31.06
CA ARG A 115 40.81 -34.62 29.90
C ARG A 115 40.34 -36.02 30.25
N ARG A 116 40.54 -36.46 31.48
CA ARG A 116 40.19 -37.83 31.85
C ARG A 116 38.70 -38.11 31.83
N ILE A 117 37.86 -37.08 31.69
CA ILE A 117 36.42 -37.28 31.73
C ILE A 117 35.87 -37.83 30.43
N PHE A 118 36.68 -37.92 29.38
CA PHE A 118 36.24 -38.38 28.07
C PHE A 118 36.70 -39.78 27.72
N LEU A 119 37.09 -40.59 28.70
CA LEU A 119 37.57 -41.94 28.42
C LEU A 119 36.46 -42.96 28.60
N LYS A 120 36.30 -43.85 27.61
CA LYS A 120 35.45 -45.03 27.73
C LYS A 120 33.99 -44.67 27.94
N SER A 121 33.48 -43.72 27.16
CA SER A 121 32.04 -43.44 27.08
C SER A 121 31.49 -42.88 28.39
N SER A 122 32.15 -41.88 28.98
CA SER A 122 31.60 -41.23 30.16
C SER A 122 30.60 -40.13 29.78
N TYR A 123 30.81 -39.49 28.63
CA TYR A 123 29.99 -38.35 28.25
C TYR A 123 28.53 -38.77 28.05
N HIS A 124 28.31 -39.93 27.45
CA HIS A 124 26.94 -40.43 27.27
C HIS A 124 26.26 -40.65 28.61
N GLN A 125 27.00 -41.21 29.58
CA GLN A 125 26.43 -41.41 30.91
C GLN A 125 26.13 -40.08 31.59
N LEU A 126 26.98 -39.07 31.36
CA LEU A 126 26.69 -37.74 31.90
C LEU A 126 25.41 -37.18 31.33
N VAL A 127 25.20 -37.33 30.02
CA VAL A 127 23.97 -36.83 29.40
C VAL A 127 22.76 -37.58 29.96
N HIS A 128 22.88 -38.90 30.10
CA HIS A 128 21.78 -39.67 30.68
C HIS A 128 21.48 -39.22 32.10
N ALA A 129 22.53 -38.94 32.89
CA ALA A 129 22.33 -38.43 34.25
C ALA A 129 21.63 -37.08 34.24
N MET A 130 21.96 -36.21 33.29
CA MET A 130 21.26 -34.93 33.19
C MET A 130 19.78 -35.14 32.89
N LYS A 131 19.47 -36.06 31.97
CA LYS A 131 18.06 -36.37 31.71
C LYS A 131 17.37 -36.86 32.98
N LEU A 132 18.01 -37.77 33.70
CA LEU A 132 17.40 -38.32 34.91
C LEU A 132 17.16 -37.22 35.95
N LEU A 133 18.13 -36.32 36.13
CA LEU A 133 17.97 -35.23 37.07
C LEU A 133 16.82 -34.32 36.66
N ILE A 134 16.70 -34.03 35.36
CA ILE A 134 15.65 -33.12 34.92
C ILE A 134 14.27 -33.74 35.11
N ILE A 135 14.10 -35.01 34.80
CA ILE A 135 12.78 -35.62 34.84
C ILE A 135 12.40 -36.08 36.24
N THR A 136 13.31 -36.76 36.94
CA THR A 136 12.99 -37.34 38.24
C THR A 136 13.65 -36.65 39.42
N GLY A 137 14.71 -35.87 39.18
CA GLY A 137 15.34 -35.13 40.26
C GLY A 137 16.21 -35.94 41.17
N ASN A 138 16.63 -37.14 40.76
CA ASN A 138 17.52 -37.97 41.57
C ASN A 138 18.38 -38.81 40.65
N VAL A 139 19.61 -39.08 41.08
CA VAL A 139 20.54 -39.91 40.32
C VAL A 139 21.70 -40.30 41.22
N LEU A 140 22.19 -41.52 41.03
CA LEU A 140 23.38 -42.02 41.72
C LEU A 140 24.44 -42.30 40.67
N LEU A 141 25.65 -41.80 40.90
CA LEU A 141 26.73 -41.84 39.93
C LEU A 141 27.91 -42.61 40.50
N TYR A 142 28.39 -43.59 39.73
CA TYR A 142 29.52 -44.43 40.15
C TYR A 142 30.64 -44.30 39.13
N ARG A 143 31.84 -44.00 39.61
CA ARG A 143 33.01 -43.77 38.77
C ARG A 143 34.05 -44.84 39.12
N ASP A 144 34.46 -45.61 38.13
CA ASP A 144 35.45 -46.66 38.31
C ASP A 144 36.82 -46.15 37.92
N SER A 145 37.76 -46.16 38.87
CA SER A 145 39.08 -45.61 38.61
C SER A 145 39.96 -46.55 37.81
N ASN A 146 39.80 -47.87 37.96
CA ASN A 146 40.68 -48.81 37.30
C ASN A 146 40.60 -48.68 35.78
N THR A 147 39.40 -48.55 35.24
CA THR A 147 39.19 -48.48 33.80
C THR A 147 38.92 -47.08 33.30
N GLY A 148 38.17 -46.28 34.04
CA GLY A 148 37.78 -44.95 33.59
C GLY A 148 36.37 -44.85 33.06
N ASN A 149 35.48 -45.73 33.47
CA ASN A 149 34.10 -45.74 33.01
C ASN A 149 33.15 -45.32 34.14
N MET A 150 31.98 -44.84 33.75
CA MET A 150 30.97 -44.37 34.68
C MET A 150 29.62 -45.01 34.35
N HIS A 151 28.71 -44.96 35.32
CA HIS A 151 27.37 -45.49 35.14
C HIS A 151 26.42 -44.68 36.02
N ALA A 152 25.17 -44.56 35.57
CA ALA A 152 24.15 -43.80 36.27
C ALA A 152 22.95 -44.68 36.57
N TYR A 153 22.40 -44.53 37.77
CA TYR A 153 21.28 -45.33 38.24
C TYR A 153 20.11 -44.42 38.59
N SER A 154 18.90 -44.97 38.48
CA SER A 154 17.70 -44.26 38.86
C SER A 154 17.28 -44.69 40.27
N ILE A 155 16.23 -44.07 40.81
CA ILE A 155 15.77 -44.42 42.15
C ILE A 155 15.09 -45.77 42.23
N ARG A 156 14.93 -46.45 41.10
CA ARG A 156 14.37 -47.80 41.09
C ARG A 156 15.41 -48.86 41.45
N GLN A 157 16.67 -48.50 41.61
CA GLN A 157 17.73 -49.45 41.90
C GLN A 157 18.50 -49.13 43.18
N TYR A 158 18.16 -48.06 43.89
CA TYR A 158 18.90 -47.70 45.09
C TYR A 158 18.02 -46.86 46.00
N SER A 159 18.43 -46.78 47.27
CA SER A 159 17.72 -46.00 48.27
C SER A 159 18.75 -45.45 49.25
N VAL A 160 18.44 -44.28 49.82
CA VAL A 160 19.37 -43.56 50.67
C VAL A 160 18.68 -43.13 51.95
N LEU A 161 19.49 -42.84 52.96
CA LEU A 161 19.03 -42.35 54.25
C LEU A 161 19.83 -41.11 54.62
N ARG A 162 19.16 -40.10 55.15
CA ARG A 162 19.82 -38.86 55.53
C ARG A 162 19.13 -38.25 56.74
N ASP A 163 19.86 -37.39 57.43
CA ASP A 163 19.34 -36.71 58.61
C ASP A 163 18.38 -35.60 58.20
N GLY A 164 17.88 -34.85 59.20
CA GLY A 164 17.10 -33.67 58.91
C GLY A 164 17.92 -32.54 58.34
N GLY A 165 19.25 -32.55 58.58
CA GLY A 165 20.12 -31.53 58.03
C GLY A 165 20.61 -31.80 56.63
N GLY A 166 20.32 -32.97 56.07
CA GLY A 166 20.68 -33.30 54.71
C GLY A 166 21.88 -34.22 54.55
N LYS A 167 22.62 -34.50 55.62
CA LYS A 167 23.76 -35.38 55.52
C LYS A 167 23.33 -36.80 55.17
N VAL A 168 24.01 -37.40 54.21
CA VAL A 168 23.74 -38.78 53.79
C VAL A 168 24.49 -39.72 54.73
N LEU A 169 23.77 -40.70 55.28
CA LEU A 169 24.33 -41.61 56.27
C LEU A 169 24.56 -43.01 55.71
N ASP A 170 23.65 -43.50 54.87
CA ASP A 170 23.72 -44.87 54.39
C ASP A 170 23.09 -44.97 53.00
N MET A 171 23.45 -46.03 52.28
CA MET A 171 22.92 -46.30 50.96
C MET A 171 22.98 -47.80 50.69
N VAL A 172 22.08 -48.27 49.83
CA VAL A 172 22.04 -49.66 49.39
C VAL A 172 21.74 -49.68 47.90
N LEU A 173 22.39 -50.57 47.16
CA LEU A 173 22.27 -50.64 45.71
C LEU A 173 22.05 -52.09 45.29
N LYS A 174 21.13 -52.30 44.35
CA LYS A 174 20.81 -53.62 43.82
C LYS A 174 21.33 -53.75 42.39
N GLU A 175 21.76 -54.96 42.04
CA GLU A 175 22.27 -55.23 40.71
C GLU A 175 22.08 -56.71 40.41
N ARG A 176 21.88 -57.03 39.13
CA ARG A 176 21.61 -58.38 38.68
C ARG A 176 22.75 -58.88 37.79
N THR A 177 23.07 -60.16 37.90
CA THR A 177 24.15 -60.76 37.13
C THR A 177 23.92 -62.26 37.04
N VAL A 178 24.95 -63.00 36.63
CA VAL A 178 24.87 -64.45 36.48
C VAL A 178 26.00 -65.09 37.26
N ILE A 179 25.88 -66.40 37.46
CA ILE A 179 26.84 -67.13 38.31
C ILE A 179 28.24 -67.10 37.71
N SER A 180 28.35 -67.17 36.38
CA SER A 180 29.66 -67.27 35.75
C SER A 180 30.52 -66.05 36.04
N GLU A 181 29.91 -64.93 36.44
CA GLU A 181 30.67 -63.71 36.70
C GLU A 181 31.24 -63.65 38.10
N LEU A 182 30.86 -64.57 38.98
CA LEU A 182 31.28 -64.49 40.38
C LEU A 182 32.73 -64.94 40.54
N PRO A 183 33.37 -64.57 41.65
CA PRO A 183 34.76 -64.97 41.87
C PRO A 183 34.88 -66.48 42.07
N VAL A 184 36.09 -66.98 41.83
CA VAL A 184 36.33 -68.42 41.95
C VAL A 184 36.04 -68.90 43.37
N GLU A 185 36.34 -68.08 44.37
CA GLU A 185 36.14 -68.51 45.76
C GLU A 185 34.68 -68.80 46.03
N ALA A 186 33.78 -67.95 45.54
CA ALA A 186 32.35 -68.13 45.78
C ALA A 186 31.67 -69.05 44.79
N ARG A 187 32.31 -69.35 43.66
CA ARG A 187 31.69 -70.21 42.67
C ARG A 187 31.89 -71.69 42.97
N ILE A 188 32.76 -72.04 43.92
CA ILE A 188 32.85 -73.43 44.35
C ILE A 188 31.52 -73.89 44.94
N LYS A 189 30.89 -73.04 45.74
CA LYS A 189 29.50 -73.24 46.12
C LYS A 189 28.61 -73.00 44.90
N TYR A 190 27.34 -73.35 45.02
CA TYR A 190 26.44 -73.29 43.87
C TYR A 190 27.00 -74.12 42.73
N ARG A 191 27.68 -75.23 43.06
CA ARG A 191 28.24 -76.08 42.02
C ARG A 191 27.16 -76.56 41.07
N ASN A 192 26.02 -76.99 41.61
CA ASN A 192 24.86 -77.29 40.80
C ASN A 192 24.19 -75.99 40.36
N ARG A 193 23.27 -76.11 39.40
CA ARG A 193 22.55 -74.97 38.84
C ARG A 193 23.49 -73.96 38.18
N LYS A 194 24.62 -74.41 37.64
CA LYS A 194 25.59 -73.50 37.03
C LYS A 194 25.17 -73.18 35.59
N GLN A 195 23.93 -72.75 35.46
CA GLN A 195 23.41 -72.23 34.19
C GLN A 195 23.59 -70.72 34.17
N ASP A 196 22.92 -70.05 33.23
CA ASP A 196 22.96 -68.60 33.18
C ASP A 196 21.80 -68.01 33.98
N ASP A 197 21.44 -68.68 35.07
CA ASP A 197 20.36 -68.18 35.92
C ASP A 197 20.75 -66.84 36.53
N CYS A 198 19.76 -65.97 36.69
CA CYS A 198 20.00 -64.65 37.25
C CYS A 198 20.07 -64.72 38.76
N ILE A 199 21.01 -63.97 39.35
CA ILE A 199 21.17 -63.86 40.80
C ILE A 199 21.40 -62.40 41.14
N CYS A 200 20.77 -61.95 42.23
CA CYS A 200 20.85 -60.55 42.65
C CYS A 200 22.06 -60.32 43.53
N LEU A 201 22.58 -59.09 43.49
CA LEU A 201 23.73 -58.68 44.29
C LEU A 201 23.43 -57.35 44.96
N TYR A 202 23.90 -57.20 46.19
CA TYR A 202 23.62 -56.01 47.00
C TYR A 202 24.93 -55.39 47.48
N THR A 203 24.99 -54.06 47.46
CA THR A 203 26.13 -53.30 47.96
C THR A 203 25.65 -52.29 48.98
N ARG A 204 26.49 -52.04 49.99
CA ARG A 204 26.17 -51.11 51.06
C ARG A 204 27.31 -50.13 51.26
N ILE A 205 26.96 -48.85 51.38
CA ILE A 205 27.92 -47.78 51.67
C ILE A 205 27.48 -47.11 52.97
N LYS A 206 28.37 -47.05 53.95
CA LYS A 206 28.05 -46.55 55.27
C LYS A 206 29.10 -45.55 55.73
N ARG A 207 28.64 -44.49 56.40
CA ARG A 207 29.54 -43.50 56.95
C ARG A 207 29.99 -43.88 58.35
N GLU A 208 31.27 -43.63 58.63
CA GLU A 208 31.86 -43.89 59.93
C GLU A 208 32.99 -42.91 60.15
N ARG A 209 33.34 -42.68 61.41
CA ARG A 209 34.39 -41.75 61.77
C ARG A 209 35.56 -42.46 62.43
N ARG A 210 36.77 -42.13 61.99
CA ARG A 210 38.00 -42.58 62.62
C ARG A 210 38.78 -41.39 63.15
N ALA A 211 40.02 -41.64 63.61
CA ALA A 211 40.77 -40.59 64.31
C ALA A 211 41.01 -39.38 63.41
N VAL A 212 41.33 -39.60 62.14
CA VAL A 212 41.77 -38.53 61.26
C VAL A 212 40.64 -38.00 60.39
N GLY A 213 39.40 -38.37 60.68
CA GLY A 213 38.27 -37.82 59.96
C GLY A 213 37.22 -38.87 59.68
N GLU A 214 36.20 -38.46 58.93
CA GLU A 214 35.12 -39.36 58.56
C GLU A 214 35.56 -40.28 57.42
N VAL A 215 34.80 -41.35 57.23
CA VAL A 215 35.18 -42.44 56.34
C VAL A 215 33.93 -43.12 55.81
N PHE A 216 34.06 -43.70 54.61
CA PHE A 216 33.00 -44.47 53.98
C PHE A 216 33.46 -45.91 53.80
N VAL A 217 32.61 -46.86 54.19
CA VAL A 217 32.94 -48.29 54.16
C VAL A 217 32.02 -48.98 53.18
N VAL A 218 32.60 -49.79 52.30
CA VAL A 218 31.88 -50.47 51.23
C VAL A 218 31.99 -51.98 51.43
N THR A 219 30.86 -52.67 51.30
CA THR A 219 30.82 -54.12 51.41
C THR A 219 29.75 -54.64 50.46
N GLN A 220 29.80 -55.95 50.20
CA GLN A 220 28.88 -56.60 49.27
C GLN A 220 28.34 -57.88 49.89
N GLN A 221 27.20 -58.33 49.37
CA GLN A 221 26.54 -59.51 49.89
C GLN A 221 25.58 -60.05 48.84
N LEU A 222 25.40 -61.36 48.83
CA LEU A 222 24.50 -62.01 47.88
C LEU A 222 23.08 -62.01 48.46
N GLU A 223 22.14 -62.58 47.71
CA GLU A 223 20.75 -62.62 48.17
C GLU A 223 20.61 -63.47 49.43
N ASP A 224 21.27 -64.61 49.47
CA ASP A 224 21.14 -65.54 50.59
C ASP A 224 22.21 -65.32 51.66
N GLY A 225 22.35 -64.07 52.10
CA GLY A 225 23.14 -63.78 53.28
C GLY A 225 24.64 -63.85 53.14
N LEU A 226 25.14 -64.57 52.14
CA LEU A 226 26.57 -64.85 52.05
C LEU A 226 27.35 -63.60 51.68
N MET A 227 28.38 -63.29 52.46
CA MET A 227 29.26 -62.16 52.16
C MET A 227 30.30 -62.55 51.11
N LEU A 228 30.85 -61.53 50.44
CA LEU A 228 31.84 -61.75 49.38
C LEU A 228 33.15 -61.01 49.66
N ASP A 229 33.41 -60.64 50.91
CA ASP A 229 34.67 -59.99 51.25
C ASP A 229 34.78 -58.66 50.51
N ASN A 230 35.95 -58.36 49.93
CA ASN A 230 36.18 -57.16 49.14
C ASN A 230 36.03 -55.87 49.94
N LEU A 231 36.23 -55.92 51.25
CA LEU A 231 36.11 -54.73 52.07
C LEU A 231 37.06 -53.64 51.58
N GLU A 232 36.55 -52.42 51.44
CA GLU A 232 37.33 -51.28 51.03
C GLU A 232 36.95 -50.08 51.89
N VAL A 233 37.90 -49.16 52.03
CA VAL A 233 37.74 -47.97 52.86
C VAL A 233 38.26 -46.76 52.09
N TYR A 234 37.44 -45.70 52.02
CA TYR A 234 37.82 -44.48 51.35
C TYR A 234 37.63 -43.29 52.27
N PRO A 235 38.50 -42.28 52.21
CA PRO A 235 38.18 -41.00 52.83
C PRO A 235 36.96 -40.36 52.17
N GLU A 236 36.22 -39.59 52.95
CA GLU A 236 34.96 -39.03 52.47
C GLU A 236 35.16 -38.19 51.22
N ALA A 237 36.34 -37.62 51.01
CA ALA A 237 36.56 -36.71 49.89
C ALA A 237 36.66 -37.44 48.56
N ILE A 238 37.19 -38.65 48.54
CA ILE A 238 37.46 -39.36 47.28
C ILE A 238 36.60 -40.60 47.17
N CYS A 239 35.41 -40.58 47.75
CA CYS A 239 34.48 -41.68 47.57
C CYS A 239 33.98 -41.71 46.13
N PRO A 240 33.85 -42.89 45.52
CA PRO A 240 33.42 -42.97 44.13
C PRO A 240 31.91 -42.91 43.90
N PHE A 241 31.10 -42.89 44.95
CA PHE A 241 29.64 -42.82 44.83
C PHE A 241 29.21 -41.38 45.12
N ILE A 242 28.33 -40.85 44.27
CA ILE A 242 27.91 -39.45 44.37
C ILE A 242 26.40 -39.35 44.21
N PRO A 243 25.62 -39.26 45.29
CA PRO A 243 24.20 -38.97 45.15
C PRO A 243 23.96 -37.47 44.95
N ALA A 244 22.97 -37.17 44.10
CA ALA A 244 22.70 -35.79 43.71
C ALA A 244 21.20 -35.55 43.73
N VAL A 245 20.83 -34.28 43.84
CA VAL A 245 19.44 -33.85 43.84
C VAL A 245 19.32 -32.56 43.06
N TRP A 246 18.14 -32.32 42.51
CA TRP A 246 17.84 -31.09 41.78
C TRP A 246 17.25 -30.03 42.69
N ASN A 247 16.18 -30.37 43.40
CA ASN A 247 15.57 -29.50 44.40
C ASN A 247 15.22 -30.34 45.62
N LEU A 248 15.71 -29.92 46.79
CA LEU A 248 15.58 -30.70 48.02
C LEU A 248 14.84 -29.87 49.06
N VAL A 249 13.60 -30.24 49.34
CA VAL A 249 12.83 -29.58 50.39
C VAL A 249 13.35 -30.05 51.74
N THR A 250 13.65 -29.09 52.62
CA THR A 250 14.18 -29.43 53.93
C THR A 250 13.24 -30.36 54.67
N GLY A 251 13.79 -31.44 55.23
CA GLY A 251 13.00 -32.41 55.96
C GLY A 251 12.83 -33.72 55.23
N GLU A 252 12.79 -33.67 53.90
CA GLU A 252 12.57 -34.86 53.09
C GLU A 252 13.91 -35.52 52.75
N THR A 253 13.85 -36.63 52.02
CA THR A 253 15.03 -37.42 51.68
C THR A 253 15.36 -37.36 50.20
N TYR A 254 14.34 -37.37 49.34
CA TYR A 254 14.54 -37.33 47.90
C TYR A 254 14.18 -35.96 47.34
N GLY A 255 14.83 -35.60 46.23
CA GLY A 255 14.61 -34.30 45.63
C GLY A 255 13.39 -34.24 44.73
N ARG A 256 13.25 -33.14 43.99
CA ARG A 256 12.13 -32.95 43.08
C ARG A 256 12.67 -32.43 41.75
N GLY A 257 11.93 -32.71 40.68
CA GLY A 257 12.37 -32.39 39.35
C GLY A 257 11.81 -31.09 38.80
N LEU A 258 12.32 -30.66 37.65
CA LEU A 258 11.83 -29.42 37.04
C LEU A 258 10.44 -29.62 36.44
N VAL A 259 10.17 -30.82 35.92
CA VAL A 259 8.88 -31.07 35.26
C VAL A 259 7.73 -30.94 36.25
N GLU A 260 7.97 -31.24 37.53
CA GLU A 260 6.89 -31.20 38.51
C GLU A 260 6.29 -29.80 38.65
N ASP A 261 7.04 -28.76 38.29
CA ASP A 261 6.55 -27.39 38.40
C ASP A 261 5.59 -27.00 37.28
N TYR A 262 5.50 -27.80 36.22
CA TYR A 262 4.73 -27.44 35.03
C TYR A 262 3.82 -28.58 34.59
N ALA A 263 3.24 -29.30 35.55
CA ALA A 263 2.41 -30.46 35.19
C ALA A 263 1.06 -30.02 34.64
N GLY A 264 0.53 -28.89 35.12
CA GLY A 264 -0.79 -28.47 34.69
C GLY A 264 -0.86 -28.21 33.20
N ASP A 265 0.15 -27.54 32.64
CA ASP A 265 0.14 -27.23 31.21
C ASP A 265 0.18 -28.51 30.38
N LEU A 266 1.03 -29.47 30.76
CA LEU A 266 1.11 -30.72 30.02
C LEU A 266 -0.20 -31.49 30.09
N ALA A 267 -0.81 -31.53 31.28
CA ALA A 267 -2.09 -32.22 31.42
C ALA A 267 -3.16 -31.55 30.57
N LYS A 268 -3.16 -30.23 30.52
CA LYS A 268 -4.14 -29.51 29.71
C LYS A 268 -3.87 -29.64 28.22
N LEU A 269 -2.62 -29.93 27.84
CA LEU A 269 -2.24 -30.08 26.44
C LEU A 269 -2.56 -31.45 25.88
N SER A 270 -2.43 -32.49 26.71
CA SER A 270 -2.67 -33.85 26.23
C SER A 270 -4.11 -34.03 25.76
N ALA A 271 -5.07 -33.50 26.52
CA ALA A 271 -6.48 -33.65 26.13
C ALA A 271 -6.79 -32.94 24.82
N LEU A 272 -6.25 -31.73 24.65
CA LEU A 272 -6.45 -31.01 23.39
C LEU A 272 -5.83 -31.78 22.23
N SER A 273 -4.67 -32.39 22.45
CA SER A 273 -4.07 -33.22 21.40
C SER A 273 -4.98 -34.38 21.05
N GLU A 274 -5.58 -35.02 22.05
CA GLU A 274 -6.50 -36.13 21.79
C GLU A 274 -7.70 -35.67 20.96
N ALA A 275 -8.27 -34.51 21.32
CA ALA A 275 -9.41 -34.00 20.58
C ALA A 275 -9.03 -33.68 19.13
N LEU A 276 -7.85 -33.10 18.94
CA LEU A 276 -7.39 -32.81 17.59
C LEU A 276 -7.24 -34.09 16.78
N ALA A 277 -6.70 -35.14 17.41
CA ALA A 277 -6.59 -36.42 16.73
C ALA A 277 -7.96 -36.98 16.34
N LEU A 278 -8.94 -36.85 17.24
CA LEU A 278 -10.28 -37.32 16.92
C LEU A 278 -10.86 -36.59 15.71
N TYR A 279 -10.73 -35.27 15.68
CA TYR A 279 -11.22 -34.51 14.53
C TYR A 279 -10.48 -34.90 13.25
N GLU A 280 -9.16 -35.07 13.33
CA GLU A 280 -8.41 -35.46 12.15
C GLU A 280 -8.84 -36.82 11.62
N ILE A 281 -9.14 -37.77 12.50
CA ILE A 281 -9.68 -39.05 12.06
C ILE A 281 -11.06 -38.89 11.44
N GLU A 282 -11.91 -38.04 12.02
CA GLU A 282 -13.22 -37.78 11.43
C GLU A 282 -13.11 -37.17 10.04
N ALA A 283 -12.02 -36.46 9.75
CA ALA A 283 -11.87 -35.79 8.46
C ALA A 283 -11.55 -36.76 7.32
N CYS A 284 -11.62 -38.07 7.54
CA CYS A 284 -11.27 -39.06 6.53
C CYS A 284 -12.48 -39.82 5.99
N ARG A 285 -13.68 -39.22 6.06
CA ARG A 285 -14.86 -39.81 5.46
C ARG A 285 -15.02 -39.29 4.05
N VAL A 286 -14.97 -40.19 3.06
CA VAL A 286 -15.11 -39.83 1.65
C VAL A 286 -16.45 -40.41 1.19
N LEU A 287 -17.46 -39.55 1.12
CA LEU A 287 -18.79 -39.94 0.69
C LEU A 287 -19.33 -38.95 -0.32
N HIS A 288 -20.20 -39.44 -1.21
CA HIS A 288 -20.92 -38.61 -2.17
C HIS A 288 -22.40 -38.84 -1.98
N MET A 289 -23.16 -37.77 -1.80
CA MET A 289 -24.57 -37.86 -1.48
C MET A 289 -25.42 -37.43 -2.67
N ALA A 290 -26.40 -38.26 -3.03
CA ALA A 290 -27.33 -37.96 -4.09
C ALA A 290 -28.55 -37.24 -3.48
N LYS A 291 -28.74 -35.98 -3.86
CA LYS A 291 -29.81 -35.20 -3.27
C LYS A 291 -31.17 -35.83 -3.59
N PRO A 292 -32.09 -35.84 -2.63
CA PRO A 292 -33.44 -36.32 -2.91
C PRO A 292 -34.32 -35.24 -3.53
N GLY A 293 -35.15 -35.65 -4.48
CA GLY A 293 -36.04 -34.74 -5.17
C GLY A 293 -35.46 -34.10 -6.41
N SER A 294 -34.32 -34.58 -6.90
CA SER A 294 -33.67 -34.02 -8.07
C SER A 294 -33.71 -35.02 -9.22
N GLN A 295 -33.81 -34.50 -10.44
CA GLN A 295 -33.78 -35.34 -11.63
C GLN A 295 -32.34 -35.68 -12.00
N ILE A 296 -32.00 -36.97 -11.92
CA ILE A 296 -30.66 -37.42 -12.27
C ILE A 296 -30.76 -38.86 -12.76
N ASP A 297 -29.70 -39.32 -13.43
CA ASP A 297 -29.59 -40.71 -13.88
C ASP A 297 -28.35 -41.29 -13.22
N VAL A 298 -28.53 -41.85 -12.02
CA VAL A 298 -27.39 -42.24 -11.20
C VAL A 298 -26.57 -43.32 -11.89
N ASP A 299 -27.24 -44.29 -12.50
CA ASP A 299 -26.52 -45.41 -13.12
C ASP A 299 -25.58 -44.92 -14.22
N SER A 300 -26.08 -44.05 -15.10
CA SER A 300 -25.24 -43.54 -16.18
C SER A 300 -24.08 -42.71 -15.63
N MET A 301 -24.35 -41.86 -14.65
CA MET A 301 -23.29 -41.03 -14.09
C MET A 301 -22.20 -41.89 -13.45
N ALA A 302 -22.59 -42.99 -12.81
CA ALA A 302 -21.66 -43.79 -12.05
C ALA A 302 -21.02 -44.93 -12.84
N GLU A 303 -21.52 -45.24 -14.04
CA GLU A 303 -21.04 -46.40 -14.78
C GLU A 303 -20.55 -46.11 -16.19
N ARG A 304 -20.66 -44.88 -16.67
CA ARG A 304 -20.23 -44.55 -18.02
C ARG A 304 -18.75 -44.18 -18.04
N GLU A 305 -18.14 -44.35 -19.20
CA GLU A 305 -16.75 -43.96 -19.40
C GLU A 305 -16.62 -42.43 -19.43
N SER A 306 -15.44 -41.95 -19.09
CA SER A 306 -15.21 -40.51 -19.00
C SER A 306 -15.29 -39.88 -20.39
N GLY A 307 -16.10 -38.83 -20.50
CA GLY A 307 -16.26 -38.12 -21.76
C GLY A 307 -17.67 -38.19 -22.31
N ALA A 308 -18.53 -38.96 -21.66
CA ALA A 308 -19.87 -39.19 -22.16
C ALA A 308 -20.78 -38.01 -21.82
N TRP A 309 -21.93 -37.97 -22.50
CA TRP A 309 -22.99 -37.01 -22.23
C TRP A 309 -24.17 -37.71 -21.57
N VAL A 310 -24.70 -37.10 -20.51
CA VAL A 310 -25.77 -37.68 -19.72
C VAL A 310 -26.83 -36.62 -19.49
N ALA A 311 -28.04 -37.07 -19.17
CA ALA A 311 -29.17 -36.19 -18.93
C ALA A 311 -29.46 -36.13 -17.44
N GLY A 312 -29.47 -34.92 -16.90
CA GLY A 312 -29.74 -34.70 -15.49
C GLY A 312 -29.17 -33.37 -15.04
N ASP A 313 -29.57 -32.96 -13.84
CA ASP A 313 -29.08 -31.71 -13.29
C ASP A 313 -27.57 -31.80 -13.05
N PRO A 314 -26.82 -30.73 -13.34
CA PRO A 314 -25.37 -30.80 -13.13
C PRO A 314 -24.95 -30.62 -11.68
N ASN A 315 -25.93 -30.62 -10.77
CA ASN A 315 -25.64 -30.40 -9.35
C ASN A 315 -26.42 -31.36 -8.45
N GLY A 316 -26.83 -32.52 -8.97
CA GLY A 316 -27.62 -33.45 -8.18
C GLY A 316 -26.82 -34.26 -7.18
N VAL A 317 -25.50 -34.27 -7.30
CA VAL A 317 -24.63 -35.03 -6.42
C VAL A 317 -23.61 -34.08 -5.81
N ALA A 318 -23.44 -34.17 -4.49
CA ALA A 318 -22.52 -33.29 -3.76
C ALA A 318 -21.69 -34.11 -2.80
N ALA A 319 -20.53 -33.58 -2.45
CA ALA A 319 -19.61 -34.27 -1.56
C ALA A 319 -20.01 -34.04 -0.09
N TYR A 320 -19.83 -35.08 0.71
CA TYR A 320 -20.17 -35.02 2.12
C TYR A 320 -19.41 -33.88 2.81
N GLU A 321 -20.12 -33.12 3.64
CA GLU A 321 -19.54 -31.97 4.31
C GLU A 321 -20.07 -31.90 5.73
N ALA A 322 -19.17 -31.90 6.71
CA ALA A 322 -19.55 -31.82 8.12
C ALA A 322 -19.05 -30.55 8.81
N GLY A 323 -18.17 -29.79 8.19
CA GLY A 323 -17.69 -28.56 8.80
C GLY A 323 -16.69 -28.74 9.91
N ASP A 324 -15.87 -29.80 9.85
CA ASP A 324 -14.90 -30.08 10.90
C ASP A 324 -13.52 -29.52 10.61
N TYR A 325 -13.33 -28.80 9.50
CA TYR A 325 -12.03 -28.21 9.21
C TYR A 325 -11.78 -26.98 10.07
N ASN A 326 -12.81 -26.16 10.28
CA ASN A 326 -12.66 -24.98 11.12
C ASN A 326 -12.26 -25.35 12.53
N LYS A 327 -12.80 -26.46 13.04
CA LYS A 327 -12.43 -26.90 14.39
C LYS A 327 -10.97 -27.29 14.47
N ILE A 328 -10.44 -27.94 13.44
CA ILE A 328 -9.01 -28.26 13.40
C ILE A 328 -8.20 -26.97 13.41
N ILE A 329 -8.60 -26.00 12.58
CA ILE A 329 -7.88 -24.73 12.52
C ILE A 329 -7.88 -24.07 13.89
N ALA A 330 -9.01 -24.10 14.59
CA ALA A 330 -9.10 -23.46 15.90
C ALA A 330 -8.23 -24.18 16.93
N LEU A 331 -8.31 -25.51 16.98
CA LEU A 331 -7.56 -26.26 17.98
C LEU A 331 -6.06 -26.09 17.79
N THR A 332 -5.60 -26.08 16.53
CA THR A 332 -4.17 -25.93 16.29
C THR A 332 -3.62 -24.65 16.89
N GLN A 333 -4.35 -23.54 16.75
CA GLN A 333 -3.86 -22.26 17.26
C GLN A 333 -3.74 -22.28 18.78
N GLU A 334 -4.74 -22.84 19.48
CA GLU A 334 -4.67 -22.90 20.93
C GLU A 334 -3.49 -23.76 21.39
N ILE A 335 -3.31 -24.92 20.74
CA ILE A 335 -2.20 -25.79 21.13
C ILE A 335 -0.88 -25.09 20.90
N GLN A 336 -0.75 -24.40 19.75
CA GLN A 336 0.48 -23.68 19.45
C GLN A 336 0.73 -22.56 20.47
N SER A 337 -0.32 -21.86 20.87
CA SER A 337 -0.15 -20.79 21.85
C SER A 337 0.36 -21.33 23.18
N ILE A 338 -0.23 -22.43 23.65
CA ILE A 338 0.22 -23.01 24.92
C ILE A 338 1.67 -23.47 24.79
N ALA A 339 2.00 -24.15 23.68
CA ALA A 339 3.36 -24.63 23.49
C ALA A 339 4.36 -23.48 23.49
N ALA A 340 4.02 -22.38 22.80
CA ALA A 340 4.91 -21.22 22.78
C ALA A 340 5.05 -20.62 24.18
N ARG A 341 3.96 -20.56 24.94
CA ARG A 341 4.05 -20.02 26.29
C ARG A 341 4.93 -20.87 27.19
N LEU A 342 4.99 -22.19 26.95
CA LEU A 342 5.87 -23.04 27.74
C LEU A 342 7.33 -22.94 27.33
N ALA A 343 7.63 -22.32 26.19
CA ALA A 343 8.99 -22.39 25.64
C ALA A 343 10.05 -21.79 26.56
N PRO A 344 9.86 -20.59 27.12
CA PRO A 344 10.98 -19.96 27.85
C PRO A 344 11.49 -20.79 29.02
N ALA A 345 10.60 -21.50 29.73
CA ALA A 345 11.01 -22.18 30.96
C ALA A 345 12.06 -23.25 30.68
N PHE A 346 12.04 -23.86 29.49
CA PHE A 346 12.94 -24.96 29.16
C PHE A 346 14.10 -24.51 28.28
N MET A 347 14.31 -23.21 28.11
CA MET A 347 15.40 -22.69 27.30
C MET A 347 15.32 -23.22 25.86
N TYR A 348 14.17 -23.01 25.24
CA TYR A 348 13.94 -23.40 23.85
C TYR A 348 13.94 -22.14 22.98
N ALA A 349 14.69 -22.18 21.90
CA ALA A 349 14.78 -21.03 21.00
C ALA A 349 15.06 -21.49 19.57
N THR A 359 35.97 -19.23 22.11
CA THR A 359 36.64 -18.51 23.19
C THR A 359 35.91 -18.74 24.51
N ALA A 360 36.65 -18.61 25.61
CA ALA A 360 36.06 -18.83 26.93
C ALA A 360 34.93 -17.86 27.25
N GLU A 361 34.92 -16.69 26.61
CA GLU A 361 33.84 -15.73 26.85
C GLU A 361 32.50 -16.24 26.36
N GLU A 362 32.47 -17.01 25.27
CA GLU A 362 31.22 -17.61 24.83
C GLU A 362 30.66 -18.55 25.89
N ILE A 363 31.52 -19.37 26.49
CA ILE A 363 31.07 -20.25 27.56
C ILE A 363 30.63 -19.44 28.77
N ARG A 364 31.35 -18.36 29.09
CA ARG A 364 30.94 -17.49 30.19
C ARG A 364 29.50 -17.01 29.98
N GLN A 365 29.23 -16.43 28.81
CA GLN A 365 27.92 -15.87 28.53
C GLN A 365 26.84 -16.96 28.50
N ASN A 366 27.16 -18.12 27.92
CA ASN A 366 26.19 -19.21 27.87
C ASN A 366 25.83 -19.68 29.27
N ALA A 367 26.84 -19.81 30.14
CA ALA A 367 26.57 -20.23 31.52
C ALA A 367 25.77 -19.16 32.27
N GLU A 368 26.07 -17.88 32.04
CA GLU A 368 25.31 -16.82 32.70
C GLU A 368 23.85 -16.85 32.26
N GLU A 369 23.60 -17.04 30.97
CA GLU A 369 22.23 -17.09 30.49
C GLU A 369 21.51 -18.34 30.98
N ALA A 370 22.24 -19.45 31.13
CA ALA A 370 21.66 -20.63 31.75
C ALA A 370 21.29 -20.36 33.20
N GLU A 371 22.15 -19.66 33.92
CA GLU A 371 21.79 -19.21 35.27
C GLU A 371 20.50 -18.41 35.26
N LEU A 372 20.38 -17.47 34.32
CA LEU A 372 19.18 -16.63 34.28
C LEU A 372 17.94 -17.45 33.99
N ALA A 373 18.03 -18.36 33.02
CA ALA A 373 16.85 -19.14 32.63
C ALA A 373 16.43 -20.11 33.72
N LEU A 374 17.38 -20.90 34.24
CA LEU A 374 17.03 -21.96 35.17
C LEU A 374 16.46 -21.40 36.47
N GLY A 375 17.05 -20.34 36.98
CA GLY A 375 16.61 -19.73 38.23
C GLY A 375 17.48 -20.00 39.43
N GLY A 376 18.64 -20.64 39.25
CA GLY A 376 19.56 -20.85 40.34
C GLY A 376 19.89 -22.31 40.61
N VAL A 377 19.64 -23.18 39.63
CA VAL A 377 19.98 -24.59 39.76
C VAL A 377 21.34 -24.93 39.14
N TYR A 378 21.78 -24.18 38.13
CA TYR A 378 23.12 -24.40 37.58
C TYR A 378 24.16 -24.39 38.69
N SER A 379 24.04 -23.45 39.62
CA SER A 379 24.95 -23.40 40.75
C SER A 379 24.82 -24.64 41.63
N VAL A 380 23.59 -25.12 41.86
CA VAL A 380 23.41 -26.31 42.69
C VAL A 380 24.06 -27.52 42.04
N ILE A 381 23.82 -27.70 40.73
CA ILE A 381 24.41 -28.82 40.01
C ILE A 381 25.92 -28.73 40.05
N ALA A 382 26.47 -27.54 39.81
CA ALA A 382 27.91 -27.37 39.86
C ALA A 382 28.46 -27.72 41.25
N ASP A 383 27.79 -27.24 42.29
CA ASP A 383 28.26 -27.52 43.65
C ASP A 383 28.23 -29.01 43.95
N THR A 384 27.17 -29.70 43.54
CA THR A 384 27.00 -31.10 43.91
C THR A 384 27.76 -32.06 43.00
N LEU A 385 28.28 -31.62 41.87
CA LEU A 385 29.03 -32.51 40.98
C LEU A 385 30.51 -32.16 40.84
N HIS A 386 30.86 -30.87 40.81
CA HIS A 386 32.22 -30.49 40.46
C HIS A 386 33.20 -30.84 41.58
N ILE A 387 32.79 -30.66 42.85
CA ILE A 387 33.74 -30.80 43.95
C ILE A 387 34.32 -32.20 44.05
N PRO A 388 33.52 -33.28 44.04
CA PRO A 388 34.13 -34.62 44.20
C PRO A 388 34.84 -35.11 42.96
N LEU A 389 34.31 -34.80 41.77
CA LEU A 389 34.97 -35.25 40.55
C LEU A 389 36.35 -34.66 40.41
N ALA A 390 36.54 -33.40 40.80
CA ALA A 390 37.87 -32.79 40.76
C ALA A 390 38.85 -33.58 41.60
N HIS A 391 38.46 -33.90 42.85
CA HIS A 391 39.34 -34.67 43.72
C HIS A 391 39.64 -36.04 43.12
N ILE A 392 38.62 -36.71 42.59
CA ILE A 392 38.83 -38.06 42.06
C ILE A 392 39.80 -38.01 40.88
N LEU A 393 39.59 -37.08 39.95
CA LEU A 393 40.48 -37.00 38.78
C LEU A 393 41.90 -36.60 39.19
N CYS A 394 42.04 -35.66 40.13
CA CYS A 394 43.38 -35.29 40.58
C CYS A 394 44.08 -36.47 41.23
N TRP A 395 43.36 -37.24 42.04
CA TRP A 395 43.94 -38.46 42.62
C TRP A 395 44.35 -39.44 41.53
N GLU A 396 43.53 -39.59 40.50
CA GLU A 396 43.90 -40.46 39.39
C GLU A 396 45.18 -40.02 38.70
N VAL A 397 45.36 -38.70 38.51
CA VAL A 397 46.54 -38.21 37.82
C VAL A 397 47.76 -38.13 38.72
N ASN A 398 47.60 -37.98 40.03
CA ASN A 398 48.74 -37.88 40.93
C ASN A 398 48.28 -38.37 42.31
N GLN A 399 48.67 -39.60 42.65
CA GLN A 399 48.23 -40.20 43.91
C GLN A 399 48.99 -39.62 45.10
N GLN A 400 50.30 -39.43 44.96
CA GLN A 400 51.12 -39.06 46.10
C GLN A 400 50.72 -37.71 46.67
N PHE A 401 50.48 -36.73 45.78
CA PHE A 401 50.17 -35.38 46.25
C PHE A 401 48.89 -35.36 47.07
N ILE A 402 47.86 -36.07 46.61
CA ILE A 402 46.59 -36.09 47.34
C ILE A 402 46.71 -36.91 48.62
N ASN A 403 47.49 -38.00 48.61
CA ASN A 403 47.62 -38.83 49.80
C ASN A 403 48.22 -38.02 50.96
N GLU A 404 49.23 -37.20 50.67
CA GLU A 404 49.82 -36.38 51.71
C GLU A 404 48.82 -35.39 52.29
N LEU A 405 48.01 -34.77 51.44
CA LEU A 405 47.04 -33.77 51.90
C LEU A 405 45.96 -34.40 52.77
N LEU A 406 45.47 -35.57 52.41
CA LEU A 406 44.38 -36.21 53.14
C LEU A 406 44.82 -36.77 54.48
N SER A 407 46.04 -37.29 54.56
CA SER A 407 46.52 -37.87 55.81
C SER A 407 46.59 -36.83 56.92
N ASN A 408 47.07 -35.63 56.58
CA ASN A 408 47.18 -34.58 57.59
C ASN A 408 45.81 -34.06 58.01
N GLY A 409 44.85 -33.99 57.09
CA GLY A 409 43.50 -33.56 57.37
C GLY A 409 43.01 -32.45 56.45
N LEU A 410 43.90 -31.54 56.07
CA LEU A 410 43.51 -30.44 55.19
C LEU A 410 43.13 -30.97 53.81
N THR A 411 42.32 -30.18 53.10
CA THR A 411 41.77 -30.58 51.81
C THR A 411 41.96 -29.45 50.80
N LEU A 412 41.92 -29.82 49.53
CA LEU A 412 42.08 -28.86 48.44
C LEU A 412 40.92 -27.87 48.41
N SER A 413 41.22 -26.65 47.98
CA SER A 413 40.20 -25.63 47.80
C SER A 413 39.88 -25.50 46.31
N VAL A 414 38.59 -25.53 45.97
CA VAL A 414 38.14 -25.48 44.59
C VAL A 414 37.03 -24.43 44.47
N LEU A 415 37.05 -23.69 43.37
CA LEU A 415 36.06 -22.65 43.10
C LEU A 415 35.08 -23.13 42.05
N THR A 416 33.79 -22.91 42.30
CA THR A 416 32.74 -23.32 41.38
C THR A 416 31.57 -22.33 41.50
N GLY A 417 30.51 -22.63 40.76
CA GLY A 417 29.36 -21.74 40.73
C GLY A 417 29.59 -20.54 39.84
N VAL A 418 29.74 -20.79 38.54
CA VAL A 418 30.13 -19.78 37.56
C VAL A 418 31.22 -18.90 38.15
N ALA A 419 32.20 -19.53 38.82
CA ALA A 419 33.32 -18.78 39.39
C ALA A 419 34.64 -19.49 39.16
N ALA A 420 34.77 -20.29 38.10
CA ALA A 420 36.01 -20.99 37.77
C ALA A 420 36.84 -20.20 36.77
N LEU A 421 36.76 -18.88 36.84
CA LEU A 421 37.45 -17.98 35.92
C LEU A 421 38.80 -17.53 36.46
N SER A 422 39.32 -18.20 37.50
CA SER A 422 40.57 -17.78 38.12
C SER A 422 41.69 -17.70 37.08
N ARG A 423 41.85 -18.75 36.27
CA ARG A 423 42.90 -18.81 35.26
C ARG A 423 42.30 -18.80 33.85
N SER A 424 41.10 -18.23 33.70
CA SER A 424 40.39 -18.29 32.44
C SER A 424 40.48 -16.98 31.66
N THR A 425 40.15 -15.87 32.31
CA THR A 425 40.01 -14.58 31.62
C THR A 425 40.77 -13.49 32.37
N ASP A 426 42.02 -13.79 32.75
CA ASP A 426 42.88 -12.78 33.33
C ASP A 426 43.65 -12.02 32.25
N VAL A 427 43.83 -12.64 31.07
CA VAL A 427 44.57 -11.98 29.99
C VAL A 427 43.81 -10.76 29.49
N ASN A 428 42.47 -10.77 29.59
CA ASN A 428 41.69 -9.63 29.15
C ASN A 428 41.98 -8.41 30.02
N LYS A 429 42.15 -8.62 31.33
CA LYS A 429 42.46 -7.54 32.25
C LYS A 429 43.89 -7.04 32.11
N LEU A 430 44.77 -7.82 31.50
CA LEU A 430 46.13 -7.40 31.19
C LEU A 430 46.22 -6.64 29.87
N ILE A 431 45.43 -7.06 28.88
CA ILE A 431 45.43 -6.36 27.59
C ILE A 431 44.96 -4.93 27.77
N GLN A 432 43.91 -4.73 28.57
CA GLN A 432 43.39 -3.39 28.81
C GLN A 432 44.43 -2.52 29.50
N ALA A 433 45.11 -3.06 30.51
CA ALA A 433 46.16 -2.31 31.18
C ALA A 433 47.27 -1.94 30.22
N ALA A 434 47.67 -2.87 29.36
CA ALA A 434 48.71 -2.58 28.38
C ALA A 434 48.26 -1.48 27.43
N GLN A 435 47.00 -1.53 26.98
CA GLN A 435 46.51 -0.50 26.07
C GLN A 435 46.50 0.88 26.73
N SER A 436 46.06 0.96 27.99
CA SER A 436 46.06 2.24 28.69
C SER A 436 47.46 2.76 28.97
N LEU A 437 48.39 1.87 29.35
CA LEU A 437 49.77 2.25 29.61
C LEU A 437 50.47 2.78 28.36
N SER A 438 50.00 2.40 27.16
CA SER A 438 50.56 2.92 25.93
C SER A 438 50.02 4.30 25.58
N VAL A 439 49.00 4.77 26.30
CA VAL A 439 48.46 6.10 26.09
C VAL A 439 48.86 7.06 27.20
N ILE A 440 49.07 6.57 28.42
CA ILE A 440 49.38 7.46 29.54
C ILE A 440 50.87 7.75 29.65
N LEU A 441 51.73 6.77 29.36
CA LEU A 441 53.17 6.95 29.56
C LEU A 441 53.80 7.82 28.49
N PRO A 442 53.37 7.74 27.23
CA PRO A 442 53.95 8.68 26.24
C PRO A 442 53.83 10.13 26.67
N VAL A 443 52.70 10.49 27.30
CA VAL A 443 52.63 11.76 28.01
C VAL A 443 53.27 11.60 29.37
N PHE A 444 53.65 12.72 29.99
CA PHE A 444 54.34 12.78 31.27
C PHE A 444 55.81 12.39 31.14
N GLN A 445 56.29 12.09 29.93
CA GLN A 445 57.69 11.74 29.76
C GLN A 445 58.59 12.96 29.93
N ASN A 446 58.11 14.15 29.57
CA ASN A 446 58.88 15.37 29.70
C ASN A 446 58.79 15.96 31.10
N THR A 447 57.61 15.89 31.73
CA THR A 447 57.46 16.44 33.05
C THR A 447 58.19 15.59 34.08
N PRO A 448 59.16 16.15 34.82
CA PRO A 448 59.89 15.35 35.82
C PRO A 448 59.26 15.32 37.20
N ARG A 449 58.09 15.93 37.39
CA ARG A 449 57.46 15.98 38.70
C ARG A 449 56.57 14.76 38.97
N VAL A 450 56.23 13.98 37.96
CA VAL A 450 55.34 12.83 38.09
C VAL A 450 56.20 11.58 37.99
N ASP A 451 56.11 10.72 39.00
CA ASP A 451 56.92 9.50 39.01
C ASP A 451 56.21 8.40 38.22
N PRO A 452 56.87 7.82 37.20
CA PRO A 452 56.22 6.74 36.44
C PRO A 452 55.88 5.52 37.28
N GLU A 453 56.67 5.20 38.30
CA GLU A 453 56.41 4.03 39.12
C GLU A 453 55.06 4.11 39.83
N LYS A 454 54.69 5.27 40.36
CA LYS A 454 53.38 5.43 40.98
C LYS A 454 52.24 5.28 40.00
N ILE A 455 52.37 5.80 38.78
CA ILE A 455 51.35 5.57 37.76
C ILE A 455 51.23 4.09 37.47
N LEU A 456 52.36 3.40 37.33
CA LEU A 456 52.32 1.96 37.08
C LEU A 456 51.59 1.22 38.20
N ASP A 457 51.96 1.52 39.44
CA ASP A 457 51.39 0.85 40.60
C ASP A 457 49.91 1.17 40.80
N MET A 458 49.46 2.34 40.35
CA MET A 458 48.04 2.67 40.38
C MET A 458 47.26 1.97 39.28
N VAL A 459 47.75 2.02 38.04
CA VAL A 459 47.02 1.40 36.93
C VAL A 459 46.94 -0.11 37.11
N LEU A 460 48.04 -0.76 37.51
CA LEU A 460 48.01 -2.20 37.66
C LEU A 460 47.02 -2.64 38.72
N THR A 461 47.05 -2.00 39.89
CA THR A 461 46.13 -2.39 40.97
C THR A 461 44.70 -1.99 40.65
N GLY A 462 44.51 -0.97 39.80
CA GLY A 462 43.16 -0.55 39.47
C GLY A 462 42.35 -1.64 38.79
N PHE A 463 42.99 -2.37 37.88
CA PHE A 463 42.31 -3.41 37.11
C PHE A 463 42.21 -4.73 37.87
N GLY A 464 42.87 -4.84 39.01
CA GLY A 464 42.78 -6.06 39.80
C GLY A 464 43.85 -7.10 39.49
N ILE A 465 45.11 -6.69 39.41
CA ILE A 465 46.22 -7.59 39.17
C ILE A 465 47.16 -7.55 40.37
N ASN A 466 47.46 -8.73 40.93
CA ASN A 466 48.40 -8.83 42.03
C ASN A 466 49.80 -8.58 41.50
N THR A 467 50.38 -7.43 41.86
CA THR A 467 51.69 -7.05 41.33
C THR A 467 52.80 -8.02 41.72
N LYS A 468 52.60 -8.83 42.75
CA LYS A 468 53.64 -9.74 43.22
C LYS A 468 53.98 -10.81 42.20
N ASP A 469 53.15 -11.02 41.19
CA ASP A 469 53.40 -12.03 40.17
C ASP A 469 54.07 -11.46 38.92
N LEU A 470 54.36 -10.16 38.89
CA LEU A 470 54.99 -9.52 37.74
C LEU A 470 56.28 -8.81 38.09
N TYR A 471 56.34 -8.14 39.24
CA TYR A 471 57.50 -7.34 39.59
C TYR A 471 58.72 -8.22 39.83
N ARG A 472 59.90 -7.68 39.51
CA ARG A 472 61.15 -8.37 39.74
C ARG A 472 61.59 -8.18 41.19
N THR A 473 62.35 -9.16 41.69
CA THR A 473 62.88 -9.09 43.04
C THR A 473 64.15 -8.24 43.07
N GLU A 474 64.58 -7.89 44.28
CA GLU A 474 65.75 -7.04 44.45
C GLU A 474 67.00 -7.71 43.88
N GLU A 475 67.16 -9.01 44.13
CA GLU A 475 68.34 -9.71 43.64
C GLU A 475 68.43 -9.67 42.12
N GLN A 476 67.30 -9.88 41.44
CA GLN A 476 67.31 -9.86 39.99
C GLN A 476 67.70 -8.48 39.46
N LEU A 477 67.17 -7.43 40.10
CA LEU A 477 67.52 -6.08 39.68
C LEU A 477 69.01 -5.81 39.89
N GLN A 478 69.56 -6.26 41.03
CA GLN A 478 70.98 -6.08 41.28
C GLN A 478 71.81 -6.81 40.23
N ALA A 479 71.42 -8.04 39.90
CA ALA A 479 72.16 -8.80 38.90
C ALA A 479 72.11 -8.12 37.54
N LEU A 480 70.92 -7.62 37.16
CA LEU A 480 70.80 -6.93 35.88
C LEU A 480 71.66 -5.68 35.85
N GLN A 481 71.67 -4.91 36.94
CA GLN A 481 72.51 -3.72 37.01
C GLN A 481 73.99 -4.07 36.91
N ALA A 482 74.41 -5.15 37.60
CA ALA A 482 75.80 -5.57 37.54
C ALA A 482 76.18 -6.01 36.12
N ALA A 483 75.29 -6.71 35.43
CA ALA A 483 75.55 -7.18 34.07
C ALA A 483 75.45 -6.00 33.12
N GLN A 484 76.50 -5.19 33.11
CA GLN A 484 76.57 -4.02 32.26
C GLN A 484 78.01 -3.66 31.93
N THR B 7 16.02 -23.97 78.80
CA THR B 7 14.58 -23.78 78.43
C THR B 7 14.44 -22.83 77.25
N TYR B 8 15.34 -22.95 76.28
CA TYR B 8 15.29 -22.08 75.11
C TYR B 8 14.03 -22.28 74.30
N GLU B 9 13.33 -23.39 74.48
CA GLU B 9 12.06 -23.60 73.78
C GLU B 9 11.05 -22.54 74.20
N SER B 10 11.05 -22.16 75.47
CA SER B 10 10.14 -21.11 75.93
C SER B 10 10.40 -19.80 75.20
N LEU B 11 11.68 -19.39 75.11
CA LEU B 11 12.00 -18.16 74.39
C LEU B 11 11.62 -18.27 72.92
N TYR B 12 11.94 -19.43 72.30
CA TYR B 12 11.62 -19.62 70.89
C TYR B 12 10.13 -19.45 70.64
N THR B 13 9.29 -20.02 71.50
CA THR B 13 7.85 -19.87 71.33
C THR B 13 7.40 -18.46 71.65
N LYS B 14 8.04 -17.81 72.63
CA LYS B 14 7.64 -16.47 73.03
C LYS B 14 7.86 -15.45 71.92
N TYR B 15 8.98 -15.56 71.20
CA TYR B 15 9.38 -14.53 70.26
C TYR B 15 8.75 -14.67 68.88
N ARG B 16 7.86 -15.64 68.67
CA ARG B 16 7.24 -15.83 67.37
C ARG B 16 6.10 -14.84 67.16
N ASP B 17 5.76 -14.63 65.88
CA ASP B 17 4.65 -13.77 65.47
C ASP B 17 3.77 -14.60 64.54
N ASP B 18 2.66 -15.10 65.08
CA ASP B 18 1.82 -16.02 64.30
C ASP B 18 1.12 -15.32 63.15
N SER B 19 0.76 -14.05 63.33
CA SER B 19 0.02 -13.34 62.28
C SER B 19 0.83 -13.26 61.00
N ALA B 20 2.09 -12.86 61.10
CA ALA B 20 2.94 -12.76 59.90
C ALA B 20 3.13 -14.13 59.26
N ILE B 21 3.36 -15.16 60.07
CA ILE B 21 3.58 -16.50 59.53
C ILE B 21 2.37 -16.99 58.78
N LEU B 22 1.17 -16.75 59.31
CA LEU B 22 -0.05 -17.17 58.64
C LEU B 22 -0.33 -16.34 57.39
N LYS B 23 -0.04 -15.04 57.41
CA LYS B 23 -0.29 -14.21 56.24
C LYS B 23 0.68 -14.53 55.10
N THR B 24 1.94 -14.83 55.41
CA THR B 24 2.94 -15.04 54.37
C THR B 24 2.77 -16.35 53.62
N GLU B 25 1.70 -17.12 53.89
CA GLU B 25 1.48 -18.35 53.16
C GLU B 25 0.98 -18.08 51.75
N ASP B 26 0.07 -17.12 51.59
CA ASP B 26 -0.48 -16.82 50.27
C ASP B 26 0.59 -16.33 49.32
N TYR B 27 1.50 -15.47 49.81
CA TYR B 27 2.53 -14.94 48.94
C TYR B 27 3.39 -16.05 48.35
N ALA B 28 3.78 -17.01 49.19
CA ALA B 28 4.51 -18.17 48.69
C ALA B 28 3.64 -19.00 47.75
N HIS B 29 2.37 -19.17 48.10
CA HIS B 29 1.47 -19.97 47.27
C HIS B 29 1.28 -19.43 45.87
N TRP B 30 1.41 -18.11 45.69
CA TRP B 30 1.25 -17.51 44.38
C TRP B 30 2.51 -17.58 43.53
N THR B 31 3.69 -17.71 44.13
CA THR B 31 4.94 -17.65 43.40
C THR B 31 5.72 -18.96 43.43
N LEU B 32 6.07 -19.47 44.61
CA LEU B 32 6.93 -20.65 44.72
C LEU B 32 6.63 -21.36 46.04
N PRO B 33 5.66 -22.28 46.03
CA PRO B 33 5.27 -22.92 47.30
C PRO B 33 6.39 -23.68 47.99
N THR B 34 7.30 -24.30 47.24
CA THR B 34 8.28 -25.19 47.84
C THR B 34 9.33 -24.47 48.67
N VAL B 35 9.44 -23.14 48.55
CA VAL B 35 10.42 -22.39 49.34
C VAL B 35 9.99 -22.15 50.77
N TYR B 36 8.69 -22.30 51.07
CA TYR B 36 8.14 -21.94 52.36
C TYR B 36 7.46 -23.14 53.03
N ALA B 37 7.92 -24.35 52.76
CA ALA B 37 7.29 -25.54 53.31
C ALA B 37 7.63 -25.70 54.79
N ASP B 38 6.65 -26.17 55.57
CA ASP B 38 6.84 -26.34 57.00
C ASP B 38 7.67 -27.59 57.27
N PRO B 39 8.80 -27.48 57.98
CA PRO B 39 9.62 -28.67 58.25
C PRO B 39 9.10 -29.55 59.37
N ASP B 40 8.09 -29.12 60.12
CA ASP B 40 7.61 -29.87 61.28
C ASP B 40 6.48 -30.83 60.95
N LEU B 41 5.99 -30.85 59.71
CA LEU B 41 4.95 -31.77 59.29
C LEU B 41 5.50 -32.96 58.52
N ARG B 42 6.83 -33.08 58.40
CA ARG B 42 7.45 -34.15 57.63
C ARG B 42 8.56 -34.78 58.45
N GLU B 43 8.75 -36.09 58.23
CA GLU B 43 9.77 -36.86 58.94
C GLU B 43 10.61 -37.68 57.98
N GLY B 44 10.83 -37.19 56.77
CA GLY B 44 11.62 -37.89 55.78
C GLY B 44 10.82 -38.51 54.65
N LYS B 45 9.56 -38.12 54.47
CA LYS B 45 8.74 -38.64 53.39
C LYS B 45 8.01 -37.48 52.74
N ARG B 46 7.65 -37.66 51.47
CA ARG B 46 7.02 -36.59 50.70
C ARG B 46 5.60 -36.33 51.21
N VAL B 47 5.28 -35.06 51.39
CA VAL B 47 3.91 -34.59 51.61
C VAL B 47 3.60 -33.58 50.51
N ASN B 48 2.50 -33.81 49.79
CA ASN B 48 2.26 -33.08 48.56
C ASN B 48 2.09 -31.59 48.81
N VAL B 49 2.53 -30.80 47.84
CA VAL B 49 2.39 -29.35 47.85
C VAL B 49 1.61 -28.93 46.62
N ARG B 50 0.56 -28.13 46.83
CA ARG B 50 -0.31 -27.75 45.73
C ARG B 50 0.22 -26.53 44.99
N ARG B 51 -0.18 -26.41 43.73
CA ARG B 51 0.25 -25.33 42.85
C ARG B 51 -0.95 -24.49 42.45
N ASP B 52 -0.68 -23.41 41.71
CA ASP B 52 -1.69 -22.44 41.33
C ASP B 52 -1.95 -22.51 39.83
N TYR B 53 -3.05 -21.87 39.41
CA TYR B 53 -3.46 -21.92 38.01
C TYR B 53 -2.58 -21.09 37.09
N GLN B 54 -1.70 -20.25 37.64
CA GLN B 54 -0.86 -19.37 36.84
C GLN B 54 0.60 -19.50 37.26
N SER B 55 1.49 -19.34 36.28
CA SER B 55 2.92 -19.48 36.50
C SER B 55 3.72 -18.22 36.21
N VAL B 56 3.07 -17.05 36.13
CA VAL B 56 3.80 -15.81 35.86
C VAL B 56 4.70 -15.45 37.03
N GLY B 57 4.17 -15.53 38.25
CA GLY B 57 4.96 -15.15 39.41
C GLY B 57 6.22 -15.97 39.56
N ALA B 58 6.13 -17.27 39.28
CA ALA B 58 7.31 -18.12 39.40
C ALA B 58 8.41 -17.67 38.45
N VAL B 59 8.07 -17.42 37.20
CA VAL B 59 9.07 -17.00 36.22
C VAL B 59 9.67 -15.65 36.62
N TYR B 60 8.82 -14.70 37.02
CA TYR B 60 9.32 -13.39 37.39
C TYR B 60 10.26 -13.48 38.57
N VAL B 61 9.88 -14.24 39.60
CA VAL B 61 10.72 -14.34 40.80
C VAL B 61 12.03 -15.03 40.48
N ASN B 62 11.99 -16.11 39.69
CA ASN B 62 13.21 -16.80 39.31
C ASN B 62 14.15 -15.84 38.59
N THR B 63 13.63 -15.11 37.60
CA THR B 63 14.48 -14.21 36.83
C THR B 63 15.09 -13.15 37.72
N LEU B 64 14.28 -12.51 38.58
CA LEU B 64 14.79 -11.44 39.42
C LEU B 64 15.84 -11.96 40.41
N SER B 65 15.58 -13.11 41.03
CA SER B 65 16.52 -13.66 41.99
C SER B 65 17.83 -14.03 41.33
N ALA B 66 17.78 -14.63 40.14
CA ALA B 66 19.00 -14.97 39.43
C ALA B 66 19.77 -13.71 39.03
N LYS B 67 19.05 -12.68 38.59
CA LYS B 67 19.73 -11.47 38.11
C LYS B 67 20.37 -10.70 39.25
N LEU B 68 19.72 -10.65 40.42
CA LEU B 68 20.26 -9.88 41.53
C LEU B 68 21.62 -10.37 41.99
N ALA B 69 21.89 -11.67 41.88
CA ALA B 69 23.15 -12.22 42.40
C ALA B 69 24.34 -11.68 41.63
N GLN B 70 24.19 -11.55 40.30
CA GLN B 70 25.31 -11.10 39.49
C GLN B 70 25.67 -9.65 39.80
N VAL B 71 24.67 -8.81 40.07
CA VAL B 71 24.94 -7.39 40.32
C VAL B 71 25.62 -7.20 41.66
N LEU B 72 25.15 -7.86 42.71
CA LEU B 72 25.69 -7.69 44.06
C LEU B 72 27.06 -8.35 44.23
N PHE B 73 27.28 -9.51 43.62
CA PHE B 73 28.50 -10.29 43.83
C PHE B 73 29.14 -10.59 42.48
N PRO B 74 29.77 -9.60 41.85
CA PRO B 74 30.46 -9.87 40.59
C PRO B 74 31.61 -10.83 40.79
N ALA B 75 31.91 -11.61 39.75
CA ALA B 75 32.87 -12.69 39.84
C ALA B 75 34.28 -12.28 39.44
N ASN B 76 34.51 -11.02 39.08
CA ASN B 76 35.83 -10.61 38.57
C ASN B 76 36.25 -9.27 39.16
N GLN B 77 35.77 -8.95 40.36
CA GLN B 77 36.21 -7.75 41.06
C GLN B 77 35.57 -7.74 42.45
N ALA B 78 36.25 -7.07 43.38
CA ALA B 78 35.74 -6.98 44.75
C ALA B 78 34.47 -6.14 44.80
N PHE B 79 33.63 -6.44 45.79
CA PHE B 79 32.37 -5.72 45.98
C PHE B 79 32.46 -4.69 47.10
N PHE B 80 33.64 -4.46 47.66
CA PHE B 80 33.81 -3.49 48.74
C PHE B 80 35.17 -2.83 48.60
N ARG B 81 35.27 -1.63 49.16
CA ARG B 81 36.49 -0.84 49.12
C ARG B 81 36.76 -0.24 50.49
N ILE B 82 38.04 0.00 50.78
CA ILE B 82 38.45 0.60 52.05
C ILE B 82 38.92 2.02 51.80
N ASP B 83 38.41 2.95 52.61
CA ASP B 83 38.75 4.35 52.44
C ASP B 83 40.17 4.64 52.93
N SER B 84 40.42 4.36 54.22
CA SER B 84 41.76 4.50 54.80
C SER B 84 42.13 5.97 55.02
N THR B 85 41.25 6.89 54.64
CA THR B 85 41.53 8.30 54.84
C THR B 85 41.30 8.72 56.29
N GLY B 86 40.61 7.89 57.07
CA GLY B 86 40.33 8.20 58.45
C GLY B 86 41.58 8.41 59.28
N ASP B 87 42.37 7.36 59.44
CA ASP B 87 43.60 7.44 60.24
C ASP B 87 44.59 6.41 59.69
N ALA B 88 45.57 6.88 58.94
CA ALA B 88 46.56 5.98 58.35
C ALA B 88 47.58 5.53 59.39
N ALA B 89 47.72 6.26 60.49
CA ALA B 89 48.73 5.92 61.49
C ALA B 89 48.51 4.52 62.05
N GLN B 90 47.37 4.28 62.67
CA GLN B 90 47.08 2.98 63.26
C GLN B 90 47.01 1.88 62.21
N LEU B 91 46.43 2.17 61.04
CA LEU B 91 46.35 1.16 59.99
C LEU B 91 47.73 0.71 59.55
N ALA B 92 48.66 1.65 59.38
CA ALA B 92 50.03 1.30 59.01
C ALA B 92 50.74 0.59 60.15
N GLU B 93 50.48 0.99 61.40
CA GLU B 93 51.14 0.37 62.54
C GLU B 93 50.67 -1.07 62.75
N ALA B 94 49.43 -1.38 62.38
CA ALA B 94 48.93 -2.73 62.58
C ALA B 94 49.66 -3.75 61.69
N MET B 95 49.77 -3.45 60.39
CA MET B 95 50.49 -4.35 59.50
C MET B 95 52.00 -4.22 59.67
N GLY B 96 52.47 -3.01 59.98
CA GLY B 96 53.89 -2.76 60.05
C GLY B 96 54.48 -2.41 58.70
N ALA B 97 53.92 -1.38 58.07
CA ALA B 97 54.35 -0.96 56.74
C ALA B 97 54.65 0.53 56.78
N GLU B 98 55.10 1.06 55.65
CA GLU B 98 55.47 2.46 55.55
C GLU B 98 54.20 3.32 55.43
N SER B 99 54.41 4.65 55.38
CA SER B 99 53.28 5.57 55.31
C SER B 99 52.57 5.46 53.96
N ALA B 100 53.33 5.20 52.89
CA ALA B 100 52.77 5.15 51.55
C ALA B 100 52.45 3.75 51.06
N ASP B 101 53.03 2.72 51.68
CA ASP B 101 52.76 1.34 51.26
C ASP B 101 51.36 0.88 51.67
N LEU B 102 50.67 1.66 52.50
CA LEU B 102 49.33 1.28 52.93
C LEU B 102 48.37 1.20 51.75
N ALA B 103 48.50 2.10 50.78
CA ALA B 103 47.62 2.08 49.61
C ALA B 103 47.75 0.76 48.85
N ASN B 104 48.99 0.28 48.69
CA ASN B 104 49.19 -0.98 48.00
C ASN B 104 48.74 -2.16 48.85
N GLY B 105 49.00 -2.12 50.15
CA GLY B 105 48.63 -3.24 51.01
C GLY B 105 47.13 -3.43 51.10
N LEU B 106 46.39 -2.34 51.26
CA LEU B 106 44.93 -2.44 51.34
C LEU B 106 44.36 -2.97 50.03
N ALA B 107 44.88 -2.50 48.90
CA ALA B 107 44.43 -2.99 47.61
C ALA B 107 44.70 -4.49 47.46
N GLU B 108 45.90 -4.93 47.88
CA GLU B 108 46.22 -6.35 47.81
C GLU B 108 45.25 -7.17 48.66
N LEU B 109 44.98 -6.71 49.88
CA LEU B 109 44.06 -7.44 50.76
C LEU B 109 42.67 -7.52 50.14
N GLU B 110 42.15 -6.40 49.64
CA GLU B 110 40.83 -6.41 49.04
C GLU B 110 40.77 -7.33 47.83
N ASN B 111 41.80 -7.28 46.98
CA ASN B 111 41.80 -8.11 45.78
C ASN B 111 41.86 -9.60 46.12
N THR B 112 42.68 -9.98 47.11
CA THR B 112 42.86 -11.39 47.43
C THR B 112 41.77 -11.94 48.36
N ALA B 113 40.96 -11.06 48.95
CA ALA B 113 40.00 -11.53 49.96
C ALA B 113 38.69 -11.98 49.35
N PHE B 114 38.21 -11.30 48.30
CA PHE B 114 36.83 -11.51 47.86
C PHE B 114 36.62 -12.85 47.18
N ARG B 115 37.69 -13.53 46.75
CA ARG B 115 37.53 -14.85 46.14
C ARG B 115 36.99 -15.89 47.11
N ARG B 116 37.09 -15.67 48.41
CA ARG B 116 36.68 -16.68 49.38
C ARG B 116 35.18 -16.95 49.38
N ILE B 117 34.38 -16.12 48.69
CA ILE B 117 32.94 -16.29 48.71
C ILE B 117 32.47 -17.43 47.80
N PHE B 118 33.35 -18.02 47.01
CA PHE B 118 32.99 -19.07 46.07
C PHE B 118 33.44 -20.46 46.49
N LEU B 119 33.73 -20.67 47.77
CA LEU B 119 34.19 -21.97 48.22
C LEU B 119 33.04 -22.79 48.81
N LYS B 120 32.93 -24.04 48.37
CA LYS B 120 32.04 -25.03 48.99
C LYS B 120 30.57 -24.62 48.89
N SER B 121 30.16 -24.18 47.70
CA SER B 121 28.74 -24.00 47.38
C SER B 121 28.11 -22.87 48.20
N SER B 122 28.75 -21.71 48.27
CA SER B 122 28.14 -20.56 48.92
C SER B 122 27.20 -19.81 47.98
N TYR B 123 27.51 -19.81 46.68
CA TYR B 123 26.75 -19.02 45.72
C TYR B 123 25.29 -19.50 45.64
N HIS B 124 25.09 -20.81 45.68
CA HIS B 124 23.72 -21.34 45.66
C HIS B 124 22.94 -20.88 46.88
N GLN B 125 23.59 -20.88 48.05
CA GLN B 125 22.92 -20.40 49.26
C GLN B 125 22.61 -18.91 49.17
N LEU B 126 23.50 -18.14 48.54
CA LEU B 126 23.22 -16.72 48.34
C LEU B 126 21.99 -16.54 47.45
N VAL B 127 21.88 -17.32 46.38
CA VAL B 127 20.71 -17.20 45.50
C VAL B 127 19.44 -17.59 46.26
N HIS B 128 19.51 -18.66 47.05
CA HIS B 128 18.35 -19.05 47.85
C HIS B 128 17.96 -17.96 48.84
N ALA B 129 18.96 -17.31 49.45
CA ALA B 129 18.67 -16.22 50.36
C ALA B 129 18.01 -15.05 49.64
N MET B 130 18.44 -14.76 48.42
CA MET B 130 17.78 -13.70 47.64
C MET B 130 16.32 -14.05 47.37
N LYS B 131 16.05 -15.30 47.01
CA LYS B 131 14.67 -15.73 46.82
C LYS B 131 13.86 -15.52 48.10
N LEU B 132 14.43 -15.96 49.23
CA LEU B 132 13.72 -15.83 50.50
C LEU B 132 13.43 -14.37 50.84
N LEU B 133 14.41 -13.50 50.62
CA LEU B 133 14.21 -12.08 50.89
C LEU B 133 13.12 -11.51 50.01
N ILE B 134 13.11 -11.89 48.72
CA ILE B 134 12.12 -11.33 47.81
C ILE B 134 10.71 -11.79 48.18
N ILE B 135 10.53 -13.07 48.52
CA ILE B 135 9.19 -13.58 48.75
C ILE B 135 8.69 -13.29 50.16
N THR B 136 9.53 -13.53 51.18
CA THR B 136 9.10 -13.39 52.57
C THR B 136 9.70 -12.20 53.30
N GLY B 137 10.79 -11.62 52.79
CA GLY B 137 11.36 -10.45 53.40
C GLY B 137 12.15 -10.69 54.66
N ASN B 138 12.56 -11.93 54.92
CA ASN B 138 13.36 -12.25 56.11
C ASN B 138 14.26 -13.42 55.80
N VAL B 139 15.45 -13.42 56.39
CA VAL B 139 16.41 -14.50 56.22
C VAL B 139 17.49 -14.40 57.29
N LEU B 140 17.96 -15.54 57.77
CA LEU B 140 19.08 -15.62 58.69
C LEU B 140 20.20 -16.37 58.00
N LEU B 141 21.41 -15.81 58.05
CA LEU B 141 22.55 -16.31 57.30
C LEU B 141 23.66 -16.69 58.28
N TYR B 142 24.18 -17.91 58.13
CA TYR B 142 25.24 -18.43 58.99
C TYR B 142 26.43 -18.80 58.13
N ARG B 143 27.60 -18.28 58.50
CA ARG B 143 28.84 -18.49 57.75
C ARG B 143 29.82 -19.24 58.66
N ASP B 144 30.29 -20.39 58.21
CA ASP B 144 31.23 -21.21 58.97
C ASP B 144 32.63 -20.95 58.48
N SER B 145 33.50 -20.47 59.38
CA SER B 145 34.85 -20.10 58.99
C SER B 145 35.77 -21.31 58.81
N ASN B 146 35.55 -22.37 59.59
CA ASN B 146 36.45 -23.51 59.56
C ASN B 146 36.49 -24.15 58.17
N THR B 147 35.34 -24.33 57.54
CA THR B 147 35.23 -24.97 56.24
C THR B 147 35.04 -24.01 55.09
N GLY B 148 34.26 -22.96 55.28
CA GLY B 148 33.94 -22.03 54.20
C GLY B 148 32.58 -22.22 53.59
N ASN B 149 31.63 -22.80 54.32
CA ASN B 149 30.29 -23.04 53.82
C ASN B 149 29.28 -22.13 54.51
N MET B 150 28.15 -21.92 53.84
CA MET B 150 27.09 -21.06 54.35
C MET B 150 25.75 -21.79 54.27
N HIS B 151 24.77 -21.29 55.02
CA HIS B 151 23.43 -21.85 55.02
C HIS B 151 22.45 -20.72 55.30
N ALA B 152 21.24 -20.85 54.76
CA ALA B 152 20.19 -19.85 54.91
C ALA B 152 18.95 -20.49 55.51
N TYR B 153 18.32 -19.76 56.44
CA TYR B 153 17.14 -20.24 57.15
C TYR B 153 15.98 -19.30 56.92
N SER B 154 14.77 -19.84 56.99
CA SER B 154 13.56 -19.05 56.88
C SER B 154 13.03 -18.73 58.29
N ILE B 155 11.96 -17.94 58.37
CA ILE B 155 11.39 -17.57 59.66
C ILE B 155 10.67 -18.71 60.34
N ARG B 156 10.58 -19.87 59.69
CA ARG B 156 9.98 -21.05 60.31
C ARG B 156 10.95 -21.79 61.22
N GLN B 157 12.21 -21.38 61.27
CA GLN B 157 13.22 -22.05 62.09
C GLN B 157 13.90 -21.14 63.09
N TYR B 158 13.55 -19.86 63.15
CA TYR B 158 14.20 -18.94 64.07
C TYR B 158 13.28 -17.77 64.37
N SER B 159 13.60 -17.07 65.46
CA SER B 159 12.85 -15.90 65.89
C SER B 159 13.81 -14.93 66.55
N VAL B 160 13.50 -13.63 66.45
CA VAL B 160 14.39 -12.58 66.90
C VAL B 160 13.62 -11.58 67.74
N LEU B 161 14.36 -10.81 68.54
CA LEU B 161 13.82 -9.75 69.37
C LEU B 161 14.63 -8.49 69.15
N ARG B 162 13.95 -7.36 69.05
CA ARG B 162 14.62 -6.08 68.81
C ARG B 162 13.86 -4.97 69.52
N ASP B 163 14.56 -3.87 69.75
CA ASP B 163 13.97 -2.69 70.39
C ASP B 163 13.08 -1.95 69.41
N GLY B 164 12.54 -0.82 69.86
CA GLY B 164 11.81 0.07 68.97
C GLY B 164 12.70 0.79 67.98
N GLY B 165 14.00 0.91 68.29
CA GLY B 165 14.95 1.53 67.38
C GLY B 165 15.53 0.61 66.33
N GLY B 166 15.25 -0.70 66.42
CA GLY B 166 15.69 -1.64 65.42
C GLY B 166 16.87 -2.51 65.84
N LYS B 167 17.52 -2.21 66.95
CA LYS B 167 18.65 -3.03 67.39
C LYS B 167 18.20 -4.43 67.74
N VAL B 168 18.94 -5.43 67.28
CA VAL B 168 18.66 -6.82 67.57
C VAL B 168 19.30 -7.18 68.90
N LEU B 169 18.52 -7.76 69.82
CA LEU B 169 18.98 -8.06 71.16
C LEU B 169 19.21 -9.55 71.38
N ASP B 170 18.35 -10.40 70.83
CA ASP B 170 18.41 -11.83 71.10
C ASP B 170 17.88 -12.61 69.90
N MET B 171 18.27 -13.88 69.83
CA MET B 171 17.83 -14.78 68.77
C MET B 171 17.86 -16.21 69.28
N VAL B 172 17.01 -17.05 68.71
CA VAL B 172 16.97 -18.49 69.00
C VAL B 172 16.77 -19.24 67.69
N LEU B 173 17.45 -20.38 67.56
CA LEU B 173 17.43 -21.15 66.32
C LEU B 173 17.20 -22.62 66.66
N LYS B 174 16.35 -23.28 65.87
CA LYS B 174 16.03 -24.69 66.04
C LYS B 174 16.65 -25.50 64.91
N GLU B 175 17.07 -26.72 65.24
CA GLU B 175 17.67 -27.61 64.26
C GLU B 175 17.45 -29.05 64.71
N ARG B 176 17.35 -29.96 63.75
CA ARG B 176 17.07 -31.37 64.00
C ARG B 176 18.26 -32.22 63.57
N THR B 177 18.53 -33.28 64.31
CA THR B 177 19.65 -34.17 64.04
C THR B 177 19.38 -35.52 64.68
N VAL B 178 20.41 -36.36 64.77
CA VAL B 178 20.30 -37.69 65.35
C VAL B 178 21.36 -37.84 66.43
N ILE B 179 21.19 -38.89 67.25
CA ILE B 179 22.06 -39.08 68.40
C ILE B 179 23.50 -39.35 67.98
N SER B 180 23.70 -40.06 66.88
CA SER B 180 25.05 -40.44 66.47
C SER B 180 25.92 -39.23 66.20
N GLU B 181 25.31 -38.07 65.95
CA GLU B 181 26.09 -36.87 65.62
C GLU B 181 26.56 -36.12 66.85
N LEU B 182 26.09 -36.48 68.03
CA LEU B 182 26.41 -35.73 69.24
C LEU B 182 27.83 -36.01 69.71
N PRO B 183 28.40 -35.14 70.54
CA PRO B 183 29.76 -35.37 71.04
C PRO B 183 29.82 -36.57 71.97
N VAL B 184 31.03 -37.12 72.11
CA VAL B 184 31.21 -38.30 72.93
C VAL B 184 30.81 -38.03 74.37
N GLU B 185 31.07 -36.82 74.86
CA GLU B 185 30.75 -36.50 76.25
C GLU B 185 29.27 -36.63 76.53
N ALA B 186 28.42 -36.15 75.61
CA ALA B 186 26.98 -36.20 75.80
C ALA B 186 26.35 -37.50 75.35
N ARG B 187 27.06 -38.31 74.57
CA ARG B 187 26.49 -39.56 74.08
C ARG B 187 26.62 -40.70 75.09
N ILE B 188 27.41 -40.51 76.15
CA ILE B 188 27.43 -41.52 77.22
C ILE B 188 26.05 -41.64 77.85
N LYS B 189 25.39 -40.50 78.08
CA LYS B 189 23.97 -40.51 78.40
C LYS B 189 23.18 -40.91 77.16
N TYR B 190 21.89 -41.17 77.33
CA TYR B 190 21.08 -41.70 76.24
C TYR B 190 21.70 -42.98 75.70
N ARG B 191 22.32 -43.77 76.59
CA ARG B 191 22.93 -45.01 76.14
C ARG B 191 21.91 -45.93 75.48
N ASN B 192 20.72 -46.04 76.07
CA ASN B 192 19.61 -46.71 75.43
C ASN B 192 19.01 -45.80 74.36
N ARG B 193 18.17 -46.39 73.51
CA ARG B 193 17.52 -45.69 72.41
C ARG B 193 18.53 -45.13 71.41
N LYS B 194 19.68 -45.78 71.25
CA LYS B 194 20.73 -45.28 70.35
C LYS B 194 20.42 -45.71 68.91
N GLN B 195 19.20 -45.42 68.48
CA GLN B 195 18.79 -45.59 67.10
C GLN B 195 19.02 -44.29 66.34
N ASP B 196 18.43 -44.18 65.15
CA ASP B 196 18.52 -42.95 64.39
C ASP B 196 17.32 -42.06 64.70
N ASP B 197 16.86 -42.11 65.94
CA ASP B 197 15.75 -41.26 66.37
C ASP B 197 16.12 -39.80 66.26
N CYS B 198 15.15 -38.97 65.89
CA CYS B 198 15.38 -37.54 65.73
C CYS B 198 15.35 -36.84 67.08
N ILE B 199 16.26 -35.89 67.30
CA ILE B 199 16.32 -35.08 68.51
C ILE B 199 16.56 -33.64 68.11
N CYS B 200 15.87 -32.72 68.77
CA CYS B 200 15.96 -31.29 68.46
C CYS B 200 17.11 -30.64 69.20
N LEU B 201 17.66 -29.58 68.60
CA LEU B 201 18.77 -28.82 69.18
C LEU B 201 18.45 -27.34 69.07
N TYR B 202 18.84 -26.59 70.10
CA TYR B 202 18.54 -25.16 70.19
C TYR B 202 19.82 -24.38 70.41
N THR B 203 19.92 -23.23 69.74
CA THR B 203 21.05 -22.32 69.88
C THR B 203 20.52 -20.92 70.22
N ARG B 204 21.29 -20.21 71.04
CA ARG B 204 20.92 -18.87 71.48
C ARG B 204 22.07 -17.90 71.26
N ILE B 205 21.75 -16.74 70.72
CA ILE B 205 22.71 -15.65 70.52
C ILE B 205 22.20 -14.43 71.27
N LYS B 206 23.03 -13.89 72.16
CA LYS B 206 22.62 -12.80 73.02
C LYS B 206 23.66 -11.70 73.01
N ARG B 207 23.19 -10.45 73.03
CA ARG B 207 24.07 -9.30 73.08
C ARG B 207 24.41 -8.95 74.53
N GLU B 208 25.67 -8.56 74.74
CA GLU B 208 26.15 -8.14 76.05
C GLU B 208 27.29 -7.17 75.84
N ARG B 209 27.55 -6.34 76.84
CA ARG B 209 28.61 -5.34 76.77
C ARG B 209 29.71 -5.63 77.79
N ARG B 210 30.95 -5.53 77.33
CA ARG B 210 32.12 -5.61 78.20
C ARG B 210 32.90 -4.30 78.14
N ALA B 211 34.09 -4.28 78.75
CA ALA B 211 34.81 -3.02 78.89
C ALA B 211 35.16 -2.40 77.55
N VAL B 212 35.56 -3.22 76.58
CA VAL B 212 36.10 -2.73 75.31
C VAL B 212 35.04 -2.70 74.21
N GLY B 213 33.78 -2.89 74.55
CA GLY B 213 32.72 -2.77 73.57
C GLY B 213 31.66 -3.85 73.77
N GLU B 214 30.71 -3.87 72.83
CA GLU B 214 29.63 -4.85 72.87
C GLU B 214 30.13 -6.20 72.38
N VAL B 215 29.35 -7.24 72.67
CA VAL B 215 29.77 -8.62 72.48
C VAL B 215 28.54 -9.49 72.24
N PHE B 216 28.74 -10.59 71.51
CA PHE B 216 27.71 -11.59 71.26
C PHE B 216 28.14 -12.91 71.86
N VAL B 217 27.24 -13.55 72.59
CA VAL B 217 27.52 -14.80 73.31
C VAL B 217 26.66 -15.90 72.72
N VAL B 218 27.28 -17.04 72.41
CA VAL B 218 26.62 -18.17 71.76
C VAL B 218 26.67 -19.36 72.69
N THR B 219 25.54 -20.06 72.83
CA THR B 219 25.44 -21.26 73.63
C THR B 219 24.43 -22.20 72.99
N GLN B 220 24.46 -23.46 73.42
CA GLN B 220 23.60 -24.50 72.86
C GLN B 220 22.97 -25.30 73.99
N GLN B 221 21.87 -25.97 73.67
CA GLN B 221 21.14 -26.74 74.65
C GLN B 221 20.24 -27.74 73.93
N LEU B 222 20.03 -28.89 74.56
CA LEU B 222 19.17 -29.93 73.99
C LEU B 222 17.72 -29.67 74.38
N GLU B 223 16.82 -30.54 73.94
CA GLU B 223 15.40 -30.37 74.25
C GLU B 223 15.15 -30.48 75.75
N ASP B 224 15.77 -31.45 76.40
CA ASP B 224 15.53 -31.70 77.83
C ASP B 224 16.53 -30.96 78.71
N GLY B 225 16.67 -29.66 78.49
CA GLY B 225 17.38 -28.81 79.44
C GLY B 225 18.88 -28.93 79.47
N LEU B 226 19.44 -30.04 78.98
CA LEU B 226 20.86 -30.32 79.17
C LEU B 226 21.70 -29.40 78.28
N MET B 227 22.68 -28.74 78.88
CA MET B 227 23.61 -27.89 78.14
C MET B 227 24.71 -28.74 77.50
N LEU B 228 25.34 -28.18 76.46
CA LEU B 228 26.39 -28.87 75.73
C LEU B 228 27.70 -28.09 75.70
N ASP B 229 27.88 -27.15 76.63
CA ASP B 229 29.13 -26.40 76.70
C ASP B 229 29.33 -25.61 75.41
N ASN B 230 30.54 -25.62 74.85
CA ASN B 230 30.87 -24.97 73.58
C ASN B 230 30.70 -23.45 73.64
N LEU B 231 30.80 -22.84 74.81
CA LEU B 231 30.65 -21.40 74.92
C LEU B 231 31.67 -20.70 74.03
N GLU B 232 31.20 -19.71 73.27
CA GLU B 232 32.04 -18.90 72.41
C GLU B 232 31.64 -17.45 72.52
N VAL B 233 32.60 -16.56 72.28
CA VAL B 233 32.41 -15.12 72.39
C VAL B 233 33.02 -14.45 71.16
N TYR B 234 32.24 -13.58 70.52
CA TYR B 234 32.71 -12.84 69.36
C TYR B 234 32.48 -11.34 69.56
N PRO B 235 33.38 -10.50 69.07
CA PRO B 235 33.05 -9.08 68.96
C PRO B 235 31.91 -8.87 67.97
N GLU B 236 31.14 -7.81 68.21
CA GLU B 236 29.93 -7.58 67.42
C GLU B 236 30.24 -7.46 65.93
N ALA B 237 31.45 -7.05 65.57
CA ALA B 237 31.77 -6.81 64.17
C ALA B 237 31.95 -8.11 63.37
N ILE B 238 32.45 -9.17 64.00
CA ILE B 238 32.79 -10.39 63.29
C ILE B 238 31.90 -11.55 63.74
N CYS B 239 30.68 -11.24 64.13
CA CYS B 239 29.73 -12.30 64.45
C CYS B 239 29.34 -13.05 63.18
N PRO B 240 29.21 -14.38 63.23
CA PRO B 240 28.89 -15.15 62.01
C PRO B 240 27.40 -15.22 61.68
N PHE B 241 26.51 -14.69 62.52
CA PHE B 241 25.07 -14.70 62.27
C PHE B 241 24.66 -13.32 61.77
N ILE B 242 23.86 -13.29 60.71
CA ILE B 242 23.47 -12.03 60.07
C ILE B 242 21.98 -12.04 59.77
N PRO B 243 21.13 -11.44 60.59
CA PRO B 243 19.73 -11.26 60.21
C PRO B 243 19.55 -10.07 59.29
N ALA B 244 18.64 -10.24 58.32
CA ALA B 244 18.44 -9.24 57.29
C ALA B 244 16.94 -9.03 57.07
N VAL B 245 16.60 -7.87 56.50
CA VAL B 245 15.23 -7.53 56.19
C VAL B 245 15.20 -6.78 54.86
N TRP B 246 14.07 -6.87 54.17
CA TRP B 246 13.87 -6.15 52.92
C TRP B 246 13.24 -4.79 53.15
N ASN B 247 12.11 -4.75 53.84
CA ASN B 247 11.46 -3.50 54.23
C ASN B 247 11.00 -3.64 55.67
N LEU B 248 11.41 -2.68 56.51
CA LEU B 248 11.17 -2.76 57.95
C LEU B 248 10.38 -1.52 58.39
N VAL B 249 9.11 -1.72 58.71
CA VAL B 249 8.29 -0.64 59.24
C VAL B 249 8.70 -0.37 60.68
N THR B 250 8.95 0.89 61.00
CA THR B 250 9.38 1.25 62.34
C THR B 250 8.36 0.80 63.37
N GLY B 251 8.83 0.14 64.43
CA GLY B 251 7.97 -0.34 65.48
C GLY B 251 7.81 -1.84 65.48
N GLU B 252 7.88 -2.46 64.30
CA GLU B 252 7.68 -3.90 64.17
C GLU B 252 9.02 -4.62 64.29
N THR B 253 8.98 -5.95 64.21
CA THR B 253 10.16 -6.78 64.40
C THR B 253 10.60 -7.47 63.12
N TYR B 254 9.65 -7.91 62.29
CA TYR B 254 9.95 -8.59 61.05
C TYR B 254 9.68 -7.68 59.86
N GLY B 255 10.41 -7.90 58.77
CA GLY B 255 10.27 -7.08 57.59
C GLY B 255 9.13 -7.48 56.68
N ARG B 256 9.07 -6.90 55.49
CA ARG B 256 8.03 -7.19 54.52
C ARG B 256 8.67 -7.39 53.15
N GLY B 257 8.00 -8.18 52.32
CA GLY B 257 8.55 -8.54 51.02
C GLY B 257 8.06 -7.68 49.88
N LEU B 258 8.67 -7.88 48.70
CA LEU B 258 8.26 -7.13 47.52
C LEU B 258 6.92 -7.61 46.99
N VAL B 259 6.65 -8.90 47.12
CA VAL B 259 5.41 -9.46 46.58
C VAL B 259 4.19 -8.88 47.27
N GLU B 260 4.32 -8.50 48.55
CA GLU B 260 3.18 -7.99 49.29
C GLU B 260 2.62 -6.72 48.68
N ASP B 261 3.42 -5.98 47.91
CA ASP B 261 2.96 -4.74 47.30
C ASP B 261 2.09 -4.96 46.06
N TYR B 262 2.06 -6.19 45.52
CA TYR B 262 1.39 -6.46 44.25
C TYR B 262 0.48 -7.68 44.37
N ALA B 263 -0.19 -7.85 45.51
CA ALA B 263 -1.03 -9.03 45.71
C ALA B 263 -2.32 -8.95 44.91
N GLY B 264 -2.85 -7.73 44.73
CA GLY B 264 -4.12 -7.59 44.04
C GLY B 264 -4.08 -8.11 42.62
N ASP B 265 -3.01 -7.79 41.88
CA ASP B 265 -2.91 -8.23 40.50
C ASP B 265 -2.84 -9.75 40.40
N LEU B 266 -2.05 -10.38 41.27
CA LEU B 266 -1.95 -11.84 41.25
C LEU B 266 -3.28 -12.48 41.60
N ALA B 267 -3.98 -11.94 42.60
CA ALA B 267 -5.28 -12.48 42.96
C ALA B 267 -6.27 -12.34 41.82
N LYS B 268 -6.23 -11.21 41.12
CA LYS B 268 -7.13 -11.00 39.99
C LYS B 268 -6.75 -11.84 38.78
N LEU B 269 -5.49 -12.26 38.68
CA LEU B 269 -5.01 -13.08 37.58
C LEU B 269 -5.33 -14.56 37.76
N SER B 270 -5.29 -15.05 39.00
CA SER B 270 -5.53 -16.47 39.23
C SER B 270 -6.94 -16.88 38.79
N ALA B 271 -7.94 -16.06 39.12
CA ALA B 271 -9.32 -16.39 38.76
C ALA B 271 -9.51 -16.41 37.24
N LEU B 272 -8.93 -15.45 36.54
CA LEU B 272 -9.01 -15.45 35.08
C LEU B 272 -8.34 -16.69 34.50
N SER B 273 -7.21 -17.10 35.08
CA SER B 273 -6.56 -18.33 34.62
C SER B 273 -7.48 -19.53 34.83
N GLU B 274 -8.17 -19.59 35.97
CA GLU B 274 -9.10 -20.70 36.22
C GLU B 274 -10.22 -20.71 35.18
N ALA B 275 -10.77 -19.54 34.87
CA ALA B 275 -11.85 -19.47 33.88
C ALA B 275 -11.36 -19.90 32.51
N LEU B 276 -10.15 -19.48 32.13
CA LEU B 276 -9.58 -19.90 30.86
C LEU B 276 -9.41 -21.41 30.81
N ALA B 277 -8.95 -22.01 31.92
CA ALA B 277 -8.82 -23.46 31.97
C ALA B 277 -10.18 -24.14 31.80
N LEU B 278 -11.22 -23.60 32.44
CA LEU B 278 -12.55 -24.17 32.30
C LEU B 278 -13.01 -24.15 30.85
N TYR B 279 -12.85 -23.01 30.17
CA TYR B 279 -13.23 -22.94 28.76
C TYR B 279 -12.41 -23.89 27.91
N GLU B 280 -11.11 -23.98 28.16
CA GLU B 280 -10.28 -24.90 27.39
C GLU B 280 -10.71 -26.34 27.56
N ILE B 281 -11.10 -26.74 28.77
CA ILE B 281 -11.64 -28.08 28.98
C ILE B 281 -12.97 -28.26 28.27
N GLU B 282 -13.83 -27.24 28.29
CA GLU B 282 -15.09 -27.33 27.54
C GLU B 282 -14.86 -27.47 26.04
N ALA B 283 -13.73 -26.99 25.53
CA ALA B 283 -13.47 -27.06 24.09
C ALA B 283 -13.10 -28.45 23.61
N CYS B 284 -13.22 -29.49 24.44
CA CYS B 284 -12.83 -30.84 24.08
C CYS B 284 -14.02 -31.78 23.90
N ARG B 285 -15.19 -31.24 23.57
CA ARG B 285 -16.35 -32.07 23.25
C ARG B 285 -16.39 -32.31 21.75
N VAL B 286 -16.30 -33.57 21.35
CA VAL B 286 -16.33 -33.97 19.94
C VAL B 286 -17.65 -34.71 19.72
N LEU B 287 -18.62 -34.01 19.15
CA LEU B 287 -19.93 -34.58 18.87
C LEU B 287 -20.36 -34.22 17.45
N HIS B 288 -21.18 -35.09 16.88
CA HIS B 288 -21.80 -34.86 15.57
C HIS B 288 -23.30 -34.99 15.74
N MET B 289 -24.04 -33.97 15.31
CA MET B 289 -25.47 -33.91 15.52
C MET B 289 -26.21 -34.14 14.21
N ALA B 290 -27.19 -35.04 14.24
CA ALA B 290 -28.04 -35.31 13.09
C ALA B 290 -29.27 -34.41 13.17
N LYS B 291 -29.40 -33.50 12.22
CA LYS B 291 -30.49 -32.54 12.24
C LYS B 291 -31.83 -33.26 12.18
N PRO B 292 -32.83 -32.80 12.94
CA PRO B 292 -34.16 -33.38 12.83
C PRO B 292 -34.97 -32.75 11.70
N GLY B 293 -35.74 -33.58 11.02
CA GLY B 293 -36.54 -33.15 9.90
C GLY B 293 -35.86 -33.19 8.55
N SER B 294 -34.70 -33.84 8.45
CA SER B 294 -33.95 -33.92 7.21
C SER B 294 -33.94 -35.37 6.71
N GLN B 295 -33.93 -35.52 5.38
CA GLN B 295 -33.84 -36.85 4.78
C GLN B 295 -32.39 -37.31 4.73
N ILE B 296 -32.09 -38.37 5.46
CA ILE B 296 -30.74 -38.93 5.48
C ILE B 296 -30.85 -40.42 5.77
N ASP B 297 -29.76 -41.15 5.50
CA ASP B 297 -29.65 -42.58 5.79
C ASP B 297 -28.48 -42.74 6.76
N VAL B 298 -28.76 -42.63 8.06
CA VAL B 298 -27.70 -42.55 9.05
C VAL B 298 -26.86 -43.82 9.05
N ASP B 299 -27.51 -44.98 8.94
CA ASP B 299 -26.78 -46.25 9.02
C ASP B 299 -25.76 -46.35 7.90
N SER B 300 -26.17 -46.04 6.67
CA SER B 300 -25.23 -46.12 5.55
C SER B 300 -24.10 -45.11 5.69
N MET B 301 -24.41 -43.89 6.11
CA MET B 301 -23.37 -42.89 6.26
C MET B 301 -22.36 -43.29 7.32
N ALA B 302 -22.82 -43.95 8.39
CA ALA B 302 -21.97 -44.25 9.52
C ALA B 302 -21.31 -45.63 9.44
N GLU B 303 -21.73 -46.50 8.53
CA GLU B 303 -21.23 -47.87 8.49
C GLU B 303 -20.63 -48.30 7.16
N ARG B 304 -20.67 -47.47 6.13
CA ARG B 304 -20.13 -47.85 4.83
C ARG B 304 -18.65 -47.52 4.75
N GLU B 305 -17.95 -48.24 3.87
CA GLU B 305 -16.54 -47.98 3.62
C GLU B 305 -16.37 -46.67 2.85
N SER B 306 -15.20 -46.07 3.00
CA SER B 306 -14.94 -44.78 2.37
C SER B 306 -14.91 -44.92 0.86
N GLY B 307 -15.67 -44.06 0.17
CA GLY B 307 -15.71 -44.07 -1.28
C GLY B 307 -17.09 -44.42 -1.83
N ALA B 308 -18.01 -44.78 -0.94
CA ALA B 308 -19.32 -45.23 -1.37
C ALA B 308 -20.22 -44.06 -1.73
N TRP B 309 -21.31 -44.38 -2.43
CA TRP B 309 -22.36 -43.41 -2.75
C TRP B 309 -23.61 -43.72 -1.92
N VAL B 310 -24.19 -42.66 -1.35
CA VAL B 310 -25.33 -42.79 -0.45
C VAL B 310 -26.38 -41.76 -0.87
N ALA B 311 -27.62 -42.01 -0.47
CA ALA B 311 -28.74 -41.13 -0.78
C ALA B 311 -29.14 -40.35 0.46
N GLY B 312 -29.15 -39.03 0.33
CA GLY B 312 -29.52 -38.15 1.43
C GLY B 312 -28.94 -36.77 1.21
N ASP B 313 -29.41 -35.82 2.01
CA ASP B 313 -28.93 -34.46 1.91
C ASP B 313 -27.45 -34.40 2.27
N PRO B 314 -26.65 -33.61 1.56
CA PRO B 314 -25.22 -33.54 1.88
C PRO B 314 -24.90 -32.67 3.08
N ASN B 315 -25.95 -32.22 3.80
CA ASN B 315 -25.75 -31.34 4.94
C ASN B 315 -26.62 -31.73 6.13
N GLY B 316 -27.02 -33.00 6.22
CA GLY B 316 -27.90 -33.42 7.31
C GLY B 316 -27.20 -33.61 8.63
N VAL B 317 -25.87 -33.69 8.63
CA VAL B 317 -25.09 -33.89 9.84
C VAL B 317 -24.09 -32.74 9.97
N ALA B 318 -24.02 -32.17 11.17
CA ALA B 318 -23.13 -31.05 11.44
C ALA B 318 -22.39 -31.27 12.75
N ALA B 319 -21.25 -30.62 12.88
CA ALA B 319 -20.42 -30.77 14.06
C ALA B 319 -20.91 -29.85 15.19
N TYR B 320 -20.83 -30.35 16.41
CA TYR B 320 -21.27 -29.60 17.58
C TYR B 320 -20.53 -28.27 17.67
N GLU B 321 -21.27 -27.21 17.97
CA GLU B 321 -20.71 -25.86 18.01
C GLU B 321 -21.34 -25.11 19.18
N ALA B 322 -20.51 -24.61 20.09
CA ALA B 322 -20.99 -23.85 21.24
C ALA B 322 -20.51 -22.41 21.25
N GLY B 323 -19.56 -22.04 20.41
CA GLY B 323 -19.09 -20.67 20.35
C GLY B 323 -18.18 -20.27 21.49
N ASP B 324 -17.39 -21.20 22.02
CA ASP B 324 -16.51 -20.91 23.15
C ASP B 324 -15.09 -20.55 22.73
N TYR B 325 -14.80 -20.48 21.42
CA TYR B 325 -13.47 -20.10 20.98
C TYR B 325 -13.25 -18.59 21.14
N ASN B 326 -14.26 -17.80 20.84
CA ASN B 326 -14.14 -16.34 20.98
C ASN B 326 -13.86 -15.97 22.44
N LYS B 327 -14.46 -16.69 23.38
CA LYS B 327 -14.21 -16.39 24.79
C LYS B 327 -12.77 -16.68 25.17
N ILE B 328 -12.18 -17.75 24.63
CA ILE B 328 -10.77 -18.03 24.86
C ILE B 328 -9.92 -16.90 24.30
N ILE B 329 -10.23 -16.47 23.07
CA ILE B 329 -9.48 -15.39 22.45
C ILE B 329 -9.55 -14.13 23.31
N ALA B 330 -10.73 -13.83 23.85
CA ALA B 330 -10.89 -12.63 24.66
C ALA B 330 -10.12 -12.73 25.97
N LEU B 331 -10.25 -13.86 26.66
CA LEU B 331 -9.59 -14.01 27.96
C LEU B 331 -8.08 -13.95 27.83
N THR B 332 -7.53 -14.54 26.76
CA THR B 332 -6.08 -14.53 26.60
C THR B 332 -5.54 -13.11 26.52
N GLN B 333 -6.22 -12.22 25.80
CA GLN B 333 -5.74 -10.86 25.65
C GLN B 333 -5.73 -10.11 26.98
N GLU B 334 -6.80 -10.26 27.78
CA GLU B 334 -6.83 -9.60 29.08
C GLU B 334 -5.71 -10.11 29.98
N ILE B 335 -5.51 -11.44 30.02
CA ILE B 335 -4.46 -11.99 30.87
C ILE B 335 -3.11 -11.47 30.42
N GLN B 336 -2.88 -11.44 29.10
CA GLN B 336 -1.61 -10.95 28.58
C GLN B 336 -1.40 -9.48 28.93
N SER B 337 -2.46 -8.67 28.85
CA SER B 337 -2.33 -7.26 29.17
C SER B 337 -1.94 -7.06 30.63
N ILE B 338 -2.59 -7.80 31.54
CA ILE B 338 -2.24 -7.67 32.96
C ILE B 338 -0.80 -8.12 33.19
N ALA B 339 -0.42 -9.25 32.59
CA ALA B 339 0.94 -9.75 32.77
C ALA B 339 1.97 -8.73 32.27
N ALA B 340 1.71 -8.12 31.11
CA ALA B 340 2.63 -7.12 30.59
C ALA B 340 2.69 -5.90 31.51
N ARG B 341 1.55 -5.48 32.06
CA ARG B 341 1.55 -4.35 32.97
C ARG B 341 2.34 -4.64 34.24
N LEU B 342 2.38 -5.89 34.68
CA LEU B 342 3.18 -6.24 35.86
C LEU B 342 4.67 -6.34 35.57
N ALA B 343 5.07 -6.37 34.30
CA ALA B 343 6.46 -6.68 33.96
C ALA B 343 7.46 -5.69 34.54
N PRO B 344 7.28 -4.37 34.42
CA PRO B 344 8.35 -3.45 34.84
C PRO B 344 8.75 -3.59 36.30
N ALA B 345 7.80 -3.86 37.18
CA ALA B 345 8.09 -3.84 38.61
C ALA B 345 9.13 -4.90 38.99
N PHE B 346 9.18 -6.01 38.26
CA PHE B 346 10.07 -7.12 38.58
C PHE B 346 11.30 -7.16 37.69
N MET B 347 11.56 -6.10 36.91
CA MET B 347 12.72 -6.05 36.04
C MET B 347 12.74 -7.22 35.05
N TYR B 348 11.64 -7.36 34.31
CA TYR B 348 11.50 -8.39 33.29
C TYR B 348 11.59 -7.72 31.92
N ALA B 349 12.42 -8.28 31.05
CA ALA B 349 12.61 -7.72 29.71
C ALA B 349 12.98 -8.82 28.73
N THR B 359 33.70 -5.38 31.43
CA THR B 359 34.31 -4.22 32.05
C THR B 359 33.49 -3.76 33.26
N ALA B 360 34.15 -3.09 34.20
CA ALA B 360 33.46 -2.64 35.41
C ALA B 360 32.33 -1.66 35.12
N GLU B 361 32.40 -0.95 33.99
CA GLU B 361 31.34 -0.01 33.64
C GLU B 361 30.02 -0.71 33.36
N GLU B 362 30.05 -1.92 32.80
CA GLU B 362 28.82 -2.67 32.61
C GLU B 362 28.15 -2.97 33.95
N ILE B 363 28.95 -3.38 34.94
CA ILE B 363 28.39 -3.62 36.27
C ILE B 363 27.89 -2.33 36.89
N ARG B 364 28.62 -1.22 36.69
CA ARG B 364 28.15 0.07 37.17
C ARG B 364 26.75 0.38 36.63
N GLN B 365 26.58 0.29 35.32
CA GLN B 365 25.31 0.63 34.71
C GLN B 365 24.20 -0.34 35.13
N ASN B 366 24.53 -1.63 35.22
CA ASN B 366 23.54 -2.61 35.65
C ASN B 366 23.06 -2.33 37.06
N ALA B 367 24.00 -2.02 37.97
CA ALA B 367 23.63 -1.69 39.34
C ALA B 367 22.80 -0.40 39.40
N GLU B 368 23.15 0.60 38.59
CA GLU B 368 22.38 1.83 38.59
C GLU B 368 20.96 1.58 38.11
N GLU B 369 20.79 0.77 37.06
CA GLU B 369 19.46 0.48 36.56
C GLU B 369 18.67 -0.38 37.55
N ALA B 370 19.36 -1.25 38.29
CA ALA B 370 18.69 -1.99 39.36
C ALA B 370 18.23 -1.04 40.45
N GLU B 371 19.05 -0.06 40.79
CA GLU B 371 18.61 1.00 41.70
C GLU B 371 17.35 1.66 41.21
N LEU B 372 17.33 2.03 39.93
CA LEU B 372 16.16 2.72 39.39
C LEU B 372 14.91 1.85 39.44
N ALA B 373 15.05 0.58 39.06
CA ALA B 373 13.88 -0.31 39.01
C ALA B 373 13.36 -0.62 40.41
N LEU B 374 14.25 -1.04 41.31
CA LEU B 374 13.80 -1.50 42.63
C LEU B 374 13.15 -0.38 43.42
N GLY B 375 13.73 0.82 43.39
CA GLY B 375 13.22 1.95 44.13
C GLY B 375 13.99 2.31 45.38
N GLY B 376 15.14 1.68 45.63
CA GLY B 376 15.98 2.05 46.76
C GLY B 376 16.24 0.92 47.73
N VAL B 377 16.04 -0.33 47.29
CA VAL B 377 16.33 -1.48 48.12
C VAL B 377 17.72 -2.07 47.86
N TYR B 378 18.25 -1.91 46.65
CA TYR B 378 19.62 -2.37 46.38
C TYR B 378 20.58 -1.79 47.43
N SER B 379 20.42 -0.51 47.75
CA SER B 379 21.25 0.10 48.78
C SER B 379 21.02 -0.55 50.14
N VAL B 380 19.76 -0.86 50.48
CA VAL B 380 19.49 -1.49 51.77
C VAL B 380 20.14 -2.86 51.85
N ILE B 381 20.00 -3.66 50.80
CA ILE B 381 20.61 -4.98 50.78
C ILE B 381 22.11 -4.87 50.89
N ALA B 382 22.72 -3.94 50.12
CA ALA B 382 24.15 -3.75 50.20
C ALA B 382 24.59 -3.38 51.61
N ASP B 383 23.86 -2.45 52.23
CA ASP B 383 24.21 -2.01 53.58
C ASP B 383 24.13 -3.16 54.57
N THR B 384 23.08 -3.98 54.48
CA THR B 384 22.84 -5.01 55.47
C THR B 384 23.64 -6.29 55.23
N LEU B 385 24.25 -6.46 54.05
CA LEU B 385 25.03 -7.66 53.79
C LEU B 385 26.53 -7.40 53.60
N HIS B 386 26.92 -6.31 52.97
CA HIS B 386 28.31 -6.12 52.59
C HIS B 386 29.19 -5.87 53.81
N ILE B 387 28.71 -5.10 54.79
CA ILE B 387 29.57 -4.65 55.88
C ILE B 387 30.09 -5.81 56.71
N PRO B 388 29.27 -6.76 57.17
CA PRO B 388 29.82 -7.84 58.01
C PRO B 388 30.61 -8.88 57.24
N LEU B 389 30.18 -9.21 56.01
CA LEU B 389 30.91 -10.19 55.23
C LEU B 389 32.32 -9.73 54.92
N ALA B 390 32.51 -8.43 54.66
CA ALA B 390 33.85 -7.92 54.42
C ALA B 390 34.75 -8.17 55.62
N HIS B 391 34.26 -7.84 56.82
CA HIS B 391 35.06 -8.07 58.03
C HIS B 391 35.36 -9.54 58.21
N ILE B 392 34.36 -10.40 58.00
CA ILE B 392 34.57 -11.84 58.22
C ILE B 392 35.62 -12.38 57.25
N LEU B 393 35.51 -12.04 55.97
CA LEU B 393 36.48 -12.52 54.99
C LEU B 393 37.88 -11.96 55.26
N CYS B 394 37.98 -10.68 55.61
CA CYS B 394 39.29 -10.11 55.92
C CYS B 394 39.91 -10.81 57.13
N TRP B 395 39.12 -11.10 58.15
CA TRP B 395 39.61 -11.85 59.29
C TRP B 395 40.07 -13.24 58.88
N GLU B 396 39.33 -13.89 57.99
CA GLU B 396 39.75 -15.20 57.49
C GLU B 396 41.09 -15.13 56.77
N VAL B 397 41.32 -14.09 55.98
CA VAL B 397 42.56 -13.98 55.22
C VAL B 397 43.72 -13.46 56.05
N ASN B 398 43.46 -12.67 57.10
CA ASN B 398 44.53 -12.12 57.93
C ASN B 398 43.97 -11.88 59.33
N GLN B 399 44.29 -12.79 60.26
CA GLN B 399 43.75 -12.69 61.62
C GLN B 399 44.43 -11.58 62.41
N GLN B 400 45.76 -11.48 62.30
CA GLN B 400 46.50 -10.58 63.17
C GLN B 400 46.09 -9.12 62.95
N PHE B 401 45.95 -8.71 61.69
CA PHE B 401 45.65 -7.31 61.41
C PHE B 401 44.31 -6.91 62.01
N ILE B 402 43.30 -7.75 61.88
CA ILE B 402 41.97 -7.43 62.43
C ILE B 402 41.98 -7.51 63.94
N ASN B 403 42.73 -8.45 64.53
CA ASN B 403 42.75 -8.58 65.99
C ASN B 403 43.29 -7.31 66.64
N GLU B 404 44.34 -6.72 66.06
CA GLU B 404 44.87 -5.48 66.60
C GLU B 404 43.86 -4.35 66.55
N LEU B 405 43.14 -4.23 65.43
CA LEU B 405 42.17 -3.15 65.27
C LEU B 405 41.00 -3.28 66.25
N LEU B 406 40.51 -4.49 66.47
CA LEU B 406 39.35 -4.68 67.33
C LEU B 406 39.68 -4.51 68.82
N SER B 407 40.87 -4.91 69.23
CA SER B 407 41.25 -4.79 70.64
C SER B 407 41.26 -3.33 71.08
N ASN B 408 41.80 -2.45 70.25
CA ASN B 408 41.86 -1.04 70.60
C ASN B 408 40.48 -0.39 70.60
N GLY B 409 39.60 -0.81 69.70
CA GLY B 409 38.24 -0.31 69.62
C GLY B 409 37.85 0.20 68.24
N LEU B 410 38.79 0.81 67.52
CA LEU B 410 38.49 1.33 66.21
C LEU B 410 38.20 0.18 65.23
N THR B 411 37.47 0.51 64.16
CA THR B 411 37.00 -0.47 63.20
C THR B 411 37.30 0.01 61.78
N LEU B 412 37.35 -0.95 60.86
CA LEU B 412 37.61 -0.65 59.47
C LEU B 412 36.48 0.18 58.86
N SER B 413 36.85 1.03 57.90
CA SER B 413 35.87 1.81 57.16
C SER B 413 35.67 1.19 55.78
N VAL B 414 34.41 0.99 55.40
CA VAL B 414 34.05 0.34 54.15
C VAL B 414 32.99 1.18 53.45
N LEU B 415 33.11 1.27 52.13
CA LEU B 415 32.18 2.04 51.30
C LEU B 415 31.26 1.09 50.55
N THR B 416 29.96 1.40 50.57
CA THR B 416 28.96 0.57 49.88
C THR B 416 27.82 1.47 49.41
N GLY B 417 26.81 0.84 48.83
CA GLY B 417 25.69 1.59 48.28
C GLY B 417 26.02 2.19 46.93
N VAL B 418 26.26 1.32 45.95
CA VAL B 418 26.75 1.72 44.62
C VAL B 418 27.82 2.79 44.78
N ALA B 419 28.72 2.58 45.74
CA ALA B 419 29.82 3.53 45.96
C ALA B 419 31.14 2.82 46.21
N ALA B 420 31.32 1.60 45.70
CA ALA B 420 32.56 0.84 45.86
C ALA B 420 33.48 1.05 44.68
N LEU B 421 33.43 2.23 44.07
CA LEU B 421 34.21 2.56 42.89
C LEU B 421 35.54 3.24 43.24
N SER B 422 35.96 3.18 44.50
CA SER B 422 37.17 3.85 44.92
C SER B 422 38.36 3.43 44.08
N ARG B 423 38.56 2.12 43.91
CA ARG B 423 39.67 1.58 43.14
C ARG B 423 39.17 0.89 41.87
N SER B 424 38.01 1.29 41.37
CA SER B 424 37.38 0.61 40.25
C SER B 424 37.58 1.36 38.93
N THR B 425 37.23 2.64 38.92
CA THR B 425 37.18 3.41 37.67
C THR B 425 37.91 4.73 37.85
N ASP B 426 39.12 4.68 38.42
CA ASP B 426 39.97 5.86 38.48
C ASP B 426 40.83 5.99 37.24
N VAL B 427 41.08 4.87 36.54
CA VAL B 427 41.91 4.93 35.34
C VAL B 427 41.22 5.73 34.24
N ASN B 428 39.89 5.75 34.23
CA ASN B 428 39.17 6.53 33.22
C ASN B 428 39.43 8.01 33.40
N LYS B 429 39.50 8.47 34.64
CA LYS B 429 39.77 9.87 34.95
C LYS B 429 41.22 10.25 34.68
N LEU B 430 42.13 9.28 34.61
CA LEU B 430 43.51 9.51 34.24
C LEU B 430 43.72 9.51 32.73
N ILE B 431 43.00 8.65 32.01
CA ILE B 431 43.11 8.62 30.55
C ILE B 431 42.66 9.95 29.97
N GLN B 432 41.57 10.51 30.48
CA GLN B 432 41.07 11.79 29.98
C GLN B 432 42.08 12.90 30.22
N ALA B 433 42.67 12.93 31.41
CA ALA B 433 43.69 13.94 31.72
C ALA B 433 44.88 13.79 30.79
N ALA B 434 45.31 12.55 30.53
CA ALA B 434 46.42 12.34 29.62
C ALA B 434 46.08 12.81 28.21
N GLN B 435 44.86 12.54 27.75
CA GLN B 435 44.46 12.98 26.43
C GLN B 435 44.45 14.50 26.32
N SER B 436 43.92 15.19 27.32
CA SER B 436 43.90 16.65 27.30
C SER B 436 45.29 17.25 27.40
N LEU B 437 46.16 16.68 28.23
CA LEU B 437 47.54 17.16 28.38
C LEU B 437 48.33 17.00 27.09
N SER B 438 47.94 16.08 26.21
CA SER B 438 48.60 15.92 24.92
C SER B 438 48.13 16.94 23.89
N VAL B 439 47.07 17.70 24.20
CA VAL B 439 46.60 18.74 23.33
C VAL B 439 46.94 20.13 23.85
N ILE B 440 47.04 20.31 25.16
CA ILE B 440 47.30 21.65 25.71
C ILE B 440 48.78 21.97 25.77
N LEU B 441 49.64 20.98 26.08
CA LEU B 441 51.06 21.25 26.28
C LEU B 441 51.80 21.49 24.97
N PRO B 442 51.45 20.79 23.88
CA PRO B 442 52.13 21.12 22.60
C PRO B 442 52.02 22.59 22.25
N VAL B 443 50.86 23.21 22.53
CA VAL B 443 50.77 24.66 22.51
C VAL B 443 51.30 25.20 23.82
N PHE B 444 51.68 26.48 23.83
CA PHE B 444 52.27 27.18 24.97
C PHE B 444 53.73 26.79 25.16
N GLN B 445 54.29 25.94 24.31
CA GLN B 445 55.69 25.58 24.43
C GLN B 445 56.61 26.72 24.05
N ASN B 446 56.19 27.57 23.10
CA ASN B 446 56.98 28.70 22.68
C ASN B 446 56.80 29.91 23.60
N THR B 447 55.59 30.13 24.08
CA THR B 447 55.35 31.29 24.94
C THR B 447 55.99 31.05 26.31
N PRO B 448 56.91 31.91 26.74
CA PRO B 448 57.54 31.72 28.06
C PRO B 448 56.82 32.38 29.23
N ARG B 449 55.66 32.98 29.01
CA ARG B 449 54.93 33.67 30.06
C ARG B 449 53.99 32.74 30.84
N VAL B 450 53.71 31.55 30.32
CA VAL B 450 52.78 30.61 30.93
C VAL B 450 53.60 29.47 31.53
N ASP B 451 53.42 29.23 32.82
CA ASP B 451 54.18 28.19 33.49
C ASP B 451 53.50 26.83 33.29
N PRO B 452 54.22 25.83 32.75
CA PRO B 452 53.59 24.51 32.57
C PRO B 452 53.16 23.86 33.88
N GLU B 453 53.86 24.09 34.98
CA GLU B 453 53.51 23.49 36.26
C GLU B 453 52.11 23.88 36.72
N LYS B 454 51.74 25.15 36.57
CA LYS B 454 50.40 25.59 36.93
C LYS B 454 49.32 24.95 36.07
N ILE B 455 49.56 24.81 34.77
CA ILE B 455 48.61 24.10 33.92
C ILE B 455 48.47 22.66 34.38
N LEU B 456 49.58 22.00 34.69
CA LEU B 456 49.52 20.62 35.18
C LEU B 456 48.69 20.53 36.46
N ASP B 457 48.98 21.41 37.42
CA ASP B 457 48.31 21.39 38.72
C ASP B 457 46.83 21.76 38.61
N MET B 458 46.45 22.54 37.61
CA MET B 458 45.04 22.82 37.36
C MET B 458 44.32 21.67 36.69
N VAL B 459 44.90 21.10 35.64
CA VAL B 459 44.24 20.01 34.92
C VAL B 459 44.09 18.78 35.82
N LEU B 460 45.14 18.43 36.57
CA LEU B 460 45.07 17.24 37.41
C LEU B 460 43.99 17.38 38.47
N THR B 461 43.95 18.52 39.18
CA THR B 461 42.95 18.70 40.22
C THR B 461 41.55 18.88 39.64
N GLY B 462 41.45 19.34 38.39
CA GLY B 462 40.14 19.53 37.79
C GLY B 462 39.36 18.24 37.67
N PHE B 463 40.03 17.16 37.30
CA PHE B 463 39.38 15.87 37.09
C PHE B 463 39.20 15.09 38.39
N GLY B 464 39.77 15.56 39.50
CA GLY B 464 39.59 14.89 40.77
C GLY B 464 40.64 13.86 41.09
N ILE B 465 41.92 14.19 40.92
CA ILE B 465 43.02 13.29 41.25
C ILE B 465 43.87 13.92 42.34
N ASN B 466 44.09 13.18 43.42
CA ASN B 466 44.95 13.66 44.50
C ASN B 466 46.39 13.62 44.02
N THR B 467 46.97 14.80 43.81
CA THR B 467 48.33 14.89 43.27
C THR B 467 49.38 14.26 44.17
N LYS B 468 49.08 14.06 45.45
CA LYS B 468 50.06 13.51 46.39
C LYS B 468 50.44 12.08 46.06
N ASP B 469 49.68 11.38 45.22
CA ASP B 469 49.98 10.00 44.85
C ASP B 469 50.75 9.89 43.54
N LEU B 470 51.07 11.02 42.90
CA LEU B 470 51.80 11.01 41.64
C LEU B 470 53.09 11.81 41.69
N TYR B 471 53.08 12.97 42.36
CA TYR B 471 54.24 13.85 42.35
C TYR B 471 55.41 13.21 43.09
N ARG B 472 56.62 13.54 42.64
CA ARG B 472 57.84 13.07 43.28
C ARG B 472 58.18 13.95 44.48
N THR B 473 58.87 13.35 45.44
CA THR B 473 59.30 14.09 46.62
C THR B 473 60.59 14.86 46.32
N GLU B 474 60.94 15.77 47.24
CA GLU B 474 62.12 16.60 47.04
C GLU B 474 63.38 15.75 46.98
N GLU B 475 63.49 14.74 47.85
CA GLU B 475 64.68 13.91 47.88
C GLU B 475 64.88 13.19 46.55
N GLN B 476 63.80 12.65 45.98
CA GLN B 476 63.92 11.96 44.69
C GLN B 476 64.38 12.90 43.60
N LEU B 477 63.84 14.12 43.58
CA LEU B 477 64.26 15.11 42.59
C LEU B 477 65.74 15.45 42.75
N GLN B 478 66.19 15.63 43.99
CA GLN B 478 67.59 15.92 44.23
C GLN B 478 68.47 14.78 43.76
N ALA B 479 68.07 13.55 44.05
CA ALA B 479 68.86 12.39 43.61
C ALA B 479 68.93 12.32 42.10
N LEU B 480 67.79 12.54 41.43
CA LEU B 480 67.78 12.51 39.97
C LEU B 480 68.68 13.59 39.39
N GLN B 481 68.63 14.80 39.96
CA GLN B 481 69.50 15.88 39.49
C GLN B 481 70.97 15.54 39.70
N ALA B 482 71.30 14.95 40.86
CA ALA B 482 72.68 14.56 41.11
C ALA B 482 73.15 13.50 40.14
N ALA B 483 72.29 12.54 39.81
CA ALA B 483 72.63 11.45 38.89
C ALA B 483 72.65 12.01 37.47
N GLN B 484 73.72 12.73 37.16
CA GLN B 484 73.88 13.32 35.83
C GLN B 484 75.35 13.48 35.48
N THR C 7 9.56 18.33 81.32
CA THR C 7 8.16 18.29 80.80
C THR C 7 8.13 18.53 79.30
N TYR C 8 9.10 17.96 78.58
CA TYR C 8 9.16 18.14 77.13
C TYR C 8 7.96 17.54 76.43
N GLU C 9 7.21 16.65 77.10
CA GLU C 9 5.99 16.12 76.49
C GLU C 9 4.98 17.24 76.24
N SER C 10 4.90 18.21 77.16
CA SER C 10 4.00 19.33 76.97
C SER C 10 4.34 20.11 75.72
N LEU C 11 5.63 20.43 75.53
CA LEU C 11 6.04 21.14 74.32
C LEU C 11 5.77 20.31 73.07
N TYR C 12 6.09 19.02 73.13
CA TYR C 12 5.88 18.15 71.98
C TYR C 12 4.41 18.15 71.56
N THR C 13 3.50 18.07 72.54
CA THR C 13 2.08 18.09 72.20
C THR C 13 1.65 19.49 71.74
N LYS C 14 2.24 20.53 72.31
CA LYS C 14 1.84 21.89 71.98
C LYS C 14 2.17 22.23 70.53
N TYR C 15 3.34 21.79 70.04
CA TYR C 15 3.83 22.23 68.75
C TYR C 15 3.30 21.41 67.58
N ARG C 16 2.40 20.46 67.81
CA ARG C 16 1.87 19.65 66.73
C ARG C 16 0.78 20.39 65.97
N ASP C 17 0.54 19.94 64.74
CA ASP C 17 -0.51 20.47 63.86
C ASP C 17 -1.34 19.27 63.40
N ASP C 18 -2.51 19.09 64.02
CA ASP C 18 -3.31 17.90 63.74
C ASP C 18 -3.91 17.93 62.35
N SER C 19 -4.25 19.12 61.84
CA SER C 19 -4.88 19.21 60.53
C SER C 19 -3.98 18.66 59.43
N ALA C 20 -2.72 19.07 59.43
CA ALA C 20 -1.79 18.58 58.42
C ALA C 20 -1.59 17.07 58.54
N ILE C 21 -1.44 16.57 59.78
CA ILE C 21 -1.22 15.15 59.98
C ILE C 21 -2.40 14.34 59.47
N LEU C 22 -3.62 14.79 59.74
CA LEU C 22 -4.80 14.08 59.25
C LEU C 22 -4.96 14.18 57.75
N LYS C 23 -4.64 15.33 57.15
CA LYS C 23 -4.78 15.47 55.70
C LYS C 23 -3.74 14.64 54.94
N THR C 24 -2.52 14.53 55.47
CA THR C 24 -1.45 13.86 54.75
C THR C 24 -1.60 12.34 54.73
N GLU C 25 -2.71 11.80 55.26
CA GLU C 25 -2.91 10.37 55.22
C GLU C 25 -3.30 9.89 53.82
N ASP C 26 -4.16 10.64 53.14
CA ASP C 26 -4.61 10.25 51.81
C ASP C 26 -3.46 10.22 50.82
N TYR C 27 -2.57 11.20 50.89
CA TYR C 27 -1.46 11.26 49.96
C TYR C 27 -0.59 10.01 50.06
N ALA C 28 -0.29 9.59 51.30
CA ALA C 28 0.45 8.34 51.49
C ALA C 28 -0.38 7.16 51.02
N HIS C 29 -1.68 7.16 51.31
CA HIS C 29 -2.53 6.04 50.93
C HIS C 29 -2.61 5.82 49.42
N TRP C 30 -2.43 6.88 48.63
CA TRP C 30 -2.47 6.75 47.18
C TRP C 30 -1.16 6.28 46.57
N THR C 31 -0.04 6.48 47.25
CA THR C 31 1.27 6.18 46.69
C THR C 31 2.01 5.06 47.42
N LEU C 32 2.25 5.21 48.72
CA LEU C 32 3.07 4.26 49.47
C LEU C 32 2.66 4.29 50.93
N PRO C 33 1.66 3.47 51.31
CA PRO C 33 1.16 3.53 52.69
C PRO C 33 2.21 3.24 53.75
N THR C 34 3.15 2.34 53.48
CA THR C 34 4.06 1.86 54.52
C THR C 34 5.07 2.92 54.96
N VAL C 35 5.22 4.02 54.21
CA VAL C 35 6.17 5.06 54.59
C VAL C 35 5.64 5.98 55.69
N TYR C 36 4.32 5.98 55.92
CA TYR C 36 3.68 6.92 56.81
C TYR C 36 2.92 6.21 57.94
N ALA C 37 3.37 5.02 58.33
CA ALA C 37 2.67 4.26 59.36
C ALA C 37 2.90 4.85 60.74
N ASP C 38 1.84 4.82 61.56
CA ASP C 38 1.93 5.37 62.90
C ASP C 38 2.70 4.44 63.82
N PRO C 39 3.77 4.89 64.46
CA PRO C 39 4.54 4.00 65.35
C PRO C 39 3.91 3.78 66.71
N ASP C 40 2.86 4.52 67.07
CA ASP C 40 2.29 4.44 68.41
C ASP C 40 1.15 3.42 68.51
N LEU C 41 0.75 2.80 67.41
CA LEU C 41 -0.28 1.77 67.42
C LEU C 41 0.29 0.36 67.39
N ARG C 42 1.62 0.22 67.45
CA ARG C 42 2.26 -1.09 67.36
C ARG C 42 3.29 -1.22 68.47
N GLU C 43 3.46 -2.46 68.93
CA GLU C 43 4.40 -2.77 70.01
C GLU C 43 5.29 -3.95 69.65
N GLY C 44 5.61 -4.12 68.38
CA GLY C 44 6.45 -5.20 67.92
C GLY C 44 5.72 -6.31 67.19
N LYS C 45 4.49 -6.08 66.75
CA LYS C 45 3.73 -7.08 66.00
C LYS C 45 3.08 -6.40 64.80
N ARG C 46 2.81 -7.18 63.77
CA ARG C 46 2.27 -6.65 62.52
C ARG C 46 0.83 -6.18 62.72
N VAL C 47 0.53 -4.99 62.22
CA VAL C 47 -0.84 -4.49 62.09
C VAL C 47 -1.04 -4.16 60.61
N ASN C 48 -2.09 -4.73 60.02
CA ASN C 48 -2.22 -4.71 58.57
C ASN C 48 -2.37 -3.29 58.04
N VAL C 49 -1.83 -3.08 56.84
CA VAL C 49 -1.93 -1.81 56.12
C VAL C 49 -2.61 -2.07 54.79
N ARG C 50 -3.64 -1.28 54.49
CA ARG C 50 -4.43 -1.51 53.29
C ARG C 50 -3.80 -0.80 52.09
N ARG C 51 -4.11 -1.33 50.90
CA ARG C 51 -3.59 -0.82 49.64
C ARG C 51 -4.73 -0.30 48.78
N ASP C 52 -4.37 0.27 47.64
CA ASP C 52 -5.33 0.92 46.75
C ASP C 52 -5.48 0.11 45.46
N TYR C 53 -6.52 0.45 44.70
CA TYR C 53 -6.84 -0.29 43.48
C TYR C 53 -5.86 -0.02 42.35
N GLN C 54 -5.01 1.00 42.47
CA GLN C 54 -4.09 1.38 41.40
C GLN C 54 -2.67 1.48 41.94
N SER C 55 -1.70 1.15 41.09
CA SER C 55 -0.29 1.16 41.46
C SER C 55 0.56 2.12 40.64
N VAL C 56 -0.05 3.09 39.96
CA VAL C 56 0.73 4.04 39.16
C VAL C 56 1.56 4.94 40.06
N GLY C 57 0.93 5.47 41.12
CA GLY C 57 1.65 6.39 41.99
C GLY C 57 2.87 5.76 42.63
N ALA C 58 2.77 4.49 43.02
CA ALA C 58 3.91 3.82 43.64
C ALA C 58 5.09 3.76 42.69
N VAL C 59 4.85 3.35 41.44
CA VAL C 59 5.92 3.24 40.46
C VAL C 59 6.53 4.62 40.19
N TYR C 60 5.68 5.63 40.00
CA TYR C 60 6.19 6.96 39.70
C TYR C 60 7.04 7.48 40.85
N VAL C 61 6.57 7.32 42.09
CA VAL C 61 7.31 7.84 43.24
C VAL C 61 8.63 7.09 43.41
N ASN C 62 8.61 5.76 43.26
CA ASN C 62 9.84 5.00 43.36
C ASN C 62 10.85 5.47 42.34
N THR C 63 10.43 5.62 41.08
CA THR C 63 11.36 6.02 40.03
C THR C 63 11.93 7.41 40.33
N LEU C 64 11.08 8.37 40.69
CA LEU C 64 11.56 9.72 40.93
C LEU C 64 12.51 9.77 42.12
N SER C 65 12.17 9.08 43.22
CA SER C 65 13.03 9.09 44.40
C SER C 65 14.38 8.45 44.09
N ALA C 66 14.39 7.33 43.36
CA ALA C 66 15.65 6.70 43.01
C ALA C 66 16.48 7.61 42.10
N LYS C 67 15.83 8.29 41.16
CA LYS C 67 16.57 9.11 40.19
C LYS C 67 17.15 10.35 40.85
N LEU C 68 16.42 10.95 41.79
CA LEU C 68 16.90 12.19 42.41
C LEU C 68 18.21 12.00 43.16
N ALA C 69 18.45 10.82 43.74
CA ALA C 69 19.65 10.62 44.54
C ALA C 69 20.91 10.71 43.70
N GLN C 70 20.86 10.17 42.48
CA GLN C 70 22.05 10.18 41.63
C GLN C 70 22.43 11.58 41.22
N VAL C 71 21.44 12.43 40.96
CA VAL C 71 21.72 13.79 40.49
C VAL C 71 22.31 14.64 41.61
N LEU C 72 21.75 14.56 42.81
CA LEU C 72 22.19 15.39 43.93
C LEU C 72 23.52 14.93 44.52
N PHE C 73 23.76 13.62 44.58
CA PHE C 73 24.94 13.05 45.24
C PHE C 73 25.66 12.13 44.27
N PRO C 74 26.36 12.69 43.29
CA PRO C 74 27.14 11.84 42.38
C PRO C 74 28.24 11.11 43.12
N ALA C 75 28.59 9.93 42.63
CA ALA C 75 29.52 9.04 43.31
C ALA C 75 30.96 9.22 42.88
N ASN C 76 31.26 10.13 41.95
CA ASN C 76 32.61 10.25 41.41
C ASN C 76 33.03 11.72 41.30
N GLN C 77 32.47 12.58 42.14
CA GLN C 77 32.89 13.97 42.19
C GLN C 77 32.15 14.67 43.34
N ALA C 78 32.78 15.72 43.86
CA ALA C 78 32.19 16.46 44.96
C ALA C 78 30.94 17.21 44.49
N PHE C 79 30.02 17.42 45.43
CA PHE C 79 28.77 18.12 45.15
C PHE C 79 28.81 19.58 45.62
N PHE C 80 29.95 20.07 46.08
CA PHE C 80 30.07 21.45 46.54
C PHE C 80 31.45 21.97 46.22
N ARG C 81 31.54 23.30 46.11
CA ARG C 81 32.79 23.97 45.77
C ARG C 81 32.98 25.17 46.69
N ILE C 82 34.23 25.55 46.91
CA ILE C 82 34.57 26.69 47.76
C ILE C 82 35.09 27.82 46.87
N ASP C 83 34.55 29.02 47.06
CA ASP C 83 34.95 30.16 46.26
C ASP C 83 36.34 30.66 46.66
N SER C 84 36.49 31.06 47.92
CA SER C 84 37.78 31.48 48.45
C SER C 84 38.17 32.86 47.96
N THR C 85 37.35 33.47 47.10
CA THR C 85 37.66 34.80 46.61
C THR C 85 37.34 35.87 47.63
N GLY C 86 36.56 35.53 48.67
CA GLY C 86 36.20 36.49 49.69
C GLY C 86 37.39 37.09 50.40
N ASP C 87 38.14 36.26 51.13
CA ASP C 87 39.31 36.75 51.87
C ASP C 87 40.30 35.59 51.98
N ALA C 88 41.35 35.63 51.17
CA ALA C 88 42.35 34.57 51.19
C ALA C 88 43.28 34.70 52.38
N ALA C 89 43.36 35.89 52.99
CA ALA C 89 44.28 36.11 54.10
C ALA C 89 43.99 35.16 55.25
N GLN C 90 42.79 35.25 55.82
CA GLN C 90 42.42 34.41 56.95
C GLN C 90 42.40 32.93 56.57
N LEU C 91 41.92 32.59 55.38
CA LEU C 91 41.88 31.19 54.97
C LEU C 91 43.28 30.60 54.91
N ALA C 92 44.25 31.35 54.37
CA ALA C 92 45.63 30.88 54.33
C ALA C 92 46.23 30.84 55.73
N GLU C 93 45.89 31.80 56.58
CA GLU C 93 46.45 31.82 57.92
C GLU C 93 45.93 30.68 58.79
N ALA C 94 44.71 30.20 58.53
CA ALA C 94 44.15 29.12 59.33
C ALA C 94 44.92 27.82 59.12
N MET C 95 45.13 27.43 57.86
CA MET C 95 45.89 26.21 57.58
C MET C 95 47.38 26.42 57.77
N GLY C 96 47.87 27.63 57.49
CA GLY C 96 49.29 27.90 57.53
C GLY C 96 49.98 27.55 56.23
N ALA C 97 49.50 28.12 55.14
CA ALA C 97 50.03 27.84 53.81
C ALA C 97 50.38 29.16 53.14
N GLU C 98 50.92 29.05 51.92
CA GLU C 98 51.33 30.24 51.17
C GLU C 98 50.11 30.91 50.55
N SER C 99 50.35 32.04 49.87
CA SER C 99 49.26 32.79 49.26
C SER C 99 48.65 32.02 48.10
N ALA C 100 49.47 31.27 47.37
CA ALA C 100 49.01 30.56 46.17
C ALA C 100 48.68 29.10 46.43
N ASP C 101 49.19 28.51 47.51
CA ASP C 101 48.91 27.11 47.80
C ASP C 101 47.48 26.90 48.28
N LEU C 102 46.75 27.98 48.56
CA LEU C 102 45.37 27.85 49.02
C LEU C 102 44.50 27.18 47.96
N ALA C 103 44.73 27.48 46.68
CA ALA C 103 43.93 26.88 45.63
C ALA C 103 44.08 25.35 45.62
N ASN C 104 45.31 24.88 45.81
CA ASN C 104 45.53 23.43 45.86
C ASN C 104 44.98 22.82 47.14
N GLY C 105 45.15 23.51 48.27
CA GLY C 105 44.68 22.96 49.53
C GLY C 105 43.18 22.82 49.59
N LEU C 106 42.45 23.84 49.13
CA LEU C 106 41.00 23.77 49.13
C LEU C 106 40.51 22.66 48.22
N ALA C 107 41.12 22.52 47.05
CA ALA C 107 40.75 21.44 46.15
C ALA C 107 40.99 20.08 46.78
N GLU C 108 42.14 19.91 47.44
CA GLU C 108 42.42 18.64 48.11
C GLU C 108 41.37 18.35 49.18
N LEU C 109 41.03 19.35 49.99
CA LEU C 109 40.03 19.13 51.03
C LEU C 109 38.68 18.73 50.44
N GLU C 110 38.24 19.46 49.41
CA GLU C 110 36.96 19.14 48.79
C GLU C 110 36.96 17.74 48.19
N ASN C 111 38.05 17.37 47.51
CA ASN C 111 38.12 16.06 46.89
C ASN C 111 38.11 14.93 47.93
N THR C 112 38.84 15.10 49.02
CA THR C 112 38.96 14.04 50.02
C THR C 112 37.79 14.02 50.99
N ALA C 113 36.97 15.06 51.02
CA ALA C 113 35.92 15.14 52.05
C ALA C 113 34.64 14.42 51.64
N PHE C 114 34.26 14.50 50.36
CA PHE C 114 32.91 14.09 49.98
C PHE C 114 32.72 12.57 50.03
N ARG C 115 33.80 11.79 50.09
CA ARG C 115 33.64 10.34 50.19
C ARG C 115 33.00 9.89 51.50
N ARG C 116 33.01 10.75 52.53
CA ARG C 116 32.50 10.34 53.84
C ARG C 116 31.00 10.09 53.85
N ILE C 117 30.28 10.45 52.79
CA ILE C 117 28.83 10.30 52.78
C ILE C 117 28.40 8.86 52.52
N PHE C 118 29.32 7.96 52.19
CA PHE C 118 29.00 6.58 51.86
C PHE C 118 29.37 5.59 52.95
N LEU C 119 29.57 6.05 54.19
CA LEU C 119 29.96 5.14 55.26
C LEU C 119 28.74 4.71 56.08
N LYS C 120 28.63 3.40 56.32
CA LYS C 120 27.67 2.85 57.27
C LYS C 120 26.23 3.13 56.87
N SER C 121 25.91 2.91 55.59
CA SER C 121 24.52 2.91 55.11
C SER C 121 23.87 4.28 55.22
N SER C 122 24.54 5.32 54.75
CA SER C 122 23.91 6.65 54.70
C SER C 122 23.07 6.82 53.43
N TYR C 123 23.47 6.17 52.34
CA TYR C 123 22.80 6.38 51.06
C TYR C 123 21.35 5.91 51.11
N HIS C 124 21.10 4.79 51.77
CA HIS C 124 19.72 4.30 51.92
C HIS C 124 18.87 5.30 52.69
N GLN C 125 19.43 5.89 53.75
CA GLN C 125 18.69 6.88 54.51
C GLN C 125 18.43 8.13 53.67
N LEU C 126 19.38 8.50 52.82
CA LEU C 126 19.16 9.64 51.92
C LEU C 126 18.00 9.35 50.96
N VAL C 127 17.95 8.13 50.42
CA VAL C 127 16.85 7.79 49.51
C VAL C 127 15.52 7.81 50.25
N HIS C 128 15.50 7.27 51.47
CA HIS C 128 14.27 7.31 52.27
C HIS C 128 13.85 8.75 52.56
N ALA C 129 14.81 9.63 52.85
CA ALA C 129 14.50 11.03 53.06
C ALA C 129 13.92 11.68 51.81
N MET C 130 14.44 11.33 50.65
CA MET C 130 13.88 11.86 49.40
C MET C 130 12.43 11.41 49.23
N LYS C 131 12.15 10.14 49.51
CA LYS C 131 10.77 9.66 49.45
C LYS C 131 9.89 10.45 50.40
N LEU C 132 10.35 10.64 51.64
CA LEU C 132 9.56 11.38 52.62
C LEU C 132 9.29 12.80 52.17
N LEU C 133 10.31 13.47 51.63
CA LEU C 133 10.13 14.83 51.14
C LEU C 133 9.12 14.88 50.00
N ILE C 134 9.19 13.91 49.08
CA ILE C 134 8.29 13.94 47.94
C ILE C 134 6.84 13.70 48.37
N ILE C 135 6.60 12.76 49.29
CA ILE C 135 5.23 12.42 49.64
C ILE C 135 4.64 13.36 50.68
N THR C 136 5.40 13.67 51.74
CA THR C 136 4.87 14.46 52.85
C THR C 136 5.45 15.87 52.93
N GLY C 137 6.59 16.13 52.30
CA GLY C 137 7.15 17.47 52.29
C GLY C 137 7.83 17.89 53.57
N ASN C 138 8.19 16.95 54.43
CA ASN C 138 8.89 17.26 55.67
C ASN C 138 9.78 16.09 56.06
N VAL C 139 10.93 16.40 56.66
CA VAL C 139 11.86 15.38 57.12
C VAL C 139 12.86 16.03 58.07
N LEU C 140 13.26 15.27 59.09
CA LEU C 140 14.31 15.66 60.02
C LEU C 140 15.46 14.68 59.89
N LEU C 141 16.68 15.21 59.74
CA LEU C 141 17.86 14.42 59.44
C LEU C 141 18.88 14.58 60.54
N TYR C 142 19.37 13.46 61.06
CA TYR C 142 20.35 13.44 62.15
C TYR C 142 21.60 12.71 61.67
N ARG C 143 22.75 13.36 61.83
CA ARG C 143 24.03 12.81 61.39
C ARG C 143 24.92 12.63 62.61
N ASP C 144 25.38 11.41 62.83
CA ASP C 144 26.24 11.09 63.96
C ASP C 144 27.69 11.09 63.51
N SER C 145 28.50 11.95 64.12
CA SER C 145 29.89 12.09 63.71
C SER C 145 30.78 10.97 64.23
N ASN C 146 30.47 10.42 65.41
CA ASN C 146 31.34 9.43 66.01
C ASN C 146 31.46 8.19 65.13
N THR C 147 30.35 7.72 64.58
CA THR C 147 30.33 6.51 63.77
C THR C 147 30.24 6.77 62.27
N GLY C 148 29.48 7.78 61.86
CA GLY C 148 29.27 8.05 60.45
C GLY C 148 27.95 7.56 59.90
N ASN C 149 26.94 7.41 60.75
CA ASN C 149 25.63 6.93 60.34
C ASN C 149 24.60 8.06 60.41
N MET C 150 23.52 7.89 59.64
CA MET C 150 22.46 8.88 59.56
C MET C 150 21.11 8.19 59.75
N HIS C 151 20.09 8.99 60.07
CA HIS C 151 18.74 8.49 60.24
C HIS C 151 17.77 9.60 59.86
N ALA C 152 16.60 9.20 59.36
CA ALA C 152 15.57 10.13 58.92
C ALA C 152 14.27 9.87 59.66
N TYR C 153 13.60 10.95 60.05
CA TYR C 153 12.36 10.86 60.82
C TYR C 153 11.25 11.56 60.05
N SER C 154 10.02 11.12 60.30
CA SER C 154 8.84 11.74 59.72
C SER C 154 8.22 12.70 60.74
N ILE C 155 7.17 13.41 60.33
CA ILE C 155 6.52 14.37 61.23
C ILE C 155 5.72 13.70 62.33
N ARG C 156 5.64 12.38 62.33
CA ARG C 156 4.96 11.65 63.41
C ARG C 156 5.85 11.46 64.63
N GLN C 157 7.12 11.86 64.57
CA GLN C 157 8.04 11.70 65.68
C GLN C 157 8.68 12.99 66.15
N TYR C 158 8.35 14.13 65.54
CA TYR C 158 8.96 15.39 65.95
C TYR C 158 8.06 16.54 65.56
N SER C 159 8.32 17.69 66.18
CA SER C 159 7.57 18.91 65.91
C SER C 159 8.51 20.11 66.08
N VAL C 160 8.24 21.17 65.32
CA VAL C 160 9.13 22.32 65.26
C VAL C 160 8.33 23.59 65.45
N LEU C 161 9.03 24.66 65.81
CA LEU C 161 8.46 25.98 65.97
C LEU C 161 9.32 26.99 65.22
N ARG C 162 8.68 27.92 64.51
CA ARG C 162 9.40 28.91 63.73
C ARG C 162 8.63 30.22 63.73
N ASP C 163 9.34 31.30 63.43
CA ASP C 163 8.74 32.63 63.37
C ASP C 163 7.94 32.78 62.08
N GLY C 164 7.40 33.99 61.88
CA GLY C 164 6.77 34.31 60.61
C GLY C 164 7.75 34.45 59.47
N GLY C 165 9.03 34.72 59.78
CA GLY C 165 10.05 34.82 58.76
C GLY C 165 10.68 33.51 58.35
N GLY C 166 10.36 32.42 59.04
CA GLY C 166 10.85 31.10 58.69
C GLY C 166 11.96 30.57 59.55
N LYS C 167 12.54 31.39 60.43
CA LYS C 167 13.61 30.91 61.30
C LYS C 167 13.10 29.87 62.27
N VAL C 168 13.84 28.77 62.41
CA VAL C 168 13.50 27.69 63.34
C VAL C 168 14.04 28.06 64.70
N LEU C 169 13.17 27.99 65.73
CA LEU C 169 13.53 28.41 67.08
C LEU C 169 13.70 27.23 68.02
N ASP C 170 12.85 26.20 67.89
CA ASP C 170 12.85 25.09 68.85
C ASP C 170 12.39 23.82 68.15
N MET C 171 12.75 22.68 68.74
CA MET C 171 12.36 21.38 68.24
C MET C 171 12.32 20.38 69.39
N VAL C 172 11.48 19.35 69.24
CA VAL C 172 11.38 18.26 70.20
C VAL C 172 11.26 16.95 69.42
N LEU C 173 11.91 15.91 69.92
CA LEU C 173 11.96 14.62 69.24
C LEU C 173 11.66 13.50 70.23
N LYS C 174 10.85 12.54 69.82
CA LYS C 174 10.48 11.39 70.63
C LYS C 174 11.16 10.13 70.10
N GLU C 175 11.52 9.24 71.02
CA GLU C 175 12.16 7.98 70.66
C GLU C 175 11.87 6.96 71.74
N ARG C 176 11.81 5.69 71.35
CA ARG C 176 11.47 4.59 72.25
C ARG C 176 12.67 3.64 72.37
N THR C 177 12.85 3.10 73.58
CA THR C 177 13.96 2.20 73.85
C THR C 177 13.60 1.34 75.06
N VAL C 178 14.61 0.67 75.63
CA VAL C 178 14.42 -0.21 76.78
C VAL C 178 15.38 0.21 77.88
N ILE C 179 15.13 -0.29 79.08
CA ILE C 179 15.90 0.12 80.26
C ILE C 179 17.37 -0.30 80.13
N SER C 180 17.62 -1.48 79.54
CA SER C 180 18.99 -1.99 79.48
C SER C 180 19.91 -1.06 78.70
N GLU C 181 19.36 -0.18 77.88
CA GLU C 181 20.19 0.70 77.06
C GLU C 181 20.59 1.97 77.79
N LEU C 182 20.02 2.24 78.96
CA LEU C 182 20.28 3.50 79.65
C LEU C 182 21.65 3.50 80.31
N PRO C 183 22.19 4.68 80.64
CA PRO C 183 23.50 4.74 81.29
C PRO C 183 23.45 4.15 82.70
N VAL C 184 24.64 3.76 83.18
CA VAL C 184 24.73 3.13 84.50
C VAL C 184 24.23 4.08 85.57
N GLU C 185 24.48 5.38 85.42
CA GLU C 185 24.08 6.34 86.45
C GLU C 185 22.57 6.35 86.63
N ALA C 186 21.81 6.30 85.54
CA ALA C 186 20.36 6.34 85.61
C ALA C 186 19.72 4.97 85.81
N ARG C 187 20.47 3.89 85.59
CA ARG C 187 19.90 2.56 85.75
C ARG C 187 19.92 2.08 87.19
N ILE C 188 20.63 2.77 88.08
CA ILE C 188 20.55 2.42 89.50
C ILE C 188 19.13 2.61 89.99
N LYS C 189 18.48 3.70 89.58
CA LYS C 189 17.04 3.84 89.76
C LYS C 189 16.34 2.87 88.82
N TYR C 190 15.03 2.72 89.00
CA TYR C 190 14.29 1.72 88.25
C TYR C 190 14.90 0.34 88.47
N ARG C 191 15.44 0.09 89.68
CA ARG C 191 16.04 -1.21 89.95
C ARG C 191 15.04 -2.33 89.75
N ASN C 192 13.82 -2.16 90.23
CA ASN C 192 12.74 -3.06 89.91
C ASN C 192 12.25 -2.81 88.49
N ARG C 193 11.45 -3.75 87.98
CA ARG C 193 10.91 -3.69 86.63
C ARG C 193 12.00 -3.69 85.57
N LYS C 194 13.14 -4.31 85.84
CA LYS C 194 14.26 -4.32 84.90
C LYS C 194 14.05 -5.41 83.83
N GLN C 195 12.87 -5.38 83.23
CA GLN C 195 12.55 -6.23 82.09
C GLN C 195 12.88 -5.47 80.80
N ASP C 196 12.38 -5.96 79.67
CA ASP C 196 12.57 -5.27 78.41
C ASP C 196 11.37 -4.35 78.15
N ASP C 197 10.82 -3.78 79.22
CA ASP C 197 9.70 -2.86 79.07
C ASP C 197 10.12 -1.63 78.29
N CYS C 198 9.21 -1.10 77.48
CA CYS C 198 9.49 0.06 76.65
C CYS C 198 9.37 1.33 77.48
N ILE C 199 10.30 2.27 77.26
CA ILE C 199 10.29 3.57 77.92
C ILE C 199 10.60 4.64 76.88
N CYS C 200 9.90 5.76 76.95
CA CYS C 200 10.04 6.83 75.98
C CYS C 200 11.16 7.79 76.39
N LEU C 201 11.78 8.42 75.39
CA LEU C 201 12.86 9.37 75.60
C LEU C 201 12.60 10.61 74.76
N TYR C 202 12.93 11.78 75.30
CA TYR C 202 12.66 13.05 74.65
C TYR C 202 13.95 13.86 74.55
N THR C 203 14.13 14.53 73.41
CA THR C 203 15.27 15.41 73.17
C THR C 203 14.76 16.78 72.74
N ARG C 204 15.49 17.82 73.15
CA ARG C 204 15.12 19.20 72.85
C ARG C 204 16.32 19.93 72.27
N ILE C 205 16.07 20.68 71.19
CA ILE C 205 17.08 21.53 70.55
C ILE C 205 16.55 22.95 70.56
N LYS C 206 17.32 23.88 71.12
CA LYS C 206 16.88 25.25 71.32
C LYS C 206 17.95 26.21 70.84
N ARG C 207 17.51 27.30 70.20
CA ARG C 207 18.43 28.34 69.74
C ARG C 207 18.67 29.36 70.85
N GLU C 208 19.92 29.81 70.94
CA GLU C 208 20.32 30.83 71.90
C GLU C 208 21.50 31.58 71.33
N ARG C 209 21.71 32.80 71.81
CA ARG C 209 22.79 33.65 71.34
C ARG C 209 23.80 33.91 72.44
N ARG C 210 25.08 33.79 72.10
CA ARG C 210 26.19 34.16 72.98
C ARG C 210 27.00 35.28 72.33
N ALA C 211 28.14 35.61 72.94
CA ALA C 211 28.89 36.79 72.51
C ALA C 211 29.35 36.66 71.05
N VAL C 212 29.80 35.47 70.65
CA VAL C 212 30.44 35.29 69.35
C VAL C 212 29.47 34.74 68.31
N GLY C 213 28.18 34.74 68.60
CA GLY C 213 27.19 34.34 67.61
C GLY C 213 26.10 33.49 68.23
N GLU C 214 25.22 33.01 67.36
CA GLU C 214 24.11 32.16 67.79
C GLU C 214 24.60 30.75 68.07
N VAL C 215 23.78 29.99 68.78
CA VAL C 215 24.17 28.69 69.32
C VAL C 215 22.93 27.80 69.46
N PHE C 216 23.15 26.50 69.39
CA PHE C 216 22.12 25.50 69.58
C PHE C 216 22.47 24.63 70.79
N VAL C 217 21.49 24.43 71.67
CA VAL C 217 21.69 23.70 72.93
C VAL C 217 20.84 22.44 72.91
N VAL C 218 21.45 21.31 73.23
CA VAL C 218 20.81 20.01 73.18
C VAL C 218 20.75 19.42 74.58
N THR C 219 19.60 18.88 74.95
CA THR C 219 19.41 18.23 76.24
C THR C 219 18.42 17.08 76.06
N GLN C 220 18.39 16.20 77.06
CA GLN C 220 17.54 15.01 77.01
C GLN C 220 16.81 14.86 78.34
N GLN C 221 15.71 14.12 78.32
CA GLN C 221 14.89 13.92 79.50
C GLN C 221 14.02 12.68 79.30
N LEU C 222 13.73 11.99 80.39
CA LEU C 222 12.89 10.80 80.34
C LEU C 222 11.42 11.20 80.44
N GLU C 223 10.53 10.22 80.42
CA GLU C 223 9.09 10.51 80.49
C GLU C 223 8.73 11.15 81.82
N ASP C 224 9.27 10.64 82.92
CA ASP C 224 8.92 11.12 84.26
C ASP C 224 9.87 12.21 84.74
N GLY C 225 10.07 13.24 83.92
CA GLY C 225 10.73 14.45 84.37
C GLY C 225 12.23 14.38 84.57
N LEU C 226 12.78 13.18 84.75
CA LEU C 226 14.18 13.05 85.15
C LEU C 226 15.11 13.41 84.00
N MET C 227 16.06 14.29 84.27
CA MET C 227 17.06 14.66 83.27
C MET C 227 18.18 13.64 83.22
N LEU C 228 18.90 13.61 82.10
CA LEU C 228 19.98 12.66 81.88
C LEU C 228 21.31 13.35 81.57
N ASP C 229 21.45 14.62 81.93
CA ASP C 229 22.72 15.32 81.72
C ASP C 229 23.03 15.36 80.22
N ASN C 230 24.28 15.10 79.83
CA ASN C 230 24.72 15.05 78.44
C ASN C 230 24.59 16.38 77.73
N LEU C 231 24.62 17.49 78.46
CA LEU C 231 24.50 18.80 77.82
C LEU C 231 25.61 18.99 76.79
N GLU C 232 25.22 19.46 75.60
CA GLU C 232 26.15 19.75 74.53
C GLU C 232 25.78 21.06 73.87
N VAL C 233 26.78 21.72 73.29
CA VAL C 233 26.62 23.03 72.67
C VAL C 233 27.34 23.01 71.32
N TYR C 234 26.64 23.44 70.27
CA TYR C 234 27.20 23.51 68.94
C TYR C 234 27.00 24.91 68.35
N PRO C 235 27.96 25.41 67.58
CA PRO C 235 27.69 26.59 66.76
C PRO C 235 26.62 26.27 65.71
N GLU C 236 25.86 27.30 65.33
CA GLU C 236 24.73 27.10 64.44
C GLU C 236 25.15 26.47 63.12
N ALA C 237 26.39 26.65 62.70
CA ALA C 237 26.82 26.17 61.40
C ALA C 237 27.02 24.66 61.36
N ILE C 238 27.44 24.05 62.47
CA ILE C 238 27.79 22.64 62.47
C ILE C 238 26.85 21.84 63.37
N CYS C 239 25.60 22.29 63.46
CA CYS C 239 24.60 21.52 64.19
C CYS C 239 24.29 20.24 63.43
N PRO C 240 24.12 19.11 64.11
CA PRO C 240 23.86 17.83 63.43
C PRO C 240 22.40 17.59 63.05
N PHE C 241 21.47 18.46 63.45
CA PHE C 241 20.05 18.30 63.12
C PHE C 241 19.72 19.25 61.98
N ILE C 242 19.00 18.75 60.98
CA ILE C 242 18.69 19.52 59.78
C ILE C 242 17.23 19.34 59.41
N PRO C 243 16.34 20.27 59.76
CA PRO C 243 14.98 20.22 59.24
C PRO C 243 14.89 20.80 57.83
N ALA C 244 14.05 20.16 57.01
CA ALA C 244 13.95 20.52 55.60
C ALA C 244 12.49 20.56 55.19
N VAL C 245 12.22 21.29 54.11
CA VAL C 245 10.89 21.42 53.56
C VAL C 245 10.98 21.41 52.04
N TRP C 246 9.90 20.99 51.39
CA TRP C 246 9.81 20.97 49.94
C TRP C 246 9.20 22.28 49.41
N ASN C 247 8.03 22.64 49.91
CA ASN C 247 7.39 23.90 49.59
C ASN C 247 6.82 24.50 50.86
N LEU C 248 7.19 25.74 51.15
CA LEU C 248 6.85 26.39 52.42
C LEU C 248 6.06 27.67 52.12
N VAL C 249 4.76 27.65 52.41
CA VAL C 249 3.94 28.83 52.26
C VAL C 249 4.25 29.79 53.40
N THR C 250 4.52 31.05 53.08
CA THR C 250 4.86 32.03 54.10
C THR C 250 3.75 32.13 55.13
N GLY C 251 4.13 32.09 56.40
CA GLY C 251 3.18 32.18 57.49
C GLY C 251 2.98 30.88 58.23
N GLU C 252 3.11 29.75 57.51
CA GLU C 252 2.89 28.44 58.10
C GLU C 252 4.19 27.89 58.66
N THR C 253 4.12 26.69 59.25
CA THR C 253 5.26 26.07 59.92
C THR C 253 5.77 24.84 59.17
N TYR C 254 4.87 24.04 58.61
CA TYR C 254 5.24 22.84 57.89
C TYR C 254 5.08 23.04 56.38
N GLY C 255 5.88 22.32 55.61
CA GLY C 255 5.86 22.45 54.16
C GLY C 255 4.77 21.63 53.50
N ARG C 256 4.81 21.56 52.17
CA ARG C 256 3.84 20.80 51.39
C ARG C 256 4.57 19.96 50.36
N GLY C 257 3.95 18.86 49.96
CA GLY C 257 4.57 17.91 49.07
C GLY C 257 4.20 18.08 47.62
N LEU C 258 4.88 17.34 46.74
CA LEU C 258 4.58 17.41 45.31
C LEU C 258 3.27 16.72 45.00
N VAL C 259 2.95 15.65 45.72
CA VAL C 259 1.74 14.88 45.42
C VAL C 259 0.49 15.71 45.65
N GLU C 260 0.54 16.68 46.58
CA GLU C 260 -0.64 17.48 46.88
C GLU C 260 -1.12 18.27 45.68
N ASP C 261 -0.24 18.55 44.71
CA ASP C 261 -0.62 19.31 43.53
C ASP C 261 -1.40 18.50 42.50
N TYR C 262 -1.43 17.16 42.64
CA TYR C 262 -2.01 16.29 41.63
C TYR C 262 -2.96 15.28 42.25
N ALA C 263 -3.72 15.68 43.28
CA ALA C 263 -4.60 14.75 43.97
C ALA C 263 -5.83 14.42 43.14
N GLY C 264 -6.31 15.37 42.34
CA GLY C 264 -7.52 15.15 41.57
C GLY C 264 -7.39 13.99 40.60
N ASP C 265 -6.26 13.92 39.89
CA ASP C 265 -6.08 12.85 38.91
C ASP C 265 -6.04 11.48 39.59
N LEU C 266 -5.34 11.37 40.71
CA LEU C 266 -5.28 10.09 41.42
C LEU C 266 -6.65 9.69 41.94
N ALA C 267 -7.40 10.65 42.48
CA ALA C 267 -8.74 10.35 42.97
C ALA C 267 -9.64 9.89 41.83
N LYS C 268 -9.52 10.52 40.66
CA LYS C 268 -10.33 10.14 39.51
C LYS C 268 -9.88 8.81 38.91
N LEU C 269 -8.63 8.42 39.15
CA LEU C 269 -8.10 7.17 38.62
C LEU C 269 -8.47 5.97 39.48
N SER C 270 -8.53 6.14 40.80
CA SER C 270 -8.83 5.03 41.69
C SER C 270 -10.22 4.45 41.40
N ALA C 271 -11.21 5.31 41.20
CA ALA C 271 -12.57 4.82 40.94
C ALA C 271 -12.65 4.05 39.63
N LEU C 272 -11.99 4.55 38.58
CA LEU C 272 -11.97 3.83 37.32
C LEU C 272 -11.29 2.47 37.48
N SER C 273 -10.23 2.41 38.26
CA SER C 273 -9.58 1.12 38.53
C SER C 273 -10.54 0.18 39.23
N GLU C 274 -11.31 0.68 40.20
CA GLU C 274 -12.29 -0.17 40.88
C GLU C 274 -13.33 -0.71 39.91
N ALA C 275 -13.83 0.15 39.02
CA ALA C 275 -14.83 -0.30 38.05
C ALA C 275 -14.25 -1.34 37.11
N LEU C 276 -13.01 -1.15 36.67
CA LEU C 276 -12.36 -2.14 35.81
C LEU C 276 -12.23 -3.47 36.53
N ALA C 277 -11.87 -3.44 37.82
CA ALA C 277 -11.79 -4.68 38.59
C ALA C 277 -13.14 -5.36 38.68
N LEU C 278 -14.22 -4.58 38.88
CA LEU C 278 -15.54 -5.18 38.95
C LEU C 278 -15.90 -5.87 37.64
N TYR C 279 -15.66 -5.22 36.50
CA TYR C 279 -15.93 -5.85 35.21
C TYR C 279 -15.08 -7.10 35.01
N GLU C 280 -13.80 -7.04 35.38
CA GLU C 280 -12.94 -8.20 35.22
C GLU C 280 -13.43 -9.37 36.06
N ILE C 281 -13.92 -9.12 37.27
CA ILE C 281 -14.51 -10.20 38.08
C ILE C 281 -15.79 -10.72 37.44
N GLU C 282 -16.62 -9.84 36.88
CA GLU C 282 -17.82 -10.29 36.18
C GLU C 282 -17.49 -11.16 34.97
N ALA C 283 -16.31 -10.98 34.37
CA ALA C 283 -15.95 -11.75 33.19
C ALA C 283 -15.59 -13.20 33.49
N CYS C 284 -15.80 -13.68 34.71
CA CYS C 284 -15.42 -15.03 35.09
C CYS C 284 -16.62 -15.95 35.30
N ARG C 285 -17.75 -15.66 34.66
CA ARG C 285 -18.90 -16.55 34.71
C ARG C 285 -18.84 -17.51 33.53
N VAL C 286 -18.76 -18.80 33.81
CA VAL C 286 -18.69 -19.83 32.78
C VAL C 286 -20.02 -20.61 32.86
N LEU C 287 -20.93 -20.29 31.95
CA LEU C 287 -22.22 -20.94 31.88
C LEU C 287 -22.54 -21.33 30.45
N HIS C 288 -23.34 -22.38 30.31
CA HIS C 288 -23.86 -22.83 29.03
C HIS C 288 -25.37 -22.88 29.11
N MET C 289 -26.05 -22.22 28.18
CA MET C 289 -27.49 -22.08 28.22
C MET C 289 -28.14 -22.93 27.15
N ALA C 290 -29.14 -23.71 27.54
CA ALA C 290 -29.91 -24.52 26.62
C ALA C 290 -31.12 -23.71 26.15
N LYS C 291 -31.15 -23.40 24.85
CA LYS C 291 -32.21 -22.56 24.32
C LYS C 291 -33.57 -23.23 24.52
N PRO C 292 -34.61 -22.46 24.87
CA PRO C 292 -35.95 -23.04 24.96
C PRO C 292 -36.65 -23.07 23.61
N GLY C 293 -37.39 -24.14 23.37
CA GLY C 293 -38.10 -24.31 22.12
C GLY C 293 -37.32 -25.01 21.04
N SER C 294 -36.18 -25.61 21.36
CA SER C 294 -35.34 -26.30 20.38
C SER C 294 -35.33 -27.79 20.65
N GLN C 295 -35.23 -28.58 19.58
CA GLN C 295 -35.14 -30.03 19.72
C GLN C 295 -33.70 -30.44 20.02
N ILE C 296 -33.49 -31.00 21.21
CA ILE C 296 -32.16 -31.47 21.61
C ILE C 296 -32.33 -32.61 22.58
N ASP C 297 -31.25 -33.37 22.79
CA ASP C 297 -31.20 -34.46 23.76
C ASP C 297 -30.10 -34.12 24.76
N VAL C 298 -30.48 -33.38 25.81
CA VAL C 298 -29.49 -32.81 26.71
C VAL C 298 -28.69 -33.90 27.41
N ASP C 299 -29.36 -34.98 27.84
CA ASP C 299 -28.68 -36.03 28.58
C ASP C 299 -27.58 -36.66 27.75
N SER C 300 -27.89 -37.01 26.50
CA SER C 300 -26.88 -37.62 25.63
C SER C 300 -25.72 -36.66 25.36
N MET C 301 -26.03 -35.39 25.09
CA MET C 301 -24.98 -34.43 24.80
C MET C 301 -24.06 -34.26 26.00
N ALA C 302 -24.62 -34.29 27.21
CA ALA C 302 -23.86 -33.99 28.41
C ALA C 302 -23.24 -35.21 29.07
N GLU C 303 -23.61 -36.43 28.68
CA GLU C 303 -23.15 -37.63 29.37
C GLU C 303 -22.47 -38.67 28.47
N ARG C 304 -22.41 -38.45 27.16
CA ARG C 304 -21.79 -39.42 26.27
C ARG C 304 -20.29 -39.16 26.15
N GLU C 305 -19.56 -40.22 25.80
CA GLU C 305 -18.13 -40.09 25.56
C GLU C 305 -17.87 -39.33 24.26
N SER C 306 -16.69 -38.73 24.18
CA SER C 306 -16.35 -37.91 23.02
C SER C 306 -16.21 -38.77 21.78
N GLY C 307 -16.89 -38.38 20.70
CA GLY C 307 -16.83 -39.11 19.45
C GLY C 307 -18.17 -39.70 19.04
N ALA C 308 -19.17 -39.58 19.91
CA ALA C 308 -20.45 -40.20 19.66
C ALA C 308 -21.29 -39.37 18.70
N TRP C 309 -22.34 -39.99 18.17
CA TRP C 309 -23.34 -39.34 17.34
C TRP C 309 -24.64 -39.20 18.10
N VAL C 310 -25.24 -38.02 18.03
CA VAL C 310 -26.44 -37.69 18.79
C VAL C 310 -27.43 -37.02 17.84
N ALA C 311 -28.70 -37.05 18.21
CA ALA C 311 -29.77 -36.46 17.42
C ALA C 311 -30.23 -35.16 18.08
N GLY C 312 -30.20 -34.08 17.32
CA GLY C 312 -30.62 -32.78 17.80
C GLY C 312 -29.99 -31.67 16.97
N ASP C 313 -30.49 -30.46 17.17
CA ASP C 313 -29.97 -29.32 16.43
C ASP C 313 -28.51 -29.08 16.84
N PRO C 314 -27.64 -28.73 15.90
CA PRO C 314 -26.23 -28.50 16.25
C PRO C 314 -25.99 -27.14 16.88
N ASN C 315 -27.06 -26.41 17.20
CA ASN C 315 -26.92 -25.07 17.76
C ASN C 315 -27.89 -24.84 18.93
N GLY C 316 -28.34 -25.89 19.60
CA GLY C 316 -29.30 -25.74 20.67
C GLY C 316 -28.70 -25.25 21.98
N VAL C 317 -27.38 -25.29 22.11
CA VAL C 317 -26.70 -24.86 23.32
C VAL C 317 -25.68 -23.79 22.95
N ALA C 318 -25.68 -22.69 23.71
CA ALA C 318 -24.78 -21.58 23.46
C ALA C 318 -24.14 -21.12 24.76
N ALA C 319 -23.00 -20.48 24.64
CA ALA C 319 -22.26 -20.00 25.80
C ALA C 319 -22.80 -18.67 26.28
N TYR C 320 -22.82 -18.49 27.60
CA TYR C 320 -23.32 -17.27 28.20
C TYR C 320 -22.56 -16.06 27.68
N GLU C 321 -23.29 -14.99 27.36
CA GLU C 321 -22.69 -13.80 26.77
C GLU C 321 -23.38 -12.58 27.35
N ALA C 322 -22.61 -11.68 27.97
CA ALA C 322 -23.15 -10.46 28.56
C ALA C 322 -22.63 -9.19 27.89
N GLY C 323 -21.61 -9.28 27.05
CA GLY C 323 -21.10 -8.10 26.37
C GLY C 323 -20.26 -7.19 27.21
N ASP C 324 -19.54 -7.73 28.19
CA ASP C 324 -18.74 -6.91 29.10
C ASP C 324 -17.28 -6.79 28.67
N TYR C 325 -16.90 -7.37 27.53
CA TYR C 325 -15.53 -7.24 27.05
C TYR C 325 -15.27 -5.85 26.48
N ASN C 326 -16.24 -5.31 25.73
CA ASN C 326 -16.09 -3.99 25.15
C ASN C 326 -15.90 -2.94 26.25
N LYS C 327 -16.59 -3.10 27.38
CA LYS C 327 -16.43 -2.15 28.47
C LYS C 327 -15.03 -2.18 29.05
N ILE C 328 -14.44 -3.38 29.15
CA ILE C 328 -13.06 -3.48 29.61
C ILE C 328 -12.13 -2.78 28.62
N ILE C 329 -12.35 -3.02 27.33
CA ILE C 329 -11.52 -2.38 26.31
C ILE C 329 -11.62 -0.86 26.43
N ALA C 330 -12.82 -0.34 26.66
CA ALA C 330 -13.01 1.10 26.75
C ALA C 330 -12.34 1.67 27.99
N LEU C 331 -12.55 1.03 29.14
CA LEU C 331 -11.99 1.55 30.40
C LEU C 331 -10.47 1.56 30.36
N THR C 332 -9.86 0.52 29.78
CA THR C 332 -8.41 0.46 29.73
C THR C 332 -7.83 1.67 29.02
N GLN C 333 -8.43 2.07 27.90
CA GLN C 333 -7.89 3.19 27.13
C GLN C 333 -7.96 4.49 27.91
N GLU C 334 -9.09 4.75 28.60
CA GLU C 334 -9.19 5.96 29.40
C GLU C 334 -8.16 5.98 30.52
N ILE C 335 -8.00 4.85 31.22
CA ILE C 335 -7.04 4.80 32.31
C ILE C 335 -5.64 5.04 31.77
N GLN C 336 -5.31 4.42 30.63
CA GLN C 336 -3.99 4.61 30.04
C GLN C 336 -3.77 6.06 29.62
N SER C 337 -4.80 6.70 29.07
CA SER C 337 -4.65 8.10 28.67
C SER C 337 -4.36 8.99 29.87
N ILE C 338 -5.10 8.80 30.97
CA ILE C 338 -4.85 9.61 32.16
C ILE C 338 -3.44 9.36 32.69
N ALA C 339 -3.05 8.08 32.75
CA ALA C 339 -1.72 7.75 33.27
C ALA C 339 -0.63 8.39 32.42
N ALA C 340 -0.79 8.35 31.10
CA ALA C 340 0.20 8.97 30.21
C ALA C 340 0.23 10.48 30.41
N ARG C 341 -0.94 11.10 30.59
CA ARG C 341 -0.97 12.55 30.83
C ARG C 341 -0.28 12.93 32.13
N LEU C 342 -0.31 12.06 33.13
CA LEU C 342 0.39 12.36 34.38
C LEU C 342 1.89 12.13 34.29
N ALA C 343 2.38 11.49 33.24
CA ALA C 343 3.78 11.07 33.21
C ALA C 343 4.77 12.22 33.30
N PRO C 344 4.63 13.31 32.53
CA PRO C 344 5.70 14.32 32.51
C PRO C 344 5.99 14.93 33.88
N ALA C 345 4.96 15.13 34.71
CA ALA C 345 5.16 15.85 35.97
C ALA C 345 6.13 15.13 36.90
N PHE C 346 6.20 13.80 36.81
CA PHE C 346 7.03 13.01 37.70
C PHE C 346 8.33 12.55 37.05
N MET C 347 8.67 13.08 35.88
CA MET C 347 9.89 12.71 35.18
C MET C 347 9.94 11.21 34.91
N TYR C 348 8.90 10.71 34.24
CA TYR C 348 8.80 9.30 33.86
C TYR C 348 9.02 9.21 32.35
N ALA C 349 9.89 8.31 31.94
CA ALA C 349 10.20 8.12 30.52
C ALA C 349 10.60 6.68 30.25
N THR C 359 31.16 11.25 32.48
CA THR C 359 31.76 12.57 32.49
C THR C 359 30.86 13.55 33.25
N ALA C 360 31.47 14.61 33.79
CA ALA C 360 30.71 15.59 34.56
C ALA C 360 29.64 16.30 33.73
N GLU C 361 29.80 16.34 32.40
CA GLU C 361 28.80 16.98 31.55
C GLU C 361 27.48 16.22 31.56
N GLU C 362 27.52 14.90 31.68
CA GLU C 362 26.29 14.13 31.80
C GLU C 362 25.52 14.53 33.04
N ILE C 363 26.22 14.67 34.17
CA ILE C 363 25.57 15.11 35.40
C ILE C 363 25.06 16.53 35.25
N ARG C 364 25.83 17.41 34.59
CA ARG C 364 25.37 18.76 34.34
C ARG C 364 24.02 18.75 33.61
N GLN C 365 23.95 18.02 32.50
CA GLN C 365 22.73 18.00 31.70
C GLN C 365 21.57 17.35 32.46
N ASN C 366 21.85 16.27 33.21
CA ASN C 366 20.80 15.62 33.98
C ASN C 366 20.24 16.56 35.03
N ALA C 367 21.12 17.29 35.73
CA ALA C 367 20.65 18.26 36.73
C ALA C 367 19.86 19.39 36.08
N GLU C 368 20.29 19.87 34.92
CA GLU C 368 19.56 20.93 34.24
C GLU C 368 18.17 20.46 33.84
N GLU C 369 18.06 19.23 33.32
CA GLU C 369 16.76 18.71 32.93
C GLU C 369 15.88 18.46 34.15
N ALA C 370 16.48 18.06 35.28
CA ALA C 370 15.72 17.95 36.51
C ALA C 370 15.20 19.31 36.96
N GLU C 371 16.03 20.34 36.84
CA GLU C 371 15.56 21.70 37.07
C GLU C 371 14.35 22.02 36.21
N LEU C 372 14.43 21.70 34.91
CA LEU C 372 13.32 22.04 34.01
C LEU C 372 12.06 21.27 34.39
N ALA C 373 12.19 19.99 34.71
CA ALA C 373 11.00 19.19 35.01
C ALA C 373 10.37 19.60 36.33
N LEU C 374 11.17 19.69 37.40
CA LEU C 374 10.62 19.94 38.73
C LEU C 374 9.94 21.30 38.82
N GLY C 375 10.56 22.33 38.24
CA GLY C 375 10.03 23.67 38.29
C GLY C 375 10.72 24.61 39.25
N GLY C 376 11.83 24.20 39.85
CA GLY C 376 12.59 25.09 40.71
C GLY C 376 12.75 24.59 42.14
N VAL C 377 12.54 23.29 42.35
CA VAL C 377 12.74 22.70 43.67
C VAL C 377 14.13 22.07 43.84
N TYR C 378 14.75 21.61 42.75
CA TYR C 378 16.12 21.11 42.85
C TYR C 378 17.02 22.13 43.55
N SER C 379 16.87 23.41 43.19
CA SER C 379 17.64 24.46 43.84
C SER C 379 17.30 24.56 45.32
N VAL C 380 16.01 24.44 45.67
CA VAL C 380 15.63 24.53 47.08
C VAL C 380 16.23 23.38 47.87
N ILE C 381 16.15 22.16 47.35
CA ILE C 381 16.71 21.01 48.03
C ILE C 381 18.21 21.18 48.19
N ALA C 382 18.89 21.62 47.11
CA ALA C 382 20.33 21.84 47.20
C ALA C 382 20.67 22.86 48.26
N ASP C 383 19.92 23.98 48.29
CA ASP C 383 20.19 25.02 49.26
C ASP C 383 20.00 24.52 50.69
N THR C 384 18.94 23.75 50.93
CA THR C 384 18.60 23.33 52.29
C THR C 384 19.38 22.11 52.76
N LEU C 385 20.07 21.40 51.88
CA LEU C 385 20.83 20.23 52.30
C LEU C 385 22.34 20.38 52.13
N HIS C 386 22.81 21.02 51.06
CA HIS C 386 24.23 21.01 50.76
C HIS C 386 25.03 21.84 51.76
N ILE C 387 24.49 22.99 52.18
CA ILE C 387 25.29 23.94 52.97
C ILE C 387 25.72 23.33 54.31
N PRO C 388 24.84 22.73 55.11
CA PRO C 388 25.29 22.22 56.42
C PRO C 388 26.11 20.94 56.32
N LEU C 389 25.75 20.04 55.39
CA LEU C 389 26.51 18.80 55.25
C LEU C 389 27.95 19.08 54.87
N ALA C 390 28.20 20.07 54.01
CA ALA C 390 29.57 20.41 53.65
C ALA C 390 30.37 20.80 54.89
N HIS C 391 29.81 21.67 55.73
CA HIS C 391 30.51 22.08 56.94
C HIS C 391 30.75 20.89 57.85
N ILE C 392 29.75 20.03 58.02
CA ILE C 392 29.90 18.90 58.93
C ILE C 392 31.00 17.96 58.45
N LEU C 393 31.00 17.62 57.16
CA LEU C 393 32.02 16.73 56.64
C LEU C 393 33.41 17.37 56.69
N CYS C 394 33.52 18.65 56.38
CA CYS C 394 34.82 19.31 56.46
C CYS C 394 35.33 19.31 57.89
N TRP C 395 34.45 19.56 58.86
CA TRP C 395 34.85 19.48 60.27
C TRP C 395 35.30 18.06 60.63
N GLU C 396 34.60 17.04 60.12
CA GLU C 396 35.02 15.67 60.36
C GLU C 396 36.41 15.39 59.82
N VAL C 397 36.72 15.91 58.63
CA VAL C 397 38.02 15.64 58.01
C VAL C 397 39.13 16.52 58.56
N ASN C 398 38.82 17.72 59.07
CA ASN C 398 39.85 18.61 59.60
C ASN C 398 39.19 19.51 60.65
N GLN C 399 39.41 19.19 61.92
CA GLN C 399 38.78 19.93 63.01
C GLN C 399 39.44 21.30 63.21
N GLN C 400 40.76 21.35 63.16
CA GLN C 400 41.47 22.58 63.53
C GLN C 400 41.12 23.73 62.59
N PHE C 401 41.08 23.47 61.28
CA PHE C 401 40.84 24.53 60.32
C PHE C 401 39.47 25.17 60.54
N ILE C 402 38.45 24.34 60.77
CA ILE C 402 37.10 24.88 60.98
C ILE C 402 36.99 25.57 62.33
N ASN C 403 37.67 25.05 63.36
CA ASN C 403 37.59 25.66 64.68
C ASN C 403 38.11 27.09 64.66
N GLU C 404 39.22 27.33 63.96
CA GLU C 404 39.74 28.68 63.87
C GLU C 404 38.77 29.62 63.17
N LEU C 405 38.13 29.16 62.10
CA LEU C 405 37.21 30.01 61.34
C LEU C 405 35.97 30.38 62.16
N LEU C 406 35.42 29.44 62.91
CA LEU C 406 34.20 29.67 63.68
C LEU C 406 34.43 30.55 64.89
N SER C 407 35.58 30.43 65.54
CA SER C 407 35.85 31.23 66.73
C SER C 407 35.88 32.72 66.39
N ASN C 408 36.50 33.08 65.28
CA ASN C 408 36.58 34.48 64.89
C ASN C 408 35.22 35.03 64.47
N GLY C 409 34.39 34.21 63.82
CA GLY C 409 33.06 34.60 63.39
C GLY C 409 32.79 34.35 61.93
N LEU C 410 33.79 34.54 61.08
CA LEU C 410 33.61 34.33 59.65
C LEU C 410 33.35 32.86 59.36
N THR C 411 32.71 32.60 58.22
CA THR C 411 32.28 31.26 57.83
C THR C 411 32.70 30.98 56.39
N LEU C 412 32.79 29.69 56.06
CA LEU C 412 33.16 29.27 54.73
C LEU C 412 32.10 29.67 53.71
N SER C 413 32.56 29.94 52.48
CA SER C 413 31.66 30.24 51.37
C SER C 413 31.54 29.02 50.48
N VAL C 414 30.31 28.65 50.15
CA VAL C 414 30.03 27.46 49.36
C VAL C 414 29.04 27.82 48.25
N LEU C 415 29.26 27.26 47.07
CA LEU C 415 28.41 27.50 45.91
C LEU C 415 27.53 26.30 45.66
N THR C 416 26.24 26.56 45.41
CA THR C 416 25.27 25.50 45.16
C THR C 416 24.19 26.03 44.22
N GLY C 417 23.20 25.19 43.95
CA GLY C 417 22.15 25.55 43.02
C GLY C 417 22.60 25.40 41.58
N VAL C 418 22.88 24.16 41.17
CA VAL C 418 23.48 23.86 39.87
C VAL C 418 24.56 24.89 39.55
N ALA C 419 25.38 25.20 40.56
CA ALA C 419 26.49 26.13 40.37
C ALA C 419 27.77 25.65 41.04
N ALA C 420 27.95 24.35 41.21
CA ALA C 420 29.15 23.78 41.82
C ALA C 420 30.16 23.38 40.75
N LEU C 421 30.19 24.11 39.64
CA LEU C 421 31.06 23.81 38.53
C LEU C 421 32.38 24.59 38.60
N SER C 422 32.71 25.17 39.75
CA SER C 422 33.91 25.98 39.87
C SER C 422 35.14 25.21 39.44
N ARG C 423 35.31 23.99 39.96
CA ARG C 423 36.47 23.15 39.64
C ARG C 423 36.04 21.91 38.85
N SER C 424 34.92 22.01 38.13
CA SER C 424 34.36 20.85 37.45
C SER C 424 34.67 20.86 35.95
N THR C 425 34.37 21.95 35.27
CA THR C 425 34.42 22.02 33.81
C THR C 425 35.18 23.26 33.37
N ASP C 426 36.34 23.50 33.99
CA ASP C 426 37.22 24.57 33.53
C ASP C 426 38.17 24.08 32.45
N VAL C 427 38.44 22.77 32.41
CA VAL C 427 39.36 22.23 31.41
C VAL C 427 38.78 22.37 30.02
N ASN C 428 37.44 22.36 29.88
CA ASN C 428 36.82 22.53 28.58
C ASN C 428 37.11 23.92 28.01
N LYS C 429 37.10 24.94 28.87
CA LYS C 429 37.40 26.31 28.46
C LYS C 429 38.87 26.52 28.15
N LEU C 430 39.75 25.65 28.65
CA LEU C 430 41.17 25.68 28.31
C LEU C 430 41.48 24.94 27.03
N ILE C 431 40.79 23.83 26.77
CA ILE C 431 41.00 23.08 25.54
C ILE C 431 40.64 23.95 24.33
N GLN C 432 39.53 24.68 24.42
CA GLN C 432 39.10 25.53 23.31
C GLN C 432 40.13 26.62 23.05
N ALA C 433 40.63 27.25 24.11
CA ALA C 433 41.65 28.29 23.95
C ALA C 433 42.90 27.71 23.32
N ALA C 434 43.32 26.51 23.74
CA ALA C 434 44.48 25.88 23.14
C ALA C 434 44.26 25.60 21.66
N GLN C 435 43.06 25.13 21.31
CA GLN C 435 42.78 24.85 19.90
C GLN C 435 42.81 26.11 19.06
N SER C 436 42.23 27.20 19.55
CA SER C 436 42.26 28.46 18.81
C SER C 436 43.66 29.05 18.71
N LEU C 437 44.45 28.97 19.78
CA LEU C 437 45.82 29.47 19.77
C LEU C 437 46.70 28.71 18.79
N SER C 438 46.35 27.47 18.45
CA SER C 438 47.10 26.70 17.47
C SER C 438 46.73 27.08 16.04
N VAL C 439 45.68 27.87 15.86
CA VAL C 439 45.29 28.35 14.54
C VAL C 439 45.64 29.81 14.33
N ILE C 440 45.65 30.63 15.39
CA ILE C 440 45.90 32.05 15.23
C ILE C 440 47.39 32.38 15.24
N LEU C 441 48.19 31.69 16.07
CA LEU C 441 49.60 32.04 16.21
C LEU C 441 50.44 31.61 15.01
N PRO C 442 50.16 30.45 14.38
CA PRO C 442 50.93 30.11 13.17
C PRO C 442 50.89 31.23 12.13
N VAL C 443 49.73 31.87 11.97
CA VAL C 443 49.69 33.13 11.23
C VAL C 443 50.14 34.25 12.15
N PHE C 444 50.54 35.37 11.55
CA PHE C 444 51.07 36.55 12.24
C PHE C 444 52.50 36.32 12.71
N GLN C 445 53.10 35.17 12.43
CA GLN C 445 54.47 34.93 12.83
C GLN C 445 55.46 35.75 12.00
N ASN C 446 55.13 36.01 10.73
CA ASN C 446 55.98 36.80 9.86
C ASN C 446 55.77 38.29 10.05
N THR C 447 54.53 38.72 10.26
CA THR C 447 54.26 40.14 10.43
C THR C 447 54.79 40.62 11.78
N PRO C 448 55.71 41.60 11.80
CA PRO C 448 56.24 42.08 13.08
C PRO C 448 55.45 43.23 13.71
N ARG C 449 54.32 43.63 13.13
CA ARG C 449 53.54 44.74 13.65
C ARG C 449 52.52 44.31 14.71
N VAL C 450 52.24 43.01 14.81
CA VAL C 450 51.24 42.49 15.74
C VAL C 450 51.99 41.81 16.89
N ASP C 451 51.70 42.23 18.12
CA ASP C 451 52.39 41.66 19.28
C ASP C 451 51.68 40.38 19.71
N PRO C 452 52.41 39.26 19.79
CA PRO C 452 51.76 38.00 20.25
C PRO C 452 51.22 38.08 21.66
N GLU C 453 51.85 38.84 22.56
CA GLU C 453 51.38 38.93 23.93
C GLU C 453 49.97 39.49 24.03
N LYS C 454 49.65 40.52 23.24
CA LYS C 454 48.29 41.07 23.25
C LYS C 454 47.27 40.07 22.73
N ILE C 455 47.59 39.31 21.69
CA ILE C 455 46.69 38.26 21.23
C ILE C 455 46.47 37.23 22.33
N LEU C 456 47.54 36.83 23.02
CA LEU C 456 47.40 35.88 24.11
C LEU C 456 46.48 36.42 25.20
N ASP C 457 46.72 37.66 25.63
CA ASP C 457 45.96 38.28 26.70
C ASP C 457 44.50 38.53 26.31
N MET C 458 44.22 38.70 25.03
CA MET C 458 42.84 38.82 24.57
C MET C 458 42.14 37.47 24.49
N VAL C 459 42.78 36.46 23.91
CA VAL C 459 42.14 35.15 23.79
C VAL C 459 41.89 34.53 25.15
N LEU C 460 42.88 34.61 26.06
CA LEU C 460 42.71 33.99 27.37
C LEU C 460 41.55 34.63 28.13
N THR C 461 41.50 35.96 28.17
CA THR C 461 40.43 36.62 28.91
C THR C 461 39.09 36.47 28.22
N GLY C 462 39.09 36.26 26.89
CA GLY C 462 37.83 36.11 26.18
C GLY C 462 37.02 34.92 26.67
N PHE C 463 37.69 33.80 26.92
CA PHE C 463 37.02 32.57 27.33
C PHE C 463 36.72 32.54 28.83
N GLY C 464 37.23 33.50 29.59
CA GLY C 464 36.93 33.55 31.01
C GLY C 464 37.93 32.81 31.88
N ILE C 465 39.22 33.04 31.67
CA ILE C 465 40.27 32.43 32.48
C ILE C 465 41.05 33.53 33.17
N ASN C 466 41.18 33.42 34.49
CA ASN C 466 41.97 34.39 35.26
C ASN C 466 43.44 34.13 34.99
N THR C 467 44.07 35.06 34.27
CA THR C 467 45.46 34.87 33.86
C THR C 467 46.43 34.79 35.02
N LYS C 468 46.03 35.24 36.21
CA LYS C 468 46.92 35.24 37.36
C LYS C 468 47.29 33.84 37.82
N ASP C 469 46.57 32.81 37.39
CA ASP C 469 46.85 31.44 37.77
C ASP C 469 47.71 30.70 36.75
N LEU C 470 48.12 31.35 35.66
CA LEU C 470 48.94 30.73 34.63
C LEU C 470 50.24 31.48 34.37
N TYR C 471 50.22 32.81 34.38
CA TYR C 471 51.39 33.59 34.03
C TYR C 471 52.49 33.41 35.07
N ARG C 472 53.74 33.48 34.62
CA ARG C 472 54.89 33.41 35.50
C ARG C 472 55.17 34.77 36.12
N THR C 473 55.77 34.73 37.31
CA THR C 473 56.14 35.96 38.00
C THR C 473 57.46 36.49 37.46
N GLU C 474 57.77 37.74 37.83
CA GLU C 474 58.99 38.38 37.34
C GLU C 474 60.23 37.64 37.80
N GLU C 475 60.24 37.19 39.06
CA GLU C 475 61.40 36.48 39.58
C GLU C 475 61.68 35.21 38.81
N GLN C 476 60.63 34.45 38.49
CA GLN C 476 60.82 33.22 37.74
C GLN C 476 61.39 33.50 36.36
N LEU C 477 60.89 34.55 35.69
CA LEU C 477 61.40 34.90 34.38
C LEU C 477 62.88 35.30 34.47
N GLN C 478 63.24 36.08 35.49
CA GLN C 478 64.63 36.48 35.67
C GLN C 478 65.51 35.25 35.89
N ALA C 479 65.05 34.32 36.71
CA ALA C 479 65.83 33.11 36.97
C ALA C 479 66.01 32.29 35.70
N LEU C 480 64.93 32.15 34.91
CA LEU C 480 65.03 31.40 33.67
C LEU C 480 66.00 32.06 32.71
N GLN C 481 65.94 33.39 32.60
CA GLN C 481 66.87 34.10 31.73
C GLN C 481 68.31 33.94 32.19
N ALA C 482 68.54 33.99 33.50
CA ALA C 482 69.89 33.80 34.02
C ALA C 482 70.40 32.40 33.74
N ALA C 483 69.54 31.39 33.87
CA ALA C 483 69.92 30.00 33.64
C ALA C 483 70.05 29.78 32.13
N GLN C 484 71.16 30.25 31.59
CA GLN C 484 71.44 30.12 30.16
C GLN C 484 72.93 30.10 29.90
N THR D 7 4.15 56.25 62.12
CA THR D 7 2.79 55.96 61.58
C THR D 7 2.88 55.41 60.15
N TYR D 8 3.88 54.57 59.90
CA TYR D 8 4.05 54.02 58.55
C TYR D 8 2.88 53.14 58.15
N GLU D 9 2.07 52.68 59.10
CA GLU D 9 0.87 51.91 58.74
C GLU D 9 -0.08 52.74 57.90
N SER D 10 -0.20 54.03 58.22
CA SER D 10 -1.06 54.91 57.42
C SER D 10 -0.60 54.98 55.98
N LEU D 11 0.71 55.18 55.75
CA LEU D 11 1.23 55.20 54.39
C LEU D 11 1.02 53.86 53.70
N TYR D 12 1.30 52.77 54.42
CA TYR D 12 1.15 51.45 53.83
C TYR D 12 -0.28 51.22 53.35
N THR D 13 -1.27 51.62 54.17
CA THR D 13 -2.65 51.47 53.76
C THR D 13 -3.01 52.44 52.64
N LYS D 14 -2.44 53.64 52.66
CA LYS D 14 -2.77 54.65 51.66
C LYS D 14 -2.32 54.22 50.27
N TYR D 15 -1.14 53.63 50.16
CA TYR D 15 -0.54 53.37 48.85
C TYR D 15 -1.01 52.07 48.21
N ARG D 16 -1.95 51.35 48.81
CA ARG D 16 -2.42 50.10 48.23
C ARG D 16 -3.43 50.36 47.12
N ASP D 17 -3.60 49.35 46.26
CA ASP D 17 -4.56 49.37 45.16
C ASP D 17 -5.39 48.10 45.29
N ASP D 18 -6.61 48.23 45.82
CA ASP D 18 -7.42 47.05 46.11
C ASP D 18 -7.92 46.38 44.83
N SER D 19 -8.18 47.16 43.79
CA SER D 19 -8.72 46.58 42.56
C SER D 19 -7.75 45.57 41.96
N ALA D 20 -6.48 45.94 41.84
CA ALA D 20 -5.49 45.02 41.28
C ALA D 20 -5.35 43.77 42.15
N ILE D 21 -5.31 43.96 43.47
CA ILE D 21 -5.14 42.82 44.37
C ILE D 21 -6.30 41.84 44.24
N LEU D 22 -7.53 42.36 44.15
CA LEU D 22 -8.69 41.49 44.00
C LEU D 22 -8.73 40.83 42.62
N LYS D 23 -8.34 41.53 41.56
CA LYS D 23 -8.36 40.94 40.23
C LYS D 23 -7.30 39.86 40.07
N THR D 24 -6.12 40.04 40.66
CA THR D 24 -5.03 39.10 40.46
C THR D 24 -5.22 37.78 41.18
N GLU D 25 -6.37 37.56 41.82
CA GLU D 25 -6.62 36.29 42.48
C GLU D 25 -6.92 35.18 41.48
N ASP D 26 -7.71 35.50 40.44
CA ASP D 26 -8.07 34.48 39.46
C ASP D 26 -6.85 33.97 38.70
N TYR D 27 -5.94 34.87 38.35
CA TYR D 27 -4.76 34.47 37.59
C TYR D 27 -3.94 33.46 38.37
N ALA D 28 -3.74 33.70 39.67
CA ALA D 28 -3.06 32.73 40.50
C ALA D 28 -3.88 31.45 40.63
N HIS D 29 -5.20 31.59 40.78
CA HIS D 29 -6.05 30.40 40.92
C HIS D 29 -6.02 29.47 39.72
N TRP D 30 -5.76 30.00 38.53
CA TRP D 30 -5.70 29.18 37.34
C TRP D 30 -4.36 28.48 37.15
N THR D 31 -3.28 29.00 37.72
CA THR D 31 -1.95 28.48 37.48
C THR D 31 -1.30 27.88 38.72
N LEU D 32 -1.14 28.65 39.80
CA LEU D 32 -0.41 28.21 40.98
C LEU D 32 -0.93 28.95 42.19
N PRO D 33 -1.97 28.41 42.85
CA PRO D 33 -2.57 29.15 43.98
C PRO D 33 -1.61 29.42 45.12
N THR D 34 -0.67 28.51 45.41
CA THR D 34 0.15 28.63 46.61
C THR D 34 1.15 29.78 46.54
N VAL D 35 1.38 30.36 45.38
CA VAL D 35 2.33 31.47 45.26
C VAL D 35 1.75 32.80 45.71
N TYR D 36 0.41 32.89 45.80
CA TYR D 36 -0.26 34.16 46.08
C TYR D 36 -1.12 34.08 47.33
N ALA D 37 -0.74 33.25 48.30
CA ALA D 37 -1.53 33.08 49.50
C ALA D 37 -1.39 34.29 50.43
N ASP D 38 -2.50 34.65 51.08
CA ASP D 38 -2.49 35.81 51.97
C ASP D 38 -1.81 35.45 53.29
N PRO D 39 -0.78 36.18 53.70
CA PRO D 39 -0.10 35.85 54.97
C PRO D 39 -0.84 36.33 56.22
N ASP D 40 -1.89 37.14 56.08
CA ASP D 40 -2.56 37.72 57.23
C ASP D 40 -3.73 36.88 57.74
N LEU D 41 -4.07 35.78 57.06
CA LEU D 41 -5.12 34.88 57.50
C LEU D 41 -4.59 33.64 58.21
N ARG D 42 -3.28 33.57 58.43
CA ARG D 42 -2.67 32.40 59.04
C ARG D 42 -1.72 32.84 60.15
N GLU D 43 -1.62 31.99 61.19
CA GLU D 43 -0.77 32.27 62.34
C GLU D 43 0.10 31.07 62.69
N GLY D 44 0.51 30.30 61.68
CA GLY D 44 1.35 29.15 61.89
C GLY D 44 0.64 27.81 61.76
N LYS D 45 -0.55 27.78 61.16
CA LYS D 45 -1.28 26.54 60.94
C LYS D 45 -1.82 26.53 59.53
N ARG D 46 -2.03 25.33 58.99
CA ARG D 46 -2.47 25.18 57.61
C ARG D 46 -3.90 25.67 57.44
N VAL D 47 -4.14 26.45 56.40
CA VAL D 47 -5.48 26.79 55.93
C VAL D 47 -5.55 26.35 54.47
N ASN D 48 -6.58 25.56 54.16
CA ASN D 48 -6.60 24.85 52.88
C ASN D 48 -6.67 25.82 51.71
N VAL D 49 -6.04 25.42 50.60
CA VAL D 49 -6.05 26.17 49.35
C VAL D 49 -6.64 25.27 48.27
N ARG D 50 -7.63 25.80 47.54
CA ARG D 50 -8.33 25.01 46.55
C ARG D 50 -7.60 25.03 45.21
N ARG D 51 -7.83 23.98 44.42
CA ARG D 51 -7.20 23.80 43.12
C ARG D 51 -8.27 23.82 42.03
N ASP D 52 -7.81 23.75 40.78
CA ASP D 52 -8.68 23.87 39.62
C ASP D 52 -8.77 22.52 38.90
N TYR D 53 -9.74 22.43 37.98
CA TYR D 53 -9.98 21.18 37.27
C TYR D 53 -8.92 20.87 36.23
N GLN D 54 -8.05 21.82 35.90
CA GLN D 54 -7.04 21.63 34.86
C GLN D 54 -5.66 22.00 35.39
N SER D 55 -4.65 21.32 34.88
CA SER D 55 -3.27 21.51 35.31
C SER D 55 -2.34 21.96 34.20
N VAL D 56 -2.87 22.45 33.07
CA VAL D 56 -2.00 22.89 31.98
C VAL D 56 -1.22 24.12 32.38
N GLY D 57 -1.90 25.10 32.98
CA GLY D 57 -1.23 26.34 33.35
C GLY D 57 -0.07 26.12 34.30
N ALA D 58 -0.24 25.22 35.26
CA ALA D 58 0.84 24.95 36.21
C ALA D 58 2.08 24.43 35.50
N VAL D 59 1.92 23.46 34.61
CA VAL D 59 3.06 22.90 33.90
C VAL D 59 3.72 23.97 33.04
N TYR D 60 2.92 24.75 32.30
CA TYR D 60 3.49 25.76 31.43
C TYR D 60 4.27 26.79 32.23
N VAL D 61 3.70 27.26 33.34
CA VAL D 61 4.37 28.28 34.15
C VAL D 61 5.65 27.73 34.76
N ASN D 62 5.60 26.50 35.29
CA ASN D 62 6.80 25.90 35.85
C ASN D 62 7.90 25.82 34.81
N THR D 63 7.58 25.31 33.62
CA THR D 63 8.59 25.17 32.58
C THR D 63 9.18 26.51 32.20
N LEU D 64 8.33 27.52 31.97
CA LEU D 64 8.83 28.82 31.55
C LEU D 64 9.69 29.47 32.62
N SER D 65 9.26 29.39 33.89
CA SER D 65 10.03 30.00 34.96
C SER D 65 11.37 29.31 35.12
N ALA D 66 11.40 27.99 35.04
CA ALA D 66 12.67 27.27 35.14
C ALA D 66 13.59 27.62 33.98
N LYS D 67 13.03 27.74 32.77
CA LYS D 67 13.86 27.97 31.59
C LYS D 67 14.43 29.39 31.60
N LEU D 68 13.64 30.37 32.05
CA LEU D 68 14.11 31.76 32.02
C LEU D 68 15.36 31.98 32.86
N ALA D 69 15.52 31.23 33.96
CA ALA D 69 16.65 31.48 34.85
C ALA D 69 17.98 31.16 34.17
N GLN D 70 18.00 30.07 33.39
CA GLN D 70 19.25 29.68 32.74
C GLN D 70 19.70 30.70 31.71
N VAL D 71 18.75 31.31 30.98
CA VAL D 71 19.11 32.26 29.94
C VAL D 71 19.64 33.55 30.54
N LEU D 72 18.99 34.08 31.56
CA LEU D 72 19.37 35.35 32.17
C LEU D 72 20.65 35.25 33.00
N PHE D 73 20.84 34.16 33.72
CA PHE D 73 21.95 34.00 34.67
C PHE D 73 22.71 32.73 34.34
N PRO D 74 23.50 32.73 33.26
CA PRO D 74 24.31 31.55 32.96
C PRO D 74 25.34 31.30 34.03
N ALA D 75 25.69 30.03 34.22
CA ALA D 75 26.54 29.60 35.32
C ALA D 75 28.02 29.57 34.97
N ASN D 76 28.40 29.91 33.75
CA ASN D 76 29.80 29.75 33.32
C ASN D 76 30.26 30.98 32.53
N GLN D 77 29.67 32.14 32.79
CA GLN D 77 30.13 33.38 32.18
C GLN D 77 29.33 34.54 32.77
N ALA D 78 29.95 35.71 32.76
CA ALA D 78 29.29 36.90 33.29
C ALA D 78 28.10 37.31 32.43
N PHE D 79 27.13 37.94 33.06
CA PHE D 79 25.92 38.41 32.37
C PHE D 79 25.97 39.90 32.06
N PHE D 80 27.08 40.57 32.31
CA PHE D 80 27.21 41.99 32.04
C PHE D 80 28.63 42.30 31.59
N ARG D 81 28.76 43.40 30.85
CA ARG D 81 30.05 43.84 30.34
C ARG D 81 30.21 45.34 30.55
N ILE D 82 31.45 45.79 30.66
CA ILE D 82 31.76 47.20 30.85
C ILE D 82 32.38 47.75 29.58
N ASP D 83 31.86 48.87 29.10
CA ASP D 83 32.35 49.47 27.87
C ASP D 83 33.71 50.12 28.07
N SER D 84 33.78 51.09 28.99
CA SER D 84 35.04 51.74 29.34
C SER D 84 35.51 52.70 28.25
N THR D 85 34.77 52.80 27.15
CA THR D 85 35.16 53.72 26.08
C THR D 85 34.79 55.15 26.42
N GLY D 86 33.93 55.36 27.42
CA GLY D 86 33.52 56.69 27.81
C GLY D 86 34.67 57.58 28.21
N ASP D 87 35.35 57.22 29.31
CA ASP D 87 36.47 58.03 29.81
C ASP D 87 37.42 57.08 30.56
N ALA D 88 38.52 56.74 29.91
CA ALA D 88 39.49 55.84 30.53
C ALA D 88 40.33 56.55 31.57
N ALA D 89 40.40 57.89 31.52
CA ALA D 89 41.25 58.63 32.44
C ALA D 89 40.85 58.37 33.89
N GLN D 90 39.61 58.72 34.24
CA GLN D 90 39.14 58.53 35.61
C GLN D 90 39.10 57.07 36.01
N LEU D 91 38.70 56.19 35.10
CA LEU D 91 38.65 54.77 35.43
C LEU D 91 40.03 54.24 35.79
N ALA D 92 41.06 54.63 35.02
CA ALA D 92 42.42 54.22 35.32
C ALA D 92 42.93 54.87 36.60
N GLU D 93 42.55 56.12 36.84
CA GLU D 93 43.01 56.82 38.04
C GLU D 93 42.40 56.25 39.31
N ALA D 94 41.19 55.70 39.23
CA ALA D 94 40.54 55.14 40.41
C ALA D 94 41.29 53.91 40.93
N MET D 95 41.58 52.96 40.05
CA MET D 95 42.32 51.77 40.46
C MET D 95 43.80 52.07 40.65
N GLY D 96 44.34 52.98 39.83
CA GLY D 96 45.76 53.25 39.86
C GLY D 96 46.53 52.31 38.96
N ALA D 97 46.15 52.26 37.68
CA ALA D 97 46.76 51.37 36.72
C ALA D 97 47.20 52.18 35.51
N GLU D 98 47.82 51.51 34.55
CA GLU D 98 48.32 52.16 33.35
C GLU D 98 47.17 52.43 32.38
N SER D 99 47.49 53.07 31.26
CA SER D 99 46.47 53.41 30.28
C SER D 99 45.92 52.16 29.59
N ALA D 100 46.77 51.16 29.40
CA ALA D 100 46.38 49.94 28.68
C ALA D 100 46.00 48.79 29.60
N ASP D 101 46.40 48.83 30.87
CA ASP D 101 46.06 47.75 31.78
C ASP D 101 44.60 47.78 32.20
N LEU D 102 43.88 48.85 31.85
CA LEU D 102 42.47 48.95 32.20
C LEU D 102 41.66 47.84 31.55
N ALA D 103 41.99 47.47 30.31
CA ALA D 103 41.25 46.41 29.64
C ALA D 103 41.35 45.09 30.39
N ASN D 104 42.55 44.78 30.89
CA ASN D 104 42.73 43.55 31.66
C ASN D 104 42.07 43.66 33.03
N GLY D 105 42.18 44.81 33.68
CA GLY D 105 41.61 44.95 35.01
C GLY D 105 40.10 44.83 35.02
N LEU D 106 39.44 45.49 34.06
CA LEU D 106 37.98 45.42 33.98
C LEU D 106 37.53 43.99 33.70
N ALA D 107 38.23 43.29 32.80
CA ALA D 107 37.88 41.91 32.52
C ALA D 107 38.04 41.04 33.76
N GLU D 108 39.13 41.25 34.51
CA GLU D 108 39.33 40.47 35.73
C GLU D 108 38.20 40.72 36.73
N LEU D 109 37.82 41.99 36.91
CA LEU D 109 36.75 42.31 37.84
C LEU D 109 35.44 41.66 37.42
N GLU D 110 35.09 41.77 36.13
CA GLU D 110 33.85 41.19 35.65
C GLU D 110 33.86 39.67 35.84
N ASN D 111 34.98 39.02 35.51
CA ASN D 111 35.06 37.57 35.63
C ASN D 111 34.94 37.11 37.07
N THR D 112 35.60 37.81 38.00
CA THR D 112 35.61 37.38 39.39
C THR D 112 34.37 37.82 40.16
N ALA D 113 33.58 38.74 39.61
CA ALA D 113 32.46 39.31 40.37
C ALA D 113 31.20 38.46 40.27
N PHE D 114 30.91 37.89 39.11
CA PHE D 114 29.58 37.33 38.87
C PHE D 114 29.34 36.04 39.65
N ARG D 115 30.39 35.39 40.17
CA ARG D 115 30.19 34.19 40.96
C ARG D 115 29.45 34.45 42.26
N ARG D 116 29.40 35.69 42.73
CA ARG D 116 28.79 35.97 44.03
C ARG D 116 27.28 35.75 44.05
N ILE D 117 26.65 35.52 42.90
CA ILE D 117 25.21 35.37 42.85
C ILE D 117 24.75 34.00 43.30
N PHE D 118 25.67 33.06 43.53
CA PHE D 118 25.33 31.69 43.91
C PHE D 118 25.60 31.38 45.37
N LEU D 119 25.71 32.39 46.23
CA LEU D 119 26.00 32.14 47.64
C LEU D 119 24.72 32.15 48.46
N LYS D 120 24.55 31.13 49.31
CA LYS D 120 23.51 31.11 50.33
C LYS D 120 22.11 31.13 49.73
N SER D 121 21.88 30.31 48.70
CA SER D 121 20.53 30.06 48.18
C SER D 121 19.91 31.29 47.55
N SER D 122 20.64 31.98 46.68
CA SER D 122 20.06 33.10 45.94
C SER D 122 19.31 32.62 44.69
N TYR D 123 19.77 31.52 44.09
CA TYR D 123 19.21 31.06 42.83
C TYR D 123 17.74 30.66 43.00
N HIS D 124 17.41 30.01 44.11
CA HIS D 124 16.02 29.64 44.37
C HIS D 124 15.14 30.88 44.48
N GLN D 125 15.64 31.91 45.15
CA GLN D 125 14.87 33.16 45.25
C GLN D 125 14.71 33.82 43.89
N LEU D 126 15.73 33.73 43.04
CA LEU D 126 15.61 34.26 41.68
C LEU D 126 14.51 33.54 40.92
N VAL D 127 14.46 32.21 41.03
CA VAL D 127 13.43 31.44 40.33
C VAL D 127 12.04 31.82 40.86
N HIS D 128 11.92 31.95 42.19
CA HIS D 128 10.64 32.37 42.76
C HIS D 128 10.24 33.75 42.27
N ALA D 129 11.21 34.67 42.16
CA ALA D 129 10.91 36.00 41.63
C ALA D 129 10.45 35.93 40.18
N MET D 130 11.04 35.05 39.38
CA MET D 130 10.59 34.89 38.01
C MET D 130 9.15 34.40 37.96
N LYS D 131 8.81 33.42 38.81
CA LYS D 131 7.42 32.98 38.89
C LYS D 131 6.49 34.13 39.25
N LEU D 132 6.87 34.90 40.26
CA LEU D 132 6.03 36.02 40.70
C LEU D 132 5.83 37.04 39.57
N LEU D 133 6.91 37.36 38.85
CA LEU D 133 6.81 38.30 37.74
C LEU D 133 5.89 37.76 36.66
N ILE D 134 6.00 36.47 36.35
CA ILE D 134 5.18 35.91 35.28
C ILE D 134 3.70 35.91 35.66
N ILE D 135 3.37 35.55 36.89
CA ILE D 135 1.96 35.40 37.26
C ILE D 135 1.33 36.73 37.66
N THR D 136 2.02 37.53 38.48
CA THR D 136 1.44 38.76 39.00
C THR D 136 2.04 40.03 38.42
N GLY D 137 3.24 39.95 37.83
CA GLY D 137 3.83 41.12 37.21
C GLY D 137 4.43 42.12 38.16
N ASN D 138 4.70 41.74 39.41
CA ASN D 138 5.31 42.64 40.38
C ASN D 138 6.14 41.83 41.35
N VAL D 139 7.25 42.41 41.82
CA VAL D 139 8.12 41.75 42.79
C VAL D 139 9.06 42.79 43.38
N LEU D 140 9.37 42.64 44.66
CA LEU D 140 10.35 43.46 45.35
C LEU D 140 11.48 42.56 45.80
N LEU D 141 12.72 42.96 45.51
CA LEU D 141 13.90 42.13 45.73
C LEU D 141 14.84 42.83 46.68
N TYR D 142 15.26 42.11 47.73
CA TYR D 142 16.16 42.64 48.75
C TYR D 142 17.41 41.79 48.81
N ARG D 143 18.57 42.44 48.71
CA ARG D 143 19.87 41.76 48.69
C ARG D 143 20.66 42.23 49.91
N ASP D 144 21.07 41.27 50.74
CA ASP D 144 21.83 41.56 51.94
C ASP D 144 23.31 41.36 51.67
N SER D 145 24.10 42.42 51.83
CA SER D 145 25.51 42.35 51.51
C SER D 145 26.33 41.65 52.59
N ASN D 146 25.93 41.75 53.85
CA ASN D 146 26.72 41.19 54.94
C ASN D 146 26.87 39.68 54.79
N THR D 147 25.79 38.99 54.46
CA THR D 147 25.79 37.53 54.36
C THR D 147 25.82 37.03 52.93
N GLY D 148 25.12 37.69 52.01
CA GLY D 148 25.02 37.22 50.64
C GLY D 148 23.73 36.51 50.31
N ASN D 149 22.65 36.79 51.03
CA ASN D 149 21.37 36.15 50.80
C ASN D 149 20.37 37.16 50.23
N MET D 150 19.35 36.62 49.57
CA MET D 150 18.31 37.43 48.93
C MET D 150 16.94 36.90 49.33
N HIS D 151 15.92 37.76 49.14
CA HIS D 151 14.55 37.39 49.43
C HIS D 151 13.64 38.15 48.48
N ALA D 152 12.51 37.54 48.15
CA ALA D 152 11.53 38.12 47.23
C ALA D 152 10.18 38.24 47.90
N TYR D 153 9.50 39.37 47.65
CA TYR D 153 8.22 39.66 48.26
C TYR D 153 7.18 39.88 47.17
N SER D 154 5.92 39.60 47.51
CA SER D 154 4.81 39.84 46.60
C SER D 154 4.15 41.17 46.97
N ILE D 155 3.15 41.58 46.19
CA ILE D 155 2.46 42.85 46.44
C ILE D 155 1.57 42.80 47.66
N ARG D 156 1.45 41.65 48.31
CA ARG D 156 0.68 41.54 49.54
C ARG D 156 1.46 42.00 50.76
N GLN D 157 2.74 42.33 50.61
CA GLN D 157 3.58 42.74 51.73
C GLN D 157 4.22 44.11 51.55
N TYR D 158 3.97 44.79 50.43
CA TYR D 158 4.59 46.09 50.20
C TYR D 158 3.74 46.89 49.22
N SER D 159 3.99 48.21 49.22
CA SER D 159 3.30 49.13 48.33
C SER D 159 4.26 50.25 47.96
N VAL D 160 4.08 50.80 46.76
CA VAL D 160 5.00 51.77 46.20
C VAL D 160 4.22 52.97 45.66
N LEU D 161 4.93 54.08 45.52
CA LEU D 161 4.38 55.31 44.95
C LEU D 161 5.33 55.81 43.87
N ARG D 162 4.76 56.26 42.75
CA ARG D 162 5.57 56.75 41.64
C ARG D 162 4.84 57.88 40.93
N ASP D 163 5.60 58.68 40.20
CA ASP D 163 5.05 59.80 39.45
C ASP D 163 4.35 59.28 38.19
N GLY D 164 3.85 60.23 37.37
CA GLY D 164 3.32 59.87 36.07
C GLY D 164 4.39 59.44 35.09
N GLY D 165 5.65 59.84 35.32
CA GLY D 165 6.75 59.44 34.47
C GLY D 165 7.37 58.11 34.81
N GLY D 166 6.97 57.49 35.92
CA GLY D 166 7.44 56.18 36.30
C GLY D 166 8.48 56.16 37.41
N LYS D 167 9.01 57.31 37.81
CA LYS D 167 10.00 57.34 38.87
C LYS D 167 9.39 56.90 40.19
N VAL D 168 10.08 56.03 40.91
CA VAL D 168 9.65 55.55 42.22
C VAL D 168 10.09 56.55 43.27
N LEU D 169 9.15 56.99 44.12
CA LEU D 169 9.42 58.02 45.11
C LEU D 169 9.49 57.46 46.53
N ASP D 170 8.63 56.50 46.86
CA ASP D 170 8.53 56.00 48.22
C ASP D 170 8.08 54.55 48.21
N MET D 171 8.36 53.85 49.32
CA MET D 171 7.97 52.46 49.50
C MET D 171 7.82 52.17 50.98
N VAL D 172 6.97 51.19 51.29
CA VAL D 172 6.77 50.72 52.66
C VAL D 172 6.66 49.20 52.63
N LEU D 173 7.25 48.53 53.62
CA LEU D 173 7.31 47.08 53.67
C LEU D 173 6.91 46.60 55.06
N LYS D 174 6.10 45.55 55.11
CA LYS D 174 5.64 44.95 56.35
C LYS D 174 6.32 43.60 56.57
N GLU D 175 6.59 43.29 57.83
CA GLU D 175 7.22 42.02 58.19
C GLU D 175 6.82 41.66 59.61
N ARG D 176 6.75 40.37 59.89
CA ARG D 176 6.32 39.85 61.18
C ARG D 176 7.47 39.11 61.86
N THR D 177 7.55 39.23 63.18
CA THR D 177 8.62 38.60 63.95
C THR D 177 8.15 38.44 65.39
N VAL D 178 9.09 38.15 66.29
CA VAL D 178 8.79 37.96 67.71
C VAL D 178 9.69 38.87 68.53
N ILE D 179 9.33 39.02 69.81
CA ILE D 179 10.03 39.97 70.68
C ILE D 179 11.48 39.56 70.89
N SER D 180 11.75 38.26 70.98
CA SER D 180 13.10 37.79 71.29
C SER D 180 14.11 38.23 70.23
N GLU D 181 13.64 38.58 69.03
CA GLU D 181 14.55 38.95 67.95
C GLU D 181 14.94 40.42 67.98
N LEU D 182 14.29 41.22 68.83
CA LEU D 182 14.53 42.66 68.83
C LEU D 182 15.85 43.00 69.50
N PRO D 183 16.39 44.20 69.25
CA PRO D 183 17.66 44.59 69.88
C PRO D 183 17.49 44.77 71.39
N VAL D 184 18.63 44.68 72.09
CA VAL D 184 18.60 44.80 73.54
C VAL D 184 18.06 46.15 73.97
N GLU D 185 18.36 47.20 73.21
CA GLU D 185 17.90 48.54 73.60
C GLU D 185 16.40 48.62 73.64
N ALA D 186 15.71 48.03 72.66
CA ALA D 186 14.26 48.08 72.59
C ALA D 186 13.57 46.99 73.39
N ARG D 187 14.30 45.94 73.79
CA ARG D 187 13.68 44.85 74.54
C ARG D 187 13.59 45.15 76.02
N ILE D 188 14.25 46.20 76.52
CA ILE D 188 14.06 46.60 77.90
C ILE D 188 12.61 47.00 78.13
N LYS D 189 12.03 47.74 77.19
CA LYS D 189 10.58 47.92 77.15
C LYS D 189 9.92 46.60 76.77
N TYR D 190 8.60 46.55 76.90
CA TYR D 190 7.88 45.30 76.69
C TYR D 190 8.44 44.22 77.60
N ARG D 191 8.88 44.61 78.81
CA ARG D 191 9.43 43.63 79.74
C ARG D 191 8.41 42.54 80.04
N ASN D 192 7.16 42.91 80.26
CA ASN D 192 6.08 41.95 80.37
C ASN D 192 5.70 41.46 78.98
N ARG D 193 4.92 40.38 78.94
CA ARG D 193 4.47 39.77 77.69
C ARG D 193 5.64 39.25 76.86
N LYS D 194 6.74 38.85 77.49
CA LYS D 194 7.93 38.39 76.76
C LYS D 194 7.76 36.92 76.37
N GLN D 195 6.63 36.64 75.73
CA GLN D 195 6.37 35.34 75.14
C GLN D 195 6.81 35.36 73.68
N ASP D 196 6.39 34.36 72.91
CA ASP D 196 6.68 34.34 71.48
C ASP D 196 5.53 35.00 70.71
N ASP D 197 4.92 36.02 71.30
CA ASP D 197 3.84 36.74 70.64
C ASP D 197 4.36 37.42 69.38
N CYS D 198 3.52 37.47 68.36
CA CYS D 198 3.90 38.08 67.09
C CYS D 198 3.76 39.59 67.17
N ILE D 199 4.72 40.31 66.59
CA ILE D 199 4.70 41.77 66.52
C ILE D 199 5.12 42.18 65.11
N CYS D 200 4.44 43.18 64.56
CA CYS D 200 4.69 43.64 63.20
C CYS D 200 5.80 44.68 63.17
N LEU D 201 6.51 44.73 62.05
CA LEU D 201 7.60 45.68 61.84
C LEU D 201 7.43 46.33 60.48
N TYR D 202 7.76 47.63 60.40
CA TYR D 202 7.58 48.42 59.19
C TYR D 202 8.89 49.07 58.79
N THR D 203 9.17 49.09 57.49
CA THR D 203 10.35 49.75 56.94
C THR D 203 9.92 50.72 55.86
N ARG D 204 10.64 51.84 55.75
CA ARG D 204 10.34 52.88 54.78
C ARG D 204 11.59 53.25 54.00
N ILE D 205 11.44 53.36 52.69
CA ILE D 205 12.52 53.79 51.79
C ILE D 205 12.03 55.03 51.05
N LYS D 206 12.78 56.12 51.15
CA LYS D 206 12.37 57.41 50.60
C LYS D 206 13.50 58.02 49.79
N ARG D 207 13.14 58.64 48.66
CA ARG D 207 14.11 59.33 47.84
C ARG D 207 14.30 60.77 48.30
N GLU D 208 15.56 61.22 48.26
CA GLU D 208 15.91 62.58 48.61
C GLU D 208 17.15 62.97 47.84
N ARG D 209 17.36 64.27 47.67
CA ARG D 209 18.50 64.78 46.93
C ARG D 209 19.44 65.57 47.83
N ARG D 210 20.74 65.30 47.70
CA ARG D 210 21.78 66.08 48.35
C ARG D 210 22.67 66.73 47.31
N ALA D 211 23.77 67.34 47.76
CA ALA D 211 24.59 68.16 46.86
C ALA D 211 25.15 67.33 45.70
N VAL D 212 25.59 66.10 45.97
CA VAL D 212 26.32 65.31 44.99
C VAL D 212 25.41 64.31 44.27
N GLY D 213 24.10 64.44 44.43
CA GLY D 213 23.18 63.59 43.70
C GLY D 213 22.02 63.15 44.56
N GLU D 214 21.19 62.28 43.98
CA GLU D 214 20.03 61.75 44.69
C GLU D 214 20.46 60.66 45.67
N VAL D 215 19.57 60.34 46.61
CA VAL D 215 19.88 59.49 47.74
C VAL D 215 18.61 58.78 48.20
N PHE D 216 18.80 57.60 48.80
CA PHE D 216 17.73 56.81 49.37
C PHE D 216 17.96 56.67 50.88
N VAL D 217 16.92 56.92 51.66
CA VAL D 217 17.01 56.91 53.13
C VAL D 217 16.12 55.79 53.66
N VAL D 218 16.68 54.99 54.56
CA VAL D 218 16.00 53.81 55.11
C VAL D 218 15.83 54.00 56.61
N THR D 219 14.63 53.69 57.10
CA THR D 219 14.33 53.77 58.52
C THR D 219 13.33 52.67 58.86
N GLN D 220 13.20 52.39 60.16
CA GLN D 220 12.32 51.34 60.64
C GLN D 220 11.49 51.85 61.82
N GLN D 221 10.37 51.18 62.07
CA GLN D 221 9.46 51.58 63.12
C GLN D 221 8.57 50.40 63.50
N LEU D 222 8.19 50.34 64.76
CA LEU D 222 7.32 49.27 65.24
C LEU D 222 5.86 49.65 65.01
N GLU D 223 4.94 48.77 65.42
CA GLU D 223 3.52 49.05 65.22
C GLU D 223 3.08 50.26 66.03
N ASP D 224 3.53 50.36 67.27
CA ASP D 224 3.10 51.44 68.17
C ASP D 224 4.04 52.64 68.13
N GLY D 225 4.32 53.13 66.92
CA GLY D 225 4.99 54.40 66.77
C GLY D 225 6.46 54.46 67.09
N LEU D 226 6.96 53.52 67.88
CA LEU D 226 8.33 53.61 68.40
C LEU D 226 9.34 53.37 67.29
N MET D 227 10.30 54.28 67.16
CA MET D 227 11.38 54.12 66.19
C MET D 227 12.47 53.21 66.75
N LEU D 228 13.27 52.65 65.84
CA LEU D 228 14.34 51.72 66.21
C LEU D 228 15.70 52.18 65.71
N ASP D 229 15.86 53.46 65.39
CA ASP D 229 17.15 53.99 64.96
C ASP D 229 17.57 53.29 63.66
N ASN D 230 18.84 52.87 63.56
CA ASN D 230 19.38 52.15 62.42
C ASN D 230 19.34 52.96 61.13
N LEU D 231 19.35 54.29 61.20
CA LEU D 231 19.31 55.10 60.01
C LEU D 231 20.49 54.76 59.10
N GLU D 232 20.21 54.59 57.81
CA GLU D 232 21.22 54.31 56.81
C GLU D 232 20.94 55.13 55.56
N VAL D 233 22.00 55.42 54.82
CA VAL D 233 21.92 56.25 53.62
C VAL D 233 22.73 55.58 52.51
N TYR D 234 22.12 55.43 51.34
CA TYR D 234 22.78 54.84 50.19
C TYR D 234 22.67 55.75 48.98
N PRO D 235 23.69 55.83 48.14
CA PRO D 235 23.51 56.44 46.82
C PRO D 235 22.52 55.63 45.99
N GLU D 236 21.82 56.33 45.11
CA GLU D 236 20.74 55.70 44.34
C GLU D 236 21.24 54.50 43.54
N ALA D 237 22.52 54.47 43.18
CA ALA D 237 23.03 53.40 42.32
C ALA D 237 23.19 52.08 43.05
N ILE D 238 23.50 52.10 44.34
CA ILE D 238 23.82 50.88 45.08
C ILE D 238 22.79 50.63 46.16
N CYS D 239 21.55 51.05 45.94
CA CYS D 239 20.48 50.73 46.87
C CYS D 239 20.18 49.23 46.82
N PRO D 240 19.94 48.58 47.96
CA PRO D 240 19.69 47.14 47.96
C PRO D 240 18.25 46.72 47.65
N PHE D 241 17.33 47.65 47.49
CA PHE D 241 15.93 47.35 47.18
C PHE D 241 15.71 47.61 45.69
N ILE D 242 15.05 46.67 45.03
CA ILE D 242 14.85 46.74 43.58
C ILE D 242 13.42 46.38 43.23
N PRO D 243 12.52 47.35 43.01
CA PRO D 243 11.21 47.04 42.48
C PRO D 243 11.24 46.84 40.96
N ALA D 244 10.45 45.88 40.50
CA ALA D 244 10.46 45.49 39.10
C ALA D 244 9.03 45.31 38.61
N VAL D 245 8.86 45.40 37.29
CA VAL D 245 7.58 45.23 36.64
C VAL D 245 7.77 44.48 35.34
N TRP D 246 6.74 43.77 34.91
CA TRP D 246 6.75 43.04 33.65
C TRP D 246 6.22 43.90 32.50
N ASN D 247 5.02 44.45 32.66
CA ASN D 247 4.44 45.39 31.70
C ASN D 247 3.80 46.53 32.47
N LEU D 248 4.19 47.76 32.14
CA LEU D 248 3.77 48.94 32.89
C LEU D 248 3.05 49.89 31.94
N VAL D 249 1.73 50.01 32.11
CA VAL D 249 0.96 50.96 31.32
C VAL D 249 1.21 52.36 31.87
N THR D 250 1.54 53.29 30.98
CA THR D 250 1.83 54.65 31.41
C THR D 250 0.66 55.23 32.17
N GLY D 251 0.94 55.84 33.32
CA GLY D 251 -0.09 56.44 34.14
C GLY D 251 -0.38 55.66 35.41
N GLU D 252 -0.23 54.34 35.35
CA GLU D 252 -0.53 53.49 36.49
C GLU D 252 0.72 53.30 37.36
N THR D 253 0.57 52.55 38.45
CA THR D 253 1.63 52.35 39.42
C THR D 253 2.16 50.92 39.42
N TYR D 254 1.28 49.94 39.26
CA TYR D 254 1.68 48.54 39.25
C TYR D 254 1.63 47.97 37.84
N GLY D 255 2.46 46.96 37.59
CA GLY D 255 2.55 46.37 36.27
C GLY D 255 1.49 45.32 36.01
N ARG D 256 1.62 44.59 34.90
CA ARG D 256 0.69 43.54 34.53
C ARG D 256 1.47 42.31 34.11
N GLY D 257 0.84 41.15 34.26
CA GLY D 257 1.50 39.89 34.01
C GLY D 257 1.24 39.31 32.64
N LEU D 258 1.97 38.24 32.30
CA LEU D 258 1.77 37.59 30.99
C LEU D 258 0.47 36.82 30.96
N VAL D 259 0.07 36.24 32.10
CA VAL D 259 -1.14 35.41 32.13
C VAL D 259 -2.38 36.24 31.81
N GLU D 260 -2.37 37.54 32.14
CA GLU D 260 -3.54 38.37 31.92
C GLU D 260 -3.91 38.46 30.45
N ASP D 261 -2.96 38.22 29.55
CA ASP D 261 -3.23 38.30 28.12
C ASP D 261 -3.96 37.08 27.57
N TYR D 262 -4.04 36.00 28.34
CA TYR D 262 -4.56 34.72 27.85
C TYR D 262 -5.59 34.14 28.82
N ALA D 263 -6.40 35.00 29.44
CA ALA D 263 -7.36 34.51 30.44
C ALA D 263 -8.53 33.80 29.79
N GLY D 264 -8.92 34.23 28.58
CA GLY D 264 -10.09 33.64 27.95
C GLY D 264 -9.92 32.16 27.68
N ASP D 265 -8.75 31.75 27.19
CA ASP D 265 -8.52 30.34 26.88
C ASP D 265 -8.57 29.49 28.15
N LEU D 266 -7.95 29.96 29.23
CA LEU D 266 -7.98 29.21 30.48
C LEU D 266 -9.40 29.09 31.03
N ALA D 267 -10.16 30.18 30.96
CA ALA D 267 -11.54 30.14 31.42
C ALA D 267 -12.37 29.18 30.59
N LYS D 268 -12.14 29.16 29.29
CA LYS D 268 -12.88 28.24 28.41
C LYS D 268 -12.43 26.79 28.58
N LEU D 269 -11.21 26.57 29.08
CA LEU D 269 -10.68 25.24 29.29
C LEU D 269 -11.14 24.62 30.59
N SER D 270 -11.29 25.43 31.64
CA SER D 270 -11.69 24.89 32.94
C SER D 270 -13.07 24.23 32.87
N ALA D 271 -14.02 24.87 32.19
CA ALA D 271 -15.37 24.30 32.10
C ALA D 271 -15.38 22.98 31.35
N LEU D 272 -14.63 22.90 30.25
CA LEU D 272 -14.54 21.65 29.51
C LEU D 272 -13.91 20.55 30.36
N SER D 273 -12.91 20.91 31.17
CA SER D 273 -12.32 19.94 32.08
C SER D 273 -13.35 19.44 33.07
N GLU D 274 -14.18 20.34 33.60
CA GLU D 274 -15.23 19.94 34.54
C GLU D 274 -16.21 18.97 33.89
N ALA D 275 -16.62 19.28 32.65
CA ALA D 275 -17.56 18.40 31.96
C ALA D 275 -16.94 17.03 31.70
N LEU D 276 -15.67 17.00 31.32
CA LEU D 276 -14.98 15.73 31.12
C LEU D 276 -14.94 14.92 32.40
N ALA D 277 -14.68 15.59 33.54
CA ALA D 277 -14.69 14.90 34.81
C ALA D 277 -16.06 14.32 35.13
N LEU D 278 -17.13 15.09 34.84
CA LEU D 278 -18.47 14.59 35.08
C LEU D 278 -18.75 13.33 34.27
N TYR D 279 -18.41 13.35 32.99
CA TYR D 279 -18.61 12.16 32.16
C TYR D 279 -17.78 10.98 32.66
N GLU D 280 -16.53 11.23 33.05
CA GLU D 280 -15.70 10.15 33.56
C GLU D 280 -16.27 9.54 34.83
N ILE D 281 -16.85 10.35 35.71
CA ILE D 281 -17.53 9.81 36.89
C ILE D 281 -18.77 9.02 36.50
N GLU D 282 -19.53 9.50 35.52
CA GLU D 282 -20.69 8.75 35.04
C GLU D 282 -20.30 7.41 34.46
N ALA D 283 -19.07 7.28 33.94
CA ALA D 283 -18.65 6.03 33.31
C ALA D 283 -18.35 4.92 34.32
N CYS D 284 -18.66 5.10 35.60
CA CYS D 284 -18.35 4.12 36.63
C CYS D 284 -19.59 3.41 37.17
N ARG D 285 -20.66 3.34 36.39
CA ARG D 285 -21.84 2.58 36.77
C ARG D 285 -21.72 1.16 36.23
N VAL D 286 -21.69 0.17 37.12
CA VAL D 286 -21.59 -1.23 36.75
C VAL D 286 -22.93 -1.88 37.09
N LEU D 287 -23.76 -2.07 36.08
CA LEU D 287 -25.07 -2.67 36.24
C LEU D 287 -25.30 -3.72 35.17
N HIS D 288 -26.11 -4.72 35.51
CA HIS D 288 -26.55 -5.75 34.57
C HIS D 288 -28.06 -5.77 34.55
N MET D 289 -28.65 -5.66 33.37
CA MET D 289 -30.09 -5.53 33.22
C MET D 289 -30.68 -6.81 32.66
N ALA D 290 -31.73 -7.31 33.31
CA ALA D 290 -32.46 -8.47 32.85
C ALA D 290 -33.60 -8.02 31.95
N LYS D 291 -33.53 -8.39 30.67
CA LYS D 291 -34.53 -7.93 29.72
C LYS D 291 -35.91 -8.44 30.12
N PRO D 292 -36.95 -7.61 29.97
CA PRO D 292 -38.31 -8.07 30.22
C PRO D 292 -38.91 -8.77 29.01
N GLY D 293 -39.66 -9.84 29.27
CA GLY D 293 -40.28 -10.61 28.23
C GLY D 293 -39.44 -11.76 27.69
N SER D 294 -38.35 -12.10 28.35
CA SER D 294 -37.46 -13.17 27.91
C SER D 294 -37.52 -14.33 28.89
N GLN D 295 -37.36 -15.54 28.36
CA GLN D 295 -37.32 -16.73 29.20
C GLN D 295 -35.93 -16.92 29.77
N ILE D 296 -35.81 -16.83 31.10
CA ILE D 296 -34.53 -17.01 31.77
C ILE D 296 -34.80 -17.54 33.17
N ASP D 297 -33.76 -18.07 33.80
CA ASP D 297 -33.81 -18.54 35.19
C ASP D 297 -32.79 -17.73 35.97
N VAL D 298 -33.21 -16.58 36.49
CA VAL D 298 -32.28 -15.63 37.06
C VAL D 298 -31.56 -16.23 38.26
N ASP D 299 -32.29 -16.95 39.12
CA ASP D 299 -31.70 -17.48 40.33
C ASP D 299 -30.55 -18.45 40.01
N SER D 300 -30.78 -19.36 39.07
CA SER D 300 -29.73 -20.31 38.71
C SER D 300 -28.53 -19.60 38.08
N MET D 301 -28.79 -18.65 37.19
CA MET D 301 -27.69 -17.93 36.55
C MET D 301 -26.85 -17.17 37.58
N ALA D 302 -27.50 -16.62 38.61
CA ALA D 302 -26.82 -15.76 39.55
C ALA D 302 -26.28 -16.49 40.78
N GLU D 303 -26.66 -17.75 41.00
CA GLU D 303 -26.29 -18.44 42.23
C GLU D 303 -25.57 -19.77 42.02
N ARG D 304 -25.41 -20.23 40.79
CA ARG D 304 -24.76 -21.51 40.54
C ARG D 304 -23.25 -21.33 40.42
N GLU D 305 -22.52 -22.40 40.69
CA GLU D 305 -21.07 -22.40 40.54
C GLU D 305 -20.69 -22.39 39.05
N SER D 306 -19.50 -21.88 38.77
CA SER D 306 -19.05 -21.73 37.40
C SER D 306 -18.85 -23.11 36.75
N GLY D 307 -19.44 -23.30 35.58
CA GLY D 307 -19.31 -24.55 34.86
C GLY D 307 -20.63 -25.28 34.69
N ALA D 308 -21.68 -24.76 35.31
CA ALA D 308 -22.97 -25.44 35.31
C ALA D 308 -23.71 -25.19 34.00
N TRP D 309 -24.73 -26.02 33.77
CA TRP D 309 -25.65 -25.87 32.64
C TRP D 309 -27.00 -25.38 33.14
N VAL D 310 -27.56 -24.39 32.44
CA VAL D 310 -28.80 -23.76 32.84
C VAL D 310 -29.70 -23.65 31.61
N ALA D 311 -31.00 -23.50 31.86
CA ALA D 311 -31.99 -23.39 30.80
C ALA D 311 -32.46 -21.95 30.69
N GLY D 312 -32.34 -21.39 29.50
CA GLY D 312 -32.76 -20.02 29.25
C GLY D 312 -32.04 -19.47 28.02
N ASP D 313 -32.52 -18.33 27.55
CA ASP D 313 -31.91 -17.69 26.40
C ASP D 313 -30.48 -17.26 26.74
N PRO D 314 -29.53 -17.42 25.82
CA PRO D 314 -28.15 -17.02 26.12
C PRO D 314 -27.91 -15.52 26.02
N ASN D 315 -28.98 -14.75 25.85
CA ASN D 315 -28.85 -13.30 25.69
C ASN D 315 -29.89 -12.53 26.51
N GLY D 316 -30.41 -13.13 27.58
CA GLY D 316 -31.45 -12.47 28.36
C GLY D 316 -30.93 -11.39 29.29
N VAL D 317 -29.63 -11.34 29.53
CA VAL D 317 -29.02 -10.37 30.42
C VAL D 317 -27.95 -9.61 29.65
N ALA D 318 -27.97 -8.28 29.77
CA ALA D 318 -27.03 -7.42 29.06
C ALA D 318 -26.47 -6.38 30.01
N ALA D 319 -25.30 -5.87 29.68
CA ALA D 319 -24.64 -4.87 30.51
C ALA D 319 -25.18 -3.47 30.21
N TYR D 320 -25.29 -2.67 31.27
CA TYR D 320 -25.79 -1.32 31.16
C TYR D 320 -24.96 -0.52 30.16
N GLU D 321 -25.63 0.24 29.30
CA GLU D 321 -24.96 1.00 28.25
C GLU D 321 -25.66 2.35 28.10
N ALA D 322 -24.90 3.43 28.25
CA ALA D 322 -25.45 4.78 28.11
C ALA D 322 -24.85 5.56 26.94
N GLY D 323 -23.77 5.08 26.34
CA GLY D 323 -23.18 5.76 25.20
C GLY D 323 -22.38 6.99 25.55
N ASP D 324 -21.75 7.01 26.73
CA ASP D 324 -20.99 8.18 27.17
C ASP D 324 -19.51 8.09 26.85
N TYR D 325 -19.06 7.03 26.17
CA TYR D 325 -17.65 6.92 25.81
C TYR D 325 -17.31 7.84 24.64
N ASN D 326 -18.21 7.93 23.65
CA ASN D 326 -17.98 8.80 22.51
C ASN D 326 -17.84 10.25 22.95
N LYS D 327 -18.62 10.66 23.96
CA LYS D 327 -18.51 12.03 24.45
C LYS D 327 -17.16 12.30 25.08
N ILE D 328 -16.61 11.33 25.81
CA ILE D 328 -15.27 11.47 26.36
C ILE D 328 -14.26 11.62 25.22
N ILE D 329 -14.38 10.76 24.20
CA ILE D 329 -13.46 10.82 23.07
C ILE D 329 -13.52 12.19 22.41
N ALA D 330 -14.73 12.74 22.26
CA ALA D 330 -14.88 14.04 21.62
C ALA D 330 -14.29 15.16 22.47
N LEU D 331 -14.60 15.17 23.76
CA LEU D 331 -14.12 16.25 24.63
C LEU D 331 -12.60 16.26 24.72
N THR D 332 -11.98 15.07 24.78
CA THR D 332 -10.53 15.02 24.88
C THR D 332 -9.86 15.72 23.70
N GLN D 333 -10.37 15.51 22.49
CA GLN D 333 -9.75 16.11 21.31
C GLN D 333 -9.84 17.62 21.35
N GLU D 334 -11.00 18.17 21.73
CA GLU D 334 -11.13 19.62 21.81
C GLU D 334 -10.19 20.21 22.85
N ILE D 335 -10.11 19.57 24.03
CA ILE D 335 -9.22 20.08 25.07
C ILE D 335 -7.78 20.03 24.59
N GLN D 336 -7.39 18.93 23.94
CA GLN D 336 -6.03 18.81 23.43
C GLN D 336 -5.74 19.87 22.38
N SER D 337 -6.70 20.16 21.50
CA SER D 337 -6.49 21.17 20.48
C SER D 337 -6.26 22.54 21.10
N ILE D 338 -7.08 22.91 22.08
CA ILE D 338 -6.90 24.21 22.73
C ILE D 338 -5.54 24.26 23.43
N ALA D 339 -5.19 23.19 24.15
CA ALA D 339 -3.91 23.17 24.85
C ALA D 339 -2.75 23.33 23.88
N ALA D 340 -2.80 22.62 22.75
CA ALA D 340 -1.74 22.75 21.75
C ALA D 340 -1.68 24.16 21.18
N ARG D 341 -2.84 24.77 20.94
CA ARG D 341 -2.85 26.14 20.43
C ARG D 341 -2.25 27.12 21.41
N LEU D 342 -2.37 26.87 22.72
CA LEU D 342 -1.75 27.75 23.70
C LEU D 342 -0.26 27.54 23.86
N ALA D 343 0.29 26.45 23.29
CA ALA D 343 1.68 26.09 23.59
C ALA D 343 2.69 27.15 23.17
N PRO D 344 2.63 27.71 21.95
CA PRO D 344 3.73 28.59 21.53
C PRO D 344 3.94 29.80 22.42
N ALA D 345 2.86 30.37 22.98
CA ALA D 345 2.98 31.62 23.72
C ALA D 345 3.86 31.46 24.95
N PHE D 346 3.90 30.27 25.55
CA PHE D 346 4.64 30.03 26.78
C PHE D 346 5.97 29.32 26.53
N MET D 347 6.41 29.21 25.29
CA MET D 347 7.67 28.56 24.95
C MET D 347 7.70 27.12 25.46
N TYR D 348 6.69 26.35 25.06
CA TYR D 348 6.58 24.93 25.41
C TYR D 348 6.90 24.12 24.17
N ALA D 349 7.78 23.12 24.33
CA ALA D 349 8.18 22.27 23.21
C ALA D 349 8.56 20.89 23.71
N THR D 359 29.03 26.18 24.98
CA THR D 359 29.66 27.36 24.38
C THR D 359 28.74 28.57 24.49
N ALA D 360 29.34 29.76 24.48
CA ALA D 360 28.55 30.98 24.60
C ALA D 360 27.56 31.17 23.46
N GLU D 361 27.83 30.56 22.30
CA GLU D 361 26.91 30.68 21.17
C GLU D 361 25.57 30.01 21.45
N GLU D 362 25.56 28.91 22.21
CA GLU D 362 24.30 28.29 22.58
C GLU D 362 23.45 29.25 23.42
N ILE D 363 24.08 29.95 24.38
CA ILE D 363 23.35 30.92 25.17
C ILE D 363 22.90 32.08 24.29
N ARG D 364 23.74 32.52 23.35
CA ARG D 364 23.33 33.57 22.42
C ARG D 364 22.04 33.19 21.71
N GLN D 365 22.03 32.00 21.09
CA GLN D 365 20.87 31.57 20.32
C GLN D 365 19.64 31.38 21.21
N ASN D 366 19.84 30.81 22.41
CA ASN D 366 18.72 30.62 23.32
C ASN D 366 18.10 31.95 23.72
N ALA D 367 18.95 32.94 24.03
CA ALA D 367 18.44 34.26 24.39
C ALA D 367 17.73 34.92 23.21
N GLU D 368 18.26 34.77 22.00
CA GLU D 368 17.61 35.34 20.83
C GLU D 368 16.24 34.71 20.61
N GLU D 369 16.14 33.40 20.76
CA GLU D 369 14.85 32.74 20.57
C GLU D 369 13.88 33.11 21.69
N ALA D 370 14.39 33.33 22.90
CA ALA D 370 13.53 33.83 23.97
C ALA D 370 13.02 35.23 23.65
N GLU D 371 13.89 36.08 23.09
CA GLU D 371 13.44 37.37 22.59
C GLU D 371 12.31 37.21 21.59
N LEU D 372 12.47 36.29 20.64
CA LEU D 372 11.44 36.11 19.61
C LEU D 372 10.13 35.64 20.21
N ALA D 373 10.20 34.68 21.13
CA ALA D 373 8.97 34.11 21.69
C ALA D 373 8.25 35.12 22.59
N LEU D 374 8.98 35.74 23.52
CA LEU D 374 8.34 36.60 24.51
C LEU D 374 7.70 37.82 23.86
N GLY D 375 8.39 38.43 22.91
CA GLY D 375 7.89 39.62 22.24
C GLY D 375 8.54 40.92 22.65
N GLY D 376 9.59 40.88 23.47
CA GLY D 376 10.31 42.08 23.84
C GLY D 376 10.36 42.35 25.33
N VAL D 377 10.09 41.32 26.15
CA VAL D 377 10.18 41.47 27.60
C VAL D 377 11.53 41.02 28.16
N TYR D 378 12.22 40.09 27.49
CA TYR D 378 13.56 39.72 27.94
C TYR D 378 14.43 40.96 28.10
N SER D 379 14.35 41.89 27.15
CA SER D 379 15.10 43.13 27.26
C SER D 379 14.65 43.95 28.46
N VAL D 380 13.34 44.01 28.72
CA VAL D 380 12.86 44.79 29.86
C VAL D 380 13.37 44.19 31.17
N ILE D 381 13.29 42.86 31.30
CA ILE D 381 13.77 42.20 32.51
C ILE D 381 15.26 42.44 32.67
N ALA D 382 16.03 42.30 31.59
CA ALA D 382 17.46 42.54 31.66
C ALA D 382 17.75 43.98 32.10
N ASP D 383 17.04 44.94 31.52
CA ASP D 383 17.27 46.34 31.87
C ASP D 383 16.96 46.60 33.33
N THR D 384 15.86 46.04 33.84
CA THR D 384 15.41 46.35 35.19
C THR D 384 16.12 45.53 36.27
N LEU D 385 16.85 44.47 35.91
CA LEU D 385 17.55 43.68 36.91
C LEU D 385 19.07 43.74 36.82
N HIS D 386 19.63 43.79 35.61
CA HIS D 386 21.07 43.63 35.46
C HIS D 386 21.82 44.86 35.97
N ILE D 387 21.28 46.07 35.73
CA ILE D 387 22.05 47.29 36.02
C ILE D 387 22.36 47.43 37.50
N PRO D 388 21.41 47.28 38.42
CA PRO D 388 21.75 47.50 39.85
C PRO D 388 22.53 46.35 40.45
N LEU D 389 22.22 45.11 40.06
CA LEU D 389 22.95 43.97 40.61
C LEU D 389 24.43 44.03 40.26
N ALA D 390 24.77 44.47 39.05
CA ALA D 390 26.17 44.60 38.67
C ALA D 390 26.89 45.57 39.61
N HIS D 391 26.29 46.73 39.86
CA HIS D 391 26.91 47.70 40.77
C HIS D 391 27.05 47.11 42.17
N ILE D 392 26.01 46.44 42.66
CA ILE D 392 26.07 45.91 44.02
C ILE D 392 27.18 44.87 44.14
N LEU D 393 27.25 43.94 43.19
CA LEU D 393 28.29 42.91 43.25
C LEU D 393 29.69 43.50 43.10
N CYS D 394 29.86 44.47 42.20
CA CYS D 394 31.16 45.09 42.05
C CYS D 394 31.57 45.81 43.34
N TRP D 395 30.63 46.50 43.98
CA TRP D 395 30.92 47.12 45.27
C TRP D 395 31.30 46.08 46.30
N GLU D 396 30.62 44.94 46.32
CA GLU D 396 30.97 43.87 47.24
C GLU D 396 32.39 43.37 47.02
N VAL D 397 32.81 43.23 45.75
CA VAL D 397 34.13 42.71 45.46
C VAL D 397 35.23 43.76 45.59
N ASN D 398 34.91 45.05 45.41
CA ASN D 398 35.93 46.09 45.50
C ASN D 398 35.22 47.39 45.91
N GLN D 399 35.34 47.75 47.19
CA GLN D 399 34.65 48.92 47.71
C GLN D 399 35.33 50.22 47.27
N GLN D 400 36.66 50.25 47.30
CA GLN D 400 37.38 51.50 47.06
C GLN D 400 37.13 52.04 45.67
N PHE D 401 37.18 51.15 44.66
CA PHE D 401 37.03 51.61 43.28
C PHE D 401 35.67 52.26 43.05
N ILE D 402 34.61 51.64 43.58
CA ILE D 402 33.27 52.20 43.39
C ILE D 402 33.08 53.46 44.21
N ASN D 403 33.67 53.53 45.41
CA ASN D 403 33.51 54.71 46.26
C ASN D 403 34.07 55.96 45.56
N GLU D 404 35.23 55.82 44.92
CA GLU D 404 35.80 56.95 44.21
C GLU D 404 34.91 57.41 43.07
N LEU D 405 34.34 56.48 42.32
CA LEU D 405 33.50 56.84 41.18
C LEU D 405 32.22 57.54 41.61
N LEU D 406 31.59 57.09 42.68
CA LEU D 406 30.32 57.66 43.13
C LEU D 406 30.49 59.03 43.76
N SER D 407 31.58 59.26 44.48
CA SER D 407 31.79 60.55 45.13
C SER D 407 31.88 61.68 44.11
N ASN D 408 32.59 61.45 43.02
CA ASN D 408 32.74 62.48 42.00
C ASN D 408 31.43 62.72 41.26
N GLY D 409 30.63 61.68 41.04
CA GLY D 409 29.34 61.79 40.37
C GLY D 409 29.17 60.85 39.19
N LEU D 410 30.24 60.60 38.45
CA LEU D 410 30.15 59.71 37.30
C LEU D 410 29.88 58.28 37.76
N THR D 411 29.32 57.49 36.85
CA THR D 411 28.88 56.13 37.14
C THR D 411 29.39 55.18 36.06
N LEU D 412 29.46 53.90 36.42
CA LEU D 412 29.92 52.87 35.50
C LEU D 412 28.95 52.71 34.33
N SER D 413 29.50 52.35 33.18
CA SER D 413 28.70 52.05 32.00
C SER D 413 28.61 50.54 31.82
N VAL D 414 27.39 50.04 31.63
CA VAL D 414 27.13 48.61 31.51
C VAL D 414 26.24 48.37 30.29
N LEU D 415 26.53 47.30 29.57
CA LEU D 415 25.78 46.92 28.37
C LEU D 415 24.88 45.75 28.68
N THR D 416 23.62 45.83 28.24
CA THR D 416 22.64 44.77 28.47
C THR D 416 21.65 44.76 27.31
N GLY D 417 20.66 43.88 27.42
CA GLY D 417 19.69 43.72 26.35
C GLY D 417 20.23 42.89 25.21
N VAL D 418 20.51 41.61 25.48
CA VAL D 418 21.19 40.71 24.55
C VAL D 418 22.32 41.47 23.86
N ALA D 419 23.08 42.25 24.65
CA ALA D 419 24.22 42.97 24.10
C ALA D 419 25.43 42.90 25.02
N ALA D 420 25.57 41.85 25.82
CA ALA D 420 26.70 41.67 26.73
C ALA D 420 27.77 40.81 26.09
N LEU D 421 27.91 40.89 24.76
CA LEU D 421 28.85 40.09 24.00
C LEU D 421 30.18 40.82 23.78
N SER D 422 30.44 41.90 24.52
CA SER D 422 31.65 42.68 24.32
C SER D 422 32.89 41.80 24.43
N ARG D 423 32.98 41.01 25.49
CA ARG D 423 34.14 40.13 25.72
C ARG D 423 33.73 38.66 25.61
N SER D 424 32.68 38.37 24.86
CA SER D 424 32.14 37.02 24.79
C SER D 424 32.55 36.29 23.51
N THR D 425 32.33 36.91 22.36
CA THR D 425 32.49 36.24 21.07
C THR D 425 33.32 37.11 20.13
N ASP D 426 34.43 37.64 20.63
CA ASP D 426 35.37 38.35 19.78
C ASP D 426 36.39 37.40 19.16
N VAL D 427 36.62 36.25 19.80
CA VAL D 427 37.59 35.29 19.27
C VAL D 427 37.12 34.71 17.94
N ASN D 428 35.80 34.64 17.73
CA ASN D 428 35.28 34.13 16.47
C ASN D 428 35.65 35.06 15.32
N LYS D 429 35.60 36.37 15.55
CA LYS D 429 35.97 37.35 14.54
C LYS D 429 37.46 37.41 14.29
N LEU D 430 38.28 36.90 15.21
CA LEU D 430 39.72 36.78 15.02
C LEU D 430 40.11 35.50 14.29
N ILE D 431 39.40 34.41 14.56
CA ILE D 431 39.68 33.14 13.88
C ILE D 431 39.43 33.29 12.38
N GLN D 432 38.34 33.96 12.01
CA GLN D 432 38.02 34.15 10.60
C GLN D 432 39.09 34.99 9.92
N ALA D 433 39.53 36.07 10.56
CA ALA D 433 40.59 36.89 10.00
C ALA D 433 41.87 36.09 9.82
N ALA D 434 42.22 35.27 10.81
CA ALA D 434 43.41 34.44 10.69
C ALA D 434 43.28 33.46 9.53
N GLN D 435 42.10 32.85 9.37
CA GLN D 435 41.91 31.91 8.27
C GLN D 435 42.04 32.59 6.92
N SER D 436 41.46 33.78 6.76
CA SER D 436 41.58 34.51 5.50
C SER D 436 43.00 34.98 5.22
N LEU D 437 43.71 35.46 6.25
CA LEU D 437 45.09 35.90 6.11
C LEU D 437 46.01 34.77 5.70
N SER D 438 45.65 33.51 5.99
CA SER D 438 46.45 32.37 5.58
C SER D 438 46.20 31.99 4.13
N VAL D 439 45.18 32.58 3.50
CA VAL D 439 44.91 32.33 2.09
C VAL D 439 45.31 33.51 1.21
N ILE D 440 45.27 34.73 1.73
CA ILE D 440 45.57 35.90 0.90
C ILE D 440 47.07 36.21 0.87
N LEU D 441 47.78 36.02 1.98
CA LEU D 441 49.19 36.41 2.04
C LEU D 441 50.10 35.45 1.29
N PRO D 442 49.83 34.14 1.29
CA PRO D 442 50.68 33.25 0.47
C PRO D 442 50.75 33.70 -0.98
N VAL D 443 49.62 34.18 -1.53
CA VAL D 443 49.66 34.90 -2.80
C VAL D 443 50.08 36.34 -2.52
N PHE D 444 50.56 37.02 -3.57
CA PHE D 444 51.07 38.39 -3.51
C PHE D 444 52.46 38.44 -2.88
N GLN D 445 53.04 37.30 -2.50
CA GLN D 445 54.37 37.30 -1.93
C GLN D 445 55.44 37.62 -2.98
N ASN D 446 55.21 37.22 -4.23
CA ASN D 446 56.15 37.49 -5.31
C ASN D 446 55.97 38.87 -5.91
N THR D 447 54.72 39.34 -6.02
CA THR D 447 54.49 40.64 -6.60
C THR D 447 54.93 41.73 -5.63
N PRO D 448 55.87 42.61 -6.03
CA PRO D 448 56.32 43.67 -5.12
C PRO D 448 55.51 44.97 -5.19
N ARG D 449 54.45 45.01 -5.98
CA ARG D 449 53.66 46.23 -6.14
C ARG D 449 52.56 46.36 -5.09
N VAL D 450 52.24 45.29 -4.37
CA VAL D 450 51.16 45.28 -3.39
C VAL D 450 51.80 45.26 -2.01
N ASP D 451 51.44 46.23 -1.18
CA ASP D 451 52.02 46.32 0.15
C ASP D 451 51.25 45.41 1.12
N PRO D 452 51.93 44.48 1.81
CA PRO D 452 51.22 43.62 2.76
C PRO D 452 50.58 44.38 3.91
N GLU D 453 51.16 45.49 4.35
CA GLU D 453 50.60 46.24 5.47
C GLU D 453 49.20 46.77 5.17
N LYS D 454 48.97 47.27 3.96
CA LYS D 454 47.63 47.73 3.58
C LYS D 454 46.62 46.59 3.54
N ILE D 455 47.00 45.41 3.04
CA ILE D 455 46.10 44.27 3.10
C ILE D 455 45.77 43.92 4.54
N LEU D 456 46.78 43.92 5.41
CA LEU D 456 46.53 43.63 6.82
C LEU D 456 45.55 44.63 7.43
N ASP D 457 45.80 45.92 7.20
CA ASP D 457 44.98 46.98 7.76
C ASP D 457 43.56 46.99 7.20
N MET D 458 43.37 46.50 5.97
CA MET D 458 42.04 46.36 5.41
C MET D 458 41.30 45.15 5.96
N VAL D 459 41.95 43.99 6.00
CA VAL D 459 41.29 42.79 6.49
C VAL D 459 40.93 42.92 7.96
N LEU D 460 41.84 43.44 8.79
CA LEU D 460 41.56 43.55 10.21
C LEU D 460 40.37 44.47 10.47
N THR D 461 40.36 45.64 9.85
CA THR D 461 39.25 46.58 10.07
C THR D 461 37.96 46.08 9.44
N GLY D 462 38.06 45.24 8.41
CA GLY D 462 36.85 44.75 7.77
C GLY D 462 35.97 43.95 8.71
N PHE D 463 36.59 43.11 9.54
CA PHE D 463 35.86 42.24 10.44
C PHE D 463 35.44 42.95 11.73
N GLY D 464 35.92 44.16 11.95
CA GLY D 464 35.53 44.90 13.13
C GLY D 464 36.43 44.71 14.33
N ILE D 465 37.75 44.81 14.14
CA ILE D 465 38.72 44.70 15.22
C ILE D 465 39.48 46.01 15.34
N ASN D 466 39.50 46.57 16.55
CA ASN D 466 40.26 47.79 16.81
C ASN D 466 41.74 47.45 16.80
N THR D 467 42.45 47.90 15.76
CA THR D 467 43.86 47.55 15.60
C THR D 467 44.73 48.07 16.74
N LYS D 468 44.27 49.05 17.51
CA LYS D 468 45.07 49.64 18.58
C LYS D 468 45.36 48.64 19.70
N ASP D 469 44.65 47.53 19.76
CA ASP D 469 44.87 46.52 20.80
C ASP D 469 45.78 45.38 20.34
N LEU D 470 46.28 45.43 19.11
CA LEU D 470 47.15 44.38 18.58
C LEU D 470 48.49 44.92 18.10
N TYR D 471 48.50 46.08 17.45
CA TYR D 471 49.72 46.59 16.86
C TYR D 471 50.74 46.97 17.93
N ARG D 472 52.02 46.82 17.59
CA ARG D 472 53.10 47.20 18.48
C ARG D 472 53.37 48.69 18.37
N THR D 473 53.88 49.26 19.46
CA THR D 473 54.23 50.67 19.49
C THR D 473 55.61 50.89 18.86
N GLU D 474 55.93 52.15 18.59
CA GLU D 474 57.19 52.49 17.94
C GLU D 474 58.37 52.08 18.81
N GLU D 475 58.28 52.31 20.12
CA GLU D 475 59.38 51.97 21.01
C GLU D 475 59.68 50.48 20.98
N GLN D 476 58.63 49.65 21.00
CA GLN D 476 58.84 48.20 20.98
C GLN D 476 59.52 47.77 19.68
N LEU D 477 59.09 48.36 18.56
CA LEU D 477 59.71 48.02 17.29
C LEU D 477 61.19 48.43 17.28
N GLN D 478 61.50 49.61 17.81
CA GLN D 478 62.88 50.05 17.86
C GLN D 478 63.71 49.11 18.73
N ALA D 479 63.16 48.71 19.87
CA ALA D 479 63.90 47.79 20.75
C ALA D 479 64.14 46.45 20.07
N LEU D 480 63.12 45.93 19.38
CA LEU D 480 63.28 44.66 18.67
C LEU D 480 64.34 44.78 17.58
N GLN D 481 64.33 45.88 16.83
CA GLN D 481 65.34 46.07 15.79
C GLN D 481 66.74 46.17 16.39
N ALA D 482 66.87 46.88 17.52
CA ALA D 482 68.17 46.99 18.17
C ALA D 482 68.66 45.63 18.66
N ALA D 483 67.76 44.81 19.21
CA ALA D 483 68.12 43.48 19.72
C ALA D 483 68.35 42.56 18.54
N GLN D 484 69.51 42.71 17.91
CA GLN D 484 69.89 41.89 16.77
C GLN D 484 71.40 41.76 16.66
N THR E 7 1.23 79.66 26.33
CA THR E 7 -0.09 79.11 25.91
C THR E 7 0.08 77.94 24.95
N TYR E 8 1.08 77.09 25.22
CA TYR E 8 1.33 75.95 24.35
C TYR E 8 0.17 74.97 24.34
N GLU E 9 -0.73 75.03 25.32
CA GLU E 9 -1.91 74.18 25.30
C GLU E 9 -2.78 74.48 24.09
N SER E 10 -2.88 75.75 23.72
CA SER E 10 -3.65 76.11 22.53
C SER E 10 -3.09 75.45 21.28
N LEU E 11 -1.76 75.54 21.09
CA LEU E 11 -1.15 74.89 19.94
C LEU E 11 -1.34 73.38 19.98
N TYR E 12 -1.14 72.79 21.17
CA TYR E 12 -1.29 71.34 21.30
C TYR E 12 -2.69 70.90 20.89
N THR E 13 -3.72 71.64 21.31
CA THR E 13 -5.08 71.28 20.93
C THR E 13 -5.33 71.57 19.46
N LYS E 14 -4.72 72.64 18.93
CA LYS E 14 -4.95 73.01 17.54
C LYS E 14 -4.42 71.96 16.57
N TYR E 15 -3.24 71.39 16.86
CA TYR E 15 -2.56 70.54 15.91
C TYR E 15 -3.02 69.08 15.95
N ARG E 16 -4.02 68.74 16.76
CA ARG E 16 -4.48 67.37 16.84
C ARG E 16 -5.40 67.03 15.67
N ASP E 17 -5.53 65.72 15.41
CA ASP E 17 -6.42 65.19 14.38
C ASP E 17 -7.29 64.14 15.05
N ASP E 18 -8.53 64.50 15.36
CA ASP E 18 -9.40 63.61 16.12
C ASP E 18 -9.82 62.40 15.31
N SER E 19 -9.99 62.55 14.00
CA SER E 19 -10.45 61.43 13.18
C SER E 19 -9.47 60.27 13.23
N ALA E 20 -8.19 60.54 13.05
CA ALA E 20 -7.19 59.47 13.09
C ALA E 20 -7.14 58.83 14.47
N ILE E 21 -7.19 59.64 15.53
CA ILE E 21 -7.13 59.10 16.88
C ILE E 21 -8.30 58.18 17.16
N LEU E 22 -9.50 58.56 16.73
CA LEU E 22 -10.67 57.73 16.93
C LEU E 22 -10.64 56.47 16.07
N LYS E 23 -10.14 56.56 14.84
CA LYS E 23 -10.09 55.39 13.98
C LYS E 23 -9.05 54.38 14.45
N THR E 24 -7.91 54.84 14.96
CA THR E 24 -6.83 53.93 15.33
C THR E 24 -7.12 53.14 16.60
N GLU E 25 -8.32 53.25 17.18
CA GLU E 25 -8.65 52.47 18.36
C GLU E 25 -8.90 51.01 18.00
N ASP E 26 -9.60 50.76 16.90
CA ASP E 26 -9.93 49.39 16.52
C ASP E 26 -8.67 48.59 16.21
N TYR E 27 -7.71 49.21 15.52
CA TYR E 27 -6.49 48.50 15.16
C TYR E 27 -5.76 48.01 16.40
N ALA E 28 -5.64 48.87 17.42
CA ALA E 28 -5.06 48.44 18.68
C ALA E 28 -5.92 47.38 19.36
N HIS E 29 -7.24 47.56 19.31
CA HIS E 29 -8.14 46.60 19.95
C HIS E 29 -8.04 45.19 19.38
N TRP E 30 -7.68 45.07 18.10
CA TRP E 30 -7.56 43.75 17.49
C TRP E 30 -6.23 43.08 17.77
N THR E 31 -5.18 43.82 18.09
CA THR E 31 -3.85 43.26 18.25
C THR E 31 -3.31 43.36 19.67
N LEU E 32 -3.21 44.57 20.22
CA LEU E 32 -2.58 44.78 21.53
C LEU E 32 -3.16 46.02 22.18
N PRO E 33 -4.26 45.86 22.93
CA PRO E 33 -4.92 47.05 23.50
C PRO E 33 -4.04 47.87 24.43
N THR E 34 -3.16 47.23 25.19
CA THR E 34 -2.42 47.93 26.23
C THR E 34 -1.39 48.91 25.70
N VAL E 35 -1.05 48.84 24.41
CA VAL E 35 -0.07 49.76 23.83
C VAL E 35 -0.64 51.13 23.53
N TYR E 36 -1.97 51.25 23.45
CA TYR E 36 -2.63 52.47 23.01
C TYR E 36 -3.58 53.02 24.07
N ALA E 37 -3.29 52.78 25.35
CA ALA E 37 -4.18 53.22 26.41
C ALA E 37 -4.06 54.73 26.63
N ASP E 38 -5.21 55.36 26.93
CA ASP E 38 -5.24 56.80 27.13
C ASP E 38 -4.67 57.14 28.50
N PRO E 39 -3.64 58.00 28.58
CA PRO E 39 -3.07 58.35 29.89
C PRO E 39 -3.88 59.37 30.67
N ASP E 40 -4.89 59.99 30.08
CA ASP E 40 -5.63 61.06 30.74
C ASP E 40 -6.86 60.57 31.50
N LEU E 41 -7.18 59.27 31.43
CA LEU E 41 -8.29 58.70 32.17
C LEU E 41 -7.84 57.98 33.44
N ARG E 42 -6.55 58.04 33.78
CA ARG E 42 -6.02 57.33 34.93
C ARG E 42 -5.15 58.27 35.74
N GLU E 43 -5.15 58.05 37.06
CA GLU E 43 -4.38 58.87 37.99
C GLU E 43 -3.57 58.01 38.94
N GLY E 44 -3.11 56.85 38.49
CA GLY E 44 -2.32 55.96 39.31
C GLY E 44 -3.05 54.73 39.80
N LYS E 45 -4.19 54.39 39.20
CA LYS E 45 -4.94 53.20 39.57
C LYS E 45 -5.38 52.48 38.31
N ARG E 46 -5.58 51.17 38.42
CA ARG E 46 -5.93 50.35 37.27
C ARG E 46 -7.33 50.67 36.77
N VAL E 47 -7.46 50.84 35.46
CA VAL E 47 -8.76 50.89 34.78
C VAL E 47 -8.74 49.78 33.73
N ASN E 48 -9.76 48.92 33.77
CA ASN E 48 -9.71 47.68 33.01
C ASN E 48 -9.67 47.95 31.51
N VAL E 49 -8.97 47.06 30.80
CA VAL E 49 -8.87 47.08 29.35
C VAL E 49 -9.40 45.76 28.81
N ARG E 50 -10.32 45.85 27.84
CA ARG E 50 -10.97 44.66 27.32
C ARG E 50 -10.14 44.03 26.21
N ARG E 51 -10.35 42.73 26.02
CA ARG E 51 -9.63 41.93 25.03
C ARG E 51 -10.62 41.40 24.00
N ASP E 52 -10.07 40.73 22.98
CA ASP E 52 -10.85 40.24 21.85
C ASP E 52 -10.92 38.72 21.88
N TYR E 53 -11.83 38.17 21.06
CA TYR E 53 -12.05 36.73 21.04
C TYR E 53 -10.93 35.95 20.38
N GLN E 54 -10.01 36.63 19.69
CA GLN E 54 -8.94 35.97 18.96
C GLN E 54 -7.59 36.57 19.34
N SER E 55 -6.56 35.72 19.33
CA SER E 55 -5.21 36.13 19.71
C SER E 55 -4.19 35.97 18.60
N VAL E 56 -4.62 35.83 17.34
CA VAL E 56 -3.67 35.68 16.24
C VAL E 56 -2.88 36.97 16.03
N GLY E 57 -3.57 38.11 16.02
CA GLY E 57 -2.89 39.36 15.78
C GLY E 57 -1.81 39.66 16.79
N ALA E 58 -2.08 39.34 18.06
CA ALA E 58 -1.08 39.60 19.11
C ALA E 58 0.19 38.82 18.84
N VAL E 59 0.07 37.53 18.53
CA VAL E 59 1.24 36.70 18.28
C VAL E 59 2.00 37.21 17.06
N TYR E 60 1.27 37.51 15.98
CA TYR E 60 1.93 37.97 14.77
C TYR E 60 2.68 39.27 15.01
N VAL E 61 2.05 40.22 15.70
CA VAL E 61 2.69 41.52 15.95
C VAL E 61 3.90 41.36 16.84
N ASN E 62 3.78 40.54 17.90
CA ASN E 62 4.91 40.32 18.78
C ASN E 62 6.09 39.74 18.00
N THR E 63 5.83 38.71 17.19
CA THR E 63 6.91 38.08 16.44
C THR E 63 7.57 39.07 15.50
N LEU E 64 6.77 39.83 14.74
CA LEU E 64 7.33 40.75 13.76
C LEU E 64 8.14 41.85 14.45
N SER E 65 7.61 42.41 15.54
CA SER E 65 8.31 43.47 16.24
C SER E 65 9.62 42.98 16.82
N ALA E 66 9.62 41.78 17.41
CA ALA E 66 10.86 41.23 17.94
C ALA E 66 11.87 40.96 16.84
N LYS E 67 11.40 40.45 15.69
CA LYS E 67 12.33 40.09 14.62
C LYS E 67 12.93 41.33 13.96
N LEU E 68 12.14 42.40 13.81
CA LEU E 68 12.65 43.59 13.14
C LEU E 68 13.84 44.21 13.85
N ALA E 69 13.90 44.11 15.18
CA ALA E 69 14.97 44.78 15.93
C ALA E 69 16.33 44.18 15.59
N GLN E 70 16.38 42.85 15.45
CA GLN E 70 17.66 42.20 15.18
C GLN E 70 18.21 42.59 13.82
N VAL E 71 17.34 42.73 12.82
CA VAL E 71 17.80 43.06 11.47
C VAL E 71 18.32 44.48 11.39
N LEU E 72 17.61 45.44 11.97
CA LEU E 72 17.98 46.85 11.89
C LEU E 72 19.19 47.19 12.77
N PHE E 73 19.30 46.59 13.95
CA PHE E 73 20.34 46.94 14.92
C PHE E 73 21.09 45.68 15.33
N PRO E 74 21.95 45.16 14.46
CA PRO E 74 22.75 43.99 14.83
C PRO E 74 23.69 44.32 15.97
N ALA E 75 23.99 43.31 16.79
CA ALA E 75 24.74 43.50 18.02
C ALA E 75 26.24 43.30 17.85
N ASN E 76 26.72 42.99 16.65
CA ASN E 76 28.14 42.68 16.46
C ASN E 76 28.70 43.35 15.21
N GLN E 77 28.12 44.48 14.82
CA GLN E 77 28.65 45.26 13.71
C GLN E 77 27.84 46.55 13.59
N ALA E 78 28.50 47.58 13.04
CA ALA E 78 27.84 48.87 12.87
C ALA E 78 26.73 48.77 11.82
N PHE E 79 25.72 49.63 11.99
CA PHE E 79 24.59 49.67 11.07
C PHE E 79 24.70 50.82 10.06
N PHE E 80 25.81 51.54 10.03
CA PHE E 80 26.00 52.65 9.11
C PHE E 80 27.45 52.71 8.68
N ARG E 81 27.68 53.30 7.51
CA ARG E 81 29.01 53.43 6.94
C ARG E 81 29.19 54.84 6.40
N ILE E 82 30.44 55.30 6.37
CA ILE E 82 30.77 56.63 5.85
C ILE E 82 31.50 56.48 4.52
N ASP E 83 31.05 57.23 3.52
CA ASP E 83 31.64 57.14 2.19
C ASP E 83 33.00 57.82 2.15
N SER E 84 33.03 59.12 2.47
CA SER E 84 34.28 59.87 2.55
C SER E 84 34.86 60.17 1.18
N THR E 85 34.20 59.70 0.12
CA THR E 85 34.69 59.97 -1.22
C THR E 85 34.34 61.39 -1.68
N GLY E 86 33.42 62.05 -0.98
CA GLY E 86 33.02 63.39 -1.33
C GLY E 86 34.16 64.38 -1.33
N ASP E 87 34.74 64.62 -0.15
CA ASP E 87 35.85 65.57 -0.04
C ASP E 87 36.72 65.14 1.15
N ALA E 88 37.86 64.53 0.85
CA ALA E 88 38.75 64.06 1.90
C ALA E 88 39.53 65.21 2.52
N ALA E 89 39.65 66.34 1.83
CA ALA E 89 40.44 67.46 2.32
C ALA E 89 39.93 67.95 3.67
N GLN E 90 38.68 68.40 3.71
CA GLN E 90 38.11 68.92 4.95
C GLN E 90 38.00 67.85 6.02
N LEU E 91 37.64 66.61 5.64
CA LEU E 91 37.53 65.55 6.62
C LEU E 91 38.86 65.28 7.29
N ALA E 92 39.95 65.25 6.52
CA ALA E 92 41.28 65.06 7.10
C ALA E 92 41.71 66.26 7.91
N GLU E 93 41.35 67.47 7.48
CA GLU E 93 41.74 68.68 8.20
C GLU E 93 41.02 68.80 9.54
N ALA E 94 39.81 68.26 9.64
CA ALA E 94 39.06 68.36 10.89
C ALA E 94 39.73 67.56 12.01
N MET E 95 40.06 66.29 11.74
CA MET E 95 40.73 65.47 12.75
C MET E 95 42.20 65.84 12.87
N GLY E 96 42.83 66.24 11.76
CA GLY E 96 44.24 66.51 11.75
C GLY E 96 45.05 65.25 11.50
N ALA E 97 44.76 64.57 10.39
CA ALA E 97 45.42 63.32 10.05
C ALA E 97 45.97 63.44 8.63
N GLU E 98 46.64 62.38 8.18
CA GLU E 98 47.24 62.37 6.86
C GLU E 98 46.17 62.10 5.80
N SER E 99 46.59 62.11 4.53
CA SER E 99 45.65 61.91 3.43
C SER E 99 45.12 60.48 3.42
N ALA E 100 45.96 59.51 3.81
CA ALA E 100 45.59 58.11 3.75
C ALA E 100 45.10 57.55 5.08
N ASP E 101 45.42 58.21 6.20
CA ASP E 101 44.98 57.73 7.51
C ASP E 101 43.49 57.95 7.73
N LEU E 102 42.83 58.69 6.85
CA LEU E 102 41.40 58.94 6.99
C LEU E 102 40.60 57.64 6.92
N ALA E 103 41.01 56.71 6.05
CA ALA E 103 40.30 55.45 5.92
C ALA E 103 40.31 54.68 7.25
N ASN E 104 41.46 54.67 7.92
CA ASN E 104 41.54 53.98 9.20
C ASN E 104 40.79 54.74 10.29
N GLY E 105 40.88 56.07 10.30
CA GLY E 105 40.22 56.84 11.33
C GLY E 105 38.71 56.73 11.27
N LEU E 106 38.14 56.82 10.07
CA LEU E 106 36.70 56.71 9.93
C LEU E 106 36.22 55.32 10.36
N ALA E 107 36.96 54.28 9.98
CA ALA E 107 36.60 52.93 10.39
C ALA E 107 36.65 52.79 11.91
N GLU E 108 37.69 53.34 12.54
CA GLU E 108 37.77 53.29 14.00
C GLU E 108 36.58 53.99 14.64
N LEU E 109 36.23 55.17 14.15
CA LEU E 109 35.10 55.90 14.71
C LEU E 109 33.80 55.10 14.56
N GLU E 110 33.55 54.57 13.37
CA GLU E 110 32.34 53.80 13.16
C GLU E 110 32.28 52.57 14.06
N ASN E 111 33.41 51.87 14.18
CA ASN E 111 33.44 50.66 15.01
C ASN E 111 33.20 50.97 16.47
N THR E 112 33.81 52.05 16.99
CA THR E 112 33.71 52.36 18.40
C THR E 112 32.43 53.12 18.76
N ALA E 113 31.70 53.63 17.77
CA ALA E 113 30.56 54.49 18.07
C ALA E 113 29.28 53.70 18.30
N PHE E 114 29.06 52.61 17.54
CA PHE E 114 27.74 52.00 17.52
C PHE E 114 27.40 51.26 18.81
N ARG E 115 28.39 50.96 19.65
CA ARG E 115 28.10 50.30 20.92
C ARG E 115 27.27 51.17 21.86
N ARG E 116 27.23 52.48 21.66
CA ARG E 116 26.53 53.37 22.59
C ARG E 116 25.02 53.16 22.60
N ILE E 117 24.47 52.39 21.66
CA ILE E 117 23.03 52.22 21.58
C ILE E 117 22.50 51.23 22.63
N PHE E 118 23.37 50.55 23.36
CA PHE E 118 22.97 49.54 24.33
C PHE E 118 23.12 49.99 25.77
N LEU E 119 23.20 51.29 26.03
CA LEU E 119 23.38 51.77 27.39
C LEU E 119 22.04 52.18 28.01
N LYS E 120 21.79 51.71 29.22
CA LYS E 120 20.67 52.20 30.04
C LYS E 120 19.32 51.90 29.39
N SER E 121 19.14 50.68 28.90
CA SER E 121 17.82 50.18 28.48
C SER E 121 17.29 50.94 27.26
N SER E 122 18.10 51.12 26.22
CA SER E 122 17.60 51.71 24.99
C SER E 122 16.94 50.67 24.09
N TYR E 123 17.41 49.42 24.14
CA TYR E 123 16.93 48.38 23.24
C TYR E 123 15.44 48.11 23.47
N HIS E 124 15.01 48.09 24.73
CA HIS E 124 13.59 47.88 25.02
C HIS E 124 12.74 49.00 24.44
N GLN E 125 13.22 50.24 24.54
CA GLN E 125 12.49 51.36 23.97
C GLN E 125 12.45 51.27 22.44
N LEU E 126 13.52 50.77 21.82
CA LEU E 126 13.51 50.57 20.38
C LEU E 126 12.46 49.53 20.00
N VAL E 127 12.36 48.45 20.75
CA VAL E 127 11.35 47.42 20.43
C VAL E 127 9.95 48.00 20.61
N HIS E 128 9.73 48.77 21.67
CA HIS E 128 8.43 49.40 21.87
C HIS E 128 8.10 50.36 20.72
N ALA E 129 9.10 51.10 20.25
CA ALA E 129 8.88 51.99 19.12
C ALA E 129 8.53 51.22 17.86
N MET E 130 9.15 50.07 17.64
CA MET E 130 8.79 49.25 16.50
C MET E 130 7.34 48.77 16.59
N LYS E 131 6.92 48.34 17.78
CA LYS E 131 5.52 47.97 17.97
C LYS E 131 4.60 49.14 17.64
N LEU E 132 4.93 50.32 18.16
CA LEU E 132 4.09 51.49 17.92
C LEU E 132 4.00 51.82 16.43
N LEU E 133 5.14 51.76 15.73
CA LEU E 133 5.14 52.03 14.30
C LEU E 133 4.28 51.02 13.56
N ILE E 134 4.38 49.74 13.93
CA ILE E 134 3.63 48.72 13.21
C ILE E 134 2.12 48.89 13.43
N ILE E 135 1.69 49.18 14.66
CA ILE E 135 0.26 49.22 14.93
C ILE E 135 -0.36 50.56 14.57
N THR E 136 0.29 51.67 14.95
CA THR E 136 -0.29 52.99 14.74
C THR E 136 0.39 53.82 13.67
N GLY E 137 1.62 53.47 13.28
CA GLY E 137 2.29 54.17 12.21
C GLY E 137 2.85 55.53 12.58
N ASN E 138 3.02 55.81 13.88
CA ASN E 138 3.58 57.08 14.32
C ASN E 138 4.31 56.87 15.63
N VAL E 139 5.40 57.61 15.83
CA VAL E 139 6.18 57.54 17.07
C VAL E 139 7.11 58.75 17.13
N LEU E 140 7.31 59.25 18.34
CA LEU E 140 8.27 60.31 18.61
C LEU E 140 9.34 59.76 19.54
N LEU E 141 10.61 59.98 19.18
CA LEU E 141 11.73 59.39 19.87
C LEU E 141 12.63 60.48 20.43
N TYR E 142 12.95 60.37 21.71
CA TYR E 142 13.79 61.36 22.40
C TYR E 142 15.01 60.65 22.97
N ARG E 143 16.19 61.18 22.66
CA ARG E 143 17.46 60.59 23.07
C ARG E 143 18.17 61.61 23.97
N ASP E 144 18.50 61.20 25.18
CA ASP E 144 19.18 62.06 26.15
C ASP E 144 20.66 61.75 26.12
N SER E 145 21.48 62.77 25.80
CA SER E 145 22.91 62.57 25.66
C SER E 145 23.62 62.49 27.01
N ASN E 146 23.13 63.21 28.02
CA ASN E 146 23.83 63.27 29.29
C ASN E 146 23.94 61.89 29.93
N THR E 147 22.87 61.11 29.91
CA THR E 147 22.84 59.79 30.53
C THR E 147 22.96 58.64 29.54
N GLY E 148 22.34 58.75 28.37
CA GLY E 148 22.33 57.67 27.41
C GLY E 148 21.05 56.88 27.37
N ASN E 149 19.93 57.46 27.78
CA ASN E 149 18.65 56.78 27.79
C ASN E 149 17.72 57.36 26.73
N MET E 150 16.73 56.56 26.34
CA MET E 150 15.77 56.93 25.31
C MET E 150 14.36 56.67 25.81
N HIS E 151 13.39 57.29 25.14
CA HIS E 151 11.98 57.11 25.47
C HIS E 151 11.17 57.28 24.20
N ALA E 152 10.04 56.58 24.13
CA ALA E 152 9.16 56.61 22.96
C ALA E 152 7.76 57.04 23.38
N TYR E 153 7.14 57.89 22.56
CA TYR E 153 5.82 58.43 22.84
C TYR E 153 4.87 58.07 21.71
N SER E 154 3.59 57.97 22.05
CA SER E 154 2.55 57.72 21.06
C SER E 154 1.90 59.05 20.66
N ILE E 155 0.97 59.01 19.70
CA ILE E 155 0.31 60.23 19.25
C ILE E 155 -0.67 60.78 20.25
N ARG E 156 -0.87 60.10 21.38
CA ARG E 156 -1.74 60.61 22.44
C ARG E 156 -1.03 61.62 23.33
N GLN E 157 0.27 61.85 23.14
CA GLN E 157 1.03 62.77 23.97
C GLN E 157 1.72 63.87 23.18
N TYR E 158 1.58 63.91 21.86
CA TYR E 158 2.24 64.93 21.07
C TYR E 158 1.50 65.14 19.76
N SER E 159 1.78 66.28 19.12
CA SER E 159 1.18 66.63 17.84
C SER E 159 2.20 67.44 17.05
N VAL E 160 2.12 67.32 15.72
CA VAL E 160 3.11 67.90 14.83
C VAL E 160 2.40 68.67 13.72
N LEU E 161 3.15 69.56 13.08
CA LEU E 161 2.69 70.35 11.95
C LEU E 161 3.72 70.26 10.83
N ARG E 162 3.25 70.10 9.61
CA ARG E 162 4.15 69.97 8.46
C ARG E 162 3.50 70.60 7.24
N ASP E 163 4.33 70.95 6.27
CA ASP E 163 3.87 71.53 5.01
C ASP E 163 3.25 70.46 4.13
N GLY E 164 2.85 70.86 2.92
CA GLY E 164 2.41 69.90 1.93
C GLY E 164 3.52 69.06 1.37
N GLY E 165 4.78 69.53 1.47
CA GLY E 165 5.92 68.78 1.01
C GLY E 165 6.48 67.79 2.02
N GLY E 166 5.98 67.81 3.26
CA GLY E 166 6.39 66.86 4.26
C GLY E 166 7.34 67.40 5.32
N LYS E 167 7.88 68.60 5.13
CA LYS E 167 8.79 69.16 6.12
C LYS E 167 8.07 69.43 7.43
N VAL E 168 8.68 69.04 8.54
CA VAL E 168 8.14 69.26 9.87
C VAL E 168 8.54 70.65 10.32
N LEU E 169 7.55 71.45 10.77
CA LEU E 169 7.78 72.83 11.14
C LEU E 169 7.73 73.05 12.65
N ASP E 170 6.82 72.37 13.35
CA ASP E 170 6.60 72.62 14.76
C ASP E 170 6.12 71.34 15.44
N MET E 171 6.29 71.29 16.76
CA MET E 171 5.85 70.17 17.57
C MET E 171 5.58 70.64 18.99
N VAL E 172 4.69 69.94 19.68
CA VAL E 172 4.37 70.19 21.08
C VAL E 172 4.23 68.86 21.79
N LEU E 173 4.72 68.78 23.03
CA LEU E 173 4.73 67.54 23.79
C LEU E 173 4.22 67.81 25.20
N LYS E 174 3.38 66.90 25.70
CA LYS E 174 2.82 67.00 27.04
C LYS E 174 3.44 65.94 27.94
N GLU E 175 3.60 66.30 29.22
CA GLU E 175 4.17 65.38 30.20
C GLU E 175 3.66 65.77 31.58
N ARG E 176 3.53 64.78 32.46
CA ARG E 176 3.00 64.97 33.80
C ARG E 176 4.08 64.67 34.84
N THR E 177 4.06 65.42 35.93
CA THR E 177 5.05 65.27 36.99
C THR E 177 4.47 65.85 38.27
N VAL E 178 5.33 66.05 39.28
CA VAL E 178 4.93 66.58 40.57
C VAL E 178 5.79 67.79 40.90
N ILE E 179 5.34 68.55 41.90
CA ILE E 179 6.01 69.80 42.24
C ILE E 179 7.43 69.57 42.74
N SER E 180 7.65 68.48 43.48
CA SER E 180 8.96 68.25 44.08
C SER E 180 10.05 68.12 43.03
N GLU E 181 9.69 67.82 41.78
CA GLU E 181 10.69 67.62 40.73
C GLU E 181 11.11 68.92 40.07
N LEU E 182 10.43 70.02 40.35
CA LEU E 182 10.71 71.28 39.66
C LEU E 182 11.99 71.92 40.17
N PRO E 183 12.58 72.84 39.41
CA PRO E 183 13.80 73.51 39.86
C PRO E 183 13.53 74.41 41.06
N VAL E 184 14.61 74.69 41.81
CA VAL E 184 14.49 75.51 43.00
C VAL E 184 13.95 76.89 42.67
N GLU E 185 14.33 77.43 41.51
CA GLU E 185 13.89 78.78 41.15
C GLU E 185 12.39 78.86 41.03
N ALA E 186 11.76 77.85 40.42
CA ALA E 186 10.32 77.85 40.22
C ALA E 186 9.54 77.28 41.40
N ARG E 187 10.21 76.58 42.32
CA ARG E 187 9.51 76.00 43.45
C ARG E 187 9.32 76.99 44.60
N ILE E 188 9.97 78.15 44.55
CA ILE E 188 9.69 79.19 45.54
C ILE E 188 8.24 79.63 45.43
N LYS E 189 7.75 79.79 44.20
CA LYS E 189 6.31 79.93 43.97
C LYS E 189 5.64 78.59 44.24
N TYR E 190 4.32 78.58 44.28
CA TYR E 190 3.58 77.38 44.66
C TYR E 190 4.05 76.91 46.03
N ARG E 191 4.40 77.85 46.91
CA ARG E 191 4.85 77.46 48.24
C ARG E 191 3.79 76.65 48.96
N ASN E 192 2.53 77.07 48.88
CA ASN E 192 1.42 76.28 49.35
C ASN E 192 1.13 75.16 48.36
N ARG E 193 0.32 74.20 48.80
CA ARG E 193 -0.05 73.03 47.99
C ARG E 193 1.16 72.19 47.62
N LYS E 194 2.20 72.17 48.44
CA LYS E 194 3.42 71.42 48.13
C LYS E 194 3.25 69.95 48.50
N GLN E 195 2.16 69.37 48.01
CA GLN E 195 1.91 67.94 48.11
C GLN E 195 2.45 67.25 46.87
N ASP E 196 2.06 65.99 46.66
CA ASP E 196 2.45 65.27 45.46
C ASP E 196 1.38 65.45 44.38
N ASP E 197 0.76 66.62 44.35
CA ASP E 197 -0.25 66.91 43.34
C ASP E 197 0.38 66.88 41.95
N CYS E 198 -0.38 66.41 40.97
CA CYS E 198 0.10 66.32 39.60
C CYS E 198 0.00 67.67 38.91
N ILE E 199 1.02 68.02 38.13
CA ILE E 199 1.05 69.25 37.34
C ILE E 199 1.58 68.91 35.95
N CYS E 200 0.97 69.51 34.93
CA CYS E 200 1.33 69.24 33.54
C CYS E 200 2.47 70.14 33.09
N LEU E 201 3.26 69.64 32.14
CA LEU E 201 4.39 70.37 31.58
C LEU E 201 4.34 70.26 30.07
N TYR E 202 4.71 71.35 29.38
CA TYR E 202 4.64 71.43 27.93
C TYR E 202 5.99 71.83 27.37
N THR E 203 6.37 71.20 26.26
CA THR E 203 7.60 71.51 25.54
C THR E 203 7.28 71.81 24.08
N ARG E 204 8.04 72.74 23.50
CA ARG E 204 7.84 73.16 22.12
C ARG E 204 9.15 73.11 21.36
N ILE E 205 9.11 72.56 20.16
CA ILE E 205 10.25 72.50 19.25
C ILE E 205 9.85 73.22 17.96
N LYS E 206 10.63 74.22 17.57
CA LYS E 206 10.30 75.05 16.43
C LYS E 206 11.50 75.19 15.51
N ARG E 207 11.24 75.18 14.20
CA ARG E 207 12.29 75.37 13.22
C ARG E 207 12.49 76.86 12.92
N GLU E 208 13.76 77.24 12.76
CA GLU E 208 14.12 78.61 12.42
C GLU E 208 15.43 78.57 11.65
N ARG E 209 15.68 79.62 10.88
CA ARG E 209 16.89 79.71 10.07
C ARG E 209 17.78 80.85 10.54
N ARG E 210 19.08 80.57 10.65
CA ARG E 210 20.09 81.58 10.92
C ARG E 210 21.07 81.65 9.76
N ALA E 211 22.16 82.41 9.94
CA ALA E 211 23.06 82.68 8.82
C ALA E 211 23.67 81.40 8.26
N VAL E 212 24.06 80.48 9.14
CA VAL E 212 24.83 79.30 8.74
C VAL E 212 23.95 78.08 8.54
N GLY E 213 22.64 78.24 8.51
CA GLY E 213 21.75 77.13 8.23
C GLY E 213 20.52 77.16 9.11
N GLU E 214 19.71 76.12 8.97
CA GLU E 214 18.49 75.99 9.76
C GLU E 214 18.82 75.54 11.17
N VAL E 215 17.85 75.71 12.06
CA VAL E 215 18.05 75.54 13.50
C VAL E 215 16.73 75.12 14.15
N PHE E 216 16.84 74.40 15.27
CA PHE E 216 15.71 74.00 16.07
C PHE E 216 15.83 74.61 17.46
N VAL E 217 14.74 75.21 17.94
CA VAL E 217 14.72 75.93 19.21
C VAL E 217 13.77 75.21 20.16
N VAL E 218 14.23 74.95 21.38
CA VAL E 218 13.49 74.20 22.38
C VAL E 218 13.21 75.10 23.57
N THR E 219 11.97 75.07 24.06
CA THR E 219 11.58 75.83 25.23
C THR E 219 10.52 75.04 25.99
N GLN E 220 10.28 75.44 27.24
CA GLN E 220 9.34 74.75 28.12
C GLN E 220 8.45 75.77 28.81
N GLN E 221 7.30 75.29 29.28
CA GLN E 221 6.33 76.15 29.92
C GLN E 221 5.38 75.30 30.76
N LEU E 222 4.90 75.87 31.86
CA LEU E 222 3.97 75.17 32.74
C LEU E 222 2.54 75.38 32.24
N GLU E 223 1.57 74.80 32.95
CA GLU E 223 0.17 74.92 32.54
C GLU E 223 -0.29 76.37 32.60
N ASP E 224 0.07 77.08 33.66
CA ASP E 224 -0.40 78.46 33.88
C ASP E 224 0.58 79.48 33.31
N GLY E 225 0.96 79.31 32.05
CA GLY E 225 1.68 80.36 31.33
C GLY E 225 3.12 80.58 31.71
N LEU E 226 3.54 80.15 32.89
CA LEU E 226 4.86 80.52 33.40
C LEU E 226 5.95 79.77 32.64
N MET E 227 6.94 80.51 32.15
CA MET E 227 8.09 79.91 31.47
C MET E 227 9.11 79.40 32.48
N LEU E 228 9.95 78.46 32.04
CA LEU E 228 10.96 77.86 32.90
C LEU E 228 12.37 78.02 32.34
N ASP E 229 12.59 78.98 31.45
CA ASP E 229 13.92 79.23 30.92
C ASP E 229 14.42 78.00 30.17
N ASN E 230 15.68 77.60 30.39
CA ASN E 230 16.27 76.40 29.80
C ASN E 230 16.35 76.47 28.28
N LEU E 231 16.39 77.67 27.69
CA LEU E 231 16.47 77.79 26.24
C LEU E 231 17.70 77.05 25.72
N GLU E 232 17.51 76.26 24.67
CA GLU E 232 18.58 75.53 24.01
C GLU E 232 18.41 75.62 22.51
N VAL E 233 19.53 75.53 21.80
CA VAL E 233 19.57 75.64 20.35
C VAL E 233 20.44 74.53 19.79
N TYR E 234 19.91 73.81 18.79
CA TYR E 234 20.64 72.73 18.14
C TYR E 234 20.63 72.93 16.63
N PRO E 235 21.72 72.59 15.95
CA PRO E 235 21.65 72.47 14.49
C PRO E 235 20.70 71.34 14.09
N GLU E 236 20.09 71.51 12.92
CA GLU E 236 19.05 70.56 12.50
C GLU E 236 19.57 69.13 12.43
N ALA E 237 20.87 68.94 12.24
CA ALA E 237 21.41 67.60 12.05
C ALA E 237 21.48 66.80 13.35
N ILE E 238 21.70 67.47 14.48
CA ILE E 238 21.93 66.77 15.75
C ILE E 238 20.81 67.08 16.74
N CYS E 239 19.61 67.32 16.23
CA CYS E 239 18.47 67.49 17.12
C CYS E 239 18.13 66.17 17.79
N PRO E 240 17.78 66.17 19.08
CA PRO E 240 17.50 64.90 19.78
C PRO E 240 16.07 64.38 19.61
N PHE E 241 15.18 65.10 18.94
CA PHE E 241 13.81 64.66 18.70
C PHE E 241 13.70 64.15 17.28
N ILE E 242 13.07 62.99 17.11
CA ILE E 242 12.98 62.34 15.80
C ILE E 242 11.56 61.84 15.56
N PRO E 243 10.72 62.56 14.83
CA PRO E 243 9.43 62.02 14.42
C PRO E 243 9.57 61.10 13.21
N ALA E 244 8.78 60.02 13.23
CA ALA E 244 8.89 58.99 12.21
C ALA E 244 7.49 58.57 11.75
N VAL E 245 7.43 58.00 10.55
CA VAL E 245 6.18 57.52 9.98
C VAL E 245 6.46 56.21 9.24
N TRP E 246 5.43 55.38 9.14
CA TRP E 246 5.51 54.12 8.40
C TRP E 246 5.10 54.30 6.95
N ASN E 247 3.91 54.84 6.72
CA ASN E 247 3.43 55.17 5.39
C ASN E 247 2.76 56.54 5.45
N LEU E 248 3.21 57.45 4.57
CA LEU E 248 2.77 58.84 4.60
C LEU E 248 2.14 59.19 3.25
N VAL E 249 0.83 59.35 3.24
CA VAL E 249 0.13 59.79 2.03
C VAL E 249 0.39 61.28 1.84
N THR E 250 0.81 61.65 0.63
CA THR E 250 1.11 63.04 0.36
C THR E 250 -0.10 63.92 0.63
N GLY E 251 0.11 65.01 1.36
CA GLY E 251 -0.95 65.94 1.68
C GLY E 251 -1.36 65.88 3.14
N GLU E 252 -1.24 64.71 3.76
CA GLU E 252 -1.65 64.52 5.15
C GLU E 252 -0.48 64.81 6.08
N THR E 253 -0.73 64.70 7.38
CA THR E 253 0.26 65.01 8.41
C THR E 253 0.75 63.78 9.16
N TYR E 254 -0.14 62.83 9.43
CA TYR E 254 0.21 61.62 10.15
C TYR E 254 0.24 60.43 9.21
N GLY E 255 1.07 59.43 9.55
CA GLY E 255 1.23 58.27 8.71
C GLY E 255 0.16 57.20 8.92
N ARG E 256 0.36 56.03 8.33
CA ARG E 256 -0.58 54.93 8.44
C ARG E 256 0.20 53.65 8.75
N GLY E 257 -0.47 52.72 9.41
CA GLY E 257 0.17 51.50 9.87
C GLY E 257 -0.01 50.32 8.94
N LEU E 258 0.71 49.23 9.23
CA LEU E 258 0.59 48.02 8.42
C LEU E 258 -0.73 47.31 8.67
N VAL E 259 -1.23 47.37 9.90
CA VAL E 259 -2.46 46.65 10.25
C VAL E 259 -3.64 47.20 9.47
N GLU E 260 -3.62 48.49 9.12
CA GLU E 260 -4.75 49.09 8.42
C GLU E 260 -5.01 48.44 7.07
N ASP E 261 -4.00 47.80 6.48
CA ASP E 261 -4.17 47.16 5.18
C ASP E 261 -4.89 45.82 5.26
N TYR E 262 -5.05 45.25 6.46
CA TYR E 262 -5.58 43.90 6.62
C TYR E 262 -6.69 43.87 7.66
N ALA E 263 -7.52 44.91 7.72
CA ALA E 263 -8.56 44.97 8.75
C ALA E 263 -9.71 44.01 8.45
N GLY E 264 -9.99 43.79 7.16
CA GLY E 264 -11.12 42.94 6.80
C GLY E 264 -10.98 41.53 7.32
N ASP E 265 -9.79 40.94 7.20
CA ASP E 265 -9.58 39.58 7.64
C ASP E 265 -9.75 39.45 9.15
N LEU E 266 -9.20 40.41 9.90
CA LEU E 266 -9.34 40.37 11.36
C LEU E 266 -10.79 40.52 11.77
N ALA E 267 -11.52 41.44 11.12
CA ALA E 267 -12.93 41.61 11.44
C ALA E 267 -13.72 40.35 11.13
N LYS E 268 -13.40 39.69 10.02
CA LYS E 268 -14.10 38.45 9.66
C LYS E 268 -13.70 37.29 10.56
N LEU E 269 -12.53 37.35 11.19
CA LEU E 269 -12.05 36.29 12.07
C LEU E 269 -12.63 36.40 13.47
N SER E 270 -12.83 37.63 13.97
CA SER E 270 -13.34 37.79 15.32
C SER E 270 -14.72 37.16 15.50
N ALA E 271 -15.60 37.37 14.52
CA ALA E 271 -16.96 36.83 14.62
C ALA E 271 -16.95 35.30 14.61
N LEU E 272 -16.13 34.70 13.75
CA LEU E 272 -16.02 33.25 13.74
C LEU E 272 -15.49 32.73 15.07
N SER E 273 -14.53 33.44 15.67
CA SER E 273 -14.04 33.05 16.99
C SER E 273 -15.16 33.11 18.02
N GLU E 274 -16.00 34.14 17.96
CA GLU E 274 -17.12 34.24 18.90
C GLU E 274 -18.08 33.07 18.72
N ALA E 275 -18.39 32.72 17.48
CA ALA E 275 -19.30 31.60 17.23
C ALA E 275 -18.71 30.29 17.74
N LEU E 276 -17.41 30.09 17.52
CA LEU E 276 -16.75 28.89 18.03
C LEU E 276 -16.83 28.83 19.54
N ALA E 277 -16.63 29.97 20.21
CA ALA E 277 -16.75 30.01 21.67
C ALA E 277 -18.16 29.65 22.11
N LEU E 278 -19.17 30.16 21.40
CA LEU E 278 -20.55 29.83 21.74
C LEU E 278 -20.80 28.33 21.65
N TYR E 279 -20.37 27.71 20.55
CA TYR E 279 -20.54 26.26 20.41
C TYR E 279 -19.79 25.50 21.49
N GLU E 280 -18.56 25.92 21.79
CA GLU E 280 -17.80 25.24 22.84
C GLU E 280 -18.48 25.33 24.19
N ILE E 281 -19.09 26.46 24.51
CA ILE E 281 -19.87 26.57 25.75
C ILE E 281 -21.10 25.69 25.71
N GLU E 282 -21.78 25.62 24.55
CA GLU E 282 -22.92 24.71 24.43
C GLU E 282 -22.52 23.25 24.61
N ALA E 283 -21.27 22.90 24.32
CA ALA E 283 -20.84 21.51 24.44
C ALA E 283 -20.64 21.05 25.87
N CYS E 284 -21.04 21.84 26.87
CA CYS E 284 -20.83 21.49 28.27
C CYS E 284 -22.13 21.14 29.00
N ARG E 285 -23.15 20.67 28.27
CA ARG E 285 -24.37 20.19 28.89
C ARG E 285 -24.25 18.69 29.12
N VAL E 286 -24.32 18.28 30.38
CA VAL E 286 -24.22 16.87 30.77
C VAL E 286 -25.61 16.46 31.28
N LEU E 287 -26.37 15.78 30.43
CA LEU E 287 -27.70 15.32 30.77
C LEU E 287 -27.88 13.87 30.34
N HIS E 288 -28.75 13.17 31.07
CA HIS E 288 -29.14 11.80 30.73
C HIS E 288 -30.65 11.77 30.61
N MET E 289 -31.15 11.26 29.48
CA MET E 289 -32.57 11.29 29.18
C MET E 289 -33.15 9.89 29.28
N ALA E 290 -34.26 9.78 30.01
CA ALA E 290 -34.98 8.52 30.13
C ALA E 290 -36.05 8.46 29.04
N LYS E 291 -35.90 7.51 28.12
CA LYS E 291 -36.81 7.42 26.99
C LYS E 291 -38.23 7.16 27.48
N PRO E 292 -39.23 7.80 26.86
CA PRO E 292 -40.62 7.50 27.21
C PRO E 292 -41.15 6.29 26.45
N GLY E 293 -41.95 5.50 27.14
CA GLY E 293 -42.52 4.29 26.58
C GLY E 293 -41.67 3.04 26.74
N SER E 294 -40.64 3.08 27.57
CA SER E 294 -39.75 1.95 27.77
C SER E 294 -39.91 1.42 29.20
N GLN E 295 -39.75 0.10 29.35
CA GLN E 295 -39.80 -0.52 30.67
C GLN E 295 -38.46 -0.39 31.37
N ILE E 296 -38.44 0.35 32.47
CA ILE E 296 -37.22 0.54 33.25
C ILE E 296 -37.60 0.78 34.70
N ASP E 297 -36.63 0.64 35.60
CA ASP E 297 -36.80 0.92 37.02
C ASP E 297 -35.81 2.01 37.39
N VAL E 298 -36.24 3.27 37.23
CA VAL E 298 -35.32 4.39 37.32
C VAL E 298 -34.71 4.48 38.72
N ASP E 299 -35.52 4.26 39.76
CA ASP E 299 -35.03 4.40 41.12
C ASP E 299 -33.89 3.42 41.40
N SER E 300 -34.08 2.15 41.02
CA SER E 300 -33.03 1.16 41.26
C SER E 300 -31.77 1.48 40.46
N MET E 301 -31.93 1.88 39.19
CA MET E 301 -30.77 2.19 38.38
C MET E 301 -29.99 3.36 38.95
N ALA E 302 -30.69 4.35 39.52
CA ALA E 302 -30.06 5.57 39.96
C ALA E 302 -29.64 5.55 41.43
N GLU E 303 -30.07 4.57 42.22
CA GLU E 303 -29.80 4.57 43.65
C GLU E 303 -29.11 3.32 44.18
N ARG E 304 -28.87 2.30 43.35
CA ARG E 304 -28.24 1.08 43.82
C ARG E 304 -26.72 1.21 43.74
N GLU E 305 -26.05 0.40 44.57
CA GLU E 305 -24.59 0.35 44.54
C GLU E 305 -24.11 -0.36 43.28
N SER E 306 -22.88 -0.05 42.89
CA SER E 306 -22.33 -0.61 41.65
C SER E 306 -22.12 -2.11 41.80
N GLY E 307 -22.63 -2.86 40.82
CA GLY E 307 -22.49 -4.31 40.82
C GLY E 307 -23.81 -5.04 40.94
N ALA E 308 -24.89 -4.30 41.14
CA ALA E 308 -26.19 -4.90 41.37
C ALA E 308 -26.83 -5.35 40.06
N TRP E 309 -27.85 -6.19 40.19
CA TRP E 309 -28.68 -6.63 39.07
C TRP E 309 -30.05 -5.97 39.16
N VAL E 310 -30.53 -5.46 38.01
CA VAL E 310 -31.78 -4.72 37.96
C VAL E 310 -32.58 -5.25 36.77
N ALA E 311 -33.89 -5.02 36.81
CA ALA E 311 -34.80 -5.45 35.75
C ALA E 311 -35.22 -4.26 34.91
N GLY E 312 -34.99 -4.36 33.61
CA GLY E 312 -35.35 -3.30 32.68
C GLY E 312 -34.53 -3.41 31.41
N ASP E 313 -34.94 -2.66 30.40
CA ASP E 313 -34.23 -2.67 29.14
C ASP E 313 -32.82 -2.11 29.33
N PRO E 314 -31.81 -2.70 28.69
CA PRO E 314 -30.45 -2.19 28.86
C PRO E 314 -30.16 -0.94 28.04
N ASN E 315 -31.20 -0.35 27.44
CA ASN E 315 -31.00 0.83 26.59
C ASN E 315 -32.08 1.89 26.84
N GLY E 316 -32.70 1.89 28.01
CA GLY E 316 -33.77 2.84 28.29
C GLY E 316 -33.29 4.24 28.60
N VAL E 317 -32.00 4.42 28.89
CA VAL E 317 -31.44 5.71 29.22
C VAL E 317 -30.29 6.01 28.26
N ALA E 318 -30.28 7.21 27.71
CA ALA E 318 -29.26 7.62 26.75
C ALA E 318 -28.75 9.00 27.10
N ALA E 319 -27.55 9.30 26.64
CA ALA E 319 -26.92 10.58 26.93
C ALA E 319 -27.39 11.65 25.94
N TYR E 320 -27.56 12.86 26.45
CA TYR E 320 -28.02 13.98 25.64
C TYR E 320 -27.09 14.19 24.45
N GLU E 321 -27.68 14.42 23.27
CA GLU E 321 -26.91 14.56 22.05
C GLU E 321 -27.55 15.65 21.20
N ALA E 322 -26.78 16.67 20.84
CA ALA E 322 -27.28 17.77 20.02
C ALA E 322 -26.57 17.88 18.67
N GLY E 323 -25.47 17.18 18.47
CA GLY E 323 -24.78 17.22 17.20
C GLY E 323 -23.97 18.47 16.96
N ASP E 324 -23.42 19.07 18.01
CA ASP E 324 -22.67 20.32 17.86
C ASP E 324 -21.16 20.09 17.75
N TYR E 325 -20.70 18.83 17.73
CA TYR E 325 -19.27 18.58 17.57
C TYR E 325 -18.83 18.81 16.12
N ASN E 326 -19.65 18.39 15.17
CA ASN E 326 -19.31 18.58 13.76
C ASN E 326 -19.16 20.07 13.43
N LYS E 327 -20.00 20.91 14.05
CA LYS E 327 -19.89 22.34 13.80
C LYS E 327 -18.58 22.90 14.32
N ILE E 328 -18.11 22.42 15.48
CA ILE E 328 -16.81 22.84 15.98
C ILE E 328 -15.71 22.41 15.01
N ILE E 329 -15.79 21.16 14.54
CA ILE E 329 -14.78 20.66 13.59
C ILE E 329 -14.76 21.53 12.35
N ALA E 330 -15.94 21.92 11.85
CA ALA E 330 -16.01 22.73 10.64
C ALA E 330 -15.44 24.13 10.87
N LEU E 331 -15.85 24.78 11.96
CA LEU E 331 -15.40 26.15 12.22
C LEU E 331 -13.90 26.21 12.41
N THR E 332 -13.31 25.22 13.09
CA THR E 332 -11.87 25.24 13.32
C THR E 332 -11.11 25.27 12.01
N GLN E 333 -11.53 24.49 11.02
CA GLN E 333 -10.81 24.43 9.75
C GLN E 333 -10.86 25.77 9.02
N GLU E 334 -12.03 26.42 8.99
CA GLU E 334 -12.12 27.72 8.33
C GLU E 334 -11.24 28.75 9.02
N ILE E 335 -11.26 28.78 10.36
CA ILE E 335 -10.44 29.74 11.08
C ILE E 335 -8.97 29.49 10.80
N GLN E 336 -8.57 28.21 10.81
CA GLN E 336 -7.18 27.87 10.53
C GLN E 336 -6.78 28.28 9.12
N SER E 337 -7.67 28.07 8.14
CA SER E 337 -7.35 28.45 6.77
C SER E 337 -7.13 29.95 6.65
N ILE E 338 -8.01 30.75 7.27
CA ILE E 338 -7.83 32.21 7.20
C ILE E 338 -6.53 32.61 7.88
N ALA E 339 -6.26 32.04 9.06
CA ALA E 339 -5.04 32.38 9.78
C ALA E 339 -3.80 32.05 8.95
N ALA E 340 -3.80 30.88 8.30
CA ALA E 340 -2.66 30.51 7.46
C ALA E 340 -2.52 31.45 6.28
N ARG E 341 -3.65 31.85 5.68
CA ARG E 341 -3.58 32.79 4.56
C ARG E 341 -3.02 34.13 4.98
N LEU E 342 -3.25 34.56 6.22
CA LEU E 342 -2.68 35.82 6.69
C LEU E 342 -1.20 35.72 7.04
N ALA E 343 -0.65 34.51 7.13
CA ALA E 343 0.70 34.36 7.67
C ALA E 343 1.77 35.08 6.87
N PRO E 344 1.82 34.97 5.53
CA PRO E 344 2.97 35.54 4.81
C PRO E 344 3.15 37.04 5.01
N ALA E 345 2.05 37.79 5.12
CA ALA E 345 2.15 39.24 5.15
C ALA E 345 2.94 39.73 6.37
N PHE E 346 2.90 38.99 7.47
CA PHE E 346 3.54 39.39 8.71
C PHE E 346 4.86 38.67 8.96
N MET E 347 5.39 37.96 7.96
CA MET E 347 6.65 37.24 8.10
C MET E 347 6.60 36.24 9.26
N TYR E 348 5.60 35.36 9.21
CA TYR E 348 5.43 34.31 10.20
C TYR E 348 5.82 32.98 9.56
N ALA E 349 6.65 32.21 10.25
CA ALA E 349 7.10 30.93 9.73
C ALA E 349 7.41 29.98 10.88
N THR E 359 27.88 35.44 10.94
CA THR E 359 28.58 36.16 9.90
C THR E 359 27.69 37.26 9.32
N ALA E 360 28.32 38.30 8.76
CA ALA E 360 27.56 39.41 8.21
C ALA E 360 26.67 38.99 7.05
N GLU E 361 27.00 37.90 6.36
CA GLU E 361 26.17 37.43 5.26
C GLU E 361 24.79 36.97 5.73
N GLU E 362 24.70 36.39 6.93
CA GLU E 362 23.40 36.03 7.46
C GLU E 362 22.52 37.27 7.64
N ILE E 363 23.09 38.34 8.18
CA ILE E 363 22.34 39.58 8.33
C ILE E 363 21.98 40.16 6.97
N ARG E 364 22.90 40.08 6.00
CA ARG E 364 22.59 40.52 4.64
C ARG E 364 21.34 39.82 4.11
N GLN E 365 21.34 38.49 4.16
CA GLN E 365 20.23 37.72 3.62
C GLN E 365 18.94 37.98 4.39
N ASN E 366 19.03 38.08 5.72
CA ASN E 366 17.84 38.35 6.52
C ASN E 366 17.24 39.70 6.16
N ALA E 367 18.09 40.72 6.01
CA ALA E 367 17.59 42.04 5.63
C ALA E 367 16.99 42.02 4.22
N GLU E 368 17.60 41.29 3.29
CA GLU E 368 17.05 41.21 1.94
C GLU E 368 15.69 40.55 1.96
N GLU E 369 15.53 39.47 2.73
CA GLU E 369 14.25 38.79 2.79
C GLU E 369 13.20 39.66 3.50
N ALA E 370 13.63 40.45 4.48
CA ALA E 370 12.72 41.41 5.10
C ALA E 370 12.27 42.46 4.08
N GLU E 371 13.20 42.92 3.26
CA GLU E 371 12.82 43.80 2.14
C GLU E 371 11.76 43.15 1.27
N LEU E 372 11.97 41.89 0.90
CA LEU E 372 11.02 41.21 0.03
C LEU E 372 9.65 41.08 0.68
N ALA E 373 9.62 40.70 1.96
CA ALA E 373 8.34 40.47 2.64
C ALA E 373 7.59 41.79 2.86
N LEU E 374 8.27 42.79 3.41
CA LEU E 374 7.58 44.02 3.80
C LEU E 374 7.03 44.75 2.59
N GLY E 375 7.79 44.82 1.50
CA GLY E 375 7.39 45.51 0.30
C GLY E 375 8.04 46.86 0.08
N GLY E 376 9.03 47.24 0.88
CA GLY E 376 9.75 48.48 0.66
C GLY E 376 9.70 49.45 1.82
N VAL E 377 9.34 48.96 3.02
CA VAL E 377 9.33 49.80 4.20
C VAL E 377 10.62 49.71 5.02
N TYR E 378 11.33 48.58 4.95
CA TYR E 378 12.63 48.49 5.63
C TYR E 378 13.52 49.66 5.22
N SER E 379 13.53 49.99 3.93
CA SER E 379 14.31 51.13 3.47
C SER E 379 13.80 52.43 4.07
N VAL E 380 12.47 52.60 4.17
CA VAL E 380 11.93 53.83 4.74
C VAL E 380 12.33 53.96 6.20
N ILE E 381 12.20 52.88 6.96
CA ILE E 381 12.58 52.91 8.37
C ILE E 381 14.05 53.22 8.52
N ALA E 382 14.90 52.56 7.70
CA ALA E 382 16.32 52.83 7.75
C ALA E 382 16.62 54.29 7.45
N ASP E 383 15.98 54.84 6.42
CA ASP E 383 16.22 56.22 6.05
C ASP E 383 15.82 57.17 7.16
N THR E 384 14.67 56.92 7.79
CA THR E 384 14.14 57.86 8.78
C THR E 384 14.73 57.69 10.17
N LEU E 385 15.46 56.60 10.44
CA LEU E 385 16.06 56.41 11.75
C LEU E 385 17.59 56.43 11.75
N HIS E 386 18.23 55.88 10.73
CA HIS E 386 19.68 55.69 10.78
C HIS E 386 20.42 57.03 10.68
N ILE E 387 19.94 57.94 9.84
CA ILE E 387 20.71 59.15 9.54
C ILE E 387 20.93 60.01 10.78
N PRO E 388 19.90 60.34 11.58
CA PRO E 388 20.15 61.22 12.73
C PRO E 388 20.85 60.54 13.88
N LEU E 389 20.54 59.26 14.14
CA LEU E 389 21.19 58.55 15.23
C LEU E 389 22.69 58.44 15.01
N ALA E 390 23.13 58.23 13.76
CA ALA E 390 24.55 58.18 13.48
C ALA E 390 25.23 59.49 13.88
N HIS E 391 24.65 60.62 13.47
CA HIS E 391 25.23 61.91 13.83
C HIS E 391 25.25 62.10 15.34
N ILE E 392 24.16 61.75 16.02
CA ILE E 392 24.10 61.96 17.47
C ILE E 392 25.17 61.12 18.18
N LEU E 393 25.29 59.85 17.81
CA LEU E 393 26.29 58.99 18.46
C LEU E 393 27.71 59.46 18.14
N CYS E 394 27.97 59.85 16.89
CA CYS E 394 29.30 60.34 16.55
C CYS E 394 29.63 61.60 17.34
N TRP E 395 28.67 62.50 17.49
CA TRP E 395 28.88 63.68 18.32
C TRP E 395 29.16 63.30 19.77
N GLU E 396 28.44 62.30 20.29
CA GLU E 396 28.70 61.84 21.65
C GLU E 396 30.11 61.30 21.80
N VAL E 397 30.62 60.57 20.81
CA VAL E 397 31.95 59.98 20.91
C VAL E 397 33.06 60.97 20.59
N ASN E 398 32.80 62.00 19.77
CA ASN E 398 33.83 62.97 19.41
C ASN E 398 33.13 64.28 19.08
N GLN E 399 33.17 65.23 20.03
CA GLN E 399 32.48 66.51 19.84
C GLN E 399 33.23 67.41 18.86
N GLN E 400 34.55 67.48 18.98
CA GLN E 400 35.32 68.45 18.21
C GLN E 400 35.19 68.22 16.71
N PHE E 401 35.28 66.97 16.28
CA PHE E 401 35.25 66.67 14.85
C PHE E 401 33.93 67.10 14.22
N ILE E 402 32.82 66.82 14.90
CA ILE E 402 31.51 67.20 14.36
C ILE E 402 31.30 68.70 14.44
N ASN E 403 31.80 69.35 15.49
CA ASN E 403 31.61 70.80 15.63
C ASN E 403 32.25 71.54 14.46
N GLU E 404 33.46 71.12 14.05
CA GLU E 404 34.11 71.77 12.92
C GLU E 404 33.32 71.59 11.64
N LEU E 405 32.77 70.40 11.40
CA LEU E 405 32.02 70.14 10.18
C LEU E 405 30.74 70.95 10.10
N LEU E 406 30.02 71.08 11.21
CA LEU E 406 28.74 71.78 11.21
C LEU E 406 28.90 73.29 11.10
N SER E 407 29.95 73.85 11.69
CA SER E 407 30.15 75.30 11.64
C SER E 407 30.34 75.77 10.20
N ASN E 408 31.12 75.03 9.42
CA ASN E 408 31.37 75.43 8.04
C ASN E 408 30.13 75.26 7.18
N GLY E 409 29.32 74.24 7.44
CA GLY E 409 28.08 73.99 6.72
C GLY E 409 27.97 72.59 6.15
N LEU E 410 29.09 72.02 5.71
CA LEU E 410 29.06 70.68 5.14
C LEU E 410 28.71 69.65 6.22
N THR E 411 28.19 68.50 5.77
CA THR E 411 27.70 67.47 6.66
C THR E 411 28.25 66.11 6.24
N LEU E 412 28.27 65.19 7.20
CA LEU E 412 28.76 63.84 6.94
C LEU E 412 27.88 63.11 5.94
N SER E 413 28.50 62.23 5.16
CA SER E 413 27.77 61.38 4.22
C SER E 413 27.65 59.98 4.81
N VAL E 414 26.44 59.43 4.79
CA VAL E 414 26.15 58.13 5.37
C VAL E 414 25.34 57.31 4.37
N LEU E 415 25.65 56.02 4.29
CA LEU E 415 24.98 55.10 3.38
C LEU E 415 24.03 54.21 4.17
N THR E 416 22.80 54.07 3.64
CA THR E 416 21.78 53.24 4.29
C THR E 416 20.88 52.64 3.21
N GLY E 417 19.86 51.92 3.67
CA GLY E 417 18.97 51.25 2.74
C GLY E 417 19.57 49.96 2.21
N VAL E 418 19.79 49.00 3.10
CA VAL E 418 20.51 47.76 2.79
C VAL E 418 21.71 48.09 1.91
N ALA E 419 22.43 49.15 2.27
CA ALA E 419 23.63 49.53 1.52
C ALA E 419 24.76 49.94 2.44
N ALA E 420 24.81 49.43 3.67
CA ALA E 420 25.87 49.73 4.63
C ALA E 420 26.96 48.68 4.57
N LEU E 421 27.19 48.10 3.40
CA LEU E 421 28.16 47.04 3.21
C LEU E 421 29.53 47.57 2.76
N SER E 422 29.76 48.88 2.89
CA SER E 422 31.01 49.47 2.43
C SER E 422 32.21 48.78 3.04
N ARG E 423 32.20 48.61 4.37
CA ARG E 423 33.31 47.98 5.08
C ARG E 423 32.87 46.64 5.69
N SER E 424 31.87 46.00 5.10
CA SER E 424 31.29 44.80 5.66
C SER E 424 31.78 43.53 4.95
N THR E 425 31.66 43.50 3.63
CA THR E 425 31.90 42.29 2.86
C THR E 425 32.81 42.58 1.68
N ASP E 426 33.90 43.30 1.94
CA ASP E 426 34.92 43.50 0.91
C ASP E 426 35.95 42.38 0.93
N VAL E 427 36.11 41.69 2.07
CA VAL E 427 37.09 40.62 2.16
C VAL E 427 36.69 39.46 1.25
N ASN E 428 35.39 39.27 1.02
CA ASN E 428 34.95 38.20 0.12
C ASN E 428 35.43 38.44 -1.30
N LYS E 429 35.40 39.69 -1.74
CA LYS E 429 35.87 40.06 -3.07
C LYS E 429 37.38 39.99 -3.21
N LEU E 430 38.11 40.01 -2.10
CA LEU E 430 39.56 39.84 -2.10
C LEU E 430 39.96 38.37 -2.06
N ILE E 431 39.20 37.54 -1.33
CA ILE E 431 39.50 36.11 -1.28
C ILE E 431 39.36 35.50 -2.67
N GLN E 432 38.32 35.88 -3.40
CA GLN E 432 38.11 35.35 -4.75
C GLN E 432 39.25 35.74 -5.68
N ALA E 433 39.67 37.00 -5.61
CA ALA E 433 40.79 37.46 -6.43
C ALA E 433 42.06 36.69 -6.09
N ALA E 434 42.31 36.46 -4.79
CA ALA E 434 43.48 35.70 -4.39
C ALA E 434 43.41 34.28 -4.92
N GLN E 435 42.23 33.65 -4.86
CA GLN E 435 42.09 32.30 -5.36
C GLN E 435 42.34 32.22 -6.86
N SER E 436 41.81 33.16 -7.63
CA SER E 436 42.04 33.17 -9.07
C SER E 436 43.48 33.46 -9.43
N LEU E 437 44.13 34.39 -8.72
CA LEU E 437 45.53 34.72 -8.96
C LEU E 437 46.45 33.55 -8.67
N SER E 438 46.04 32.60 -7.84
CA SER E 438 46.83 31.41 -7.57
C SER E 438 46.67 30.35 -8.66
N VAL E 439 45.72 30.54 -9.57
CA VAL E 439 45.54 29.63 -10.68
C VAL E 439 46.04 30.23 -12.00
N ILE E 440 46.00 31.54 -12.16
CA ILE E 440 46.39 32.15 -13.44
C ILE E 440 47.89 32.42 -13.49
N LEU E 441 48.52 32.81 -12.38
CA LEU E 441 49.93 33.21 -12.41
C LEU E 441 50.86 32.01 -12.52
N PRO E 442 50.56 30.86 -11.89
CA PRO E 442 51.44 29.69 -12.11
C PRO E 442 51.62 29.37 -13.57
N VAL E 443 50.56 29.50 -14.37
CA VAL E 443 50.71 29.50 -15.82
C VAL E 443 51.15 30.89 -16.27
N PHE E 444 51.72 30.97 -17.47
CA PHE E 444 52.27 32.19 -18.05
C PHE E 444 53.61 32.56 -17.43
N GLN E 445 54.12 31.77 -16.49
CA GLN E 445 55.41 32.07 -15.90
C GLN E 445 56.56 31.84 -16.88
N ASN E 446 56.41 30.86 -17.78
CA ASN E 446 57.43 30.57 -18.77
C ASN E 446 57.34 31.48 -19.99
N THR E 447 56.12 31.81 -20.41
CA THR E 447 55.96 32.66 -21.59
C THR E 447 56.36 34.09 -21.24
N PRO E 448 57.35 34.66 -21.94
CA PRO E 448 57.76 36.05 -21.65
C PRO E 448 57.01 37.13 -22.41
N ARG E 449 56.00 36.77 -23.21
CA ARG E 449 55.26 37.73 -24.01
C ARG E 449 54.09 38.36 -23.25
N VAL E 450 53.69 37.78 -22.12
CA VAL E 450 52.54 38.25 -21.35
C VAL E 450 53.08 38.92 -20.09
N ASP E 451 52.69 40.17 -19.88
CA ASP E 451 53.17 40.91 -18.73
C ASP E 451 52.31 40.59 -17.50
N PRO E 452 52.92 40.12 -16.40
CA PRO E 452 52.11 39.84 -15.19
C PRO E 452 51.41 41.07 -14.63
N GLU E 453 51.99 42.25 -14.74
CA GLU E 453 51.37 43.46 -14.20
C GLU E 453 50.01 43.74 -14.83
N LYS E 454 49.88 43.58 -16.14
CA LYS E 454 48.59 43.77 -16.79
C LYS E 454 47.55 42.76 -16.35
N ILE E 455 47.93 41.50 -16.17
CA ILE E 455 47.00 40.52 -15.62
C ILE E 455 46.56 40.92 -14.23
N LEU E 456 47.50 41.36 -13.39
CA LEU E 456 47.14 41.81 -12.05
C LEU E 456 46.15 42.96 -12.10
N ASP E 457 46.44 43.98 -12.91
CA ASP E 457 45.62 45.17 -13.01
C ASP E 457 44.25 44.88 -13.62
N MET E 458 44.13 43.85 -14.45
CA MET E 458 42.84 43.43 -14.96
C MET E 458 42.03 42.65 -13.95
N VAL E 459 42.64 41.66 -13.29
CA VAL E 459 41.91 40.85 -12.32
C VAL E 459 41.45 41.69 -11.13
N LEU E 460 42.32 42.56 -10.62
CA LEU E 460 41.93 43.36 -9.46
C LEU E 460 40.76 44.27 -9.77
N THR E 461 40.82 44.99 -10.90
CA THR E 461 39.73 45.90 -11.25
C THR E 461 38.48 45.14 -11.66
N GLY E 462 38.62 43.90 -12.13
CA GLY E 462 37.45 43.14 -12.54
C GLY E 462 36.49 42.89 -11.39
N PHE E 463 37.02 42.59 -10.21
CA PHE E 463 36.20 42.27 -9.05
C PHE E 463 35.71 43.51 -8.32
N GLY E 464 36.21 44.70 -8.68
CA GLY E 464 35.75 45.92 -8.05
C GLY E 464 36.56 46.35 -6.86
N ILE E 465 37.89 46.36 -6.97
CA ILE E 465 38.77 46.80 -5.90
C ILE E 465 39.56 48.01 -6.38
N ASN E 466 39.51 49.09 -5.62
CA ASN E 466 40.29 50.29 -5.95
C ASN E 466 41.75 50.01 -5.66
N THR E 467 42.54 49.90 -6.73
CA THR E 467 43.95 49.54 -6.59
C THR E 467 44.75 50.55 -5.79
N LYS E 468 44.26 51.78 -5.65
CA LYS E 468 45.00 52.83 -4.94
C LYS E 468 45.18 52.52 -3.47
N ASP E 469 44.44 51.57 -2.90
CA ASP E 469 44.55 51.21 -1.50
C ASP E 469 45.45 50.02 -1.26
N LEU E 470 46.05 49.44 -2.31
CA LEU E 470 46.93 48.29 -2.19
C LEU E 470 48.31 48.53 -2.76
N TYR E 471 48.40 49.21 -3.90
CA TYR E 471 49.68 49.38 -4.58
C TYR E 471 50.62 50.25 -3.75
N ARG E 472 51.92 49.97 -3.88
CA ARG E 472 52.94 50.75 -3.21
C ARG E 472 53.26 52.01 -4.01
N THR E 473 53.71 53.03 -3.31
CA THR E 473 54.10 54.27 -3.96
C THR E 473 55.52 54.17 -4.51
N GLU E 474 55.90 55.14 -5.35
CA GLU E 474 57.22 55.12 -5.97
C GLU E 474 58.32 55.21 -4.92
N GLU E 475 58.14 56.06 -3.91
CA GLU E 475 59.16 56.21 -2.89
C GLU E 475 59.41 54.92 -2.14
N GLN E 476 58.35 54.19 -1.80
CA GLN E 476 58.52 52.92 -1.09
C GLN E 476 59.27 51.92 -1.96
N LEU E 477 58.95 51.86 -3.24
CA LEU E 477 59.65 50.95 -4.14
C LEU E 477 61.13 51.31 -4.23
N GLN E 478 61.43 52.61 -4.34
CA GLN E 478 62.82 53.04 -4.39
C GLN E 478 63.56 52.66 -3.12
N ALA E 479 62.92 52.86 -1.97
CA ALA E 479 63.56 52.51 -0.70
C ALA E 479 63.81 51.01 -0.61
N LEU E 480 62.83 50.21 -1.03
CA LEU E 480 63.01 48.76 -0.99
C LEU E 480 64.14 48.32 -1.91
N GLN E 481 64.22 48.91 -3.11
CA GLN E 481 65.31 48.58 -4.03
C GLN E 481 66.66 48.98 -3.45
N ALA E 482 66.73 50.15 -2.81
CA ALA E 482 67.98 50.58 -2.20
C ALA E 482 68.40 49.65 -1.07
N ALA E 483 67.44 49.19 -0.27
CA ALA E 483 67.72 48.30 0.86
C ALA E 483 68.01 46.91 0.31
N GLN E 484 69.22 46.75 -0.22
CA GLN E 484 69.65 45.48 -0.78
C GLN E 484 71.16 45.32 -0.69
N THR F 7 1.59 82.26 -16.45
CA THR F 7 0.29 81.56 -16.64
C THR F 7 0.50 80.07 -16.89
N TYR F 8 1.44 79.48 -16.16
CA TYR F 8 1.72 78.06 -16.33
C TYR F 8 0.54 77.19 -15.94
N GLU F 9 -0.42 77.73 -15.19
CA GLU F 9 -1.63 76.96 -14.87
C GLU F 9 -2.39 76.60 -16.14
N SER F 10 -2.43 77.53 -17.11
CA SER F 10 -3.11 77.25 -18.36
C SER F 10 -2.47 76.07 -19.08
N LEU F 11 -1.13 76.06 -19.18
CA LEU F 11 -0.45 74.93 -19.81
C LEU F 11 -0.69 73.64 -19.03
N TYR F 12 -0.60 73.71 -17.70
CA TYR F 12 -0.80 72.52 -16.89
C TYR F 12 -2.18 71.92 -17.14
N THR F 13 -3.21 72.76 -17.21
CA THR F 13 -4.55 72.24 -17.47
C THR F 13 -4.68 71.76 -18.91
N LYS F 14 -4.01 72.43 -19.85
CA LYS F 14 -4.12 72.07 -21.26
C LYS F 14 -3.55 70.69 -21.53
N TYR F 15 -2.42 70.35 -20.91
CA TYR F 15 -1.69 69.14 -21.25
C TYR F 15 -2.19 67.89 -20.54
N ARG F 16 -3.26 67.99 -19.75
CA ARG F 16 -3.77 66.83 -19.04
C ARG F 16 -4.61 65.94 -19.96
N ASP F 17 -4.76 64.68 -19.55
CA ASP F 17 -5.58 63.69 -20.25
C ASP F 17 -6.53 63.09 -19.21
N ASP F 18 -7.78 63.55 -19.23
CA ASP F 18 -8.73 63.15 -18.18
C ASP F 18 -9.12 61.69 -18.31
N SER F 19 -9.18 61.17 -19.55
CA SER F 19 -9.62 59.79 -19.74
C SER F 19 -8.68 58.82 -19.04
N ALA F 20 -7.38 58.98 -19.24
CA ALA F 20 -6.42 58.09 -18.60
C ALA F 20 -6.49 58.20 -17.08
N ILE F 21 -6.60 59.43 -16.57
CA ILE F 21 -6.64 59.63 -15.12
C ILE F 21 -7.85 58.96 -14.52
N LEU F 22 -9.01 59.07 -15.17
CA LEU F 22 -10.22 58.42 -14.67
C LEU F 22 -10.16 56.91 -14.80
N LYS F 23 -9.57 56.38 -15.87
CA LYS F 23 -9.49 54.93 -16.03
C LYS F 23 -8.51 54.30 -15.04
N THR F 24 -7.41 54.97 -14.73
CA THR F 24 -6.38 54.39 -13.89
C THR F 24 -6.78 54.32 -12.42
N GLU F 25 -8.02 54.68 -12.07
CA GLU F 25 -8.45 54.59 -10.69
C GLU F 25 -8.73 53.13 -10.29
N ASP F 26 -9.35 52.36 -11.17
CA ASP F 26 -9.68 50.98 -10.86
C ASP F 26 -8.43 50.15 -10.63
N TYR F 27 -7.40 50.36 -11.46
CA TYR F 27 -6.19 49.58 -11.33
C TYR F 27 -5.56 49.77 -9.95
N ALA F 28 -5.50 51.02 -9.49
CA ALA F 28 -5.01 51.28 -8.14
C ALA F 28 -5.95 50.68 -7.10
N HIS F 29 -7.26 50.80 -7.33
CA HIS F 29 -8.23 50.28 -6.36
C HIS F 29 -8.14 48.77 -6.16
N TRP F 30 -7.68 48.03 -7.17
CA TRP F 30 -7.56 46.59 -7.05
C TRP F 30 -6.27 46.15 -6.37
N THR F 31 -5.23 46.98 -6.38
CA THR F 31 -3.93 46.58 -5.86
C THR F 31 -3.49 47.37 -4.64
N LEU F 32 -3.40 48.70 -4.74
CA LEU F 32 -2.85 49.53 -3.67
C LEU F 32 -3.45 50.92 -3.77
N PRO F 33 -4.61 51.15 -3.13
CA PRO F 33 -5.27 52.46 -3.27
C PRO F 33 -4.43 53.64 -2.81
N THR F 34 -3.63 53.47 -1.76
CA THR F 34 -2.95 54.61 -1.14
C THR F 34 -1.85 55.21 -2.02
N VAL F 35 -1.42 54.51 -3.07
CA VAL F 35 -0.38 55.03 -3.94
C VAL F 35 -0.89 56.07 -4.93
N TYR F 36 -2.21 56.12 -5.16
CA TYR F 36 -2.79 56.95 -6.19
C TYR F 36 -3.80 57.94 -5.62
N ALA F 37 -3.62 58.37 -4.37
CA ALA F 37 -4.56 59.28 -3.73
C ALA F 37 -4.42 60.69 -4.28
N ASP F 38 -5.57 61.36 -4.42
CA ASP F 38 -5.57 62.72 -4.96
C ASP F 38 -5.09 63.71 -3.90
N PRO F 39 -4.05 64.50 -4.17
CA PRO F 39 -3.57 65.45 -3.16
C PRO F 39 -4.40 66.73 -3.05
N ASP F 40 -5.35 66.95 -3.96
CA ASP F 40 -6.10 68.21 -3.97
C ASP F 40 -7.39 68.14 -3.16
N LEU F 41 -7.74 66.97 -2.61
CA LEU F 41 -8.92 66.83 -1.77
C LEU F 41 -8.59 66.84 -0.28
N ARG F 42 -7.33 67.07 0.08
CA ARG F 42 -6.90 67.03 1.47
C ARG F 42 -6.06 68.27 1.77
N GLU F 43 -6.16 68.72 3.02
CA GLU F 43 -5.44 69.90 3.48
C GLU F 43 -4.73 69.64 4.80
N GLY F 44 -4.27 68.41 5.02
CA GLY F 44 -3.57 68.04 6.22
C GLY F 44 -4.37 67.21 7.20
N LYS F 45 -5.48 66.61 6.77
CA LYS F 45 -6.28 65.74 7.62
C LYS F 45 -6.64 64.49 6.84
N ARG F 46 -6.90 63.41 7.58
CA ARG F 46 -7.18 62.13 6.95
C ARG F 46 -8.53 62.14 6.25
N VAL F 47 -8.56 61.63 5.03
CA VAL F 47 -9.80 61.33 4.31
C VAL F 47 -9.74 59.85 3.95
N ASN F 48 -10.79 59.11 4.33
CA ASN F 48 -10.72 57.66 4.29
C ASN F 48 -10.56 57.15 2.86
N VAL F 49 -9.84 56.03 2.75
CA VAL F 49 -9.63 55.34 1.48
C VAL F 49 -10.16 53.92 1.62
N ARG F 50 -11.00 53.51 0.67
CA ARG F 50 -11.64 52.21 0.76
C ARG F 50 -10.76 51.11 0.16
N ARG F 51 -10.98 49.88 0.64
CA ARG F 51 -10.22 48.71 0.22
C ARG F 51 -11.14 47.73 -0.48
N ASP F 52 -10.55 46.65 -0.99
CA ASP F 52 -11.25 45.66 -1.78
C ASP F 52 -11.37 44.35 -1.01
N TYR F 53 -12.23 43.46 -1.52
CA TYR F 53 -12.49 42.19 -0.85
C TYR F 53 -11.35 41.21 -0.95
N GLN F 54 -10.36 41.46 -1.81
CA GLN F 54 -9.26 40.53 -2.03
C GLN F 54 -7.92 41.26 -1.89
N SER F 55 -6.92 40.53 -1.41
CA SER F 55 -5.59 41.08 -1.18
C SER F 55 -4.49 40.40 -1.99
N VAL F 56 -4.84 39.66 -3.04
CA VAL F 56 -3.81 39.00 -3.85
C VAL F 56 -2.97 40.02 -4.60
N GLY F 57 -3.64 41.00 -5.23
CA GLY F 57 -2.90 41.98 -6.01
C GLY F 57 -1.89 42.75 -5.18
N ALA F 58 -2.26 43.11 -3.95
CA ALA F 58 -1.33 43.85 -3.10
C ALA F 58 -0.07 43.05 -2.84
N VAL F 59 -0.20 41.78 -2.48
CA VAL F 59 0.96 40.95 -2.19
C VAL F 59 1.81 40.80 -3.45
N TYR F 60 1.18 40.52 -4.59
CA TYR F 60 1.94 40.32 -5.82
C TYR F 60 2.70 41.58 -6.19
N VAL F 61 2.05 42.74 -6.11
CA VAL F 61 2.71 43.99 -6.49
C VAL F 61 3.85 44.31 -5.54
N ASN F 62 3.63 44.13 -4.23
CA ASN F 62 4.69 44.38 -3.27
C ASN F 62 5.90 43.50 -3.57
N THR F 63 5.67 42.20 -3.78
CA THR F 63 6.79 41.30 -4.03
C THR F 63 7.54 41.70 -5.30
N LEU F 64 6.82 41.97 -6.39
CA LEU F 64 7.48 42.30 -7.64
C LEU F 64 8.26 43.61 -7.53
N SER F 65 7.67 44.63 -6.90
CA SER F 65 8.35 45.91 -6.77
C SER F 65 9.60 45.77 -5.91
N ALA F 66 9.52 45.02 -4.81
CA ALA F 66 10.70 44.83 -3.98
C ALA F 66 11.78 44.06 -4.73
N LYS F 67 11.38 43.05 -5.51
CA LYS F 67 12.37 42.21 -6.20
C LYS F 67 13.06 42.96 -7.32
N LEU F 68 12.31 43.81 -8.04
CA LEU F 68 12.90 44.52 -9.18
C LEU F 68 14.05 45.43 -8.78
N ALA F 69 14.02 46.00 -7.57
CA ALA F 69 15.05 46.96 -7.17
C ALA F 69 16.41 46.29 -7.05
N GLN F 70 16.44 45.06 -6.52
CA GLN F 70 17.71 44.38 -6.34
C GLN F 70 18.37 44.04 -7.66
N VAL F 71 17.57 43.68 -8.66
CA VAL F 71 18.14 43.28 -9.96
C VAL F 71 18.71 44.49 -10.69
N LEU F 72 17.99 45.61 -10.71
CA LEU F 72 18.41 46.79 -11.45
C LEU F 72 19.55 47.54 -10.77
N PHE F 73 19.56 47.60 -9.44
CA PHE F 73 20.53 48.40 -8.69
C PHE F 73 21.21 47.51 -7.66
N PRO F 74 22.12 46.64 -8.09
CA PRO F 74 22.86 45.82 -7.12
C PRO F 74 23.72 46.68 -6.22
N ALA F 75 23.93 46.21 -5.00
CA ALA F 75 24.60 46.99 -3.96
C ALA F 75 26.10 46.76 -3.90
N ASN F 76 26.66 45.90 -4.75
CA ASN F 76 28.08 45.54 -4.64
C ASN F 76 28.74 45.52 -6.02
N GLN F 77 28.22 46.29 -6.96
CA GLN F 77 28.86 46.43 -8.27
C GLN F 77 28.10 47.49 -9.08
N ALA F 78 28.82 48.11 -10.00
CA ALA F 78 28.22 49.14 -10.84
C ALA F 78 27.18 48.53 -11.78
N PHE F 79 26.19 49.34 -12.15
CA PHE F 79 25.13 48.92 -13.05
C PHE F 79 25.35 49.41 -14.47
N PHE F 80 26.48 50.03 -14.77
CA PHE F 80 26.76 50.55 -16.11
C PHE F 80 28.24 50.40 -16.39
N ARG F 81 28.57 50.35 -17.69
CA ARG F 81 29.95 50.19 -18.14
C ARG F 81 30.20 51.15 -19.29
N ILE F 82 31.46 51.55 -19.46
CA ILE F 82 31.87 52.45 -20.52
C ILE F 82 32.68 51.67 -21.55
N ASP F 83 32.33 51.82 -22.82
CA ASP F 83 33.01 51.09 -23.88
C ASP F 83 34.40 51.69 -24.14
N SER F 84 34.44 52.96 -24.51
CA SER F 84 35.70 53.67 -24.71
C SER F 84 36.39 53.26 -26.01
N THR F 85 35.79 52.32 -26.74
CA THR F 85 36.39 51.89 -28.00
C THR F 85 36.11 52.90 -29.11
N GLY F 86 35.16 53.81 -28.91
CA GLY F 86 34.83 54.80 -29.92
C GLY F 86 36.00 55.67 -30.30
N ASP F 87 36.49 56.47 -29.36
CA ASP F 87 37.62 57.37 -29.65
C ASP F 87 38.38 57.59 -28.34
N ALA F 88 39.52 56.92 -28.21
CA ALA F 88 40.32 57.05 -26.99
C ALA F 88 41.09 58.35 -26.97
N ALA F 89 41.29 59.00 -28.13
CA ALA F 89 42.08 60.22 -28.19
C ALA F 89 41.48 61.30 -27.29
N GLN F 90 40.25 61.71 -27.59
CA GLN F 90 39.60 62.76 -26.81
C GLN F 90 39.39 62.36 -25.36
N LEU F 91 39.01 61.11 -25.11
CA LEU F 91 38.81 60.66 -23.74
C LEU F 91 40.08 60.77 -22.92
N ALA F 92 41.22 60.38 -23.50
CA ALA F 92 42.49 60.51 -22.80
C ALA F 92 42.90 61.97 -22.66
N GLU F 93 42.61 62.79 -23.66
CA GLU F 93 42.98 64.20 -23.59
C GLU F 93 42.17 64.96 -22.56
N ALA F 94 40.93 64.53 -22.29
CA ALA F 94 40.10 65.23 -21.31
C ALA F 94 40.67 65.09 -19.90
N MET F 95 40.98 63.86 -19.49
CA MET F 95 41.55 63.66 -18.15
C MET F 95 43.02 64.06 -18.12
N GLY F 96 43.73 63.86 -19.22
CA GLY F 96 45.15 64.10 -19.26
C GLY F 96 45.95 62.89 -18.79
N ALA F 97 45.71 61.75 -19.43
CA ALA F 97 46.36 60.50 -19.07
C ALA F 97 47.01 59.91 -20.31
N GLU F 98 47.69 58.77 -20.12
CA GLU F 98 48.38 58.11 -21.22
C GLU F 98 47.38 57.35 -22.08
N SER F 99 47.90 56.73 -23.16
CA SER F 99 47.03 56.00 -24.08
C SER F 99 46.46 54.74 -23.42
N ALA F 100 47.24 54.12 -22.55
CA ALA F 100 46.83 52.86 -21.93
C ALA F 100 46.24 53.04 -20.54
N ASP F 101 46.49 54.16 -19.88
CA ASP F 101 45.95 54.38 -18.54
C ASP F 101 44.45 54.67 -18.57
N LEU F 102 43.88 54.87 -19.76
CA LEU F 102 42.45 55.14 -19.86
C LEU F 102 41.62 53.96 -19.34
N ALA F 103 42.07 52.73 -19.60
CA ALA F 103 41.33 51.57 -19.15
C ALA F 103 41.22 51.55 -17.62
N ASN F 104 42.32 51.88 -16.94
CA ASN F 104 42.29 51.93 -15.48
C ASN F 104 41.48 53.12 -14.97
N GLY F 105 41.61 54.27 -15.62
CA GLY F 105 40.90 55.45 -15.15
C GLY F 105 39.40 55.31 -15.26
N LEU F 106 38.92 54.79 -16.40
CA LEU F 106 37.48 54.59 -16.57
C LEU F 106 36.94 53.60 -15.55
N ALA F 107 37.68 52.52 -15.31
CA ALA F 107 37.25 51.55 -14.32
C ALA F 107 37.18 52.17 -12.93
N GLU F 108 38.18 52.98 -12.58
CA GLU F 108 38.16 53.65 -11.28
C GLU F 108 36.95 54.56 -11.16
N LEU F 109 36.67 55.34 -12.21
CA LEU F 109 35.52 56.25 -12.16
C LEU F 109 34.22 55.47 -11.99
N GLU F 110 34.04 54.41 -12.78
CA GLU F 110 32.82 53.62 -12.68
C GLU F 110 32.67 53.00 -11.30
N ASN F 111 33.76 52.46 -10.75
CA ASN F 111 33.69 51.82 -9.44
C ASN F 111 33.36 52.83 -8.34
N THR F 112 33.96 54.01 -8.39
CA THR F 112 33.76 54.99 -7.32
C THR F 112 32.49 55.80 -7.49
N ALA F 113 31.85 55.74 -8.65
CA ALA F 113 30.71 56.62 -8.90
C ALA F 113 29.39 56.04 -8.41
N PHE F 114 29.20 54.72 -8.55
CA PHE F 114 27.87 54.16 -8.37
C PHE F 114 27.42 54.16 -6.91
N ARG F 115 28.33 54.33 -5.96
CA ARG F 115 27.93 54.38 -4.56
C ARG F 115 27.06 55.59 -4.22
N ARG F 116 27.07 56.62 -5.07
CA ARG F 116 26.33 57.84 -4.75
C ARG F 116 24.82 57.65 -4.75
N ILE F 117 24.32 56.51 -5.23
CA ILE F 117 22.88 56.31 -5.32
C ILE F 117 22.25 55.96 -3.97
N PHE F 118 23.05 55.74 -2.93
CA PHE F 118 22.55 55.34 -1.63
C PHE F 118 22.61 56.45 -0.59
N LEU F 119 22.71 57.71 -1.01
CA LEU F 119 22.80 58.81 -0.05
C LEU F 119 21.43 59.45 0.18
N LYS F 120 21.08 59.63 1.45
CA LYS F 120 19.91 60.45 1.83
C LYS F 120 18.61 59.86 1.31
N SER F 121 18.43 58.55 1.48
CA SER F 121 17.14 57.90 1.25
C SER F 121 16.71 57.95 -0.22
N SER F 122 17.60 57.59 -1.13
CA SER F 122 17.21 57.49 -2.54
C SER F 122 16.59 56.13 -2.85
N TYR F 123 17.02 55.08 -2.15
CA TYR F 123 16.57 53.73 -2.47
C TYR F 123 15.06 53.59 -2.25
N HIS F 124 14.54 54.18 -1.18
CA HIS F 124 13.10 54.14 -0.92
C HIS F 124 12.33 54.81 -2.06
N GLN F 125 12.83 55.95 -2.54
CA GLN F 125 12.17 56.62 -3.65
C GLN F 125 12.24 55.79 -4.92
N LEU F 126 13.35 55.08 -5.13
CA LEU F 126 13.43 54.18 -6.28
C LEU F 126 12.38 53.07 -6.19
N VAL F 127 12.20 52.50 -5.00
CA VAL F 127 11.19 51.45 -4.85
C VAL F 127 9.79 52.01 -5.09
N HIS F 128 9.52 53.21 -4.56
CA HIS F 128 8.23 53.84 -4.81
C HIS F 128 8.01 54.10 -6.30
N ALA F 129 9.06 54.53 -7.00
CA ALA F 129 8.95 54.74 -8.43
C ALA F 129 8.67 53.45 -9.17
N MET F 130 9.27 52.34 -8.74
CA MET F 130 8.97 51.05 -9.36
C MET F 130 7.51 50.67 -9.16
N LYS F 131 6.99 50.89 -7.95
CA LYS F 131 5.57 50.63 -7.71
C LYS F 131 4.71 51.48 -8.63
N LEU F 132 5.03 52.78 -8.75
CA LEU F 132 4.24 53.66 -9.60
C LEU F 132 4.27 53.21 -11.06
N LEU F 133 5.46 52.82 -11.54
CA LEU F 133 5.57 52.34 -12.91
C LEU F 133 4.74 51.09 -13.13
N ILE F 134 4.78 50.16 -12.16
CA ILE F 134 4.05 48.91 -12.34
C ILE F 134 2.54 49.15 -12.35
N ILE F 135 2.03 50.00 -11.46
CA ILE F 135 0.58 50.16 -11.35
C ILE F 135 0.03 51.14 -12.39
N THR F 136 0.68 52.30 -12.56
CA THR F 136 0.15 53.35 -13.43
C THR F 136 0.93 53.53 -14.72
N GLY F 137 2.18 53.05 -14.78
CA GLY F 137 2.94 53.15 -16.01
C GLY F 137 3.51 54.52 -16.31
N ASN F 138 3.59 55.40 -15.32
CA ASN F 138 4.16 56.73 -15.51
C ASN F 138 4.79 57.20 -14.21
N VAL F 139 5.88 57.96 -14.33
CA VAL F 139 6.56 58.52 -13.16
C VAL F 139 7.52 59.60 -13.63
N LEU F 140 7.65 60.65 -12.82
CA LEU F 140 8.61 61.72 -13.03
C LEU F 140 9.60 61.70 -11.87
N LEU F 141 10.89 61.73 -12.20
CA LEU F 141 11.95 61.57 -11.21
C LEU F 141 12.84 62.80 -11.20
N TYR F 142 13.06 63.36 -10.02
CA TYR F 142 13.87 64.56 -9.83
C TYR F 142 15.03 64.24 -8.90
N ARG F 143 16.24 64.55 -9.35
CA ARG F 143 17.46 64.27 -8.60
C ARG F 143 18.14 65.59 -8.27
N ASP F 144 18.36 65.85 -6.99
CA ASP F 144 19.00 67.07 -6.53
C ASP F 144 20.47 66.82 -6.28
N SER F 145 21.33 67.55 -7.00
CA SER F 145 22.76 67.32 -6.91
C SER F 145 23.37 67.93 -5.65
N ASN F 146 22.83 69.05 -5.16
CA ASN F 146 23.44 69.73 -4.04
C ASN F 146 23.47 68.85 -2.80
N THR F 147 22.37 68.15 -2.52
CA THR F 147 22.26 67.31 -1.33
C THR F 147 22.42 65.84 -1.60
N GLY F 148 21.89 65.35 -2.73
CA GLY F 148 21.92 63.92 -3.02
C GLY F 148 20.62 63.20 -2.76
N ASN F 149 19.49 63.90 -2.79
CA ASN F 149 18.19 63.31 -2.54
C ASN F 149 17.36 63.27 -3.81
N MET F 150 16.39 62.36 -3.83
CA MET F 150 15.51 62.17 -4.99
C MET F 150 14.06 62.16 -4.53
N HIS F 151 13.16 62.37 -5.49
CA HIS F 151 11.73 62.36 -5.22
C HIS F 151 11.01 61.87 -6.47
N ALA F 152 9.88 61.21 -6.27
CA ALA F 152 9.08 60.66 -7.37
C ALA F 152 7.67 61.22 -7.33
N TYR F 153 7.13 61.55 -8.50
CA TYR F 153 5.81 62.14 -8.63
C TYR F 153 4.94 61.25 -9.50
N SER F 154 3.63 61.33 -9.27
CA SER F 154 2.66 60.61 -10.08
C SER F 154 2.08 61.56 -11.13
N ILE F 155 1.22 61.04 -12.01
CA ILE F 155 0.63 61.87 -13.06
C ILE F 155 -0.41 62.84 -12.54
N ARG F 156 -0.71 62.80 -11.24
CA ARG F 156 -1.63 63.76 -10.64
C ARG F 156 -0.96 65.09 -10.31
N GLN F 157 0.35 65.20 -10.49
CA GLN F 157 1.08 66.41 -10.17
C GLN F 157 1.86 66.99 -11.34
N TYR F 158 1.81 66.37 -12.51
CA TYR F 158 2.56 66.88 -13.66
C TYR F 158 1.92 66.40 -14.94
N SER F 159 2.28 67.08 -16.03
CA SER F 159 1.79 66.75 -17.36
C SER F 159 2.88 67.06 -18.38
N VAL F 160 2.89 66.30 -19.47
CA VAL F 160 3.96 66.37 -20.46
C VAL F 160 3.36 66.49 -21.85
N LEU F 161 4.18 66.96 -22.78
CA LEU F 161 3.82 67.07 -24.19
C LEU F 161 4.93 66.46 -25.04
N ARG F 162 4.55 65.71 -26.06
CA ARG F 162 5.52 65.05 -26.91
C ARG F 162 4.98 64.97 -28.33
N ASP F 163 5.89 64.80 -29.28
CA ASP F 163 5.54 64.68 -30.69
C ASP F 163 4.96 63.31 -30.98
N GLY F 164 4.65 63.07 -32.26
CA GLY F 164 4.25 61.73 -32.67
C GLY F 164 5.39 60.73 -32.66
N GLY F 165 6.64 61.21 -32.71
CA GLY F 165 7.79 60.34 -32.64
C GLY F 165 8.25 59.99 -31.24
N GLY F 166 7.66 60.60 -30.22
CA GLY F 166 7.97 60.28 -28.84
C GLY F 166 8.86 61.28 -28.12
N LYS F 167 9.44 62.24 -28.84
CA LYS F 167 10.29 63.23 -28.19
C LYS F 167 9.48 64.10 -27.24
N VAL F 168 10.01 64.31 -26.03
CA VAL F 168 9.38 65.16 -25.03
C VAL F 168 9.78 66.60 -25.30
N LEU F 169 8.78 67.50 -25.38
CA LEU F 169 9.02 68.90 -25.73
C LEU F 169 8.87 69.82 -24.53
N ASP F 170 7.90 69.56 -23.67
CA ASP F 170 7.58 70.48 -22.57
C ASP F 170 7.02 69.70 -21.39
N MET F 171 7.09 70.32 -20.21
CA MET F 171 6.56 69.73 -18.99
C MET F 171 6.21 70.85 -18.01
N VAL F 172 5.24 70.57 -17.14
CA VAL F 172 4.83 71.48 -16.08
C VAL F 172 4.60 70.66 -14.81
N LEU F 173 5.00 71.22 -13.67
CA LEU F 173 4.92 70.52 -12.39
C LEU F 173 4.32 71.44 -11.34
N LYS F 174 3.41 70.90 -10.53
CA LYS F 174 2.76 71.64 -9.45
C LYS F 174 3.28 71.16 -8.10
N GLU F 175 3.36 72.11 -7.17
CA GLU F 175 3.83 71.80 -5.81
C GLU F 175 3.24 72.82 -4.85
N ARG F 176 3.02 72.39 -3.61
CA ARG F 176 2.39 73.21 -2.59
C ARG F 176 3.38 73.48 -1.45
N THR F 177 3.31 74.68 -0.88
CA THR F 177 4.21 75.07 0.18
C THR F 177 3.56 76.20 0.98
N VAL F 178 4.35 76.88 1.81
CA VAL F 178 3.87 77.98 2.63
C VAL F 178 4.74 79.20 2.39
N ILE F 179 4.24 80.35 2.84
CA ILE F 179 4.92 81.63 2.57
C ILE F 179 6.29 81.68 3.23
N SER F 180 6.43 81.11 4.42
CA SER F 180 7.68 81.22 5.16
C SER F 180 8.84 80.59 4.40
N GLU F 181 8.56 79.71 3.44
CA GLU F 181 9.63 79.03 2.71
C GLU F 181 10.13 79.84 1.52
N LEU F 182 9.47 80.93 1.16
CA LEU F 182 9.83 81.68 -0.03
C LEU F 182 11.09 82.51 0.19
N PRO F 183 11.76 82.94 -0.88
CA PRO F 183 12.97 83.75 -0.72
C PRO F 183 12.64 85.13 -0.14
N VAL F 184 13.66 85.75 0.44
CA VAL F 184 13.48 87.06 1.07
C VAL F 184 13.00 88.08 0.05
N GLU F 185 13.49 87.98 -1.19
CA GLU F 185 13.11 88.97 -2.20
C GLU F 185 11.62 88.96 -2.46
N ALA F 186 11.01 87.77 -2.54
CA ALA F 186 9.59 87.66 -2.83
C ALA F 186 8.72 87.74 -1.58
N ARG F 187 9.29 87.60 -0.39
CA ARG F 187 8.50 87.64 0.83
C ARG F 187 8.25 89.07 1.31
N ILE F 188 8.94 90.06 0.75
CA ILE F 188 8.61 91.45 1.07
C ILE F 188 7.19 91.76 0.65
N LYS F 189 6.79 91.29 -0.53
CA LYS F 189 5.39 91.28 -0.91
C LYS F 189 4.66 90.24 -0.07
N TYR F 190 3.33 90.24 -0.14
CA TYR F 190 2.54 89.38 0.72
C TYR F 190 2.89 89.65 2.18
N ARG F 191 3.21 90.90 2.52
CA ARG F 191 3.55 91.23 3.90
C ARG F 191 2.41 90.87 4.84
N ASN F 192 1.18 91.19 4.46
CA ASN F 192 0.01 90.72 5.17
C ASN F 192 -0.24 89.25 4.85
N ARG F 193 -1.10 88.62 5.64
CA ARG F 193 -1.45 87.21 5.49
C ARG F 193 -0.24 86.30 5.67
N LYS F 194 0.74 86.70 6.47
CA LYS F 194 1.96 85.91 6.67
C LYS F 194 1.71 84.81 7.71
N GLN F 195 0.65 84.06 7.48
CA GLN F 195 0.35 82.86 8.27
C GLN F 195 0.96 81.65 7.57
N ASP F 196 0.55 80.45 7.97
CA ASP F 196 1.01 79.24 7.32
C ASP F 196 0.02 78.85 6.21
N ASP F 197 -0.56 79.85 5.56
CA ASP F 197 -1.48 79.58 4.47
C ASP F 197 -0.76 78.88 3.32
N CYS F 198 -1.46 77.98 2.65
CA CYS F 198 -0.88 77.22 1.55
C CYS F 198 -0.89 78.05 0.28
N ILE F 199 0.19 77.98 -0.50
CA ILE F 199 0.31 78.66 -1.78
C ILE F 199 0.93 77.69 -2.78
N CYS F 200 0.42 77.69 -4.00
CA CYS F 200 0.87 76.77 -5.04
C CYS F 200 2.06 77.35 -5.79
N LEU F 201 2.90 76.45 -6.31
CA LEU F 201 4.09 76.83 -7.06
C LEU F 201 4.15 75.98 -8.33
N TYR F 202 4.60 76.59 -9.43
CA TYR F 202 4.64 75.94 -10.73
C TYR F 202 6.04 76.03 -11.31
N THR F 203 6.48 74.93 -11.94
CA THR F 203 7.77 74.87 -12.62
C THR F 203 7.56 74.41 -14.06
N ARG F 204 8.38 74.93 -14.96
CA ARG F 204 8.30 74.61 -16.38
C ARG F 204 9.66 74.21 -16.90
N ILE F 205 9.69 73.13 -17.68
CA ILE F 205 10.90 72.64 -18.35
C ILE F 205 10.61 72.62 -19.84
N LYS F 206 11.44 73.30 -20.63
CA LYS F 206 11.22 73.46 -22.05
C LYS F 206 12.49 73.15 -22.82
N ARG F 207 12.32 72.48 -23.97
CA ARG F 207 13.45 72.17 -24.84
C ARG F 207 13.71 73.32 -25.81
N GLU F 208 14.99 73.59 -26.04
CA GLU F 208 15.42 74.61 -26.98
C GLU F 208 16.78 74.22 -27.52
N ARG F 209 17.12 74.76 -28.69
CA ARG F 209 18.38 74.44 -29.35
C ARG F 209 19.27 75.68 -29.44
N ARG F 210 20.55 75.50 -29.10
CA ARG F 210 21.57 76.53 -29.28
C ARG F 210 22.63 76.02 -30.25
N ALA F 211 23.72 76.77 -30.38
CA ALA F 211 24.71 76.47 -31.42
C ALA F 211 25.33 75.09 -31.22
N VAL F 212 25.63 74.72 -29.97
CA VAL F 212 26.39 73.51 -29.68
C VAL F 212 25.49 72.34 -29.31
N GLY F 213 24.19 72.46 -29.52
CA GLY F 213 23.29 71.34 -29.29
C GLY F 213 22.00 71.79 -28.65
N GLU F 214 21.17 70.80 -28.31
CA GLU F 214 19.90 71.07 -27.66
C GLU F 214 20.11 71.39 -26.18
N VAL F 215 19.08 71.96 -25.57
CA VAL F 215 19.17 72.51 -24.23
C VAL F 215 17.80 72.47 -23.56
N PHE F 216 17.81 72.39 -22.23
CA PHE F 216 16.61 72.43 -21.42
C PHE F 216 16.65 73.65 -20.51
N VAL F 217 15.54 74.40 -20.47
CA VAL F 217 15.45 75.65 -19.72
C VAL F 217 14.41 75.49 -18.62
N VAL F 218 14.78 75.87 -17.41
CA VAL F 218 13.94 75.70 -16.23
C VAL F 218 13.61 77.07 -15.66
N THR F 219 12.34 77.27 -15.32
CA THR F 219 11.87 78.51 -14.71
C THR F 219 10.74 78.18 -13.74
N GLN F 220 10.43 79.14 -12.87
CA GLN F 220 9.41 78.96 -11.85
C GLN F 220 8.49 80.18 -11.82
N GLN F 221 7.30 80.00 -11.27
CA GLN F 221 6.31 81.05 -11.21
C GLN F 221 5.28 80.71 -10.13
N LEU F 222 4.74 81.74 -9.51
CA LEU F 222 3.72 81.56 -8.47
C LEU F 222 2.34 81.48 -9.11
N GLU F 223 1.31 81.32 -8.29
CA GLU F 223 -0.05 81.20 -8.82
C GLU F 223 -0.48 82.49 -9.51
N ASP F 224 -0.17 83.64 -8.92
CA ASP F 224 -0.61 84.93 -9.45
C ASP F 224 0.43 85.56 -10.36
N GLY F 225 0.90 84.80 -11.35
CA GLY F 225 1.69 85.36 -12.42
C GLY F 225 3.11 85.75 -12.10
N LEU F 226 3.43 85.97 -10.83
CA LEU F 226 4.72 86.55 -10.47
C LEU F 226 5.84 85.53 -10.67
N MET F 227 6.88 85.94 -11.38
CA MET F 227 8.06 85.10 -11.58
C MET F 227 8.99 85.17 -10.38
N LEU F 228 9.84 84.15 -10.23
CA LEU F 228 10.76 84.06 -9.11
C LEU F 228 12.21 83.94 -9.58
N ASP F 229 12.52 84.34 -10.81
CA ASP F 229 13.90 84.31 -11.28
C ASP F 229 14.41 82.87 -11.27
N ASN F 230 15.64 82.64 -10.81
CA ASN F 230 16.24 81.32 -10.68
C ASN F 230 16.43 80.62 -12.02
N LEU F 231 16.55 81.37 -13.11
CA LEU F 231 16.74 80.76 -14.42
C LEU F 231 17.98 79.88 -14.42
N GLU F 232 17.84 78.66 -14.95
CA GLU F 232 18.94 77.73 -15.08
C GLU F 232 18.88 77.06 -16.44
N VAL F 233 20.05 76.64 -16.92
CA VAL F 233 20.19 76.02 -18.24
C VAL F 233 21.07 74.78 -18.10
N TYR F 234 20.59 73.66 -18.63
CA TYR F 234 21.33 72.41 -18.62
C TYR F 234 21.45 71.83 -20.02
N PRO F 235 22.57 71.21 -20.36
CA PRO F 235 22.60 70.38 -21.57
C PRO F 235 21.65 69.20 -21.44
N GLU F 236 21.13 68.75 -22.57
CA GLU F 236 20.10 67.72 -22.56
C GLU F 236 20.59 66.44 -21.87
N ALA F 237 21.89 66.19 -21.84
CA ALA F 237 22.40 64.94 -21.30
C ALA F 237 22.35 64.91 -19.78
N ILE F 238 22.51 66.04 -19.11
CA ILE F 238 22.62 66.07 -17.66
C ILE F 238 21.45 66.81 -17.03
N CYS F 239 20.29 66.75 -17.68
CA CYS F 239 19.09 67.32 -17.09
C CYS F 239 18.67 66.50 -15.87
N PRO F 240 18.23 67.13 -14.79
CA PRO F 240 17.86 66.39 -13.58
C PRO F 240 16.44 65.82 -13.58
N PHE F 241 15.62 66.11 -14.58
CA PHE F 241 14.26 65.59 -14.67
C PHE F 241 14.24 64.44 -15.67
N ILE F 242 13.59 63.35 -15.29
CA ILE F 242 13.57 62.13 -16.10
C ILE F 242 12.16 61.57 -16.17
N PRO F 243 11.39 61.82 -17.23
CA PRO F 243 10.13 61.13 -17.42
C PRO F 243 10.33 59.74 -18.00
N ALA F 244 9.51 58.79 -17.51
CA ALA F 244 9.66 57.39 -17.88
C ALA F 244 8.29 56.80 -18.17
N VAL F 245 8.29 55.71 -18.93
CA VAL F 245 7.08 54.99 -19.29
C VAL F 245 7.37 53.50 -19.26
N TRP F 246 6.33 52.70 -19.03
CA TRP F 246 6.43 51.25 -19.03
C TRP F 246 6.13 50.68 -20.41
N ASN F 247 4.97 51.03 -20.96
CA ASN F 247 4.60 50.65 -22.32
C ASN F 247 3.97 51.85 -23.00
N LEU F 248 4.51 52.22 -24.16
CA LEU F 248 4.11 53.44 -24.86
C LEU F 248 3.59 53.07 -26.25
N VAL F 249 2.28 53.19 -26.45
CA VAL F 249 1.69 52.96 -27.75
C VAL F 249 2.00 54.16 -28.64
N THR F 250 2.52 53.90 -29.84
CA THR F 250 2.88 54.98 -30.75
C THR F 250 1.68 55.86 -31.03
N GLY F 251 1.87 57.17 -30.93
CA GLY F 251 0.81 58.12 -31.18
C GLY F 251 0.30 58.79 -29.93
N GLU F 252 0.34 58.08 -28.80
CA GLU F 252 -0.18 58.60 -27.54
C GLU F 252 0.94 59.32 -26.78
N THR F 253 0.59 59.86 -25.61
CA THR F 253 1.51 60.66 -24.81
C THR F 253 1.90 59.96 -23.51
N TYR F 254 0.97 59.27 -22.87
CA TYR F 254 1.23 58.57 -21.63
C TYR F 254 1.30 57.07 -21.85
N GLY F 255 2.07 56.39 -21.00
CA GLY F 255 2.26 54.95 -21.14
C GLY F 255 1.15 54.13 -20.52
N ARG F 256 1.35 52.81 -20.44
CA ARG F 256 0.38 51.90 -19.85
C ARG F 256 1.09 50.96 -18.90
N GLY F 257 0.35 50.46 -17.92
CA GLY F 257 0.92 49.64 -16.88
C GLY F 257 0.78 48.15 -17.10
N LEU F 258 1.44 47.36 -16.27
CA LEU F 258 1.35 45.90 -16.38
C LEU F 258 -0.01 45.39 -15.92
N VAL F 259 -0.59 46.04 -14.92
CA VAL F 259 -1.86 45.58 -14.36
C VAL F 259 -2.97 45.67 -15.39
N GLU F 260 -2.89 46.61 -16.34
CA GLU F 260 -3.94 46.77 -17.32
C GLU F 260 -4.13 45.54 -18.19
N ASP F 261 -3.10 44.70 -18.31
CA ASP F 261 -3.18 43.50 -19.13
C ASP F 261 -3.94 42.36 -18.46
N TYR F 262 -4.21 42.46 -17.15
CA TYR F 262 -4.79 41.36 -16.39
C TYR F 262 -5.97 41.84 -15.54
N ALA F 263 -6.78 42.76 -16.07
CA ALA F 263 -7.89 43.31 -15.30
C ALA F 263 -9.03 42.32 -15.17
N GLY F 264 -9.23 41.49 -16.20
CA GLY F 264 -10.36 40.56 -16.18
C GLY F 264 -10.29 39.59 -15.02
N ASP F 265 -9.11 39.03 -14.76
CA ASP F 265 -8.97 38.06 -13.67
C ASP F 265 -9.25 38.71 -12.31
N LEU F 266 -8.73 39.91 -12.09
CA LEU F 266 -8.98 40.59 -10.82
C LEU F 266 -10.46 40.91 -10.65
N ALA F 267 -11.11 41.38 -11.72
CA ALA F 267 -12.53 41.68 -11.65
C ALA F 267 -13.33 40.42 -11.35
N LYS F 268 -12.95 39.30 -11.95
CA LYS F 268 -13.65 38.04 -11.71
C LYS F 268 -13.36 37.47 -10.33
N LEU F 269 -12.24 37.86 -9.73
CA LEU F 269 -11.85 37.38 -8.41
C LEU F 269 -12.53 38.15 -7.29
N SER F 270 -12.73 39.46 -7.47
CA SER F 270 -13.33 40.28 -6.43
C SER F 270 -14.74 39.80 -6.08
N ALA F 271 -15.54 39.49 -7.10
CA ALA F 271 -16.92 39.04 -6.84
C ALA F 271 -16.95 37.72 -6.09
N LEU F 272 -16.08 36.77 -6.47
CA LEU F 272 -16.02 35.51 -5.76
C LEU F 272 -15.60 35.72 -4.31
N SER F 273 -14.67 36.64 -4.07
CA SER F 273 -14.29 36.96 -2.69
C SER F 273 -15.48 37.50 -1.92
N GLU F 274 -16.28 38.38 -2.55
CA GLU F 274 -17.46 38.91 -1.88
C GLU F 274 -18.44 37.79 -1.51
N ALA F 275 -18.67 36.87 -2.44
CA ALA F 275 -19.59 35.77 -2.17
C ALA F 275 -19.07 34.88 -1.04
N LEU F 276 -17.77 34.62 -1.03
CA LEU F 276 -17.18 33.83 0.05
C LEU F 276 -17.37 34.53 1.39
N ALA F 277 -17.19 35.85 1.41
CA ALA F 277 -17.41 36.60 2.65
C ALA F 277 -18.86 36.50 3.10
N LEU F 278 -19.81 36.57 2.16
CA LEU F 278 -21.21 36.46 2.52
C LEU F 278 -21.50 35.09 3.14
N TYR F 279 -21.01 34.02 2.54
CA TYR F 279 -21.21 32.69 3.12
C TYR F 279 -20.56 32.57 4.49
N GLU F 280 -19.35 33.10 4.65
CA GLU F 280 -18.68 33.04 5.94
C GLU F 280 -19.46 33.78 7.01
N ILE F 281 -20.06 34.92 6.68
CA ILE F 281 -20.92 35.61 7.64
C ILE F 281 -22.17 34.80 7.95
N GLU F 282 -22.76 34.16 6.94
CA GLU F 282 -23.92 33.30 7.18
C GLU F 282 -23.58 32.13 8.09
N ALA F 283 -22.32 31.69 8.11
CA ALA F 283 -21.94 30.55 8.93
C ALA F 283 -21.86 30.86 10.42
N CYS F 284 -22.31 32.03 10.85
CA CYS F 284 -22.21 32.43 12.25
C CYS F 284 -23.56 32.46 12.96
N ARG F 285 -24.54 31.69 12.49
CA ARG F 285 -25.82 31.56 13.17
C ARG F 285 -25.76 30.38 14.12
N VAL F 286 -25.93 30.64 15.41
CA VAL F 286 -25.90 29.61 16.44
C VAL F 286 -27.33 29.49 16.98
N LEU F 287 -28.05 28.47 16.51
CA LEU F 287 -29.41 28.23 16.94
C LEU F 287 -29.60 26.75 17.28
N HIS F 288 -30.54 26.49 18.18
CA HIS F 288 -30.95 25.13 18.53
C HIS F 288 -32.44 25.03 18.33
N MET F 289 -32.88 24.03 17.57
CA MET F 289 -34.26 23.88 17.18
C MET F 289 -34.90 22.71 17.91
N ALA F 290 -36.06 22.96 18.52
CA ALA F 290 -36.82 21.92 19.19
C ALA F 290 -37.81 21.32 18.19
N LYS F 291 -37.62 20.03 17.87
CA LYS F 291 -38.44 19.39 16.87
C LYS F 291 -39.91 19.39 17.30
N PRO F 292 -40.84 19.63 16.37
CA PRO F 292 -42.25 19.52 16.71
C PRO F 292 -42.76 18.09 16.63
N GLY F 293 -43.64 17.74 17.56
CA GLY F 293 -44.19 16.40 17.61
C GLY F 293 -43.40 15.41 18.43
N SER F 294 -42.43 15.86 19.21
CA SER F 294 -41.59 14.99 20.03
C SER F 294 -41.87 15.23 21.51
N GLN F 295 -41.76 14.16 22.30
CA GLN F 295 -41.93 14.28 23.74
C GLN F 295 -40.63 14.76 24.39
N ILE F 296 -40.67 15.95 24.98
CA ILE F 296 -39.51 16.51 25.66
C ILE F 296 -39.99 17.43 26.76
N ASP F 297 -39.08 17.76 27.69
CA ASP F 297 -39.35 18.69 28.77
C ASP F 297 -38.35 19.84 28.61
N VAL F 298 -38.74 20.85 27.82
CA VAL F 298 -37.79 21.89 27.43
C VAL F 298 -37.28 22.65 28.64
N ASP F 299 -38.18 22.97 29.59
CA ASP F 299 -37.78 23.77 30.74
C ASP F 299 -36.70 23.08 31.55
N SER F 300 -36.89 21.79 31.84
CA SER F 300 -35.90 21.05 32.61
C SER F 300 -34.57 20.95 31.85
N MET F 301 -34.63 20.67 30.55
CA MET F 301 -33.40 20.54 29.77
C MET F 301 -32.63 21.85 29.76
N ALA F 302 -33.35 22.98 29.70
CA ALA F 302 -32.71 24.27 29.53
C ALA F 302 -32.39 24.98 30.84
N GLU F 303 -32.91 24.52 31.98
CA GLU F 303 -32.75 25.24 33.24
C GLU F 303 -32.14 24.41 34.38
N ARG F 304 -31.87 23.13 34.17
CA ARG F 304 -31.31 22.30 35.23
C ARG F 304 -29.78 22.39 35.22
N GLU F 305 -29.19 22.11 36.39
CA GLU F 305 -27.74 22.06 36.51
C GLU F 305 -27.19 20.83 35.81
N SER F 306 -25.93 20.91 35.40
CA SER F 306 -25.31 19.83 34.65
C SER F 306 -25.15 18.59 35.52
N GLY F 307 -25.61 17.45 35.03
CA GLY F 307 -25.51 16.20 35.75
C GLY F 307 -26.86 15.61 36.11
N ALA F 308 -27.92 16.34 35.83
CA ALA F 308 -29.25 15.91 36.22
C ALA F 308 -29.81 14.86 35.26
N TRP F 309 -30.86 14.19 35.70
CA TRP F 309 -31.62 13.25 34.89
C TRP F 309 -32.98 13.84 34.53
N VAL F 310 -33.35 13.72 33.27
CA VAL F 310 -34.57 14.31 32.75
C VAL F 310 -35.30 13.26 31.92
N ALA F 311 -36.60 13.46 31.74
CA ALA F 311 -37.44 12.56 30.98
C ALA F 311 -37.77 13.18 29.62
N GLY F 312 -37.45 12.45 28.56
CA GLY F 312 -37.71 12.90 27.21
C GLY F 312 -36.81 12.18 26.22
N ASP F 313 -37.12 12.35 24.94
CA ASP F 313 -36.32 11.71 23.91
C ASP F 313 -34.91 12.31 23.91
N PRO F 314 -33.88 11.50 23.71
CA PRO F 314 -32.51 12.04 23.72
C PRO F 314 -32.13 12.73 22.42
N ASN F 315 -33.10 12.92 21.52
CA ASN F 315 -32.82 13.52 20.22
C ASN F 315 -33.88 14.56 19.84
N GLY F 316 -34.58 15.14 20.80
CA GLY F 316 -35.64 16.08 20.49
C GLY F 316 -35.14 17.47 20.10
N VAL F 317 -33.88 17.77 20.36
CA VAL F 317 -33.30 19.07 20.05
C VAL F 317 -32.08 18.86 19.17
N ALA F 318 -32.00 19.64 18.09
CA ALA F 318 -30.90 19.52 17.14
C ALA F 318 -30.38 20.91 16.80
N ALA F 319 -29.13 20.96 16.36
CA ALA F 319 -28.49 22.21 16.01
C ALA F 319 -28.86 22.65 14.60
N TYR F 320 -29.03 23.96 14.43
CA TYR F 320 -29.39 24.51 13.14
C TYR F 320 -28.37 24.13 12.07
N GLU F 321 -28.87 23.74 10.90
CA GLU F 321 -28.01 23.25 9.82
C GLU F 321 -28.56 23.78 8.50
N ALA F 322 -27.74 24.51 7.75
CA ALA F 322 -28.14 25.04 6.46
C ALA F 322 -27.34 24.48 5.29
N GLY F 323 -26.24 23.77 5.55
CA GLY F 323 -25.46 23.20 4.47
C GLY F 323 -24.60 24.16 3.71
N ASP F 324 -24.11 25.23 4.36
CA ASP F 324 -23.32 26.24 3.69
C ASP F 324 -21.82 26.00 3.82
N TYR F 325 -21.39 24.91 4.45
CA TYR F 325 -19.96 24.62 4.56
C TYR F 325 -19.40 24.12 3.23
N ASN F 326 -20.16 23.26 2.53
CA ASN F 326 -19.72 22.74 1.25
C ASN F 326 -19.51 23.87 0.25
N LYS F 327 -20.36 24.90 0.29
CA LYS F 327 -20.19 26.02 -0.62
C LYS F 327 -18.90 26.77 -0.35
N ILE F 328 -18.54 26.94 0.92
CA ILE F 328 -17.26 27.56 1.26
C ILE F 328 -16.11 26.72 0.72
N ILE F 329 -16.19 25.40 0.92
CA ILE F 329 -15.14 24.52 0.43
C ILE F 329 -15.00 24.66 -1.09
N ALA F 330 -16.12 24.74 -1.80
CA ALA F 330 -16.08 24.84 -3.25
C ALA F 330 -15.50 26.17 -3.70
N LEU F 331 -15.96 27.27 -3.10
CA LEU F 331 -15.49 28.60 -3.52
C LEU F 331 -14.01 28.76 -3.28
N THR F 332 -13.50 28.24 -2.15
CA THR F 332 -12.08 28.38 -1.85
C THR F 332 -11.22 27.78 -2.94
N GLN F 333 -11.59 26.60 -3.44
CA GLN F 333 -10.78 25.93 -4.46
C GLN F 333 -10.74 26.73 -5.75
N GLU F 334 -11.89 27.27 -6.19
CA GLU F 334 -11.90 28.07 -7.40
C GLU F 334 -11.04 29.32 -7.25
N ILE F 335 -11.16 30.01 -6.11
CA ILE F 335 -10.37 31.21 -5.90
C ILE F 335 -8.89 30.87 -5.90
N GLN F 336 -8.52 29.77 -5.24
CA GLN F 336 -7.12 29.35 -5.20
C GLN F 336 -6.61 29.01 -6.59
N SER F 337 -7.44 28.34 -7.40
CA SER F 337 -7.00 27.99 -8.76
C SER F 337 -6.73 29.24 -9.58
N ILE F 338 -7.63 30.22 -9.52
CA ILE F 338 -7.41 31.46 -10.27
C ILE F 338 -6.15 32.17 -9.79
N ALA F 339 -5.99 32.25 -8.47
CA ALA F 339 -4.81 32.92 -7.92
C ALA F 339 -3.53 32.24 -8.37
N ALA F 340 -3.51 30.91 -8.36
CA ALA F 340 -2.33 30.17 -8.81
C ALA F 340 -2.07 30.41 -10.29
N ARG F 341 -3.14 30.45 -11.09
CA ARG F 341 -2.96 30.71 -12.52
C ARG F 341 -2.40 32.10 -12.78
N LEU F 342 -2.70 33.07 -11.93
CA LEU F 342 -2.13 34.40 -12.11
C LEU F 342 -0.69 34.51 -11.64
N ALA F 343 -0.18 33.51 -10.92
CA ALA F 343 1.13 33.66 -10.27
C ALA F 343 2.27 33.90 -11.24
N PRO F 344 2.41 33.15 -12.34
CA PRO F 344 3.63 33.29 -13.16
C PRO F 344 3.83 34.70 -13.71
N ALA F 345 2.75 35.39 -14.07
CA ALA F 345 2.89 36.68 -14.75
C ALA F 345 3.60 37.71 -13.88
N PHE F 346 3.46 37.61 -12.56
CA PHE F 346 4.02 38.58 -11.64
C PHE F 346 5.30 38.09 -10.97
N MET F 347 5.88 36.99 -11.44
CA MET F 347 7.11 36.45 -10.87
C MET F 347 6.94 36.15 -9.38
N TYR F 348 5.93 35.35 -9.06
CA TYR F 348 5.65 34.92 -7.69
C TYR F 348 6.05 33.45 -7.56
N ALA F 349 6.80 33.14 -6.53
CA ALA F 349 7.26 31.77 -6.30
C ALA F 349 7.45 31.52 -4.81
N THR F 359 28.01 36.52 -5.87
CA THR F 359 28.81 36.65 -7.08
C THR F 359 27.99 37.29 -8.20
N ALA F 360 28.69 37.94 -9.14
CA ALA F 360 28.01 38.62 -10.23
C ALA F 360 27.19 37.68 -11.10
N GLU F 361 27.53 36.38 -11.12
CA GLU F 361 26.77 35.42 -11.92
C GLU F 361 25.36 35.24 -11.39
N GLU F 362 25.16 35.33 -10.08
CA GLU F 362 23.81 35.27 -9.53
C GLU F 362 22.96 36.41 -10.05
N ILE F 363 23.52 37.62 -10.07
CA ILE F 363 22.79 38.77 -10.61
C ILE F 363 22.55 38.58 -12.10
N ARG F 364 23.54 38.05 -12.84
CA ARG F 364 23.34 37.77 -14.25
C ARG F 364 22.12 36.88 -14.47
N GLN F 365 22.07 35.75 -13.75
CA GLN F 365 20.99 34.80 -13.94
C GLN F 365 19.65 35.38 -13.49
N ASN F 366 19.64 36.14 -12.38
CA ASN F 366 18.41 36.75 -11.91
C ASN F 366 17.87 37.74 -12.94
N ALA F 367 18.76 38.56 -13.51
CA ALA F 367 18.33 39.51 -14.54
C ALA F 367 17.83 38.80 -15.78
N GLU F 368 18.49 37.71 -16.19
CA GLU F 368 18.04 36.97 -17.36
C GLU F 368 16.66 36.37 -17.13
N GLU F 369 16.41 35.82 -15.93
CA GLU F 369 15.11 35.25 -15.64
C GLU F 369 14.04 36.34 -15.54
N ALA F 370 14.42 37.52 -15.04
CA ALA F 370 13.49 38.65 -15.06
C ALA F 370 13.15 39.05 -16.48
N GLU F 371 14.15 39.06 -17.36
CA GLU F 371 13.88 39.27 -18.79
C GLU F 371 12.87 38.26 -19.30
N LEU F 372 13.07 36.98 -18.98
CA LEU F 372 12.16 35.95 -19.49
C LEU F 372 10.74 36.14 -18.95
N ALA F 373 10.62 36.44 -17.66
CA ALA F 373 9.28 36.57 -17.07
C ALA F 373 8.56 37.81 -17.57
N LEU F 374 9.22 38.97 -17.53
CA LEU F 374 8.54 40.22 -17.87
C LEU F 374 8.09 40.25 -19.32
N GLY F 375 8.94 39.78 -20.24
CA GLY F 375 8.64 39.79 -21.65
C GLY F 375 9.34 40.85 -22.46
N GLY F 376 10.28 41.59 -21.87
CA GLY F 376 11.06 42.56 -22.62
C GLY F 376 10.95 43.98 -22.10
N VAL F 377 10.50 44.14 -20.85
CA VAL F 377 10.42 45.46 -20.24
C VAL F 377 11.65 45.80 -19.39
N TYR F 378 12.32 44.79 -18.83
CA TYR F 378 13.57 45.06 -18.10
C TYR F 378 14.52 45.88 -18.96
N SER F 379 14.63 45.53 -20.24
CA SER F 379 15.47 46.31 -21.15
C SER F 379 14.96 47.73 -21.31
N VAL F 380 13.64 47.91 -21.41
CA VAL F 380 13.09 49.26 -21.56
C VAL F 380 13.39 50.10 -20.33
N ILE F 381 13.17 49.53 -19.14
CA ILE F 381 13.44 50.26 -17.91
C ILE F 381 14.91 50.62 -17.82
N ALA F 382 15.79 49.65 -18.14
CA ALA F 382 17.22 49.93 -18.12
C ALA F 382 17.58 51.05 -19.07
N ASP F 383 17.03 51.00 -20.30
CA ASP F 383 17.34 52.03 -21.28
C ASP F 383 16.88 53.41 -20.82
N THR F 384 15.68 53.48 -20.24
CA THR F 384 15.11 54.78 -19.88
C THR F 384 15.60 55.33 -18.55
N LEU F 385 16.27 54.52 -17.73
CA LEU F 385 16.77 55.02 -16.45
C LEU F 385 18.29 55.05 -16.34
N HIS F 386 19.00 54.07 -16.90
CA HIS F 386 20.43 53.95 -16.65
C HIS F 386 21.21 55.06 -17.34
N ILE F 387 20.82 55.43 -18.56
CA ILE F 387 21.65 56.36 -19.36
C ILE F 387 21.79 57.71 -18.69
N PRO F 388 20.72 58.38 -18.24
CA PRO F 388 20.91 59.73 -17.67
C PRO F 388 21.51 59.71 -16.27
N LEU F 389 21.14 58.72 -15.44
CA LEU F 389 21.69 58.65 -14.09
C LEU F 389 23.20 58.46 -14.12
N ALA F 390 23.72 57.67 -15.06
CA ALA F 390 25.16 57.50 -15.17
C ALA F 390 25.84 58.84 -15.41
N HIS F 391 25.33 59.62 -16.37
CA HIS F 391 25.91 60.92 -16.65
C HIS F 391 25.84 61.83 -15.44
N ILE F 392 24.69 61.85 -14.76
CA ILE F 392 24.53 62.75 -13.62
C ILE F 392 25.52 62.39 -12.51
N LEU F 393 25.63 61.10 -12.17
CA LEU F 393 26.55 60.69 -11.12
C LEU F 393 28.00 60.95 -11.52
N CYS F 394 28.37 60.68 -12.77
CA CYS F 394 29.73 60.95 -13.20
C CYS F 394 30.04 62.44 -13.11
N TRP F 395 29.10 63.29 -13.51
CA TRP F 395 29.29 64.73 -13.36
C TRP F 395 29.44 65.11 -11.89
N GLU F 396 28.66 64.49 -11.00
CA GLU F 396 28.81 64.76 -9.58
C GLU F 396 30.19 64.39 -9.07
N VAL F 397 30.74 63.27 -9.54
CA VAL F 397 32.05 62.82 -9.05
C VAL F 397 33.21 63.53 -9.73
N ASN F 398 33.03 64.02 -10.96
CA ASN F 398 34.12 64.70 -11.67
C ASN F 398 33.48 65.68 -12.67
N GLN F 399 33.48 66.96 -12.32
CA GLN F 399 32.84 67.97 -13.15
C GLN F 399 33.68 68.28 -14.39
N GLN F 400 34.99 68.41 -14.22
CA GLN F 400 35.84 68.89 -15.31
C GLN F 400 35.81 67.95 -16.51
N PHE F 401 35.91 66.64 -16.25
CA PHE F 401 35.97 65.68 -17.34
C PHE F 401 34.71 65.73 -18.20
N ILE F 402 33.55 65.81 -17.56
CA ILE F 402 32.29 65.85 -18.31
C ILE F 402 32.12 67.19 -19.01
N ASN F 403 32.56 68.29 -18.38
CA ASN F 403 32.40 69.60 -19.00
C ASN F 403 33.15 69.68 -20.32
N GLU F 404 34.37 69.13 -20.37
CA GLU F 404 35.11 69.14 -21.62
C GLU F 404 34.42 68.34 -22.70
N LEU F 405 33.86 67.19 -22.36
CA LEU F 405 33.19 66.35 -23.35
C LEU F 405 31.94 66.99 -23.92
N LEU F 406 31.15 67.65 -23.08
CA LEU F 406 29.89 68.25 -23.52
C LEU F 406 30.10 69.50 -24.36
N SER F 407 31.12 70.30 -24.04
CA SER F 407 31.36 71.53 -24.78
C SER F 407 31.67 71.24 -26.24
N ASN F 408 32.49 70.22 -26.50
CA ASN F 408 32.85 69.88 -27.86
C ASN F 408 31.66 69.29 -28.63
N GLY F 409 30.81 68.52 -27.96
CA GLY F 409 29.62 67.93 -28.57
C GLY F 409 29.51 66.44 -28.37
N LEU F 410 30.64 65.74 -28.38
CA LEU F 410 30.61 64.29 -28.21
C LEU F 410 30.16 63.93 -26.80
N THR F 411 29.64 62.70 -26.66
CA THR F 411 29.06 62.24 -25.41
C THR F 411 29.60 60.86 -25.06
N LEU F 412 29.52 60.52 -23.78
CA LEU F 412 29.99 59.24 -23.30
C LEU F 412 29.16 58.09 -23.87
N SER F 413 29.81 56.95 -24.06
CA SER F 413 29.13 55.74 -24.51
C SER F 413 28.93 54.81 -23.33
N VAL F 414 27.71 54.31 -23.17
CA VAL F 414 27.34 53.47 -22.04
C VAL F 414 26.59 52.25 -22.56
N LEU F 415 26.86 51.09 -21.97
CA LEU F 415 26.23 49.83 -22.36
C LEU F 415 25.20 49.45 -21.31
N THR F 416 24.01 49.04 -21.79
CA THR F 416 22.93 48.64 -20.91
C THR F 416 22.09 47.58 -21.60
N GLY F 417 21.02 47.16 -20.94
CA GLY F 417 20.17 46.11 -21.47
C GLY F 417 20.77 44.73 -21.25
N VAL F 418 20.90 44.33 -19.98
CA VAL F 418 21.60 43.12 -19.59
C VAL F 418 22.88 42.97 -20.42
N ALA F 419 23.60 44.09 -20.59
CA ALA F 419 24.86 44.05 -21.32
C ALA F 419 25.94 44.88 -20.64
N ALA F 420 25.88 45.05 -19.32
CA ALA F 420 26.88 45.79 -18.56
C ALA F 420 27.94 44.86 -18.00
N LEU F 421 28.24 43.78 -18.72
CA LEU F 421 29.19 42.78 -18.27
C LEU F 421 30.60 43.04 -18.82
N SER F 422 30.86 44.24 -19.33
CA SER F 422 32.15 44.53 -19.94
C SER F 422 33.29 44.25 -18.97
N ARG F 423 33.18 44.76 -17.74
CA ARG F 423 34.21 44.58 -16.72
C ARG F 423 33.69 43.72 -15.57
N SER F 424 32.72 42.85 -15.85
CA SER F 424 32.07 42.08 -14.81
C SER F 424 32.57 40.64 -14.76
N THR F 425 32.54 39.95 -15.89
CA THR F 425 32.80 38.52 -15.95
C THR F 425 33.81 38.20 -17.04
N ASP F 426 34.90 38.97 -17.09
CA ASP F 426 35.99 38.65 -17.99
C ASP F 426 36.99 37.69 -17.35
N VAL F 427 37.04 37.66 -16.02
CA VAL F 427 37.98 36.78 -15.33
C VAL F 427 37.62 35.32 -15.57
N ASN F 428 36.33 35.02 -15.78
CA ASN F 428 35.93 33.65 -16.05
C ASN F 428 36.51 33.15 -17.37
N LYS F 429 36.56 34.03 -18.38
CA LYS F 429 37.13 33.69 -19.68
C LYS F 429 38.64 33.58 -19.64
N LEU F 430 39.29 34.17 -18.64
CA LEU F 430 40.73 34.02 -18.43
C LEU F 430 41.08 32.77 -17.65
N ILE F 431 40.25 32.40 -16.67
CA ILE F 431 40.50 31.19 -15.90
C ILE F 431 40.45 29.96 -16.81
N GLN F 432 39.47 29.92 -17.72
CA GLN F 432 39.35 28.79 -18.62
C GLN F 432 40.56 28.69 -19.53
N ALA F 433 41.02 29.83 -20.07
CA ALA F 433 42.21 29.82 -20.92
C ALA F 433 43.42 29.34 -20.14
N ALA F 434 43.57 29.79 -18.89
CA ALA F 434 44.69 29.34 -18.08
C ALA F 434 44.62 27.83 -17.84
N GLN F 435 43.42 27.31 -17.57
CA GLN F 435 43.28 25.88 -17.35
C GLN F 435 43.63 25.08 -18.58
N SER F 436 43.18 25.51 -19.76
CA SER F 436 43.52 24.80 -20.99
C SER F 436 44.99 24.90 -21.34
N LEU F 437 45.61 26.07 -21.13
CA LEU F 437 47.04 26.25 -21.40
C LEU F 437 47.90 25.38 -20.50
N SER F 438 47.40 24.96 -19.33
CA SER F 438 48.13 24.07 -18.45
C SER F 438 48.03 22.62 -18.89
N VAL F 439 47.15 22.31 -19.84
CA VAL F 439 47.03 20.97 -20.38
C VAL F 439 47.64 20.84 -21.76
N ILE F 440 47.64 21.91 -22.56
CA ILE F 440 48.15 21.81 -23.93
C ILE F 440 49.65 22.04 -24.00
N LEU F 441 50.21 22.94 -23.18
CA LEU F 441 51.63 23.27 -23.29
C LEU F 441 52.53 22.18 -22.73
N PRO F 442 52.15 21.49 -21.64
CA PRO F 442 53.01 20.39 -21.17
C PRO F 442 53.29 19.38 -22.28
N VAL F 443 52.29 19.08 -23.11
CA VAL F 443 52.55 18.37 -24.36
C VAL F 443 53.06 19.36 -25.39
N PHE F 444 53.72 18.85 -26.42
CA PHE F 444 54.34 19.63 -27.50
C PHE F 444 55.64 20.28 -27.03
N GLN F 445 56.06 20.05 -25.79
CA GLN F 445 57.31 20.63 -25.33
C GLN F 445 58.52 19.95 -25.97
N ASN F 446 58.41 18.65 -26.28
CA ASN F 446 59.49 17.92 -26.92
C ASN F 446 59.51 18.11 -28.43
N THR F 447 58.34 18.17 -29.06
CA THR F 447 58.29 18.33 -30.51
C THR F 447 58.71 19.75 -30.88
N PRO F 448 59.76 19.91 -31.70
CA PRO F 448 60.19 21.27 -32.09
C PRO F 448 59.52 21.81 -33.35
N ARG F 449 58.57 21.09 -33.93
CA ARG F 449 57.92 21.54 -35.16
C ARG F 449 56.71 22.44 -34.90
N VAL F 450 56.21 22.48 -33.67
CA VAL F 450 55.02 23.26 -33.32
C VAL F 450 55.49 24.48 -32.53
N ASP F 451 55.12 25.66 -32.99
CA ASP F 451 55.54 26.89 -32.31
C ASP F 451 54.58 27.20 -31.17
N PRO F 452 55.09 27.35 -29.94
CA PRO F 452 54.19 27.69 -28.81
C PRO F 452 53.49 29.02 -28.98
N GLU F 453 54.11 30.01 -29.63
CA GLU F 453 53.49 31.32 -29.79
C GLU F 453 52.19 31.24 -30.58
N LYS F 454 52.14 30.45 -31.64
CA LYS F 454 50.91 30.28 -32.41
C LYS F 454 49.81 29.60 -31.60
N ILE F 455 50.14 28.60 -30.80
CA ILE F 455 49.15 28.00 -29.91
C ILE F 455 48.62 29.05 -28.94
N LEU F 456 49.51 29.85 -28.36
CA LEU F 456 49.07 30.90 -27.45
C LEU F 456 48.11 31.87 -28.13
N ASP F 457 48.50 32.35 -29.31
CA ASP F 457 47.71 33.33 -30.05
C ASP F 457 46.38 32.76 -30.55
N MET F 458 46.30 31.45 -30.76
CA MET F 458 45.04 30.82 -31.10
C MET F 458 44.13 30.63 -29.90
N VAL F 459 44.67 30.11 -28.79
CA VAL F 459 43.84 29.87 -27.61
C VAL F 459 43.32 31.18 -27.03
N LEU F 460 44.18 32.21 -26.95
CA LEU F 460 43.73 33.47 -26.37
C LEU F 460 42.61 34.09 -27.19
N THR F 461 42.78 34.16 -28.51
CA THR F 461 41.74 34.76 -29.34
C THR F 461 40.49 33.90 -29.42
N GLY F 462 40.64 32.58 -29.20
CA GLY F 462 39.48 31.70 -29.27
C GLY F 462 38.43 32.06 -28.23
N PHE F 463 38.86 32.37 -27.02
CA PHE F 463 37.95 32.66 -25.92
C PHE F 463 37.45 34.10 -25.94
N GLY F 464 38.00 34.95 -26.80
CA GLY F 464 37.53 36.32 -26.89
C GLY F 464 38.27 37.29 -26.00
N ILE F 465 39.60 37.26 -26.01
CA ILE F 465 40.42 38.18 -25.24
C ILE F 465 41.27 39.00 -26.19
N ASN F 466 41.20 40.32 -26.06
CA ASN F 466 42.03 41.21 -26.88
C ASN F 466 43.46 41.12 -26.38
N THR F 467 44.33 40.51 -27.19
CA THR F 467 45.71 40.28 -26.78
C THR F 467 46.48 41.56 -26.53
N LYS F 468 46.02 42.70 -27.04
CA LYS F 468 46.73 43.95 -26.90
C LYS F 468 46.80 44.43 -25.45
N ASP F 469 45.99 43.88 -24.56
CA ASP F 469 45.98 44.27 -23.15
C ASP F 469 46.84 43.35 -22.28
N LEU F 470 47.49 42.34 -22.86
CA LEU F 470 48.32 41.41 -22.11
C LEU F 470 49.75 41.34 -22.63
N TYR F 471 49.95 41.38 -23.95
CA TYR F 471 51.27 41.20 -24.52
C TYR F 471 52.18 42.37 -24.16
N ARG F 472 53.47 42.09 -24.02
CA ARG F 472 54.46 43.11 -23.76
C ARG F 472 54.88 43.79 -25.05
N THR F 473 55.30 45.05 -24.91
CA THR F 473 55.78 45.81 -26.06
C THR F 473 57.23 45.46 -26.37
N GLU F 474 57.69 45.89 -27.54
CA GLU F 474 59.05 45.58 -27.97
C GLU F 474 60.08 46.18 -27.03
N GLU F 475 59.85 47.42 -26.58
CA GLU F 475 60.80 48.08 -25.70
C GLU F 475 60.96 47.32 -24.39
N GLN F 476 59.85 46.85 -23.82
CA GLN F 476 59.93 46.10 -22.57
C GLN F 476 60.71 44.81 -22.76
N LEU F 477 60.49 44.11 -23.87
CA LEU F 477 61.22 42.89 -24.14
C LEU F 477 62.72 43.18 -24.29
N GLN F 478 63.06 44.26 -24.99
CA GLN F 478 64.47 44.62 -25.15
C GLN F 478 65.10 44.92 -23.80
N ALA F 479 64.38 45.66 -22.95
CA ALA F 479 64.92 45.99 -21.63
C ALA F 479 65.12 44.74 -20.80
N LEU F 480 64.15 43.82 -20.83
CA LEU F 480 64.28 42.58 -20.08
C LEU F 480 65.47 41.77 -20.57
N GLN F 481 65.65 41.68 -21.89
CA GLN F 481 66.79 40.96 -22.44
C GLN F 481 68.11 41.60 -22.03
N ALA F 482 68.17 42.93 -22.04
CA ALA F 482 69.38 43.62 -21.63
C ALA F 482 69.69 43.38 -20.16
N ALA F 483 68.66 43.37 -19.32
CA ALA F 483 68.83 43.16 -17.88
C ALA F 483 69.12 41.68 -17.65
N GLN F 484 70.36 41.29 -17.92
CA GLN F 484 70.80 39.91 -17.75
C GLN F 484 72.29 39.84 -17.48
N THR G 7 5.13 63.37 -54.75
CA THR G 7 3.82 62.66 -54.68
C THR G 7 4.01 61.24 -54.13
N TYR G 8 4.88 61.10 -53.14
CA TYR G 8 5.13 59.78 -52.57
C TYR G 8 3.90 59.20 -51.89
N GLU G 9 2.90 60.03 -51.58
CA GLU G 9 1.66 59.50 -51.02
C GLU G 9 0.98 58.57 -52.00
N SER G 10 1.03 58.89 -53.29
CA SER G 10 0.45 58.01 -54.30
C SER G 10 1.10 56.64 -54.29
N LEU G 11 2.44 56.59 -54.27
CA LEU G 11 3.13 55.31 -54.20
C LEU G 11 2.79 54.57 -52.92
N TYR G 12 2.80 55.30 -51.80
CA TYR G 12 2.51 54.66 -50.52
C TYR G 12 1.13 54.00 -50.53
N THR G 13 0.13 54.68 -51.09
CA THR G 13 -1.20 54.08 -51.17
C THR G 13 -1.24 52.96 -52.19
N LYS G 14 -0.48 53.08 -53.28
CA LYS G 14 -0.51 52.08 -54.33
C LYS G 14 0.04 50.73 -53.83
N TYR G 15 1.12 50.77 -53.05
CA TYR G 15 1.83 49.54 -52.69
C TYR G 15 1.24 48.82 -51.49
N ARG G 16 0.12 49.28 -50.94
CA ARG G 16 -0.47 48.61 -49.79
C ARG G 16 -1.26 47.38 -50.21
N ASP G 17 -1.48 46.49 -49.25
CA ASP G 17 -2.27 45.27 -49.43
C ASP G 17 -3.31 45.26 -48.31
N ASP G 18 -4.55 45.64 -48.64
CA ASP G 18 -5.58 45.79 -47.61
C ASP G 18 -6.00 44.45 -47.04
N SER G 19 -5.99 43.39 -47.85
CA SER G 19 -6.45 42.09 -47.37
C SER G 19 -5.59 41.60 -46.21
N ALA G 20 -4.28 41.66 -46.36
CA ALA G 20 -3.39 41.21 -45.29
C ALA G 20 -3.57 42.06 -44.04
N ILE G 21 -3.67 43.38 -44.21
CA ILE G 21 -3.82 44.27 -43.07
C ILE G 21 -5.09 43.97 -42.30
N LEU G 22 -6.20 43.73 -43.01
CA LEU G 22 -7.45 43.41 -42.35
C LEU G 22 -7.43 42.02 -41.70
N LYS G 23 -6.78 41.04 -42.33
CA LYS G 23 -6.73 39.70 -41.75
C LYS G 23 -5.85 39.66 -40.51
N THR G 24 -4.75 40.40 -40.48
CA THR G 24 -3.80 40.32 -39.38
C THR G 24 -4.31 40.99 -38.11
N GLU G 25 -5.55 41.46 -38.08
CA GLU G 25 -6.09 42.06 -36.87
C GLU G 25 -6.43 41.00 -35.83
N ASP G 26 -7.02 39.88 -36.27
CA ASP G 26 -7.41 38.83 -35.33
C ASP G 26 -6.20 38.23 -34.63
N TYR G 27 -5.11 38.02 -35.36
CA TYR G 27 -3.93 37.41 -34.77
C TYR G 27 -3.40 38.27 -33.63
N ALA G 28 -3.33 39.58 -33.84
CA ALA G 28 -2.94 40.48 -32.77
C ALA G 28 -3.97 40.47 -31.64
N HIS G 29 -5.26 40.45 -32.00
CA HIS G 29 -6.31 40.45 -30.97
C HIS G 29 -6.27 39.24 -30.05
N TRP G 30 -5.77 38.11 -30.53
CA TRP G 30 -5.69 36.92 -29.71
C TRP G 30 -4.47 36.89 -28.80
N THR G 31 -3.41 37.61 -29.13
CA THR G 31 -2.16 37.54 -28.39
C THR G 31 -1.79 38.84 -27.69
N LEU G 32 -1.65 39.94 -28.42
CA LEU G 32 -1.16 41.20 -27.87
C LEU G 32 -1.71 42.35 -28.69
N PRO G 33 -2.90 42.85 -28.33
CA PRO G 33 -3.51 43.91 -29.15
C PRO G 33 -2.68 45.17 -29.26
N THR G 34 -1.96 45.56 -28.21
CA THR G 34 -1.30 46.86 -28.18
C THR G 34 -0.12 46.96 -29.15
N VAL G 35 0.36 45.84 -29.69
CA VAL G 35 1.48 45.88 -30.62
C VAL G 35 1.07 46.27 -32.03
N TYR G 36 -0.22 46.19 -32.35
CA TYR G 36 -0.71 46.40 -33.71
C TYR G 36 -1.73 47.53 -33.78
N ALA G 37 -1.62 48.53 -32.89
CA ALA G 37 -2.58 49.61 -32.86
C ALA G 37 -2.37 50.57 -34.02
N ASP G 38 -3.47 51.08 -34.57
CA ASP G 38 -3.40 52.00 -35.70
C ASP G 38 -2.97 53.38 -35.24
N PRO G 39 -1.89 53.94 -35.79
CA PRO G 39 -1.46 55.28 -35.35
C PRO G 39 -2.26 56.43 -35.94
N ASP G 40 -3.13 56.17 -36.91
CA ASP G 40 -3.85 57.23 -37.60
C ASP G 40 -5.20 57.57 -36.97
N LEU G 41 -5.62 56.82 -35.94
CA LEU G 41 -6.85 57.10 -35.23
C LEU G 41 -6.64 57.85 -33.92
N ARG G 42 -5.40 58.24 -33.63
CA ARG G 42 -5.07 58.90 -32.37
C ARG G 42 -4.22 60.13 -32.65
N GLU G 43 -4.40 61.15 -31.79
CA GLU G 43 -3.68 62.41 -31.93
C GLU G 43 -3.07 62.84 -30.60
N GLY G 44 -2.67 61.89 -29.77
CA GLY G 44 -2.07 62.17 -28.50
C GLY G 44 -2.96 61.92 -27.30
N LYS G 45 -4.05 61.17 -27.46
CA LYS G 45 -4.94 60.83 -26.36
C LYS G 45 -5.28 59.36 -26.44
N ARG G 46 -5.61 58.77 -25.29
CA ARG G 46 -5.88 57.35 -25.22
C ARG G 46 -7.18 57.00 -25.94
N VAL G 47 -7.14 55.96 -26.75
CA VAL G 47 -8.33 55.32 -27.31
C VAL G 47 -8.29 53.86 -26.89
N ASN G 48 -9.38 53.39 -26.28
CA ASN G 48 -9.35 52.11 -25.59
C ASN G 48 -9.10 50.96 -26.56
N VAL G 49 -8.41 49.93 -26.06
CA VAL G 49 -8.13 48.71 -26.80
C VAL G 49 -8.70 47.54 -26.01
N ARG G 50 -9.49 46.71 -26.70
CA ARG G 50 -10.17 45.61 -26.03
C ARG G 50 -9.28 44.38 -25.93
N ARG G 51 -9.57 43.54 -24.94
CA ARG G 51 -8.82 42.33 -24.66
C ARG G 51 -9.71 41.11 -24.85
N ASP G 52 -9.11 39.94 -24.71
CA ASP G 52 -9.78 38.67 -24.97
C ASP G 52 -10.00 37.91 -23.65
N TYR G 53 -10.84 36.87 -23.73
CA TYR G 53 -11.19 36.11 -22.54
C TYR G 53 -10.07 35.21 -22.06
N GLN G 54 -9.02 35.02 -22.85
CA GLN G 54 -7.92 34.12 -22.49
C GLN G 54 -6.58 34.83 -22.63
N SER G 55 -5.64 34.44 -21.78
CA SER G 55 -4.32 35.06 -21.74
C SER G 55 -3.18 34.08 -22.03
N VAL G 56 -3.47 32.91 -22.60
CA VAL G 56 -2.41 31.95 -22.89
C VAL G 56 -1.49 32.47 -23.98
N GLY G 57 -2.08 33.01 -25.05
CA GLY G 57 -1.26 33.49 -26.17
C GLY G 57 -0.29 34.57 -25.75
N ALA G 58 -0.73 35.48 -24.89
CA ALA G 58 0.15 36.56 -24.45
C ALA G 58 1.37 36.01 -23.73
N VAL G 59 1.17 35.08 -22.80
CA VAL G 59 2.29 34.51 -22.06
C VAL G 59 3.22 33.77 -23.00
N TYR G 60 2.67 32.95 -23.90
CA TYR G 60 3.51 32.19 -24.80
C TYR G 60 4.33 33.11 -25.69
N VAL G 61 3.71 34.14 -26.24
CA VAL G 61 4.43 35.05 -27.14
C VAL G 61 5.50 35.81 -26.39
N ASN G 62 5.19 36.30 -25.18
CA ASN G 62 6.18 37.00 -24.39
C ASN G 62 7.38 36.11 -24.12
N THR G 63 7.14 34.88 -23.68
CA THR G 63 8.24 33.98 -23.37
C THR G 63 9.09 33.71 -24.60
N LEU G 64 8.46 33.40 -25.73
CA LEU G 64 9.22 33.07 -26.93
C LEU G 64 10.03 34.26 -27.42
N SER G 65 9.42 35.46 -27.42
CA SER G 65 10.13 36.64 -27.89
C SER G 65 11.31 36.96 -26.99
N ALA G 66 11.13 36.85 -25.68
CA ALA G 66 12.24 37.10 -24.76
C ALA G 66 13.35 36.08 -24.95
N LYS G 67 12.98 34.81 -25.16
CA LYS G 67 13.99 33.76 -25.26
C LYS G 67 14.78 33.86 -26.55
N LEU G 68 14.11 34.23 -27.65
CA LEU G 68 14.80 34.29 -28.94
C LEU G 68 15.95 35.29 -28.95
N ALA G 69 15.84 36.38 -28.19
CA ALA G 69 16.86 37.43 -28.25
C ALA G 69 18.20 36.92 -27.70
N GLN G 70 18.15 36.12 -26.63
CA GLN G 70 19.38 35.63 -26.03
C GLN G 70 20.13 34.69 -26.97
N VAL G 71 19.40 33.86 -27.72
CA VAL G 71 20.05 32.89 -28.60
C VAL G 71 20.70 33.59 -29.79
N LEU G 72 20.01 34.53 -30.42
CA LEU G 72 20.52 35.21 -31.61
C LEU G 72 21.64 36.20 -31.30
N PHE G 73 21.55 36.92 -30.19
CA PHE G 73 22.48 37.99 -29.85
C PHE G 73 23.06 37.74 -28.46
N PRO G 74 23.98 36.77 -28.33
CA PRO G 74 24.61 36.55 -27.04
C PRO G 74 25.43 37.76 -26.61
N ALA G 75 25.54 37.95 -25.31
CA ALA G 75 26.15 39.14 -24.74
C ALA G 75 27.64 38.99 -24.46
N ASN G 76 28.23 37.83 -24.73
CA ASN G 76 29.63 37.59 -24.35
C ASN G 76 30.39 36.89 -25.47
N GLN G 77 29.97 37.10 -26.72
CA GLN G 77 30.70 36.58 -27.87
C GLN G 77 30.03 37.09 -29.14
N ALA G 78 30.84 37.18 -30.20
CA ALA G 78 30.32 37.66 -31.48
C ALA G 78 29.34 36.65 -32.07
N PHE G 79 28.41 37.17 -32.87
CA PHE G 79 27.40 36.34 -33.53
C PHE G 79 27.73 36.06 -34.99
N PHE G 80 28.90 36.47 -35.46
CA PHE G 80 29.29 36.26 -36.85
C PHE G 80 30.79 36.01 -36.91
N ARG G 81 31.20 35.32 -37.97
CA ARG G 81 32.60 34.98 -38.19
C ARG G 81 32.97 35.25 -39.64
N ILE G 82 34.25 35.53 -39.88
CA ILE G 82 34.76 35.79 -41.22
C ILE G 82 35.62 34.62 -41.66
N ASP G 83 35.37 34.10 -42.86
CA ASP G 83 36.11 32.96 -43.36
C ASP G 83 37.52 33.36 -43.78
N SER G 84 37.63 34.29 -44.72
CA SER G 84 38.92 34.82 -45.15
C SER G 84 39.68 33.83 -46.01
N THR G 85 39.12 32.64 -46.24
CA THR G 85 39.79 31.65 -47.08
C THR G 85 39.63 31.97 -48.55
N GLY G 86 38.69 32.86 -48.90
CA GLY G 86 38.46 33.22 -50.28
C GLY G 86 39.68 33.79 -50.97
N ASP G 87 40.13 34.96 -50.50
CA ASP G 87 41.29 35.61 -51.11
C ASP G 87 41.97 36.46 -50.02
N ALA G 88 43.08 35.95 -49.49
CA ALA G 88 43.79 36.67 -48.44
C ALA G 88 44.59 37.83 -49.01
N ALA G 89 44.89 37.82 -50.31
CA ALA G 89 45.71 38.86 -50.90
C ALA G 89 45.09 40.24 -50.71
N GLN G 90 43.89 40.43 -51.26
CA GLN G 90 43.22 41.72 -51.16
C GLN G 90 42.89 42.09 -49.72
N LEU G 91 42.47 41.11 -48.92
CA LEU G 91 42.14 41.40 -47.53
C LEU G 91 43.36 41.92 -46.78
N ALA G 92 44.53 41.30 -46.98
CA ALA G 92 45.75 41.78 -46.35
C ALA G 92 46.18 43.12 -46.92
N GLU G 93 45.99 43.34 -48.21
CA GLU G 93 46.40 44.60 -48.82
C GLU G 93 45.53 45.77 -48.36
N ALA G 94 44.27 45.51 -48.02
CA ALA G 94 43.39 46.59 -47.58
C ALA G 94 43.85 47.17 -46.24
N MET G 95 44.09 46.32 -45.25
CA MET G 95 44.56 46.80 -43.96
C MET G 95 46.03 47.18 -44.01
N GLY G 96 46.82 46.48 -44.81
CA GLY G 96 48.25 46.68 -44.85
C GLY G 96 48.97 45.87 -43.79
N ALA G 97 48.75 44.55 -43.80
CA ALA G 97 49.34 43.66 -42.82
C ALA G 97 50.06 42.54 -43.55
N GLU G 98 50.68 41.65 -42.78
CA GLU G 98 51.44 40.55 -43.34
C GLU G 98 50.48 39.44 -43.80
N SER G 99 51.05 38.39 -44.37
CA SER G 99 50.24 37.28 -44.88
C SER G 99 49.59 36.50 -43.74
N ALA G 100 50.28 36.40 -42.61
CA ALA G 100 49.79 35.61 -41.48
C ALA G 100 49.10 36.44 -40.41
N ASP G 101 49.34 37.76 -40.37
CA ASP G 101 48.71 38.59 -39.37
C ASP G 101 47.22 38.81 -39.65
N LEU G 102 46.75 38.40 -40.82
CA LEU G 102 45.33 38.57 -41.15
C LEU G 102 44.44 37.79 -40.19
N ALA G 103 44.87 36.60 -39.77
CA ALA G 103 44.06 35.81 -38.85
C ALA G 103 43.85 36.54 -37.53
N ASN G 104 44.90 37.19 -37.03
CA ASN G 104 44.77 37.94 -35.79
C ASN G 104 43.96 39.22 -36.00
N GLY G 105 44.17 39.90 -37.12
CA GLY G 105 43.46 41.15 -37.35
C GLY G 105 41.96 40.96 -37.49
N LEU G 106 41.56 39.93 -38.25
CA LEU G 106 40.13 39.67 -38.43
C LEU G 106 39.49 39.30 -37.09
N ALA G 107 40.17 38.48 -36.29
CA ALA G 107 39.65 38.12 -34.98
C ALA G 107 39.50 39.35 -34.09
N GLU G 108 40.50 40.24 -34.11
CA GLU G 108 40.40 41.47 -33.31
C GLU G 108 39.20 42.31 -33.76
N LEU G 109 39.02 42.47 -35.07
CA LEU G 109 37.90 43.26 -35.57
C LEU G 109 36.57 42.65 -35.14
N GLU G 110 36.42 41.34 -35.31
CA GLU G 110 35.17 40.69 -34.94
C GLU G 110 34.90 40.84 -33.44
N ASN G 111 35.94 40.64 -32.62
CA ASN G 111 35.76 40.74 -31.17
C ASN G 111 35.37 42.15 -30.74
N THR G 112 36.01 43.17 -31.32
CA THR G 112 35.76 44.54 -30.89
C THR G 112 34.53 45.15 -31.54
N ALA G 113 33.97 44.52 -32.58
CA ALA G 113 32.88 45.14 -33.31
C ALA G 113 31.52 44.86 -32.70
N PHE G 114 31.29 43.66 -32.18
CA PHE G 114 29.94 43.23 -31.85
C PHE G 114 29.38 43.94 -30.62
N ARG G 115 30.23 44.58 -29.80
CA ARG G 115 29.73 45.31 -28.65
C ARG G 115 28.87 46.51 -29.03
N ARG G 116 28.97 47.00 -30.26
CA ARG G 116 28.25 48.21 -30.64
C ARG G 116 26.74 48.03 -30.67
N ILE G 117 26.24 46.80 -30.57
CA ILE G 117 24.81 46.56 -30.65
C ILE G 117 24.07 46.92 -29.37
N PHE G 118 24.78 47.24 -28.29
CA PHE G 118 24.18 47.54 -27.00
C PHE G 118 24.19 49.02 -26.65
N LEU G 119 24.36 49.91 -27.62
CA LEU G 119 24.41 51.34 -27.32
C LEU G 119 23.05 51.98 -27.55
N LYS G 120 22.61 52.78 -26.57
CA LYS G 120 21.45 53.66 -26.72
C LYS G 120 20.16 52.88 -26.98
N SER G 121 19.94 51.81 -26.22
CA SER G 121 18.65 51.12 -26.19
C SER G 121 18.33 50.44 -27.51
N SER G 122 19.27 49.68 -28.07
CA SER G 122 18.99 48.90 -29.27
C SER G 122 18.35 47.55 -28.92
N TYR G 123 18.69 47.00 -27.76
CA TYR G 123 18.23 45.66 -27.40
C TYR G 123 16.71 45.62 -27.25
N HIS G 124 16.13 46.67 -26.66
CA HIS G 124 14.67 46.74 -26.53
C HIS G 124 14.01 46.75 -27.90
N GLN G 125 14.58 47.51 -28.84
CA GLN G 125 14.02 47.54 -30.19
C GLN G 125 14.16 46.19 -30.88
N LEU G 126 15.25 45.47 -30.61
CA LEU G 126 15.39 44.12 -31.16
C LEU G 126 14.31 43.19 -30.62
N VAL G 127 14.02 43.28 -29.32
CA VAL G 127 12.98 42.44 -28.74
C VAL G 127 11.62 42.79 -29.35
N HIS G 128 11.34 44.09 -29.50
CA HIS G 128 10.09 44.50 -30.13
C HIS G 128 9.99 43.99 -31.55
N ALA G 129 11.10 44.03 -32.30
CA ALA G 129 11.10 43.50 -33.66
C ALA G 129 10.83 42.00 -33.66
N MET G 130 11.37 41.27 -32.70
CA MET G 130 11.08 39.84 -32.62
C MET G 130 9.60 39.59 -32.38
N LYS G 131 9.00 40.37 -31.47
CA LYS G 131 7.56 40.26 -31.26
C LYS G 131 6.79 40.52 -32.55
N LEU G 132 7.16 41.59 -33.25
CA LEU G 132 6.46 41.93 -34.49
C LEU G 132 6.59 40.82 -35.53
N LEU G 133 7.79 40.25 -35.67
CA LEU G 133 7.99 39.16 -36.61
C LEU G 133 7.14 37.96 -36.23
N ILE G 134 7.08 37.64 -34.94
CA ILE G 134 6.33 36.45 -34.53
C ILE G 134 4.83 36.64 -34.77
N ILE G 135 4.28 37.80 -34.47
CA ILE G 135 2.84 37.98 -34.56
C ILE G 135 2.39 38.32 -35.98
N THR G 136 3.08 39.25 -36.65
CA THR G 136 2.65 39.72 -37.96
C THR G 136 3.53 39.25 -39.11
N GLY G 137 4.76 38.82 -38.84
CA GLY G 137 5.62 38.31 -39.89
C GLY G 137 6.24 39.35 -40.77
N ASN G 138 6.28 40.61 -40.35
CA ASN G 138 6.90 41.68 -41.14
C ASN G 138 7.44 42.73 -40.20
N VAL G 139 8.56 43.35 -40.59
CA VAL G 139 9.17 44.41 -39.79
C VAL G 139 10.19 45.14 -40.66
N LEU G 140 10.29 46.45 -40.46
CA LEU G 140 11.30 47.28 -41.11
C LEU G 140 12.19 47.86 -40.03
N LEU G 141 13.51 47.73 -40.21
CA LEU G 141 14.49 48.09 -39.20
C LEU G 141 15.41 49.17 -39.73
N TYR G 142 15.55 50.25 -38.95
CA TYR G 142 16.39 51.39 -39.33
C TYR G 142 17.46 51.59 -38.28
N ARG G 143 18.72 51.66 -38.72
CA ARG G 143 19.87 51.79 -37.84
C ARG G 143 20.56 53.12 -38.17
N ASP G 144 20.69 53.97 -37.16
CA ASP G 144 21.33 55.28 -37.31
C ASP G 144 22.77 55.19 -36.86
N SER G 145 23.70 55.48 -37.78
CA SER G 145 25.11 55.34 -37.48
C SER G 145 25.65 56.50 -36.65
N ASN G 146 25.11 57.71 -36.82
CA ASN G 146 25.65 58.87 -36.13
C ASN G 146 25.57 58.71 -34.61
N THR G 147 24.44 58.23 -34.11
CA THR G 147 24.21 58.09 -32.68
C THR G 147 24.35 56.67 -32.18
N GLY G 148 23.89 55.67 -32.94
CA GLY G 148 23.90 54.30 -32.50
C GLY G 148 22.56 53.78 -32.02
N ASN G 149 21.46 54.37 -32.47
CA ASN G 149 20.13 53.96 -32.05
C ASN G 149 19.39 53.28 -33.21
N MET G 150 18.40 52.48 -32.86
CA MET G 150 17.61 51.73 -33.83
C MET G 150 16.12 51.95 -33.54
N HIS G 151 15.30 51.64 -34.55
CA HIS G 151 13.85 51.74 -34.42
C HIS G 151 13.22 50.69 -35.32
N ALA G 152 12.05 50.20 -34.91
CA ALA G 152 11.32 49.17 -35.65
C ALA G 152 9.93 49.66 -35.99
N TYR G 153 9.49 49.36 -37.22
CA TYR G 153 8.20 49.80 -37.72
C TYR G 153 7.37 48.59 -38.11
N SER G 154 6.04 48.76 -38.04
CA SER G 154 5.12 47.72 -38.46
C SER G 154 4.64 48.02 -39.88
N ILE G 155 3.83 47.12 -40.46
CA ILE G 155 3.34 47.31 -41.82
C ILE G 155 2.30 48.41 -41.93
N ARG G 156 1.91 49.00 -40.81
CA ARG G 156 0.97 50.13 -40.82
C ARG G 156 1.65 51.45 -41.15
N GLN G 157 2.98 51.47 -41.26
CA GLN G 157 3.72 52.70 -41.52
C GLN G 157 4.59 52.63 -42.77
N TYR G 158 4.61 51.51 -43.48
CA TYR G 158 5.46 51.39 -44.66
C TYR G 158 4.90 50.33 -45.59
N SER G 159 5.35 50.39 -46.85
CA SER G 159 4.95 49.43 -47.87
C SER G 159 6.12 49.22 -48.81
N VAL G 160 6.19 48.02 -49.39
CA VAL G 160 7.33 47.61 -50.19
C VAL G 160 6.84 47.00 -51.50
N LEU G 161 7.73 46.96 -52.48
CA LEU G 161 7.48 46.37 -53.79
C LEU G 161 8.63 45.43 -54.12
N ARG G 162 8.30 44.26 -54.66
CA ARG G 162 9.32 43.28 -55.01
C ARG G 162 8.88 42.50 -56.24
N ASP G 163 9.85 41.90 -56.91
CA ASP G 163 9.60 41.10 -58.10
C ASP G 163 9.00 39.75 -57.71
N GLY G 164 8.78 38.90 -58.73
CA GLY G 164 8.38 37.53 -58.46
C GLY G 164 9.48 36.69 -57.86
N GLY G 165 10.74 37.10 -58.05
CA GLY G 165 11.86 36.38 -57.46
C GLY G 165 12.20 36.77 -56.05
N GLY G 166 11.56 37.80 -55.50
CA GLY G 166 11.76 38.22 -54.13
C GLY G 166 12.62 39.45 -53.94
N LYS G 167 13.28 39.94 -54.99
CA LYS G 167 14.11 41.12 -54.85
C LYS G 167 13.26 42.34 -54.52
N VAL G 168 13.71 43.12 -53.54
CA VAL G 168 13.03 44.35 -53.14
C VAL G 168 13.49 45.48 -54.06
N LEU G 169 12.53 46.20 -54.64
CA LEU G 169 12.83 47.24 -55.62
C LEU G 169 12.62 48.65 -55.06
N ASP G 170 11.58 48.84 -54.25
CA ASP G 170 11.22 50.16 -53.78
C ASP G 170 10.54 50.07 -52.42
N MET G 171 10.55 51.19 -51.68
CA MET G 171 9.91 51.29 -50.38
C MET G 171 9.52 52.73 -50.11
N VAL G 172 8.49 52.90 -49.29
CA VAL G 172 8.03 54.22 -48.86
C VAL G 172 7.68 54.13 -47.38
N LEU G 173 8.01 55.18 -46.62
CA LEU G 173 7.82 55.20 -45.18
C LEU G 173 7.17 56.52 -44.77
N LYS G 174 6.19 56.44 -43.87
CA LYS G 174 5.48 57.60 -43.35
C LYS G 174 5.89 57.88 -41.91
N GLU G 175 5.94 59.15 -41.56
CA GLU G 175 6.29 59.56 -40.21
C GLU G 175 5.66 60.91 -39.92
N ARG G 176 5.34 61.15 -38.65
CA ARG G 176 4.66 62.37 -38.22
C ARG G 176 5.57 63.17 -37.29
N THR G 177 5.50 64.49 -37.40
CA THR G 177 6.33 65.38 -36.59
C THR G 177 5.66 66.75 -36.52
N VAL G 178 6.41 67.75 -36.07
CA VAL G 178 5.89 69.12 -35.94
C VAL G 178 6.81 70.06 -36.69
N ILE G 179 6.32 71.29 -36.90
CA ILE G 179 7.05 72.26 -37.71
C ILE G 179 8.37 72.65 -37.06
N SER G 180 8.40 72.74 -35.73
CA SER G 180 9.61 73.22 -35.05
C SER G 180 10.80 72.31 -35.31
N GLU G 181 10.56 71.07 -35.74
CA GLU G 181 11.66 70.13 -35.95
C GLU G 181 12.27 70.24 -37.33
N LEU G 182 11.67 71.01 -38.23
CA LEU G 182 12.14 71.08 -39.61
C LEU G 182 13.39 71.93 -39.73
N PRO G 183 14.16 71.76 -40.81
CA PRO G 183 15.37 72.57 -40.99
C PRO G 183 15.04 74.04 -41.19
N VAL G 184 16.04 74.89 -40.91
CA VAL G 184 15.84 76.33 -41.03
C VAL G 184 15.48 76.71 -42.46
N GLU G 185 16.05 76.03 -43.45
CA GLU G 185 15.77 76.38 -44.84
C GLU G 185 14.31 76.23 -45.17
N ALA G 186 13.67 75.15 -44.70
CA ALA G 186 12.27 74.89 -45.00
C ALA G 186 11.31 75.57 -44.03
N ARG G 187 11.79 76.04 -42.88
CA ARG G 187 10.91 76.67 -41.91
C ARG G 187 10.67 78.14 -42.22
N ILE G 188 11.43 78.74 -43.15
CA ILE G 188 11.12 80.10 -43.58
C ILE G 188 9.74 80.14 -44.21
N LYS G 189 9.42 79.15 -45.03
CA LYS G 189 8.04 78.93 -45.46
C LYS G 189 7.23 78.44 -44.27
N TYR G 190 5.91 78.39 -44.43
CA TYR G 190 5.03 78.06 -43.32
C TYR G 190 5.28 79.01 -42.16
N ARG G 191 5.61 80.27 -42.47
CA ARG G 191 5.86 81.25 -41.41
C ARG G 191 4.65 81.39 -40.51
N ASN G 192 3.45 81.46 -41.09
CA ASN G 192 2.23 81.39 -40.32
C ASN G 192 1.96 79.95 -39.90
N ARG G 193 1.02 79.79 -38.97
CA ARG G 193 0.65 78.48 -38.43
C ARG G 193 1.82 77.80 -37.73
N LYS G 194 2.74 78.56 -37.16
CA LYS G 194 3.92 77.98 -36.51
C LYS G 194 3.57 77.54 -35.08
N GLN G 195 2.50 76.76 -34.99
CA GLN G 195 2.12 76.10 -33.75
C GLN G 195 2.74 74.71 -33.70
N ASP G 196 2.26 73.87 -32.79
CA ASP G 196 2.73 72.49 -32.72
C ASP G 196 1.82 71.59 -33.56
N ASP G 197 1.32 72.13 -34.66
CA ASP G 197 0.47 71.34 -35.55
C ASP G 197 1.25 70.18 -36.14
N CYS G 198 0.58 69.06 -36.33
CA CYS G 198 1.21 67.87 -36.87
C CYS G 198 1.32 67.96 -38.38
N ILE G 199 2.45 67.53 -38.93
CA ILE G 199 2.69 67.48 -40.38
C ILE G 199 3.35 66.15 -40.71
N CYS G 200 2.93 65.54 -41.81
CA CYS G 200 3.43 64.23 -42.22
C CYS G 200 4.68 64.38 -43.06
N LEU G 201 5.54 63.36 -43.00
CA LEU G 201 6.79 63.31 -43.75
C LEU G 201 6.92 61.95 -44.42
N TYR G 202 7.45 61.95 -45.64
CA TYR G 202 7.57 60.74 -46.45
C TYR G 202 9.01 60.54 -46.88
N THR G 203 9.47 59.29 -46.85
CA THR G 203 10.80 58.90 -47.30
C THR G 203 10.68 57.80 -48.33
N ARG G 204 11.59 57.81 -49.31
CA ARG G 204 11.59 56.83 -50.40
C ARG G 204 12.98 56.24 -50.55
N ILE G 205 13.03 54.91 -50.68
CA ILE G 205 14.27 54.18 -50.93
C ILE G 205 14.10 53.41 -52.23
N LYS G 206 15.00 53.63 -53.18
CA LYS G 206 14.89 53.06 -54.51
C LYS G 206 16.20 52.42 -54.93
N ARG G 207 16.10 51.27 -55.61
CA ARG G 207 17.27 50.58 -56.12
C ARG G 207 17.63 51.10 -57.51
N GLU G 208 18.94 51.24 -57.74
CA GLU G 208 19.47 51.67 -59.03
C GLU G 208 20.84 51.07 -59.20
N ARG G 209 21.29 50.96 -60.45
CA ARG G 209 22.58 50.39 -60.76
C ARG G 209 23.51 51.42 -61.38
N ARG G 210 24.75 51.46 -60.91
CA ARG G 210 25.81 52.26 -61.49
C ARG G 210 26.93 51.35 -61.99
N ALA G 211 28.05 51.96 -62.41
CA ALA G 211 29.10 51.19 -63.07
C ALA G 211 29.66 50.10 -62.17
N VAL G 212 29.86 50.39 -60.88
CA VAL G 212 30.57 49.50 -59.98
C VAL G 212 29.61 48.65 -59.15
N GLY G 213 28.33 48.63 -59.49
CA GLY G 213 27.39 47.77 -58.81
C GLY G 213 26.06 48.46 -58.56
N GLU G 214 25.19 47.77 -57.85
CA GLU G 214 23.88 48.30 -57.52
C GLU G 214 23.99 49.31 -56.37
N VAL G 215 22.93 50.10 -56.21
CA VAL G 215 22.94 51.25 -55.31
C VAL G 215 21.53 51.52 -54.83
N PHE G 216 21.44 52.12 -53.63
CA PHE G 216 20.18 52.53 -53.04
C PHE G 216 20.19 54.05 -52.86
N VAL G 217 19.11 54.70 -53.28
CA VAL G 217 19.00 56.15 -53.25
C VAL G 217 17.88 56.55 -52.30
N VAL G 218 18.17 57.49 -51.41
CA VAL G 218 17.24 57.92 -50.37
C VAL G 218 16.90 59.39 -50.58
N THR G 219 15.62 59.72 -50.48
CA THR G 219 15.15 61.09 -50.60
C THR G 219 13.94 61.27 -49.69
N GLN G 220 13.59 62.53 -49.43
CA GLN G 220 12.49 62.87 -48.54
C GLN G 220 11.62 63.94 -49.18
N GLN G 221 10.38 64.02 -48.71
CA GLN G 221 9.42 64.96 -49.26
C GLN G 221 8.30 65.19 -48.24
N LEU G 222 7.75 66.39 -48.24
CA LEU G 222 6.66 66.73 -47.33
C LEU G 222 5.33 66.32 -47.96
N GLU G 223 4.23 66.58 -47.24
CA GLU G 223 2.91 66.21 -47.75
C GLU G 223 2.57 66.98 -49.02
N ASP G 224 2.86 68.27 -49.04
CA ASP G 224 2.50 69.13 -50.17
C ASP G 224 3.63 69.23 -51.20
N GLY G 225 4.14 68.09 -51.64
CA GLY G 225 5.03 68.05 -52.79
C GLY G 225 6.43 68.56 -52.59
N LEU G 226 6.66 69.39 -51.58
CA LEU G 226 7.94 70.09 -51.45
C LEU G 226 9.04 69.12 -51.04
N MET G 227 10.15 69.13 -51.78
CA MET G 227 11.31 68.31 -51.44
C MET G 227 12.15 68.98 -50.36
N LEU G 228 12.95 68.18 -49.67
CA LEU G 228 13.79 68.66 -48.58
C LEU G 228 15.27 68.35 -48.80
N ASP G 229 15.68 68.08 -50.04
CA ASP G 229 17.08 67.84 -50.34
C ASP G 229 17.55 66.60 -49.59
N ASN G 230 18.74 66.65 -48.96
CA ASN G 230 19.29 65.57 -48.16
C ASN G 230 19.56 64.30 -48.96
N LEU G 231 19.78 64.41 -50.27
CA LEU G 231 20.04 63.24 -51.08
C LEU G 231 21.26 62.49 -50.55
N GLU G 232 21.12 61.17 -50.42
CA GLU G 232 22.20 60.30 -49.98
C GLU G 232 22.22 59.05 -50.84
N VAL G 233 23.40 58.45 -50.95
CA VAL G 233 23.63 57.28 -51.78
C VAL G 233 24.45 56.27 -50.98
N TYR G 234 23.98 55.03 -50.93
CA TYR G 234 24.69 53.96 -50.24
C TYR G 234 24.89 52.76 -51.16
N PRO G 235 26.01 52.06 -51.07
CA PRO G 235 26.11 50.75 -51.71
C PRO G 235 25.12 49.78 -51.07
N GLU G 236 24.67 48.82 -51.87
CA GLU G 236 23.61 47.91 -51.43
C GLU G 236 24.01 47.16 -50.17
N ALA G 237 25.30 46.97 -49.92
CA ALA G 237 25.74 46.15 -48.79
C ALA G 237 25.57 46.87 -47.46
N ILE G 238 25.72 48.19 -47.43
CA ILE G 238 25.72 48.94 -46.17
C ILE G 238 24.53 49.87 -46.09
N CYS G 239 23.42 49.50 -46.71
CA CYS G 239 22.20 50.27 -46.58
C CYS G 239 21.67 50.15 -45.15
N PRO G 240 21.17 51.23 -44.55
CA PRO G 240 20.69 51.17 -43.17
C PRO G 240 19.25 50.67 -43.00
N PHE G 241 18.52 50.41 -44.07
CA PHE G 241 17.15 49.91 -44.01
C PHE G 241 17.17 48.41 -44.30
N ILE G 242 16.46 47.64 -43.48
CA ILE G 242 16.48 46.18 -43.59
C ILE G 242 15.06 45.64 -43.48
N PRO G 243 14.38 45.33 -44.58
CA PRO G 243 13.11 44.62 -44.49
C PRO G 243 13.31 43.12 -44.29
N ALA G 244 12.43 42.54 -43.48
CA ALA G 244 12.57 41.14 -43.09
C ALA G 244 11.20 40.47 -43.14
N VAL G 245 11.24 39.14 -43.27
CA VAL G 245 10.03 38.33 -43.32
C VAL G 245 10.28 37.04 -42.54
N TRP G 246 9.20 36.47 -42.02
CA TRP G 246 9.26 35.20 -41.30
C TRP G 246 9.04 34.02 -42.23
N ASN G 247 7.94 34.03 -42.98
CA ASN G 247 7.65 33.02 -44.00
C ASN G 247 7.11 33.73 -45.23
N LEU G 248 7.74 33.48 -46.37
CA LEU G 248 7.43 34.19 -47.61
C LEU G 248 7.00 33.18 -48.67
N VAL G 249 5.72 33.17 -48.99
CA VAL G 249 5.22 32.31 -50.07
C VAL G 249 5.62 32.92 -51.41
N THR G 250 6.22 32.11 -52.27
CA THR G 250 6.67 32.59 -53.56
C THR G 250 5.52 33.21 -54.33
N GLY G 251 5.75 34.40 -54.89
CA GLY G 251 4.73 35.10 -55.65
C GLY G 251 4.15 36.30 -54.93
N GLU G 252 4.09 36.23 -53.61
CA GLU G 252 3.50 37.30 -52.81
C GLU G 252 4.57 38.32 -52.42
N THR G 253 4.16 39.36 -51.71
CA THR G 253 5.04 40.46 -51.33
C THR G 253 5.32 40.50 -49.83
N TYR G 254 4.32 40.20 -49.01
CA TYR G 254 4.47 40.21 -47.57
C TYR G 254 4.52 38.80 -47.01
N GLY G 255 5.20 38.63 -45.88
CA GLY G 255 5.35 37.33 -45.28
C GLY G 255 4.18 36.90 -44.42
N ARG G 256 4.34 35.81 -43.68
CA ARG G 256 3.30 35.29 -42.81
C ARG G 256 3.92 34.95 -41.46
N GLY G 257 3.09 34.99 -40.42
CA GLY G 257 3.56 34.80 -39.07
C GLY G 257 3.39 33.39 -38.53
N LEU G 258 3.97 33.13 -37.36
CA LEU G 258 3.85 31.80 -36.76
C LEU G 258 2.44 31.58 -36.21
N VAL G 259 1.81 32.64 -35.71
CA VAL G 259 0.49 32.50 -35.09
C VAL G 259 -0.54 32.03 -36.12
N GLU G 260 -0.36 32.39 -37.39
CA GLU G 260 -1.34 32.04 -38.41
C GLU G 260 -1.49 30.53 -38.57
N ASP G 261 -0.48 29.76 -38.17
CA ASP G 261 -0.54 28.31 -38.30
C ASP G 261 -1.38 27.64 -37.21
N TYR G 262 -1.74 28.37 -36.16
CA TYR G 262 -2.40 27.79 -35.00
C TYR G 262 -3.63 28.61 -34.59
N ALA G 263 -4.37 29.13 -35.57
CA ALA G 263 -5.51 29.98 -35.25
C ALA G 263 -6.69 29.17 -34.74
N GLY G 264 -6.84 27.93 -35.23
CA GLY G 264 -7.99 27.13 -34.84
C GLY G 264 -8.04 26.86 -33.35
N ASP G 265 -6.89 26.52 -32.76
CA ASP G 265 -6.86 26.21 -31.33
C ASP G 265 -7.23 27.44 -30.50
N LEU G 266 -6.69 28.61 -30.86
CA LEU G 266 -7.01 29.83 -30.12
C LEU G 266 -8.48 30.18 -30.24
N ALA G 267 -9.04 30.04 -31.45
CA ALA G 267 -10.45 30.32 -31.63
C ALA G 267 -11.31 29.36 -30.83
N LYS G 268 -10.92 28.10 -30.77
CA LYS G 268 -11.68 27.11 -29.98
C LYS G 268 -11.50 27.31 -28.49
N LEU G 269 -10.41 27.95 -28.07
CA LEU G 269 -10.14 28.20 -26.66
C LEU G 269 -10.87 29.42 -26.12
N SER G 270 -11.02 30.45 -26.95
CA SER G 270 -11.67 31.67 -26.48
C SER G 270 -13.12 31.42 -26.06
N ALA G 271 -13.85 30.63 -26.85
CA ALA G 271 -15.25 30.36 -26.51
C ALA G 271 -15.38 29.57 -25.21
N LEU G 272 -14.52 28.58 -25.01
CA LEU G 272 -14.54 27.83 -23.76
C LEU G 272 -14.22 28.74 -22.58
N SER G 273 -13.28 29.67 -22.77
CA SER G 273 -12.99 30.63 -21.71
C SER G 273 -14.22 31.47 -21.39
N GLU G 274 -14.95 31.92 -22.41
CA GLU G 274 -16.16 32.69 -22.19
C GLU G 274 -17.20 31.89 -21.40
N ALA G 275 -17.38 30.63 -21.78
CA ALA G 275 -18.35 29.79 -21.07
C ALA G 275 -17.94 29.59 -19.61
N LEU G 276 -16.65 29.38 -19.37
CA LEU G 276 -16.17 29.24 -18.00
C LEU G 276 -16.43 30.50 -17.20
N ALA G 277 -16.21 31.67 -17.82
CA ALA G 277 -16.51 32.92 -17.13
C ALA G 277 -17.99 33.05 -16.80
N LEU G 278 -18.86 32.63 -17.73
CA LEU G 278 -20.29 32.68 -17.46
C LEU G 278 -20.66 31.81 -16.27
N TYR G 279 -20.15 30.59 -16.23
CA TYR G 279 -20.44 29.71 -15.09
C TYR G 279 -19.89 30.30 -13.79
N GLU G 280 -18.68 30.84 -13.82
CA GLU G 280 -18.11 31.44 -12.62
C GLU G 280 -18.94 32.61 -12.11
N ILE G 281 -19.49 33.43 -13.01
CA ILE G 281 -20.40 34.49 -12.59
C ILE G 281 -21.69 33.93 -12.02
N GLU G 282 -22.22 32.87 -12.62
CA GLU G 282 -23.42 32.23 -12.07
C GLU G 282 -23.18 31.66 -10.68
N ALA G 283 -21.94 31.31 -10.35
CA ALA G 283 -21.65 30.72 -9.05
C ALA G 283 -21.67 31.72 -7.91
N CYS G 284 -22.11 32.96 -8.14
CA CYS G 284 -22.11 34.00 -7.12
C CYS G 284 -23.51 34.36 -6.62
N ARG G 285 -24.47 33.44 -6.73
CA ARG G 285 -25.79 33.65 -6.18
C ARG G 285 -25.84 33.10 -4.76
N VAL G 286 -26.09 33.96 -3.79
CA VAL G 286 -26.17 33.57 -2.38
C VAL G 286 -27.64 33.72 -1.97
N LEU G 287 -28.35 32.61 -1.92
CA LEU G 287 -29.75 32.58 -1.55
C LEU G 287 -30.00 31.47 -0.55
N HIS G 288 -31.01 31.67 0.30
CA HIS G 288 -31.48 30.66 1.24
C HIS G 288 -32.96 30.46 1.00
N MET G 289 -33.36 29.20 0.80
CA MET G 289 -34.72 28.87 0.43
C MET G 289 -35.44 28.21 1.60
N ALA G 290 -36.64 28.71 1.92
CA ALA G 290 -37.48 28.13 2.94
C ALA G 290 -38.40 27.09 2.30
N LYS G 291 -38.23 25.83 2.67
CA LYS G 291 -39.00 24.76 2.06
C LYS G 291 -40.49 24.97 2.32
N PRO G 292 -41.34 24.70 1.33
CA PRO G 292 -42.78 24.76 1.57
C PRO G 292 -43.32 23.47 2.16
N GLY G 293 -44.27 23.61 3.08
CA GLY G 293 -44.87 22.47 3.74
C GLY G 293 -44.17 22.03 5.01
N SER G 294 -43.24 22.82 5.53
CA SER G 294 -42.49 22.47 6.73
C SER G 294 -42.87 23.41 7.87
N GLN G 295 -42.85 22.88 9.09
CA GLN G 295 -43.11 23.69 10.27
C GLN G 295 -41.86 24.43 10.69
N ILE G 296 -41.91 25.77 10.62
CA ILE G 296 -40.78 26.59 11.01
C ILE G 296 -41.31 27.94 11.49
N ASP G 297 -40.47 28.68 12.19
CA ASP G 297 -40.78 30.04 12.64
C ASP G 297 -39.75 30.97 12.02
N VAL G 298 -40.04 31.45 10.81
CA VAL G 298 -39.04 32.17 10.02
C VAL G 298 -38.60 33.44 10.73
N ASP G 299 -39.55 34.17 11.32
CA ASP G 299 -39.22 35.44 11.95
C ASP G 299 -38.22 35.25 13.09
N SER G 300 -38.47 34.26 13.96
CA SER G 300 -37.55 34.02 15.07
C SER G 300 -36.18 33.57 14.57
N MET G 301 -36.15 32.68 13.58
CA MET G 301 -34.88 32.21 13.06
C MET G 301 -34.07 33.35 12.46
N ALA G 302 -34.75 34.30 11.80
CA ALA G 302 -34.06 35.34 11.07
C ALA G 302 -33.82 36.62 11.87
N GLU G 303 -34.43 36.76 13.05
CA GLU G 303 -34.34 38.01 13.80
C GLU G 303 -33.84 37.86 15.23
N ARG G 304 -33.59 36.65 15.71
CA ARG G 304 -33.13 36.46 17.08
C ARG G 304 -31.61 36.55 17.15
N GLU G 305 -31.12 36.89 18.33
CA GLU G 305 -29.68 36.92 18.58
C GLU G 305 -29.11 35.50 18.63
N SER G 306 -27.82 35.39 18.33
CA SER G 306 -27.18 34.09 18.26
C SER G 306 -27.12 33.45 19.64
N GLY G 307 -27.58 32.21 19.73
CA GLY G 307 -27.56 31.47 20.98
C GLY G 307 -28.95 31.12 21.48
N ALA G 308 -29.97 31.61 20.80
CA ALA G 308 -31.34 31.42 21.26
C ALA G 308 -31.85 30.03 20.89
N TRP G 309 -32.96 29.65 21.53
CA TRP G 309 -33.68 28.42 21.23
C TRP G 309 -34.99 28.74 20.52
N VAL G 310 -35.27 28.01 19.46
CA VAL G 310 -36.44 28.25 18.62
C VAL G 310 -37.13 26.92 18.36
N ALA G 311 -38.41 27.00 18.00
CA ALA G 311 -39.22 25.82 17.73
C ALA G 311 -39.43 25.68 16.23
N GLY G 312 -39.06 24.53 15.69
CA GLY G 312 -39.21 24.26 14.28
C GLY G 312 -38.25 23.15 13.85
N ASP G 313 -38.47 22.65 12.64
CA ASP G 313 -37.61 21.60 12.12
C ASP G 313 -36.19 22.13 11.93
N PRO G 314 -35.17 21.34 12.24
CA PRO G 314 -33.79 21.83 12.09
C PRO G 314 -33.29 21.79 10.65
N ASN G 315 -34.20 21.51 9.71
CA ASN G 315 -33.80 21.39 8.30
C ASN G 315 -34.80 22.08 7.37
N GLY G 316 -35.55 23.06 7.87
CA GLY G 316 -36.56 23.72 7.05
C GLY G 316 -36.00 24.73 6.07
N VAL G 317 -34.75 25.14 6.24
CA VAL G 317 -34.11 26.12 5.38
C VAL G 317 -32.84 25.52 4.82
N ALA G 318 -32.65 25.66 3.50
CA ALA G 318 -31.49 25.10 2.81
C ALA G 318 -30.91 26.14 1.87
N ALA G 319 -29.63 25.97 1.57
CA ALA G 319 -28.93 26.91 0.69
C ALA G 319 -29.19 26.58 -0.78
N TYR G 320 -29.30 27.63 -1.58
CA TYR G 320 -29.56 27.48 -3.00
C TYR G 320 -28.47 26.62 -3.65
N GLU G 321 -28.89 25.69 -4.51
CA GLU G 321 -27.97 24.76 -5.15
C GLU G 321 -28.41 24.55 -6.59
N ALA G 322 -27.52 24.82 -7.53
CA ALA G 322 -27.81 24.64 -8.96
C ALA G 322 -26.94 23.58 -9.62
N GLY G 323 -25.89 23.11 -8.97
CA GLY G 323 -25.04 22.08 -9.55
C GLY G 323 -24.10 22.56 -10.63
N ASP G 324 -23.64 23.81 -10.54
CA ASP G 324 -22.76 24.37 -11.57
C ASP G 324 -21.28 24.23 -11.23
N TYR G 325 -20.93 23.61 -10.10
CA TYR G 325 -19.52 23.42 -9.76
C TYR G 325 -18.89 22.33 -10.62
N ASN G 326 -19.62 21.24 -10.85
CA ASN G 326 -19.10 20.16 -11.68
C ASN G 326 -18.78 20.64 -13.08
N LYS G 327 -19.61 21.55 -13.62
CA LYS G 327 -19.34 22.08 -14.95
C LYS G 327 -18.06 22.89 -14.98
N ILE G 328 -17.78 23.66 -13.94
CA ILE G 328 -16.51 24.39 -13.85
C ILE G 328 -15.35 23.40 -13.83
N ILE G 329 -15.48 22.35 -13.01
CA ILE G 329 -14.42 21.35 -12.91
C ILE G 329 -14.17 20.72 -14.27
N ALA G 330 -15.24 20.43 -15.02
CA ALA G 330 -15.09 19.80 -16.32
C ALA G 330 -14.43 20.74 -17.33
N LEU G 331 -14.90 21.99 -17.39
CA LEU G 331 -14.37 22.94 -18.37
C LEU G 331 -12.90 23.23 -18.13
N THR G 332 -12.50 23.33 -16.85
CA THR G 332 -11.10 23.62 -16.56
C THR G 332 -10.18 22.56 -17.14
N GLN G 333 -10.55 21.28 -17.01
CA GLN G 333 -9.69 20.21 -17.50
C GLN G 333 -9.53 20.27 -19.01
N GLU G 334 -10.62 20.51 -19.75
CA GLU G 334 -10.52 20.60 -21.20
C GLU G 334 -9.64 21.77 -21.62
N ILE G 335 -9.83 22.93 -20.98
CA ILE G 335 -9.01 24.09 -21.33
C ILE G 335 -7.55 23.80 -21.04
N GLN G 336 -7.26 23.18 -19.89
CA GLN G 336 -5.88 22.86 -19.55
C GLN G 336 -5.28 21.87 -20.55
N SER G 337 -6.07 20.89 -20.99
CA SER G 337 -5.55 19.92 -21.95
C SER G 337 -5.18 20.60 -23.27
N ILE G 338 -6.06 21.48 -23.76
CA ILE G 338 -5.74 22.17 -25.01
C ILE G 338 -4.50 23.04 -24.84
N ALA G 339 -4.43 23.77 -23.73
CA ALA G 339 -3.28 24.64 -23.49
C ALA G 339 -1.99 23.84 -23.45
N ALA G 340 -2.01 22.69 -22.77
CA ALA G 340 -0.82 21.84 -22.71
C ALA G 340 -0.45 21.32 -24.10
N ARG G 341 -1.45 20.94 -24.89
CA ARG G 341 -1.16 20.46 -26.24
C ARG G 341 -0.54 21.54 -27.11
N LEU G 342 -0.88 22.81 -26.88
CA LEU G 342 -0.26 23.89 -27.65
C LEU G 342 1.14 24.23 -27.19
N ALA G 343 1.58 23.72 -26.02
CA ALA G 343 2.83 24.18 -25.43
C ALA G 343 4.05 23.93 -26.31
N PRO G 344 4.25 22.73 -26.87
CA PRO G 344 5.53 22.46 -27.56
C PRO G 344 5.81 23.41 -28.71
N ALA G 345 4.78 23.83 -29.46
CA ALA G 345 5.00 24.61 -30.67
C ALA G 345 5.67 25.95 -30.37
N PHE G 346 5.44 26.51 -29.19
CA PHE G 346 5.96 27.82 -28.82
C PHE G 346 7.17 27.74 -27.90
N MET G 347 7.75 26.56 -27.72
CA MET G 347 8.92 26.38 -26.87
C MET G 347 8.64 26.85 -25.44
N TYR G 348 7.58 26.30 -24.85
CA TYR G 348 7.19 26.61 -23.47
C TYR G 348 7.53 25.40 -22.62
N ALA G 349 8.20 25.64 -21.49
CA ALA G 349 8.60 24.58 -20.59
C ALA G 349 8.68 25.09 -19.15
N THR G 359 29.39 29.14 -20.96
CA THR G 359 30.28 28.66 -22.01
C THR G 359 29.57 28.67 -23.36
N ALA G 360 30.35 28.76 -24.43
CA ALA G 360 29.77 28.81 -25.77
C ALA G 360 28.99 27.55 -26.12
N GLU G 361 29.30 26.42 -25.48
CA GLU G 361 28.57 25.19 -25.74
C GLU G 361 27.11 25.28 -25.31
N GLU G 362 26.82 26.00 -24.23
CA GLU G 362 25.44 26.20 -23.83
C GLU G 362 24.66 26.93 -24.91
N ILE G 363 25.26 27.98 -25.49
CA ILE G 363 24.60 28.70 -26.58
C ILE G 363 24.47 27.79 -27.80
N ARG G 364 25.49 26.98 -28.09
CA ARG G 364 25.39 26.03 -29.20
C ARG G 364 24.15 25.14 -29.03
N GLN G 365 24.03 24.50 -27.87
CA GLN G 365 22.93 23.58 -27.64
C GLN G 365 21.58 24.30 -27.65
N ASN G 366 21.52 25.50 -27.05
CA ASN G 366 20.27 26.25 -27.05
C ASN G 366 19.84 26.60 -28.47
N ALA G 367 20.79 27.03 -29.30
CA ALA G 367 20.46 27.36 -30.69
C ALA G 367 20.03 26.11 -31.46
N GLU G 368 20.69 24.97 -31.22
CA GLU G 368 20.30 23.74 -31.89
C GLU G 368 18.89 23.33 -31.51
N GLU G 369 18.55 23.43 -30.23
CA GLU G 369 17.21 23.07 -29.79
C GLU G 369 16.17 24.05 -30.32
N ALA G 370 16.54 25.33 -30.45
CA ALA G 370 15.65 26.29 -31.09
C ALA G 370 15.43 25.93 -32.55
N GLU G 371 16.48 25.51 -33.24
CA GLU G 371 16.32 24.99 -34.59
C GLU G 371 15.32 23.84 -34.62
N LEU G 372 15.46 22.90 -33.69
CA LEU G 372 14.56 21.74 -33.69
C LEU G 372 13.12 22.15 -33.44
N ALA G 373 12.91 23.05 -32.48
CA ALA G 373 11.54 23.44 -32.12
C ALA G 373 10.89 24.25 -33.24
N LEU G 374 11.58 25.29 -33.73
CA LEU G 374 10.96 26.21 -34.68
C LEU G 374 10.63 25.50 -35.99
N GLY G 375 11.52 24.67 -36.48
CA GLY G 375 11.32 23.97 -37.74
C GLY G 375 12.12 24.49 -38.91
N GLY G 376 13.03 25.44 -38.69
CA GLY G 376 13.88 25.92 -39.75
C GLY G 376 13.77 27.42 -40.02
N VAL G 377 13.24 28.17 -39.05
CA VAL G 377 13.15 29.62 -39.18
C VAL G 377 14.33 30.34 -38.51
N TYR G 378 14.93 29.74 -37.48
CA TYR G 378 16.13 30.35 -36.88
C TYR G 378 17.16 30.66 -37.96
N SER G 379 17.36 29.73 -38.89
CA SER G 379 18.28 29.96 -39.99
C SER G 379 17.82 31.11 -40.88
N VAL G 380 16.52 31.20 -41.15
CA VAL G 380 16.03 32.29 -42.00
C VAL G 380 16.25 33.63 -41.32
N ILE G 381 15.93 33.72 -40.02
CA ILE G 381 16.14 34.97 -39.30
C ILE G 381 17.61 35.33 -39.29
N ALA G 382 18.48 34.35 -39.02
CA ALA G 382 19.91 34.62 -39.01
C ALA G 382 20.37 35.13 -40.38
N ASP G 383 19.91 34.47 -41.45
CA ASP G 383 20.32 34.88 -42.79
C ASP G 383 19.87 36.30 -43.11
N THR G 384 18.63 36.65 -42.73
CA THR G 384 18.07 37.93 -43.11
C THR G 384 18.48 39.08 -42.19
N LEU G 385 19.07 38.80 -41.02
CA LEU G 385 19.49 39.86 -40.12
C LEU G 385 20.99 39.97 -39.93
N HIS G 386 21.71 38.84 -39.88
CA HIS G 386 23.11 38.88 -39.49
C HIS G 386 23.98 39.51 -40.57
N ILE G 387 23.69 39.23 -41.85
CA ILE G 387 24.60 39.64 -42.93
C ILE G 387 24.73 41.16 -43.01
N PRO G 388 23.65 41.95 -43.03
CA PRO G 388 23.84 43.39 -43.18
C PRO G 388 24.33 44.08 -41.92
N LEU G 389 23.87 43.63 -40.75
CA LEU G 389 24.32 44.24 -39.50
C LEU G 389 25.82 44.08 -39.32
N ALA G 390 26.39 42.94 -39.69
CA ALA G 390 27.83 42.75 -39.59
C ALA G 390 28.57 43.80 -40.42
N HIS G 391 28.14 44.00 -41.67
CA HIS G 391 28.78 45.00 -42.52
C HIS G 391 28.64 46.39 -41.91
N ILE G 392 27.45 46.73 -41.43
CA ILE G 392 27.24 48.07 -40.89
C ILE G 392 28.13 48.31 -39.68
N LEU G 393 28.18 47.36 -38.75
CA LEU G 393 29.01 47.53 -37.56
C LEU G 393 30.50 47.58 -37.91
N CYS G 394 30.95 46.73 -38.84
CA CYS G 394 32.34 46.77 -39.24
C CYS G 394 32.69 48.11 -39.87
N TRP G 395 31.80 48.64 -40.72
CA TRP G 395 32.02 49.96 -41.27
C TRP G 395 32.08 51.03 -40.18
N GLU G 396 31.22 50.92 -39.18
CA GLU G 396 31.27 51.86 -38.06
C GLU G 396 32.60 51.81 -37.33
N VAL G 397 33.15 50.61 -37.13
CA VAL G 397 34.40 50.48 -36.39
C VAL G 397 35.63 50.77 -37.25
N ASN G 398 35.56 50.58 -38.56
CA ASN G 398 36.71 50.83 -39.43
C ASN G 398 36.17 51.18 -40.82
N GLN G 399 36.19 52.47 -41.16
CA GLN G 399 35.63 52.92 -42.43
C GLN G 399 36.57 52.60 -43.59
N GLN G 400 37.88 52.80 -43.40
CA GLN G 400 38.81 52.69 -44.52
C GLN G 400 38.84 51.28 -45.09
N PHE G 401 38.88 50.28 -44.21
CA PHE G 401 39.00 48.90 -44.68
C PHE G 401 37.81 48.51 -45.55
N ILE G 402 36.60 48.88 -45.12
CA ILE G 402 35.40 48.52 -45.89
C ILE G 402 35.32 49.35 -47.17
N ASN G 403 35.74 50.62 -47.14
CA ASN G 403 35.67 51.46 -48.32
C ASN G 403 36.52 50.87 -49.46
N GLU G 404 37.72 50.38 -49.14
CA GLU G 404 38.55 49.78 -50.16
C GLU G 404 37.91 48.54 -50.76
N LEU G 405 37.30 47.71 -49.93
CA LEU G 405 36.68 46.47 -50.43
C LEU G 405 35.49 46.75 -51.34
N LEU G 406 34.66 47.73 -50.99
CA LEU G 406 33.46 48.01 -51.76
C LEU G 406 33.76 48.69 -53.10
N SER G 407 34.78 49.55 -53.14
CA SER G 407 35.11 50.25 -54.37
C SER G 407 35.52 49.27 -55.47
N ASN G 408 36.32 48.28 -55.12
CA ASN G 408 36.77 47.31 -56.11
C ASN G 408 35.63 46.41 -56.58
N GLY G 409 34.70 46.06 -55.68
CA GLY G 409 33.55 45.24 -56.01
C GLY G 409 33.38 44.03 -55.10
N LEU G 410 34.49 43.42 -54.68
CA LEU G 410 34.41 42.25 -53.82
C LEU G 410 33.84 42.64 -52.46
N THR G 411 33.28 41.65 -51.77
CA THR G 411 32.59 41.85 -50.50
C THR G 411 33.07 40.82 -49.48
N LEU G 412 32.89 41.16 -48.21
CA LEU G 412 33.28 40.29 -47.12
C LEU G 412 32.47 39.00 -47.12
N SER G 413 33.10 37.92 -46.67
CA SER G 413 32.42 36.64 -46.52
C SER G 413 32.10 36.41 -45.04
N VAL G 414 30.86 36.05 -44.75
CA VAL G 414 30.39 35.87 -43.38
C VAL G 414 29.64 34.54 -43.30
N LEU G 415 29.83 33.83 -42.19
CA LEU G 415 29.20 32.54 -41.95
C LEU G 415 28.08 32.70 -40.94
N THR G 416 26.92 32.11 -41.23
CA THR G 416 25.76 32.19 -40.35
C THR G 416 24.95 30.90 -40.50
N GLY G 417 23.82 30.86 -39.80
CA GLY G 417 22.99 29.67 -39.81
C GLY G 417 23.53 28.59 -38.90
N VAL G 418 23.56 28.87 -37.59
CA VAL G 418 24.19 28.02 -36.59
C VAL G 418 25.52 27.50 -37.15
N ALA G 419 26.28 28.40 -37.79
CA ALA G 419 27.59 28.01 -38.31
C ALA G 419 28.64 29.09 -38.04
N ALA G 420 28.49 29.88 -36.98
CA ALA G 420 29.45 30.92 -36.61
C ALA G 420 30.44 30.40 -35.59
N LEU G 421 30.76 29.11 -35.65
CA LEU G 421 31.65 28.46 -34.70
C LEU G 421 33.10 28.43 -35.20
N SER G 422 33.43 29.23 -36.22
CA SER G 422 34.77 29.20 -36.79
C SER G 422 35.83 29.45 -35.71
N ARG G 423 35.64 30.50 -34.92
CA ARG G 423 36.59 30.85 -33.86
C ARG G 423 35.97 30.66 -32.47
N SER G 424 34.99 29.77 -32.36
CA SER G 424 34.25 29.60 -31.12
C SER G 424 34.70 28.38 -30.33
N THR G 425 34.74 27.22 -30.98
CA THR G 425 34.96 25.95 -30.30
C THR G 425 36.03 25.14 -31.01
N ASP G 426 37.14 25.80 -31.35
CA ASP G 426 38.29 25.09 -31.89
C ASP G 426 39.21 24.58 -30.79
N VAL G 427 39.16 25.22 -29.61
CA VAL G 427 40.03 24.80 -28.50
C VAL G 427 39.64 23.41 -28.02
N ASN G 428 38.37 23.03 -28.16
CA ASN G 428 37.94 21.70 -27.75
C ASN G 428 38.61 20.63 -28.60
N LYS G 429 38.75 20.89 -29.90
CA LYS G 429 39.41 19.96 -30.81
C LYS G 429 40.91 19.90 -30.62
N LEU G 430 41.50 20.91 -29.98
CA LEU G 430 42.91 20.90 -29.62
C LEU G 430 43.18 20.20 -28.30
N ILE G 431 42.27 20.36 -27.33
CA ILE G 431 42.43 19.69 -26.04
C ILE G 431 42.41 18.18 -26.23
N GLN G 432 41.49 17.69 -27.08
CA GLN G 432 41.40 16.25 -27.31
C GLN G 432 42.68 15.72 -27.96
N ALA G 433 43.20 16.45 -28.95
CA ALA G 433 44.45 16.04 -29.58
C ALA G 433 45.59 16.01 -28.58
N ALA G 434 45.66 17.02 -27.71
CA ALA G 434 46.70 17.04 -26.70
C ALA G 434 46.57 15.86 -25.75
N GLN G 435 45.34 15.53 -25.35
CA GLN G 435 45.14 14.39 -24.46
C GLN G 435 45.57 13.08 -25.11
N SER G 436 45.22 12.87 -26.38
CA SER G 436 45.62 11.66 -27.07
C SER G 436 47.12 11.58 -27.30
N LEU G 437 47.75 12.71 -27.65
CA LEU G 437 49.20 12.75 -27.86
C LEU G 437 49.97 12.45 -26.59
N SER G 438 49.37 12.66 -25.41
CA SER G 438 50.01 12.33 -24.15
C SER G 438 49.90 10.85 -23.81
N VAL G 439 49.08 10.10 -24.57
CA VAL G 439 48.96 8.67 -24.37
C VAL G 439 49.67 7.88 -25.47
N ILE G 440 49.76 8.42 -26.68
CA ILE G 440 50.36 7.66 -27.78
C ILE G 440 51.87 7.82 -27.83
N LEU G 441 52.40 9.02 -27.53
CA LEU G 441 53.83 9.27 -27.67
C LEU G 441 54.66 8.62 -26.58
N PRO G 442 54.18 8.56 -25.34
CA PRO G 442 54.97 7.83 -24.32
C PRO G 442 55.30 6.42 -24.74
N VAL G 443 54.35 5.74 -25.41
CA VAL G 443 54.68 4.51 -26.11
C VAL G 443 55.29 4.86 -27.46
N PHE G 444 56.01 3.90 -28.05
CA PHE G 444 56.73 4.06 -29.31
C PHE G 444 58.01 4.87 -29.13
N GLN G 445 58.34 5.29 -27.91
CA GLN G 445 59.57 6.04 -27.69
C GLN G 445 60.80 5.14 -27.83
N ASN G 446 60.67 3.86 -27.47
CA ASN G 446 61.78 2.92 -27.58
C ASN G 446 61.91 2.34 -28.97
N THR G 447 60.79 2.07 -29.64
CA THR G 447 60.85 1.49 -30.97
C THR G 447 61.34 2.54 -31.97
N PRO G 448 62.45 2.29 -32.67
CA PRO G 448 62.95 3.27 -33.65
C PRO G 448 62.39 3.13 -35.06
N ARG G 449 61.46 2.20 -35.28
CA ARG G 449 60.91 1.97 -36.61
C ARG G 449 59.72 2.87 -36.92
N VAL G 450 59.13 3.51 -35.92
CA VAL G 450 57.94 4.35 -36.09
C VAL G 450 58.39 5.79 -35.97
N ASP G 451 58.08 6.60 -36.99
CA ASP G 451 58.48 8.00 -36.97
C ASP G 451 57.45 8.83 -36.21
N PRO G 452 57.88 9.58 -35.18
CA PRO G 452 56.91 10.42 -34.44
C PRO G 452 56.26 11.48 -35.30
N GLU G 453 56.95 12.03 -36.30
CA GLU G 453 56.38 13.07 -37.13
C GLU G 453 55.14 12.60 -37.89
N LYS G 454 55.15 11.39 -38.42
CA LYS G 454 53.97 10.85 -39.09
C LYS G 454 52.80 10.65 -38.14
N ILE G 455 53.04 10.18 -36.92
CA ILE G 455 51.97 10.09 -35.94
C ILE G 455 51.40 11.47 -35.66
N LEU G 456 52.27 12.46 -35.48
CA LEU G 456 51.79 13.82 -35.24
C LEU G 456 50.92 14.32 -36.39
N ASP G 457 51.40 14.15 -37.61
CA ASP G 457 50.70 14.63 -38.80
C ASP G 457 49.39 13.88 -39.05
N MET G 458 49.29 12.63 -38.59
CA MET G 458 48.04 11.90 -38.69
C MET G 458 47.05 12.32 -37.61
N VAL G 459 47.48 12.42 -36.36
CA VAL G 459 46.57 12.79 -35.28
C VAL G 459 46.04 14.21 -35.47
N LEU G 460 46.92 15.15 -35.84
CA LEU G 460 46.47 16.53 -35.99
C LEU G 460 45.43 16.66 -37.09
N THR G 461 45.69 16.06 -38.25
CA THR G 461 44.73 16.16 -39.36
C THR G 461 43.48 15.35 -39.09
N GLY G 462 43.57 14.32 -38.25
CA GLY G 462 42.39 13.52 -37.96
C GLY G 462 41.28 14.32 -37.32
N PHE G 463 41.63 15.20 -36.38
CA PHE G 463 40.65 15.99 -35.65
C PHE G 463 40.19 17.22 -36.42
N GLY G 464 40.83 17.53 -37.54
CA GLY G 464 40.41 18.67 -38.33
C GLY G 464 41.11 19.98 -37.99
N ILE G 465 42.43 19.96 -37.86
CA ILE G 465 43.22 21.15 -37.59
C ILE G 465 44.16 21.40 -38.76
N ASN G 466 44.12 22.61 -39.31
CA ASN G 466 45.03 22.99 -40.39
C ASN G 466 46.42 23.17 -39.80
N THR G 467 47.33 22.25 -40.13
CA THR G 467 48.67 22.26 -39.55
C THR G 467 49.46 23.52 -39.91
N LYS G 468 49.06 24.25 -40.96
CA LYS G 468 49.80 25.42 -41.40
C LYS G 468 49.77 26.54 -40.37
N ASP G 469 48.88 26.49 -39.39
CA ASP G 469 48.79 27.53 -38.36
C ASP G 469 49.55 27.17 -37.09
N LEU G 470 50.21 26.01 -37.05
CA LEU G 470 50.96 25.58 -35.87
C LEU G 470 52.42 25.29 -36.18
N TYR G 471 52.72 24.67 -37.32
CA TYR G 471 54.07 24.25 -37.62
C TYR G 471 54.98 25.46 -37.82
N ARG G 472 56.26 25.29 -37.46
CA ARG G 472 57.26 26.32 -37.66
C ARG G 472 57.78 26.29 -39.08
N THR G 473 58.23 27.44 -39.56
CA THR G 473 58.81 27.54 -40.89
C THR G 473 60.27 27.10 -40.88
N GLU G 474 60.83 26.90 -42.07
CA GLU G 474 62.20 26.44 -42.19
C GLU G 474 63.17 27.44 -41.58
N GLU G 475 62.95 28.73 -41.83
CA GLU G 475 63.85 29.75 -41.31
C GLU G 475 63.90 29.73 -39.79
N GLN G 476 62.73 29.60 -39.15
CA GLN G 476 62.70 29.57 -37.68
C GLN G 476 63.46 28.36 -37.15
N LEU G 477 63.29 27.21 -37.80
CA LEU G 477 64.01 26.02 -37.36
C LEU G 477 65.52 26.21 -37.52
N GLN G 478 65.95 26.80 -38.63
CA GLN G 478 67.37 27.06 -38.84
C GLN G 478 67.91 28.00 -37.77
N ALA G 479 67.16 29.05 -37.46
CA ALA G 479 67.60 29.99 -36.43
C ALA G 479 67.71 29.32 -35.07
N LEU G 480 66.72 28.49 -34.73
CA LEU G 480 66.76 27.79 -33.45
C LEU G 480 67.96 26.84 -33.39
N GLN G 481 68.23 26.12 -34.47
CA GLN G 481 69.38 25.23 -34.50
C GLN G 481 70.69 26.01 -34.36
N ALA G 482 70.79 27.16 -35.04
CA ALA G 482 71.99 27.97 -34.93
C ALA G 482 72.18 28.50 -33.50
N ALA G 483 71.09 28.90 -32.85
CA ALA G 483 71.15 29.42 -31.48
C ALA G 483 71.38 28.26 -30.53
N GLN G 484 72.63 27.80 -30.48
CA GLN G 484 73.01 26.70 -29.62
C GLN G 484 74.48 26.78 -29.24
N THR H 7 10.91 28.05 -78.33
CA THR H 7 9.57 27.45 -78.01
C THR H 7 9.68 26.49 -76.83
N TYR H 8 10.47 26.87 -75.82
CA TYR H 8 10.64 26.01 -74.66
C TYR H 8 9.35 25.83 -73.88
N GLU H 9 8.36 26.69 -74.09
CA GLU H 9 7.06 26.49 -73.44
C GLU H 9 6.43 25.19 -73.89
N SER H 10 6.58 24.83 -75.16
CA SER H 10 6.04 23.56 -75.64
C SER H 10 6.66 22.38 -74.90
N LEU H 11 7.99 22.37 -74.76
CA LEU H 11 8.64 21.29 -74.02
C LEU H 11 8.19 21.29 -72.57
N TYR H 12 8.13 22.47 -71.95
CA TYR H 12 7.73 22.55 -70.55
C TYR H 12 6.34 21.94 -70.35
N THR H 13 5.40 22.25 -71.24
CA THR H 13 4.07 21.68 -71.12
C THR H 13 4.06 20.20 -71.44
N LYS H 14 4.90 19.78 -72.40
CA LYS H 14 4.93 18.38 -72.80
C LYS H 14 5.40 17.46 -71.69
N TYR H 15 6.42 17.89 -70.94
CA TYR H 15 7.07 17.02 -69.97
C TYR H 15 6.38 16.96 -68.61
N ARG H 16 5.23 17.63 -68.44
CA ARG H 16 4.54 17.62 -67.17
C ARG H 16 3.74 16.33 -66.99
N ASP H 17 3.43 16.03 -65.72
CA ASP H 17 2.62 14.88 -65.34
C ASP H 17 1.50 15.40 -64.45
N ASP H 18 0.30 15.55 -65.01
CA ASP H 18 -0.79 16.18 -64.28
C ASP H 18 -1.30 15.29 -63.16
N SER H 19 -1.26 13.97 -63.34
CA SER H 19 -1.79 13.08 -62.31
C SER H 19 -1.03 13.23 -61.00
N ALA H 20 0.29 13.22 -61.06
CA ALA H 20 1.09 13.37 -59.83
C ALA H 20 0.84 14.73 -59.19
N ILE H 21 0.79 15.79 -60.00
CA ILE H 21 0.58 17.13 -59.45
C ILE H 21 -0.75 17.23 -58.75
N LEU H 22 -1.80 16.65 -59.32
CA LEU H 22 -3.11 16.69 -58.69
C LEU H 22 -3.18 15.81 -57.45
N LYS H 23 -2.51 14.65 -57.46
CA LYS H 23 -2.54 13.78 -56.29
C LYS H 23 -1.75 14.36 -55.12
N THR H 24 -0.64 15.03 -55.38
CA THR H 24 0.22 15.52 -54.31
C THR H 24 -0.36 16.71 -53.57
N GLU H 25 -1.59 17.13 -53.89
CA GLU H 25 -2.19 18.25 -53.18
C GLU H 25 -2.64 17.83 -51.78
N ASP H 26 -3.22 16.64 -51.65
CA ASP H 26 -3.71 16.19 -50.35
C ASP H 26 -2.57 16.03 -49.35
N TYR H 27 -1.44 15.48 -49.81
CA TYR H 27 -0.32 15.27 -48.90
C TYR H 27 0.15 16.58 -48.29
N ALA H 28 0.27 17.63 -49.12
CA ALA H 28 0.60 18.95 -48.60
C ALA H 28 -0.50 19.48 -47.70
N HIS H 29 -1.76 19.26 -48.09
CA HIS H 29 -2.88 19.76 -47.30
C HIS H 29 -2.95 19.17 -45.89
N TRP H 30 -2.44 17.95 -45.71
CA TRP H 30 -2.46 17.33 -44.40
C TRP H 30 -1.31 17.76 -43.51
N THR H 31 -0.21 18.24 -44.07
CA THR H 31 0.98 18.55 -43.29
C THR H 31 1.34 20.03 -43.30
N LEU H 32 1.56 20.62 -44.47
CA LEU H 32 2.04 22.01 -44.58
C LEU H 32 1.59 22.60 -45.89
N PRO H 33 0.39 23.20 -45.92
CA PRO H 33 -0.13 23.70 -47.21
C PRO H 33 0.74 24.76 -47.87
N THR H 34 1.40 25.62 -47.09
CA THR H 34 2.09 26.76 -47.65
C THR H 34 3.34 26.39 -48.45
N VAL H 35 3.82 25.15 -48.32
CA VAL H 35 5.01 24.73 -49.07
C VAL H 35 4.72 24.38 -50.51
N TYR H 36 3.45 24.14 -50.85
CA TYR H 36 3.07 23.64 -52.16
C TYR H 36 2.09 24.58 -52.86
N ALA H 37 2.16 25.88 -52.58
CA ALA H 37 1.23 26.83 -53.16
C ALA H 37 1.56 27.09 -54.63
N ASP H 38 0.51 27.25 -55.44
CA ASP H 38 0.69 27.48 -56.87
C ASP H 38 1.12 28.92 -57.11
N PRO H 39 2.25 29.15 -57.79
CA PRO H 39 2.69 30.54 -58.03
C PRO H 39 1.97 31.24 -59.18
N ASP H 40 1.16 30.53 -59.96
CA ASP H 40 0.53 31.10 -61.14
C ASP H 40 -0.85 31.68 -60.85
N LEU H 41 -1.37 31.55 -59.63
CA LEU H 41 -2.64 32.13 -59.25
C LEU H 41 -2.50 33.42 -58.47
N ARG H 42 -1.27 33.92 -58.31
CA ARG H 42 -1.02 35.12 -57.52
C ARG H 42 -0.12 36.06 -58.30
N GLU H 43 -0.33 37.37 -58.08
CA GLU H 43 0.43 38.40 -58.76
C GLU H 43 0.96 39.44 -57.78
N GLY H 44 1.27 39.02 -56.56
CA GLY H 44 1.78 39.92 -55.55
C GLY H 44 0.80 40.27 -54.45
N LYS H 45 -0.29 39.53 -54.31
CA LYS H 45 -1.27 39.77 -53.26
C LYS H 45 -1.64 38.45 -52.63
N ARG H 46 -2.08 38.50 -51.37
CA ARG H 46 -2.40 37.29 -50.62
C ARG H 46 -3.65 36.63 -51.17
N VAL H 47 -3.58 35.31 -51.36
CA VAL H 47 -4.74 34.47 -51.62
C VAL H 47 -4.77 33.41 -50.53
N ASN H 48 -5.92 33.29 -49.85
CA ASN H 48 -5.98 32.52 -48.62
C ASN H 48 -5.69 31.04 -48.88
N VAL H 49 -5.06 30.42 -47.89
CA VAL H 49 -4.77 28.99 -47.89
C VAL H 49 -5.43 28.35 -46.68
N ARG H 50 -6.18 27.28 -46.92
CA ARG H 50 -6.95 26.65 -45.86
C ARG H 50 -6.10 25.64 -45.10
N ARG H 51 -6.49 25.40 -43.85
CA ARG H 51 -5.79 24.49 -42.95
C ARG H 51 -6.70 23.33 -42.58
N ASP H 52 -6.15 22.38 -41.83
CA ASP H 52 -6.84 21.15 -41.48
C ASP H 52 -7.16 21.14 -39.99
N TYR H 53 -8.03 20.19 -39.61
CA TYR H 53 -8.49 20.11 -38.22
C TYR H 53 -7.43 19.58 -37.27
N GLN H 54 -6.33 19.03 -37.78
CA GLN H 54 -5.29 18.44 -36.95
C GLN H 54 -3.92 19.00 -37.32
N SER H 55 -3.06 19.10 -36.31
CA SER H 55 -1.72 19.66 -36.48
C SER H 55 -0.60 18.69 -36.16
N VAL H 56 -0.88 17.39 -36.09
CA VAL H 56 0.17 16.42 -35.79
C VAL H 56 1.19 16.35 -36.92
N GLY H 57 0.69 16.27 -38.16
CA GLY H 57 1.60 16.15 -39.29
C GLY H 57 2.57 17.30 -39.40
N ALA H 58 2.09 18.51 -39.13
CA ALA H 58 2.97 19.68 -39.22
C ALA H 58 4.12 19.57 -38.23
N VAL H 59 3.83 19.22 -36.99
CA VAL H 59 4.87 19.11 -35.98
C VAL H 59 5.85 18.01 -36.35
N TYR H 60 5.34 16.85 -36.77
CA TYR H 60 6.22 15.74 -37.11
C TYR H 60 7.13 16.11 -38.27
N VAL H 61 6.58 16.73 -39.30
CA VAL H 61 7.39 17.09 -40.48
C VAL H 61 8.43 18.13 -40.12
N ASN H 62 8.04 19.15 -39.34
CA ASN H 62 8.99 20.16 -38.92
C ASN H 62 10.14 19.53 -38.16
N THR H 63 9.83 18.67 -37.18
CA THR H 63 10.88 18.06 -36.38
C THR H 63 11.81 17.23 -37.25
N LEU H 64 11.26 16.39 -38.13
CA LEU H 64 12.09 15.52 -38.95
C LEU H 64 12.97 16.33 -39.90
N SER H 65 12.40 17.35 -40.53
CA SER H 65 13.17 18.16 -41.47
C SER H 65 14.29 18.90 -40.76
N ALA H 66 14.01 19.45 -39.58
CA ALA H 66 15.06 20.13 -38.83
C ALA H 66 16.15 19.16 -38.39
N LYS H 67 15.76 17.95 -37.97
CA LYS H 67 16.75 17.00 -37.46
C LYS H 67 17.63 16.46 -38.58
N LEU H 68 17.05 16.23 -39.77
CA LEU H 68 17.84 15.65 -40.86
C LEU H 68 19.01 16.53 -41.28
N ALA H 69 18.88 17.85 -41.16
CA ALA H 69 19.93 18.75 -41.64
C ALA H 69 21.21 18.58 -40.82
N GLN H 70 21.06 18.41 -39.50
CA GLN H 70 22.23 18.30 -38.65
C GLN H 70 23.02 17.03 -38.94
N VAL H 71 22.32 15.93 -39.23
CA VAL H 71 23.00 14.66 -39.48
C VAL H 71 23.76 14.69 -40.79
N LEU H 72 23.15 15.19 -41.86
CA LEU H 72 23.76 15.19 -43.18
C LEU H 72 24.88 16.21 -43.32
N PHE H 73 24.73 17.39 -42.71
CA PHE H 73 25.67 18.50 -42.88
C PHE H 73 26.14 18.97 -41.50
N PRO H 74 27.01 18.21 -40.85
CA PRO H 74 27.55 18.66 -39.57
C PRO H 74 28.37 19.92 -39.74
N ALA H 75 28.39 20.75 -38.69
CA ALA H 75 28.99 22.07 -38.75
C ALA H 75 30.44 22.10 -38.30
N ASN H 76 31.02 20.96 -37.91
CA ASN H 76 32.38 20.95 -37.37
C ASN H 76 33.20 19.80 -37.94
N GLN H 77 32.88 19.36 -39.15
CA GLN H 77 33.68 18.35 -39.83
C GLN H 77 33.12 18.15 -41.24
N ALA H 78 34.00 17.72 -42.14
CA ALA H 78 33.59 17.49 -43.52
C ALA H 78 32.63 16.31 -43.62
N PHE H 79 31.77 16.36 -44.63
CA PHE H 79 30.79 15.30 -44.86
C PHE H 79 31.22 14.34 -45.98
N PHE H 80 32.43 14.47 -46.49
CA PHE H 80 32.91 13.61 -47.56
C PHE H 80 34.40 13.38 -47.37
N ARG H 81 34.88 12.26 -47.92
CA ARG H 81 36.28 11.87 -47.83
C ARG H 81 36.76 11.39 -49.19
N ILE H 82 38.06 11.53 -49.44
CA ILE H 82 38.67 11.10 -50.69
C ILE H 82 39.53 9.88 -50.42
N ASP H 83 39.35 8.84 -51.23
CA ASP H 83 40.09 7.60 -51.05
C ASP H 83 41.54 7.75 -51.49
N SER H 84 41.74 8.10 -52.77
CA SER H 84 43.08 8.36 -53.30
C SER H 84 43.87 7.07 -53.50
N THR H 85 43.29 5.93 -53.15
CA THR H 85 43.99 4.67 -53.33
C THR H 85 43.95 4.20 -54.79
N GLY H 86 43.06 4.80 -55.59
CA GLY H 86 42.94 4.42 -56.98
C GLY H 86 44.22 4.59 -57.77
N ASP H 87 44.67 5.84 -57.91
CA ASP H 87 45.90 6.12 -58.66
C ASP H 87 46.51 7.41 -58.09
N ALA H 88 47.57 7.24 -57.29
CA ALA H 88 48.22 8.39 -56.68
C ALA H 88 49.10 9.13 -57.68
N ALA H 89 49.49 8.48 -58.79
CA ALA H 89 50.38 9.10 -59.75
C ALA H 89 49.78 10.38 -60.32
N GLN H 90 48.64 10.27 -60.97
CA GLN H 90 48.00 11.44 -61.58
C GLN H 90 47.57 12.46 -60.54
N LEU H 91 47.06 12.01 -59.38
CA LEU H 91 46.65 12.94 -58.35
C LEU H 91 47.82 13.78 -57.87
N ALA H 92 48.98 13.15 -57.65
CA ALA H 92 50.17 13.89 -57.24
C ALA H 92 50.68 14.78 -58.36
N GLU H 93 50.59 14.33 -59.61
CA GLU H 93 51.08 15.13 -60.73
C GLU H 93 50.21 16.36 -60.97
N ALA H 94 48.92 16.29 -60.64
CA ALA H 94 48.05 17.44 -60.87
C ALA H 94 48.42 18.62 -59.96
N MET H 95 48.57 18.36 -58.66
CA MET H 95 48.95 19.43 -57.74
C MET H 95 50.43 19.75 -57.86
N GLY H 96 51.26 18.74 -58.15
CA GLY H 96 52.69 18.92 -58.17
C GLY H 96 53.31 18.75 -56.80
N ALA H 97 53.06 17.60 -56.18
CA ALA H 97 53.54 17.32 -54.84
C ALA H 97 54.28 15.98 -54.87
N GLU H 98 54.82 15.61 -53.71
CA GLU H 98 55.59 14.37 -53.59
C GLU H 98 54.63 13.18 -53.51
N SER H 99 55.22 11.98 -53.45
CA SER H 99 54.41 10.76 -53.41
C SER H 99 53.66 10.64 -52.09
N ALA H 100 54.26 11.12 -50.99
CA ALA H 100 53.67 10.98 -49.67
C ALA H 100 52.93 12.23 -49.20
N ASP H 101 53.20 13.39 -49.80
CA ASP H 101 52.52 14.62 -49.40
C ASP H 101 51.07 14.65 -49.86
N LEU H 102 50.67 13.70 -50.71
CA LEU H 102 49.29 13.67 -51.19
C LEU H 102 48.31 13.46 -50.04
N ALA H 103 48.67 12.63 -49.06
CA ALA H 103 47.77 12.39 -47.93
C ALA H 103 47.48 13.68 -47.17
N ASN H 104 48.52 14.50 -46.97
CA ASN H 104 48.32 15.77 -46.28
C ASN H 104 47.56 16.76 -47.15
N GLY H 105 47.87 16.81 -48.44
CA GLY H 105 47.22 17.77 -49.32
C GLY H 105 45.73 17.51 -49.46
N LEU H 106 45.35 16.25 -49.64
CA LEU H 106 43.94 15.91 -49.77
C LEU H 106 43.18 16.24 -48.48
N ALA H 107 43.79 15.94 -47.33
CA ALA H 107 43.16 16.27 -46.06
C ALA H 107 42.98 17.78 -45.91
N GLU H 108 44.00 18.56 -46.29
CA GLU H 108 43.88 20.01 -46.22
C GLU H 108 42.75 20.51 -47.11
N LEU H 109 42.66 20.00 -48.33
CA LEU H 109 41.60 20.43 -49.24
C LEU H 109 40.23 20.09 -48.67
N GLU H 110 40.05 18.86 -48.19
CA GLU H 110 38.76 18.48 -47.63
C GLU H 110 38.39 19.33 -46.43
N ASN H 111 39.36 19.59 -45.55
CA ASN H 111 39.07 20.39 -44.36
C ASN H 111 38.70 21.81 -44.70
N THR H 112 39.40 22.43 -45.66
CA THR H 112 39.17 23.82 -45.98
C THR H 112 38.00 24.03 -46.95
N ALA H 113 37.51 22.96 -47.57
CA ALA H 113 36.49 23.12 -48.61
C ALA H 113 35.08 23.17 -48.05
N PHE H 114 34.78 22.37 -47.01
CA PHE H 114 33.39 22.16 -46.62
C PHE H 114 32.77 23.37 -45.95
N ARG H 115 33.58 24.34 -45.49
CA ARG H 115 33.01 25.54 -44.89
C ARG H 115 32.22 26.38 -45.89
N ARG H 116 32.42 26.21 -47.19
CA ARG H 116 31.77 27.06 -48.18
C ARG H 116 30.26 26.87 -48.22
N ILE H 117 29.71 25.84 -47.56
CA ILE H 117 28.29 25.58 -47.63
C ILE H 117 27.47 26.52 -46.75
N PHE H 118 28.11 27.34 -45.92
CA PHE H 118 27.43 28.23 -45.00
C PHE H 118 27.45 29.69 -45.42
N LEU H 119 27.72 29.98 -46.69
CA LEU H 119 27.79 31.37 -47.13
C LEU H 119 26.47 31.81 -47.76
N LYS H 120 25.98 32.97 -47.33
CA LYS H 120 24.86 33.65 -48.00
C LYS H 120 23.57 32.83 -47.94
N SER H 121 23.26 32.29 -46.76
CA SER H 121 21.95 31.68 -46.49
C SER H 121 21.71 30.42 -47.33
N SER H 122 22.67 29.50 -47.37
CA SER H 122 22.45 28.23 -48.03
C SER H 122 21.75 27.23 -47.12
N TYR H 123 22.00 27.31 -45.80
CA TYR H 123 21.47 26.33 -44.87
C TYR H 123 19.94 26.36 -44.84
N HIS H 124 19.35 27.55 -44.90
CA HIS H 124 17.89 27.65 -44.92
C HIS H 124 17.33 26.99 -46.17
N GLN H 125 17.99 27.18 -47.32
CA GLN H 125 17.53 26.54 -48.54
C GLN H 125 17.67 25.03 -48.46
N LEU H 126 18.73 24.54 -47.79
CA LEU H 126 18.87 23.10 -47.59
C LEU H 126 17.73 22.56 -46.75
N VAL H 127 17.35 23.27 -45.69
CA VAL H 127 16.24 22.80 -44.85
C VAL H 127 14.94 22.80 -45.65
N HIS H 128 14.71 23.85 -46.45
CA HIS H 128 13.52 23.89 -47.29
C HIS H 128 13.51 22.73 -48.29
N ALA H 129 14.67 22.41 -48.86
CA ALA H 129 14.76 21.28 -49.77
C ALA H 129 14.45 19.97 -49.07
N MET H 130 14.89 19.82 -47.83
CA MET H 130 14.56 18.61 -47.08
C MET H 130 13.05 18.50 -46.85
N LYS H 131 12.41 19.61 -46.50
CA LYS H 131 10.95 19.61 -46.37
C LYS H 131 10.29 19.19 -47.67
N LEU H 132 10.74 19.78 -48.79
CA LEU H 132 10.14 19.45 -50.08
C LEU H 132 10.31 17.97 -50.42
N LEU H 133 11.50 17.44 -50.17
CA LEU H 133 11.74 16.01 -50.44
C LEU H 133 10.84 15.14 -49.58
N ILE H 134 10.67 15.50 -48.30
CA ILE H 134 9.86 14.66 -47.42
C ILE H 134 8.39 14.69 -47.84
N ILE H 135 7.85 15.86 -48.20
CA ILE H 135 6.43 15.94 -48.48
C ILE H 135 6.09 15.53 -49.90
N THR H 136 6.85 16.01 -50.89
CA THR H 136 6.53 15.76 -52.29
C THR H 136 7.48 14.80 -52.99
N GLY H 137 8.68 14.57 -52.44
CA GLY H 137 9.59 13.62 -53.03
C GLY H 137 10.31 14.09 -54.27
N ASN H 138 10.35 15.40 -54.52
CA ASN H 138 11.06 15.95 -55.68
C ASN H 138 11.56 17.33 -55.35
N VAL H 139 12.72 17.70 -55.90
CA VAL H 139 13.30 19.01 -55.69
C VAL H 139 14.40 19.23 -56.73
N LEU H 140 14.52 20.46 -57.19
CA LEU H 140 15.60 20.88 -58.08
C LEU H 140 16.43 21.93 -57.36
N LEU H 141 17.75 21.74 -57.36
CA LEU H 141 18.67 22.56 -56.59
C LEU H 141 19.65 23.26 -57.51
N TYR H 142 19.77 24.57 -57.35
CA TYR H 142 20.66 25.39 -58.18
C TYR H 142 21.66 26.09 -57.29
N ARG H 143 22.95 25.95 -57.61
CA ARG H 143 24.04 26.51 -56.82
C ARG H 143 24.78 27.52 -57.70
N ASP H 144 24.87 28.75 -57.24
CA ASP H 144 25.55 29.82 -57.97
C ASP H 144 26.95 29.98 -57.42
N SER H 145 27.96 29.79 -58.29
CA SER H 145 29.34 29.84 -57.85
C SER H 145 29.85 31.26 -57.66
N ASN H 146 29.36 32.21 -58.45
CA ASN H 146 29.88 33.57 -58.39
C ASN H 146 29.68 34.19 -57.01
N THR H 147 28.50 34.00 -56.42
CA THR H 147 28.17 34.59 -55.12
C THR H 147 28.23 33.60 -53.97
N GLY H 148 27.80 32.36 -54.19
CA GLY H 148 27.74 31.38 -53.12
C GLY H 148 26.36 31.15 -52.55
N ASN H 149 25.31 31.43 -53.32
CA ASN H 149 23.94 31.26 -52.86
C ASN H 149 23.27 30.10 -53.58
N MET H 150 22.23 29.56 -52.96
CA MET H 150 21.49 28.43 -53.49
C MET H 150 19.99 28.73 -53.47
N HIS H 151 19.24 27.95 -54.24
CA HIS H 151 17.79 28.10 -54.29
C HIS H 151 17.19 26.73 -54.60
N ALA H 152 15.98 26.50 -54.10
CA ALA H 152 15.28 25.23 -54.28
C ALA H 152 13.93 25.47 -54.93
N TYR H 153 13.57 24.60 -55.88
CA TYR H 153 12.33 24.71 -56.63
C TYR H 153 11.50 23.46 -56.43
N SER H 154 10.18 23.62 -56.56
CA SER H 154 9.26 22.50 -56.48
C SER H 154 8.89 22.05 -57.90
N ILE H 155 8.11 20.98 -58.02
CA ILE H 155 7.72 20.47 -59.33
C ILE H 155 6.72 21.35 -60.04
N ARG H 156 6.27 22.42 -59.40
CA ARG H 156 5.36 23.37 -60.04
C ARG H 156 6.11 24.38 -60.92
N GLN H 157 7.44 24.36 -60.93
CA GLN H 157 8.23 25.30 -61.71
C GLN H 157 9.18 24.64 -62.68
N TYR H 158 9.22 23.31 -62.75
CA TYR H 158 10.15 22.64 -63.64
C TYR H 158 9.63 21.25 -63.97
N SER H 159 10.18 20.68 -65.04
CA SER H 159 9.82 19.34 -65.49
C SER H 159 11.06 18.70 -66.11
N VAL H 160 11.13 17.37 -66.01
CA VAL H 160 12.32 16.63 -66.42
C VAL H 160 11.90 15.45 -67.30
N LEU H 161 12.86 14.94 -68.06
CA LEU H 161 12.69 13.77 -68.91
C LEU H 161 13.84 12.80 -68.65
N ARG H 162 13.51 11.52 -68.57
CA ARG H 162 14.52 10.50 -68.29
C ARG H 162 14.15 9.22 -69.02
N ASP H 163 15.15 8.37 -69.22
CA ASP H 163 14.97 7.08 -69.88
C ASP H 163 14.30 6.10 -68.93
N GLY H 164 14.13 4.86 -69.39
CA GLY H 164 13.67 3.79 -68.52
C GLY H 164 14.70 3.37 -67.50
N GLY H 165 15.99 3.64 -67.76
CA GLY H 165 17.04 3.32 -66.82
C GLY H 165 17.29 4.37 -65.75
N GLY H 166 16.64 5.53 -65.85
CA GLY H 166 16.75 6.57 -64.85
C GLY H 166 17.63 7.74 -65.23
N LYS H 167 18.38 7.66 -66.32
CA LYS H 167 19.23 8.77 -66.72
C LYS H 167 18.39 9.97 -67.10
N VAL H 168 18.78 11.15 -66.62
CA VAL H 168 18.11 12.40 -66.92
C VAL H 168 18.67 12.93 -68.23
N LEU H 169 17.78 13.26 -69.18
CA LEU H 169 18.18 13.69 -70.50
C LEU H 169 17.97 15.19 -70.73
N ASP H 170 16.88 15.75 -70.21
CA ASP H 170 16.52 17.13 -70.49
C ASP H 170 15.74 17.71 -69.31
N MET H 171 15.73 19.04 -69.23
CA MET H 171 15.01 19.76 -68.20
C MET H 171 14.64 21.14 -68.71
N VAL H 172 13.55 21.69 -68.17
CA VAL H 172 13.10 23.04 -68.47
C VAL H 172 12.64 23.70 -67.18
N LEU H 173 12.95 24.99 -67.02
CA LEU H 173 12.66 25.71 -65.79
C LEU H 173 12.02 27.05 -66.14
N LYS H 174 10.97 27.42 -65.39
CA LYS H 174 10.26 28.67 -65.58
C LYS H 174 10.57 29.63 -64.43
N GLU H 175 10.63 30.92 -64.75
CA GLU H 175 10.90 31.94 -63.76
C GLU H 175 10.28 33.26 -64.22
N ARG H 176 9.88 34.09 -63.27
CA ARG H 176 9.20 35.35 -63.54
C ARG H 176 10.07 36.51 -63.07
N THR H 177 10.04 37.61 -63.81
CA THR H 177 10.84 38.79 -63.50
C THR H 177 10.20 40.00 -64.16
N VAL H 178 10.94 41.11 -64.22
CA VAL H 178 10.46 42.35 -64.81
C VAL H 178 11.46 42.82 -65.85
N ILE H 179 11.02 43.77 -66.68
CA ILE H 179 11.83 44.22 -67.80
C ILE H 179 13.11 44.90 -67.34
N SER H 180 13.05 45.64 -66.23
CA SER H 180 14.21 46.40 -65.78
C SER H 180 15.40 45.50 -65.47
N GLU H 181 15.15 44.20 -65.23
CA GLU H 181 16.24 43.29 -64.87
C GLU H 181 16.95 42.72 -66.08
N LEU H 182 16.44 42.93 -67.28
CA LEU H 182 17.01 42.31 -68.48
C LEU H 182 18.29 43.00 -68.89
N PRO H 183 19.13 42.34 -69.70
CA PRO H 183 20.38 42.97 -70.15
C PRO H 183 20.10 44.14 -71.09
N VAL H 184 21.10 45.03 -71.19
CA VAL H 184 20.96 46.21 -72.01
C VAL H 184 20.71 45.84 -73.46
N GLU H 185 21.32 44.76 -73.94
CA GLU H 185 21.16 44.37 -75.34
C GLU H 185 19.72 44.06 -75.67
N ALA H 186 19.02 43.34 -74.78
CA ALA H 186 17.64 42.96 -75.01
C ALA H 186 16.63 44.01 -74.59
N ARG H 187 17.05 45.00 -73.79
CA ARG H 187 16.11 46.01 -73.33
C ARG H 187 15.94 47.15 -74.34
N ILE H 188 16.78 47.21 -75.37
CA ILE H 188 16.54 48.18 -76.45
C ILE H 188 15.21 47.89 -77.12
N LYS H 189 14.92 46.61 -77.36
CA LYS H 189 13.57 46.20 -77.74
C LYS H 189 12.66 46.35 -76.53
N TYR H 190 11.36 46.21 -76.74
CA TYR H 190 10.39 46.47 -75.68
C TYR H 190 10.59 47.87 -75.13
N ARG H 191 10.97 48.82 -76.00
CA ARG H 191 11.17 50.18 -75.54
C ARG H 191 9.90 50.75 -74.92
N ASN H 192 8.76 50.51 -75.55
CA ASN H 192 7.47 50.82 -74.95
C ASN H 192 7.14 49.77 -73.90
N ARG H 193 6.13 50.08 -73.08
CA ARG H 193 5.68 49.21 -72.00
C ARG H 193 6.77 48.97 -70.96
N LYS H 194 7.68 49.92 -70.77
CA LYS H 194 8.79 49.76 -69.82
C LYS H 194 8.32 50.07 -68.41
N GLN H 195 7.23 49.43 -68.02
CA GLN H 195 6.73 49.46 -66.65
C GLN H 195 7.31 48.29 -65.88
N ASP H 196 6.75 48.00 -64.71
CA ASP H 196 7.17 46.84 -63.93
C ASP H 196 6.30 45.64 -64.29
N ASP H 197 5.89 45.55 -65.54
CA ASP H 197 5.09 44.42 -66.00
C ASP H 197 5.88 43.13 -65.87
N CYS H 198 5.19 42.05 -65.53
CA CYS H 198 5.83 40.76 -65.36
C CYS H 198 6.04 40.08 -66.71
N ILE H 199 7.20 39.45 -66.88
CA ILE H 199 7.54 38.70 -68.09
C ILE H 199 8.19 37.39 -67.67
N CYS H 200 7.83 36.31 -68.36
CA CYS H 200 8.32 34.98 -68.02
C CYS H 200 9.64 34.70 -68.73
N LEU H 201 10.45 33.85 -68.11
CA LEU H 201 11.76 33.45 -68.64
C LEU H 201 11.89 31.95 -68.54
N TYR H 202 12.52 31.34 -69.55
CA TYR H 202 12.66 29.89 -69.64
C TYR H 202 14.12 29.52 -69.81
N THR H 203 14.54 28.46 -69.13
CA THR H 203 15.88 27.92 -69.23
C THR H 203 15.81 26.43 -69.58
N ARG H 204 16.78 25.98 -70.37
CA ARG H 204 16.84 24.59 -70.82
C ARG H 204 18.22 24.01 -70.55
N ILE H 205 18.24 22.80 -70.01
CA ILE H 205 19.47 22.05 -69.76
C ILE H 205 19.37 20.73 -70.53
N LYS H 206 20.35 20.46 -71.39
CA LYS H 206 20.32 19.31 -72.27
C LYS H 206 21.63 18.56 -72.21
N ARG H 207 21.55 17.23 -72.24
CA ARG H 207 22.74 16.40 -72.26
C ARG H 207 23.22 16.17 -73.69
N GLU H 208 24.54 16.18 -73.86
CA GLU H 208 25.17 15.92 -75.14
C GLU H 208 26.54 15.33 -74.89
N ARG H 209 27.07 14.63 -75.88
CA ARG H 209 28.37 13.98 -75.76
C ARG H 209 29.37 14.59 -76.74
N ARG H 210 30.57 14.86 -76.24
CA ARG H 210 31.69 15.29 -77.08
C ARG H 210 32.82 14.27 -76.98
N ALA H 211 33.98 14.60 -77.54
CA ALA H 211 35.05 13.61 -77.66
C ALA H 211 35.52 13.11 -76.30
N VAL H 212 35.63 14.01 -75.32
CA VAL H 212 36.24 13.69 -74.03
C VAL H 212 35.20 13.35 -72.97
N GLY H 213 33.95 13.16 -73.35
CA GLY H 213 32.94 12.73 -72.41
C GLY H 213 31.62 13.44 -72.64
N GLU H 214 30.68 13.18 -71.75
CA GLU H 214 29.36 13.79 -71.83
C GLU H 214 29.42 15.23 -71.33
N VAL H 215 28.38 15.99 -71.66
CA VAL H 215 28.36 17.43 -71.45
C VAL H 215 26.92 17.90 -71.26
N PHE H 216 26.76 19.00 -70.53
CA PHE H 216 25.47 19.64 -70.33
C PHE H 216 25.51 21.05 -70.91
N VAL H 217 24.48 21.39 -71.68
CA VAL H 217 24.41 22.67 -72.39
C VAL H 217 23.24 23.47 -71.84
N VAL H 218 23.49 24.73 -71.51
CA VAL H 218 22.50 25.61 -70.89
C VAL H 218 22.22 26.78 -71.83
N THR H 219 20.94 27.10 -72.01
CA THR H 219 20.52 28.23 -72.82
C THR H 219 19.26 28.82 -72.22
N GLN H 220 18.93 30.04 -72.65
CA GLN H 220 17.78 30.77 -72.13
C GLN H 220 16.98 31.36 -73.28
N GLN H 221 15.72 31.67 -73.00
CA GLN H 221 14.82 32.20 -74.02
C GLN H 221 13.65 32.88 -73.33
N LEU H 222 13.12 33.93 -73.97
CA LEU H 222 11.98 34.66 -73.44
C LEU H 222 10.69 33.98 -73.88
N GLU H 223 9.55 34.54 -73.47
CA GLU H 223 8.26 33.96 -73.83
C GLU H 223 8.04 33.99 -75.34
N ASP H 224 8.37 35.11 -75.97
CA ASP H 224 8.11 35.29 -77.41
C ASP H 224 9.31 34.88 -78.26
N GLY H 225 9.82 33.68 -78.03
CA GLY H 225 10.79 33.08 -78.94
C GLY H 225 12.19 33.64 -78.92
N LEU H 226 12.37 34.87 -78.42
CA LEU H 226 13.66 35.55 -78.56
C LEU H 226 14.70 34.92 -77.64
N MET H 227 15.85 34.58 -78.21
CA MET H 227 16.96 34.04 -77.42
C MET H 227 17.74 35.17 -76.75
N LEU H 228 18.47 34.82 -75.68
CA LEU H 228 19.24 35.79 -74.92
C LEU H 228 20.72 35.43 -74.84
N ASP H 229 21.21 34.59 -75.76
CA ASP H 229 22.63 34.25 -75.78
C ASP H 229 23.00 33.54 -74.49
N ASN H 230 24.14 33.91 -73.88
CA ASN H 230 24.60 33.38 -72.60
C ASN H 230 24.89 31.88 -72.65
N LEU H 231 25.21 31.33 -73.83
CA LEU H 231 25.50 29.91 -73.92
C LEU H 231 26.65 29.54 -73.00
N GLU H 232 26.47 28.45 -72.25
CA GLU H 232 27.48 27.92 -71.36
C GLU H 232 27.53 26.42 -71.48
N VAL H 233 28.70 25.86 -71.20
CA VAL H 233 28.95 24.42 -71.30
C VAL H 233 29.69 23.96 -70.06
N TYR H 234 29.18 22.89 -69.44
CA TYR H 234 29.81 22.31 -68.26
C TYR H 234 30.04 20.82 -68.45
N PRO H 235 31.13 20.28 -67.94
CA PRO H 235 31.24 18.82 -67.83
C PRO H 235 30.17 18.28 -66.88
N GLU H 236 29.76 17.04 -67.14
CA GLU H 236 28.65 16.46 -66.38
C GLU H 236 28.93 16.44 -64.88
N ALA H 237 30.19 16.41 -64.48
CA ALA H 237 30.52 16.26 -63.07
C ALA H 237 30.28 17.54 -62.27
N ILE H 238 30.46 18.71 -62.89
CA ILE H 238 30.40 19.97 -62.16
C ILE H 238 29.23 20.82 -62.66
N CYS H 239 28.16 20.16 -63.10
CA CYS H 239 26.95 20.90 -63.45
C CYS H 239 26.31 21.49 -62.20
N PRO H 240 25.80 22.72 -62.26
CA PRO H 240 25.22 23.35 -61.06
C PRO H 240 23.77 22.98 -60.78
N PHE H 241 23.11 22.22 -61.64
CA PHE H 241 21.72 21.79 -61.44
C PHE H 241 21.72 20.36 -60.95
N ILE H 242 20.93 20.08 -59.92
CA ILE H 242 20.91 18.76 -59.29
C ILE H 242 19.47 18.33 -59.03
N PRO H 243 18.87 17.50 -59.89
CA PRO H 243 17.57 16.91 -59.56
C PRO H 243 17.72 15.72 -58.63
N ALA H 244 16.77 15.61 -57.70
CA ALA H 244 16.83 14.59 -56.67
C ALA H 244 15.46 13.94 -56.49
N VAL H 245 15.46 12.73 -55.94
CA VAL H 245 14.24 11.99 -55.67
C VAL H 245 14.39 11.26 -54.34
N TRP H 246 13.27 11.01 -53.69
CA TRP H 246 13.24 10.26 -52.44
C TRP H 246 13.05 8.77 -52.68
N ASN H 247 12.01 8.40 -53.41
CA ASN H 247 11.77 7.02 -53.82
C ASN H 247 11.34 7.02 -55.28
N LEU H 248 12.04 6.24 -56.10
CA LEU H 248 11.84 6.25 -57.55
C LEU H 248 11.47 4.84 -58.00
N VAL H 249 10.21 4.65 -58.37
CA VAL H 249 9.76 3.37 -58.92
C VAL H 249 10.28 3.25 -60.35
N THR H 250 10.91 2.12 -60.65
CA THR H 250 11.47 1.91 -61.97
C THR H 250 10.40 2.05 -63.04
N GLY H 251 10.70 2.82 -64.08
CA GLY H 251 9.76 3.03 -65.17
C GLY H 251 9.17 4.41 -65.18
N GLU H 252 9.01 5.02 -64.00
CA GLU H 252 8.39 6.33 -63.89
C GLU H 252 9.46 7.42 -63.98
N THR H 253 9.03 8.68 -63.91
CA THR H 253 9.91 9.83 -64.05
C THR H 253 10.08 10.61 -62.76
N TYR H 254 9.01 10.74 -61.97
CA TYR H 254 9.06 11.47 -60.71
C TYR H 254 9.02 10.51 -59.53
N GLY H 255 9.62 10.94 -58.42
CA GLY H 255 9.69 10.10 -57.24
C GLY H 255 8.45 10.15 -56.37
N ARG H 256 8.52 9.56 -55.18
CA ARG H 256 7.41 9.53 -54.25
C ARG H 256 7.92 9.91 -52.86
N GLY H 257 7.02 10.45 -52.05
CA GLY H 257 7.39 10.96 -50.74
C GLY H 257 7.14 9.99 -49.61
N LEU H 258 7.62 10.35 -48.42
CA LEU H 258 7.41 9.49 -47.24
C LEU H 258 5.97 9.55 -46.76
N VAL H 259 5.33 10.71 -46.91
CA VAL H 259 3.96 10.88 -46.40
C VAL H 259 3.00 9.97 -47.14
N GLU H 260 3.28 9.65 -48.41
CA GLU H 260 2.37 8.83 -49.19
C GLU H 260 2.19 7.44 -48.59
N ASP H 261 3.14 6.97 -47.79
CA ASP H 261 3.05 5.65 -47.19
C ASP H 261 2.12 5.60 -45.99
N TYR H 262 1.70 6.75 -45.45
CA TYR H 262 0.94 6.82 -44.21
C TYR H 262 -0.29 7.71 -44.37
N ALA H 263 -0.94 7.68 -45.53
CA ALA H 263 -2.08 8.56 -45.76
C ALA H 263 -3.32 8.09 -45.01
N GLY H 264 -3.46 6.77 -44.85
CA GLY H 264 -4.66 6.25 -44.19
C GLY H 264 -4.82 6.76 -42.77
N ASP H 265 -3.74 6.76 -42.00
CA ASP H 265 -3.82 7.21 -40.62
C ASP H 265 -4.20 8.68 -40.52
N LEU H 266 -3.61 9.52 -41.37
CA LEU H 266 -3.95 10.94 -41.36
C LEU H 266 -5.40 11.17 -41.75
N ALA H 267 -5.87 10.45 -42.77
CA ALA H 267 -7.26 10.58 -43.18
C ALA H 267 -8.20 10.14 -42.08
N LYS H 268 -7.85 9.07 -41.37
CA LYS H 268 -8.69 8.60 -40.27
C LYS H 268 -8.62 9.51 -39.05
N LEU H 269 -7.54 10.29 -38.91
CA LEU H 269 -7.37 11.20 -37.79
C LEU H 269 -8.10 12.52 -37.99
N SER H 270 -8.16 13.02 -39.24
CA SER H 270 -8.81 14.29 -39.48
C SER H 270 -10.28 14.26 -39.10
N ALA H 271 -10.99 13.19 -39.45
CA ALA H 271 -12.41 13.10 -39.14
C ALA H 271 -12.66 13.05 -37.63
N LEU H 272 -11.84 12.30 -36.90
CA LEU H 272 -11.97 12.27 -35.45
C LEU H 272 -11.71 13.65 -34.85
N SER H 273 -10.74 14.38 -35.40
CA SER H 273 -10.50 15.74 -34.92
C SER H 273 -11.72 16.62 -35.17
N GLU H 274 -12.36 16.48 -36.33
CA GLU H 274 -13.57 17.26 -36.62
C GLU H 274 -14.68 16.94 -35.62
N ALA H 275 -14.87 15.65 -35.32
CA ALA H 275 -15.91 15.26 -34.37
C ALA H 275 -15.62 15.81 -32.99
N LEU H 276 -14.35 15.77 -32.57
CA LEU H 276 -13.97 16.33 -31.28
C LEU H 276 -14.26 17.81 -31.23
N ALA H 277 -13.97 18.53 -32.32
CA ALA H 277 -14.27 19.95 -32.38
C ALA H 277 -15.77 20.20 -32.26
N LEU H 278 -16.58 19.39 -32.93
CA LEU H 278 -18.02 19.54 -32.84
C LEU H 278 -18.51 19.37 -31.40
N TYR H 279 -18.04 18.33 -30.72
CA TYR H 279 -18.43 18.14 -29.32
C TYR H 279 -17.96 19.29 -28.44
N GLU H 280 -16.73 19.76 -28.65
CA GLU H 280 -16.24 20.88 -27.85
C GLU H 280 -17.08 22.13 -28.05
N ILE H 281 -17.53 22.40 -29.28
CA ILE H 281 -18.43 23.52 -29.51
C ILE H 281 -19.78 23.30 -28.84
N GLU H 282 -20.30 22.07 -28.89
CA GLU H 282 -21.55 21.77 -28.19
C GLU H 282 -21.42 21.97 -26.68
N ALA H 283 -20.22 21.84 -26.12
CA ALA H 283 -20.05 21.98 -24.68
C ALA H 283 -20.12 23.42 -24.19
N CYS H 284 -20.51 24.37 -25.04
CA CYS H 284 -20.55 25.78 -24.67
C CYS H 284 -21.97 26.32 -24.53
N ARG H 285 -22.95 25.46 -24.24
CA ARG H 285 -24.30 25.90 -23.97
C ARG H 285 -24.46 26.12 -22.47
N VAL H 286 -24.77 27.35 -22.07
CA VAL H 286 -24.96 27.71 -20.67
C VAL H 286 -26.45 28.03 -20.50
N LEU H 287 -27.19 27.07 -19.97
CA LEU H 287 -28.61 27.22 -19.73
C LEU H 287 -28.97 26.74 -18.33
N HIS H 288 -30.03 27.33 -17.78
CA HIS H 288 -30.60 26.91 -16.50
C HIS H 288 -32.06 26.59 -16.72
N MET H 289 -32.49 25.40 -16.30
CA MET H 289 -33.82 24.92 -16.57
C MET H 289 -34.65 24.91 -15.28
N ALA H 290 -35.84 25.48 -15.35
CA ALA H 290 -36.77 25.48 -14.24
C ALA H 290 -37.68 24.26 -14.36
N LYS H 291 -37.57 23.34 -13.40
CA LYS H 291 -38.32 22.10 -13.46
C LYS H 291 -39.82 22.40 -13.45
N PRO H 292 -40.61 21.67 -14.24
CA PRO H 292 -42.06 21.82 -14.18
C PRO H 292 -42.68 20.98 -13.07
N GLY H 293 -43.69 21.55 -12.42
CA GLY H 293 -44.36 20.88 -11.33
C GLY H 293 -43.76 21.12 -9.95
N SER H 294 -42.86 22.08 -9.82
CA SER H 294 -42.21 22.39 -8.56
C SER H 294 -42.64 23.76 -8.06
N GLN H 295 -42.72 23.90 -6.74
CA GLN H 295 -43.05 25.19 -6.13
C GLN H 295 -41.81 26.06 -6.04
N ILE H 296 -41.81 27.17 -6.76
CA ILE H 296 -40.69 28.10 -6.74
C ILE H 296 -41.22 29.49 -7.04
N ASP H 297 -40.41 30.51 -6.74
CA ASP H 297 -40.72 31.91 -7.04
C ASP H 297 -39.62 32.42 -7.96
N VAL H 298 -39.81 32.23 -9.27
CA VAL H 298 -38.73 32.48 -10.22
C VAL H 298 -38.31 33.94 -10.20
N ASP H 299 -39.28 34.86 -10.12
CA ASP H 299 -38.96 36.28 -10.18
C ASP H 299 -38.05 36.68 -9.02
N SER H 300 -38.39 36.26 -7.80
CA SER H 300 -37.56 36.60 -6.65
C SER H 300 -36.17 35.98 -6.76
N MET H 301 -36.09 34.72 -7.18
CA MET H 301 -34.80 34.07 -7.29
C MET H 301 -33.92 34.76 -8.32
N ALA H 302 -34.52 35.25 -9.40
CA ALA H 302 -33.75 35.81 -10.51
C ALA H 302 -33.54 37.31 -10.41
N GLU H 303 -34.23 38.01 -9.51
CA GLU H 303 -34.15 39.47 -9.47
C GLU H 303 -33.76 40.06 -8.12
N ARG H 304 -33.59 39.25 -7.08
CA ARG H 304 -33.23 39.76 -5.78
C ARG H 304 -31.71 39.89 -5.64
N GLU H 305 -31.30 40.78 -4.74
CA GLU H 305 -29.88 40.94 -4.44
C GLU H 305 -29.36 39.74 -3.66
N SER H 306 -28.06 39.52 -3.76
CA SER H 306 -27.45 38.35 -3.12
C SER H 306 -27.51 38.49 -1.61
N GLY H 307 -28.01 37.44 -0.95
CA GLY H 307 -28.10 37.43 0.50
C GLY H 307 -29.54 37.35 1.00
N ALA H 308 -30.49 37.42 0.09
CA ALA H 308 -31.89 37.47 0.46
C ALA H 308 -32.41 36.08 0.81
N TRP H 309 -33.58 36.05 1.46
CA TRP H 309 -34.30 34.82 1.75
C TRP H 309 -35.55 34.75 0.87
N VAL H 310 -35.78 33.57 0.30
CA VAL H 310 -36.87 33.36 -0.64
C VAL H 310 -37.58 32.07 -0.26
N ALA H 311 -38.83 31.94 -0.70
CA ALA H 311 -39.65 30.77 -0.43
C ALA H 311 -39.75 29.91 -1.68
N GLY H 312 -39.38 28.64 -1.54
CA GLY H 312 -39.43 27.70 -2.64
C GLY H 312 -38.48 26.54 -2.40
N ASP H 313 -38.62 25.51 -3.21
CA ASP H 313 -37.76 24.35 -3.08
C ASP H 313 -36.32 24.73 -3.39
N PRO H 314 -35.34 24.21 -2.65
CA PRO H 314 -33.94 24.57 -2.92
C PRO H 314 -33.34 23.83 -4.11
N ASN H 315 -34.18 23.11 -4.86
CA ASN H 315 -33.69 22.32 -5.99
C ASN H 315 -34.60 22.45 -7.22
N GLY H 316 -35.36 23.54 -7.33
CA GLY H 316 -36.28 23.69 -8.44
C GLY H 316 -35.62 24.09 -9.74
N VAL H 317 -34.37 24.54 -9.70
CA VAL H 317 -33.65 24.98 -10.88
C VAL H 317 -32.36 24.18 -10.98
N ALA H 318 -32.07 23.67 -12.16
CA ALA H 318 -30.89 22.86 -12.39
C ALA H 318 -30.20 23.30 -13.67
N ALA H 319 -28.91 23.02 -13.76
CA ALA H 319 -28.12 23.41 -14.92
C ALA H 319 -28.28 22.39 -16.06
N TYR H 320 -28.31 22.90 -17.28
CA TYR H 320 -28.46 22.06 -18.46
C TYR H 320 -27.36 21.01 -18.51
N GLU H 321 -27.74 19.77 -18.83
CA GLU H 321 -26.81 18.66 -18.85
C GLU H 321 -27.14 17.76 -20.03
N ALA H 322 -26.17 17.53 -20.91
CA ALA H 322 -26.37 16.67 -22.07
C ALA H 322 -25.48 15.43 -22.06
N GLY H 323 -24.50 15.37 -21.18
CA GLY H 323 -23.64 14.19 -21.11
C GLY H 323 -22.61 14.09 -22.21
N ASP H 324 -22.12 15.21 -22.71
CA ASP H 324 -21.16 15.20 -23.81
C ASP H 324 -19.71 15.28 -23.34
N TYR H 325 -19.46 15.29 -22.02
CA TYR H 325 -18.09 15.32 -21.53
C TYR H 325 -17.42 13.94 -21.68
N ASN H 326 -18.17 12.88 -21.41
CA ASN H 326 -17.62 11.53 -21.54
C ASN H 326 -17.19 11.26 -22.98
N LYS H 327 -17.95 11.78 -23.95
CA LYS H 327 -17.57 11.58 -25.35
C LYS H 327 -16.26 12.28 -25.67
N ILE H 328 -16.04 13.48 -25.13
CA ILE H 328 -14.76 14.16 -25.32
C ILE H 328 -13.63 13.33 -24.71
N ILE H 329 -13.85 12.82 -23.50
CA ILE H 329 -12.83 12.00 -22.84
C ILE H 329 -12.50 10.79 -23.69
N ALA H 330 -13.52 10.16 -24.27
CA ALA H 330 -13.29 8.96 -25.08
C ALA H 330 -12.54 9.29 -26.37
N LEU H 331 -12.97 10.34 -27.07
CA LEU H 331 -12.34 10.69 -28.35
C LEU H 331 -10.89 11.08 -28.16
N THR H 332 -10.57 11.80 -27.08
CA THR H 332 -9.19 12.22 -26.87
C THR H 332 -8.26 11.02 -26.77
N GLN H 333 -8.67 9.96 -26.06
CA GLN H 333 -7.81 8.80 -25.89
C GLN H 333 -7.54 8.10 -27.22
N GLU H 334 -8.57 7.93 -28.05
CA GLU H 334 -8.36 7.30 -29.35
C GLU H 334 -7.42 8.12 -30.22
N ILE H 335 -7.62 9.44 -30.25
CA ILE H 335 -6.75 10.29 -31.07
C ILE H 335 -5.32 10.19 -30.57
N GLN H 336 -5.13 10.23 -29.24
CA GLN H 336 -3.79 10.13 -28.68
C GLN H 336 -3.15 8.79 -29.01
N SER H 337 -3.93 7.70 -28.96
CA SER H 337 -3.37 6.39 -29.27
C SER H 337 -2.89 6.33 -30.72
N ILE H 338 -3.70 6.84 -31.65
CA ILE H 338 -3.28 6.83 -33.06
C ILE H 338 -2.03 7.69 -33.24
N ALA H 339 -2.02 8.88 -32.63
CA ALA H 339 -0.86 9.76 -32.77
C ALA H 339 0.40 9.09 -32.23
N ALA H 340 0.30 8.43 -31.08
CA ALA H 340 1.46 7.74 -30.52
C ALA H 340 1.91 6.60 -31.43
N ARG H 341 0.96 5.86 -32.01
CA ARG H 341 1.33 4.79 -32.92
C ARG H 341 2.04 5.31 -34.16
N LEU H 342 1.72 6.52 -34.61
CA LEU H 342 2.43 7.09 -35.76
C LEU H 342 3.81 7.62 -35.42
N ALA H 343 4.14 7.76 -34.13
CA ALA H 343 5.36 8.47 -33.75
C ALA H 343 6.63 7.83 -34.29
N PRO H 344 6.84 6.51 -34.17
CA PRO H 344 8.15 5.95 -34.54
C PRO H 344 8.54 6.21 -35.99
N ALA H 345 7.58 6.19 -36.91
CA ALA H 345 7.92 6.27 -38.33
C ALA H 345 8.60 7.59 -38.68
N PHE H 346 8.30 8.66 -37.96
CA PHE H 346 8.83 9.98 -38.24
C PHE H 346 9.97 10.39 -37.31
N MET H 347 10.50 9.45 -36.52
CA MET H 347 11.59 9.73 -35.61
C MET H 347 11.22 10.85 -34.63
N TYR H 348 10.11 10.66 -33.93
CA TYR H 348 9.64 11.59 -32.91
C TYR H 348 9.88 10.98 -31.54
N ALA H 349 10.47 11.74 -30.65
CA ALA H 349 10.77 11.27 -29.30
C ALA H 349 10.76 12.43 -28.32
N THR H 359 31.66 15.29 -30.28
CA THR H 359 32.61 14.36 -30.87
C THR H 359 31.99 13.70 -32.11
N ALA H 360 32.86 13.24 -33.02
CA ALA H 360 32.37 12.62 -34.25
C ALA H 360 31.58 11.35 -33.99
N GLU H 361 31.81 10.69 -32.85
CA GLU H 361 31.07 9.47 -32.53
C GLU H 361 29.59 9.75 -32.31
N GLU H 362 29.24 10.91 -31.75
CA GLU H 362 27.84 11.26 -31.61
C GLU H 362 27.16 11.36 -32.98
N ILE H 363 27.83 11.99 -33.94
CA ILE H 363 27.28 12.06 -35.29
C ILE H 363 27.21 10.68 -35.92
N ARG H 364 28.22 9.84 -35.69
CA ARG H 364 28.17 8.47 -36.18
C ARG H 364 26.91 7.76 -35.69
N GLN H 365 26.68 7.78 -34.38
CA GLN H 365 25.54 7.08 -33.81
C GLN H 365 24.21 7.69 -34.28
N ASN H 366 24.14 9.01 -34.36
CA ASN H 366 22.92 9.65 -34.83
C ASN H 366 22.60 9.25 -36.26
N ALA H 367 23.62 9.24 -37.13
CA ALA H 367 23.41 8.82 -38.51
C ALA H 367 23.00 7.35 -38.59
N GLU H 368 23.60 6.49 -37.77
CA GLU H 368 23.23 5.08 -37.78
C GLU H 368 21.78 4.90 -37.36
N GLU H 369 21.35 5.62 -36.32
CA GLU H 369 19.98 5.50 -35.86
C GLU H 369 19.01 6.09 -36.89
N ALA H 370 19.43 7.14 -37.60
CA ALA H 370 18.61 7.64 -38.70
C ALA H 370 18.48 6.60 -39.81
N GLU H 371 19.58 5.92 -40.12
CA GLU H 371 19.50 4.78 -41.04
C GLU H 371 18.47 3.77 -40.58
N LEU H 372 18.52 3.40 -39.30
CA LEU H 372 17.59 2.39 -38.79
C LEU H 372 16.14 2.86 -38.89
N ALA H 373 15.89 4.11 -38.52
CA ALA H 373 14.51 4.60 -38.51
C ALA H 373 13.96 4.76 -39.93
N LEU H 374 14.72 5.43 -40.81
CA LEU H 374 14.19 5.75 -42.14
C LEU H 374 13.93 4.49 -42.95
N GLY H 375 14.84 3.51 -42.88
CA GLY H 375 14.71 2.29 -43.64
C GLY H 375 15.60 2.18 -44.85
N GLY H 376 16.53 3.12 -45.07
CA GLY H 376 17.47 3.02 -46.17
C GLY H 376 17.42 4.19 -47.13
N VAL H 377 16.84 5.31 -46.71
CA VAL H 377 16.80 6.51 -47.54
C VAL H 377 17.95 7.47 -47.23
N TYR H 378 18.46 7.48 -46.00
CA TYR H 378 19.62 8.32 -45.69
C TYR H 378 20.74 8.06 -46.70
N SER H 379 20.98 6.78 -47.02
CA SER H 379 21.99 6.46 -48.02
C SER H 379 21.63 7.01 -49.39
N VAL H 380 20.35 6.94 -49.78
CA VAL H 380 19.95 7.47 -51.08
C VAL H 380 20.17 8.97 -51.14
N ILE H 381 19.76 9.68 -50.10
CA ILE H 381 19.94 11.13 -50.06
C ILE H 381 21.42 11.47 -50.12
N ALA H 382 22.24 10.76 -49.33
CA ALA H 382 23.67 11.01 -49.36
C ALA H 382 24.25 10.78 -50.75
N ASP H 383 23.85 9.68 -51.39
CA ASP H 383 24.36 9.38 -52.72
C ASP H 383 23.97 10.45 -53.72
N THR H 384 22.73 10.92 -53.67
CA THR H 384 22.23 11.85 -54.68
C THR H 384 22.60 13.30 -54.42
N LEU H 385 23.10 13.64 -53.22
CA LEU H 385 23.48 15.01 -52.93
C LEU H 385 24.97 15.21 -52.69
N HIS H 386 25.65 14.28 -52.04
CA HIS H 386 27.02 14.51 -51.62
C HIS H 386 27.98 14.53 -52.80
N ILE H 387 27.78 13.66 -53.79
CA ILE H 387 28.77 13.49 -54.85
C ILE H 387 28.96 14.77 -55.67
N PRO H 388 27.90 15.43 -56.16
CA PRO H 388 28.14 16.63 -56.99
C PRO H 388 28.56 17.85 -56.20
N LEU H 389 28.01 18.03 -54.99
CA LEU H 389 28.38 19.18 -54.18
C LEU H 389 29.86 19.16 -53.83
N ALA H 390 30.42 17.97 -53.55
CA ALA H 390 31.84 17.88 -53.26
C ALA H 390 32.67 18.39 -54.43
N HIS H 391 32.34 17.93 -55.64
CA HIS H 391 33.07 18.40 -56.82
C HIS H 391 32.93 19.90 -57.01
N ILE H 392 31.71 20.42 -56.84
CA ILE H 392 31.50 21.86 -57.06
C ILE H 392 32.31 22.68 -56.05
N LEU H 393 32.26 22.30 -54.77
CA LEU H 393 33.01 23.06 -53.77
C LEU H 393 34.52 22.94 -53.99
N CYS H 394 35.01 21.74 -54.33
CA CYS H 394 36.43 21.59 -54.59
C CYS H 394 36.86 22.45 -55.77
N TRP H 395 36.05 22.49 -56.82
CA TRP H 395 36.34 23.37 -57.95
C TRP H 395 36.36 24.83 -57.53
N GLU H 396 35.42 25.23 -56.67
CA GLU H 396 35.42 26.60 -56.17
C GLU H 396 36.69 26.92 -55.40
N VAL H 397 37.19 25.99 -54.59
CA VAL H 397 38.38 26.25 -53.79
C VAL H 397 39.67 26.10 -54.58
N ASN H 398 39.69 25.28 -55.64
CA ASN H 398 40.91 25.09 -56.42
C ASN H 398 40.49 24.69 -57.84
N GLN H 399 40.56 25.65 -58.76
CA GLN H 399 40.12 25.40 -60.14
C GLN H 399 41.13 24.55 -60.90
N GLN H 400 42.42 24.84 -60.75
CA GLN H 400 43.43 24.20 -61.58
C GLN H 400 43.46 22.70 -61.37
N PHE H 401 43.41 22.26 -60.13
CA PHE H 401 43.52 20.83 -59.84
C PHE H 401 42.38 20.04 -60.48
N ILE H 402 41.16 20.56 -60.39
CA ILE H 402 40.01 19.86 -60.98
C ILE H 402 40.05 19.95 -62.50
N ASN H 403 40.50 21.07 -63.06
CA ASN H 403 40.54 21.21 -64.52
C ASN H 403 41.45 20.16 -65.14
N GLU H 404 42.61 19.90 -64.53
CA GLU H 404 43.50 18.88 -65.06
C GLU H 404 42.87 17.50 -65.02
N LEU H 405 42.17 17.17 -63.93
CA LEU H 405 41.56 15.85 -63.80
C LEU H 405 40.45 15.63 -64.81
N LEU H 406 39.62 16.63 -65.06
CA LEU H 406 38.49 16.49 -65.96
C LEU H 406 38.91 16.42 -67.43
N SER H 407 39.95 17.16 -67.80
CA SER H 407 40.38 17.17 -69.20
C SER H 407 40.84 15.78 -69.63
N ASN H 408 41.59 15.09 -68.78
CA ASN H 408 42.08 13.76 -69.12
C ASN H 408 40.95 12.74 -69.17
N GLY H 409 39.96 12.87 -68.30
CA GLY H 409 38.81 11.99 -68.26
C GLY H 409 38.54 11.38 -66.89
N LEU H 410 39.59 11.08 -66.14
CA LEU H 410 39.42 10.48 -64.82
C LEU H 410 38.76 11.48 -63.87
N THR H 411 38.13 10.95 -62.83
CA THR H 411 37.36 11.74 -61.89
C THR H 411 37.73 11.36 -60.46
N LEU H 412 37.46 12.29 -59.54
CA LEU H 412 37.75 12.07 -58.14
C LEU H 412 36.90 10.95 -57.56
N SER H 413 37.47 10.24 -56.59
CA SER H 413 36.75 9.20 -55.87
C SER H 413 36.32 9.73 -54.51
N VAL H 414 35.04 9.54 -54.18
CA VAL H 414 34.47 10.05 -52.94
C VAL H 414 33.68 8.93 -52.27
N LEU H 415 33.77 8.87 -50.95
CA LEU H 415 33.08 7.86 -50.15
C LEU H 415 31.90 8.49 -49.44
N THR H 416 30.75 7.81 -49.49
CA THR H 416 29.53 8.30 -48.85
C THR H 416 28.70 7.10 -48.41
N GLY H 417 27.52 7.40 -47.87
CA GLY H 417 26.66 6.35 -47.36
C GLY H 417 27.10 5.87 -45.99
N VAL H 418 27.04 6.76 -45.01
CA VAL H 418 27.58 6.52 -43.66
C VAL H 418 28.92 5.81 -43.78
N ALA H 419 29.76 6.28 -44.71
CA ALA H 419 31.09 5.71 -44.89
C ALA H 419 32.15 6.78 -45.10
N ALA H 420 31.94 7.98 -44.59
CA ALA H 420 32.90 9.09 -44.71
C ALA H 420 33.80 9.15 -43.49
N LEU H 421 34.09 8.01 -42.88
CA LEU H 421 34.89 7.92 -41.67
C LEU H 421 36.37 7.67 -41.97
N SER H 422 36.80 7.85 -43.22
CA SER H 422 38.17 7.57 -43.59
C SER H 422 39.15 8.32 -42.71
N ARG H 423 38.94 9.63 -42.55
CA ARG H 423 39.82 10.48 -41.74
C ARG H 423 39.10 10.98 -40.49
N SER H 424 38.09 10.25 -40.03
CA SER H 424 37.25 10.71 -38.93
C SER H 424 37.61 10.04 -37.61
N THR H 425 37.66 8.71 -37.59
CA THR H 425 37.79 7.96 -36.36
C THR H 425 38.89 6.91 -36.49
N ASP H 426 40.04 7.32 -37.02
CA ASP H 426 41.21 6.45 -37.05
C ASP H 426 42.03 6.57 -35.77
N VAL H 427 41.91 7.71 -35.07
CA VAL H 427 42.68 7.90 -33.85
C VAL H 427 42.23 6.93 -32.77
N ASN H 428 40.95 6.51 -32.80
CA ASN H 428 40.47 5.55 -31.82
C ASN H 428 41.16 4.21 -31.98
N LYS H 429 41.40 3.80 -33.22
CA LYS H 429 42.09 2.54 -33.50
C LYS H 429 43.58 2.61 -33.18
N LEU H 430 44.15 3.80 -33.08
CA LEU H 430 45.53 3.99 -32.67
C LEU H 430 45.68 4.04 -31.15
N ILE H 431 44.71 4.65 -30.46
CA ILE H 431 44.75 4.71 -29.00
C ILE H 431 44.70 3.30 -28.43
N GLN H 432 43.84 2.44 -28.97
CA GLN H 432 43.73 1.07 -28.48
C GLN H 432 45.03 0.31 -28.68
N ALA H 433 45.64 0.46 -29.85
CA ALA H 433 46.92 -0.20 -30.12
C ALA H 433 47.98 0.29 -29.15
N ALA H 434 48.02 1.60 -28.88
CA ALA H 434 48.99 2.13 -27.93
C ALA H 434 48.75 1.57 -26.54
N GLN H 435 47.49 1.46 -26.12
CA GLN H 435 47.19 0.91 -24.81
C GLN H 435 47.62 -0.54 -24.69
N SER H 436 47.36 -1.35 -25.71
CA SER H 436 47.78 -2.75 -25.68
C SER H 436 49.29 -2.91 -25.73
N LEU H 437 49.98 -2.10 -26.54
CA LEU H 437 51.43 -2.15 -26.63
C LEU H 437 52.10 -1.77 -25.32
N SER H 438 51.43 -1.02 -24.45
CA SER H 438 51.97 -0.68 -23.14
C SER H 438 51.79 -1.79 -22.13
N VAL H 439 51.01 -2.83 -22.47
CA VAL H 439 50.83 -3.97 -21.61
C VAL H 439 51.59 -5.19 -22.11
N ILE H 440 51.79 -5.33 -23.41
CA ILE H 440 52.45 -6.53 -23.95
C ILE H 440 53.96 -6.39 -23.96
N LEU H 441 54.49 -5.19 -24.25
CA LEU H 441 55.94 -5.03 -24.40
C LEU H 441 56.67 -5.04 -23.06
N PRO H 442 56.10 -4.49 -21.98
CA PRO H 442 56.79 -4.61 -20.68
C PRO H 442 57.11 -6.04 -20.34
N VAL H 443 56.20 -6.98 -20.64
CA VAL H 443 56.54 -8.39 -20.62
C VAL H 443 57.26 -8.74 -21.91
N PHE H 444 57.99 -9.86 -21.90
CA PHE H 444 58.80 -10.34 -23.01
C PHE H 444 60.09 -9.53 -23.15
N GLN H 445 60.34 -8.56 -22.28
CA GLN H 445 61.57 -7.80 -22.36
C GLN H 445 62.78 -8.62 -21.94
N ASN H 446 62.59 -9.56 -21.01
CA ASN H 446 63.68 -10.41 -20.55
C ASN H 446 63.89 -11.61 -21.46
N THR H 447 62.82 -12.19 -21.99
CA THR H 447 62.96 -13.35 -22.85
C THR H 447 63.54 -12.92 -24.20
N PRO H 448 64.70 -13.47 -24.60
CA PRO H 448 65.29 -13.10 -25.89
C PRO H 448 64.83 -13.94 -27.09
N ARG H 449 63.90 -14.86 -26.90
CA ARG H 449 63.44 -15.72 -27.97
C ARG H 449 62.30 -15.11 -28.79
N VAL H 450 61.65 -14.06 -28.28
CA VAL H 450 60.51 -13.43 -28.93
C VAL H 450 60.98 -12.10 -29.51
N ASP H 451 60.78 -11.91 -30.81
CA ASP H 451 61.22 -10.69 -31.46
C ASP H 451 60.16 -9.60 -31.29
N PRO H 452 60.53 -8.43 -30.72
CA PRO H 452 59.54 -7.35 -30.58
C PRO H 452 58.98 -6.86 -31.90
N GLU H 453 59.76 -6.87 -32.97
CA GLU H 453 59.28 -6.39 -34.27
C GLU H 453 58.08 -7.17 -34.77
N LYS H 454 58.10 -8.49 -34.63
CA LYS H 454 56.96 -9.31 -35.04
C LYS H 454 55.72 -9.03 -34.22
N ILE H 455 55.86 -8.83 -32.91
CA ILE H 455 54.71 -8.43 -32.10
C ILE H 455 54.16 -7.10 -32.57
N LEU H 456 55.04 -6.14 -32.84
CA LEU H 456 54.59 -4.84 -33.35
C LEU H 456 53.82 -4.99 -34.65
N ASP H 457 54.38 -5.74 -35.60
CA ASP H 457 53.78 -5.91 -36.92
C ASP H 457 52.48 -6.70 -36.86
N MET H 458 52.31 -7.57 -35.87
CA MET H 458 51.04 -8.26 -35.67
C MET H 458 49.99 -7.38 -35.03
N VAL H 459 50.33 -6.66 -33.96
CA VAL H 459 49.36 -5.82 -33.27
C VAL H 459 48.89 -4.69 -34.18
N LEU H 460 49.81 -4.04 -34.89
CA LEU H 460 49.41 -2.92 -35.75
C LEU H 460 48.46 -3.36 -36.84
N THR H 461 48.79 -4.46 -37.54
CA THR H 461 47.92 -4.93 -38.62
C THR H 461 46.62 -5.51 -38.08
N GLY H 462 46.62 -5.99 -36.83
CA GLY H 462 45.40 -6.56 -36.28
C GLY H 462 44.27 -5.56 -36.20
N PHE H 463 44.58 -4.33 -35.81
CA PHE H 463 43.57 -3.29 -35.63
C PHE H 463 43.21 -2.60 -36.94
N GLY H 464 43.93 -2.87 -38.02
CA GLY H 464 43.60 -2.28 -39.30
C GLY H 464 44.31 -0.98 -39.59
N ILE H 465 45.62 -0.91 -39.38
CA ILE H 465 46.42 0.27 -39.67
C ILE H 465 47.45 -0.08 -40.73
N ASN H 466 47.49 0.70 -41.80
CA ASN H 466 48.49 0.50 -42.85
C ASN H 466 49.83 0.97 -42.33
N THR H 467 50.73 0.01 -42.09
CA THR H 467 52.03 0.33 -41.50
C THR H 467 52.88 1.25 -42.37
N LYS H 468 52.58 1.35 -43.66
CA LYS H 468 53.38 2.17 -44.56
C LYS H 468 53.31 3.65 -44.23
N ASP H 469 52.35 4.09 -43.42
CA ASP H 469 52.21 5.49 -43.05
C ASP H 469 52.87 5.82 -41.72
N LEU H 470 53.49 4.84 -41.05
CA LEU H 470 54.14 5.05 -39.77
C LEU H 470 55.61 4.67 -39.77
N TYR H 471 55.97 3.57 -40.43
CA TYR H 471 57.33 3.07 -40.38
C TYR H 471 58.29 4.03 -41.09
N ARG H 472 59.53 4.07 -40.59
CA ARG H 472 60.57 4.88 -41.19
C ARG H 472 61.20 4.15 -42.37
N THR H 473 61.71 4.93 -43.31
CA THR H 473 62.38 4.36 -44.47
C THR H 473 63.83 4.01 -44.13
N GLU H 474 64.47 3.25 -45.02
CA GLU H 474 65.83 2.80 -44.78
C GLU H 474 66.79 3.98 -44.69
N GLU H 475 66.62 4.98 -45.55
CA GLU H 475 67.51 6.13 -45.54
C GLU H 475 67.44 6.88 -44.22
N GLN H 476 66.23 7.06 -43.68
CA GLN H 476 66.09 7.75 -42.40
C GLN H 476 66.78 6.98 -41.28
N LEU H 477 66.62 5.66 -41.28
CA LEU H 477 67.28 4.84 -40.27
C LEU H 477 68.80 4.95 -40.37
N GLN H 478 69.32 4.91 -41.60
CA GLN H 478 70.76 5.05 -41.79
C GLN H 478 71.24 6.40 -41.29
N ALA H 479 70.50 7.46 -41.60
CA ALA H 479 70.90 8.80 -41.15
C ALA H 479 70.89 8.88 -39.63
N LEU H 480 69.85 8.33 -39.00
CA LEU H 480 69.78 8.35 -37.54
C LEU H 480 70.94 7.58 -36.92
N GLN H 481 71.27 6.41 -37.49
CA GLN H 481 72.40 5.64 -36.98
C GLN H 481 73.71 6.40 -37.15
N ALA H 482 73.89 7.06 -38.30
CA ALA H 482 75.10 7.84 -38.51
C ALA H 482 75.21 8.99 -37.52
N ALA H 483 74.09 9.66 -37.23
CA ALA H 483 74.06 10.79 -36.31
C ALA H 483 74.19 10.25 -34.88
N GLN H 484 75.41 9.88 -34.53
CA GLN H 484 75.70 9.36 -33.20
C GLN H 484 77.14 9.64 -32.79
N THR I 7 17.36 -14.25 -80.84
CA THR I 7 15.99 -14.62 -80.37
C THR I 7 15.99 -14.88 -78.87
N TYR I 8 16.72 -14.04 -78.13
CA TYR I 8 16.78 -14.21 -76.69
C TYR I 8 15.43 -14.00 -76.02
N GLU I 9 14.47 -13.36 -76.71
CA GLU I 9 13.13 -13.23 -76.15
C GLU I 9 12.49 -14.59 -75.93
N SER I 10 12.73 -15.53 -76.85
CA SER I 10 12.19 -16.87 -76.69
C SER I 10 12.72 -17.53 -75.42
N LEU I 11 14.04 -17.45 -75.18
CA LEU I 11 14.59 -18.01 -73.95
C LEU I 11 14.04 -17.30 -72.72
N TYR I 12 13.97 -15.98 -72.78
CA TYR I 12 13.47 -15.22 -71.64
C TYR I 12 12.06 -15.66 -71.27
N THR I 13 11.19 -15.84 -72.28
CA THR I 13 9.84 -16.29 -71.99
C THR I 13 9.82 -17.75 -71.54
N LYS I 14 10.71 -18.57 -72.08
CA LYS I 14 10.73 -19.99 -71.76
C LYS I 14 11.09 -20.22 -70.30
N TYR I 15 12.06 -19.46 -69.77
CA TYR I 15 12.61 -19.73 -68.46
C TYR I 15 11.82 -19.12 -67.31
N ARG I 16 10.69 -18.48 -67.58
CA ARG I 16 9.91 -17.86 -66.52
C ARG I 16 9.06 -18.90 -65.79
N ASP I 17 8.65 -18.55 -64.57
CA ASP I 17 7.78 -19.37 -63.73
C ASP I 17 6.62 -18.47 -63.30
N ASP I 18 5.47 -18.65 -63.96
CA ASP I 18 4.34 -17.74 -63.73
C ASP I 18 3.73 -17.97 -62.35
N SER I 19 3.75 -19.20 -61.85
CA SER I 19 3.12 -19.48 -60.56
C SER I 19 3.78 -18.69 -59.45
N ALA I 20 5.11 -18.71 -59.39
CA ALA I 20 5.82 -17.97 -58.35
C ALA I 20 5.56 -16.47 -58.47
N ILE I 21 5.59 -15.95 -59.70
CA ILE I 21 5.39 -14.51 -59.90
C ILE I 21 4.01 -14.10 -59.44
N LEU I 22 2.99 -14.89 -59.75
CA LEU I 22 1.63 -14.56 -59.31
C LEU I 22 1.46 -14.71 -57.81
N LYS I 23 2.09 -15.72 -57.19
CA LYS I 23 1.95 -15.90 -55.75
C LYS I 23 2.67 -14.80 -54.96
N THR I 24 3.82 -14.34 -55.44
CA THR I 24 4.61 -13.38 -54.69
C THR I 24 4.01 -11.98 -54.69
N GLU I 25 2.82 -11.79 -55.26
CA GLU I 25 2.20 -10.47 -55.23
C GLU I 25 1.64 -10.14 -53.85
N ASP I 26 1.01 -11.12 -53.19
CA ASP I 26 0.42 -10.88 -51.89
C ASP I 26 1.48 -10.52 -50.85
N TYR I 27 2.62 -11.19 -50.89
CA TYR I 27 3.67 -10.92 -49.92
C TYR I 27 4.13 -9.47 -50.00
N ALA I 28 4.34 -8.98 -51.23
CA ALA I 28 4.67 -7.57 -51.40
C ALA I 28 3.52 -6.68 -50.97
N HIS I 29 2.29 -7.07 -51.30
CA HIS I 29 1.13 -6.25 -50.95
C HIS I 29 0.94 -6.07 -49.45
N TRP I 30 1.40 -7.03 -48.64
CA TRP I 30 1.26 -6.93 -47.20
C TRP I 30 2.36 -6.10 -46.55
N THR I 31 3.51 -5.95 -47.19
CA THR I 31 4.65 -5.28 -46.58
C THR I 31 5.05 -3.99 -47.29
N LEU I 32 5.37 -4.05 -48.58
CA LEU I 32 5.90 -2.90 -49.31
C LEU I 32 5.56 -3.04 -50.78
N PRO I 33 4.38 -2.55 -51.20
CA PRO I 33 3.97 -2.75 -52.60
C PRO I 33 4.92 -2.16 -53.63
N THR I 34 5.54 -1.02 -53.33
CA THR I 34 6.31 -0.29 -54.34
C THR I 34 7.60 -1.00 -54.74
N VAL I 35 8.04 -2.01 -53.98
CA VAL I 35 9.27 -2.72 -54.32
C VAL I 35 9.07 -3.75 -55.43
N TYR I 36 7.82 -4.14 -55.70
CA TYR I 36 7.52 -5.22 -56.62
C TYR I 36 6.63 -4.76 -57.77
N ALA I 37 6.71 -3.49 -58.16
CA ALA I 37 5.85 -2.97 -59.21
C ALA I 37 6.29 -3.46 -60.58
N ASP I 38 5.31 -3.73 -61.43
CA ASP I 38 5.60 -4.23 -62.77
C ASP I 38 6.09 -3.10 -63.66
N PRO I 39 7.27 -3.21 -64.27
CA PRO I 39 7.77 -2.13 -65.13
C PRO I 39 7.16 -2.10 -66.53
N ASP I 40 6.39 -3.12 -66.91
CA ASP I 40 5.86 -3.20 -68.27
C ASP I 40 4.48 -2.57 -68.42
N LEU I 41 3.87 -2.10 -67.33
CA LEU I 41 2.59 -1.42 -67.38
C LEU I 41 2.71 0.10 -67.34
N ARG I 42 3.93 0.62 -67.35
CA ARG I 42 4.16 2.06 -67.24
C ARG I 42 5.14 2.50 -68.32
N GLU I 43 4.95 3.74 -68.78
CA GLU I 43 5.80 4.31 -69.83
C GLU I 43 6.28 5.71 -69.45
N GLY I 44 6.49 5.96 -68.16
CA GLY I 44 6.95 7.23 -67.68
C GLY I 44 5.90 8.07 -66.99
N LYS I 45 4.78 7.49 -66.58
CA LYS I 45 3.74 8.21 -65.86
C LYS I 45 3.28 7.36 -64.69
N ARG I 46 2.76 8.03 -63.67
CA ARG I 46 2.35 7.35 -62.45
C ARG I 46 1.12 6.47 -62.69
N VAL I 47 1.17 5.25 -62.19
CA VAL I 47 0.01 4.37 -62.11
C VAL I 47 -0.13 3.98 -60.63
N ASN I 48 -1.33 4.21 -60.08
CA ASN I 48 -1.50 4.15 -58.64
C ASN I 48 -1.23 2.74 -58.11
N VAL I 49 -0.70 2.69 -56.88
CA VAL I 49 -0.44 1.45 -56.17
C VAL I 49 -1.21 1.49 -54.85
N ARG I 50 -1.98 0.42 -54.59
CA ARG I 50 -2.83 0.41 -53.42
C ARG I 50 -2.07 -0.10 -52.19
N ARG I 51 -2.56 0.32 -51.02
CA ARG I 51 -1.95 -0.02 -49.74
C ARG I 51 -2.92 -0.86 -48.92
N ASP I 52 -2.45 -1.31 -47.76
CA ASP I 52 -3.20 -2.21 -46.90
C ASP I 52 -3.63 -1.49 -45.63
N TYR I 53 -4.55 -2.14 -44.89
CA TYR I 53 -5.11 -1.52 -43.69
C TYR I 53 -4.14 -1.50 -42.52
N GLN I 54 -3.02 -2.22 -42.61
CA GLN I 54 -2.07 -2.31 -41.51
C GLN I 54 -0.66 -1.99 -42.00
N SER I 55 0.14 -1.39 -41.12
CA SER I 55 1.49 -0.98 -41.44
C SER I 55 2.56 -1.65 -40.59
N VAL I 56 2.24 -2.75 -39.91
CA VAL I 56 3.24 -3.44 -39.09
C VAL I 56 4.33 -4.05 -39.96
N GLY I 57 3.93 -4.73 -41.03
CA GLY I 57 4.91 -5.39 -41.88
C GLY I 57 5.92 -4.42 -42.47
N ALA I 58 5.46 -3.25 -42.88
CA ALA I 58 6.37 -2.26 -43.46
C ALA I 58 7.44 -1.86 -42.46
N VAL I 59 7.05 -1.55 -41.23
CA VAL I 59 8.01 -1.13 -40.22
C VAL I 59 8.99 -2.26 -39.92
N TYR I 60 8.47 -3.49 -39.75
CA TYR I 60 9.34 -4.61 -39.43
C TYR I 60 10.35 -4.85 -40.55
N VAL I 61 9.89 -4.83 -41.80
CA VAL I 61 10.79 -5.08 -42.92
C VAL I 61 11.83 -3.98 -43.05
N ASN I 62 11.42 -2.72 -42.91
CA ASN I 62 12.36 -1.63 -42.97
C ASN I 62 13.44 -1.79 -41.91
N THR I 63 13.04 -2.06 -40.66
CA THR I 63 14.01 -2.18 -39.59
C THR I 63 14.97 -3.33 -39.86
N LEU I 64 14.46 -4.50 -40.24
CA LEU I 64 15.32 -5.64 -40.46
C LEU I 64 16.29 -5.40 -41.62
N SER I 65 15.80 -4.84 -42.72
CA SER I 65 16.66 -4.58 -43.87
C SER I 65 17.75 -3.58 -43.53
N ALA I 66 17.40 -2.51 -42.80
CA ALA I 66 18.41 -1.54 -42.41
C ALA I 66 19.44 -2.16 -41.47
N LYS I 67 18.98 -3.01 -40.55
CA LYS I 67 19.90 -3.58 -39.55
C LYS I 67 20.84 -4.58 -40.18
N LEU I 68 20.35 -5.38 -41.14
CA LEU I 68 21.20 -6.41 -41.74
C LEU I 68 22.42 -5.84 -42.45
N ALA I 69 22.32 -4.64 -43.02
CA ALA I 69 23.43 -4.09 -43.78
C ALA I 69 24.64 -3.80 -42.89
N GLN I 70 24.39 -3.30 -41.68
CA GLN I 70 25.49 -2.96 -40.80
C GLN I 70 26.26 -4.20 -40.36
N VAL I 71 25.56 -5.31 -40.13
CA VAL I 71 26.22 -6.52 -39.65
C VAL I 71 27.07 -7.15 -40.74
N LEU I 72 26.55 -7.24 -41.96
CA LEU I 72 27.25 -7.89 -43.06
C LEU I 72 28.41 -7.05 -43.61
N PHE I 73 28.25 -5.73 -43.66
CA PHE I 73 29.23 -4.84 -44.29
C PHE I 73 29.61 -3.75 -43.30
N PRO I 74 30.42 -4.08 -42.29
CA PRO I 74 30.87 -3.04 -41.36
C PRO I 74 31.74 -2.02 -42.07
N ALA I 75 31.70 -0.79 -41.56
CA ALA I 75 32.34 0.34 -42.21
C ALA I 75 33.76 0.60 -41.74
N ASN I 76 34.28 -0.19 -40.80
CA ASN I 76 35.59 0.09 -40.21
C ASN I 76 36.42 -1.19 -40.08
N GLN I 77 36.17 -2.17 -40.92
CA GLN I 77 36.99 -3.38 -40.96
C GLN I 77 36.53 -4.26 -42.13
N ALA I 78 37.46 -5.07 -42.62
CA ALA I 78 37.15 -5.95 -43.74
C ALA I 78 36.16 -7.03 -43.31
N PHE I 79 35.38 -7.51 -44.28
CA PHE I 79 34.39 -8.55 -44.04
C PHE I 79 34.87 -9.92 -44.48
N PHE I 80 36.12 -10.05 -44.91
CA PHE I 80 36.66 -11.33 -45.37
C PHE I 80 38.12 -11.43 -44.98
N ARG I 81 38.60 -12.66 -44.87
CA ARG I 81 39.98 -12.94 -44.48
C ARG I 81 40.55 -14.03 -45.39
N ILE I 82 41.86 -14.01 -45.57
CA ILE I 82 42.55 -15.00 -46.39
C ILE I 82 43.35 -15.92 -45.49
N ASP I 83 43.20 -17.23 -45.69
CA ASP I 83 43.89 -18.20 -44.87
C ASP I 83 45.37 -18.27 -45.22
N SER I 84 45.68 -18.60 -46.47
CA SER I 84 47.06 -18.62 -46.96
C SER I 84 47.83 -19.82 -46.44
N THR I 85 47.19 -20.65 -45.61
CA THR I 85 47.87 -21.83 -45.09
C THR I 85 47.91 -22.94 -46.13
N GLY I 86 47.11 -22.85 -47.19
CA GLY I 86 47.08 -23.87 -48.22
C GLY I 86 48.41 -24.08 -48.88
N ASP I 87 48.91 -23.06 -49.59
CA ASP I 87 50.19 -23.18 -50.29
C ASP I 87 50.80 -21.78 -50.38
N ALA I 88 51.79 -21.51 -49.52
CA ALA I 88 52.43 -20.20 -49.52
C ALA I 88 53.40 -20.05 -50.67
N ALA I 89 53.85 -21.16 -51.28
CA ALA I 89 54.83 -21.09 -52.35
C ALA I 89 54.31 -20.25 -53.52
N GLN I 90 53.21 -20.69 -54.13
CA GLN I 90 52.65 -19.99 -55.27
C GLN I 90 52.18 -18.59 -54.91
N LEU I 91 51.58 -18.42 -53.73
CA LEU I 91 51.12 -17.09 -53.33
C LEU I 91 52.27 -16.11 -53.23
N ALA I 92 53.40 -16.55 -52.64
CA ALA I 92 54.57 -15.69 -52.56
C ALA I 92 55.19 -15.46 -53.94
N GLU I 93 55.17 -16.47 -54.80
CA GLU I 93 55.76 -16.32 -56.12
C GLU I 93 54.96 -15.39 -57.01
N ALA I 94 53.64 -15.29 -56.79
CA ALA I 94 52.82 -14.42 -57.62
C ALA I 94 53.16 -12.95 -57.39
N MET I 95 53.20 -12.52 -56.12
CA MET I 95 53.55 -11.13 -55.83
C MET I 95 55.05 -10.90 -55.97
N GLY I 96 55.86 -11.90 -55.66
CA GLY I 96 57.30 -11.75 -55.65
C GLY I 96 57.81 -11.21 -54.33
N ALA I 97 57.48 -11.90 -53.25
CA ALA I 97 57.86 -11.48 -51.91
C ALA I 97 58.56 -12.64 -51.21
N GLU I 98 59.00 -12.39 -49.98
CA GLU I 98 59.72 -13.40 -49.22
C GLU I 98 58.73 -14.41 -48.63
N SER I 99 59.27 -15.42 -47.94
CA SER I 99 58.43 -16.46 -47.36
C SER I 99 57.58 -15.92 -46.21
N ALA I 100 58.12 -14.96 -45.47
CA ALA I 100 57.43 -14.43 -44.29
C ALA I 100 56.69 -13.12 -44.57
N ASP I 101 57.04 -12.41 -45.63
CA ASP I 101 56.37 -11.14 -45.94
C ASP I 101 54.95 -11.37 -46.47
N LEU I 102 54.59 -12.61 -46.77
CA LEU I 102 53.25 -12.90 -47.28
C LEU I 102 52.18 -12.52 -46.26
N ALA I 103 52.44 -12.75 -44.97
CA ALA I 103 51.46 -12.42 -43.94
C ALA I 103 51.16 -10.91 -43.94
N ASN I 104 52.20 -10.09 -44.09
CA ASN I 104 51.98 -8.65 -44.14
C ASN I 104 51.32 -8.23 -45.44
N GLY I 105 51.73 -8.82 -46.56
CA GLY I 105 51.16 -8.43 -47.84
C GLY I 105 49.68 -8.74 -47.95
N LEU I 106 49.28 -9.93 -47.52
CA LEU I 106 47.87 -10.30 -47.57
C LEU I 106 47.04 -9.38 -46.68
N ALA I 107 47.55 -9.07 -45.49
CA ALA I 107 46.84 -8.16 -44.60
C ALA I 107 46.69 -6.78 -45.23
N GLU I 108 47.76 -6.28 -45.85
CA GLU I 108 47.67 -4.98 -46.52
C GLU I 108 46.62 -5.00 -47.62
N LEU I 109 46.61 -6.05 -48.44
CA LEU I 109 45.64 -6.15 -49.52
C LEU I 109 44.21 -6.16 -48.98
N GLU I 110 43.97 -7.00 -47.96
CA GLU I 110 42.63 -7.07 -47.39
C GLU I 110 42.20 -5.74 -46.80
N ASN I 111 43.10 -5.06 -46.08
CA ASN I 111 42.76 -3.79 -45.46
C ASN I 111 42.45 -2.72 -46.51
N THR I 112 43.24 -2.66 -47.58
CA THR I 112 43.07 -1.60 -48.57
C THR I 112 41.98 -1.92 -49.59
N ALA I 113 41.50 -3.16 -49.64
CA ALA I 113 40.57 -3.54 -50.70
C ALA I 113 39.12 -3.24 -50.34
N PHE I 114 38.73 -3.43 -49.07
CA PHE I 114 37.31 -3.44 -48.75
C PHE I 114 36.68 -2.05 -48.82
N ARG I 115 37.48 -0.98 -48.83
CA ARG I 115 36.90 0.36 -48.95
C ARG I 115 36.21 0.60 -50.28
N ARG I 116 36.50 -0.21 -51.30
CA ARG I 116 35.94 0.03 -52.63
C ARG I 116 34.44 -0.17 -52.70
N ILE I 117 33.82 -0.73 -51.66
CA ILE I 117 32.39 -1.02 -51.70
C ILE I 117 31.54 0.23 -51.46
N PHE I 118 32.14 1.36 -51.11
CA PHE I 118 31.42 2.58 -50.79
C PHE I 118 31.52 3.64 -51.87
N LEU I 119 31.88 3.27 -53.10
CA LEU I 119 32.02 4.25 -54.17
C LEU I 119 30.76 4.31 -55.03
N LYS I 120 30.28 5.53 -55.27
CA LYS I 120 29.23 5.78 -56.27
C LYS I 120 27.92 5.08 -55.91
N SER I 121 27.51 5.19 -54.64
CA SER I 121 26.17 4.78 -54.22
C SER I 121 25.95 3.27 -54.34
N SER I 122 26.88 2.47 -53.84
CA SER I 122 26.68 1.02 -53.81
C SER I 122 25.88 0.60 -52.57
N TYR I 123 26.03 1.33 -51.46
CA TYR I 123 25.42 0.93 -50.21
C TYR I 123 23.89 0.95 -50.32
N HIS I 124 23.34 1.95 -50.99
CA HIS I 124 21.89 2.01 -51.19
C HIS I 124 21.40 0.81 -51.98
N GLN I 125 22.14 0.41 -53.02
CA GLN I 125 21.76 -0.75 -53.79
C GLN I 125 21.86 -2.03 -52.96
N LEU I 126 22.84 -2.10 -52.07
CA LEU I 126 22.93 -3.25 -51.17
C LEU I 126 21.71 -3.33 -50.26
N VAL I 127 21.28 -2.19 -49.72
CA VAL I 127 20.10 -2.19 -48.86
C VAL I 127 18.86 -2.60 -49.65
N HIS I 128 18.72 -2.08 -50.87
CA HIS I 128 17.59 -2.48 -51.71
C HIS I 128 17.62 -3.98 -52.00
N ALA I 129 18.81 -4.53 -52.25
CA ALA I 129 18.93 -5.96 -52.47
C ALA I 129 18.54 -6.75 -51.25
N MET I 130 18.89 -6.28 -50.06
CA MET I 130 18.46 -6.96 -48.83
C MET I 130 16.94 -6.96 -48.71
N LYS I 131 16.31 -5.82 -49.01
CA LYS I 131 14.85 -5.78 -48.99
C LYS I 131 14.27 -6.80 -49.97
N LEU I 132 14.81 -6.83 -51.20
CA LEU I 132 14.31 -7.76 -52.20
C LEU I 132 14.46 -9.20 -51.75
N LEU I 133 15.61 -9.54 -51.17
CA LEU I 133 15.83 -10.89 -50.68
C LEU I 133 14.84 -11.25 -49.58
N ILE I 134 14.59 -10.31 -48.66
CA ILE I 134 13.69 -10.61 -47.55
C ILE I 134 12.26 -10.80 -48.04
N ILE I 135 11.78 -9.97 -48.96
CA ILE I 135 10.38 -10.05 -49.36
C ILE I 135 10.14 -11.12 -50.42
N THR I 136 10.99 -11.18 -51.45
CA THR I 136 10.76 -12.09 -52.58
C THR I 136 11.73 -13.27 -52.63
N GLY I 137 12.88 -13.17 -51.94
CA GLY I 137 13.80 -14.29 -51.92
C GLY I 137 14.62 -14.48 -53.17
N ASN I 138 14.72 -13.47 -54.03
CA ASN I 138 15.52 -13.56 -55.24
C ASN I 138 16.04 -12.18 -55.60
N VAL I 139 17.24 -12.13 -56.16
CA VAL I 139 17.85 -10.87 -56.60
C VAL I 139 19.03 -11.19 -57.51
N LEU I 140 19.22 -10.34 -58.52
CA LEU I 140 20.37 -10.40 -59.41
C LEU I 140 21.17 -9.13 -59.23
N LEU I 141 22.49 -9.28 -59.05
CA LEU I 141 23.36 -8.17 -58.71
C LEU I 141 24.43 -8.01 -59.77
N TYR I 142 24.58 -6.80 -60.29
CA TYR I 142 25.55 -6.48 -61.34
C TYR I 142 26.50 -5.42 -60.83
N ARG I 143 27.80 -5.69 -60.93
CA ARG I 143 28.85 -4.79 -60.45
C ARG I 143 29.69 -4.36 -61.64
N ASP I 144 29.77 -3.04 -61.85
CA ASP I 144 30.54 -2.48 -62.96
C ASP I 144 31.90 -2.05 -62.46
N SER I 145 32.96 -2.64 -63.04
CA SER I 145 34.31 -2.36 -62.57
C SER I 145 34.84 -1.02 -63.07
N ASN I 146 34.43 -0.58 -64.26
CA ASN I 146 34.99 0.63 -64.84
C ASN I 146 34.71 1.84 -63.96
N THR I 147 33.48 1.96 -63.45
CA THR I 147 33.07 3.11 -62.65
C THR I 147 33.02 2.82 -61.17
N GLY I 148 32.58 1.63 -60.77
CA GLY I 148 32.41 1.31 -59.36
C GLY I 148 30.98 1.38 -58.87
N ASN I 149 30.00 1.22 -59.74
CA ASN I 149 28.60 1.29 -59.38
C ASN I 149 27.95 -0.09 -59.48
N MET I 150 26.85 -0.26 -58.75
CA MET I 150 26.12 -1.52 -58.71
C MET I 150 24.64 -1.26 -58.94
N HIS I 151 23.91 -2.32 -59.30
CA HIS I 151 22.48 -2.24 -59.52
C HIS I 151 21.87 -3.59 -59.17
N ALA I 152 20.62 -3.56 -58.71
CA ALA I 152 19.90 -4.76 -58.29
C ALA I 152 18.60 -4.88 -59.08
N TYR I 153 18.29 -6.11 -59.49
CA TYR I 153 17.11 -6.40 -60.30
C TYR I 153 16.23 -7.40 -59.57
N SER I 154 14.93 -7.33 -59.86
CA SER I 154 13.97 -8.28 -59.32
C SER I 154 13.70 -9.37 -60.35
N ILE I 155 12.90 -10.37 -59.98
CA ILE I 155 12.59 -11.48 -60.90
C ILE I 155 11.67 -11.07 -62.02
N ARG I 156 11.20 -9.82 -62.03
CA ARG I 156 10.38 -9.33 -63.13
C ARG I 156 11.21 -8.88 -64.33
N GLN I 157 12.53 -8.89 -64.22
CA GLN I 157 13.40 -8.44 -65.30
C GLN I 157 14.41 -9.49 -65.75
N TYR I 158 14.42 -10.67 -65.14
CA TYR I 158 15.39 -11.70 -65.52
C TYR I 158 14.85 -13.07 -65.15
N SER I 159 15.46 -14.09 -65.76
CA SER I 159 15.10 -15.48 -65.51
C SER I 159 16.36 -16.34 -65.64
N VAL I 160 16.39 -17.43 -64.89
CA VAL I 160 17.58 -18.27 -64.78
C VAL I 160 17.19 -19.72 -65.00
N LEU I 161 18.19 -20.53 -65.33
CA LEU I 161 18.05 -21.97 -65.50
C LEU I 161 19.14 -22.68 -64.71
N ARG I 162 18.78 -23.76 -64.03
CA ARG I 162 19.74 -24.49 -63.22
C ARG I 162 19.39 -25.97 -63.24
N ASP I 163 20.38 -26.80 -62.91
CA ASP I 163 20.20 -28.24 -62.86
C ASP I 163 19.44 -28.63 -61.60
N GLY I 164 19.27 -29.95 -61.41
CA GLY I 164 18.71 -30.44 -60.16
C GLY I 164 19.65 -30.30 -58.99
N GLY I 165 20.96 -30.18 -59.25
CA GLY I 165 21.94 -29.97 -58.19
C GLY I 165 22.14 -28.54 -57.78
N GLY I 166 21.53 -27.59 -58.48
CA GLY I 166 21.59 -26.18 -58.11
C GLY I 166 22.53 -25.34 -58.95
N LYS I 167 23.36 -25.95 -59.80
CA LYS I 167 24.27 -25.17 -60.63
C LYS I 167 23.50 -24.32 -61.62
N VAL I 168 23.88 -23.05 -61.74
CA VAL I 168 23.27 -22.12 -62.69
C VAL I 168 23.94 -22.30 -64.03
N LEU I 169 23.13 -22.49 -65.09
CA LEU I 169 23.64 -22.77 -66.43
C LEU I 169 23.49 -21.59 -67.37
N ASP I 170 22.37 -20.86 -67.27
CA ASP I 170 22.08 -19.80 -68.23
C ASP I 170 21.24 -18.72 -67.55
N MET I 171 21.26 -17.53 -68.15
CA MET I 171 20.48 -16.40 -67.66
C MET I 171 20.19 -15.45 -68.82
N VAL I 172 19.08 -14.72 -68.70
CA VAL I 172 18.69 -13.70 -69.67
C VAL I 172 18.16 -12.49 -68.90
N LEU I 173 18.49 -11.30 -69.38
CA LEU I 173 18.13 -10.06 -68.71
C LEU I 173 17.55 -9.07 -69.71
N LYS I 174 16.47 -8.40 -69.33
CA LYS I 174 15.81 -7.40 -70.17
C LYS I 174 16.07 -6.00 -69.62
N GLU I 175 16.18 -5.04 -70.53
CA GLU I 175 16.41 -3.65 -70.15
C GLU I 175 15.87 -2.75 -71.25
N ARG I 176 15.41 -1.56 -70.87
CA ARG I 176 14.80 -0.61 -71.78
C ARG I 176 15.66 0.65 -71.88
N THR I 177 15.72 1.24 -73.07
CA THR I 177 16.52 2.42 -73.31
C THR I 177 15.97 3.14 -74.54
N VAL I 178 16.75 4.09 -75.07
CA VAL I 178 16.35 4.87 -76.24
C VAL I 178 17.43 4.76 -77.30
N ILE I 179 17.08 5.17 -78.51
CA ILE I 179 17.98 5.02 -79.66
C ILE I 179 19.25 5.86 -79.48
N SER I 180 19.13 7.05 -78.89
CA SER I 180 20.27 7.94 -78.79
C SER I 180 21.40 7.33 -77.98
N GLU I 181 21.11 6.32 -77.16
CA GLU I 181 22.14 5.72 -76.31
C GLU I 181 22.92 4.62 -77.02
N LEU I 182 22.50 4.20 -78.21
CA LEU I 182 23.14 3.09 -78.89
C LEU I 182 24.47 3.50 -79.49
N PRO I 183 25.34 2.53 -79.81
CA PRO I 183 26.64 2.86 -80.41
C PRO I 183 26.47 3.42 -81.82
N VAL I 184 27.49 4.16 -82.26
CA VAL I 184 27.44 4.78 -83.58
C VAL I 184 27.29 3.73 -84.67
N GLU I 185 27.91 2.56 -84.49
CA GLU I 185 27.84 1.54 -85.52
C GLU I 185 26.41 1.08 -85.77
N ALA I 186 25.63 0.90 -84.70
CA ALA I 186 24.26 0.42 -84.82
C ALA I 186 23.26 1.54 -85.05
N ARG I 187 23.64 2.80 -84.81
CA ARG I 187 22.71 3.90 -84.99
C ARG I 187 22.64 4.38 -86.44
N ILE I 188 23.55 3.93 -87.30
CA ILE I 188 23.42 4.24 -88.73
C ILE I 188 22.13 3.64 -89.27
N LYS I 189 21.83 2.41 -88.87
CA LYS I 189 20.50 1.86 -89.09
C LYS I 189 19.51 2.56 -88.19
N TYR I 190 18.22 2.32 -88.41
CA TYR I 190 17.18 3.07 -87.70
C TYR I 190 17.38 4.55 -87.90
N ARG I 191 17.85 4.96 -89.09
CA ARG I 191 18.06 6.38 -89.35
C ARG I 191 16.76 7.15 -89.19
N ASN I 192 15.66 6.63 -89.71
CA ASN I 192 14.35 7.17 -89.44
C ASN I 192 13.91 6.78 -88.03
N ARG I 193 12.85 7.44 -87.55
CA ARG I 193 12.30 7.21 -86.22
C ARG I 193 13.31 7.53 -85.12
N LYS I 194 14.22 8.46 -85.36
CA LYS I 194 15.26 8.80 -84.38
C LYS I 194 14.70 9.77 -83.33
N GLN I 195 13.56 9.39 -82.77
CA GLN I 195 12.97 10.10 -81.64
C GLN I 195 13.46 9.46 -80.34
N ASP I 196 12.80 9.78 -79.23
CA ASP I 196 13.13 9.17 -77.95
C ASP I 196 12.25 7.94 -77.74
N ASP I 197 11.94 7.23 -78.82
CA ASP I 197 11.14 6.02 -78.71
C ASP I 197 11.88 4.96 -77.90
N CYS I 198 11.13 4.19 -77.12
CA CYS I 198 11.72 3.16 -76.28
C CYS I 198 12.01 1.91 -77.10
N ILE I 199 13.17 1.29 -76.85
CA ILE I 199 13.57 0.04 -77.50
C ILE I 199 14.15 -0.89 -76.44
N CYS I 200 13.81 -2.17 -76.53
CA CYS I 200 14.23 -3.15 -75.55
C CYS I 200 15.59 -3.73 -75.92
N LEU I 201 16.33 -4.15 -74.89
CA LEU I 201 17.66 -4.74 -75.07
C LEU I 201 17.75 -6.01 -74.22
N TYR I 202 18.43 -7.02 -74.75
CA TYR I 202 18.53 -8.32 -74.10
C TYR I 202 19.99 -8.71 -73.95
N THR I 203 20.32 -9.30 -72.80
CA THR I 203 21.66 -9.81 -72.52
C THR I 203 21.57 -11.27 -72.10
N ARG I 204 22.59 -12.05 -72.48
CA ARG I 204 22.64 -13.47 -72.18
C ARG I 204 23.97 -13.82 -71.56
N ILE I 205 23.92 -14.61 -70.48
CA ILE I 205 25.11 -15.13 -69.81
C ILE I 205 25.03 -16.65 -69.83
N LYS I 206 26.06 -17.30 -70.36
CA LYS I 206 26.06 -18.74 -70.56
C LYS I 206 27.34 -19.34 -70.04
N ARG I 207 27.23 -20.52 -69.41
CA ARG I 207 28.39 -21.24 -68.92
C ARG I 207 28.96 -22.14 -70.01
N GLU I 208 30.29 -22.20 -70.06
CA GLU I 208 31.01 -23.05 -71.00
C GLU I 208 32.34 -23.42 -70.38
N ARG I 209 32.92 -24.52 -70.85
CA ARG I 209 34.19 -25.01 -70.33
C ARG I 209 35.27 -24.96 -71.40
N ARG I 210 36.44 -24.46 -71.01
CA ARG I 210 37.63 -24.49 -71.85
C ARG I 210 38.72 -25.32 -71.18
N ALA I 211 39.93 -25.29 -71.74
CA ALA I 211 40.98 -26.20 -71.28
C ALA I 211 41.33 -25.94 -69.81
N VAL I 212 41.39 -24.68 -69.40
CA VAL I 212 41.90 -24.32 -68.08
C VAL I 212 40.78 -24.10 -67.07
N GLY I 213 39.55 -24.47 -67.40
CA GLY I 213 38.46 -24.38 -66.45
C GLY I 213 37.19 -23.91 -67.11
N GLU I 214 36.17 -23.70 -66.27
CA GLU I 214 34.88 -23.22 -66.75
C GLU I 214 34.94 -21.72 -67.03
N VAL I 215 33.95 -21.23 -67.76
CA VAL I 215 33.96 -19.88 -68.30
C VAL I 215 32.52 -19.39 -68.48
N PHE I 216 32.34 -18.08 -68.41
CA PHE I 216 31.06 -17.43 -68.64
C PHE I 216 31.19 -16.50 -69.84
N VAL I 217 30.22 -16.59 -70.76
CA VAL I 217 30.24 -15.83 -72.01
C VAL I 217 29.06 -14.88 -72.02
N VAL I 218 29.32 -13.62 -72.34
CA VAL I 218 28.32 -12.56 -72.31
C VAL I 218 28.14 -12.01 -73.72
N THR I 219 26.88 -11.83 -74.13
CA THR I 219 26.56 -11.26 -75.43
C THR I 219 25.27 -10.46 -75.29
N GLN I 220 25.01 -9.62 -76.29
CA GLN I 220 23.84 -8.74 -76.28
C GLN I 220 23.15 -8.80 -77.64
N GLN I 221 21.87 -8.42 -77.65
CA GLN I 221 21.07 -8.47 -78.86
C GLN I 221 19.87 -7.54 -78.70
N LEU I 222 19.43 -6.97 -79.80
CA LEU I 222 18.27 -6.08 -79.79
C LEU I 222 16.99 -6.89 -79.94
N GLU I 223 15.85 -6.22 -79.96
CA GLU I 223 14.57 -6.92 -80.07
C GLU I 223 14.46 -7.63 -81.41
N ASP I 224 14.86 -6.98 -82.49
CA ASP I 224 14.72 -7.54 -83.84
C ASP I 224 15.96 -8.29 -84.29
N GLY I 225 16.42 -9.23 -83.46
CA GLY I 225 17.44 -10.17 -83.88
C GLY I 225 18.85 -9.66 -84.02
N LEU I 226 19.03 -8.36 -84.19
CA LEU I 226 20.34 -7.81 -84.54
C LEU I 226 21.29 -7.89 -83.35
N MET I 227 22.47 -8.45 -83.59
CA MET I 227 23.50 -8.51 -82.56
C MET I 227 24.26 -7.20 -82.47
N LEU I 228 24.91 -6.96 -81.32
CA LEU I 228 25.65 -5.74 -81.08
C LEU I 228 27.11 -6.01 -80.72
N ASP I 229 27.63 -7.18 -81.06
CA ASP I 229 29.04 -7.47 -80.81
C ASP I 229 29.30 -7.44 -79.30
N ASN I 230 30.40 -6.81 -78.87
CA ASN I 230 30.76 -6.63 -77.46
C ASN I 230 31.00 -7.95 -76.75
N LEU I 231 31.39 -9.00 -77.47
CA LEU I 231 31.64 -10.29 -76.83
C LEU I 231 32.71 -10.14 -75.76
N GLU I 232 32.45 -10.72 -74.58
CA GLU I 232 33.38 -10.72 -73.48
C GLU I 232 33.39 -12.09 -72.82
N VAL I 233 34.53 -12.43 -72.21
CA VAL I 233 34.74 -13.73 -71.59
C VAL I 233 35.37 -13.50 -70.22
N TYR I 234 34.79 -14.12 -69.19
CA TYR I 234 35.31 -14.04 -67.84
C TYR I 234 35.51 -15.43 -67.25
N PRO I 235 36.55 -15.63 -66.44
CA PRO I 235 36.61 -16.84 -65.62
C PRO I 235 35.46 -16.86 -64.62
N GLU I 236 35.03 -18.07 -64.26
CA GLU I 236 33.85 -18.22 -63.41
C GLU I 236 34.02 -17.50 -62.07
N ALA I 237 35.25 -17.30 -61.61
CA ALA I 237 35.47 -16.72 -60.29
C ALA I 237 35.21 -15.22 -60.26
N ILE I 238 35.47 -14.51 -61.36
CA ILE I 238 35.39 -13.06 -61.37
C ILE I 238 34.28 -12.58 -62.29
N CYS I 239 33.23 -13.37 -62.43
CA CYS I 239 32.08 -12.93 -63.19
C CYS I 239 31.36 -11.80 -62.45
N PRO I 240 30.90 -10.77 -63.14
CA PRO I 240 30.25 -9.63 -62.47
C PRO I 240 28.76 -9.83 -62.15
N PHE I 241 28.15 -10.93 -62.57
CA PHE I 241 26.74 -11.20 -62.29
C PHE I 241 26.66 -12.22 -61.16
N ILE I 242 25.80 -11.96 -60.19
CA ILE I 242 25.69 -12.79 -58.99
C ILE I 242 24.22 -13.05 -58.68
N PRO I 243 23.66 -14.20 -59.06
CA PRO I 243 22.33 -14.56 -58.58
C PRO I 243 22.37 -15.15 -57.18
N ALA I 244 21.35 -14.80 -56.38
CA ALA I 244 21.31 -15.17 -54.98
C ALA I 244 19.91 -15.65 -54.62
N VAL I 245 19.84 -16.42 -53.54
CA VAL I 245 18.59 -16.96 -53.04
C VAL I 245 18.62 -16.93 -51.52
N TRP I 246 17.44 -16.85 -50.91
CA TRP I 246 17.30 -16.87 -49.46
C TRP I 246 17.09 -18.29 -48.95
N ASN I 247 16.09 -18.98 -49.49
CA ASN I 247 15.84 -20.38 -49.18
C ASN I 247 15.52 -21.11 -50.47
N LEU I 248 16.25 -22.19 -50.74
CA LEU I 248 16.16 -22.91 -52.01
C LEU I 248 15.78 -24.36 -51.73
N VAL I 249 14.55 -24.72 -52.07
CA VAL I 249 14.11 -26.10 -51.94
C VAL I 249 14.73 -26.91 -53.07
N THR I 250 15.35 -28.04 -52.73
CA THR I 250 15.99 -28.87 -53.73
C THR I 250 15.00 -29.28 -54.80
N GLY I 251 15.40 -29.13 -56.06
CA GLY I 251 14.55 -29.49 -57.18
C GLY I 251 14.00 -28.30 -57.93
N GLU I 252 13.77 -27.20 -57.21
CA GLU I 252 13.18 -26.00 -57.82
C GLU I 252 14.29 -25.09 -58.34
N THR I 253 13.89 -23.96 -58.93
CA THR I 253 14.81 -23.03 -59.57
C THR I 253 14.91 -21.71 -58.81
N TYR I 254 13.79 -21.21 -58.28
CA TYR I 254 13.77 -19.96 -57.55
C TYR I 254 13.62 -20.20 -56.05
N GLY I 255 14.14 -19.28 -55.26
CA GLY I 255 14.11 -19.43 -53.81
C GLY I 255 12.81 -18.97 -53.19
N ARG I 256 12.78 -18.89 -51.85
CA ARG I 256 11.60 -18.46 -51.11
C ARG I 256 12.01 -17.45 -50.06
N GLY I 257 11.08 -16.58 -49.70
CA GLY I 257 11.36 -15.50 -48.79
C GLY I 257 11.00 -15.77 -47.35
N LEU I 258 11.41 -14.87 -46.45
CA LEU I 258 11.09 -15.03 -45.03
C LEU I 258 9.62 -14.76 -44.76
N VAL I 259 9.03 -13.82 -45.50
CA VAL I 259 7.63 -13.46 -45.26
C VAL I 259 6.70 -14.62 -45.52
N GLU I 260 7.07 -15.53 -46.44
CA GLU I 260 6.19 -16.63 -46.78
C GLU I 260 5.92 -17.55 -45.60
N ASP I 261 6.80 -17.55 -44.60
CA ASP I 261 6.63 -18.40 -43.43
C ASP I 261 5.61 -17.86 -42.43
N TYR I 262 5.19 -16.59 -42.57
CA TYR I 262 4.34 -15.94 -41.58
C TYR I 262 3.16 -15.25 -42.25
N ALA I 263 2.59 -15.86 -43.30
CA ALA I 263 1.49 -15.22 -44.02
C ALA I 263 0.19 -15.27 -43.24
N GLY I 264 0.00 -16.33 -42.45
CA GLY I 264 -1.26 -16.48 -41.73
C GLY I 264 -1.51 -15.34 -40.75
N ASP I 265 -0.48 -14.94 -40.01
CA ASP I 265 -0.65 -13.87 -39.03
C ASP I 265 -1.00 -12.55 -39.71
N LEU I 266 -0.32 -12.23 -40.81
CA LEU I 266 -0.62 -10.99 -41.53
C LEU I 266 -2.03 -11.00 -42.09
N ALA I 267 -2.45 -12.14 -42.65
CA ALA I 267 -3.80 -12.25 -43.19
C ALA I 267 -4.83 -12.08 -42.08
N LYS I 268 -4.56 -12.66 -40.91
CA LYS I 268 -5.49 -12.54 -39.79
C LYS I 268 -5.48 -11.14 -39.18
N LEU I 269 -4.40 -10.39 -39.38
CA LEU I 269 -4.28 -9.05 -38.84
C LEU I 269 -4.96 -8.00 -39.71
N SER I 270 -4.92 -8.18 -41.04
CA SER I 270 -5.50 -7.21 -41.94
C SER I 270 -7.01 -7.06 -41.70
N ALA I 271 -7.71 -8.18 -41.53
CA ALA I 271 -9.16 -8.12 -41.32
C ALA I 271 -9.51 -7.41 -40.03
N LEU I 272 -8.77 -7.69 -38.95
CA LEU I 272 -9.01 -7.01 -37.69
C LEU I 272 -8.76 -5.51 -37.83
N SER I 273 -7.73 -5.13 -38.58
CA SER I 273 -7.48 -3.72 -38.83
C SER I 273 -8.66 -3.09 -39.56
N GLU I 274 -9.21 -3.79 -40.56
CA GLU I 274 -10.37 -3.27 -41.28
C GLU I 274 -11.56 -3.06 -40.34
N ALA I 275 -11.81 -4.03 -39.47
CA ALA I 275 -12.93 -3.91 -38.54
C ALA I 275 -12.72 -2.74 -37.58
N LEU I 276 -11.49 -2.57 -37.10
CA LEU I 276 -11.19 -1.44 -36.23
C LEU I 276 -11.44 -0.11 -36.94
N ALA I 277 -11.05 -0.04 -38.22
CA ALA I 277 -11.31 1.17 -38.99
C ALA I 277 -12.80 1.43 -39.14
N LEU I 278 -13.59 0.37 -39.37
CA LEU I 278 -15.03 0.54 -39.49
C LEU I 278 -15.62 1.09 -38.19
N TYR I 279 -15.23 0.53 -37.05
CA TYR I 279 -15.73 1.05 -35.77
C TYR I 279 -15.29 2.49 -35.55
N GLU I 280 -14.04 2.82 -35.87
CA GLU I 280 -13.57 4.18 -35.69
C GLU I 280 -14.35 5.16 -36.55
N ILE I 281 -14.71 4.78 -37.77
CA ILE I 281 -15.56 5.64 -38.60
C ILE I 281 -16.96 5.76 -38.02
N GLU I 282 -17.51 4.67 -37.49
CA GLU I 282 -18.82 4.74 -36.83
C GLU I 282 -18.79 5.66 -35.61
N ALA I 283 -17.64 5.84 -34.97
CA ALA I 283 -17.56 6.67 -33.78
C ALA I 283 -17.63 8.16 -34.07
N CYS I 284 -17.93 8.56 -35.31
CA CYS I 284 -17.96 9.97 -35.68
C CYS I 284 -19.37 10.49 -35.94
N ARG I 285 -20.39 9.88 -35.34
CA ARG I 285 -21.75 10.39 -35.43
C ARG I 285 -22.01 11.31 -34.25
N VAL I 286 -22.31 12.57 -34.54
CA VAL I 286 -22.59 13.57 -33.51
C VAL I 286 -24.08 13.92 -33.64
N LEU I 287 -24.89 13.34 -32.76
CA LEU I 287 -26.32 13.58 -32.74
C LEU I 287 -26.79 13.86 -31.32
N HIS I 288 -27.87 14.62 -31.22
CA HIS I 288 -28.54 14.89 -29.94
C HIS I 288 -29.99 14.49 -30.09
N MET I 289 -30.48 13.65 -29.18
CA MET I 289 -31.81 13.09 -29.27
C MET I 289 -32.72 13.70 -28.22
N ALA I 290 -33.89 14.15 -28.66
CA ALA I 290 -34.90 14.70 -27.76
C ALA I 290 -35.83 13.56 -27.33
N LYS I 291 -35.81 13.25 -26.03
CA LYS I 291 -36.59 12.13 -25.54
C LYS I 291 -38.08 12.37 -25.78
N PRO I 292 -38.83 11.33 -26.17
CA PRO I 292 -40.27 11.48 -26.30
C PRO I 292 -41.00 11.30 -24.98
N GLY I 293 -42.03 12.10 -24.77
CA GLY I 293 -42.81 12.05 -23.55
C GLY I 293 -42.30 12.94 -22.44
N SER I 294 -41.39 13.85 -22.73
CA SER I 294 -40.82 14.75 -21.73
C SER I 294 -41.25 16.18 -22.00
N GLN I 295 -41.42 16.96 -20.94
CA GLN I 295 -41.76 18.37 -21.08
C GLN I 295 -40.50 19.19 -21.33
N ILE I 296 -40.42 19.80 -22.52
CA ILE I 296 -39.28 20.63 -22.87
C ILE I 296 -39.74 21.69 -23.86
N ASP I 297 -38.93 22.73 -24.03
CA ASP I 297 -39.17 23.79 -25.00
C ASP I 297 -37.99 23.79 -25.96
N VAL I 298 -38.09 22.98 -27.02
CA VAL I 298 -36.95 22.73 -27.89
C VAL I 298 -36.48 24.03 -28.56
N ASP I 299 -37.43 24.85 -29.02
CA ASP I 299 -37.06 26.06 -29.74
C ASP I 299 -36.23 26.99 -28.88
N SER I 300 -36.67 27.21 -27.64
CA SER I 300 -35.92 28.10 -26.74
C SER I 300 -34.54 27.52 -26.43
N MET I 301 -34.47 26.22 -26.14
CA MET I 301 -33.19 25.61 -25.83
C MET I 301 -32.22 25.72 -26.99
N ALA I 302 -32.72 25.59 -28.22
CA ALA I 302 -31.86 25.54 -29.39
C ALA I 302 -31.61 26.90 -30.04
N GLU I 303 -32.34 27.95 -29.66
CA GLU I 303 -32.23 29.23 -30.34
C GLU I 303 -31.92 30.42 -29.43
N ARG I 304 -31.85 30.23 -28.12
CA ARG I 304 -31.57 31.33 -27.21
C ARG I 304 -30.07 31.52 -27.04
N GLU I 305 -29.69 32.75 -26.67
CA GLU I 305 -28.30 33.05 -26.38
C GLU I 305 -27.87 32.39 -25.07
N SER I 306 -26.57 32.17 -24.94
CA SER I 306 -26.04 31.48 -23.77
C SER I 306 -26.21 32.34 -22.52
N GLY I 307 -26.78 31.76 -21.47
CA GLY I 307 -26.98 32.46 -20.23
C GLY I 307 -28.45 32.63 -19.87
N ALA I 308 -29.34 32.23 -20.76
CA ALA I 308 -30.76 32.44 -20.56
C ALA I 308 -31.34 31.38 -19.63
N TRP I 309 -32.55 31.68 -19.13
CA TRP I 309 -33.33 30.75 -18.34
C TRP I 309 -34.52 30.24 -19.14
N VAL I 310 -34.73 28.92 -19.09
CA VAL I 310 -35.76 28.26 -19.88
C VAL I 310 -36.53 27.32 -18.97
N ALA I 311 -37.75 26.97 -19.38
CA ALA I 311 -38.62 26.09 -18.63
C ALA I 311 -38.65 24.72 -19.30
N GLY I 312 -38.33 23.69 -18.53
CA GLY I 312 -38.33 22.33 -19.01
C GLY I 312 -37.43 21.45 -18.16
N ASP I 313 -37.54 20.15 -18.37
CA ASP I 313 -36.72 19.21 -17.61
C ASP I 313 -35.25 19.41 -17.96
N PRO I 314 -34.35 19.33 -16.99
CA PRO I 314 -32.92 19.53 -17.29
C PRO I 314 -32.26 18.31 -17.91
N ASN I 315 -33.06 17.30 -18.26
CA ASN I 315 -32.51 16.06 -18.81
C ASN I 315 -33.33 15.56 -20.01
N GLY I 316 -34.04 16.44 -20.70
CA GLY I 316 -34.88 16.01 -21.81
C GLY I 316 -34.12 15.73 -23.09
N VAL I 317 -32.86 16.15 -23.18
CA VAL I 317 -32.04 15.95 -24.36
C VAL I 317 -30.77 15.23 -23.95
N ALA I 318 -30.42 14.19 -24.70
CA ALA I 318 -29.24 13.39 -24.40
C ALA I 318 -28.45 13.15 -25.69
N ALA I 319 -27.17 12.87 -25.52
CA ALA I 319 -26.28 12.64 -26.66
C ALA I 319 -26.39 11.21 -27.15
N TYR I 320 -26.31 11.04 -28.47
CA TYR I 320 -26.40 9.73 -29.08
C TYR I 320 -25.33 8.80 -28.52
N GLU I 321 -25.73 7.57 -28.22
CA GLU I 321 -24.82 6.60 -27.60
C GLU I 321 -25.10 5.22 -28.22
N ALA I 322 -24.08 4.61 -28.80
CA ALA I 322 -24.21 3.28 -29.39
C ALA I 322 -23.36 2.22 -28.70
N GLY I 323 -22.44 2.60 -27.82
CA GLY I 323 -21.63 1.62 -27.12
C GLY I 323 -20.53 1.01 -27.93
N ASP I 324 -19.97 1.74 -28.90
CA ASP I 324 -18.93 1.20 -29.77
C ASP I 324 -17.52 1.51 -29.28
N TYR I 325 -17.37 2.17 -28.13
CA TYR I 325 -16.03 2.46 -27.60
C TYR I 325 -15.40 1.20 -27.02
N ASN I 326 -16.19 0.40 -26.31
CA ASN I 326 -15.67 -0.83 -25.71
C ASN I 326 -15.14 -1.77 -26.80
N LYS I 327 -15.81 -1.82 -27.95
CA LYS I 327 -15.34 -2.67 -29.03
C LYS I 327 -13.99 -2.22 -29.55
N ILE I 328 -13.78 -0.90 -29.65
CA ILE I 328 -12.47 -0.39 -30.06
C ILE I 328 -11.42 -0.79 -29.04
N ILE I 329 -11.74 -0.63 -27.75
CA ILE I 329 -10.79 -1.00 -26.70
C ILE I 329 -10.43 -2.48 -26.82
N ALA I 330 -11.42 -3.33 -27.09
CA ALA I 330 -11.17 -4.77 -27.17
C ALA I 330 -10.32 -5.10 -28.39
N LEU I 331 -10.67 -4.55 -29.55
CA LEU I 331 -9.94 -4.88 -30.78
C LEU I 331 -8.49 -4.43 -30.70
N THR I 332 -8.23 -3.26 -30.10
CA THR I 332 -6.86 -2.78 -30.00
C THR I 332 -5.98 -3.76 -29.26
N GLN I 333 -6.47 -4.33 -28.16
CA GLN I 333 -5.65 -5.25 -27.37
C GLN I 333 -5.31 -6.50 -28.15
N GLU I 334 -6.28 -7.08 -28.87
CA GLU I 334 -5.99 -8.26 -29.67
C GLU I 334 -4.97 -7.97 -30.76
N ILE I 335 -5.13 -6.84 -31.45
CA ILE I 335 -4.18 -6.50 -32.51
C ILE I 335 -2.79 -6.32 -31.92
N GLN I 336 -2.70 -5.64 -30.77
CA GLN I 336 -1.41 -5.42 -30.13
C GLN I 336 -0.78 -6.75 -29.70
N SER I 337 -1.59 -7.67 -29.19
CA SER I 337 -1.05 -8.97 -28.77
C SER I 337 -0.47 -9.72 -29.96
N ILE I 338 -1.19 -9.75 -31.08
CA ILE I 338 -0.67 -10.45 -32.26
C ILE I 338 0.61 -9.79 -32.74
N ALA I 339 0.61 -8.45 -32.80
CA ALA I 339 1.80 -7.74 -33.27
C ALA I 339 3.00 -8.03 -32.38
N ALA I 340 2.80 -8.05 -31.06
CA ALA I 340 3.89 -8.35 -30.14
C ALA I 340 4.37 -9.78 -30.33
N ARG I 341 3.45 -10.72 -30.55
CA ARG I 341 3.85 -12.11 -30.77
C ARG I 341 4.67 -12.26 -32.05
N LEU I 342 4.42 -11.43 -33.06
CA LEU I 342 5.22 -11.51 -34.28
C LEU I 342 6.59 -10.85 -34.14
N ALA I 343 6.83 -10.10 -33.08
CA ALA I 343 8.04 -9.28 -33.00
C ALA I 343 9.32 -10.09 -33.05
N PRO I 344 9.48 -11.17 -32.28
CA PRO I 344 10.81 -11.82 -32.22
C PRO I 344 11.31 -12.31 -33.57
N ALA I 345 10.42 -12.79 -34.44
CA ALA I 345 10.86 -13.42 -35.68
C ALA I 345 11.60 -12.44 -36.58
N PHE I 346 11.28 -11.15 -36.50
CA PHE I 346 11.87 -10.14 -37.37
C PHE I 346 12.94 -9.32 -36.68
N MET I 347 13.39 -9.74 -35.49
CA MET I 347 14.42 -9.02 -34.75
C MET I 347 14.02 -7.58 -34.49
N TYR I 348 12.85 -7.41 -33.86
CA TYR I 348 12.33 -6.10 -33.48
C TYR I 348 12.45 -5.95 -31.98
N ALA I 349 13.00 -4.83 -31.54
CA ALA I 349 13.19 -4.58 -30.11
C ALA I 349 13.14 -3.08 -29.83
N THR I 359 34.20 -1.34 -31.32
CA THR I 359 35.16 -2.43 -31.32
C THR I 359 34.62 -3.62 -32.09
N ALA I 360 35.53 -4.45 -32.61
CA ALA I 360 35.12 -5.61 -33.40
C ALA I 360 34.28 -6.60 -32.61
N GLU I 361 34.41 -6.61 -31.27
CA GLU I 361 33.61 -7.51 -30.45
C GLU I 361 32.12 -7.18 -30.51
N GLU I 362 31.77 -5.91 -30.63
CA GLU I 362 30.37 -5.54 -30.80
C GLU I 362 29.80 -6.14 -32.07
N ILE I 363 30.55 -6.06 -33.17
CA ILE I 363 30.10 -6.67 -34.41
C ILE I 363 30.04 -8.18 -34.28
N ARG I 364 31.01 -8.79 -33.59
CA ARG I 364 30.96 -10.23 -33.34
C ARG I 364 29.64 -10.62 -32.67
N GLN I 365 29.31 -9.94 -31.56
CA GLN I 365 28.12 -10.29 -30.80
C GLN I 365 26.85 -10.01 -31.61
N ASN I 366 26.82 -8.89 -32.35
CA ASN I 366 25.66 -8.58 -33.16
C ASN I 366 25.43 -9.64 -34.23
N ALA I 367 26.51 -10.07 -34.88
CA ALA I 367 26.38 -11.13 -35.90
C ALA I 367 25.95 -12.44 -35.28
N GLU I 368 26.46 -12.78 -34.10
CA GLU I 368 26.05 -14.02 -33.44
C GLU I 368 24.57 -13.98 -33.08
N GLU I 369 24.09 -12.84 -32.58
CA GLU I 369 22.68 -12.74 -32.24
C GLU I 369 21.80 -12.75 -33.49
N ALA I 370 22.30 -12.18 -34.59
CA ALA I 370 21.58 -12.29 -35.85
C ALA I 370 21.51 -13.74 -36.31
N GLU I 371 22.60 -14.48 -36.15
CA GLU I 371 22.56 -15.93 -36.40
C GLU I 371 21.47 -16.59 -35.58
N LEU I 372 21.41 -16.27 -34.28
CA LEU I 372 20.42 -16.92 -33.42
C LEU I 372 19.00 -16.57 -33.85
N ALA I 373 18.75 -15.30 -34.16
CA ALA I 373 17.39 -14.88 -34.51
C ALA I 373 16.95 -15.46 -35.85
N LEU I 374 17.79 -15.30 -36.89
CA LEU I 374 17.38 -15.69 -38.23
C LEU I 374 17.14 -17.19 -38.34
N GLY I 375 18.01 -18.00 -37.74
CA GLY I 375 17.90 -19.43 -37.79
C GLY I 375 18.88 -20.12 -38.72
N GLY I 376 19.84 -19.40 -39.29
CA GLY I 376 20.86 -20.02 -40.12
C GLY I 376 20.91 -19.48 -41.54
N VAL I 377 20.33 -18.30 -41.77
CA VAL I 377 20.39 -17.67 -43.09
C VAL I 377 21.54 -16.67 -43.21
N TYR I 378 21.96 -16.05 -42.10
CA TYR I 378 23.12 -15.16 -42.16
C TYR I 378 24.30 -15.87 -42.82
N SER I 379 24.53 -17.13 -42.45
CA SER I 379 25.60 -17.90 -43.08
C SER I 379 25.35 -18.09 -44.57
N VAL I 380 24.10 -18.36 -44.97
CA VAL I 380 23.81 -18.55 -46.39
C VAL I 380 24.08 -17.27 -47.16
N ILE I 381 23.61 -16.14 -46.64
CA ILE I 381 23.83 -14.87 -47.31
C ILE I 381 25.32 -14.58 -47.42
N ALA I 382 26.06 -14.80 -46.32
CA ALA I 382 27.50 -14.59 -46.36
C ALA I 382 28.16 -15.46 -47.40
N ASP I 383 27.78 -16.75 -47.45
CA ASP I 383 28.38 -17.66 -48.41
C ASP I 383 28.10 -17.23 -49.84
N THR I 384 26.87 -16.81 -50.12
CA THR I 384 26.47 -16.50 -51.49
C THR I 384 26.87 -15.10 -51.95
N LEU I 385 27.28 -14.22 -51.04
CA LEU I 385 27.68 -12.87 -51.44
C LEU I 385 29.16 -12.57 -51.22
N HIS I 386 29.76 -13.05 -50.14
CA HIS I 386 31.10 -12.62 -49.78
C HIS I 386 32.15 -13.17 -50.75
N ILE I 387 31.99 -14.43 -51.18
CA ILE I 387 33.05 -15.08 -51.95
C ILE I 387 33.33 -14.38 -53.26
N PRO I 388 32.34 -14.06 -54.10
CA PRO I 388 32.67 -13.43 -55.40
C PRO I 388 33.07 -11.97 -55.28
N LEU I 389 32.43 -11.22 -54.37
CA LEU I 389 32.78 -9.81 -54.21
C LEU I 389 34.22 -9.65 -53.77
N ALA I 390 34.73 -10.53 -52.90
CA ALA I 390 36.12 -10.45 -52.49
C ALA I 390 37.04 -10.58 -53.70
N HIS I 391 36.80 -11.57 -54.55
CA HIS I 391 37.62 -11.75 -55.74
C HIS I 391 37.54 -10.54 -56.65
N ILE I 392 36.33 -10.01 -56.86
CA ILE I 392 36.17 -8.88 -57.77
C ILE I 392 36.93 -7.66 -57.25
N LEU I 393 36.78 -7.34 -55.96
CA LEU I 393 37.47 -6.19 -55.40
C LEU I 393 38.99 -6.39 -55.42
N CYS I 394 39.47 -7.59 -55.09
CA CYS I 394 40.90 -7.83 -55.12
C CYS I 394 41.44 -7.67 -56.54
N TRP I 395 40.71 -8.16 -57.54
CA TRP I 395 41.11 -7.96 -58.93
C TRP I 395 41.13 -6.47 -59.28
N GLU I 396 40.15 -5.71 -58.80
CA GLU I 396 40.15 -4.27 -59.04
C GLU I 396 41.37 -3.60 -58.44
N VAL I 397 41.78 -4.00 -57.25
CA VAL I 397 42.92 -3.37 -56.58
C VAL I 397 44.26 -3.87 -57.09
N ASN I 398 44.34 -5.11 -57.60
CA ASN I 398 45.60 -5.66 -58.09
C ASN I 398 45.27 -6.70 -59.16
N GLN I 399 45.44 -6.33 -60.42
CA GLN I 399 45.09 -7.22 -61.53
C GLN I 399 46.13 -8.32 -61.70
N GLN I 400 47.41 -7.99 -61.60
CA GLN I 400 48.46 -8.94 -61.94
C GLN I 400 48.44 -10.15 -61.01
N PHE I 401 48.28 -9.92 -59.70
CA PHE I 401 48.33 -11.01 -58.75
C PHE I 401 47.22 -12.02 -59.01
N ILE I 402 46.01 -11.54 -59.28
CA ILE I 402 44.89 -12.45 -59.53
C ILE I 402 45.03 -13.13 -60.88
N ASN I 403 45.56 -12.43 -61.89
CA ASN I 403 45.71 -13.03 -63.22
C ASN I 403 46.63 -14.24 -63.17
N GLU I 404 47.73 -14.15 -62.42
CA GLU I 404 48.63 -15.28 -62.31
C GLU I 404 47.96 -16.47 -61.64
N LEU I 405 47.18 -16.23 -60.59
CA LEU I 405 46.52 -17.32 -59.87
C LEU I 405 45.48 -18.03 -60.72
N LEU I 406 44.70 -17.29 -61.50
CA LEU I 406 43.63 -17.87 -62.30
C LEU I 406 44.16 -18.65 -63.50
N SER I 407 45.24 -18.18 -64.11
CA SER I 407 45.78 -18.86 -65.29
C SER I 407 46.23 -20.27 -64.95
N ASN I 408 46.89 -20.44 -63.81
CA ASN I 408 47.37 -21.76 -63.41
C ASN I 408 46.22 -22.68 -63.03
N GLY I 409 45.16 -22.15 -62.42
CA GLY I 409 43.99 -22.91 -62.04
C GLY I 409 43.61 -22.77 -60.58
N LEU I 410 44.59 -22.65 -59.70
CA LEU I 410 44.31 -22.51 -58.28
C LEU I 410 43.61 -21.19 -58.00
N THR I 411 42.89 -21.14 -56.88
CA THR I 411 42.07 -19.99 -56.52
C THR I 411 42.33 -19.61 -55.07
N LEU I 412 42.02 -18.35 -54.74
CA LEU I 412 42.21 -17.84 -53.40
C LEU I 412 41.28 -18.55 -52.41
N SER I 413 41.76 -18.67 -51.17
CA SER I 413 40.95 -19.24 -50.10
C SER I 413 40.44 -18.11 -49.21
N VAL I 414 39.15 -18.12 -48.92
CA VAL I 414 38.50 -17.07 -48.15
C VAL I 414 37.63 -17.71 -47.07
N LEU I 415 37.62 -17.12 -45.89
CA LEU I 415 36.85 -17.61 -44.75
C LEU I 415 35.64 -16.72 -44.55
N THR I 416 34.48 -17.35 -44.34
CA THR I 416 33.23 -16.63 -44.13
C THR I 416 32.33 -17.46 -43.23
N GLY I 417 31.13 -16.95 -42.99
CA GLY I 417 30.20 -17.61 -42.10
C GLY I 417 30.53 -17.35 -40.64
N VAL I 418 30.42 -16.09 -40.22
CA VAL I 418 30.85 -15.62 -38.91
C VAL I 418 32.18 -16.29 -38.55
N ALA I 419 33.09 -16.33 -39.53
CA ALA I 419 34.42 -16.90 -39.28
C ALA I 419 35.52 -16.06 -39.92
N ALA I 420 35.31 -14.76 -40.10
CA ALA I 420 36.31 -13.85 -40.66
C ALA I 420 37.12 -13.18 -39.57
N LEU I 421 37.32 -13.87 -38.45
CA LEU I 421 38.03 -13.34 -37.31
C LEU I 421 39.52 -13.69 -37.33
N SER I 422 40.05 -14.14 -38.47
CA SER I 422 41.44 -14.56 -38.55
C SER I 422 42.37 -13.45 -38.07
N ARG I 423 42.19 -12.24 -38.59
CA ARG I 423 43.03 -11.09 -38.24
C ARG I 423 42.23 -10.05 -37.48
N SER I 424 41.17 -10.47 -36.79
CA SER I 424 40.27 -9.54 -36.13
C SER I 424 40.51 -9.46 -34.63
N THR I 425 40.52 -10.60 -33.95
CA THR I 425 40.55 -10.66 -32.49
C THR I 425 41.62 -11.62 -32.01
N ASP I 426 42.82 -11.50 -32.59
CA ASP I 426 43.96 -12.26 -32.09
C ASP I 426 44.69 -11.51 -30.99
N VAL I 427 44.55 -10.19 -30.95
CA VAL I 427 45.24 -9.40 -29.92
C VAL I 427 44.67 -9.72 -28.54
N ASN I 428 43.40 -10.10 -28.46
CA ASN I 428 42.81 -10.46 -27.18
C ASN I 428 43.47 -11.70 -26.59
N LYS I 429 43.80 -12.67 -27.45
CA LYS I 429 44.47 -13.90 -27.02
C LYS I 429 45.93 -13.66 -26.66
N LEU I 430 46.53 -12.57 -27.13
CA LEU I 430 47.88 -12.18 -26.74
C LEU I 430 47.92 -11.39 -25.45
N ILE I 431 46.91 -10.54 -25.23
CA ILE I 431 46.86 -9.76 -23.99
C ILE I 431 46.72 -10.70 -22.78
N GLN I 432 45.88 -11.73 -22.91
CA GLN I 432 45.69 -12.67 -21.82
C GLN I 432 46.98 -13.42 -21.52
N ALA I 433 47.68 -13.86 -22.56
CA ALA I 433 48.96 -14.55 -22.36
C ALA I 433 49.96 -13.63 -21.68
N ALA I 434 50.02 -12.36 -22.10
CA ALA I 434 50.93 -11.42 -21.46
C ALA I 434 50.58 -11.23 -19.99
N GLN I 435 49.28 -11.12 -19.68
CA GLN I 435 48.88 -10.94 -18.29
C GLN I 435 49.26 -12.15 -17.44
N SER I 436 49.05 -13.36 -17.94
CA SER I 436 49.42 -14.56 -17.19
C SER I 436 50.92 -14.71 -17.04
N LEU I 437 51.69 -14.40 -18.08
CA LEU I 437 53.15 -14.47 -18.03
C LEU I 437 53.73 -13.49 -17.02
N SER I 438 53.02 -12.41 -16.70
CA SER I 438 53.47 -11.46 -15.69
C SER I 438 53.18 -11.93 -14.28
N VAL I 439 52.40 -13.00 -14.13
CA VAL I 439 52.13 -13.57 -12.82
C VAL I 439 52.89 -14.87 -12.59
N ILE I 440 53.18 -15.64 -13.64
CA ILE I 440 53.84 -16.93 -13.47
C ILE I 440 55.35 -16.80 -13.44
N LEU I 441 55.94 -15.90 -14.23
CA LEU I 441 57.40 -15.81 -14.32
C LEU I 441 58.02 -15.16 -13.10
N PRO I 442 57.39 -14.15 -12.48
CA PRO I 442 57.99 -13.60 -11.25
C PRO I 442 58.24 -14.68 -10.21
N VAL I 443 57.33 -15.64 -10.08
CA VAL I 443 57.63 -16.86 -9.34
C VAL I 443 58.42 -17.79 -10.23
N PHE I 444 59.12 -18.74 -9.62
CA PHE I 444 60.00 -19.71 -10.28
C PHE I 444 61.32 -19.08 -10.70
N GLN I 445 61.53 -17.79 -10.41
CA GLN I 445 62.78 -17.15 -10.77
C GLN I 445 63.94 -17.64 -9.90
N ASN I 446 63.66 -18.00 -8.64
CA ASN I 446 64.68 -18.50 -7.73
C ASN I 446 64.93 -19.99 -7.92
N THR I 447 63.87 -20.77 -8.17
CA THR I 447 64.05 -22.21 -8.34
C THR I 447 64.74 -22.49 -9.67
N PRO I 448 65.90 -23.16 -9.65
CA PRO I 448 66.60 -23.46 -10.92
C PRO I 448 66.20 -24.78 -11.56
N ARG I 449 65.23 -25.50 -11.02
CA ARG I 449 64.83 -26.79 -11.57
C ARG I 449 63.77 -26.68 -12.66
N VAL I 450 63.12 -25.52 -12.78
CA VAL I 450 62.04 -25.31 -13.74
C VAL I 450 62.60 -24.44 -14.87
N ASP I 451 62.49 -24.92 -16.10
CA ASP I 451 63.01 -24.17 -17.24
C ASP I 451 61.98 -23.14 -17.71
N PRO I 452 62.34 -21.86 -17.77
CA PRO I 452 61.36 -20.85 -18.25
C PRO I 452 60.92 -21.08 -19.68
N GLU I 453 61.77 -21.62 -20.55
CA GLU I 453 61.41 -21.83 -21.95
C GLU I 453 60.23 -22.79 -22.09
N LYS I 454 60.20 -23.86 -21.31
CA LYS I 454 59.06 -24.79 -21.35
C LYS I 454 57.77 -24.15 -20.87
N ILE I 455 57.82 -23.33 -19.83
CA ILE I 455 56.63 -22.60 -19.40
C ILE I 455 56.16 -21.67 -20.52
N LEU I 456 57.08 -20.96 -21.17
CA LEU I 456 56.71 -20.10 -22.27
C LEU I 456 56.03 -20.88 -23.39
N ASP I 457 56.64 -21.99 -23.80
CA ASP I 457 56.13 -22.80 -24.89
C ASP I 457 54.80 -23.48 -24.56
N MET I 458 54.53 -23.73 -23.28
CA MET I 458 53.24 -24.25 -22.87
C MET I 458 52.17 -23.17 -22.83
N VAL I 459 52.46 -22.02 -22.23
CA VAL I 459 51.46 -20.96 -22.13
C VAL I 459 51.09 -20.43 -23.51
N LEU I 460 52.08 -20.22 -24.38
CA LEU I 460 51.78 -19.67 -25.70
C LEU I 460 50.89 -20.61 -26.50
N THR I 461 51.24 -21.89 -26.54
CA THR I 461 50.44 -22.85 -27.31
C THR I 461 49.09 -23.10 -26.66
N GLY I 462 48.98 -22.90 -25.34
CA GLY I 462 47.71 -23.14 -24.67
C GLY I 462 46.60 -22.24 -25.19
N PHE I 463 46.92 -20.97 -25.42
CA PHE I 463 45.93 -19.99 -25.87
C PHE I 463 45.68 -20.05 -27.37
N GLY I 464 46.48 -20.81 -28.11
CA GLY I 464 46.26 -20.93 -29.55
C GLY I 464 47.02 -19.93 -30.38
N ILE I 465 48.32 -19.77 -30.12
CA ILE I 465 49.17 -18.87 -30.90
C ILE I 465 50.26 -19.69 -31.56
N ASN I 466 50.40 -19.54 -32.89
CA ASN I 466 51.46 -20.22 -33.62
C ASN I 466 52.78 -19.54 -33.29
N THR I 467 53.63 -20.24 -32.54
CA THR I 467 54.89 -19.66 -32.08
C THR I 467 55.83 -19.28 -33.22
N LYS I 468 55.63 -19.83 -34.41
CA LYS I 468 56.52 -19.56 -35.53
C LYS I 468 56.47 -18.11 -35.99
N ASP I 469 55.46 -17.34 -35.59
CA ASP I 469 55.34 -15.94 -35.96
C ASP I 469 55.90 -14.99 -34.92
N LEU I 470 56.45 -15.50 -33.81
CA LEU I 470 57.01 -14.67 -32.76
C LEU I 470 58.46 -15.01 -32.45
N TYR I 471 58.84 -16.28 -32.46
CA TYR I 471 60.18 -16.67 -32.06
C TYR I 471 61.21 -16.18 -33.06
N ARG I 472 62.41 -15.87 -32.57
CA ARG I 472 63.52 -15.46 -33.41
C ARG I 472 64.20 -16.67 -34.02
N THR I 473 64.81 -16.45 -35.18
CA THR I 473 65.55 -17.51 -35.85
C THR I 473 66.95 -17.63 -35.26
N GLU I 474 67.63 -18.73 -35.61
CA GLU I 474 68.96 -18.98 -35.08
C GLU I 474 69.94 -17.90 -35.50
N GLU I 475 69.87 -17.46 -36.76
CA GLU I 475 70.78 -16.45 -37.25
C GLU I 475 70.64 -15.14 -36.48
N GLN I 476 69.40 -14.73 -36.20
CA GLN I 476 69.19 -13.51 -35.44
C GLN I 476 69.77 -13.61 -34.04
N LEU I 477 69.58 -14.77 -33.39
CA LEU I 477 70.13 -14.96 -32.06
C LEU I 477 71.66 -14.90 -32.10
N GLN I 478 72.27 -15.53 -33.11
CA GLN I 478 73.72 -15.50 -33.23
C GLN I 478 74.21 -14.07 -33.42
N ALA I 479 73.52 -13.31 -34.27
CA ALA I 479 73.92 -11.92 -34.50
C ALA I 479 73.81 -11.10 -33.24
N LEU I 480 72.71 -11.28 -32.48
CA LEU I 480 72.53 -10.54 -31.25
C LEU I 480 73.62 -10.89 -30.25
N GLN I 481 73.96 -12.18 -30.13
CA GLN I 481 75.02 -12.59 -29.23
C GLN I 481 76.37 -12.00 -29.64
N ALA I 482 76.65 -11.97 -30.94
CA ALA I 482 77.90 -11.40 -31.42
C ALA I 482 77.96 -9.90 -31.13
N ALA I 483 76.84 -9.20 -31.29
CA ALA I 483 76.78 -7.76 -31.06
C ALA I 483 76.79 -7.52 -29.54
N GLN I 484 77.97 -7.64 -28.96
CA GLN I 484 78.15 -7.44 -27.52
C GLN I 484 79.56 -6.98 -27.21
N THR J 7 22.77 -52.17 -61.63
CA THR J 7 21.37 -52.29 -61.15
C THR J 7 21.24 -51.75 -59.72
N TYR J 8 21.94 -50.66 -59.44
CA TYR J 8 21.89 -50.09 -58.09
C TYR J 8 20.50 -49.59 -57.73
N GLU J 9 19.62 -49.39 -58.71
CA GLU J 9 18.24 -49.01 -58.40
C GLU J 9 17.55 -50.09 -57.59
N SER J 10 17.83 -51.36 -57.91
CA SER J 10 17.24 -52.46 -57.14
C SER J 10 17.65 -52.40 -55.68
N LEU J 11 18.95 -52.20 -55.41
CA LEU J 11 19.41 -52.07 -54.03
C LEU J 11 18.79 -50.86 -53.35
N TYR J 12 18.76 -49.73 -54.07
CA TYR J 12 18.20 -48.51 -53.49
C TYR J 12 16.75 -48.72 -53.06
N THR J 13 15.95 -49.39 -53.91
CA THR J 13 14.57 -49.65 -53.54
C THR J 13 14.48 -50.70 -52.44
N LYS J 14 15.38 -51.68 -52.43
CA LYS J 14 15.34 -52.75 -51.45
C LYS J 14 15.58 -52.21 -50.03
N TYR J 15 16.54 -51.29 -49.88
CA TYR J 15 16.98 -50.87 -48.56
C TYR J 15 16.13 -49.77 -47.94
N ARG J 16 15.04 -49.37 -48.58
CA ARG J 16 14.20 -48.32 -48.02
C ARG J 16 13.27 -48.86 -46.94
N ASP J 17 12.79 -47.96 -46.10
CA ASP J 17 11.83 -48.27 -45.03
C ASP J 17 10.67 -47.30 -45.19
N ASP J 18 9.57 -47.78 -45.77
CA ASP J 18 8.45 -46.89 -46.09
C ASP J 18 7.73 -46.41 -44.84
N SER J 19 7.68 -47.24 -43.80
CA SER J 19 6.95 -46.85 -42.59
C SER J 19 7.55 -45.60 -41.96
N ALA J 20 8.87 -45.57 -41.80
CA ALA J 20 9.52 -44.41 -41.21
C ALA J 20 9.32 -43.17 -42.08
N ILE J 21 9.46 -43.33 -43.40
CA ILE J 21 9.31 -42.19 -44.30
C ILE J 21 7.92 -41.61 -44.21
N LEU J 22 6.89 -42.46 -44.16
CA LEU J 22 5.52 -41.97 -44.05
C LEU J 22 5.23 -41.36 -42.68
N LYS J 23 5.78 -41.92 -41.61
CA LYS J 23 5.53 -41.36 -40.28
C LYS J 23 6.23 -40.02 -40.09
N THR J 24 7.42 -39.84 -40.64
CA THR J 24 8.19 -38.62 -40.40
C THR J 24 7.63 -37.41 -41.14
N GLU J 25 6.49 -37.54 -41.81
CA GLU J 25 5.90 -36.39 -42.49
C GLU J 25 5.25 -35.44 -41.50
N ASP J 26 4.56 -35.97 -40.50
CA ASP J 26 3.88 -35.11 -39.54
C ASP J 26 4.87 -34.27 -38.74
N TYR J 27 5.99 -34.88 -38.35
CA TYR J 27 6.97 -34.14 -37.55
C TYR J 27 7.48 -32.92 -38.31
N ALA J 28 7.79 -33.09 -39.60
CA ALA J 28 8.18 -31.95 -40.41
C ALA J 28 7.02 -30.97 -40.58
N HIS J 29 5.81 -31.50 -40.77
CA HIS J 29 4.64 -30.62 -40.95
C HIS J 29 4.36 -29.73 -39.75
N TRP J 30 4.72 -30.16 -38.55
CA TRP J 30 4.49 -29.36 -37.36
C TRP J 30 5.56 -28.30 -37.12
N THR J 31 6.76 -28.48 -37.66
CA THR J 31 7.87 -27.58 -37.38
C THR J 31 8.35 -26.81 -38.60
N LEU J 32 8.77 -27.49 -39.66
CA LEU J 32 9.38 -26.85 -40.82
C LEU J 32 9.15 -27.71 -42.05
N PRO J 33 8.02 -27.49 -42.74
CA PRO J 33 7.70 -28.37 -43.89
C PRO J 33 8.74 -28.34 -45.00
N THR J 34 9.37 -27.19 -45.26
CA THR J 34 10.23 -27.06 -46.42
C THR J 34 11.52 -27.86 -46.33
N VAL J 35 11.88 -28.35 -45.14
CA VAL J 35 13.11 -29.13 -44.99
C VAL J 35 12.96 -30.57 -45.45
N TYR J 36 11.72 -31.05 -45.59
CA TYR J 36 11.46 -32.46 -45.88
C TYR J 36 10.66 -32.64 -47.16
N ALA J 37 10.82 -31.72 -48.13
CA ALA J 37 10.05 -31.79 -49.35
C ALA J 37 10.58 -32.89 -50.27
N ASP J 38 9.65 -33.57 -50.95
CA ASP J 38 10.02 -34.67 -51.84
C ASP J 38 10.61 -34.12 -53.13
N PRO J 39 11.83 -34.51 -53.51
CA PRO J 39 12.42 -33.98 -54.76
C PRO J 39 11.91 -34.65 -56.02
N ASP J 40 11.14 -35.74 -55.92
CA ASP J 40 10.71 -36.49 -57.08
C ASP J 40 9.36 -36.03 -57.64
N LEU J 41 8.69 -35.08 -56.97
CA LEU J 41 7.43 -34.54 -57.46
C LEU J 41 7.59 -33.19 -58.16
N ARG J 42 8.83 -32.73 -58.33
CA ARG J 42 9.09 -31.43 -58.93
C ARG J 42 10.16 -31.55 -60.00
N GLU J 43 10.04 -30.72 -61.04
CA GLU J 43 10.97 -30.72 -62.16
C GLU J 43 11.46 -29.32 -62.48
N GLY J 44 11.59 -28.47 -61.47
CA GLY J 44 12.06 -27.12 -61.65
C GLY J 44 10.98 -26.05 -61.55
N LYS J 45 9.82 -26.37 -60.99
CA LYS J 45 8.75 -25.40 -60.81
C LYS J 45 8.18 -25.56 -59.41
N ARG J 46 7.60 -24.48 -58.89
CA ARG J 46 7.09 -24.48 -57.53
C ARG J 46 5.86 -25.37 -57.40
N VAL J 47 5.83 -26.19 -56.37
CA VAL J 47 4.64 -26.92 -55.94
C VAL J 47 4.39 -26.53 -54.50
N ASN J 48 3.16 -26.08 -54.22
CA ASN J 48 2.88 -25.41 -52.95
C ASN J 48 3.07 -26.37 -51.77
N VAL J 49 3.51 -25.81 -50.64
CA VAL J 49 3.68 -26.53 -49.39
C VAL J 49 2.82 -25.85 -48.34
N ARG J 50 2.01 -26.66 -47.64
CA ARG J 50 1.07 -26.11 -46.68
C ARG J 50 1.72 -25.92 -45.32
N ARG J 51 1.16 -24.99 -44.54
CA ARG J 51 1.66 -24.64 -43.22
C ARG J 51 0.61 -24.98 -42.17
N ASP J 52 0.99 -24.79 -40.90
CA ASP J 52 0.15 -25.16 -39.77
C ASP J 52 -0.35 -23.91 -39.06
N TYR J 53 -1.34 -24.11 -38.17
CA TYR J 53 -1.96 -22.99 -37.48
C TYR J 53 -1.08 -22.39 -36.40
N GLN J 54 0.02 -23.04 -36.04
CA GLN J 54 0.89 -22.56 -34.97
C GLN J 54 2.34 -22.51 -35.45
N SER J 55 3.08 -21.55 -34.91
CA SER J 55 4.47 -21.33 -35.29
C SER J 55 5.46 -21.49 -34.14
N VAL J 56 5.06 -22.12 -33.03
CA VAL J 56 5.97 -22.28 -31.91
C VAL J 56 7.10 -23.23 -32.27
N GLY J 57 6.76 -24.36 -32.90
CA GLY J 57 7.79 -25.35 -33.23
C GLY J 57 8.86 -24.79 -34.14
N ALA J 58 8.46 -23.97 -35.11
CA ALA J 58 9.44 -23.39 -36.02
C ALA J 58 10.45 -22.53 -35.28
N VAL J 59 9.98 -21.65 -34.40
CA VAL J 59 10.88 -20.79 -33.65
C VAL J 59 11.79 -21.61 -32.77
N TYR J 60 11.23 -22.59 -32.05
CA TYR J 60 12.05 -23.40 -31.16
C TYR J 60 13.12 -24.15 -31.92
N VAL J 61 12.76 -24.76 -33.05
CA VAL J 61 13.73 -25.54 -33.83
C VAL J 61 14.81 -24.62 -34.40
N ASN J 62 14.42 -23.47 -34.93
CA ASN J 62 15.40 -22.53 -35.46
C ASN J 62 16.39 -22.13 -34.38
N THR J 63 15.89 -21.75 -33.20
CA THR J 63 16.78 -21.32 -32.13
C THR J 63 17.73 -22.44 -31.72
N LEU J 64 17.21 -23.65 -31.53
CA LEU J 64 18.06 -24.75 -31.07
C LEU J 64 19.11 -25.10 -32.12
N SER J 65 18.71 -25.15 -33.39
CA SER J 65 19.67 -25.50 -34.44
C SER J 65 20.75 -24.44 -34.55
N ALA J 66 20.38 -23.16 -34.48
CA ALA J 66 21.39 -22.11 -34.54
C ALA J 66 22.33 -22.18 -33.35
N LYS J 67 21.78 -22.46 -32.16
CA LYS J 67 22.61 -22.44 -30.95
C LYS J 67 23.57 -23.63 -30.93
N LEU J 68 23.13 -24.80 -31.40
CA LEU J 68 23.98 -25.98 -31.34
C LEU J 68 25.27 -25.82 -32.14
N ALA J 69 25.24 -25.05 -33.23
CA ALA J 69 26.42 -24.95 -34.09
C ALA J 69 27.57 -24.25 -33.37
N GLN J 70 27.25 -23.21 -32.59
CA GLN J 70 28.30 -22.47 -31.90
C GLN J 70 28.99 -23.32 -30.85
N VAL J 71 28.24 -24.18 -30.15
CA VAL J 71 28.83 -24.99 -29.09
C VAL J 71 29.74 -26.06 -29.66
N LEU J 72 29.31 -26.76 -30.71
CA LEU J 72 30.07 -27.85 -31.30
C LEU J 72 31.29 -27.38 -32.09
N PHE J 73 31.17 -26.26 -32.81
CA PHE J 73 32.22 -25.79 -33.71
C PHE J 73 32.56 -24.35 -33.37
N PRO J 74 33.28 -24.12 -32.26
CA PRO J 74 33.69 -22.76 -31.93
C PRO J 74 34.64 -22.21 -32.98
N ALA J 75 34.60 -20.89 -33.16
CA ALA J 75 35.32 -20.22 -34.23
C ALA J 75 36.71 -19.75 -33.83
N ASN J 76 37.13 -19.97 -32.59
CA ASN J 76 38.41 -19.41 -32.11
C ASN J 76 39.19 -20.45 -31.30
N GLN J 77 38.97 -21.73 -31.58
CA GLN J 77 39.76 -22.78 -30.95
C GLN J 77 39.36 -24.13 -31.56
N ALA J 78 40.30 -25.07 -31.52
CA ALA J 78 40.04 -26.39 -32.07
C ALA J 78 39.00 -27.13 -31.24
N PHE J 79 38.27 -28.03 -31.91
CA PHE J 79 37.24 -28.83 -31.26
C PHE J 79 37.71 -30.25 -30.93
N PHE J 80 38.99 -30.55 -31.14
CA PHE J 80 39.52 -31.88 -30.87
C PHE J 80 40.95 -31.75 -30.37
N ARG J 81 41.38 -32.77 -29.62
CA ARG J 81 42.72 -32.80 -29.05
C ARG J 81 43.32 -34.19 -29.25
N ILE J 82 44.64 -34.25 -29.32
CA ILE J 82 45.36 -35.51 -29.49
C ILE J 82 46.07 -35.85 -28.19
N ASP J 83 45.90 -37.09 -27.73
CA ASP J 83 46.50 -37.52 -26.47
C ASP J 83 48.00 -37.74 -26.63
N SER J 84 48.38 -38.64 -27.54
CA SER J 84 49.79 -38.88 -27.84
C SER J 84 50.49 -39.66 -26.74
N THR J 85 49.77 -39.98 -25.66
CA THR J 85 50.37 -40.75 -24.57
C THR J 85 50.46 -42.23 -24.91
N GLY J 86 49.74 -42.67 -25.94
CA GLY J 86 49.75 -44.07 -26.34
C GLY J 86 51.13 -44.57 -26.70
N ASP J 87 51.70 -44.03 -27.78
CA ASP J 87 53.03 -44.46 -28.23
C ASP J 87 53.68 -43.28 -28.95
N ALA J 88 54.61 -42.62 -28.26
CA ALA J 88 55.29 -41.47 -28.85
C ALA J 88 56.34 -41.90 -29.86
N ALA J 89 56.81 -43.15 -29.80
CA ALA J 89 57.86 -43.61 -30.69
C ALA J 89 57.45 -43.47 -32.16
N GLN J 90 56.39 -44.16 -32.55
CA GLN J 90 55.93 -44.12 -33.93
C GLN J 90 55.48 -42.73 -34.35
N LEU J 91 54.80 -42.01 -33.45
CA LEU J 91 54.34 -40.67 -33.79
C LEU J 91 55.52 -39.75 -34.10
N ALA J 92 56.59 -39.82 -33.29
CA ALA J 92 57.77 -39.03 -33.56
C ALA J 92 58.49 -39.50 -34.81
N GLU J 93 58.51 -40.80 -35.06
CA GLU J 93 59.20 -41.32 -36.23
C GLU J 93 58.49 -40.95 -37.53
N ALA J 94 57.17 -40.78 -37.49
CA ALA J 94 56.43 -40.44 -38.70
C ALA J 94 56.79 -39.04 -39.19
N MET J 95 56.76 -38.05 -38.31
CA MET J 95 57.13 -36.69 -38.71
C MET J 95 58.63 -36.54 -38.84
N GLY J 96 59.39 -37.25 -38.00
CA GLY J 96 60.83 -37.09 -37.97
C GLY J 96 61.26 -35.97 -37.06
N ALA J 97 60.83 -36.04 -35.79
CA ALA J 97 61.12 -35.01 -34.82
C ALA J 97 61.74 -35.67 -33.59
N GLU J 98 62.10 -34.84 -32.61
CA GLU J 98 62.73 -35.32 -31.39
C GLU J 98 61.67 -35.93 -30.46
N SER J 99 62.13 -36.45 -29.33
CA SER J 99 61.22 -37.08 -28.38
C SER J 99 60.31 -36.05 -27.72
N ALA J 100 60.82 -34.84 -27.49
CA ALA J 100 60.06 -33.81 -26.80
C ALA J 100 59.38 -32.82 -27.74
N ASP J 101 59.82 -32.72 -28.99
CA ASP J 101 59.21 -31.78 -29.92
C ASP J 101 57.83 -32.25 -30.39
N LEU J 102 57.46 -33.49 -30.06
CA LEU J 102 56.15 -34.00 -30.46
C LEU J 102 55.02 -33.18 -29.85
N ALA J 103 55.19 -32.73 -28.60
CA ALA J 103 54.14 -31.94 -27.95
C ALA J 103 53.88 -30.65 -28.71
N ASN J 104 54.95 -30.00 -29.17
CA ASN J 104 54.78 -28.76 -29.94
C ASN J 104 54.23 -29.05 -31.33
N GLY J 105 54.70 -30.12 -31.97
CA GLY J 105 54.24 -30.42 -33.32
C GLY J 105 52.76 -30.75 -33.38
N LEU J 106 52.30 -31.58 -32.44
CA LEU J 106 50.88 -31.95 -32.42
C LEU J 106 50.02 -30.72 -32.15
N ALA J 107 50.44 -29.85 -31.24
CA ALA J 107 49.70 -28.63 -30.97
C ALA J 107 49.64 -27.74 -32.21
N GLU J 108 50.76 -27.61 -32.92
CA GLU J 108 50.76 -26.81 -34.14
C GLU J 108 49.80 -27.38 -35.17
N LEU J 109 49.82 -28.70 -35.36
CA LEU J 109 48.92 -29.33 -36.33
C LEU J 109 47.46 -29.09 -35.95
N GLU J 110 47.11 -29.30 -34.68
CA GLU J 110 45.74 -29.12 -34.25
C GLU J 110 45.30 -27.66 -34.44
N ASN J 111 46.18 -26.72 -34.07
CA ASN J 111 45.82 -25.31 -34.20
C ASN J 111 45.62 -24.89 -35.65
N THR J 112 46.49 -25.37 -36.55
CA THR J 112 46.42 -24.93 -37.94
C THR J 112 45.40 -25.73 -38.76
N ALA J 113 44.89 -26.85 -38.22
CA ALA J 113 44.03 -27.71 -39.02
C ALA J 113 42.56 -27.28 -38.97
N PHE J 114 42.08 -26.83 -37.82
CA PHE J 114 40.64 -26.68 -37.63
C PHE J 114 40.05 -25.52 -38.42
N ARG J 115 40.88 -24.59 -38.91
CA ARG J 115 40.35 -23.50 -39.71
C ARG J 115 39.77 -23.95 -41.04
N ARG J 116 40.11 -25.15 -41.51
CA ARG J 116 39.66 -25.60 -42.82
C ARG J 116 38.15 -25.83 -42.90
N ILE J 117 37.44 -25.81 -41.76
CA ILE J 117 36.02 -26.09 -41.77
C ILE J 117 35.19 -24.91 -42.24
N PHE J 118 35.80 -23.74 -42.45
CA PHE J 118 35.08 -22.53 -42.84
C PHE J 118 35.29 -22.15 -44.29
N LEU J 119 35.73 -23.07 -45.15
CA LEU J 119 35.98 -22.74 -46.55
C LEU J 119 34.79 -23.13 -47.41
N LYS J 120 34.36 -22.20 -48.27
CA LYS J 120 33.39 -22.48 -49.33
C LYS J 120 32.04 -22.92 -48.77
N SER J 121 31.54 -22.21 -47.76
CA SER J 121 30.16 -22.37 -47.29
C SER J 121 29.91 -23.74 -46.68
N SER J 122 30.78 -24.19 -45.77
CA SER J 122 30.53 -25.43 -45.05
C SER J 122 29.64 -25.20 -43.83
N TYR J 123 29.73 -24.01 -43.22
CA TYR J 123 29.01 -23.74 -41.98
C TYR J 123 27.50 -23.80 -42.20
N HIS J 124 27.03 -23.27 -43.32
CA HIS J 124 25.60 -23.33 -43.63
C HIS J 124 25.13 -24.77 -43.76
N GLN J 125 25.94 -25.62 -44.42
CA GLN J 125 25.58 -27.03 -44.54
C GLN J 125 25.58 -27.72 -43.18
N LEU J 126 26.49 -27.33 -42.29
CA LEU J 126 26.48 -27.88 -40.94
C LEU J 126 25.20 -27.51 -40.20
N VAL J 127 24.76 -26.26 -40.33
CA VAL J 127 23.52 -25.84 -39.68
C VAL J 127 22.33 -26.61 -40.26
N HIS J 128 22.30 -26.76 -41.58
CA HIS J 128 21.22 -27.53 -42.20
C HIS J 128 21.23 -28.98 -41.71
N ALA J 129 22.42 -29.57 -41.56
CA ALA J 129 22.52 -30.93 -41.04
C ALA J 129 22.01 -31.01 -39.61
N MET J 130 22.29 -30.00 -38.79
CA MET J 130 21.75 -29.99 -37.44
C MET J 130 20.23 -29.95 -37.44
N LYS J 131 19.65 -29.11 -38.31
CA LYS J 131 18.20 -29.09 -38.44
C LYS J 131 17.66 -30.46 -38.83
N LEU J 132 18.29 -31.09 -39.82
CA LEU J 132 17.83 -32.39 -40.28
C LEU J 132 17.91 -33.44 -39.15
N LEU J 133 19.01 -33.43 -38.40
CA LEU J 133 19.15 -34.36 -37.29
C LEU J 133 18.07 -34.13 -36.24
N ILE J 134 17.78 -32.86 -35.93
CA ILE J 134 16.80 -32.58 -34.89
C ILE J 134 15.40 -33.01 -35.32
N ILE J 135 15.02 -32.76 -36.56
CA ILE J 135 13.65 -33.03 -36.99
C ILE J 135 13.45 -34.49 -37.39
N THR J 136 14.37 -35.04 -38.19
CA THR J 136 14.20 -36.39 -38.73
C THR J 136 15.14 -37.42 -38.12
N GLY J 137 16.23 -37.00 -37.49
CA GLY J 137 17.12 -37.94 -36.84
C GLY J 137 18.03 -38.71 -37.76
N ASN J 138 18.21 -38.26 -39.01
CA ASN J 138 19.10 -38.94 -39.95
C ASN J 138 19.68 -37.91 -40.90
N VAL J 139 20.92 -38.14 -41.32
CA VAL J 139 21.60 -37.25 -42.27
C VAL J 139 22.82 -37.95 -42.81
N LEU J 140 23.11 -37.71 -44.09
CA LEU J 140 24.32 -38.21 -44.74
C LEU J 140 25.15 -37.01 -45.16
N LEU J 141 26.44 -37.02 -44.82
CA LEU J 141 27.32 -35.88 -45.00
C LEU J 141 28.47 -36.26 -45.92
N TYR J 142 28.69 -35.45 -46.96
CA TYR J 142 29.74 -35.69 -47.94
C TYR J 142 30.69 -34.50 -47.96
N ARG J 143 31.98 -34.77 -47.82
CA ARG J 143 33.02 -33.74 -47.75
C ARG J 143 33.95 -33.94 -48.94
N ASP J 144 34.09 -32.91 -49.76
CA ASP J 144 34.95 -32.95 -50.95
C ASP J 144 36.28 -32.32 -50.62
N SER J 145 37.36 -33.11 -50.75
CA SER J 145 38.68 -32.62 -50.38
C SER J 145 39.29 -31.70 -51.43
N ASN J 146 38.98 -31.91 -52.71
CA ASN J 146 39.61 -31.14 -53.77
C ASN J 146 39.30 -29.65 -53.62
N THR J 147 38.05 -29.31 -53.33
CA THR J 147 37.61 -27.92 -53.24
C THR J 147 37.44 -27.44 -51.81
N GLY J 148 36.94 -28.28 -50.91
CA GLY J 148 36.66 -27.87 -49.55
C GLY J 148 35.20 -27.58 -49.27
N ASN J 149 34.28 -28.15 -50.03
CA ASN J 149 32.86 -27.93 -49.85
C ASN J 149 32.18 -29.19 -49.30
N MET J 150 31.03 -28.98 -48.68
CA MET J 150 30.26 -30.06 -48.07
C MET J 150 28.81 -29.97 -48.52
N HIS J 151 28.08 -31.08 -48.36
CA HIS J 151 26.67 -31.14 -48.71
C HIS J 151 26.00 -32.14 -47.78
N ALA J 152 24.72 -31.90 -47.49
CA ALA J 152 23.93 -32.75 -46.60
C ALA J 152 22.70 -33.26 -47.32
N TYR J 153 22.38 -34.53 -47.09
CA TYR J 153 21.26 -35.19 -47.74
C TYR J 153 20.30 -35.72 -46.68
N SER J 154 19.02 -35.82 -47.07
CA SER J 154 18.00 -36.38 -46.20
C SER J 154 17.78 -37.85 -46.58
N ILE J 155 16.92 -38.54 -45.83
CA ILE J 155 16.65 -39.95 -46.10
C ILE J 155 15.83 -40.17 -47.36
N ARG J 156 15.39 -39.10 -48.01
CA ARG J 156 14.66 -39.21 -49.27
C ARG J 156 15.59 -39.41 -50.46
N GLN J 157 16.91 -39.35 -50.27
CA GLN J 157 17.87 -39.48 -51.35
C GLN J 157 18.87 -40.61 -51.14
N TYR J 158 18.80 -41.34 -50.03
CA TYR J 158 19.77 -42.40 -49.77
C TYR J 158 19.17 -43.42 -48.82
N SER J 159 19.79 -44.60 -48.80
CA SER J 159 19.37 -45.69 -47.92
C SER J 159 20.61 -46.48 -47.51
N VAL J 160 20.55 -47.06 -46.32
CA VAL J 160 21.71 -47.72 -45.73
C VAL J 160 21.30 -49.10 -45.21
N LEU J 161 22.30 -49.95 -45.03
CA LEU J 161 22.12 -51.29 -44.49
C LEU J 161 23.14 -51.49 -43.36
N ARG J 162 22.69 -52.10 -42.27
CA ARG J 162 23.57 -52.34 -41.13
C ARG J 162 23.18 -53.63 -40.43
N ASP J 163 24.12 -54.17 -39.68
CA ASP J 163 23.90 -55.41 -38.94
C ASP J 163 23.03 -55.13 -37.71
N GLY J 164 22.81 -56.18 -36.90
CA GLY J 164 22.16 -56.01 -35.62
C GLY J 164 23.01 -55.29 -34.61
N GLY J 165 24.34 -55.30 -34.80
CA GLY J 165 25.24 -54.59 -33.90
C GLY J 165 25.45 -53.13 -34.23
N GLY J 166 24.92 -52.65 -35.36
CA GLY J 166 25.00 -51.26 -35.73
C GLY J 166 26.02 -50.93 -36.80
N LYS J 167 26.89 -51.87 -37.17
CA LYS J 167 27.88 -51.60 -38.20
C LYS J 167 27.21 -51.35 -39.55
N VAL J 168 27.64 -50.31 -40.24
CA VAL J 168 27.12 -49.98 -41.57
C VAL J 168 27.88 -50.80 -42.60
N LEU J 169 27.14 -51.48 -43.47
CA LEU J 169 27.74 -52.39 -44.45
C LEU J 169 27.69 -51.83 -45.87
N ASP J 170 26.60 -51.16 -46.24
CA ASP J 170 26.40 -50.71 -47.60
C ASP J 170 25.54 -49.44 -47.62
N MET J 171 25.64 -48.70 -48.72
CA MET J 171 24.86 -47.48 -48.93
C MET J 171 24.68 -47.24 -50.41
N VAL J 172 23.59 -46.56 -50.75
CA VAL J 172 23.30 -46.16 -52.13
C VAL J 172 22.75 -44.74 -52.10
N LEU J 173 23.15 -43.92 -53.08
CA LEU J 173 22.78 -42.51 -53.14
C LEU J 173 22.31 -42.17 -54.54
N LYS J 174 21.22 -41.41 -54.63
CA LYS J 174 20.65 -40.96 -55.89
C LYS J 174 20.90 -39.47 -56.09
N GLU J 175 21.11 -39.08 -57.34
CA GLU J 175 21.35 -37.69 -57.68
C GLU J 175 20.91 -37.46 -59.12
N ARG J 176 20.47 -36.24 -59.41
CA ARG J 176 19.95 -35.87 -60.72
C ARG J 176 20.86 -34.82 -61.36
N THR J 177 21.01 -34.89 -62.68
CA THR J 177 21.87 -33.97 -63.41
C THR J 177 21.43 -33.96 -64.88
N VAL J 178 22.26 -33.40 -65.74
CA VAL J 178 21.97 -33.30 -67.17
C VAL J 178 23.13 -33.90 -67.95
N ILE J 179 22.87 -34.14 -69.24
CA ILE J 179 23.85 -34.83 -70.08
C ILE J 179 25.13 -34.01 -70.24
N SER J 180 25.00 -32.68 -70.33
CA SER J 180 26.16 -31.84 -70.59
C SER J 180 27.21 -31.96 -69.50
N GLU J 181 26.83 -32.43 -68.31
CA GLU J 181 27.77 -32.54 -67.20
C GLU J 181 28.58 -33.82 -67.22
N LEU J 182 28.23 -34.77 -68.08
CA LEU J 182 28.88 -36.08 -68.06
C LEU J 182 30.27 -36.01 -68.69
N PRO J 183 31.13 -36.99 -68.40
CA PRO J 183 32.48 -36.99 -68.99
C PRO J 183 32.42 -37.20 -70.50
N VAL J 184 33.50 -36.77 -71.17
CA VAL J 184 33.57 -36.89 -72.62
C VAL J 184 33.46 -38.34 -73.06
N GLU J 185 34.03 -39.26 -72.29
CA GLU J 185 34.01 -40.67 -72.68
C GLU J 185 32.59 -41.19 -72.78
N ALA J 186 31.73 -40.83 -71.82
CA ALA J 186 30.36 -41.31 -71.80
C ALA J 186 29.41 -40.47 -72.63
N ARG J 187 29.81 -39.25 -73.01
CA ARG J 187 28.92 -38.40 -73.78
C ARG J 187 28.97 -38.69 -75.27
N ILE J 188 29.93 -39.50 -75.74
CA ILE J 188 29.91 -39.94 -77.12
C ILE J 188 28.65 -40.75 -77.40
N LYS J 189 28.28 -41.62 -76.47
CA LYS J 189 26.96 -42.23 -76.49
C LYS J 189 25.92 -41.18 -76.14
N TYR J 190 24.65 -41.51 -76.31
CA TYR J 190 23.59 -40.53 -76.14
C TYR J 190 23.84 -39.32 -77.03
N ARG J 191 24.41 -39.56 -78.22
CA ARG J 191 24.67 -38.46 -79.14
C ARG J 191 23.39 -37.71 -79.48
N ASN J 192 22.32 -38.44 -79.75
CA ASN J 192 21.00 -37.85 -79.89
C ASN J 192 20.45 -37.50 -78.51
N ARG J 193 19.38 -36.70 -78.51
CA ARG J 193 18.73 -36.25 -77.28
C ARG J 193 19.66 -35.41 -76.41
N LYS J 194 20.62 -34.71 -77.01
CA LYS J 194 21.59 -33.92 -76.24
C LYS J 194 20.98 -32.57 -75.86
N GLN J 195 19.80 -32.63 -75.27
CA GLN J 195 19.14 -31.46 -74.69
C GLN J 195 19.52 -31.37 -73.21
N ASP J 196 18.79 -30.54 -72.46
CA ASP J 196 19.02 -30.45 -71.03
C ASP J 196 18.09 -31.42 -70.29
N ASP J 197 17.83 -32.57 -70.90
CA ASP J 197 16.99 -33.58 -70.27
C ASP J 197 17.64 -34.08 -68.99
N CYS J 198 16.82 -34.39 -68.00
CA CYS J 198 17.32 -34.86 -66.72
C CYS J 198 17.63 -36.35 -66.79
N ILE J 199 18.75 -36.75 -66.18
CA ILE J 199 19.16 -38.15 -66.10
C ILE J 199 19.63 -38.42 -64.67
N CYS J 200 19.26 -39.59 -64.14
CA CYS J 200 19.59 -39.96 -62.77
C CYS J 200 20.95 -40.62 -62.70
N LEU J 201 21.60 -40.47 -61.55
CA LEU J 201 22.92 -41.05 -61.30
C LEU J 201 22.91 -41.73 -59.94
N TYR J 202 23.60 -42.87 -59.85
CA TYR J 202 23.62 -43.69 -58.63
C TYR J 202 25.05 -43.93 -58.20
N THR J 203 25.28 -43.87 -56.89
CA THR J 203 26.58 -44.15 -56.28
C THR J 203 26.42 -45.21 -55.22
N ARG J 204 27.44 -46.07 -55.08
CA ARG J 204 27.42 -47.16 -54.11
C ARG J 204 28.70 -47.14 -53.29
N ILE J 205 28.55 -47.29 -51.98
CA ILE J 205 29.67 -47.40 -51.05
C ILE J 205 29.55 -48.73 -50.32
N LYS J 206 30.59 -49.55 -50.38
CA LYS J 206 30.57 -50.90 -49.84
C LYS J 206 31.79 -51.15 -48.99
N ARG J 207 31.60 -51.86 -47.87
CA ARG J 207 32.70 -52.23 -47.00
C ARG J 207 33.32 -53.54 -47.46
N GLU J 208 34.66 -53.60 -47.37
CA GLU J 208 35.41 -54.80 -47.71
C GLU J 208 36.68 -54.81 -46.89
N ARG J 209 37.26 -55.99 -46.71
CA ARG J 209 38.47 -56.14 -45.92
C ARG J 209 39.63 -56.61 -46.79
N ARG J 210 40.79 -55.98 -46.61
CA ARG J 210 42.04 -56.40 -47.23
C ARG J 210 43.04 -56.77 -46.15
N ALA J 211 44.29 -57.02 -46.56
CA ALA J 211 45.28 -57.56 -45.62
C ALA J 211 45.53 -56.62 -44.45
N VAL J 212 45.60 -55.31 -44.71
CA VAL J 212 46.02 -54.34 -43.71
C VAL J 212 44.84 -53.66 -43.04
N GLY J 213 43.63 -54.17 -43.23
CA GLY J 213 42.47 -53.63 -42.54
C GLY J 213 41.26 -53.55 -43.44
N GLU J 214 40.20 -52.97 -42.90
CA GLU J 214 38.96 -52.80 -43.65
C GLU J 214 39.08 -51.63 -44.62
N VAL J 215 38.16 -51.59 -45.58
CA VAL J 215 38.25 -50.68 -46.71
C VAL J 215 36.84 -50.37 -47.22
N PHE J 216 36.69 -49.19 -47.82
CA PHE J 216 35.46 -48.75 -48.44
C PHE J 216 35.69 -48.54 -49.93
N VAL J 217 34.80 -49.08 -50.75
CA VAL J 217 34.93 -49.03 -52.20
C VAL J 217 33.77 -48.23 -52.78
N VAL J 218 34.09 -47.29 -53.66
CA VAL J 218 33.12 -46.37 -54.24
C VAL J 218 33.06 -46.59 -55.74
N THR J 219 31.85 -46.65 -56.28
CA THR J 219 31.63 -46.80 -57.71
C THR J 219 30.36 -46.05 -58.09
N GLN J 220 30.20 -45.81 -59.40
CA GLN J 220 29.06 -45.07 -59.91
C GLN J 220 28.46 -45.80 -61.11
N GLN J 221 27.21 -45.48 -61.40
CA GLN J 221 26.50 -46.13 -62.48
C GLN J 221 25.31 -45.26 -62.90
N LEU J 222 24.96 -45.31 -64.18
CA LEU J 222 23.84 -44.54 -64.69
C LEU J 222 22.55 -45.35 -64.51
N GLU J 223 21.43 -44.77 -64.95
CA GLU J 223 20.14 -45.46 -64.80
C GLU J 223 20.11 -46.74 -65.62
N ASP J 224 20.61 -46.70 -66.85
CA ASP J 224 20.55 -47.85 -67.75
C ASP J 224 21.80 -48.72 -67.67
N GLY J 225 22.17 -49.11 -66.45
CA GLY J 225 23.18 -50.13 -66.27
C GLY J 225 24.62 -49.75 -66.54
N LEU J 226 24.84 -48.69 -67.32
CA LEU J 226 26.19 -48.38 -67.79
C LEU J 226 27.05 -47.86 -66.65
N MET J 227 28.23 -48.44 -66.48
CA MET J 227 29.19 -47.98 -65.47
C MET J 227 29.97 -46.78 -65.99
N LEU J 228 30.54 -46.01 -65.07
CA LEU J 228 31.29 -44.80 -65.41
C LEU J 228 32.71 -44.84 -64.85
N ASP J 229 33.23 -46.02 -64.52
CA ASP J 229 34.61 -46.14 -64.04
C ASP J 229 34.76 -45.36 -62.74
N ASN J 230 35.84 -44.58 -62.60
CA ASN J 230 36.10 -43.74 -61.44
C ASN J 230 36.26 -44.53 -60.15
N LEU J 231 36.66 -45.79 -60.22
CA LEU J 231 36.83 -46.59 -59.02
C LEU J 231 37.83 -45.92 -58.07
N GLU J 232 37.46 -45.84 -56.79
CA GLU J 232 38.31 -45.29 -55.76
C GLU J 232 38.24 -46.16 -54.52
N VAL J 233 39.31 -46.13 -53.73
CA VAL J 233 39.44 -46.95 -52.54
C VAL J 233 39.98 -46.07 -51.41
N TYR J 234 39.31 -46.11 -50.26
CA TYR J 234 39.73 -45.36 -49.09
C TYR J 234 39.84 -46.27 -47.88
N PRO J 235 40.82 -46.05 -46.99
CA PRO J 235 40.78 -46.69 -45.69
C PRO J 235 39.56 -46.22 -44.89
N GLU J 236 39.07 -47.09 -44.03
CA GLU J 236 37.83 -46.82 -43.31
C GLU J 236 37.93 -45.53 -42.50
N ALA J 237 39.12 -45.12 -42.10
CA ALA J 237 39.27 -43.96 -41.22
C ALA J 237 39.05 -42.65 -41.95
N ILE J 238 39.40 -42.57 -43.23
CA ILE J 238 39.37 -41.30 -43.96
C ILE J 238 38.34 -41.36 -45.08
N CYS J 239 37.28 -42.13 -44.90
CA CYS J 239 36.20 -42.13 -45.87
C CYS J 239 35.47 -40.79 -45.84
N PRO J 240 35.08 -40.24 -46.99
CA PRO J 240 34.42 -38.94 -47.00
C PRO J 240 32.91 -38.96 -46.75
N PHE J 241 32.30 -40.13 -46.62
CA PHE J 241 30.86 -40.25 -46.36
C PHE J 241 30.67 -40.57 -44.88
N ILE J 242 29.75 -39.88 -44.24
CA ILE J 242 29.53 -40.01 -42.79
C ILE J 242 28.04 -40.10 -42.49
N PRO J 243 27.47 -41.29 -42.30
CA PRO J 243 26.10 -41.39 -41.82
C PRO J 243 26.02 -41.19 -40.31
N ALA J 244 24.96 -40.51 -39.88
CA ALA J 244 24.81 -40.14 -38.48
C ALA J 244 23.37 -40.40 -38.04
N VAL J 245 23.20 -40.54 -36.73
CA VAL J 245 21.90 -40.76 -36.13
C VAL J 245 21.82 -39.99 -34.82
N TRP J 246 20.60 -39.63 -34.43
CA TRP J 246 20.36 -38.93 -33.17
C TRP J 246 20.07 -39.91 -32.04
N ASN J 247 19.09 -40.80 -32.24
CA ASN J 247 18.78 -41.85 -31.29
C ASN J 247 18.54 -43.14 -32.08
N LEU J 248 19.26 -44.20 -31.73
CA LEU J 248 19.24 -45.45 -32.48
C LEU J 248 18.80 -46.58 -31.56
N VAL J 249 17.58 -47.08 -31.77
CA VAL J 249 17.09 -48.22 -31.00
C VAL J 249 17.77 -49.48 -31.54
N THR J 250 18.33 -50.28 -30.63
CA THR J 250 19.02 -51.48 -31.04
C THR J 250 18.10 -52.39 -31.83
N GLY J 251 18.59 -52.88 -32.97
CA GLY J 251 17.82 -53.75 -33.83
C GLY J 251 17.36 -53.08 -35.11
N GLU J 252 17.11 -51.78 -35.05
CA GLU J 252 16.60 -51.05 -36.21
C GLU J 252 17.77 -50.50 -37.03
N THR J 253 17.44 -49.82 -38.13
CA THR J 253 18.43 -49.31 -39.07
C THR J 253 18.51 -47.79 -39.05
N TYR J 254 17.38 -47.11 -38.93
CA TYR J 254 17.34 -45.66 -38.91
C TYR J 254 17.07 -45.13 -37.51
N GLY J 255 17.56 -43.92 -37.24
CA GLY J 255 17.42 -43.34 -35.92
C GLY J 255 16.09 -42.65 -35.70
N ARG J 256 15.97 -41.92 -34.59
CA ARG J 256 14.75 -41.20 -34.26
C ARG J 256 15.12 -39.79 -33.81
N GLY J 257 14.18 -38.87 -33.99
CA GLY J 257 14.43 -37.47 -33.73
C GLY J 257 13.96 -37.00 -32.37
N LEU J 258 14.32 -35.77 -32.01
CA LEU J 258 13.90 -35.22 -30.72
C LEU J 258 12.42 -34.86 -30.74
N VAL J 259 11.91 -34.42 -31.89
CA VAL J 259 10.51 -33.99 -31.97
C VAL J 259 9.57 -35.15 -31.68
N GLU J 260 9.97 -36.38 -32.01
CA GLU J 260 9.09 -37.53 -31.82
C GLU J 260 8.71 -37.74 -30.36
N ASP J 261 9.52 -37.23 -29.43
CA ASP J 261 9.24 -37.39 -28.01
C ASP J 261 8.16 -36.44 -27.49
N TYR J 262 7.79 -35.43 -28.27
CA TYR J 262 6.89 -34.38 -27.81
C TYR J 262 5.78 -34.11 -28.82
N ALA J 263 5.27 -35.17 -29.46
CA ALA J 263 4.25 -34.98 -30.49
C ALA J 263 2.90 -34.66 -29.89
N GLY J 264 2.61 -35.18 -28.69
CA GLY J 264 1.30 -34.97 -28.09
C GLY J 264 1.02 -33.50 -27.84
N ASP J 265 2.00 -32.78 -27.31
CA ASP J 265 1.79 -31.36 -27.00
C ASP J 265 1.53 -30.56 -28.27
N LEU J 266 2.29 -30.82 -29.33
CA LEU J 266 2.09 -30.10 -30.59
C LEU J 266 0.72 -30.40 -31.18
N ALA J 267 0.31 -31.68 -31.14
CA ALA J 267 -1.00 -32.04 -31.65
C ALA J 267 -2.11 -31.37 -30.85
N LYS J 268 -1.94 -31.29 -29.54
CA LYS J 268 -2.94 -30.64 -28.69
C LYS J 268 -2.94 -29.12 -28.85
N LEU J 269 -1.82 -28.55 -29.31
CA LEU J 269 -1.70 -27.11 -29.50
C LEU J 269 -2.29 -26.65 -30.83
N SER J 270 -2.15 -27.47 -31.87
CA SER J 270 -2.65 -27.06 -33.18
C SER J 270 -4.16 -26.84 -33.18
N ALA J 271 -4.90 -27.74 -32.52
CA ALA J 271 -6.36 -27.59 -32.49
C ALA J 271 -6.79 -26.34 -31.74
N LEU J 272 -6.13 -26.05 -30.61
CA LEU J 272 -6.44 -24.83 -29.88
C LEU J 272 -6.14 -23.59 -30.72
N SER J 273 -5.05 -23.63 -31.48
CA SER J 273 -4.75 -22.52 -32.38
C SER J 273 -5.85 -22.35 -33.41
N GLU J 274 -6.35 -23.45 -33.97
CA GLU J 274 -7.43 -23.37 -34.94
C GLU J 274 -8.68 -22.75 -34.33
N ALA J 275 -9.03 -23.16 -33.11
CA ALA J 275 -10.20 -22.61 -32.44
C ALA J 275 -10.03 -21.12 -32.18
N LEU J 276 -8.83 -20.71 -31.76
CA LEU J 276 -8.57 -19.30 -31.54
C LEU J 276 -8.73 -18.51 -32.82
N ALA J 277 -8.24 -19.07 -33.94
CA ALA J 277 -8.41 -18.40 -35.22
C ALA J 277 -9.88 -18.26 -35.59
N LEU J 278 -10.67 -19.30 -35.33
CA LEU J 278 -12.10 -19.23 -35.63
C LEU J 278 -12.77 -18.11 -34.82
N TYR J 279 -12.48 -18.03 -33.53
CA TYR J 279 -13.05 -16.96 -32.71
C TYR J 279 -12.59 -15.58 -33.20
N GLU J 280 -11.31 -15.45 -33.53
CA GLU J 280 -10.82 -14.17 -34.02
C GLU J 280 -11.51 -13.75 -35.32
N ILE J 281 -11.78 -14.69 -36.22
CA ILE J 281 -12.55 -14.37 -37.42
C ILE J 281 -13.98 -13.99 -37.08
N GLU J 282 -14.60 -14.68 -36.12
CA GLU J 282 -15.95 -14.30 -35.69
C GLU J 282 -15.99 -12.91 -35.10
N ALA J 283 -14.88 -12.42 -34.54
CA ALA J 283 -14.87 -11.11 -33.91
C ALA J 283 -14.87 -9.96 -34.90
N CYS J 284 -15.07 -10.22 -36.19
CA CYS J 284 -15.03 -9.18 -37.22
C CYS J 284 -16.40 -8.87 -37.81
N ARG J 285 -17.48 -9.12 -37.06
CA ARG J 285 -18.81 -8.74 -37.49
C ARG J 285 -19.13 -7.36 -36.95
N VAL J 286 -19.37 -6.40 -37.84
CA VAL J 286 -19.70 -5.03 -37.48
C VAL J 286 -21.16 -4.81 -37.87
N LEU J 287 -22.05 -4.88 -36.89
CA LEU J 287 -23.47 -4.69 -37.10
C LEU J 287 -24.04 -3.76 -36.04
N HIS J 288 -25.10 -3.04 -36.41
CA HIS J 288 -25.85 -2.20 -35.49
C HIS J 288 -27.30 -2.63 -35.54
N MET J 289 -27.88 -2.91 -34.37
CA MET J 289 -29.21 -3.46 -34.27
C MET J 289 -30.18 -2.42 -33.73
N ALA J 290 -31.30 -2.24 -34.43
CA ALA J 290 -32.36 -1.35 -34.00
C ALA J 290 -33.35 -2.13 -33.13
N LYS J 291 -33.43 -1.77 -31.85
CA LYS J 291 -34.28 -2.50 -30.93
C LYS J 291 -35.74 -2.43 -31.38
N PRO J 292 -36.49 -3.53 -31.26
CA PRO J 292 -37.91 -3.48 -31.56
C PRO J 292 -38.74 -3.00 -30.38
N GLY J 293 -39.76 -2.20 -30.67
CA GLY J 293 -40.62 -1.65 -29.65
C GLY J 293 -40.18 -0.32 -29.10
N SER J 294 -39.21 0.34 -29.72
CA SER J 294 -38.70 1.62 -29.26
C SER J 294 -39.06 2.72 -30.24
N GLN J 295 -39.29 3.92 -29.71
CA GLN J 295 -39.57 5.08 -30.56
C GLN J 295 -38.28 5.67 -31.08
N ILE J 296 -38.10 5.62 -32.40
CA ILE J 296 -36.90 6.18 -33.03
C ILE J 296 -37.27 6.61 -34.45
N ASP J 297 -36.41 7.44 -35.04
CA ASP J 297 -36.55 7.87 -36.43
C ASP J 297 -35.31 7.41 -37.17
N VAL J 298 -35.36 6.19 -37.70
CA VAL J 298 -34.16 5.55 -38.23
C VAL J 298 -33.61 6.35 -39.41
N ASP J 299 -34.50 6.82 -40.29
CA ASP J 299 -34.05 7.53 -41.49
C ASP J 299 -33.25 8.77 -41.13
N SER J 300 -33.77 9.58 -40.21
CA SER J 300 -33.06 10.79 -39.82
C SER J 300 -31.73 10.47 -39.14
N MET J 301 -31.72 9.47 -38.26
CA MET J 301 -30.48 9.11 -37.58
C MET J 301 -29.42 8.64 -38.57
N ALA J 302 -29.84 7.93 -39.62
CA ALA J 302 -28.90 7.31 -40.53
C ALA J 302 -28.57 8.17 -41.75
N GLU J 303 -29.29 9.26 -41.99
CA GLU J 303 -29.10 10.04 -43.21
C GLU J 303 -28.82 11.52 -42.98
N ARG J 304 -28.84 12.00 -41.75
CA ARG J 304 -28.61 13.42 -41.48
C ARG J 304 -27.11 13.69 -41.31
N GLU J 305 -26.73 14.93 -41.56
CA GLU J 305 -25.35 15.36 -41.36
C GLU J 305 -25.04 15.45 -39.86
N SER J 306 -23.76 15.33 -39.54
CA SER J 306 -23.34 15.31 -38.14
C SER J 306 -23.57 16.68 -37.50
N GLY J 307 -24.23 16.68 -36.36
CA GLY J 307 -24.50 17.90 -35.63
C GLY J 307 -25.99 18.21 -35.52
N ALA J 308 -26.82 17.41 -36.17
CA ALA J 308 -28.24 17.68 -36.21
C ALA J 308 -28.92 17.21 -34.93
N TRP J 309 -30.15 17.70 -34.73
CA TRP J 309 -31.02 17.28 -33.64
C TRP J 309 -32.15 16.42 -34.18
N VAL J 310 -32.41 15.30 -33.50
CA VAL J 310 -33.40 14.32 -33.94
C VAL J 310 -34.26 13.95 -32.74
N ALA J 311 -35.45 13.43 -33.03
CA ALA J 311 -36.40 13.02 -32.01
C ALA J 311 -36.43 11.51 -31.91
N GLY J 312 -36.19 11.00 -30.71
CA GLY J 312 -36.19 9.57 -30.46
C GLY J 312 -35.38 9.25 -29.21
N ASP J 313 -35.52 8.01 -28.75
CA ASP J 313 -34.78 7.58 -27.58
C ASP J 313 -33.28 7.59 -27.86
N PRO J 314 -32.46 8.02 -26.91
CA PRO J 314 -31.01 8.05 -27.17
C PRO J 314 -30.34 6.69 -27.05
N ASN J 315 -31.14 5.63 -26.91
CA ASN J 315 -30.59 4.29 -26.74
C ASN J 315 -31.33 3.25 -27.59
N GLY J 316 -31.97 3.67 -28.68
CA GLY J 316 -32.73 2.74 -29.49
C GLY J 316 -31.89 1.87 -30.40
N VAL J 317 -30.62 2.20 -30.59
CA VAL J 317 -29.72 1.46 -31.45
C VAL J 317 -28.50 1.05 -30.65
N ALA J 318 -28.12 -0.22 -30.76
CA ALA J 318 -26.99 -0.77 -30.01
C ALA J 318 -26.12 -1.60 -30.94
N ALA J 319 -24.86 -1.74 -30.56
CA ALA J 319 -23.91 -2.48 -31.37
C ALA J 319 -24.02 -3.99 -31.08
N TYR J 320 -23.85 -4.78 -32.14
CA TYR J 320 -23.93 -6.22 -32.03
C TYR J 320 -22.93 -6.75 -31.01
N GLU J 321 -23.38 -7.67 -30.16
CA GLU J 321 -22.55 -8.21 -29.09
C GLU J 321 -22.82 -9.70 -28.96
N ALA J 322 -21.78 -10.51 -29.07
CA ALA J 322 -21.91 -11.96 -28.95
C ALA J 322 -21.14 -12.53 -27.75
N GLY J 323 -20.28 -11.76 -27.11
CA GLY J 323 -19.55 -12.24 -25.96
C GLY J 323 -18.41 -13.18 -26.27
N ASP J 324 -17.76 -13.01 -27.43
CA ASP J 324 -16.67 -13.89 -27.84
C ASP J 324 -15.29 -13.37 -27.45
N TYR J 325 -15.21 -12.22 -26.78
CA TYR J 325 -13.91 -11.70 -26.36
C TYR J 325 -13.35 -12.49 -25.18
N ASN J 326 -14.22 -12.84 -24.23
CA ASN J 326 -13.78 -13.62 -23.07
C ASN J 326 -13.20 -14.96 -23.50
N LYS J 327 -13.79 -15.57 -24.53
CA LYS J 327 -13.26 -16.85 -25.01
C LYS J 327 -11.87 -16.70 -25.59
N ILE J 328 -11.61 -15.61 -26.31
CA ILE J 328 -10.26 -15.34 -26.81
C ILE J 328 -9.29 -15.19 -25.64
N ILE J 329 -9.70 -14.42 -24.63
CA ILE J 329 -8.84 -14.21 -23.46
C ILE J 329 -8.52 -15.54 -22.80
N ALA J 330 -9.51 -16.42 -22.69
CA ALA J 330 -9.30 -17.71 -22.05
C ALA J 330 -8.37 -18.59 -22.87
N LEU J 331 -8.62 -18.69 -24.17
CA LEU J 331 -7.81 -19.57 -25.02
C LEU J 331 -6.36 -19.13 -25.06
N THR J 332 -6.11 -17.81 -25.10
CA THR J 332 -4.74 -17.33 -25.15
C THR J 332 -3.94 -17.81 -23.95
N GLN J 333 -4.52 -17.76 -22.75
CA GLN J 333 -3.80 -18.16 -21.55
C GLN J 333 -3.43 -19.63 -21.58
N GLU J 334 -4.37 -20.50 -22.00
CA GLU J 334 -4.06 -21.93 -22.08
C GLU J 334 -2.95 -22.20 -23.08
N ILE J 335 -3.02 -21.56 -24.26
CA ILE J 335 -1.99 -21.77 -25.27
C ILE J 335 -0.64 -21.31 -24.73
N GLN J 336 -0.62 -20.15 -24.08
CA GLN J 336 0.63 -19.63 -23.53
C GLN J 336 1.19 -20.56 -22.46
N SER J 337 0.32 -21.13 -21.61
CA SER J 337 0.79 -22.03 -20.58
C SER J 337 1.43 -23.28 -21.18
N ILE J 338 0.79 -23.86 -22.20
CA ILE J 338 1.38 -25.05 -22.83
C ILE J 338 2.71 -24.69 -23.48
N ALA J 339 2.75 -23.56 -24.18
CA ALA J 339 3.99 -23.16 -24.85
C ALA J 339 5.11 -22.97 -23.84
N ALA J 340 4.82 -22.33 -22.71
CA ALA J 340 5.83 -22.13 -21.67
C ALA J 340 6.28 -23.46 -21.10
N ARG J 341 5.35 -24.39 -20.90
CA ARG J 341 5.73 -25.70 -20.37
C ARG J 341 6.63 -26.46 -21.33
N LEU J 342 6.48 -26.24 -22.65
CA LEU J 342 7.37 -26.90 -23.60
C LEU J 342 8.74 -26.25 -23.71
N ALA J 343 8.92 -25.06 -23.13
CA ALA J 343 10.14 -24.29 -23.38
C ALA J 343 11.41 -25.01 -22.92
N PRO J 344 11.48 -25.57 -21.71
CA PRO J 344 12.78 -26.09 -21.23
C PRO J 344 13.36 -27.18 -22.12
N ALA J 345 12.52 -28.04 -22.70
CA ALA J 345 13.03 -29.20 -23.44
C ALA J 345 13.87 -28.78 -24.65
N PHE J 346 13.57 -27.62 -25.24
CA PHE J 346 14.25 -27.17 -26.44
C PHE J 346 15.30 -26.10 -26.16
N MET J 347 15.65 -25.87 -24.90
CA MET J 347 16.64 -24.87 -24.52
C MET J 347 16.26 -23.48 -25.04
N TYR J 348 15.06 -23.05 -24.67
CA TYR J 348 14.55 -21.73 -25.04
C TYR J 348 14.57 -20.85 -23.79
N ALA J 349 15.11 -19.66 -23.91
CA ALA J 349 15.21 -18.73 -22.80
C ALA J 349 15.18 -17.29 -23.30
N THR J 359 36.33 -16.27 -23.83
CA THR J 359 37.26 -17.21 -23.20
C THR J 359 36.74 -18.64 -23.33
N ALA J 360 37.66 -19.60 -23.29
CA ALA J 360 37.28 -21.00 -23.44
C ALA J 360 36.35 -21.48 -22.33
N GLU J 361 36.39 -20.83 -21.16
CA GLU J 361 35.50 -21.22 -20.07
C GLU J 361 34.04 -20.98 -20.40
N GLU J 362 33.73 -19.92 -21.16
CA GLU J 362 32.36 -19.70 -21.58
C GLU J 362 31.86 -20.87 -22.44
N ILE J 363 32.70 -21.34 -23.37
CA ILE J 363 32.32 -22.48 -24.19
C ILE J 363 32.20 -23.73 -23.32
N ARG J 364 33.10 -23.90 -22.35
CA ARG J 364 32.99 -25.04 -21.43
C ARG J 364 31.62 -25.05 -20.76
N GLN J 365 31.23 -23.93 -20.15
CA GLN J 365 29.98 -23.87 -19.42
C GLN J 365 28.78 -24.04 -20.36
N ASN J 366 28.84 -23.44 -21.55
CA ASN J 366 27.74 -23.58 -22.50
C ASN J 366 27.56 -25.03 -22.92
N ALA J 367 28.68 -25.72 -23.19
CA ALA J 367 28.59 -27.13 -23.55
C ALA J 367 28.07 -27.97 -22.40
N GLU J 368 28.49 -27.68 -21.17
CA GLU J 368 28.00 -28.43 -20.02
C GLU J 368 26.50 -28.23 -19.85
N GLU J 369 26.01 -27.01 -20.01
CA GLU J 369 24.59 -26.76 -19.88
C GLU J 369 23.80 -27.40 -21.02
N ALA J 370 24.40 -27.45 -22.22
CA ALA J 370 23.77 -28.18 -23.31
C ALA J 370 23.69 -29.66 -23.00
N GLU J 371 24.74 -30.22 -22.41
CA GLU J 371 24.68 -31.59 -21.92
C GLU J 371 23.52 -31.78 -20.96
N LEU J 372 23.37 -30.86 -20.01
CA LEU J 372 22.30 -31.00 -19.01
C LEU J 372 20.93 -30.93 -19.66
N ALA J 373 20.74 -29.99 -20.58
CA ALA J 373 19.42 -29.81 -21.19
C ALA J 373 19.07 -30.98 -22.10
N LEU J 374 19.98 -31.35 -23.01
CA LEU J 374 19.65 -32.35 -24.02
C LEU J 374 19.38 -33.71 -23.38
N GLY J 375 20.18 -34.10 -22.41
CA GLY J 375 20.04 -35.38 -21.75
C GLY J 375 21.06 -36.43 -22.13
N GLY J 376 22.08 -36.08 -22.91
CA GLY J 376 23.14 -37.01 -23.25
C GLY J 376 23.31 -37.25 -24.74
N VAL J 377 22.78 -36.34 -25.57
CA VAL J 377 22.95 -36.45 -27.01
C VAL J 377 24.13 -35.61 -27.53
N TYR J 378 24.49 -34.53 -26.84
CA TYR J 378 25.68 -33.77 -27.24
C TYR J 378 26.88 -34.69 -27.37
N SER J 379 27.05 -35.61 -26.42
CA SER J 379 28.13 -36.57 -26.49
C SER J 379 27.99 -37.49 -27.70
N VAL J 380 26.77 -37.93 -28.02
CA VAL J 380 26.58 -38.81 -29.17
C VAL J 380 26.93 -38.08 -30.46
N ILE J 381 26.46 -36.83 -30.60
CA ILE J 381 26.77 -36.05 -31.79
C ILE J 381 28.27 -35.84 -31.91
N ALA J 382 28.92 -35.48 -30.79
CA ALA J 382 30.36 -35.29 -30.82
C ALA J 382 31.08 -36.58 -31.24
N ASP J 383 30.67 -37.71 -30.67
CA ASP J 383 31.31 -38.97 -31.01
C ASP J 383 31.14 -39.31 -32.48
N THR J 384 29.95 -39.09 -33.03
CA THR J 384 29.66 -39.52 -34.39
C THR J 384 30.12 -38.52 -35.45
N LEU J 385 30.50 -37.30 -35.08
CA LEU J 385 30.97 -36.32 -36.06
C LEU J 385 32.43 -35.93 -35.91
N HIS J 386 32.94 -35.82 -34.68
CA HIS J 386 34.26 -35.24 -34.48
C HIS J 386 35.36 -36.19 -34.96
N ILE J 387 35.20 -37.50 -34.73
CA ILE J 387 36.30 -38.44 -34.99
C ILE J 387 36.69 -38.47 -36.46
N PRO J 388 35.77 -38.61 -37.42
CA PRO J 388 36.21 -38.71 -38.81
C PRO J 388 36.64 -37.37 -39.41
N LEU J 389 35.96 -36.29 -39.03
CA LEU J 389 36.34 -34.98 -39.57
C LEU J 389 37.75 -34.60 -39.16
N ALA J 390 38.16 -34.92 -37.93
CA ALA J 390 39.53 -34.65 -37.51
C ALA J 390 40.53 -35.34 -38.42
N HIS J 391 40.32 -36.64 -38.69
CA HIS J 391 41.22 -37.37 -39.57
C HIS J 391 41.23 -36.76 -40.96
N ILE J 392 40.06 -36.42 -41.50
CA ILE J 392 40.00 -35.89 -42.86
C ILE J 392 40.75 -34.57 -42.94
N LEU J 393 40.52 -33.66 -41.99
CA LEU J 393 41.21 -32.37 -42.03
C LEU J 393 42.71 -32.52 -41.83
N CYS J 394 43.13 -33.40 -40.91
CA CYS J 394 44.56 -33.61 -40.72
C CYS J 394 45.20 -34.17 -41.98
N TRP J 395 44.53 -35.11 -42.65
CA TRP J 395 45.04 -35.60 -43.92
C TRP J 395 45.13 -34.49 -44.96
N GLU J 396 44.14 -33.61 -45.00
CA GLU J 396 44.19 -32.48 -45.92
C GLU J 396 45.39 -31.57 -45.64
N VAL J 397 45.70 -31.33 -44.37
CA VAL J 397 46.80 -30.44 -44.03
C VAL J 397 48.16 -31.12 -44.12
N ASN J 398 48.24 -32.44 -43.94
CA ASN J 398 49.52 -33.14 -43.99
C ASN J 398 49.24 -34.58 -44.42
N GLN J 399 49.51 -34.88 -45.70
CA GLN J 399 49.21 -36.21 -46.23
C GLN J 399 50.23 -37.25 -45.76
N GLN J 400 51.51 -36.88 -45.74
CA GLN J 400 52.56 -37.86 -45.48
C GLN J 400 52.43 -38.46 -44.09
N PHE J 401 52.18 -37.61 -43.08
CA PHE J 401 52.13 -38.09 -41.70
C PHE J 401 51.02 -39.11 -41.52
N ILE J 402 49.84 -38.84 -42.09
CA ILE J 402 48.72 -39.77 -41.94
C ILE J 402 48.94 -41.03 -42.77
N ASN J 403 49.56 -40.91 -43.95
CA ASN J 403 49.79 -42.09 -44.79
C ASN J 403 50.67 -43.11 -44.06
N GLU J 404 51.72 -42.64 -43.39
CA GLU J 404 52.57 -43.56 -42.65
C GLU J 404 51.82 -44.26 -41.54
N LEU J 405 50.97 -43.54 -40.82
CA LEU J 405 50.23 -44.14 -39.70
C LEU J 405 49.24 -45.19 -40.17
N LEU J 406 48.54 -44.94 -41.28
CA LEU J 406 47.51 -45.86 -41.76
C LEU J 406 48.10 -47.12 -42.38
N SER J 407 49.24 -47.01 -43.05
CA SER J 407 49.84 -48.17 -43.69
C SER J 407 50.23 -49.23 -42.66
N ASN J 408 50.80 -48.79 -41.54
CA ASN J 408 51.21 -49.75 -40.52
C ASN J 408 50.01 -50.38 -39.82
N GLY J 409 48.93 -49.62 -39.63
CA GLY J 409 47.71 -50.11 -39.01
C GLY J 409 47.22 -49.26 -37.85
N LEU J 410 48.15 -48.72 -37.07
CA LEU J 410 47.76 -47.90 -35.93
C LEU J 410 47.09 -46.61 -36.40
N THR J 411 46.29 -46.03 -35.51
CA THR J 411 45.48 -44.86 -35.83
C THR J 411 45.64 -43.80 -34.74
N LEU J 412 45.35 -42.56 -35.10
CA LEU J 412 45.45 -41.44 -34.17
C LEU J 412 44.44 -41.58 -33.04
N SER J 413 44.81 -41.08 -31.87
CA SER J 413 43.92 -41.04 -30.72
C SER J 413 43.38 -39.63 -30.55
N VAL J 414 42.06 -39.51 -30.40
CA VAL J 414 41.39 -38.22 -30.30
C VAL J 414 40.42 -38.26 -29.11
N LEU J 415 40.35 -37.16 -28.39
CA LEU J 415 39.48 -37.03 -27.22
C LEU J 415 38.29 -36.17 -27.56
N THR J 416 37.10 -36.63 -27.17
CA THR J 416 35.86 -35.90 -27.44
C THR J 416 34.87 -36.19 -26.31
N GLY J 417 33.67 -35.65 -26.46
CA GLY J 417 32.66 -35.78 -25.43
C GLY J 417 32.89 -34.84 -24.27
N VAL J 418 32.79 -33.54 -24.54
CA VAL J 418 33.14 -32.49 -23.59
C VAL J 418 34.42 -32.87 -22.86
N ALA J 419 35.40 -33.38 -23.62
CA ALA J 419 36.69 -33.74 -23.02
C ALA J 419 37.85 -33.31 -23.90
N ALA J 420 37.70 -32.26 -24.71
CA ALA J 420 38.76 -31.74 -25.57
C ALA J 420 39.50 -30.61 -24.90
N LEU J 421 39.61 -30.66 -23.57
CA LEU J 421 40.25 -29.62 -22.78
C LEU J 421 41.72 -29.92 -22.51
N SER J 422 42.32 -30.87 -23.24
CA SER J 422 43.69 -31.26 -22.99
C SER J 422 44.63 -30.05 -23.06
N ARG J 423 44.51 -29.25 -24.12
CA ARG J 423 45.36 -28.08 -24.31
C ARG J 423 44.54 -26.79 -24.23
N SER J 424 43.42 -26.83 -23.51
CA SER J 424 42.50 -25.70 -23.47
C SER J 424 42.63 -24.89 -22.19
N THR J 425 42.56 -25.56 -21.04
CA THR J 425 42.48 -24.88 -19.75
C THR J 425 43.49 -25.46 -18.77
N ASP J 426 44.73 -25.64 -19.24
CA ASP J 426 45.81 -26.05 -18.34
C ASP J 426 46.47 -24.84 -17.69
N VAL J 427 46.38 -23.66 -18.33
CA VAL J 427 47.00 -22.46 -17.78
C VAL J 427 46.33 -22.06 -16.47
N ASN J 428 45.04 -22.38 -16.30
CA ASN J 428 44.35 -22.06 -15.06
C ASN J 428 44.94 -22.84 -13.90
N LYS J 429 45.30 -24.10 -14.13
CA LYS J 429 45.90 -24.94 -13.10
C LYS J 429 47.33 -24.55 -12.79
N LEU J 430 48.00 -23.82 -13.68
CA LEU J 430 49.33 -23.28 -13.44
C LEU J 430 49.29 -21.95 -12.71
N ILE J 431 48.30 -21.11 -13.01
CA ILE J 431 48.18 -19.82 -12.33
C ILE J 431 47.93 -20.05 -10.84
N GLN J 432 47.07 -21.01 -10.51
CA GLN J 432 46.77 -21.29 -9.11
C GLN J 432 48.02 -21.78 -8.38
N ALA J 433 48.78 -22.68 -9.01
CA ALA J 433 50.02 -23.15 -8.40
C ALA J 433 50.99 -22.01 -8.18
N ALA J 434 51.12 -21.12 -9.16
CA ALA J 434 52.00 -19.97 -9.01
C ALA J 434 51.56 -19.08 -7.86
N GLN J 435 50.24 -18.85 -7.74
CA GLN J 435 49.74 -18.02 -6.65
C GLN J 435 50.03 -18.63 -5.29
N SER J 436 49.82 -19.94 -5.15
CA SER J 436 50.10 -20.61 -3.88
C SER J 436 51.58 -20.64 -3.55
N LEU J 437 52.44 -20.88 -4.56
CA LEU J 437 53.88 -20.90 -4.36
C LEU J 437 54.42 -19.54 -3.93
N SER J 438 53.71 -18.45 -4.24
CA SER J 438 54.12 -17.12 -3.80
C SER J 438 53.72 -16.84 -2.36
N VAL J 439 52.90 -17.71 -1.77
CA VAL J 439 52.52 -17.56 -0.37
C VAL J 439 53.22 -18.57 0.53
N ILE J 440 53.56 -19.75 0.01
CA ILE J 440 54.17 -20.78 0.86
C ILE J 440 55.68 -20.63 0.95
N LEU J 441 56.35 -20.23 -0.14
CA LEU J 441 57.81 -20.18 -0.15
C LEU J 441 58.36 -19.00 0.63
N PRO J 442 57.72 -17.84 0.60
CA PRO J 442 58.24 -16.74 1.45
C PRO J 442 58.39 -17.15 2.91
N VAL J 443 57.44 -17.95 3.42
CA VAL J 443 57.65 -18.62 4.69
C VAL J 443 58.48 -19.88 4.44
N PHE J 444 59.11 -20.39 5.50
CA PHE J 444 60.00 -21.55 5.47
C PHE J 444 61.36 -21.18 4.89
N GLN J 445 61.59 -19.92 4.52
CA GLN J 445 62.88 -19.52 4.00
C GLN J 445 63.96 -19.52 5.08
N ASN J 446 63.57 -19.21 6.32
CA ASN J 446 64.51 -19.18 7.43
C ASN J 446 64.73 -20.57 8.04
N THR J 447 63.68 -21.38 8.11
CA THR J 447 63.82 -22.70 8.69
C THR J 447 64.60 -23.61 7.74
N PRO J 448 65.74 -24.17 8.17
CA PRO J 448 66.52 -25.05 7.28
C PRO J 448 66.13 -26.52 7.33
N ARG J 449 65.10 -26.89 8.09
CA ARG J 449 64.70 -28.28 8.23
C ARG J 449 63.73 -28.73 7.14
N VAL J 450 63.13 -27.80 6.41
CA VAL J 450 62.13 -28.10 5.39
C VAL J 450 62.79 -27.89 4.03
N ASP J 451 62.76 -28.92 3.19
CA ASP J 451 63.38 -28.82 1.87
C ASP J 451 62.41 -28.18 0.88
N PRO J 452 62.81 -27.09 0.22
CA PRO J 452 61.91 -26.47 -0.77
C PRO J 452 61.56 -27.38 -1.93
N GLU J 453 62.46 -28.26 -2.36
CA GLU J 453 62.19 -29.14 -3.48
C GLU J 453 61.00 -30.06 -3.22
N LYS J 454 60.88 -30.61 -2.02
CA LYS J 454 59.72 -31.44 -1.69
C LYS J 454 58.42 -30.67 -1.69
N ILE J 455 58.42 -29.43 -1.18
CA ILE J 455 57.22 -28.60 -1.28
C ILE J 455 56.86 -28.36 -2.73
N LEU J 456 57.85 -28.06 -3.56
CA LEU J 456 57.58 -27.85 -4.98
C LEU J 456 56.96 -29.09 -5.62
N ASP J 457 57.56 -30.24 -5.38
CA ASP J 457 57.12 -31.50 -5.96
C ASP J 457 55.75 -31.94 -5.44
N MET J 458 55.38 -31.53 -4.23
CA MET J 458 54.05 -31.80 -3.72
C MET J 458 53.00 -30.86 -4.30
N VAL J 459 53.28 -29.55 -4.32
CA VAL J 459 52.31 -28.60 -4.84
C VAL J 459 52.05 -28.82 -6.32
N LEU J 460 53.11 -29.05 -7.11
CA LEU J 460 52.92 -29.23 -8.54
C LEU J 460 52.07 -30.45 -8.84
N THR J 461 52.38 -31.58 -8.21
CA THR J 461 51.61 -32.80 -8.47
C THR J 461 50.21 -32.72 -7.88
N GLY J 462 50.02 -31.89 -6.85
CA GLY J 462 48.70 -31.78 -6.26
C GLY J 462 47.66 -31.27 -7.23
N PHE J 463 48.03 -30.28 -8.04
CA PHE J 463 47.10 -29.66 -8.98
C PHE J 463 46.96 -30.46 -10.27
N GLY J 464 47.79 -31.47 -10.47
CA GLY J 464 47.67 -32.29 -11.67
C GLY J 464 48.52 -31.83 -12.84
N ILE J 465 49.79 -31.53 -12.60
CA ILE J 465 50.72 -31.14 -13.64
C ILE J 465 51.84 -32.17 -13.74
N ASN J 466 52.07 -32.69 -14.93
CA ASN J 466 53.17 -33.63 -15.16
C ASN J 466 54.48 -32.86 -15.10
N THR J 467 55.26 -33.09 -14.04
CA THR J 467 56.49 -32.35 -13.83
C THR J 467 57.52 -32.57 -14.94
N LYS J 468 57.39 -33.64 -15.72
CA LYS J 468 58.37 -33.95 -16.75
C LYS J 468 58.39 -32.91 -17.87
N ASP J 469 57.38 -32.06 -17.96
CA ASP J 469 57.33 -31.03 -19.00
C ASP J 469 57.84 -29.67 -18.52
N LEU J 470 58.29 -29.57 -17.27
CA LEU J 470 58.80 -28.32 -16.72
C LEU J 470 60.21 -28.44 -16.19
N TYR J 471 60.55 -29.54 -15.53
CA TYR J 471 61.84 -29.67 -14.89
C TYR J 471 62.96 -29.73 -15.92
N ARG J 472 64.13 -29.20 -15.54
CA ARG J 472 65.31 -29.25 -16.40
C ARG J 472 66.00 -30.59 -16.28
N THR J 473 66.70 -30.98 -17.34
CA THR J 473 67.45 -32.22 -17.34
C THR J 473 68.81 -32.03 -16.66
N GLU J 474 69.48 -33.14 -16.37
CA GLU J 474 70.76 -33.09 -15.68
C GLU J 474 71.80 -32.34 -16.51
N GLU J 475 71.83 -32.59 -17.82
CA GLU J 475 72.80 -31.93 -18.68
C GLU J 475 72.64 -30.42 -18.65
N GLN J 476 71.40 -29.93 -18.71
CA GLN J 476 71.17 -28.50 -18.69
C GLN J 476 71.64 -27.89 -17.37
N LEU J 477 71.37 -28.58 -16.26
CA LEU J 477 71.82 -28.08 -14.97
C LEU J 477 73.35 -28.03 -14.90
N GLN J 478 74.01 -29.08 -15.42
CA GLN J 478 75.47 -29.08 -15.42
C GLN J 478 76.01 -27.93 -16.26
N ALA J 479 75.41 -27.70 -17.43
CA ALA J 479 75.86 -26.60 -18.28
C ALA J 479 75.68 -25.25 -17.60
N LEU J 480 74.52 -25.07 -16.95
CA LEU J 480 74.28 -23.81 -16.25
C LEU J 480 75.28 -23.61 -15.12
N GLN J 481 75.57 -24.66 -14.36
CA GLN J 481 76.56 -24.56 -13.29
C GLN J 481 77.94 -24.23 -13.84
N ALA J 482 78.32 -24.86 -14.96
CA ALA J 482 79.62 -24.58 -15.56
C ALA J 482 79.70 -23.13 -16.05
N ALA J 483 78.62 -22.61 -16.62
CA ALA J 483 78.58 -21.24 -17.13
C ALA J 483 78.49 -20.29 -15.95
N GLN J 484 79.62 -20.10 -15.28
CA GLN J 484 79.70 -19.21 -14.13
C GLN J 484 81.09 -18.64 -13.97
N THR K 7 25.69 -75.58 -25.86
CA THR K 7 24.25 -75.45 -25.48
C THR K 7 24.04 -74.29 -24.52
N TYR K 8 24.74 -73.18 -24.76
CA TYR K 8 24.61 -72.03 -23.89
C TYR K 8 23.22 -71.43 -23.93
N GLU K 9 22.41 -71.75 -24.94
CA GLU K 9 21.03 -71.28 -24.96
C GLU K 9 20.25 -71.83 -23.78
N SER K 10 20.51 -73.08 -23.40
CA SER K 10 19.84 -73.66 -22.25
C SER K 10 20.15 -72.87 -20.98
N LEU K 11 21.43 -72.55 -20.74
CA LEU K 11 21.78 -71.76 -19.57
C LEU K 11 21.15 -70.38 -19.64
N TYR K 12 21.21 -69.75 -20.82
CA TYR K 12 20.64 -68.41 -20.96
C TYR K 12 19.16 -68.41 -20.60
N THR K 13 18.41 -69.41 -21.06
CA THR K 13 17.00 -69.48 -20.72
C THR K 13 16.79 -69.83 -19.26
N LYS K 14 17.67 -70.67 -18.70
CA LYS K 14 17.52 -71.10 -17.32
C LYS K 14 17.68 -69.95 -16.34
N TYR K 15 18.64 -69.07 -16.59
CA TYR K 15 19.01 -68.04 -15.62
C TYR K 15 18.14 -66.79 -15.68
N ARG K 16 17.11 -66.76 -16.53
CA ARG K 16 16.26 -65.58 -16.63
C ARG K 16 15.25 -65.54 -15.50
N ASP K 17 14.72 -64.33 -15.25
CA ASP K 17 13.69 -64.09 -14.25
C ASP K 17 12.57 -63.34 -14.96
N ASP K 18 11.50 -64.06 -15.30
CA ASP K 18 10.43 -63.46 -16.10
C ASP K 18 9.64 -62.42 -15.31
N SER K 19 9.49 -62.63 -14.01
CA SER K 19 8.69 -61.70 -13.21
C SER K 19 9.27 -60.30 -13.23
N ALA K 20 10.58 -60.18 -13.01
CA ALA K 20 11.22 -58.86 -13.02
C ALA K 20 11.11 -58.23 -14.40
N ILE K 21 11.34 -59.01 -15.46
CA ILE K 21 11.29 -58.47 -16.81
C ILE K 21 9.91 -57.94 -17.13
N LEU K 22 8.86 -58.66 -16.74
CA LEU K 22 7.50 -58.21 -16.99
C LEU K 22 7.13 -57.00 -16.13
N LYS K 23 7.59 -56.95 -14.88
CA LYS K 23 7.26 -55.82 -14.03
C LYS K 23 7.98 -54.53 -14.47
N THR K 24 9.21 -54.64 -14.94
CA THR K 24 9.99 -53.46 -15.28
C THR K 24 9.53 -52.77 -16.56
N GLU K 25 8.43 -53.24 -17.17
CA GLU K 25 7.93 -52.58 -18.37
C GLU K 25 7.24 -51.27 -18.04
N ASP K 26 6.46 -51.24 -16.96
CA ASP K 26 5.73 -50.02 -16.59
C ASP K 26 6.69 -48.89 -16.24
N TYR K 27 7.76 -49.21 -15.52
CA TYR K 27 8.70 -48.17 -15.12
C TYR K 27 9.29 -47.47 -16.34
N ALA K 28 9.69 -48.25 -17.35
CA ALA K 28 10.17 -47.67 -18.59
C ALA K 28 9.06 -46.91 -19.30
N HIS K 29 7.85 -47.46 -19.30
CA HIS K 29 6.73 -46.81 -19.98
C HIS K 29 6.38 -45.45 -19.41
N TRP K 30 6.65 -45.22 -18.12
CA TRP K 30 6.35 -43.94 -17.51
C TRP K 30 7.43 -42.89 -17.74
N THR K 31 8.66 -43.30 -18.03
CA THR K 31 9.78 -42.36 -18.14
C THR K 31 10.37 -42.30 -19.54
N LEU K 32 10.84 -43.41 -20.09
CA LEU K 32 11.55 -43.41 -21.37
C LEU K 32 11.38 -44.77 -22.03
N PRO K 33 10.31 -44.95 -22.82
CA PRO K 33 10.06 -46.27 -23.41
C PRO K 33 11.17 -46.79 -24.30
N THR K 34 11.85 -45.91 -25.04
CA THR K 34 12.80 -46.36 -26.05
C THR K 34 14.06 -46.99 -25.48
N VAL K 35 14.31 -46.83 -24.17
CA VAL K 35 15.50 -47.42 -23.56
C VAL K 35 15.35 -48.90 -23.27
N TYR K 36 14.11 -49.41 -23.24
CA TYR K 36 13.83 -50.77 -22.81
C TYR K 36 13.12 -51.57 -23.91
N ALA K 37 13.37 -51.25 -25.17
CA ALA K 37 12.69 -51.93 -26.26
C ALA K 37 13.25 -53.33 -26.47
N ASP K 38 12.36 -54.27 -26.80
CA ASP K 38 12.77 -55.66 -27.00
C ASP K 38 13.46 -55.81 -28.35
N PRO K 39 14.69 -56.33 -28.39
CA PRO K 39 15.39 -56.48 -29.68
C PRO K 39 14.95 -57.69 -30.49
N ASP K 40 14.14 -58.59 -29.92
CA ASP K 40 13.78 -59.83 -30.59
C ASP K 40 12.49 -59.71 -31.40
N LEU K 41 11.80 -58.57 -31.35
CA LEU K 41 10.60 -58.35 -32.14
C LEU K 41 10.85 -57.53 -33.38
N ARG K 42 12.11 -57.20 -33.68
CA ARG K 42 12.44 -56.35 -34.81
C ARG K 42 13.59 -56.99 -35.59
N GLU K 43 13.57 -56.77 -36.91
CA GLU K 43 14.58 -57.33 -37.81
C GLU K 43 15.13 -56.26 -38.74
N GLY K 44 15.21 -55.01 -38.28
CA GLY K 44 15.72 -53.93 -39.08
C GLY K 44 14.67 -52.95 -39.59
N LYS K 45 13.46 -52.98 -39.04
CA LYS K 45 12.41 -52.06 -39.44
C LYS K 45 11.74 -51.51 -38.20
N ARG K 46 11.16 -50.32 -38.33
CA ARG K 46 10.55 -49.65 -37.19
C ARG K 46 9.29 -50.37 -36.74
N VAL K 47 9.16 -50.58 -35.43
CA VAL K 47 7.92 -51.01 -34.79
C VAL K 47 7.57 -49.96 -33.75
N ASN K 48 6.34 -49.44 -33.83
CA ASN K 48 5.99 -48.24 -33.07
C ASN K 48 6.07 -48.49 -31.57
N VAL K 49 6.44 -47.44 -30.84
CA VAL K 49 6.50 -47.44 -29.39
C VAL K 49 5.58 -46.34 -28.87
N ARG K 50 4.70 -46.71 -27.94
CA ARG K 50 3.71 -45.77 -27.45
C ARG K 50 4.27 -44.91 -26.31
N ARG K 51 3.68 -43.74 -26.14
CA ARG K 51 4.09 -42.77 -25.13
C ARG K 51 2.96 -42.56 -24.13
N ASP K 52 3.25 -41.76 -23.10
CA ASP K 52 2.32 -41.53 -22.00
C ASP K 52 1.80 -40.09 -22.05
N TYR K 53 0.75 -39.85 -21.26
CA TYR K 53 0.11 -38.54 -21.25
C TYR K 53 0.92 -37.47 -20.56
N GLN K 54 1.98 -37.84 -19.83
CA GLN K 54 2.78 -36.90 -19.07
C GLN K 54 4.26 -37.08 -19.40
N SER K 55 4.99 -35.96 -19.36
CA SER K 55 6.41 -35.94 -19.68
C SER K 55 7.31 -35.50 -18.54
N VAL K 56 6.81 -35.50 -17.30
CA VAL K 56 7.64 -35.08 -16.17
C VAL K 56 8.76 -36.08 -15.93
N GLY K 57 8.43 -37.37 -15.94
CA GLY K 57 9.45 -38.38 -15.66
C GLY K 57 10.60 -38.33 -16.64
N ALA K 58 10.30 -38.10 -17.92
CA ALA K 58 11.36 -38.04 -18.91
C ALA K 58 12.34 -36.92 -18.62
N VAL K 59 11.83 -35.73 -18.32
CA VAL K 59 12.69 -34.59 -18.04
C VAL K 59 13.52 -34.86 -16.79
N TYR K 60 12.88 -35.37 -15.73
CA TYR K 60 13.61 -35.62 -14.49
C TYR K 60 14.71 -36.63 -14.71
N VAL K 61 14.42 -37.72 -15.41
CA VAL K 61 15.42 -38.77 -15.63
C VAL K 61 16.56 -38.25 -16.48
N ASN K 62 16.24 -37.51 -17.55
CA ASN K 62 17.28 -36.95 -18.39
C ASN K 62 18.21 -36.06 -17.57
N THR K 63 17.63 -35.15 -16.78
CA THR K 63 18.45 -34.23 -15.99
C THR K 63 19.34 -34.99 -15.02
N LEU K 64 18.77 -35.95 -14.29
CA LEU K 64 19.55 -36.67 -13.29
C LEU K 64 20.67 -37.48 -13.94
N SER K 65 20.36 -38.16 -15.04
CA SER K 65 21.38 -38.97 -15.72
C SER K 65 22.50 -38.11 -16.26
N ALA K 66 22.17 -36.96 -16.85
CA ALA K 66 23.20 -36.06 -17.34
C ALA K 66 24.05 -35.51 -16.20
N LYS K 67 23.41 -35.18 -15.08
CA LYS K 67 24.15 -34.56 -13.97
C LYS K 67 25.07 -35.57 -13.29
N LEU K 68 24.63 -36.82 -13.16
CA LEU K 68 25.44 -37.81 -12.46
C LEU K 68 26.79 -38.05 -13.13
N ALA K 69 26.86 -37.93 -14.46
CA ALA K 69 28.11 -38.25 -15.17
C ALA K 69 29.22 -37.27 -14.79
N GLN K 70 28.87 -35.98 -14.65
CA GLN K 70 29.88 -34.99 -14.34
C GLN K 70 30.48 -35.20 -12.96
N VAL K 71 29.66 -35.62 -11.99
CA VAL K 71 30.14 -35.79 -10.62
C VAL K 71 31.06 -36.99 -10.52
N LEU K 72 30.69 -38.12 -11.12
CA LEU K 72 31.46 -39.35 -11.02
C LEU K 72 32.74 -39.32 -11.84
N PHE K 73 32.71 -38.71 -13.03
CA PHE K 73 33.83 -38.73 -13.96
C PHE K 73 34.19 -37.30 -14.35
N PRO K 74 34.83 -36.55 -13.45
CA PRO K 74 35.26 -35.20 -13.81
C PRO K 74 36.29 -35.23 -14.91
N ALA K 75 36.31 -34.17 -15.72
CA ALA K 75 37.12 -34.12 -16.93
C ALA K 75 38.49 -33.49 -16.71
N ASN K 76 38.82 -33.06 -15.49
CA ASN K 76 40.07 -32.34 -15.26
C ASN K 76 40.76 -32.82 -13.98
N GLN K 77 40.53 -34.07 -13.61
CA GLN K 77 41.23 -34.66 -12.48
C GLN K 77 40.84 -36.14 -12.38
N ALA K 78 41.75 -36.93 -11.80
CA ALA K 78 41.49 -38.35 -11.64
C ALA K 78 40.37 -38.60 -10.64
N PHE K 79 39.67 -39.72 -10.83
CA PHE K 79 38.57 -40.10 -9.95
C PHE K 79 38.98 -41.17 -8.94
N PHE K 80 40.26 -41.52 -8.87
CA PHE K 80 40.73 -42.53 -7.93
C PHE K 80 42.12 -42.16 -7.45
N ARG K 81 42.47 -42.66 -6.28
CA ARG K 81 43.76 -42.40 -5.65
C ARG K 81 44.33 -43.70 -5.10
N ILE K 82 45.66 -43.77 -5.03
CA ILE K 82 46.35 -44.94 -4.49
C ILE K 82 46.95 -44.58 -3.15
N ASP K 83 46.71 -45.44 -2.15
CA ASP K 83 47.21 -45.18 -0.81
C ASP K 83 48.71 -45.43 -0.71
N SER K 84 49.13 -46.66 -1.03
CA SER K 84 50.55 -47.01 -1.06
C SER K 84 51.14 -47.12 0.34
N THR K 85 50.34 -46.89 1.37
CA THR K 85 50.84 -47.01 2.73
C THR K 85 50.91 -48.46 3.18
N GLY K 86 50.25 -49.36 2.45
CA GLY K 86 50.25 -50.77 2.80
C GLY K 86 51.64 -51.37 2.84
N ASP K 87 52.31 -51.42 1.69
CA ASP K 87 53.65 -52.00 1.61
C ASP K 87 54.39 -51.33 0.45
N ALA K 88 55.28 -50.41 0.79
CA ALA K 88 56.03 -49.69 -0.23
C ALA K 88 57.14 -50.55 -0.81
N ALA K 89 57.56 -51.61 -0.11
CA ALA K 89 58.67 -52.42 -0.57
C ALA K 89 58.37 -53.04 -1.94
N GLN K 90 57.32 -53.85 -2.02
CA GLN K 90 56.97 -54.51 -3.27
C GLN K 90 56.58 -53.51 -4.35
N LEU K 91 55.86 -52.45 -3.99
CA LEU K 91 55.47 -51.45 -4.98
C LEU K 91 56.69 -50.79 -5.61
N ALA K 92 57.69 -50.44 -4.80
CA ALA K 92 58.92 -49.87 -5.33
C ALA K 92 59.72 -50.89 -6.12
N GLU K 93 59.72 -52.15 -5.69
CA GLU K 93 60.47 -53.18 -6.40
C GLU K 93 59.87 -53.50 -7.76
N ALA K 94 58.55 -53.34 -7.91
CA ALA K 94 57.91 -53.66 -9.18
C ALA K 94 58.35 -52.69 -10.28
N MET K 95 58.28 -51.38 -10.00
CA MET K 95 58.72 -50.39 -10.99
C MET K 95 60.23 -50.31 -11.06
N GLY K 96 60.91 -50.51 -9.93
CA GLY K 96 62.34 -50.35 -9.87
C GLY K 96 62.73 -48.91 -9.59
N ALA K 97 62.22 -48.35 -8.50
CA ALA K 97 62.46 -46.96 -8.15
C ALA K 97 62.97 -46.92 -6.70
N GLU K 98 63.28 -45.72 -6.24
CA GLU K 98 63.81 -45.53 -4.90
C GLU K 98 62.67 -45.60 -3.88
N SER K 99 63.03 -45.49 -2.60
CA SER K 99 62.04 -45.58 -1.53
C SER K 99 61.11 -44.37 -1.54
N ALA K 100 61.63 -43.20 -1.91
CA ALA K 100 60.86 -41.97 -1.87
C ALA K 100 60.28 -41.58 -3.22
N ASP K 101 60.81 -42.11 -4.32
CA ASP K 101 60.30 -41.77 -5.65
C ASP K 101 58.94 -42.42 -5.93
N LEU K 102 58.51 -43.33 -5.06
CA LEU K 102 57.22 -43.99 -5.25
C LEU K 102 56.07 -42.98 -5.21
N ALA K 103 56.16 -41.98 -4.34
CA ALA K 103 55.10 -40.98 -4.24
C ALA K 103 54.92 -40.24 -5.57
N ASN K 104 56.05 -39.88 -6.20
CA ASN K 104 55.96 -39.20 -7.48
C ASN K 104 55.51 -40.14 -8.59
N GLY K 105 55.99 -41.38 -8.59
CA GLY K 105 55.62 -42.31 -9.64
C GLY K 105 54.15 -42.65 -9.63
N LEU K 106 53.59 -42.91 -8.46
CA LEU K 106 52.17 -43.23 -8.36
C LEU K 106 51.32 -42.04 -8.81
N ALA K 107 51.71 -40.83 -8.41
CA ALA K 107 50.98 -39.65 -8.85
C ALA K 107 51.03 -39.49 -10.36
N GLU K 108 52.21 -39.71 -10.96
CA GLU K 108 52.32 -39.63 -12.41
C GLU K 108 51.42 -40.64 -13.09
N LEU K 109 51.41 -41.88 -12.60
CA LEU K 109 50.57 -42.91 -13.20
C LEU K 109 49.09 -42.53 -13.10
N GLU K 110 48.65 -42.10 -11.92
CA GLU K 110 47.26 -41.73 -11.75
C GLU K 110 46.88 -40.57 -12.66
N ASN K 111 47.75 -39.56 -12.75
CA ASN K 111 47.44 -38.40 -13.58
C ASN K 111 47.36 -38.76 -15.05
N THR K 112 48.28 -39.60 -15.54
CA THR K 112 48.32 -39.92 -16.96
C THR K 112 47.34 -41.03 -17.36
N ALA K 113 46.76 -41.73 -16.38
CA ALA K 113 45.93 -42.89 -16.72
C ALA K 113 44.49 -42.52 -16.99
N PHE K 114 43.93 -41.54 -16.26
CA PHE K 114 42.49 -41.35 -16.28
C PHE K 114 41.99 -40.74 -17.57
N ARG K 115 42.88 -40.16 -18.40
CA ARG K 115 42.44 -39.61 -19.68
C ARG K 115 41.94 -40.68 -20.64
N ARG K 116 42.28 -41.94 -20.43
CA ARG K 116 41.91 -42.99 -21.38
C ARG K 116 40.42 -43.24 -21.45
N ILE K 117 39.63 -42.67 -20.53
CA ILE K 117 38.20 -42.94 -20.51
C ILE K 117 37.44 -42.14 -21.57
N PHE K 118 38.09 -41.23 -22.27
CA PHE K 118 37.45 -40.38 -23.26
C PHE K 118 37.77 -40.76 -24.70
N LEU K 119 38.24 -41.98 -24.94
CA LEU K 119 38.60 -42.38 -26.30
C LEU K 119 37.47 -43.16 -26.96
N LYS K 120 37.13 -42.78 -28.18
CA LYS K 120 36.23 -43.56 -29.04
C LYS K 120 34.83 -43.69 -28.44
N SER K 121 34.28 -42.58 -27.96
CA SER K 121 32.86 -42.50 -27.58
C SER K 121 32.53 -43.39 -26.38
N SER K 122 33.32 -43.32 -25.32
CA SER K 122 32.99 -44.04 -24.09
C SER K 122 32.01 -43.25 -23.23
N TYR K 123 32.09 -41.91 -23.27
CA TYR K 123 31.29 -41.07 -22.39
C TYR K 123 29.80 -41.25 -22.67
N HIS K 124 29.43 -41.35 -23.94
CA HIS K 124 28.02 -41.57 -24.29
C HIS K 124 27.53 -42.89 -23.73
N GLN K 125 28.35 -43.94 -23.81
CA GLN K 125 27.96 -45.23 -23.25
C GLN K 125 27.84 -45.16 -21.74
N LEU K 126 28.71 -44.37 -21.08
CA LEU K 126 28.58 -44.19 -19.64
C LEU K 126 27.26 -43.51 -19.29
N VAL K 127 26.86 -42.49 -20.05
CA VAL K 127 25.59 -41.82 -19.78
C VAL K 127 24.43 -42.79 -20.00
N HIS K 128 24.49 -43.58 -21.07
CA HIS K 128 23.44 -44.57 -21.31
C HIS K 128 23.37 -45.58 -20.17
N ALA K 129 24.53 -46.00 -19.66
CA ALA K 129 24.55 -46.93 -18.53
C ALA K 129 23.93 -46.30 -17.29
N MET K 130 24.18 -45.01 -17.07
CA MET K 130 23.55 -44.33 -15.93
C MET K 130 22.03 -44.31 -16.07
N LYS K 131 21.55 -44.03 -17.28
CA LYS K 131 20.10 -44.09 -17.52
C LYS K 131 19.56 -45.48 -17.22
N LEU K 132 20.24 -46.51 -17.72
CA LEU K 132 19.78 -47.87 -17.50
C LEU K 132 19.74 -48.22 -16.01
N LEU K 133 20.78 -47.83 -15.28
CA LEU K 133 20.82 -48.10 -13.84
C LEU K 133 19.67 -47.39 -13.13
N ILE K 134 19.40 -46.13 -13.51
CA ILE K 134 18.35 -45.39 -12.82
C ILE K 134 16.97 -45.99 -13.09
N ILE K 135 16.69 -46.39 -14.34
CA ILE K 135 15.35 -46.85 -14.66
C ILE K 135 15.14 -48.31 -14.31
N THR K 136 16.10 -49.19 -14.66
CA THR K 136 15.93 -50.62 -14.47
C THR K 136 16.79 -51.21 -13.36
N GLY K 137 17.85 -50.52 -12.93
CA GLY K 137 18.66 -51.00 -11.84
C GLY K 137 19.61 -52.12 -12.19
N ASN K 138 19.90 -52.34 -13.47
CA ASN K 138 20.83 -53.38 -13.89
C ASN K 138 21.51 -52.96 -15.17
N VAL K 139 22.77 -53.34 -15.34
CA VAL K 139 23.53 -53.03 -16.53
C VAL K 139 24.78 -53.91 -16.57
N LEU K 140 25.17 -54.33 -17.77
CA LEU K 140 26.41 -55.05 -18.00
C LEU K 140 27.29 -54.21 -18.89
N LEU K 141 28.56 -54.04 -18.49
CA LEU K 141 29.48 -53.13 -19.14
C LEU K 141 30.68 -53.91 -19.66
N TYR K 142 31.00 -53.71 -20.94
CA TYR K 142 32.12 -54.40 -21.59
C TYR K 142 33.09 -53.36 -22.12
N ARG K 143 34.36 -53.52 -21.77
CA ARG K 143 35.42 -52.58 -22.14
C ARG K 143 36.43 -53.33 -23.01
N ASP K 144 36.66 -52.83 -24.21
CA ASP K 144 37.60 -53.45 -25.15
C ASP K 144 38.92 -52.72 -25.07
N SER K 145 39.99 -53.46 -24.72
CA SER K 145 41.29 -52.84 -24.53
C SER K 145 41.99 -52.54 -25.85
N ASN K 146 41.77 -53.37 -26.87
CA ASN K 146 42.50 -53.21 -28.12
C ASN K 146 42.23 -51.85 -28.76
N THR K 147 40.97 -51.43 -28.78
CA THR K 147 40.57 -50.18 -29.41
C THR K 147 40.31 -49.05 -28.43
N GLY K 148 39.71 -49.35 -27.28
CA GLY K 148 39.35 -48.32 -26.32
C GLY K 148 37.89 -47.94 -26.33
N ASN K 149 37.01 -48.83 -26.77
CA ASN K 149 35.58 -48.56 -26.84
C ASN K 149 34.83 -49.39 -25.80
N MET K 150 33.64 -48.92 -25.45
CA MET K 150 32.80 -49.57 -24.45
C MET K 150 31.39 -49.73 -25.00
N HIS K 151 30.62 -50.62 -24.37
CA HIS K 151 29.24 -50.86 -24.74
C HIS K 151 28.47 -51.27 -23.49
N ALA K 152 27.18 -50.94 -23.47
CA ALA K 152 26.31 -51.24 -22.34
C ALA K 152 25.12 -52.05 -22.80
N TYR K 153 24.75 -53.06 -22.00
CA TYR K 153 23.66 -53.96 -22.32
C TYR K 153 22.61 -53.90 -21.23
N SER K 154 21.36 -54.20 -21.61
CA SER K 154 20.26 -54.26 -20.66
C SER K 154 20.02 -55.73 -20.28
N ILE K 155 19.09 -55.97 -19.35
CA ILE K 155 18.81 -57.33 -18.91
C ILE K 155 18.07 -58.15 -19.95
N ARG K 156 17.71 -57.55 -21.08
CA ARG K 156 17.08 -58.28 -22.17
C ARG K 156 18.09 -59.04 -23.03
N GLN K 157 19.38 -58.87 -22.79
CA GLN K 157 20.41 -59.52 -23.59
C GLN K 157 21.37 -60.37 -22.77
N TYR K 158 21.20 -60.46 -21.46
CA TYR K 158 22.11 -61.24 -20.64
C TYR K 158 21.41 -61.67 -19.36
N SER K 159 22.00 -62.67 -18.70
CA SER K 159 21.49 -63.19 -17.44
C SER K 159 22.67 -63.67 -16.61
N VAL K 160 22.51 -63.58 -15.28
CA VAL K 160 23.60 -63.85 -14.35
C VAL K 160 23.12 -64.79 -13.27
N LEU K 161 24.07 -65.44 -12.60
CA LEU K 161 23.82 -66.33 -11.48
C LEU K 161 24.75 -65.95 -10.33
N ARG K 162 24.21 -65.94 -9.12
CA ARG K 162 24.99 -65.56 -7.95
C ARG K 162 24.51 -66.35 -6.75
N ASP K 163 25.38 -66.44 -5.74
CA ASP K 163 25.07 -67.15 -4.50
C ASP K 163 24.13 -66.31 -3.64
N GLY K 164 23.82 -66.82 -2.45
CA GLY K 164 23.08 -66.04 -1.48
C GLY K 164 23.87 -64.90 -0.88
N GLY K 165 25.21 -64.99 -0.94
CA GLY K 165 26.07 -63.93 -0.45
C GLY K 165 26.34 -62.81 -1.44
N GLY K 166 25.91 -62.97 -2.69
CA GLY K 166 26.05 -61.94 -3.70
C GLY K 166 27.16 -62.17 -4.71
N LYS K 167 28.02 -63.16 -4.50
CA LYS K 167 29.09 -63.42 -5.45
C LYS K 167 28.53 -63.88 -6.78
N VAL K 168 29.04 -63.32 -7.87
CA VAL K 168 28.63 -63.68 -9.22
C VAL K 168 29.44 -64.90 -9.65
N LEU K 169 28.75 -65.94 -10.13
CA LEU K 169 29.39 -67.20 -10.48
C LEU K 169 29.46 -67.41 -11.99
N ASP K 170 28.41 -67.03 -12.72
CA ASP K 170 28.33 -67.32 -14.15
C ASP K 170 27.51 -66.24 -14.85
N MET K 171 27.71 -66.14 -16.16
CA MET K 171 26.98 -65.19 -17.00
C MET K 171 26.92 -65.71 -18.42
N VAL K 172 25.88 -65.30 -19.14
CA VAL K 172 25.70 -65.64 -20.55
C VAL K 172 25.19 -64.40 -21.27
N LEU K 173 25.68 -64.17 -22.49
CA LEU K 173 25.35 -62.98 -23.26
C LEU K 173 24.99 -63.38 -24.68
N LYS K 174 23.94 -62.76 -25.22
CA LYS K 174 23.47 -63.01 -26.57
C LYS K 174 23.78 -61.82 -27.46
N GLU K 175 24.09 -62.10 -28.73
CA GLU K 175 24.40 -61.05 -29.69
C GLU K 175 24.07 -61.57 -31.09
N ARG K 176 23.69 -60.65 -31.98
CA ARG K 176 23.28 -60.98 -33.34
C ARG K 176 24.25 -60.37 -34.34
N THR K 177 24.50 -61.09 -35.42
CA THR K 177 25.44 -60.65 -36.45
C THR K 177 25.10 -61.36 -37.75
N VAL K 178 26.02 -61.30 -38.72
CA VAL K 178 25.83 -61.92 -40.03
C VAL K 178 27.03 -62.81 -40.32
N ILE K 179 26.86 -63.67 -41.33
CA ILE K 179 27.88 -64.66 -41.64
C ILE K 179 29.18 -64.02 -42.10
N SER K 180 29.10 -62.91 -42.83
CA SER K 180 30.30 -62.30 -43.39
C SER K 180 31.26 -61.85 -42.30
N GLU K 181 30.78 -61.68 -41.07
CA GLU K 181 31.64 -61.20 -39.99
C GLU K 181 32.41 -62.32 -39.30
N LEU K 182 32.10 -63.58 -39.60
CA LEU K 182 32.71 -64.70 -38.89
C LEU K 182 34.14 -64.93 -39.36
N PRO K 183 34.95 -65.63 -38.57
CA PRO K 183 36.33 -65.91 -38.98
C PRO K 183 36.38 -66.84 -40.18
N VAL K 184 37.52 -66.79 -40.89
CA VAL K 184 37.68 -67.60 -42.08
C VAL K 184 37.57 -69.08 -41.76
N GLU K 185 38.06 -69.49 -40.59
CA GLU K 185 38.02 -70.91 -40.23
C GLU K 185 36.60 -71.43 -40.17
N ALA K 186 35.69 -70.65 -39.58
CA ALA K 186 34.30 -71.08 -39.43
C ALA K 186 33.44 -70.77 -40.64
N ARG K 187 33.90 -69.90 -41.54
CA ARG K 187 33.09 -69.54 -42.70
C ARG K 187 33.25 -70.54 -43.85
N ILE K 188 34.21 -71.45 -43.77
CA ILE K 188 34.28 -72.53 -44.76
C ILE K 188 33.02 -73.37 -44.70
N LYS K 189 32.56 -73.68 -43.49
CA LYS K 189 31.23 -74.24 -43.31
C LYS K 189 30.20 -73.15 -43.60
N TYR K 190 28.93 -73.54 -43.69
CA TYR K 190 27.89 -72.61 -44.10
C TYR K 190 28.24 -72.01 -45.45
N ARG K 191 28.89 -72.80 -46.32
CA ARG K 191 29.25 -72.29 -47.63
C ARG K 191 28.02 -71.83 -48.40
N ASN K 192 26.94 -72.60 -48.36
CA ASN K 192 25.66 -72.17 -48.88
C ASN K 192 25.02 -71.19 -47.90
N ARG K 193 23.97 -70.51 -48.37
CA ARG K 193 23.25 -69.51 -47.59
C ARG K 193 24.14 -68.35 -47.17
N LYS K 194 25.16 -68.02 -47.96
CA LYS K 194 26.09 -66.94 -47.61
C LYS K 194 25.50 -65.59 -48.00
N GLN K 195 24.27 -65.36 -47.54
CA GLN K 195 23.61 -64.07 -47.66
C GLN K 195 23.88 -63.25 -46.41
N ASP K 196 23.13 -62.18 -46.22
CA ASP K 196 23.25 -61.38 -45.00
C ASP K 196 22.24 -61.87 -43.97
N ASP K 197 21.99 -63.17 -43.94
CA ASP K 197 21.08 -63.75 -42.97
C ASP K 197 21.63 -63.55 -41.56
N CYS K 198 20.73 -63.33 -40.61
CA CYS K 198 21.11 -63.10 -39.23
C CYS K 198 21.39 -64.43 -38.53
N ILE K 199 22.44 -64.46 -37.71
CA ILE K 199 22.81 -65.63 -36.92
C ILE K 199 23.17 -65.16 -35.52
N CYS K 200 22.73 -65.91 -34.52
CA CYS K 200 22.94 -65.56 -33.12
C CYS K 200 24.28 -66.08 -32.62
N LEU K 201 24.85 -65.38 -31.64
CA LEU K 201 26.13 -65.75 -31.04
C LEU K 201 26.00 -65.66 -29.53
N TYR K 202 26.65 -66.60 -28.83
CA TYR K 202 26.56 -66.70 -27.38
C TYR K 202 27.95 -66.69 -26.76
N THR K 203 28.09 -65.98 -25.65
CA THR K 203 29.33 -65.91 -24.89
C THR K 203 29.06 -66.31 -23.44
N ARG K 204 30.04 -66.97 -22.83
CA ARG K 204 29.92 -67.44 -21.45
C ARG K 204 31.14 -67.01 -20.65
N ILE K 205 30.89 -66.50 -19.45
CA ILE K 205 31.94 -66.11 -18.50
C ILE K 205 31.72 -66.91 -17.23
N LYS K 206 32.74 -67.64 -16.79
CA LYS K 206 32.64 -68.54 -15.67
C LYS K 206 33.79 -68.32 -14.71
N ARG K 207 33.50 -68.39 -13.41
CA ARG K 207 34.52 -68.28 -12.39
C ARG K 207 35.14 -69.64 -12.08
N GLU K 208 36.46 -69.63 -11.87
CA GLU K 208 37.20 -70.83 -11.52
C GLU K 208 38.41 -70.41 -10.70
N ARG K 209 38.94 -71.34 -9.92
CA ARG K 209 40.09 -71.07 -9.07
C ARG K 209 41.29 -71.91 -9.50
N ARG K 210 42.45 -71.24 -9.56
CA ARG K 210 43.73 -71.91 -9.80
C ARG K 210 44.64 -71.69 -8.60
N ALA K 211 45.91 -72.09 -8.74
CA ALA K 211 46.81 -72.09 -7.59
C ALA K 211 47.00 -70.69 -7.02
N VAL K 212 47.13 -69.68 -7.88
CA VAL K 212 47.50 -68.33 -7.47
C VAL K 212 46.29 -67.43 -7.30
N GLY K 213 45.09 -67.97 -7.32
CA GLY K 213 43.90 -67.18 -7.07
C GLY K 213 42.76 -67.57 -7.99
N GLU K 214 41.68 -66.81 -7.89
CA GLU K 214 40.50 -67.04 -8.71
C GLU K 214 40.73 -66.51 -10.12
N VAL K 215 39.88 -66.95 -11.05
CA VAL K 215 40.07 -66.72 -12.47
C VAL K 215 38.72 -66.71 -13.17
N PHE K 216 38.65 -65.98 -14.29
CA PHE K 216 37.47 -65.93 -15.13
C PHE K 216 37.82 -66.48 -16.51
N VAL K 217 36.98 -67.37 -17.02
CA VAL K 217 37.21 -68.05 -18.29
C VAL K 217 36.13 -67.64 -19.28
N VAL K 218 36.53 -67.26 -20.48
CA VAL K 218 35.64 -66.75 -21.51
C VAL K 218 35.68 -67.68 -22.71
N THR K 219 34.50 -68.03 -23.24
CA THR K 219 34.39 -68.86 -24.42
C THR K 219 33.17 -68.41 -25.22
N GLN K 220 33.11 -68.86 -26.48
CA GLN K 220 32.04 -68.48 -27.39
C GLN K 220 31.51 -69.71 -28.10
N GLN K 221 30.28 -69.59 -28.62
CA GLN K 221 29.63 -70.70 -29.29
C GLN K 221 28.51 -70.16 -30.16
N LEU K 222 28.26 -70.84 -31.28
CA LEU K 222 27.19 -70.45 -32.19
C LEU K 222 25.87 -71.07 -31.74
N GLU K 223 24.80 -70.80 -32.48
CA GLU K 223 23.49 -71.33 -32.12
C GLU K 223 23.48 -72.86 -32.19
N ASP K 224 24.07 -73.42 -33.24
CA ASP K 224 24.04 -74.87 -33.46
C ASP K 224 25.26 -75.56 -32.85
N GLY K 225 25.53 -75.30 -31.59
CA GLY K 225 26.49 -76.09 -30.83
C GLY K 225 27.95 -75.87 -31.16
N LEU K 226 28.27 -75.33 -32.33
CA LEU K 226 29.65 -75.28 -32.79
C LEU K 226 30.44 -74.25 -31.99
N MET K 227 31.59 -74.66 -31.47
CA MET K 227 32.48 -73.76 -30.75
C MET K 227 33.34 -72.96 -31.74
N LEU K 228 33.86 -71.82 -31.27
CA LEU K 228 34.67 -70.94 -32.09
C LEU K 228 36.04 -70.68 -31.49
N ASP K 229 36.50 -71.54 -30.58
CA ASP K 229 37.83 -71.39 -30.01
C ASP K 229 37.91 -70.07 -29.25
N ASN K 230 39.01 -69.31 -29.42
CA ASN K 230 39.20 -67.99 -28.82
C ASN K 230 39.24 -68.04 -27.29
N LEU K 231 39.62 -69.17 -26.70
CA LEU K 231 39.68 -69.28 -25.25
C LEU K 231 40.62 -68.21 -24.69
N GLU K 232 40.16 -67.51 -23.65
CA GLU K 232 40.95 -66.51 -22.96
C GLU K 232 40.76 -66.65 -21.47
N VAL K 233 41.77 -66.23 -20.72
CA VAL K 233 41.80 -66.34 -19.26
C VAL K 233 42.27 -65.02 -18.68
N TYR K 234 41.52 -64.49 -17.71
CA TYR K 234 41.88 -63.26 -17.04
C TYR K 234 41.88 -63.45 -15.53
N PRO K 235 42.79 -62.81 -14.80
CA PRO K 235 42.64 -62.72 -13.36
C PRO K 235 41.38 -61.93 -13.00
N GLU K 236 40.81 -62.27 -11.85
CA GLU K 236 39.53 -61.68 -11.46
C GLU K 236 39.60 -60.16 -11.39
N ALA K 237 40.77 -59.60 -11.15
CA ALA K 237 40.88 -58.15 -10.95
C ALA K 237 40.76 -57.37 -12.25
N ILE K 238 41.21 -57.94 -13.37
CA ILE K 238 41.26 -57.20 -14.63
C ILE K 238 40.32 -57.82 -15.66
N CYS K 239 39.23 -58.40 -15.19
CA CYS K 239 38.21 -58.90 -16.12
C CYS K 239 37.52 -57.73 -16.81
N PRO K 240 37.24 -57.83 -18.10
CA PRO K 240 36.61 -56.70 -18.82
C PRO K 240 35.09 -56.62 -18.70
N PHE K 241 34.44 -57.58 -18.06
CA PHE K 241 32.99 -57.57 -17.87
C PHE K 241 32.68 -57.12 -16.46
N ILE K 242 31.73 -56.20 -16.32
CA ILE K 242 31.40 -55.61 -15.02
C ILE K 242 29.90 -55.56 -14.83
N PRO K 243 29.28 -56.50 -14.12
CA PRO K 243 27.87 -56.35 -13.76
C PRO K 243 27.69 -55.45 -12.56
N ALA K 244 26.62 -54.65 -12.60
CA ALA K 244 26.38 -53.64 -11.59
C ALA K 244 24.91 -53.66 -11.18
N VAL K 245 24.64 -53.13 -9.99
CA VAL K 245 23.29 -53.05 -9.46
C VAL K 245 23.14 -51.73 -8.72
N TRP K 246 21.91 -51.23 -8.66
CA TRP K 246 21.59 -50.01 -7.92
C TRP K 246 21.20 -50.31 -6.49
N ASN K 247 20.21 -51.18 -6.30
CA ASN K 247 19.80 -51.64 -4.98
C ASN K 247 19.58 -53.15 -5.04
N LEU K 248 20.24 -53.89 -4.16
CA LEU K 248 20.24 -55.35 -4.20
C LEU K 248 19.70 -55.88 -2.87
N VAL K 249 18.49 -56.42 -2.91
CA VAL K 249 17.91 -57.05 -1.71
C VAL K 249 18.59 -58.40 -1.50
N THR K 250 19.06 -58.64 -0.28
CA THR K 250 19.75 -59.88 0.01
C THR K 250 18.86 -61.08 -0.30
N GLY K 251 19.42 -62.06 -1.01
CA GLY K 251 18.69 -63.25 -1.37
C GLY K 251 18.34 -63.30 -2.84
N GLU K 252 18.12 -62.15 -3.46
CA GLU K 252 17.72 -62.09 -4.86
C GLU K 252 18.96 -62.01 -5.76
N THR K 253 18.73 -61.96 -7.07
CA THR K 253 19.80 -61.97 -8.05
C THR K 253 19.93 -60.65 -8.79
N TYR K 254 18.80 -60.00 -9.10
CA TYR K 254 18.81 -58.73 -9.81
C TYR K 254 18.46 -57.59 -8.88
N GLY K 255 18.96 -56.40 -9.19
CA GLY K 255 18.74 -55.24 -8.35
C GLY K 255 17.41 -54.54 -8.61
N ARG K 256 17.23 -53.37 -8.02
CA ARG K 256 16.02 -52.59 -8.17
C ARG K 256 16.39 -51.13 -8.46
N GLY K 257 15.49 -50.44 -9.15
CA GLY K 257 15.76 -49.08 -9.59
C GLY K 257 15.21 -48.01 -8.67
N LEU K 258 15.58 -46.75 -8.94
CA LEU K 258 15.08 -45.64 -8.14
C LEU K 258 13.62 -45.36 -8.43
N VAL K 259 13.21 -45.55 -9.69
CA VAL K 259 11.83 -45.24 -10.08
C VAL K 259 10.84 -46.11 -9.34
N GLU K 260 11.23 -47.34 -8.98
CA GLU K 260 10.30 -48.25 -8.33
C GLU K 260 9.81 -47.71 -6.99
N ASP K 261 10.56 -46.80 -6.37
CA ASP K 261 10.17 -46.25 -5.07
C ASP K 261 9.09 -45.18 -5.18
N TYR K 262 8.81 -44.68 -6.38
CA TYR K 262 7.91 -43.55 -6.58
C TYR K 262 6.88 -43.84 -7.66
N ALA K 263 6.39 -45.08 -7.74
CA ALA K 263 5.45 -45.44 -8.80
C ALA K 263 4.07 -44.87 -8.55
N GLY K 264 3.68 -44.74 -7.27
CA GLY K 264 2.34 -44.27 -6.96
C GLY K 264 2.08 -42.88 -7.48
N ASP K 265 3.04 -41.96 -7.30
CA ASP K 265 2.85 -40.60 -7.76
C ASP K 265 2.70 -40.52 -9.27
N LEU K 266 3.54 -41.27 -10.00
CA LEU K 266 3.44 -41.26 -11.46
C LEU K 266 2.11 -41.84 -11.93
N ALA K 267 1.67 -42.93 -11.29
CA ALA K 267 0.39 -43.51 -11.66
C ALA K 267 -0.75 -42.55 -11.38
N LYS K 268 -0.68 -41.82 -10.27
CA LYS K 268 -1.73 -40.85 -9.94
C LYS K 268 -1.66 -39.62 -10.82
N LEU K 269 -0.50 -39.32 -11.42
CA LEU K 269 -0.33 -38.17 -12.29
C LEU K 269 -0.80 -38.44 -13.71
N SER K 270 -0.62 -39.66 -14.21
CA SER K 270 -1.00 -39.96 -15.58
C SER K 270 -2.50 -39.77 -15.79
N ALA K 271 -3.32 -40.24 -14.85
CA ALA K 271 -4.77 -40.12 -15.00
C ALA K 271 -5.22 -38.66 -15.00
N LEU K 272 -4.64 -37.85 -14.11
CA LEU K 272 -4.96 -36.43 -14.11
C LEU K 272 -4.56 -35.77 -15.43
N SER K 273 -3.42 -36.17 -15.98
CA SER K 273 -3.02 -35.63 -17.29
C SER K 273 -4.04 -36.02 -18.36
N GLU K 274 -4.53 -37.25 -18.32
CA GLU K 274 -5.54 -37.68 -19.30
C GLU K 274 -6.81 -36.84 -19.16
N ALA K 275 -7.26 -36.60 -17.93
CA ALA K 275 -8.46 -35.81 -17.72
C ALA K 275 -8.27 -34.38 -18.21
N LEU K 276 -7.09 -33.80 -17.96
CA LEU K 276 -6.80 -32.46 -18.44
C LEU K 276 -6.84 -32.42 -19.97
N ALA K 277 -6.29 -33.45 -20.61
CA ALA K 277 -6.35 -33.51 -22.06
C ALA K 277 -7.78 -33.58 -22.57
N LEU K 278 -8.63 -34.37 -21.89
CA LEU K 278 -10.02 -34.47 -22.28
C LEU K 278 -10.71 -33.11 -22.20
N TYR K 279 -10.52 -32.39 -21.10
CA TYR K 279 -11.12 -31.06 -20.97
C TYR K 279 -10.59 -30.11 -22.03
N GLU K 280 -9.28 -30.14 -22.29
CA GLU K 280 -8.72 -29.26 -23.31
C GLU K 280 -9.30 -29.54 -24.68
N ILE K 281 -9.54 -30.81 -25.02
CA ILE K 281 -10.20 -31.13 -26.28
C ILE K 281 -11.64 -30.65 -26.29
N GLU K 282 -12.35 -30.79 -25.16
CA GLU K 282 -13.72 -30.26 -25.08
C GLU K 282 -13.76 -28.75 -25.25
N ALA K 283 -12.68 -28.05 -24.92
CA ALA K 283 -12.67 -26.59 -25.03
C ALA K 283 -12.58 -26.08 -26.46
N CYS K 284 -12.69 -26.95 -27.47
CA CYS K 284 -12.54 -26.56 -28.86
C CYS K 284 -13.86 -26.59 -29.63
N ARG K 285 -14.99 -26.45 -28.94
CA ARG K 285 -16.28 -26.35 -29.61
C ARG K 285 -16.60 -24.88 -29.84
N VAL K 286 -16.75 -24.50 -31.11
CA VAL K 286 -17.06 -23.13 -31.50
C VAL K 286 -18.49 -23.15 -32.06
N LEU K 287 -19.44 -22.73 -31.24
CA LEU K 287 -20.84 -22.68 -31.62
C LEU K 287 -21.45 -21.35 -31.21
N HIS K 288 -22.46 -20.94 -31.97
CA HIS K 288 -23.26 -19.75 -31.65
C HIS K 288 -24.71 -20.17 -31.58
N MET K 289 -25.38 -19.84 -30.48
CA MET K 289 -26.73 -20.28 -30.22
C MET K 289 -27.70 -19.12 -30.35
N ALA K 290 -28.77 -19.33 -31.12
CA ALA K 290 -29.83 -18.34 -31.27
C ALA K 290 -30.90 -18.60 -30.22
N LYS K 291 -31.07 -17.67 -29.30
CA LYS K 291 -32.00 -17.85 -28.20
C LYS K 291 -33.42 -18.03 -28.74
N PRO K 292 -34.21 -18.93 -28.15
CA PRO K 292 -35.61 -19.06 -28.55
C PRO K 292 -36.50 -18.06 -27.82
N GLY K 293 -37.47 -17.54 -28.55
CA GLY K 293 -38.39 -16.56 -28.00
C GLY K 293 -37.95 -15.11 -28.14
N SER K 294 -36.93 -14.84 -28.94
CA SER K 294 -36.41 -13.50 -29.13
C SER K 294 -36.67 -13.03 -30.55
N GLN K 295 -36.90 -11.72 -30.70
CA GLN K 295 -37.09 -11.14 -32.03
C GLN K 295 -35.74 -10.87 -32.68
N ILE K 296 -35.47 -11.56 -33.78
CA ILE K 296 -34.22 -11.37 -34.51
C ILE K 296 -34.46 -11.70 -35.97
N ASP K 297 -33.54 -11.28 -36.84
CA ASP K 297 -33.57 -11.58 -38.27
C ASP K 297 -32.29 -12.34 -38.59
N VAL K 298 -32.33 -13.67 -38.44
CA VAL K 298 -31.12 -14.47 -38.50
C VAL K 298 -30.46 -14.36 -39.87
N ASP K 299 -31.27 -14.38 -40.93
CA ASP K 299 -30.71 -14.37 -42.28
C ASP K 299 -29.91 -13.09 -42.53
N SER K 300 -30.47 -11.95 -42.16
CA SER K 300 -29.76 -10.68 -42.37
C SER K 300 -28.49 -10.62 -41.52
N MET K 301 -28.57 -11.05 -40.26
CA MET K 301 -27.40 -11.01 -39.40
C MET K 301 -26.28 -11.90 -39.94
N ALA K 302 -26.65 -13.04 -40.53
CA ALA K 302 -25.66 -14.02 -40.95
C ALA K 302 -25.21 -13.86 -42.39
N GLU K 303 -25.89 -13.05 -43.20
CA GLU K 303 -25.58 -12.96 -44.63
C GLU K 303 -25.28 -11.56 -45.14
N ARG K 304 -25.38 -10.53 -44.31
CA ARG K 304 -25.12 -9.18 -44.76
C ARG K 304 -23.64 -8.83 -44.63
N GLU K 305 -23.21 -7.87 -45.44
CA GLU K 305 -21.83 -7.39 -45.36
C GLU K 305 -21.63 -6.57 -44.09
N SER K 306 -20.38 -6.51 -43.65
CA SER K 306 -20.06 -5.82 -42.40
C SER K 306 -20.29 -4.32 -42.54
N GLY K 307 -21.04 -3.76 -41.59
CA GLY K 307 -21.33 -2.33 -41.60
C GLY K 307 -22.81 -2.03 -41.76
N ALA K 308 -23.61 -3.06 -41.99
CA ALA K 308 -25.02 -2.87 -42.27
C ALA K 308 -25.81 -2.63 -40.99
N TRP K 309 -27.03 -2.13 -41.16
CA TRP K 309 -27.99 -1.97 -40.07
C TRP K 309 -29.10 -3.00 -40.20
N VAL K 310 -29.44 -3.63 -39.07
CA VAL K 310 -30.42 -4.71 -39.05
C VAL K 310 -31.38 -4.45 -37.90
N ALA K 311 -32.56 -5.06 -37.98
CA ALA K 311 -33.59 -4.92 -36.97
C ALA K 311 -33.67 -6.19 -36.13
N GLY K 312 -33.53 -6.03 -34.82
CA GLY K 312 -33.59 -7.15 -33.90
C GLY K 312 -32.89 -6.81 -32.60
N ASP K 313 -33.09 -7.66 -31.60
CA ASP K 313 -32.46 -7.44 -30.31
C ASP K 313 -30.94 -7.56 -30.45
N PRO K 314 -30.17 -6.70 -29.78
CA PRO K 314 -28.71 -6.78 -29.90
C PRO K 314 -28.09 -7.90 -29.07
N ASN K 315 -28.93 -8.77 -28.50
CA ASN K 315 -28.43 -9.84 -27.64
C ASN K 315 -29.14 -11.16 -27.92
N GLY K 316 -29.68 -11.35 -29.11
CA GLY K 316 -30.41 -12.57 -29.42
C GLY K 316 -29.53 -13.77 -29.71
N VAL K 317 -28.24 -13.55 -29.94
CA VAL K 317 -27.31 -14.62 -30.26
C VAL K 317 -26.16 -14.56 -29.25
N ALA K 318 -25.81 -15.71 -28.70
CA ALA K 318 -24.75 -15.81 -27.70
C ALA K 318 -23.84 -16.98 -28.02
N ALA K 319 -22.62 -16.90 -27.54
CA ALA K 319 -21.63 -17.94 -27.78
C ALA K 319 -21.80 -19.11 -26.81
N TYR K 320 -21.58 -20.31 -27.32
CA TYR K 320 -21.71 -21.52 -26.51
C TYR K 320 -20.80 -21.45 -25.29
N GLU K 321 -21.34 -21.85 -24.14
CA GLU K 321 -20.61 -21.77 -22.88
C GLU K 321 -20.93 -22.99 -22.05
N ALA K 322 -19.90 -23.75 -21.67
CA ALA K 322 -20.08 -24.95 -20.85
C ALA K 322 -19.42 -24.85 -19.48
N GLY K 323 -18.58 -23.85 -19.25
CA GLY K 323 -17.95 -23.69 -17.95
C GLY K 323 -16.82 -24.65 -17.67
N ASP K 324 -16.08 -25.06 -18.70
CA ASP K 324 -15.00 -26.03 -18.53
C ASP K 324 -13.64 -25.37 -18.36
N TYR K 325 -13.57 -24.03 -18.33
CA TYR K 325 -12.28 -23.36 -18.13
C TYR K 325 -11.84 -23.46 -16.66
N ASN K 326 -12.78 -23.30 -15.74
CA ASN K 326 -12.45 -23.40 -14.32
C ASN K 326 -11.88 -24.77 -13.98
N LYS K 327 -12.41 -25.82 -14.62
CA LYS K 327 -11.89 -27.16 -14.36
C LYS K 327 -10.45 -27.31 -14.83
N ILE K 328 -10.11 -26.70 -15.97
CA ILE K 328 -8.72 -26.70 -16.43
C ILE K 328 -7.84 -25.98 -15.43
N ILE K 329 -8.30 -24.81 -14.96
CA ILE K 329 -7.52 -24.04 -13.99
C ILE K 329 -7.28 -24.88 -12.74
N ALA K 330 -8.31 -25.60 -12.28
CA ALA K 330 -8.18 -26.40 -11.07
C ALA K 330 -7.22 -27.57 -11.27
N LEU K 331 -7.37 -28.30 -12.37
CA LEU K 331 -6.53 -29.47 -12.61
C LEU K 331 -5.07 -29.09 -12.75
N THR K 332 -4.78 -27.96 -13.41
CA THR K 332 -3.39 -27.56 -13.59
C THR K 332 -2.70 -27.36 -12.25
N GLN K 333 -3.37 -26.74 -11.28
CA GLN K 333 -2.74 -26.48 -9.99
C GLN K 333 -2.41 -27.78 -9.25
N GLU K 334 -3.34 -28.75 -9.27
CA GLU K 334 -3.07 -30.02 -8.60
C GLU K 334 -1.90 -30.74 -9.25
N ILE K 335 -1.87 -30.77 -10.59
CA ILE K 335 -0.77 -31.44 -11.28
C ILE K 335 0.55 -30.76 -10.95
N GLN K 336 0.56 -29.43 -10.95
CA GLN K 336 1.77 -28.69 -10.63
C GLN K 336 2.23 -28.97 -9.20
N SER K 337 1.28 -29.05 -8.25
CA SER K 337 1.65 -29.31 -6.87
C SER K 337 2.30 -30.68 -6.73
N ILE K 338 1.72 -31.70 -7.37
CA ILE K 338 2.31 -33.04 -7.29
C ILE K 338 3.70 -33.03 -7.93
N ALA K 339 3.83 -32.41 -9.10
CA ALA K 339 5.12 -32.37 -9.78
C ALA K 339 6.17 -31.69 -8.91
N ALA K 340 5.81 -30.57 -8.27
CA ALA K 340 6.75 -29.89 -7.39
C ALA K 340 7.13 -30.75 -6.20
N ARG K 341 6.15 -31.47 -5.63
CA ARG K 341 6.46 -32.35 -4.51
C ARG K 341 7.41 -33.48 -4.90
N LEU K 342 7.36 -33.93 -6.15
CA LEU K 342 8.29 -34.97 -6.59
C LEU K 342 9.68 -34.44 -6.88
N ALA K 343 9.86 -33.12 -6.97
CA ALA K 343 11.12 -32.56 -7.46
C ALA K 343 12.32 -32.94 -6.62
N PRO K 344 12.29 -32.83 -5.28
CA PRO K 344 13.53 -33.04 -4.51
C PRO K 344 14.15 -34.42 -4.71
N ALA K 345 13.33 -35.46 -4.84
CA ALA K 345 13.86 -36.82 -4.87
C ALA K 345 14.79 -37.04 -6.06
N PHE K 346 14.58 -36.34 -7.16
CA PHE K 346 15.36 -36.53 -8.38
C PHE K 346 16.41 -35.45 -8.59
N MET K 347 16.67 -34.62 -7.57
CA MET K 347 17.66 -33.56 -7.67
C MET K 347 17.36 -32.61 -8.84
N TYR K 348 16.14 -32.07 -8.83
CA TYR K 348 15.70 -31.10 -9.83
C TYR K 348 15.65 -29.73 -9.18
N ALA K 349 16.24 -28.74 -9.84
CA ALA K 349 16.28 -27.38 -9.32
C ALA K 349 16.33 -26.38 -10.47
N THR K 359 37.48 -25.53 -9.79
CA THR K 359 38.34 -26.01 -8.72
C THR K 359 37.79 -27.33 -8.17
N ALA K 360 38.68 -28.14 -7.58
CA ALA K 360 38.27 -29.43 -7.05
C ALA K 360 37.25 -29.30 -5.92
N GLU K 361 37.22 -28.17 -5.23
CA GLU K 361 36.25 -27.97 -4.16
C GLU K 361 34.82 -27.94 -4.67
N GLU K 362 34.59 -27.40 -5.88
CA GLU K 362 33.26 -27.44 -6.46
C GLU K 362 32.80 -28.87 -6.67
N ILE K 363 33.69 -29.73 -7.18
CA ILE K 363 33.34 -31.14 -7.35
C ILE K 363 33.12 -31.80 -5.99
N ARG K 364 33.94 -31.46 -5.00
CA ARG K 364 33.73 -31.98 -3.65
C ARG K 364 32.31 -31.68 -3.16
N GLN K 365 31.92 -30.42 -3.22
CA GLN K 365 30.61 -30.02 -2.72
C GLN K 365 29.48 -30.64 -3.54
N ASN K 366 29.64 -30.70 -4.86
CA ASN K 366 28.62 -31.31 -5.70
C ASN K 366 28.43 -32.78 -5.35
N ALA K 367 29.54 -33.50 -5.17
CA ALA K 367 29.44 -34.91 -4.80
C ALA K 367 28.81 -35.07 -3.41
N GLU K 368 29.15 -34.20 -2.47
CA GLU K 368 28.56 -34.30 -1.14
C GLU K 368 27.06 -34.07 -1.20
N GLU K 369 26.62 -33.08 -1.98
CA GLU K 369 25.19 -32.81 -2.10
C GLU K 369 24.48 -33.94 -2.84
N ALA K 370 25.15 -34.57 -3.80
CA ALA K 370 24.59 -35.76 -4.44
C ALA K 370 24.44 -36.89 -3.44
N GLU K 371 25.43 -37.08 -2.57
CA GLU K 371 25.29 -38.01 -1.47
C GLU K 371 24.06 -37.72 -0.64
N LEU K 372 23.87 -36.45 -0.27
CA LEU K 372 22.73 -36.09 0.57
C LEU K 372 21.41 -36.37 -0.13
N ALA K 373 21.31 -36.01 -1.41
CA ALA K 373 20.05 -36.17 -2.13
C ALA K 373 19.73 -37.65 -2.38
N LEU K 374 20.69 -38.39 -2.90
CA LEU K 374 20.41 -39.78 -3.31
C LEU K 374 20.06 -40.65 -2.11
N GLY K 375 20.77 -40.49 -1.00
CA GLY K 375 20.55 -41.28 0.19
C GLY K 375 21.56 -42.37 0.45
N GLY K 376 22.64 -42.44 -0.33
CA GLY K 376 23.70 -43.41 -0.07
C GLY K 376 23.97 -44.35 -1.23
N VAL K 377 23.53 -43.98 -2.44
CA VAL K 377 23.81 -44.78 -3.62
C VAL K 377 25.04 -44.30 -4.38
N TYR K 378 25.38 -43.01 -4.30
CA TYR K 378 26.61 -42.54 -4.93
C TYR K 378 27.80 -43.39 -4.49
N SER K 379 27.86 -43.71 -3.20
CA SER K 379 28.93 -44.57 -2.71
C SER K 379 28.85 -45.97 -3.31
N VAL K 380 27.64 -46.52 -3.46
CA VAL K 380 27.51 -47.85 -4.04
C VAL K 380 27.98 -47.85 -5.49
N ILE K 381 27.56 -46.86 -6.26
CA ILE K 381 27.97 -46.76 -7.66
C ILE K 381 29.48 -46.62 -7.75
N ALA K 382 30.06 -45.75 -6.91
CA ALA K 382 31.50 -45.58 -6.91
C ALA K 382 32.21 -46.89 -6.59
N ASP K 383 31.72 -47.60 -5.57
CA ASP K 383 32.35 -48.86 -5.19
C ASP K 383 32.28 -49.88 -6.31
N THR K 384 31.14 -49.98 -6.99
CA THR K 384 30.94 -51.02 -7.98
C THR K 384 31.51 -50.68 -9.35
N LEU K 385 31.89 -49.42 -9.60
CA LEU K 385 32.45 -49.06 -10.89
C LEU K 385 33.91 -48.62 -10.84
N HIS K 386 34.33 -47.91 -9.80
CA HIS K 386 35.66 -47.30 -9.81
C HIS K 386 36.76 -48.36 -9.67
N ILE K 387 36.54 -49.38 -8.84
CA ILE K 387 37.63 -50.30 -8.51
C ILE K 387 38.13 -51.06 -9.74
N PRO K 388 37.27 -51.67 -10.57
CA PRO K 388 37.81 -52.43 -11.71
C PRO K 388 38.32 -51.57 -12.84
N LEU K 389 37.65 -50.44 -13.11
CA LEU K 389 38.10 -49.56 -14.19
C LEU K 389 39.49 -49.02 -13.91
N ALA K 390 39.80 -48.69 -12.65
CA ALA K 390 41.14 -48.22 -12.32
C ALA K 390 42.19 -49.27 -12.69
N HIS K 391 41.95 -50.52 -12.29
CA HIS K 391 42.90 -51.59 -12.63
C HIS K 391 43.03 -51.75 -14.13
N ILE K 392 41.91 -51.73 -14.85
CA ILE K 392 41.97 -51.94 -16.30
C ILE K 392 42.76 -50.82 -16.98
N LEU K 393 42.48 -49.57 -16.62
CA LEU K 393 43.21 -48.46 -17.23
C LEU K 393 44.69 -48.48 -16.87
N CYS K 394 45.02 -48.78 -15.60
CA CYS K 394 46.42 -48.86 -15.22
C CYS K 394 47.13 -49.96 -15.99
N TRP K 395 46.49 -51.10 -16.17
CA TRP K 395 47.07 -52.17 -16.98
C TRP K 395 47.27 -51.71 -18.42
N GLU K 396 46.31 -50.97 -18.97
CA GLU K 396 46.46 -50.44 -20.32
C GLU K 396 47.66 -49.51 -20.43
N VAL K 397 47.89 -48.67 -19.43
CA VAL K 397 48.99 -47.71 -19.49
C VAL K 397 50.33 -48.32 -19.12
N ASN K 398 50.36 -49.39 -18.31
CA ASN K 398 51.62 -50.01 -17.91
C ASN K 398 51.33 -51.48 -17.59
N GLN K 399 51.68 -52.37 -18.53
CA GLN K 399 51.39 -53.79 -18.36
C GLN K 399 52.34 -54.43 -17.35
N GLN K 400 53.62 -54.10 -17.42
CA GLN K 400 54.62 -54.82 -16.63
C GLN K 400 54.37 -54.64 -15.13
N PHE K 401 54.08 -53.41 -14.71
CA PHE K 401 53.91 -53.15 -13.28
C PHE K 401 52.76 -53.96 -12.70
N ILE K 402 51.64 -54.02 -13.41
CA ILE K 402 50.48 -54.77 -12.92
C ILE K 402 50.73 -56.26 -12.99
N ASN K 403 51.44 -56.74 -14.03
CA ASN K 403 51.69 -58.17 -14.16
C ASN K 403 52.48 -58.70 -12.97
N GLU K 404 53.49 -57.94 -12.52
CA GLU K 404 54.26 -58.36 -11.36
C GLU K 404 53.42 -58.44 -10.11
N LEU K 405 52.54 -57.46 -9.90
CA LEU K 405 51.70 -57.45 -8.70
C LEU K 405 50.71 -58.60 -8.67
N LEU K 406 50.11 -58.93 -9.80
CA LEU K 406 49.09 -59.98 -9.84
C LEU K 406 49.69 -61.38 -9.71
N SER K 407 50.87 -61.60 -10.27
CA SER K 407 51.49 -62.92 -10.20
C SER K 407 51.76 -63.32 -8.76
N ASN K 408 52.27 -62.39 -7.95
CA ASN K 408 52.57 -62.70 -6.56
C ASN K 408 51.31 -62.92 -5.74
N GLY K 409 50.24 -62.18 -6.03
CA GLY K 409 48.96 -62.31 -5.36
C GLY K 409 48.42 -61.00 -4.80
N LEU K 410 49.30 -60.13 -4.32
CA LEU K 410 48.86 -58.87 -3.76
C LEU K 410 48.26 -57.99 -4.86
N THR K 411 47.41 -57.04 -4.44
CA THR K 411 46.66 -56.19 -5.35
C THR K 411 46.77 -54.74 -4.92
N LEU K 412 46.54 -53.84 -5.88
CA LEU K 412 46.61 -52.42 -5.61
C LEU K 412 45.51 -51.98 -4.65
N SER K 413 45.82 -50.96 -3.85
CA SER K 413 44.84 -50.37 -2.94
C SER K 413 44.33 -49.07 -3.54
N VAL K 414 43.01 -48.90 -3.56
CA VAL K 414 42.37 -47.74 -4.17
C VAL K 414 41.32 -47.21 -3.19
N LEU K 415 41.23 -45.88 -3.11
CA LEU K 415 40.28 -45.21 -2.23
C LEU K 415 39.14 -44.65 -3.05
N THR K 416 37.91 -44.86 -2.57
CA THR K 416 36.72 -44.37 -3.26
C THR K 416 35.64 -44.07 -2.22
N GLY K 417 34.47 -43.69 -2.71
CA GLY K 417 33.38 -43.32 -1.82
C GLY K 417 33.56 -41.91 -1.27
N VAL K 418 33.51 -40.92 -2.16
CA VAL K 418 33.82 -39.52 -1.83
C VAL K 418 35.03 -39.48 -0.91
N ALA K 419 36.05 -40.29 -1.24
CA ALA K 419 37.28 -40.30 -0.44
C ALA K 419 38.52 -40.34 -1.32
N ALA K 420 38.45 -39.84 -2.55
CA ALA K 420 39.59 -39.81 -3.47
C ALA K 420 40.32 -38.48 -3.39
N LEU K 421 40.32 -37.86 -2.21
CA LEU K 421 40.93 -36.57 -1.99
C LEU K 421 42.38 -36.67 -1.50
N SER K 422 42.99 -37.85 -1.61
CA SER K 422 44.34 -38.05 -1.10
C SER K 422 45.31 -37.03 -1.68
N ARG K 423 45.29 -36.86 -3.00
CA ARG K 423 46.19 -35.93 -3.69
C ARG K 423 45.40 -34.78 -4.30
N SER K 424 44.23 -34.46 -3.75
CA SER K 424 43.34 -33.48 -4.34
C SER K 424 43.40 -32.13 -3.62
N THR K 425 43.23 -32.14 -2.31
CA THR K 425 43.07 -30.91 -1.54
C THR K 425 43.99 -30.93 -0.32
N ASP K 426 45.26 -31.30 -0.54
CA ASP K 426 46.25 -31.19 0.51
C ASP K 426 46.91 -29.82 0.53
N VAL K 427 46.89 -29.11 -0.61
CA VAL K 427 47.51 -27.79 -0.67
C VAL K 427 46.76 -26.81 0.22
N ASN K 428 45.45 -27.02 0.42
CA ASN K 428 44.68 -26.12 1.27
C ASN K 428 45.16 -26.22 2.72
N LYS K 429 45.49 -27.43 3.17
CA LYS K 429 46.00 -27.65 4.52
C LYS K 429 47.42 -27.13 4.70
N LEU K 430 48.16 -26.93 3.62
CA LEU K 430 49.49 -26.34 3.67
C LEU K 430 49.44 -24.82 3.64
N ILE K 431 48.50 -24.24 2.88
CA ILE K 431 48.36 -22.79 2.83
C ILE K 431 48.00 -22.26 4.21
N GLN K 432 47.09 -22.93 4.91
CA GLN K 432 46.68 -22.49 6.24
C GLN K 432 47.86 -22.53 7.21
N ALA K 433 48.64 -23.61 7.16
CA ALA K 433 49.81 -23.72 8.03
C ALA K 433 50.80 -22.61 7.73
N ALA K 434 51.02 -22.31 6.44
CA ALA K 434 51.93 -21.24 6.08
C ALA K 434 51.42 -19.90 6.59
N GLN K 435 50.11 -19.65 6.49
CA GLN K 435 49.56 -18.40 6.98
C GLN K 435 49.73 -18.26 8.48
N SER K 436 49.47 -19.32 9.24
CA SER K 436 49.64 -19.27 10.69
C SER K 436 51.10 -19.12 11.10
N LEU K 437 52.01 -19.82 10.42
CA LEU K 437 53.44 -19.72 10.71
C LEU K 437 53.98 -18.32 10.45
N SER K 438 53.33 -17.54 9.59
CA SER K 438 53.74 -16.16 9.34
C SER K 438 53.25 -15.21 10.42
N VAL K 439 52.36 -15.67 11.30
CA VAL K 439 51.88 -14.86 12.40
C VAL K 439 52.49 -15.29 13.73
N ILE K 440 52.83 -16.56 13.90
CA ILE K 440 53.35 -17.03 15.19
C ILE K 440 54.85 -16.84 15.30
N LEU K 441 55.61 -17.02 14.23
CA LEU K 441 57.07 -16.97 14.30
C LEU K 441 57.60 -15.56 14.44
N PRO K 442 56.99 -14.56 13.79
CA PRO K 442 57.48 -13.18 14.03
C PRO K 442 57.51 -12.82 15.50
N VAL K 443 56.50 -13.27 16.26
CA VAL K 443 56.60 -13.23 17.71
C VAL K 443 57.41 -14.43 18.18
N PHE K 444 57.94 -14.34 19.40
CA PHE K 444 58.80 -15.35 20.01
C PHE K 444 60.21 -15.31 19.43
N GLN K 445 60.51 -14.39 18.51
CA GLN K 445 61.85 -14.29 17.97
C GLN K 445 62.84 -13.74 18.98
N ASN K 446 62.37 -12.86 19.88
CA ASN K 446 63.23 -12.28 20.90
C ASN K 446 63.36 -13.19 22.12
N THR K 447 62.29 -13.86 22.51
CA THR K 447 62.35 -14.72 23.68
C THR K 447 63.17 -15.97 23.35
N PRO K 448 64.26 -16.23 24.09
CA PRO K 448 65.07 -17.42 23.82
C PRO K 448 64.64 -18.68 24.57
N ARG K 449 63.55 -18.64 25.32
CA ARG K 449 63.10 -19.79 26.10
C ARG K 449 62.20 -20.73 25.30
N VAL K 450 61.67 -20.29 24.16
CA VAL K 450 60.74 -21.07 23.35
C VAL K 450 61.51 -21.55 22.11
N ASP K 451 61.51 -22.86 21.89
CA ASP K 451 62.23 -23.42 20.76
C ASP K 451 61.35 -23.36 19.51
N PRO K 452 61.83 -22.73 18.42
CA PRO K 452 61.02 -22.69 17.19
C PRO K 452 60.73 -24.06 16.61
N GLU K 453 61.63 -25.03 16.75
CA GLU K 453 61.42 -26.36 16.19
C GLU K 453 60.19 -27.04 16.76
N LYS K 454 59.96 -26.92 18.07
CA LYS K 454 58.77 -27.49 18.69
C LYS K 454 57.49 -26.83 18.20
N ILE K 455 57.49 -25.52 18.03
CA ILE K 455 56.32 -24.86 17.45
C ILE K 455 56.07 -25.36 16.04
N LEU K 456 57.13 -25.50 15.24
CA LEU K 456 56.97 -26.02 13.88
C LEU K 456 56.36 -27.42 13.90
N ASP K 457 56.92 -28.30 14.73
CA ASP K 457 56.48 -29.69 14.81
C ASP K 457 55.06 -29.82 15.37
N MET K 458 54.62 -28.88 16.19
CA MET K 458 53.24 -28.87 16.66
C MET K 458 52.27 -28.35 15.62
N VAL K 459 52.59 -27.23 14.97
CA VAL K 459 51.68 -26.66 13.97
C VAL K 459 51.53 -27.59 12.79
N LEU K 460 52.64 -28.16 12.29
CA LEU K 460 52.55 -29.04 11.12
C LEU K 460 51.69 -30.26 11.40
N THR K 461 51.92 -30.93 12.54
CA THR K 461 51.13 -32.12 12.85
C THR K 461 49.70 -31.78 13.22
N GLY K 462 49.45 -30.55 13.68
CA GLY K 462 48.10 -30.17 14.05
C GLY K 462 47.14 -30.21 12.86
N PHE K 463 47.60 -29.76 11.71
CA PHE K 463 46.76 -29.69 10.51
C PHE K 463 46.69 -31.02 9.77
N GLY K 464 47.50 -32.01 10.16
CA GLY K 464 47.45 -33.31 9.52
C GLY K 464 48.39 -33.47 8.36
N ILE K 465 49.66 -33.09 8.51
CA ILE K 465 50.67 -33.24 7.48
C ILE K 465 51.76 -34.17 7.99
N ASN K 466 52.07 -35.21 7.23
CA ASN K 466 53.15 -36.12 7.59
C ASN K 466 54.47 -35.42 7.36
N THR K 467 55.16 -35.08 8.45
CA THR K 467 56.40 -34.32 8.36
C THR K 467 57.50 -35.05 7.59
N LYS K 468 57.40 -36.37 7.44
CA LYS K 468 58.44 -37.14 6.77
C LYS K 468 58.57 -36.79 5.30
N ASP K 469 57.60 -36.10 4.70
CA ASP K 469 57.64 -35.72 3.30
C ASP K 469 58.16 -34.31 3.09
N LEU K 470 58.52 -33.59 4.16
CA LEU K 470 59.02 -32.23 4.06
C LEU K 470 60.39 -32.05 4.68
N TYR K 471 60.65 -32.68 5.82
CA TYR K 471 61.89 -32.46 6.54
C TYR K 471 63.08 -33.01 5.75
N ARG K 472 64.23 -32.36 5.93
CA ARG K 472 65.46 -32.80 5.30
C ARG K 472 66.11 -33.91 6.12
N THR K 473 66.87 -34.75 5.44
CA THR K 473 67.58 -35.82 6.11
C THR K 473 68.89 -35.30 6.70
N GLU K 474 69.51 -36.13 7.56
CA GLU K 474 70.74 -35.72 8.22
C GLU K 474 71.85 -35.47 7.22
N GLU K 475 71.97 -36.33 6.20
CA GLU K 475 73.03 -36.18 5.22
C GLU K 475 72.91 -34.86 4.48
N GLN K 476 71.69 -34.48 4.09
CA GLN K 476 71.50 -33.21 3.39
C GLN K 476 71.89 -32.03 4.26
N LEU K 477 71.52 -32.08 5.55
CA LEU K 477 71.89 -31.01 6.46
C LEU K 477 73.41 -30.91 6.61
N GLN K 478 74.07 -32.06 6.73
CA GLN K 478 75.53 -32.06 6.83
C GLN K 478 76.16 -31.47 5.58
N ALA K 479 75.65 -31.85 4.41
CA ALA K 479 76.20 -31.32 3.16
C ALA K 479 76.00 -29.81 3.08
N LEU K 480 74.81 -29.34 3.45
CA LEU K 480 74.55 -27.90 3.42
C LEU K 480 75.48 -27.15 4.37
N GLN K 481 75.68 -27.70 5.58
CA GLN K 481 76.59 -27.07 6.53
C GLN K 481 78.02 -27.04 6.00
N ALA K 482 78.46 -28.14 5.37
CA ALA K 482 79.80 -28.17 4.81
C ALA K 482 79.96 -27.15 3.69
N ALA K 483 78.94 -27.00 2.85
CA ALA K 483 78.98 -26.06 1.73
C ALA K 483 78.82 -24.64 2.28
N GLN K 484 79.91 -24.14 2.85
CA GLN K 484 79.93 -22.79 3.42
C GLN K 484 81.33 -22.20 3.38
N THR L 7 25.33 -78.18 16.92
CA THR L 7 23.87 -77.90 17.07
C THR L 7 23.62 -76.42 17.31
N TYR L 8 24.37 -75.57 16.62
CA TYR L 8 24.21 -74.13 16.79
C TYR L 8 22.84 -73.64 16.35
N GLU L 9 22.11 -74.44 15.57
CA GLU L 9 20.74 -74.06 15.21
C GLU L 9 19.86 -73.95 16.45
N SER L 10 20.06 -74.85 17.42
CA SER L 10 19.29 -74.80 18.65
C SER L 10 19.53 -73.48 19.38
N LEU L 11 20.80 -73.07 19.53
CA LEU L 11 21.09 -71.80 20.17
C LEU L 11 20.50 -70.63 19.38
N TYR L 12 20.66 -70.67 18.07
CA TYR L 12 20.15 -69.59 17.23
C TYR L 12 18.64 -69.42 17.43
N THR L 13 17.90 -70.53 17.47
CA THR L 13 16.47 -70.44 17.68
C THR L 13 16.14 -70.02 19.12
N LYS L 14 16.95 -70.46 20.07
CA LYS L 14 16.69 -70.17 21.48
C LYS L 14 16.81 -68.68 21.76
N TYR L 15 17.82 -68.02 21.18
CA TYR L 15 18.14 -66.65 21.54
C TYR L 15 17.32 -65.60 20.80
N ARG L 16 16.35 -66.00 19.98
CA ARG L 16 15.55 -65.04 19.25
C ARG L 16 14.45 -64.45 20.13
N ASP L 17 13.95 -63.29 19.71
CA ASP L 17 12.85 -62.59 20.38
C ASP L 17 11.80 -62.29 19.30
N ASP L 18 10.74 -63.10 19.28
CA ASP L 18 9.75 -62.99 18.20
C ASP L 18 8.94 -61.72 18.32
N SER L 19 8.69 -61.25 19.54
CA SER L 19 7.86 -60.06 19.71
C SER L 19 8.48 -58.84 19.04
N ALA L 20 9.77 -58.61 19.28
CA ALA L 20 10.45 -57.47 18.67
C ALA L 20 10.46 -57.60 17.15
N ILE L 21 10.74 -58.80 16.64
CA ILE L 21 10.81 -59.00 15.19
C ILE L 21 9.47 -58.71 14.55
N LEU L 22 8.38 -59.16 15.16
CA LEU L 22 7.05 -58.90 14.61
C LEU L 22 6.66 -57.44 14.73
N LYS L 23 7.02 -56.77 15.83
CA LYS L 23 6.66 -55.36 15.98
C LYS L 23 7.44 -54.46 15.03
N THR L 24 8.71 -54.78 14.76
CA THR L 24 9.54 -53.91 13.94
C THR L 24 9.19 -53.95 12.46
N GLU L 25 8.13 -54.67 12.08
CA GLU L 25 7.74 -54.69 10.68
C GLU L 25 7.06 -53.39 10.26
N ASP L 26 6.21 -52.84 11.12
CA ASP L 26 5.49 -51.62 10.78
C ASP L 26 6.45 -50.45 10.60
N TYR L 27 7.46 -50.35 11.46
CA TYR L 27 8.40 -49.24 11.37
C TYR L 27 9.10 -49.23 10.01
N ALA L 28 9.55 -50.41 9.56
CA ALA L 28 10.13 -50.50 8.23
C ALA L 28 9.09 -50.21 7.16
N HIS L 29 7.87 -50.71 7.34
CA HIS L 29 6.82 -50.49 6.34
C HIS L 29 6.47 -49.03 6.13
N TRP L 30 6.65 -48.20 7.15
CA TRP L 30 6.35 -46.77 7.03
C TRP L 30 7.47 -45.97 6.39
N THR L 31 8.71 -46.45 6.44
CA THR L 31 9.85 -45.68 5.97
C THR L 31 10.55 -46.31 4.77
N LEU L 32 11.03 -47.54 4.88
CA LEU L 32 11.83 -48.17 3.83
C LEU L 32 11.67 -49.67 3.91
N PRO L 33 10.65 -50.23 3.23
CA PRO L 33 10.40 -51.68 3.36
C PRO L 33 11.57 -52.56 2.93
N THR L 34 12.32 -52.15 1.92
CA THR L 34 13.33 -53.04 1.32
C THR L 34 14.52 -53.28 2.24
N VAL L 35 14.69 -52.49 3.31
CA VAL L 35 15.81 -52.69 4.21
C VAL L 35 15.60 -53.84 5.19
N TYR L 36 14.34 -54.28 5.37
CA TYR L 36 14.00 -55.25 6.39
C TYR L 36 13.35 -56.50 5.78
N ALA L 37 13.70 -56.84 4.55
CA ALA L 37 13.08 -57.99 3.89
C ALA L 37 13.61 -59.30 4.44
N ASP L 38 12.72 -60.28 4.55
CA ASP L 38 13.10 -61.58 5.09
C ASP L 38 13.88 -62.37 4.06
N PRO L 39 15.10 -62.82 4.36
CA PRO L 39 15.88 -63.59 3.38
C PRO L 39 15.47 -65.04 3.25
N ASP L 40 14.60 -65.55 4.12
CA ASP L 40 14.25 -66.97 4.12
C ASP L 40 13.02 -67.28 3.26
N LEU L 41 12.37 -66.27 2.69
CA LEU L 41 11.23 -66.48 1.81
C LEU L 41 11.60 -66.39 0.34
N ARG L 42 12.88 -66.23 0.02
CA ARG L 42 13.33 -66.06 -1.36
C ARG L 42 14.50 -66.99 -1.62
N GLU L 43 14.58 -67.44 -2.88
CA GLU L 43 15.64 -68.36 -3.30
C GLU L 43 16.29 -67.89 -4.60
N GLY L 44 16.37 -66.58 -4.81
CA GLY L 44 16.97 -66.01 -5.99
C GLY L 44 15.99 -65.44 -6.99
N LYS L 45 14.74 -65.20 -6.60
CA LYS L 45 13.75 -64.61 -7.49
C LYS L 45 13.01 -63.52 -6.73
N ARG L 46 12.47 -62.56 -7.47
CA ARG L 46 11.80 -61.42 -6.87
C ARG L 46 10.48 -61.84 -6.22
N VAL L 47 10.26 -61.37 -5.00
CA VAL L 47 8.97 -61.46 -4.32
C VAL L 47 8.57 -60.03 -3.97
N ASN L 48 7.37 -59.63 -4.39
CA ASN L 48 7.00 -58.22 -4.36
C ASN L 48 6.96 -57.69 -2.93
N VAL L 49 7.31 -56.41 -2.79
CA VAL L 49 7.26 -55.70 -1.52
C VAL L 49 6.34 -54.50 -1.69
N ARG L 50 5.38 -54.36 -0.76
CA ARG L 50 4.38 -53.31 -0.89
C ARG L 50 4.88 -52.00 -0.27
N ARG L 51 4.32 -50.89 -0.76
CA ARG L 51 4.68 -49.55 -0.32
C ARG L 51 3.49 -48.89 0.35
N ASP L 52 3.72 -47.68 0.87
CA ASP L 52 2.73 -46.95 1.63
C ASP L 52 2.25 -45.73 0.84
N TYR L 53 1.15 -45.14 1.34
CA TYR L 53 0.55 -44.00 0.64
C TYR L 53 1.34 -42.72 0.77
N GLN L 54 2.33 -42.68 1.67
CA GLN L 54 3.11 -41.47 1.92
C GLN L 54 4.60 -41.76 1.83
N SER L 55 5.36 -40.77 1.38
CA SER L 55 6.80 -40.90 1.20
C SER L 55 7.61 -39.93 2.04
N VAL L 56 7.03 -39.34 3.08
CA VAL L 56 7.78 -38.40 3.92
C VAL L 56 8.86 -39.13 4.69
N GLY L 57 8.50 -40.26 5.31
CA GLY L 57 9.46 -40.98 6.12
C GLY L 57 10.69 -41.42 5.34
N ALA L 58 10.48 -41.86 4.10
CA ALA L 58 11.61 -42.29 3.28
C ALA L 58 12.60 -41.15 3.06
N VAL L 59 12.10 -39.98 2.69
CA VAL L 59 12.98 -38.84 2.44
C VAL L 59 13.70 -38.44 3.72
N TYR L 60 12.97 -38.37 4.84
CA TYR L 60 13.60 -37.96 6.09
C TYR L 60 14.69 -38.95 6.50
N VAL L 61 14.41 -40.25 6.40
CA VAL L 61 15.40 -41.24 6.80
C VAL L 61 16.61 -41.21 5.89
N ASN L 62 16.40 -41.10 4.58
CA ASN L 62 17.51 -41.01 3.66
C ASN L 62 18.40 -39.82 4.00
N THR L 63 17.79 -38.65 4.20
CA THR L 63 18.58 -37.45 4.48
C THR L 63 19.37 -37.62 5.77
N LEU L 64 18.72 -38.10 6.84
CA LEU L 64 19.41 -38.22 8.11
C LEU L 64 20.54 -39.24 8.04
N SER L 65 20.31 -40.39 7.40
CA SER L 65 21.34 -41.41 7.29
C SER L 65 22.52 -40.90 6.48
N ALA L 66 22.26 -40.20 5.37
CA ALA L 66 23.36 -39.66 4.58
C ALA L 66 24.14 -38.61 5.36
N LYS L 67 23.43 -37.77 6.13
CA LYS L 67 24.10 -36.68 6.84
C LYS L 67 24.94 -37.20 7.99
N LEU L 68 24.46 -38.24 8.69
CA LEU L 68 25.19 -38.75 9.85
C LEU L 68 26.57 -39.27 9.49
N ALA L 69 26.75 -39.82 8.29
CA ALA L 69 28.03 -40.42 7.93
C ALA L 69 29.14 -39.38 7.86
N GLN L 70 28.82 -38.20 7.32
CA GLN L 70 29.84 -37.17 7.16
C GLN L 70 30.32 -36.66 8.52
N VAL L 71 29.42 -36.55 9.49
CA VAL L 71 29.80 -36.02 10.80
C VAL L 71 30.67 -37.00 11.56
N LEU L 72 30.31 -38.28 11.56
CA LEU L 72 31.04 -39.30 12.32
C LEU L 72 32.38 -39.67 11.69
N PHE L 73 32.45 -39.71 10.36
CA PHE L 73 33.64 -40.18 9.65
C PHE L 73 34.06 -39.13 8.63
N PRO L 74 34.66 -38.03 9.09
CA PRO L 74 35.15 -37.02 8.15
C PRO L 74 36.26 -37.59 7.28
N ALA L 75 36.36 -37.07 6.06
CA ALA L 75 37.26 -37.61 5.05
C ALA L 75 38.63 -36.95 5.04
N ASN L 76 38.88 -35.96 5.91
CA ASN L 76 40.13 -35.20 5.85
C ASN L 76 40.71 -34.99 7.25
N GLN L 77 40.42 -35.88 8.17
CA GLN L 77 41.02 -35.84 9.50
C GLN L 77 40.58 -37.07 10.29
N ALA L 78 41.42 -37.46 11.24
CA ALA L 78 41.12 -38.63 12.06
C ALA L 78 39.92 -38.35 12.97
N PHE L 79 39.20 -39.43 13.30
CA PHE L 79 38.03 -39.35 14.16
C PHE L 79 38.34 -39.77 15.60
N PHE L 80 39.59 -40.02 15.94
CA PHE L 80 39.96 -40.43 17.28
C PHE L 80 41.33 -39.86 17.62
N ARG L 81 41.58 -39.71 18.92
CA ARG L 81 42.83 -39.16 19.42
C ARG L 81 43.32 -40.00 20.60
N ILE L 82 44.63 -40.01 20.80
CA ILE L 82 45.25 -40.76 21.89
C ILE L 82 45.76 -39.78 22.93
N ASP L 83 45.43 -40.03 24.19
CA ASP L 83 45.83 -39.14 25.27
C ASP L 83 47.31 -39.30 25.58
N SER L 84 47.72 -40.51 25.96
CA SER L 84 49.13 -40.81 26.20
C SER L 84 49.61 -40.22 27.52
N THR L 85 48.74 -39.50 28.23
CA THR L 85 49.14 -38.93 29.51
C THR L 85 49.14 -39.97 30.61
N GLY L 86 48.51 -41.13 30.39
CA GLY L 86 48.45 -42.18 31.39
C GLY L 86 49.81 -42.66 31.82
N ASP L 87 50.55 -43.28 30.90
CA ASP L 87 51.88 -43.80 31.23
C ASP L 87 52.72 -43.78 29.95
N ALA L 88 53.62 -42.80 29.85
CA ALA L 88 54.46 -42.68 28.67
C ALA L 88 55.58 -43.70 28.67
N ALA L 89 55.92 -44.25 29.84
CA ALA L 89 57.03 -45.20 29.94
C ALA L 89 56.82 -46.40 29.03
N GLN L 90 55.75 -47.16 29.27
CA GLN L 90 55.47 -48.35 28.49
C GLN L 90 55.20 -48.02 27.03
N LEU L 91 54.48 -46.93 26.76
CA LEU L 91 54.19 -46.56 25.38
C LEU L 91 55.47 -46.29 24.61
N ALA L 92 56.42 -45.57 25.22
CA ALA L 92 57.70 -45.31 24.57
C ALA L 92 58.53 -46.59 24.45
N GLU L 93 58.46 -47.47 25.44
CA GLU L 93 59.23 -48.70 25.39
C GLU L 93 58.72 -49.67 24.34
N ALA L 94 57.42 -49.62 24.02
CA ALA L 94 56.87 -50.53 23.02
C ALA L 94 57.42 -50.22 21.63
N MET L 95 57.36 -48.95 21.22
CA MET L 95 57.90 -48.58 19.91
C MET L 95 59.41 -48.52 19.93
N GLY L 96 60.00 -48.14 21.06
CA GLY L 96 61.43 -47.94 21.14
C GLY L 96 61.84 -46.55 20.69
N ALA L 97 61.26 -45.53 21.32
CA ALA L 97 61.52 -44.14 20.97
C ALA L 97 61.92 -43.39 22.23
N GLU L 98 62.24 -42.11 22.06
CA GLU L 98 62.67 -41.28 23.18
C GLU L 98 61.46 -40.85 24.00
N SER L 99 61.73 -40.11 25.09
CA SER L 99 60.66 -39.68 25.98
C SER L 99 59.76 -38.65 25.31
N ALA L 100 60.35 -37.80 24.45
CA ALA L 100 59.61 -36.72 23.81
C ALA L 100 59.14 -37.06 22.40
N ASP L 101 59.74 -38.05 21.75
CA ASP L 101 59.33 -38.42 20.39
C ASP L 101 57.98 -39.14 20.38
N LEU L 102 57.46 -39.51 21.54
CA LEU L 102 56.17 -40.19 21.60
C LEU L 102 55.05 -39.31 21.05
N ALA L 103 55.10 -38.00 21.32
CA ALA L 103 54.07 -37.11 20.83
C ALA L 103 54.01 -37.11 19.30
N ASN L 104 55.19 -37.10 18.66
CA ASN L 104 55.22 -37.15 17.20
C ASN L 104 54.82 -38.52 16.68
N GLY L 105 55.26 -39.59 17.33
CA GLY L 105 54.95 -40.92 16.84
C GLY L 105 53.47 -41.23 16.90
N LEU L 106 52.82 -40.88 18.01
CA LEU L 106 51.38 -41.12 18.14
C LEU L 106 50.60 -40.33 17.10
N ALA L 107 50.99 -39.08 16.88
CA ALA L 107 50.33 -38.27 15.86
C ALA L 107 50.50 -38.88 14.48
N GLU L 108 51.71 -39.35 14.16
CA GLU L 108 51.93 -39.99 12.86
C GLU L 108 51.05 -41.22 12.71
N LEU L 109 50.98 -42.06 13.74
CA LEU L 109 50.15 -43.26 13.67
C LEU L 109 48.68 -42.90 13.45
N GLU L 110 48.17 -41.94 14.23
CA GLU L 110 46.78 -41.55 14.08
C GLU L 110 46.49 -41.00 12.69
N ASN L 111 47.40 -40.15 12.18
CA ASN L 111 47.19 -39.55 10.87
C ASN L 111 47.21 -40.61 9.76
N THR L 112 48.13 -41.56 9.83
CA THR L 112 48.27 -42.55 8.76
C THR L 112 47.28 -43.70 8.90
N ALA L 113 46.62 -43.85 10.04
CA ALA L 113 45.78 -45.03 10.25
C ALA L 113 44.37 -44.86 9.71
N PHE L 114 43.79 -43.65 9.84
CA PHE L 114 42.36 -43.51 9.61
C PHE L 114 41.98 -43.63 8.14
N ARG L 115 42.94 -43.52 7.21
CA ARG L 115 42.61 -43.68 5.80
C ARG L 115 42.15 -45.09 5.45
N ARG L 116 42.44 -46.08 6.29
CA ARG L 116 42.11 -47.46 5.96
C ARG L 116 40.61 -47.73 5.90
N ILE L 117 39.78 -46.80 6.36
CA ILE L 117 38.34 -47.03 6.40
C ILE L 117 37.69 -46.88 5.03
N PHE L 118 38.42 -46.42 4.02
CA PHE L 118 37.87 -46.18 2.69
C PHE L 118 38.28 -47.21 1.66
N LEU L 119 38.74 -48.39 2.09
CA LEU L 119 39.18 -49.41 1.14
C LEU L 119 38.08 -50.43 0.87
N LYS L 120 37.84 -50.71 -0.41
CA LYS L 120 36.98 -51.82 -0.83
C LYS L 120 35.54 -51.65 -0.36
N SER L 121 34.99 -50.45 -0.54
CA SER L 121 33.55 -50.21 -0.35
C SER L 121 33.11 -50.40 1.10
N SER L 122 33.82 -49.79 2.04
CA SER L 122 33.38 -49.82 3.43
C SER L 122 32.36 -48.71 3.71
N TYR L 123 32.49 -47.57 3.02
CA TYR L 123 31.65 -46.42 3.32
C TYR L 123 30.17 -46.73 3.04
N HIS L 124 29.90 -47.44 1.96
CA HIS L 124 28.51 -47.83 1.66
C HIS L 124 27.94 -48.71 2.76
N GLN L 125 28.74 -49.65 3.28
CA GLN L 125 28.27 -50.49 4.36
C GLN L 125 28.05 -49.68 5.63
N LEU L 126 28.88 -48.67 5.87
CA LEU L 126 28.66 -47.80 7.02
C LEU L 126 27.33 -47.05 6.89
N VAL L 127 27.03 -46.55 5.70
CA VAL L 127 25.76 -45.85 5.50
C VAL L 127 24.58 -46.80 5.70
N HIS L 128 24.70 -48.02 5.17
CA HIS L 128 23.64 -49.01 5.37
C HIS L 128 23.46 -49.33 6.85
N ALA L 129 24.57 -49.43 7.59
CA ALA L 129 24.48 -49.67 9.02
C ALA L 129 23.79 -48.52 9.74
N MET L 130 24.06 -47.28 9.33
CA MET L 130 23.37 -46.14 9.93
C MET L 130 21.87 -46.22 9.68
N LYS L 131 21.48 -46.57 8.45
CA LYS L 131 20.05 -46.75 8.16
C LYS L 131 19.45 -47.81 9.07
N LEU L 132 20.14 -48.96 9.19
CA LEU L 132 19.62 -50.05 10.02
C LEU L 132 19.47 -49.61 11.47
N LEU L 133 20.46 -48.89 12.00
CA LEU L 133 20.38 -48.41 13.37
C LEU L 133 19.21 -47.45 13.56
N ILE L 134 19.00 -46.56 12.58
CA ILE L 134 17.93 -45.58 12.73
C ILE L 134 16.56 -46.25 12.68
N ILE L 135 16.36 -47.21 11.79
CA ILE L 135 15.03 -47.79 11.63
C ILE L 135 14.75 -48.89 12.65
N THR L 136 15.71 -49.82 12.85
CA THR L 136 15.49 -50.98 13.71
C THR L 136 16.25 -50.93 15.02
N GLY L 137 17.29 -50.11 15.13
CA GLY L 137 18.01 -49.97 16.38
C GLY L 137 18.94 -51.11 16.71
N ASN L 138 19.32 -51.93 15.73
CA ASN L 138 20.25 -53.03 15.94
C ASN L 138 21.03 -53.29 14.67
N VAL L 139 22.29 -53.69 14.82
CA VAL L 139 23.15 -54.01 13.69
C VAL L 139 24.37 -54.77 14.20
N LEU L 140 24.83 -55.72 13.39
CA LEU L 140 26.06 -56.46 13.64
C LEU L 140 27.04 -56.16 12.52
N LEU L 141 28.27 -55.79 12.89
CA LEU L 141 29.27 -55.32 11.94
C LEU L 141 30.48 -56.23 11.96
N TYR L 142 30.89 -56.69 10.79
CA TYR L 142 32.03 -57.60 10.64
C TYR L 142 33.07 -56.95 9.75
N ARG L 143 34.31 -56.89 10.24
CA ARG L 143 35.42 -56.26 9.53
C ARG L 143 36.47 -57.32 9.24
N ASP L 144 36.80 -57.48 7.96
CA ASP L 144 37.78 -58.47 7.53
C ASP L 144 39.12 -57.79 7.34
N SER L 145 40.13 -58.23 8.09
CA SER L 145 41.43 -57.59 8.04
C SER L 145 42.24 -57.99 6.81
N ASN L 146 42.07 -59.21 6.31
CA ASN L 146 42.89 -59.68 5.21
C ASN L 146 42.70 -58.82 3.97
N THR L 147 41.46 -58.47 3.64
CA THR L 147 41.14 -57.70 2.44
C THR L 147 40.85 -56.24 2.72
N GLY L 148 40.17 -55.94 3.82
CA GLY L 148 39.76 -54.57 4.11
C GLY L 148 38.31 -54.26 3.80
N ASN L 149 37.44 -55.27 3.79
CA ASN L 149 36.04 -55.09 3.49
C ASN L 149 35.19 -55.30 4.74
N MET L 150 33.99 -54.73 4.72
CA MET L 150 33.06 -54.81 5.84
C MET L 150 31.69 -55.23 5.34
N HIS L 151 30.85 -55.70 6.27
CA HIS L 151 29.49 -56.10 5.95
C HIS L 151 28.62 -55.86 7.17
N ALA L 152 27.35 -55.57 6.94
CA ALA L 152 26.39 -55.29 8.00
C ALA L 152 25.21 -56.24 7.91
N TYR L 153 24.75 -56.71 9.07
CA TYR L 153 23.66 -57.67 9.15
C TYR L 153 22.54 -57.09 9.99
N SER L 154 21.32 -57.55 9.71
CA SER L 154 20.15 -57.15 10.48
C SER L 154 19.84 -58.24 11.51
N ILE L 155 18.84 -58.00 12.36
CA ILE L 155 18.48 -58.97 13.40
C ILE L 155 17.80 -60.20 12.84
N ARG L 156 17.55 -60.24 11.54
CA ARG L 156 16.97 -61.43 10.91
C ARG L 156 18.02 -62.50 10.61
N GLN L 157 19.30 -62.22 10.84
CA GLN L 157 20.36 -63.16 10.54
C GLN L 157 21.23 -63.49 11.74
N TYR L 158 20.96 -62.92 12.91
CA TYR L 158 21.79 -63.19 14.09
C TYR L 158 20.99 -62.93 15.35
N SER L 159 21.50 -63.47 16.45
CA SER L 159 20.89 -63.31 17.76
C SER L 159 21.99 -63.29 18.82
N VAL L 160 21.74 -62.56 19.91
CA VAL L 160 22.74 -62.32 20.93
C VAL L 160 22.16 -62.62 22.30
N LEU L 161 23.04 -62.84 23.26
CA LEU L 161 22.69 -63.05 24.65
C LEU L 161 23.54 -62.15 25.54
N ARG L 162 22.91 -61.54 26.54
CA ARG L 162 23.62 -60.63 27.42
C ARG L 162 23.03 -60.73 28.82
N ASP L 163 23.82 -60.29 29.81
CA ASP L 163 23.40 -60.30 31.20
C ASP L 163 22.42 -59.16 31.46
N GLY L 164 22.02 -59.02 32.73
CA GLY L 164 21.23 -57.87 33.12
C GLY L 164 22.01 -56.58 33.14
N GLY L 165 23.35 -56.66 33.24
CA GLY L 165 24.19 -55.49 33.20
C GLY L 165 24.57 -55.01 31.82
N GLY L 166 24.23 -55.77 30.78
CA GLY L 166 24.47 -55.37 29.41
C GLY L 166 25.64 -56.05 28.73
N LYS L 167 26.46 -56.80 29.47
CA LYS L 167 27.59 -57.49 28.85
C LYS L 167 27.11 -58.55 27.88
N VAL L 168 27.71 -58.59 26.70
CA VAL L 168 27.39 -59.59 25.69
C VAL L 168 28.20 -60.84 25.97
N LEU L 169 27.51 -61.99 26.02
CA LEU L 169 28.14 -63.26 26.38
C LEU L 169 28.31 -64.19 25.19
N ASP L 170 27.33 -64.22 24.29
CA ASP L 170 27.35 -65.19 23.19
C ASP L 170 26.61 -64.60 21.98
N MET L 171 26.91 -65.15 20.81
CA MET L 171 26.27 -64.76 19.57
C MET L 171 26.29 -65.92 18.58
N VAL L 172 25.32 -65.93 17.68
CA VAL L 172 25.24 -66.92 16.61
C VAL L 172 24.82 -66.20 15.33
N LEU L 173 25.40 -66.61 14.21
CA LEU L 173 25.17 -65.96 12.92
C LEU L 173 24.90 -67.01 11.86
N LYS L 174 23.91 -66.76 11.01
CA LYS L 174 23.53 -67.65 9.92
C LYS L 174 23.94 -67.04 8.58
N GLU L 175 24.33 -67.91 7.66
CA GLU L 175 24.73 -67.47 6.32
C GLU L 175 24.50 -68.61 5.34
N ARG L 176 24.21 -68.26 4.09
CA ARG L 176 23.88 -69.23 3.05
C ARG L 176 24.95 -69.17 1.95
N THR L 177 25.26 -70.35 1.39
CA THR L 177 26.27 -70.45 0.35
C THR L 177 26.01 -71.72 -0.45
N VAL L 178 27.00 -72.13 -1.26
CA VAL L 178 26.89 -73.32 -2.09
C VAL L 178 28.08 -74.23 -1.81
N ILE L 179 27.96 -75.47 -2.27
CA ILE L 179 28.97 -76.49 -1.97
C ILE L 179 30.32 -76.13 -2.58
N SER L 180 30.32 -75.53 -3.78
CA SER L 180 31.58 -75.26 -4.47
C SER L 180 32.47 -74.32 -3.67
N GLU L 181 31.91 -73.58 -2.72
CA GLU L 181 32.70 -72.62 -1.96
C GLU L 181 33.38 -73.24 -0.75
N LEU L 182 33.06 -74.48 -0.41
CA LEU L 182 33.58 -75.10 0.80
C LEU L 182 35.04 -75.51 0.61
N PRO L 183 35.77 -75.73 1.72
CA PRO L 183 37.17 -76.15 1.61
C PRO L 183 37.28 -77.56 1.02
N VAL L 184 38.47 -77.85 0.47
CA VAL L 184 38.70 -79.15 -0.15
C VAL L 184 38.51 -80.26 0.86
N GLU L 185 38.90 -80.04 2.11
CA GLU L 185 38.80 -81.10 3.11
C GLU L 185 37.37 -81.53 3.32
N ALA L 186 36.43 -80.58 3.37
CA ALA L 186 35.03 -80.89 3.61
C ALA L 186 34.26 -81.23 2.34
N ARG L 187 34.81 -80.91 1.17
CA ARG L 187 34.11 -81.19 -0.08
C ARG L 187 34.31 -82.62 -0.56
N ILE L 188 35.25 -83.36 0.03
CA ILE L 188 35.36 -84.79 -0.29
C ILE L 188 34.07 -85.50 0.08
N LYS L 189 33.52 -85.18 1.24
CA LYS L 189 32.16 -85.58 1.57
C LYS L 189 31.18 -84.80 0.70
N TYR L 190 29.92 -85.20 0.73
CA TYR L 190 28.93 -84.61 -0.18
C TYR L 190 29.40 -84.75 -1.61
N ARG L 191 30.08 -85.86 -1.93
CA ARG L 191 30.55 -86.06 -3.30
C ARG L 191 29.40 -86.05 -4.27
N ASN L 192 28.30 -86.72 -3.94
CA ASN L 192 27.07 -86.60 -4.70
C ASN L 192 26.39 -85.28 -4.39
N ARG L 193 25.40 -84.93 -5.21
CA ARG L 193 24.65 -83.69 -5.08
C ARG L 193 25.54 -82.46 -5.23
N LYS L 194 26.62 -82.55 -5.99
CA LYS L 194 27.56 -81.44 -6.15
C LYS L 194 27.03 -80.45 -7.20
N GLN L 195 25.78 -80.05 -7.02
CA GLN L 195 25.17 -78.99 -7.81
C GLN L 195 25.37 -77.66 -7.10
N ASP L 196 24.64 -76.63 -7.53
CA ASP L 196 24.69 -75.34 -6.87
C ASP L 196 23.60 -75.27 -5.81
N ASP L 197 23.32 -76.40 -5.16
CA ASP L 197 22.32 -76.42 -4.10
C ASP L 197 22.76 -75.54 -2.93
N CYS L 198 21.80 -74.89 -2.29
CA CYS L 198 22.09 -74.00 -1.18
C CYS L 198 22.28 -74.81 0.10
N ILE L 199 23.27 -74.42 0.91
CA ILE L 199 23.55 -75.04 2.20
C ILE L 199 23.82 -73.94 3.22
N CYS L 200 23.28 -74.10 4.42
CA CYS L 200 23.41 -73.09 5.47
C CYS L 200 24.69 -73.29 6.26
N LEU L 201 25.21 -72.19 6.80
CA LEU L 201 26.43 -72.20 7.60
C LEU L 201 26.19 -71.38 8.87
N TYR L 202 26.76 -71.84 9.98
CA TYR L 202 26.56 -71.21 11.28
C TYR L 202 27.90 -70.88 11.91
N THR L 203 27.98 -69.71 12.55
CA THR L 203 29.16 -69.27 13.27
C THR L 203 28.78 -68.90 14.70
N ARG L 204 29.69 -69.16 15.63
CA ARG L 204 29.46 -68.89 17.04
C ARG L 204 30.63 -68.10 17.61
N ILE L 205 30.31 -67.06 18.38
CA ILE L 205 31.29 -66.25 19.10
C ILE L 205 30.96 -66.31 20.57
N LYS L 206 31.93 -66.72 21.39
CA LYS L 206 31.72 -66.95 22.81
C LYS L 206 32.81 -66.28 23.62
N ARG L 207 32.41 -65.70 24.76
CA ARG L 207 33.37 -65.07 25.67
C ARG L 207 33.92 -66.10 26.65
N GLU L 208 35.22 -65.97 26.93
CA GLU L 208 35.90 -66.83 27.89
C GLU L 208 37.06 -66.06 28.47
N ARG L 209 37.50 -66.47 29.65
CA ARG L 209 38.59 -65.80 30.35
C ARG L 209 39.80 -66.72 30.48
N ARG L 210 40.98 -66.17 30.18
CA ARG L 210 42.25 -66.85 30.41
C ARG L 210 43.08 -66.05 31.41
N ALA L 211 44.35 -66.45 31.59
CA ALA L 211 45.16 -65.88 32.65
C ALA L 211 45.35 -64.37 32.46
N VAL L 212 45.57 -63.93 31.22
CA VAL L 212 45.95 -62.54 30.96
C VAL L 212 44.75 -61.69 30.56
N GLY L 213 43.54 -62.19 30.72
CA GLY L 213 42.36 -61.39 30.45
C GLY L 213 41.28 -62.20 29.75
N GLU L 214 40.21 -61.49 29.39
CA GLU L 214 39.10 -62.13 28.70
C GLU L 214 39.44 -62.35 27.23
N VAL L 215 38.65 -63.20 26.59
CA VAL L 215 38.95 -63.70 25.25
C VAL L 215 37.65 -64.06 24.54
N PHE L 216 37.68 -63.98 23.21
CA PHE L 216 36.57 -64.37 22.36
C PHE L 216 37.01 -65.52 21.45
N VAL L 217 36.17 -66.55 21.39
CA VAL L 217 36.48 -67.78 20.64
C VAL L 217 35.48 -67.92 19.50
N VAL L 218 35.99 -68.17 18.30
CA VAL L 218 35.18 -68.26 17.09
C VAL L 218 35.28 -69.66 16.52
N THR L 219 34.14 -70.22 16.14
CA THR L 219 34.09 -71.54 15.52
C THR L 219 32.95 -71.56 14.51
N GLN L 220 32.96 -72.56 13.64
CA GLN L 220 31.97 -72.69 12.58
C GLN L 220 31.46 -74.13 12.52
N GLN L 221 30.28 -74.30 11.93
CA GLN L 221 29.65 -75.60 11.85
C GLN L 221 28.61 -75.57 10.73
N LEU L 222 28.42 -76.71 10.09
CA LEU L 222 27.43 -76.84 9.02
C LEU L 222 26.07 -77.17 9.61
N GLU L 223 25.06 -77.32 8.75
CA GLU L 223 23.71 -77.61 9.23
C GLU L 223 23.66 -78.98 9.92
N ASP L 224 24.31 -79.98 9.34
CA ASP L 224 24.26 -81.35 9.86
C ASP L 224 25.41 -81.64 10.81
N GLY L 225 25.59 -80.78 11.82
CA GLY L 225 26.48 -81.08 12.92
C GLY L 225 27.96 -81.03 12.65
N LEU L 226 28.38 -81.15 11.40
CA LEU L 226 29.79 -81.31 11.08
C LEU L 226 30.55 -80.01 11.31
N MET L 227 31.65 -80.10 12.06
CA MET L 227 32.51 -78.95 12.30
C MET L 227 33.46 -78.73 11.13
N LEU L 228 33.97 -77.51 11.00
CA LEU L 228 34.87 -77.13 9.92
C LEU L 228 36.20 -76.60 10.43
N ASP L 229 36.57 -76.89 11.67
CA ASP L 229 37.86 -76.46 12.20
C ASP L 229 37.92 -74.94 12.21
N ASN L 230 39.04 -74.35 11.77
CA ASN L 230 39.23 -72.91 11.66
C ASN L 230 39.16 -72.19 13.00
N LEU L 231 39.46 -72.88 14.09
CA LEU L 231 39.41 -72.25 15.41
C LEU L 231 40.34 -71.04 15.44
N GLU L 232 39.83 -69.92 15.97
CA GLU L 232 40.59 -68.71 16.13
C GLU L 232 40.29 -68.09 17.48
N VAL L 233 41.26 -67.34 18.00
CA VAL L 233 41.17 -66.72 19.32
C VAL L 233 41.64 -65.28 19.20
N TYR L 234 40.84 -64.34 19.72
CA TYR L 234 41.18 -62.94 19.72
C TYR L 234 41.07 -62.36 21.13
N PRO L 235 41.94 -61.43 21.50
CA PRO L 235 41.69 -60.64 22.70
C PRO L 235 40.43 -59.79 22.53
N GLU L 236 39.76 -59.52 23.65
CA GLU L 236 38.48 -58.83 23.60
C GLU L 236 38.58 -57.47 22.92
N ALA L 237 39.75 -56.85 22.93
CA ALA L 237 39.89 -55.49 22.40
C ALA L 237 39.88 -55.47 20.88
N ILE L 238 40.40 -56.50 20.22
CA ILE L 238 40.56 -56.48 18.77
C ILE L 238 39.68 -57.54 18.11
N CYS L 239 38.54 -57.83 18.72
CA CYS L 239 37.59 -58.73 18.09
C CYS L 239 36.98 -58.06 16.86
N PRO L 240 36.79 -58.79 15.76
CA PRO L 240 36.25 -58.18 14.53
C PRO L 240 34.73 -58.06 14.48
N PHE L 241 34.00 -58.58 15.46
CA PHE L 241 32.54 -58.50 15.50
C PHE L 241 32.14 -57.41 16.49
N ILE L 242 31.21 -56.56 16.08
CA ILE L 242 30.81 -55.40 16.89
C ILE L 242 29.30 -55.28 16.90
N PRO L 243 28.60 -55.76 17.94
CA PRO L 243 27.18 -55.47 18.07
C PRO L 243 26.94 -54.09 18.65
N ALA L 244 25.90 -53.43 18.14
CA ALA L 244 25.61 -52.05 18.50
C ALA L 244 24.11 -51.89 18.74
N VAL L 245 23.77 -50.84 19.49
CA VAL L 245 22.39 -50.52 19.81
C VAL L 245 22.22 -49.01 19.78
N TRP L 246 21.01 -48.56 19.51
CA TRP L 246 20.67 -47.14 19.50
C TRP L 246 20.16 -46.69 20.88
N ASN L 247 19.14 -47.37 21.39
CA ASN L 247 18.63 -47.13 22.73
C ASN L 247 18.36 -48.47 23.40
N LEU L 248 18.94 -48.66 24.58
CA LEU L 248 18.90 -49.95 25.27
C LEU L 248 18.25 -49.76 26.64
N VAL L 249 17.03 -50.26 26.79
CA VAL L 249 16.35 -50.23 28.07
C VAL L 249 16.97 -51.28 28.98
N THR L 250 17.35 -50.89 30.19
CA THR L 250 17.98 -51.82 31.12
C THR L 250 17.08 -53.01 31.36
N GLY L 251 17.66 -54.21 31.27
CA GLY L 251 16.92 -55.43 31.49
C GLY L 251 16.68 -56.22 30.22
N GLU L 252 16.54 -55.52 29.10
CA GLU L 252 16.25 -56.17 27.82
C GLU L 252 17.55 -56.52 27.11
N THR L 253 17.42 -57.13 25.93
CA THR L 253 18.56 -57.62 25.16
C THR L 253 18.77 -56.83 23.87
N TYR L 254 17.70 -56.44 23.20
CA TYR L 254 17.79 -55.69 21.96
C TYR L 254 17.40 -54.23 22.18
N GLY L 255 17.96 -53.35 21.36
CA GLY L 255 17.71 -51.93 21.49
C GLY L 255 16.43 -51.47 20.83
N ARG L 256 16.24 -50.15 20.75
CA ARG L 256 15.06 -49.56 20.13
C ARG L 256 15.49 -48.44 19.19
N GLY L 257 14.67 -48.18 18.18
CA GLY L 257 15.01 -47.23 17.16
C GLY L 257 14.42 -45.85 17.37
N LEU L 258 14.85 -44.89 16.55
CA LEU L 258 14.33 -43.52 16.66
C LEU L 258 12.90 -43.45 16.15
N VAL L 259 12.57 -44.24 15.12
CA VAL L 259 11.23 -44.16 14.53
C VAL L 259 10.16 -44.57 15.52
N GLU L 260 10.49 -45.46 16.47
CA GLU L 260 9.50 -45.93 17.42
C GLU L 260 8.93 -44.81 18.27
N ASP L 261 9.66 -43.71 18.43
CA ASP L 261 9.19 -42.59 19.23
C ASP L 261 8.15 -41.72 18.53
N TYR L 262 7.97 -41.89 17.21
CA TYR L 262 7.12 -41.01 16.43
C TYR L 262 6.16 -41.81 15.55
N ALA L 263 5.65 -42.94 16.06
CA ALA L 263 4.78 -43.78 15.24
C ALA L 263 3.40 -43.18 15.08
N GLY L 264 2.92 -42.44 16.09
CA GLY L 264 1.58 -41.89 16.02
C GLY L 264 1.39 -40.94 14.86
N ASP L 265 2.36 -40.05 14.64
CA ASP L 265 2.25 -39.08 13.55
C ASP L 265 2.21 -39.77 12.19
N LEU L 266 3.07 -40.77 11.99
CA LEU L 266 3.08 -41.49 10.72
C LEU L 266 1.77 -42.23 10.50
N ALA L 267 1.26 -42.87 11.55
CA ALA L 267 -0.01 -43.58 11.43
C ALA L 267 -1.14 -42.61 11.09
N LYS L 268 -1.13 -41.43 11.71
CA LYS L 268 -2.17 -40.44 11.43
C LYS L 268 -2.00 -39.80 10.06
N LEU L 269 -0.80 -39.84 9.50
CA LEU L 269 -0.53 -39.26 8.19
C LEU L 269 -0.90 -40.19 7.05
N SER L 270 -0.72 -41.50 7.23
CA SER L 270 -1.01 -42.45 6.17
C SER L 270 -2.48 -42.41 5.78
N ALA L 271 -3.38 -42.36 6.76
CA ALA L 271 -4.81 -42.33 6.46
C ALA L 271 -5.21 -41.08 5.70
N LEU L 272 -4.68 -39.92 6.11
CA LEU L 272 -4.96 -38.69 5.39
C LEU L 272 -4.45 -38.76 3.96
N SER L 273 -3.28 -39.37 3.76
CA SER L 273 -2.78 -39.55 2.40
C SER L 273 -3.72 -40.42 1.58
N GLU L 274 -4.25 -41.49 2.19
CA GLU L 274 -5.20 -42.34 1.48
C GLU L 274 -6.45 -41.57 1.08
N ALA L 275 -6.98 -40.76 1.99
CA ALA L 275 -8.17 -39.98 1.68
C ALA L 275 -7.90 -38.97 0.57
N LEU L 276 -6.73 -38.33 0.60
CA LEU L 276 -6.37 -37.40 -0.46
C LEU L 276 -6.30 -38.12 -1.81
N ALA L 277 -5.73 -39.33 -1.82
CA ALA L 277 -5.68 -40.10 -3.06
C ALA L 277 -7.08 -40.43 -3.56
N LEU L 278 -7.99 -40.79 -2.65
CA LEU L 278 -9.36 -41.09 -3.06
C LEU L 278 -10.02 -39.87 -3.70
N TYR L 279 -9.88 -38.70 -3.08
CA TYR L 279 -10.45 -37.49 -3.67
C TYR L 279 -9.81 -37.18 -5.02
N GLU L 280 -8.50 -37.32 -5.14
CA GLU L 280 -7.84 -37.06 -6.40
C GLU L 280 -8.32 -37.99 -7.50
N ILE L 281 -8.57 -39.26 -7.18
CA ILE L 281 -9.15 -40.18 -8.17
C ILE L 281 -10.57 -39.77 -8.52
N GLU L 282 -11.36 -39.34 -7.54
CA GLU L 282 -12.72 -38.86 -7.83
C GLU L 282 -12.71 -37.63 -8.73
N ALA L 283 -11.63 -36.84 -8.71
CA ALA L 283 -11.58 -35.63 -9.52
C ALA L 283 -11.36 -35.89 -11.01
N CYS L 284 -11.43 -37.15 -11.45
CA CYS L 284 -11.17 -37.49 -12.84
C CYS L 284 -12.42 -37.92 -13.59
N ARG L 285 -13.60 -37.47 -13.16
CA ARG L 285 -14.84 -37.73 -13.89
C ARG L 285 -15.09 -36.57 -14.84
N VAL L 286 -15.14 -36.87 -16.13
CA VAL L 286 -15.38 -35.86 -17.17
C VAL L 286 -16.76 -36.18 -17.76
N LEU L 287 -17.76 -35.42 -17.32
CA LEU L 287 -19.13 -35.59 -17.80
C LEU L 287 -19.73 -34.23 -18.15
N HIS L 288 -20.67 -34.25 -19.08
CA HIS L 288 -21.45 -33.08 -19.45
C HIS L 288 -22.92 -33.42 -19.31
N MET L 289 -23.65 -32.60 -18.56
CA MET L 289 -25.03 -32.87 -18.23
C MET L 289 -25.96 -31.94 -18.99
N ALA L 290 -26.97 -32.52 -19.63
CA ALA L 290 -27.99 -31.75 -20.33
C ALA L 290 -29.14 -31.47 -19.37
N LYS L 291 -29.35 -30.19 -19.05
CA LYS L 291 -30.36 -29.82 -18.08
C LYS L 291 -31.75 -30.25 -18.57
N PRO L 292 -32.60 -30.76 -17.67
CA PRO L 292 -33.97 -31.07 -18.06
C PRO L 292 -34.88 -29.86 -18.00
N GLY L 293 -35.79 -29.78 -18.96
CA GLY L 293 -36.71 -28.67 -19.04
C GLY L 293 -36.22 -27.48 -19.83
N SER L 294 -35.13 -27.62 -20.58
CA SER L 294 -34.57 -26.54 -21.37
C SER L 294 -34.71 -26.84 -22.86
N GLN L 295 -34.89 -25.79 -23.65
CA GLN L 295 -34.97 -25.94 -25.10
C GLN L 295 -33.57 -26.01 -25.70
N ILE L 296 -33.23 -27.16 -26.28
CA ILE L 296 -31.93 -27.34 -26.92
C ILE L 296 -32.08 -28.35 -28.03
N ASP L 297 -31.09 -28.39 -28.92
CA ASP L 297 -31.02 -29.36 -30.01
C ASP L 297 -29.74 -30.16 -29.82
N VAL L 298 -29.83 -31.25 -29.03
CA VAL L 298 -28.64 -31.96 -28.60
C VAL L 298 -27.89 -32.53 -29.80
N ASP L 299 -28.61 -33.10 -30.76
CA ASP L 299 -27.96 -33.74 -31.90
C ASP L 299 -27.10 -32.75 -32.67
N SER L 300 -27.66 -31.57 -32.96
CA SER L 300 -26.90 -30.57 -33.72
C SER L 300 -25.69 -30.09 -32.92
N MET L 301 -25.87 -29.84 -31.62
CA MET L 301 -24.77 -29.36 -30.80
C MET L 301 -23.64 -30.39 -30.75
N ALA L 302 -23.99 -31.67 -30.71
CA ALA L 302 -23.01 -32.72 -30.52
C ALA L 302 -22.45 -33.30 -31.81
N GLU L 303 -23.04 -33.00 -32.97
CA GLU L 303 -22.63 -33.63 -34.22
C GLU L 303 -22.26 -32.66 -35.34
N ARG L 304 -22.39 -31.36 -35.13
CA ARG L 304 -22.06 -30.39 -36.17
C ARG L 304 -20.58 -30.02 -36.11
N GLU L 305 -20.06 -29.58 -37.26
CA GLU L 305 -18.68 -29.10 -37.32
C GLU L 305 -18.54 -27.76 -36.60
N SER L 306 -17.33 -27.47 -36.17
CA SER L 306 -17.08 -26.26 -35.40
C SER L 306 -17.27 -25.03 -36.27
N GLY L 307 -18.07 -24.07 -35.80
CA GLY L 307 -18.31 -22.85 -36.52
C GLY L 307 -19.77 -22.68 -36.93
N ALA L 308 -20.58 -23.69 -36.68
CA ALA L 308 -21.96 -23.67 -37.13
C ALA L 308 -22.83 -22.84 -36.19
N TRP L 309 -24.02 -22.51 -36.68
CA TRP L 309 -25.05 -21.84 -35.89
C TRP L 309 -26.18 -22.81 -35.59
N VAL L 310 -26.62 -22.81 -34.33
CA VAL L 310 -27.63 -23.75 -33.84
C VAL L 310 -28.66 -22.96 -33.05
N ALA L 311 -29.85 -23.54 -32.90
CA ALA L 311 -30.95 -22.93 -32.18
C ALA L 311 -31.12 -23.62 -30.84
N GLY L 312 -31.08 -22.84 -29.77
CA GLY L 312 -31.23 -23.35 -28.43
C GLY L 312 -30.62 -22.41 -27.41
N ASP L 313 -30.91 -22.66 -26.14
CA ASP L 313 -30.37 -21.82 -25.08
C ASP L 313 -28.85 -21.98 -25.03
N PRO L 314 -28.11 -20.89 -24.81
CA PRO L 314 -26.65 -21.01 -24.77
C PRO L 314 -26.12 -21.56 -23.45
N ASN L 315 -27.03 -22.03 -22.58
CA ASN L 315 -26.62 -22.53 -21.27
C ASN L 315 -27.34 -23.84 -20.92
N GLY L 316 -27.80 -24.60 -21.90
CA GLY L 316 -28.54 -25.81 -21.62
C GLY L 316 -27.67 -26.99 -21.21
N VAL L 317 -26.37 -26.90 -21.43
CA VAL L 317 -25.44 -27.97 -21.09
C VAL L 317 -24.37 -27.42 -20.17
N ALA L 318 -24.10 -28.14 -19.08
CA ALA L 318 -23.12 -27.71 -18.09
C ALA L 318 -22.22 -28.88 -17.73
N ALA L 319 -21.03 -28.56 -17.24
CA ALA L 319 -20.05 -29.57 -16.87
C ALA L 319 -20.33 -30.11 -15.47
N TYR L 320 -20.11 -31.41 -15.29
CA TYR L 320 -20.34 -32.05 -14.01
C TYR L 320 -19.52 -31.39 -12.92
N GLU L 321 -20.15 -31.17 -11.77
CA GLU L 321 -19.50 -30.46 -10.66
C GLU L 321 -19.92 -31.12 -9.35
N ALA L 322 -18.95 -31.58 -8.57
CA ALA L 322 -19.22 -32.22 -7.29
C ALA L 322 -18.66 -31.45 -6.10
N GLY L 323 -17.81 -30.45 -6.32
CA GLY L 323 -17.27 -29.67 -5.22
C GLY L 323 -16.19 -30.35 -4.43
N ASP L 324 -15.39 -31.21 -5.06
CA ASP L 324 -14.35 -31.95 -4.36
C ASP L 324 -12.98 -31.28 -4.43
N TYR L 325 -12.88 -30.11 -5.05
CA TYR L 325 -11.60 -29.40 -5.11
C TYR L 325 -11.26 -28.77 -3.77
N ASN L 326 -12.26 -28.18 -3.10
CA ASN L 326 -12.04 -27.55 -1.81
C ASN L 326 -11.54 -28.58 -0.80
N LYS L 327 -12.05 -29.81 -0.86
CA LYS L 327 -11.58 -30.84 0.06
C LYS L 327 -10.12 -31.18 -0.16
N ILE L 328 -9.68 -31.22 -1.42
CA ILE L 328 -8.27 -31.43 -1.71
C ILE L 328 -7.44 -30.29 -1.13
N ILE L 329 -7.89 -29.05 -1.34
CA ILE L 329 -7.17 -27.90 -0.82
C ILE L 329 -7.05 -28.00 0.70
N ALA L 330 -8.12 -28.42 1.37
CA ALA L 330 -8.10 -28.50 2.82
C ALA L 330 -7.16 -29.61 3.30
N LEU L 331 -7.26 -30.79 2.69
CA LEU L 331 -6.44 -31.92 3.14
C LEU L 331 -4.96 -31.64 2.94
N THR L 332 -4.59 -30.98 1.83
CA THR L 332 -3.18 -30.70 1.57
C THR L 332 -2.58 -29.87 2.70
N GLN L 333 -3.30 -28.86 3.18
CA GLN L 333 -2.76 -27.98 4.22
C GLN L 333 -2.53 -28.74 5.52
N GLU L 334 -3.48 -29.59 5.92
CA GLU L 334 -3.29 -30.37 7.14
C GLU L 334 -2.10 -31.31 7.02
N ILE L 335 -1.97 -32.00 5.88
CA ILE L 335 -0.85 -32.91 5.70
C ILE L 335 0.46 -32.15 5.75
N GLN L 336 0.51 -30.98 5.10
CA GLN L 336 1.72 -30.17 5.10
C GLN L 336 2.06 -29.70 6.51
N SER L 337 1.05 -29.31 7.29
CA SER L 337 1.31 -28.86 8.66
C SER L 337 1.91 -29.97 9.49
N ILE L 338 1.34 -31.18 9.41
CA ILE L 338 1.89 -32.30 10.18
C ILE L 338 3.32 -32.60 9.74
N ALA L 339 3.55 -32.62 8.43
CA ALA L 339 4.89 -32.91 7.92
C ALA L 339 5.90 -31.88 8.41
N ALA L 340 5.52 -30.60 8.39
CA ALA L 340 6.42 -29.55 8.87
C ALA L 340 6.68 -29.71 10.37
N ARG L 341 5.65 -30.07 11.14
CA ARG L 341 5.84 -30.27 12.57
C ARG L 341 6.78 -31.43 12.86
N LEU L 342 6.81 -32.45 12.00
CA LEU L 342 7.74 -33.55 12.21
C LEU L 342 9.17 -33.22 11.79
N ALA L 343 9.39 -32.12 11.09
CA ALA L 343 10.69 -31.87 10.48
C ALA L 343 11.82 -31.76 11.49
N PRO L 344 11.70 -31.01 12.59
CA PRO L 344 12.88 -30.79 13.45
C PRO L 344 13.47 -32.08 14.02
N ALA L 345 12.63 -33.06 14.34
CA ALA L 345 13.12 -34.25 15.03
C ALA L 345 14.13 -35.02 14.20
N PHE L 346 14.01 -34.96 12.87
CA PHE L 346 14.87 -35.72 11.97
C PHE L 346 15.97 -34.87 11.34
N MET L 347 16.18 -33.64 11.83
CA MET L 347 17.21 -32.76 11.30
C MET L 347 17.02 -32.52 9.80
N TYR L 348 15.82 -32.05 9.44
CA TYR L 348 15.48 -31.71 8.06
C TYR L 348 15.42 -30.20 7.94
N ALA L 349 16.09 -29.67 6.92
CA ALA L 349 16.13 -28.22 6.71
C ALA L 349 16.29 -27.92 5.23
N THR L 359 37.35 -26.61 7.03
CA THR L 359 38.11 -26.49 8.26
C THR L 359 37.49 -27.37 9.34
N ALA L 360 38.31 -27.78 10.32
CA ALA L 360 37.82 -28.64 11.39
C ALA L 360 36.73 -27.99 12.22
N GLU L 361 36.68 -26.65 12.26
CA GLU L 361 35.64 -25.96 13.02
C GLU L 361 34.25 -26.20 12.44
N GLU L 362 34.13 -26.34 11.12
CA GLU L 362 32.85 -26.67 10.53
C GLU L 362 32.36 -28.03 11.03
N ILE L 363 33.25 -29.01 11.07
CA ILE L 363 32.88 -30.32 11.59
C ILE L 363 32.54 -30.23 13.07
N ARG L 364 33.30 -29.44 13.84
CA ARG L 364 32.98 -29.23 15.24
C ARG L 364 31.54 -28.74 15.41
N GLN L 365 31.19 -27.67 14.69
CA GLN L 365 29.86 -27.09 14.84
C GLN L 365 28.77 -28.04 14.35
N ASN L 366 29.03 -28.76 13.24
CA ASN L 366 28.05 -29.71 12.73
C ASN L 366 27.80 -30.82 13.74
N ALA L 367 28.87 -31.34 14.35
CA ALA L 367 28.70 -32.38 15.37
C ALA L 367 27.97 -31.85 16.59
N GLU L 368 28.27 -30.63 17.01
CA GLU L 368 27.57 -30.05 18.16
C GLU L 368 26.09 -29.89 17.88
N GLU L 369 25.73 -29.43 16.67
CA GLU L 369 24.33 -29.27 16.34
C GLU L 369 23.64 -30.63 16.20
N ALA L 370 24.37 -31.64 15.73
CA ALA L 370 23.81 -32.99 15.72
C ALA L 370 23.56 -33.49 17.13
N GLU L 371 24.48 -33.21 18.04
CA GLU L 371 24.24 -33.49 19.46
C GLU L 371 22.95 -32.83 19.93
N LEU L 372 22.77 -31.54 19.61
CA LEU L 372 21.59 -30.83 20.08
C LEU L 372 20.31 -31.43 19.50
N ALA L 373 20.32 -31.75 18.21
CA ALA L 373 19.11 -32.27 17.57
C ALA L 373 18.76 -33.66 18.07
N LEU L 374 19.74 -34.58 18.05
CA LEU L 374 19.45 -35.98 18.36
C LEU L 374 18.99 -36.15 19.80
N GLY L 375 19.62 -35.45 20.74
CA GLY L 375 19.29 -35.55 22.14
C GLY L 375 20.25 -36.37 22.98
N GLY L 376 21.39 -36.79 22.43
CA GLY L 376 22.39 -37.49 23.21
C GLY L 376 22.72 -38.88 22.69
N VAL L 377 22.38 -39.16 21.43
CA VAL L 377 22.72 -40.44 20.82
C VAL L 377 24.02 -40.39 20.02
N TYR L 378 24.39 -39.22 19.48
CA TYR L 378 25.68 -39.11 18.79
C TYR L 378 26.80 -39.62 19.69
N SER L 379 26.76 -39.26 20.98
CA SER L 379 27.76 -39.75 21.91
C SER L 379 27.69 -41.27 22.06
N VAL L 380 26.48 -41.83 22.11
CA VAL L 380 26.35 -43.28 22.26
C VAL L 380 26.92 -43.99 21.04
N ILE L 381 26.59 -43.51 19.84
CA ILE L 381 27.11 -44.11 18.63
C ILE L 381 28.62 -44.02 18.59
N ALA L 382 29.16 -42.84 18.93
CA ALA L 382 30.60 -42.68 18.96
C ALA L 382 31.25 -43.64 19.94
N ASP L 383 30.67 -43.77 21.14
CA ASP L 383 31.23 -44.66 22.14
C ASP L 383 31.22 -46.11 21.66
N THR L 384 30.12 -46.54 21.04
CA THR L 384 29.97 -47.95 20.68
C THR L 384 30.64 -48.31 19.38
N LEU L 385 31.08 -47.34 18.57
CA LEU L 385 31.74 -47.66 17.30
C LEU L 385 33.21 -47.24 17.25
N HIS L 386 33.57 -46.10 17.83
CA HIS L 386 34.91 -45.56 17.63
C HIS L 386 35.96 -46.39 18.34
N ILE L 387 35.66 -46.87 19.56
CA ILE L 387 36.69 -47.50 20.38
C ILE L 387 37.26 -48.76 19.73
N PRO L 388 36.45 -49.71 19.25
CA PRO L 388 37.05 -50.94 18.69
C PRO L 388 37.66 -50.74 17.31
N LEU L 389 37.04 -49.89 16.47
CA LEU L 389 37.60 -49.66 15.14
C LEU L 389 38.98 -49.04 15.22
N ALA L 390 39.21 -48.13 16.17
CA ALA L 390 40.53 -47.54 16.32
C ALA L 390 41.57 -48.62 16.60
N HIS L 391 41.28 -49.52 17.54
CA HIS L 391 42.21 -50.59 17.86
C HIS L 391 42.45 -51.48 16.65
N ILE L 392 41.38 -51.83 15.92
CA ILE L 392 41.54 -52.73 14.78
C ILE L 392 42.41 -52.09 13.71
N LEU L 393 42.15 -50.83 13.37
CA LEU L 393 42.94 -50.16 12.35
C LEU L 393 44.39 -49.97 12.80
N CYS L 394 44.62 -49.61 14.06
CA CYS L 394 45.99 -49.47 14.54
C CYS L 394 46.72 -50.80 14.47
N TRP L 395 46.06 -51.89 14.83
CA TRP L 395 46.67 -53.21 14.70
C TRP L 395 46.99 -53.52 13.24
N GLU L 396 46.09 -53.16 12.32
CA GLU L 396 46.36 -53.36 10.91
C GLU L 396 47.58 -52.60 10.44
N VAL L 397 47.76 -51.37 10.91
CA VAL L 397 48.89 -50.55 10.47
C VAL L 397 50.18 -50.89 11.20
N ASN L 398 50.12 -51.41 12.43
CA ASN L 398 51.33 -51.75 13.18
C ASN L 398 50.98 -52.87 14.16
N GLN L 399 51.37 -54.09 13.82
CA GLN L 399 51.03 -55.25 14.63
C GLN L 399 51.88 -55.31 15.90
N GLN L 400 53.18 -55.04 15.78
CA GLN L 400 54.09 -55.26 16.90
C GLN L 400 53.75 -54.37 18.09
N PHE L 401 53.46 -53.09 17.83
CA PHE L 401 53.19 -52.16 18.92
C PHE L 401 51.98 -52.59 19.73
N ILE L 402 50.91 -53.00 19.05
CA ILE L 402 49.70 -53.42 19.76
C ILE L 402 49.91 -54.75 20.45
N ASN L 403 50.68 -55.67 19.85
CA ASN L 403 50.89 -56.97 20.46
C ASN L 403 51.59 -56.83 21.82
N GLU L 404 52.58 -55.95 21.91
CA GLU L 404 53.26 -55.74 23.18
C GLU L 404 52.32 -55.19 24.23
N LEU L 405 51.45 -54.25 23.86
CA LEU L 405 50.54 -53.65 24.83
C LEU L 405 49.51 -54.64 25.36
N LEU L 406 48.98 -55.50 24.50
CA LEU L 406 47.94 -56.45 24.89
C LEU L 406 48.49 -57.59 25.74
N SER L 407 49.70 -58.04 25.46
CA SER L 407 50.27 -59.15 26.22
C SER L 407 50.43 -58.78 27.69
N ASN L 408 50.90 -57.57 27.97
CA ASN L 408 51.10 -57.15 29.35
C ASN L 408 49.77 -56.94 30.07
N GLY L 409 48.75 -56.46 29.36
CA GLY L 409 47.42 -56.25 29.92
C GLY L 409 46.88 -54.85 29.72
N LEU L 410 47.75 -53.85 29.77
CA LEU L 410 47.30 -52.48 29.58
C LEU L 410 46.81 -52.26 28.16
N THR L 411 45.96 -51.24 27.99
CA THR L 411 45.30 -50.97 26.72
C THR L 411 45.43 -49.49 26.39
N LEU L 412 45.29 -49.18 25.10
CA LEU L 412 45.37 -47.81 24.63
C LEU L 412 44.23 -46.97 25.17
N SER L 413 44.50 -45.68 25.37
CA SER L 413 43.48 -44.73 25.79
C SER L 413 43.05 -43.90 24.60
N VAL L 414 41.74 -43.78 24.39
CA VAL L 414 41.18 -43.08 23.25
C VAL L 414 40.08 -42.14 23.74
N LEU L 415 40.02 -40.95 23.15
CA LEU L 415 39.03 -39.94 23.51
C LEU L 415 37.97 -39.87 22.43
N THR L 416 36.70 -39.83 22.86
CA THR L 416 35.57 -39.77 21.94
C THR L 416 34.44 -39.01 22.60
N GLY L 417 33.31 -38.93 21.90
CA GLY L 417 32.18 -38.17 22.40
C GLY L 417 32.35 -36.68 22.19
N VAL L 418 32.40 -36.26 20.93
CA VAL L 418 32.72 -34.88 20.55
C VAL L 418 33.86 -34.37 21.42
N ALA L 419 34.88 -35.22 21.62
CA ALA L 419 36.05 -34.82 22.40
C ALA L 419 37.35 -35.29 21.75
N ALA L 420 37.38 -35.46 20.44
CA ALA L 420 38.58 -35.87 19.71
C ALA L 420 39.34 -34.66 19.18
N LEU L 421 39.28 -33.55 19.90
CA LEU L 421 39.91 -32.31 19.49
C LEU L 421 41.31 -32.14 20.09
N SER L 422 41.90 -33.21 20.62
CA SER L 422 43.20 -33.12 21.27
C SER L 422 44.23 -32.50 20.33
N ARG L 423 44.32 -33.01 19.11
CA ARG L 423 45.29 -32.52 18.12
C ARG L 423 44.58 -31.84 16.95
N SER L 424 43.38 -31.31 17.19
CA SER L 424 42.57 -30.76 16.12
C SER L 424 42.62 -29.24 16.08
N THR L 425 42.35 -28.59 17.21
CA THR L 425 42.17 -27.15 17.27
C THR L 425 43.00 -26.55 18.40
N ASP L 426 44.26 -26.96 18.49
CA ASP L 426 45.18 -26.34 19.42
C ASP L 426 45.87 -25.13 18.81
N VAL L 427 45.96 -25.08 17.48
CA VAL L 427 46.62 -23.95 16.82
C VAL L 427 45.83 -22.66 17.04
N ASN L 428 44.51 -22.76 17.20
CA ASN L 428 43.71 -21.58 17.46
C ASN L 428 44.07 -20.94 18.79
N LYS L 429 44.34 -21.76 19.80
CA LYS L 429 44.74 -21.28 21.13
C LYS L 429 46.15 -20.72 21.14
N LEU L 430 46.99 -21.09 20.16
CA LEU L 430 48.32 -20.52 20.00
C LEU L 430 48.32 -19.22 19.23
N ILE L 431 47.45 -19.11 18.22
CA ILE L 431 47.35 -17.87 17.45
C ILE L 431 46.91 -16.72 18.35
N GLN L 432 45.93 -16.97 19.22
CA GLN L 432 45.45 -15.94 20.12
C GLN L 432 46.54 -15.49 21.08
N ALA L 433 47.30 -16.43 21.63
CA ALA L 433 48.40 -16.09 22.52
C ALA L 433 49.44 -15.26 21.78
N ALA L 434 49.76 -15.64 20.54
CA ALA L 434 50.72 -14.87 19.76
C ALA L 434 50.22 -13.45 19.51
N GLN L 435 48.93 -13.31 19.20
CA GLN L 435 48.38 -11.98 18.95
C GLN L 435 48.44 -11.12 20.20
N SER L 436 48.09 -11.67 21.37
CA SER L 436 48.16 -10.90 22.61
C SER L 436 49.59 -10.56 23.01
N LEU L 437 50.53 -11.49 22.83
CA LEU L 437 51.93 -11.24 23.14
C LEU L 437 52.53 -10.15 22.27
N SER L 438 51.97 -9.90 21.09
CA SER L 438 52.44 -8.82 20.23
C SER L 438 51.89 -7.47 20.65
N VAL L 439 50.93 -7.44 21.57
CA VAL L 439 50.40 -6.20 22.09
C VAL L 439 50.90 -5.90 23.50
N ILE L 440 51.19 -6.92 24.31
CA ILE L 440 51.59 -6.69 25.69
C ILE L 440 53.09 -6.45 25.81
N LEU L 441 53.92 -7.15 25.02
CA LEU L 441 55.37 -7.04 25.18
C LEU L 441 55.93 -5.74 24.64
N PRO L 442 55.40 -5.19 23.54
CA PRO L 442 55.91 -3.87 23.10
C PRO L 442 55.84 -2.83 24.20
N VAL L 443 54.77 -2.85 25.00
CA VAL L 443 54.76 -2.10 26.25
C VAL L 443 55.50 -2.90 27.30
N PHE L 444 55.95 -2.23 28.36
CA PHE L 444 56.73 -2.79 29.46
C PHE L 444 58.18 -3.02 29.05
N GLN L 445 58.56 -2.67 27.82
CA GLN L 445 59.94 -2.85 27.40
C GLN L 445 60.87 -1.85 28.08
N ASN L 446 60.37 -0.65 28.38
CA ASN L 446 61.17 0.37 29.05
C ASN L 446 61.19 0.19 30.56
N THR L 447 60.07 -0.22 31.15
CA THR L 447 60.02 -0.40 32.60
C THR L 447 60.82 -1.62 32.99
N PRO L 448 61.85 -1.47 33.84
CA PRO L 448 62.64 -2.64 34.26
C PRO L 448 62.12 -3.37 35.50
N ARG L 449 60.98 -2.97 36.04
CA ARG L 449 60.45 -3.58 37.25
C ARG L 449 59.58 -4.81 36.95
N VAL L 450 59.15 -4.99 35.71
CA VAL L 450 58.26 -6.08 35.32
C VAL L 450 59.10 -7.10 34.55
N ASP L 451 59.08 -8.35 35.01
CA ASP L 451 59.86 -9.39 34.36
C ASP L 451 59.08 -9.97 33.17
N PRO L 452 59.66 -9.95 31.96
CA PRO L 452 58.93 -10.54 30.81
C PRO L 452 58.65 -12.02 30.96
N GLU L 453 59.51 -12.78 31.63
CA GLU L 453 59.30 -14.21 31.78
C GLU L 453 58.01 -14.53 32.52
N LYS L 454 57.70 -13.78 33.58
CA LYS L 454 56.44 -14.00 34.31
C LYS L 454 55.23 -13.67 33.46
N ILE L 455 55.27 -12.62 32.66
CA ILE L 455 54.17 -12.34 31.74
C ILE L 455 54.01 -13.49 30.75
N LEU L 456 55.12 -13.99 30.20
CA LEU L 456 55.04 -15.12 29.28
C LEU L 456 54.40 -16.33 29.94
N ASP L 457 54.86 -16.68 31.13
CA ASP L 457 54.38 -17.85 31.85
C ASP L 457 52.92 -17.71 32.30
N MET L 458 52.45 -16.48 32.50
CA MET L 458 51.05 -16.26 32.80
C MET L 458 50.17 -16.33 31.56
N VAL L 459 50.56 -15.67 30.47
CA VAL L 459 49.75 -15.68 29.26
C VAL L 459 49.66 -17.08 28.67
N LEU L 460 50.78 -17.81 28.63
CA LEU L 460 50.75 -19.15 28.03
C LEU L 460 49.83 -20.07 28.82
N THR L 461 49.97 -20.10 30.14
CA THR L 461 49.13 -20.99 30.95
C THR L 461 47.68 -20.53 30.98
N GLY L 462 47.44 -19.23 30.76
CA GLY L 462 46.07 -18.73 30.78
C GLY L 462 45.20 -19.38 29.71
N PHE L 463 45.75 -19.54 28.51
CA PHE L 463 45.01 -20.08 27.38
C PHE L 463 44.95 -21.61 27.39
N GLY L 464 45.70 -22.26 28.27
CA GLY L 464 45.66 -23.71 28.36
C GLY L 464 46.68 -24.41 27.50
N ILE L 465 47.94 -23.99 27.55
CA ILE L 465 49.02 -24.62 26.81
C ILE L 465 50.05 -25.16 27.80
N ASN L 466 50.38 -26.45 27.68
CA ASN L 466 51.40 -27.05 28.53
C ASN L 466 52.76 -26.54 28.08
N THR L 467 53.38 -25.70 28.91
CA THR L 467 54.64 -25.07 28.55
C THR L 467 55.77 -26.06 28.33
N LYS L 468 55.64 -27.28 28.84
CA LYS L 468 56.70 -28.27 28.72
C LYS L 468 56.96 -28.70 27.28
N ASP L 469 56.05 -28.41 26.36
CA ASP L 469 56.21 -28.77 24.95
C ASP L 469 56.78 -27.64 24.11
N LEU L 470 57.08 -26.48 24.71
CA LEU L 470 57.63 -25.35 23.98
C LEU L 470 58.95 -24.86 24.56
N TYR L 471 59.11 -24.84 25.87
CA TYR L 471 60.30 -24.28 26.49
C TYR L 471 61.52 -25.13 26.17
N ARG L 472 62.68 -24.48 26.07
CA ARG L 472 63.94 -25.16 25.85
C ARG L 472 64.49 -25.70 27.15
N THR L 473 65.28 -26.77 27.04
CA THR L 473 65.91 -27.36 28.21
C THR L 473 67.19 -26.60 28.56
N GLU L 474 67.71 -26.88 29.76
CA GLU L 474 68.90 -26.18 30.23
C GLU L 474 70.09 -26.45 29.33
N GLU L 475 70.26 -27.70 28.88
CA GLU L 475 71.39 -28.04 28.04
C GLU L 475 71.36 -27.26 26.72
N GLN L 476 70.18 -27.14 26.11
CA GLN L 476 70.08 -26.39 24.87
C GLN L 476 70.44 -24.93 25.07
N LEU L 477 69.98 -24.33 26.18
CA LEU L 477 70.31 -22.95 26.46
C LEU L 477 71.82 -22.78 26.66
N GLN L 478 72.44 -23.71 27.38
CA GLN L 478 73.89 -23.64 27.59
C GLN L 478 74.62 -23.74 26.26
N ALA L 479 74.19 -24.65 25.40
CA ALA L 479 74.84 -24.80 24.10
C ALA L 479 74.70 -23.54 23.26
N LEU L 480 73.49 -22.95 23.26
CA LEU L 480 73.28 -21.73 22.51
C LEU L 480 74.15 -20.60 23.03
N GLN L 481 74.25 -20.47 24.36
CA GLN L 481 75.11 -19.44 24.94
C GLN L 481 76.57 -19.66 24.59
N ALA L 482 77.03 -20.92 24.61
CA ALA L 482 78.40 -21.21 24.25
C ALA L 482 78.67 -20.88 22.78
N ALA L 483 77.72 -21.17 21.90
CA ALA L 483 77.87 -20.92 20.47
C ALA L 483 77.71 -19.41 20.24
N GLN L 484 78.77 -18.68 20.56
CA GLN L 484 78.79 -17.23 20.39
C GLN L 484 80.20 -16.72 20.17
N MET M 1 -48.23 -51.52 -26.68
CA MET M 1 -49.50 -50.95 -26.15
C MET M 1 -50.58 -50.98 -27.24
N GLU M 2 -51.56 -51.85 -27.05
CA GLU M 2 -52.61 -51.99 -28.05
C GLU M 2 -53.44 -50.72 -28.15
N LEU M 3 -53.95 -50.46 -29.37
CA LEU M 3 -54.80 -49.28 -29.56
C LEU M 3 -56.04 -49.33 -28.68
N LEU M 4 -56.55 -50.52 -28.41
CA LEU M 4 -57.74 -50.65 -27.57
C LEU M 4 -57.49 -50.08 -26.17
N ASP M 5 -56.28 -50.30 -25.64
CA ASP M 5 -55.94 -49.76 -24.33
C ASP M 5 -55.99 -48.24 -24.34
N ALA M 6 -55.42 -47.61 -25.37
CA ALA M 6 -55.44 -46.16 -25.46
C ALA M 6 -56.88 -45.64 -25.61
N VAL M 7 -57.69 -46.32 -26.42
CA VAL M 7 -59.07 -45.90 -26.59
C VAL M 7 -59.82 -45.98 -25.28
N ASN M 8 -59.63 -47.07 -24.54
CA ASN M 8 -60.30 -47.22 -23.25
C ASN M 8 -59.82 -46.17 -22.26
N THR M 9 -58.52 -45.86 -22.25
CA THR M 9 -58.02 -44.81 -21.38
C THR M 9 -58.66 -43.47 -21.71
N CYS M 10 -58.76 -43.13 -22.99
CA CYS M 10 -59.40 -41.88 -23.38
C CYS M 10 -60.86 -41.86 -22.97
N LEU M 11 -61.57 -42.97 -23.18
CA LEU M 11 -62.98 -43.02 -22.79
C LEU M 11 -63.14 -42.84 -21.29
N THR M 12 -62.30 -43.51 -20.49
CA THR M 12 -62.37 -43.36 -19.04
C THR M 12 -62.08 -41.92 -18.62
N ALA M 13 -61.08 -41.29 -19.25
CA ALA M 13 -60.79 -39.90 -18.94
C ALA M 13 -61.96 -38.99 -19.31
N LEU M 14 -62.69 -39.33 -20.37
CA LEU M 14 -63.83 -38.53 -20.80
C LEU M 14 -65.09 -38.82 -19.99
N GLY M 15 -65.12 -39.90 -19.23
CA GLY M 15 -66.24 -40.23 -18.37
C GLY M 15 -67.18 -41.29 -18.91
N GLU M 16 -67.02 -41.71 -20.16
CA GLU M 16 -67.90 -42.71 -20.75
C GLU M 16 -67.43 -44.11 -20.40
N ALA M 17 -68.28 -45.09 -20.70
CA ALA M 17 -68.00 -46.47 -20.35
C ALA M 17 -66.94 -47.07 -21.28
N ARG M 18 -66.24 -48.07 -20.77
CA ARG M 18 -65.20 -48.75 -21.52
C ARG M 18 -65.83 -49.61 -22.62
N VAL M 19 -64.98 -50.06 -23.56
CA VAL M 19 -65.41 -50.85 -24.70
C VAL M 19 -64.58 -52.13 -24.75
N THR M 20 -64.84 -52.95 -25.78
CA THR M 20 -64.17 -54.23 -25.95
C THR M 20 -63.44 -54.38 -27.27
N SER M 21 -63.90 -53.72 -28.33
CA SER M 21 -63.26 -53.82 -29.65
C SER M 21 -63.15 -52.43 -30.26
N THR M 22 -62.02 -52.18 -30.93
CA THR M 22 -61.83 -50.89 -31.59
C THR M 22 -62.75 -50.72 -32.79
N ASP M 23 -63.39 -51.79 -33.24
CA ASP M 23 -64.33 -51.71 -34.36
C ASP M 23 -65.74 -51.34 -33.93
N THR M 24 -65.97 -51.14 -32.63
CA THR M 24 -67.30 -50.78 -32.15
C THR M 24 -67.76 -49.49 -32.82
N ARG M 25 -69.06 -49.42 -33.11
CA ARG M 25 -69.62 -48.35 -33.92
C ARG M 25 -69.91 -47.08 -33.12
N HIS M 26 -69.43 -46.98 -31.88
CA HIS M 26 -69.62 -45.77 -31.10
C HIS M 26 -68.97 -44.59 -31.85
N PRO M 27 -69.64 -43.44 -31.94
CA PRO M 27 -69.10 -42.34 -32.74
C PRO M 27 -67.86 -41.67 -32.14
N SER M 28 -67.64 -41.78 -30.83
CA SER M 28 -66.47 -41.15 -30.23
C SER M 28 -65.19 -41.89 -30.58
N VAL M 29 -65.29 -43.17 -30.90
CA VAL M 29 -64.10 -43.97 -31.21
C VAL M 29 -63.41 -43.44 -32.47
N ALA M 30 -64.19 -43.05 -33.49
CA ALA M 30 -63.58 -42.51 -34.70
C ALA M 30 -62.80 -41.24 -34.41
N LEU M 31 -63.39 -40.33 -33.63
CA LEU M 31 -62.69 -39.11 -33.27
C LEU M 31 -61.43 -39.41 -32.47
N ILE M 32 -61.52 -40.35 -31.54
CA ILE M 32 -60.35 -40.72 -30.74
C ILE M 32 -59.24 -41.24 -31.64
N LEU M 33 -59.59 -42.12 -32.57
CA LEU M 33 -58.58 -42.71 -33.46
C LEU M 33 -57.94 -41.65 -34.34
N GLN M 34 -58.76 -40.74 -34.90
CA GLN M 34 -58.21 -39.68 -35.75
C GLN M 34 -57.28 -38.78 -34.95
N THR M 35 -57.67 -38.39 -33.73
CA THR M 35 -56.81 -37.56 -32.92
C THR M 35 -55.50 -38.27 -32.58
N LEU M 36 -55.59 -39.56 -32.25
CA LEU M 36 -54.38 -40.32 -31.95
C LEU M 36 -53.45 -40.36 -33.15
N ALA M 37 -54.01 -40.60 -34.34
CA ALA M 37 -53.18 -40.65 -35.54
C ALA M 37 -52.51 -39.30 -35.80
N THR M 38 -53.26 -38.20 -35.67
CA THR M 38 -52.69 -36.88 -35.93
C THR M 38 -51.58 -36.57 -34.94
N LYS M 39 -51.81 -36.84 -33.66
CA LYS M 39 -50.78 -36.58 -32.65
C LYS M 39 -49.55 -37.43 -32.88
N GLN M 40 -49.73 -38.71 -33.22
CA GLN M 40 -48.59 -39.56 -33.52
C GLN M 40 -47.79 -39.04 -34.70
N LYS M 41 -48.48 -38.60 -35.76
CA LYS M 41 -47.78 -38.07 -36.92
C LYS M 41 -47.01 -36.81 -36.56
N LEU M 42 -47.60 -35.93 -35.76
CA LEU M 42 -46.92 -34.69 -35.41
C LEU M 42 -45.71 -34.93 -34.52
N LEU M 43 -45.83 -35.84 -33.55
CA LEU M 43 -44.77 -36.00 -32.55
C LEU M 43 -43.47 -36.47 -33.18
N LEU M 44 -43.54 -37.44 -34.10
CA LEU M 44 -42.35 -38.09 -34.64
C LEU M 44 -41.69 -37.29 -35.74
N GLU M 45 -42.16 -36.08 -36.05
CA GLU M 45 -41.62 -35.33 -37.17
C GLU M 45 -40.14 -34.98 -36.95
N ARG M 46 -39.78 -34.58 -35.73
CA ARG M 46 -38.42 -34.13 -35.49
C ARG M 46 -37.40 -35.26 -35.70
N GLY M 47 -37.74 -36.47 -35.27
CA GLY M 47 -36.83 -37.60 -35.40
C GLY M 47 -36.25 -38.03 -34.06
N TRP M 48 -36.14 -39.34 -33.86
CA TRP M 48 -35.66 -39.90 -32.61
C TRP M 48 -34.65 -41.01 -32.94
N TRP M 49 -34.28 -41.79 -31.92
CA TRP M 49 -33.25 -42.79 -32.06
C TRP M 49 -33.74 -44.08 -32.73
N PHE M 50 -35.04 -44.22 -32.98
CA PHE M 50 -35.59 -45.45 -33.53
C PHE M 50 -36.26 -45.27 -34.89
N ASN M 51 -36.31 -44.05 -35.43
CA ASN M 51 -36.98 -43.82 -36.71
C ASN M 51 -36.17 -42.89 -37.60
N THR M 52 -34.85 -42.99 -37.58
CA THR M 52 -33.97 -42.16 -38.39
C THR M 52 -32.92 -43.03 -39.06
N GLN M 53 -32.83 -42.93 -40.39
CA GLN M 53 -31.84 -43.67 -41.16
C GLN M 53 -31.41 -42.85 -42.36
N ASP M 54 -30.22 -43.15 -42.88
CA ASP M 54 -29.73 -42.51 -44.09
C ASP M 54 -29.93 -43.44 -45.29
N GLU M 55 -30.31 -42.85 -46.43
CA GLU M 55 -30.59 -43.62 -47.62
C GLU M 55 -30.19 -42.81 -48.86
N GLU M 56 -30.05 -43.53 -49.98
CA GLU M 56 -29.66 -42.93 -51.24
C GLU M 56 -30.74 -43.24 -52.28
N MET M 57 -31.06 -42.25 -53.11
CA MET M 57 -32.10 -42.37 -54.12
C MET M 57 -31.50 -42.22 -55.50
N PHE M 58 -32.14 -42.85 -56.49
CA PHE M 58 -31.67 -42.82 -57.87
C PHE M 58 -32.71 -42.17 -58.78
N PRO M 59 -32.28 -41.51 -59.86
CA PRO M 59 -33.22 -40.83 -60.74
C PRO M 59 -33.90 -41.80 -61.71
N ASP M 60 -35.03 -41.35 -62.24
CA ASP M 60 -35.78 -42.11 -63.24
C ASP M 60 -35.18 -41.84 -64.62
N LEU M 61 -35.85 -42.30 -65.67
CA LEU M 61 -35.38 -42.05 -67.03
C LEU M 61 -35.38 -40.55 -67.33
N LEU M 62 -36.46 -39.86 -66.96
CA LEU M 62 -36.54 -38.42 -67.22
C LEU M 62 -35.57 -37.65 -66.34
N GLY M 63 -35.43 -38.04 -65.08
CA GLY M 63 -34.54 -37.36 -64.16
C GLY M 63 -35.23 -36.92 -62.88
N ARG M 64 -36.39 -37.50 -62.58
CA ARG M 64 -37.14 -37.17 -61.38
C ARG M 64 -36.91 -38.25 -60.33
N ILE M 65 -36.65 -37.84 -59.10
CA ILE M 65 -36.37 -38.75 -57.98
C ILE M 65 -37.58 -38.75 -57.06
N PRO M 66 -38.27 -39.87 -56.89
CA PRO M 66 -39.37 -39.93 -55.93
C PRO M 66 -38.82 -40.11 -54.50
N TYR M 67 -39.73 -40.01 -53.54
CA TYR M 67 -39.37 -40.10 -52.13
C TYR M 67 -40.20 -41.18 -51.46
N PRO M 68 -39.70 -41.78 -50.36
CA PRO M 68 -40.45 -42.85 -49.70
C PRO M 68 -41.82 -42.42 -49.23
N ALA M 69 -42.79 -43.33 -49.30
CA ALA M 69 -44.17 -42.99 -48.97
C ALA M 69 -44.35 -42.77 -47.47
N ALA M 70 -43.63 -43.52 -46.65
CA ALA M 70 -43.79 -43.45 -45.20
C ALA M 70 -43.03 -42.30 -44.56
N SER M 71 -42.22 -41.57 -45.32
CA SER M 71 -41.40 -40.52 -44.74
C SER M 71 -42.26 -39.32 -44.31
N ILE M 72 -41.73 -38.54 -43.36
CA ILE M 72 -42.39 -37.34 -42.91
C ILE M 72 -41.60 -36.07 -43.22
N SER M 73 -40.27 -36.15 -43.29
CA SER M 73 -39.45 -34.98 -43.57
C SER M 73 -38.21 -35.41 -44.33
N VAL M 74 -37.66 -34.49 -45.13
CA VAL M 74 -36.48 -34.76 -45.94
C VAL M 74 -35.45 -33.67 -45.67
N GLU M 75 -34.17 -34.05 -45.77
CA GLU M 75 -33.07 -33.11 -45.59
C GLU M 75 -31.92 -33.56 -46.47
N SER M 76 -31.04 -32.63 -46.80
CA SER M 76 -29.91 -32.89 -47.68
C SER M 76 -28.65 -33.18 -46.88
N LEU M 77 -27.70 -33.85 -47.53
CA LEU M 77 -26.41 -34.15 -46.94
C LEU M 77 -25.25 -33.90 -47.91
N ASP M 78 -25.50 -33.19 -49.02
CA ASP M 78 -24.49 -32.94 -50.04
C ASP M 78 -24.09 -31.48 -49.96
N GLY M 79 -22.98 -31.21 -49.29
CA GLY M 79 -22.49 -29.84 -49.19
C GLY M 79 -23.53 -28.94 -48.57
N TYR M 80 -23.77 -27.80 -49.22
CA TYR M 80 -24.73 -26.80 -48.74
C TYR M 80 -26.00 -26.78 -49.58
N ASN M 81 -26.33 -27.91 -50.22
CA ASN M 81 -27.52 -27.99 -51.04
C ASN M 81 -28.78 -28.08 -50.18
N ILE M 82 -29.91 -27.69 -50.76
CA ILE M 82 -31.19 -27.71 -50.08
C ILE M 82 -32.20 -28.46 -50.94
N TYR M 83 -32.93 -29.39 -50.32
CA TYR M 83 -33.95 -30.17 -51.01
C TYR M 83 -35.26 -30.07 -50.24
N SER M 84 -36.36 -30.21 -50.98
CA SER M 84 -37.70 -30.15 -50.41
C SER M 84 -38.64 -30.98 -51.27
N LYS M 85 -39.80 -31.28 -50.70
CA LYS M 85 -40.80 -32.12 -51.35
C LYS M 85 -41.84 -31.23 -52.02
N ARG M 86 -42.19 -31.56 -53.27
CA ARG M 86 -43.17 -30.78 -54.01
C ARG M 86 -43.71 -31.63 -55.15
N ASN M 87 -45.04 -31.65 -55.29
CA ASN M 87 -45.71 -32.39 -56.37
C ASN M 87 -45.29 -33.85 -56.40
N ASN M 88 -45.26 -34.48 -55.22
CA ASN M 88 -44.93 -35.89 -55.10
C ASN M 88 -43.55 -36.20 -55.67
N PHE M 89 -42.64 -35.24 -55.62
CA PHE M 89 -41.30 -35.43 -56.13
C PHE M 89 -40.36 -34.48 -55.40
N LEU M 90 -39.07 -34.82 -55.42
CA LEU M 90 -38.07 -33.96 -54.80
C LEU M 90 -37.82 -32.72 -55.65
N PHE M 91 -37.59 -31.61 -54.98
CA PHE M 91 -37.33 -30.33 -55.64
C PHE M 91 -35.95 -29.83 -55.25
N ASN M 92 -35.19 -29.37 -56.25
CA ASN M 92 -33.85 -28.83 -56.04
C ASN M 92 -34.00 -27.34 -55.78
N ASN M 93 -33.99 -26.95 -54.51
CA ASN M 93 -34.22 -25.56 -54.15
C ASN M 93 -33.03 -24.67 -54.50
N THR M 94 -31.82 -25.24 -54.53
CA THR M 94 -30.63 -24.47 -54.82
C THR M 94 -30.50 -24.09 -56.29
N CYS M 95 -31.19 -24.79 -57.19
CA CYS M 95 -31.08 -24.51 -58.62
C CYS M 95 -32.43 -24.25 -59.27
N ASN M 96 -33.54 -24.28 -58.52
CA ASN M 96 -34.87 -24.01 -59.05
C ASN M 96 -35.16 -24.92 -60.25
N THR M 97 -35.02 -26.21 -60.03
CA THR M 97 -35.26 -27.20 -61.08
C THR M 97 -35.78 -28.48 -60.44
N MET M 98 -36.45 -29.29 -61.26
CA MET M 98 -37.05 -30.54 -60.82
C MET M 98 -36.31 -31.77 -61.32
N TYR M 99 -35.42 -31.63 -62.30
CA TYR M 99 -34.72 -32.75 -62.91
C TYR M 99 -33.31 -32.83 -62.37
N PHE M 100 -32.94 -33.99 -61.85
CA PHE M 100 -31.62 -34.23 -61.28
C PHE M 100 -30.73 -34.93 -62.32
N THR M 101 -29.46 -35.10 -61.95
CA THR M 101 -28.48 -35.74 -62.81
C THR M 101 -27.92 -37.04 -62.27
N GLY M 102 -27.97 -37.27 -60.95
CA GLY M 102 -27.44 -38.47 -60.36
C GLY M 102 -28.01 -38.73 -58.98
N PRO M 103 -27.51 -39.78 -58.31
CA PRO M 103 -28.03 -40.12 -56.99
C PRO M 103 -27.68 -39.05 -55.95
N VAL M 104 -28.51 -39.00 -54.91
CA VAL M 104 -28.35 -38.03 -53.83
C VAL M 104 -28.45 -38.75 -52.49
N CYS M 105 -27.95 -38.09 -51.45
CA CYS M 105 -28.01 -38.58 -50.08
C CYS M 105 -28.88 -37.63 -49.26
N ILE M 106 -29.80 -38.19 -48.48
CA ILE M 106 -30.77 -37.40 -47.74
C ILE M 106 -31.14 -38.13 -46.46
N ARG M 107 -31.50 -37.36 -45.43
CA ARG M 107 -32.02 -37.92 -44.20
C ARG M 107 -33.54 -38.10 -44.32
N VAL M 108 -34.05 -39.18 -43.74
CA VAL M 108 -35.46 -39.53 -43.82
C VAL M 108 -35.97 -39.87 -42.42
N THR M 109 -37.17 -39.39 -42.11
CA THR M 109 -37.85 -39.71 -40.86
C THR M 109 -39.11 -40.50 -41.20
N TYR M 110 -39.23 -41.69 -40.64
CA TYR M 110 -40.30 -42.62 -41.00
C TYR M 110 -41.40 -42.64 -39.94
N ASN M 111 -42.60 -43.02 -40.37
CA ASN M 111 -43.74 -43.20 -39.50
C ASN M 111 -43.99 -44.68 -39.30
N LEU M 112 -44.14 -45.09 -38.04
CA LEU M 112 -44.27 -46.49 -37.67
C LEU M 112 -45.65 -46.75 -37.09
N ASP M 113 -45.95 -48.03 -36.88
CA ASP M 113 -47.21 -48.43 -36.29
C ASP M 113 -47.24 -48.08 -34.81
N PHE M 114 -48.45 -47.91 -34.27
CA PHE M 114 -48.60 -47.56 -32.87
C PHE M 114 -48.08 -48.67 -31.97
N GLU M 115 -48.24 -49.93 -32.39
CA GLU M 115 -47.78 -51.05 -31.57
C GLU M 115 -46.27 -51.02 -31.37
N ASP M 116 -45.51 -50.68 -32.40
CA ASP M 116 -44.06 -50.73 -32.33
C ASP M 116 -43.47 -49.61 -31.47
N LEU M 117 -44.24 -48.58 -31.15
CA LEU M 117 -43.72 -47.47 -30.39
C LEU M 117 -43.40 -47.91 -28.97
N PRO M 118 -42.37 -47.34 -28.34
CA PRO M 118 -42.11 -47.63 -26.93
C PRO M 118 -43.26 -47.17 -26.04
N GLU M 119 -43.28 -47.70 -24.82
CA GLU M 119 -44.35 -47.38 -23.88
C GLU M 119 -44.37 -45.89 -23.57
N SER M 120 -43.20 -45.29 -23.36
CA SER M 120 -43.14 -43.88 -22.97
C SER M 120 -43.72 -42.98 -24.07
N VAL M 121 -43.41 -43.27 -25.33
CA VAL M 121 -43.95 -42.46 -26.42
C VAL M 121 -45.47 -42.65 -26.52
N ALA M 122 -45.94 -43.89 -26.37
CA ALA M 122 -47.37 -44.15 -26.46
C ALA M 122 -48.12 -43.42 -25.35
N THR M 123 -47.56 -43.38 -24.14
CA THR M 123 -48.22 -42.65 -23.06
C THR M 123 -48.35 -41.17 -23.38
N VAL M 124 -47.27 -40.57 -23.93
CA VAL M 124 -47.32 -39.16 -24.29
C VAL M 124 -48.40 -38.92 -25.34
N ILE M 125 -48.45 -39.76 -26.37
CA ILE M 125 -49.44 -39.58 -27.43
C ILE M 125 -50.84 -39.71 -26.86
N THR M 126 -51.08 -40.73 -26.04
CA THR M 126 -52.41 -40.95 -25.48
C THR M 126 -52.85 -39.77 -24.63
N TYR M 127 -51.96 -39.27 -23.79
CA TYR M 127 -52.31 -38.17 -22.90
C TYR M 127 -52.43 -36.83 -23.62
N ARG M 128 -51.76 -36.67 -24.76
CA ARG M 128 -52.00 -35.48 -25.58
C ARG M 128 -53.37 -35.56 -26.25
N ALA M 129 -53.71 -36.72 -26.82
CA ALA M 129 -55.00 -36.87 -27.47
C ALA M 129 -56.14 -36.69 -26.47
N ALA M 130 -55.98 -37.25 -25.27
CA ALA M 130 -57.04 -37.14 -24.26
C ALA M 130 -57.34 -35.68 -23.94
N ARG M 131 -56.31 -34.88 -23.71
CA ARG M 131 -56.52 -33.46 -23.43
C ARG M 131 -57.12 -32.74 -24.63
N ALA M 132 -56.59 -33.03 -25.83
CA ALA M 132 -57.10 -32.36 -27.02
C ALA M 132 -58.60 -32.62 -27.22
N VAL M 133 -59.06 -33.81 -26.84
CA VAL M 133 -60.48 -34.12 -26.97
C VAL M 133 -61.28 -33.51 -25.82
N TYR M 134 -60.78 -33.66 -24.59
CA TYR M 134 -61.54 -33.21 -23.43
C TYR M 134 -61.76 -31.70 -23.47
N VAL M 135 -60.71 -30.94 -23.77
CA VAL M 135 -60.84 -29.48 -23.80
C VAL M 135 -61.83 -29.05 -24.87
N GLY M 136 -61.77 -29.66 -26.07
CA GLY M 136 -62.65 -29.24 -27.14
C GLY M 136 -64.08 -29.71 -26.98
N ASP M 137 -64.32 -30.76 -26.18
CA ASP M 137 -65.66 -31.31 -26.04
C ASP M 137 -66.37 -30.92 -24.75
N LEU M 138 -65.64 -30.51 -23.71
CA LEU M 138 -66.24 -30.21 -22.42
C LEU M 138 -65.76 -28.91 -21.79
N GLY M 139 -64.84 -28.19 -22.41
CA GLY M 139 -64.31 -26.97 -21.86
C GLY M 139 -63.07 -27.20 -21.02
N ASN M 140 -62.48 -26.09 -20.58
CA ASN M 140 -61.25 -26.10 -19.79
C ASN M 140 -61.64 -26.14 -18.31
N ASP M 141 -61.75 -27.35 -17.78
CA ASP M 141 -62.08 -27.55 -16.38
C ASP M 141 -60.78 -27.63 -15.56
N ALA M 142 -60.89 -28.02 -14.29
CA ALA M 142 -59.73 -28.13 -13.43
C ALA M 142 -59.06 -29.50 -13.50
N SER M 143 -59.59 -30.43 -14.27
CA SER M 143 -59.04 -31.77 -14.36
C SER M 143 -57.93 -31.90 -15.40
N VAL M 144 -57.74 -30.90 -16.25
CA VAL M 144 -56.68 -30.96 -17.26
C VAL M 144 -55.30 -30.81 -16.63
N GLN M 145 -55.23 -30.27 -15.40
CA GLN M 145 -53.96 -30.10 -14.70
C GLN M 145 -53.30 -31.43 -14.36
N ASP M 146 -54.07 -32.53 -14.34
CA ASP M 146 -53.48 -33.85 -14.15
C ASP M 146 -53.00 -34.45 -15.46
N LEU M 147 -53.75 -34.24 -16.55
CA LEU M 147 -53.32 -34.72 -17.85
C LEU M 147 -52.01 -34.06 -18.28
N VAL M 148 -51.90 -32.74 -18.08
CA VAL M 148 -50.67 -32.05 -18.46
C VAL M 148 -49.50 -32.58 -17.62
N LEU M 149 -49.73 -32.79 -16.33
CA LEU M 149 -48.67 -33.29 -15.46
C LEU M 149 -48.21 -34.68 -15.89
N ASN M 150 -49.16 -35.56 -16.22
CA ASN M 150 -48.80 -36.90 -16.70
C ASN M 150 -48.00 -36.80 -17.99
N GLU M 151 -48.42 -35.92 -18.90
CA GLU M 151 -47.69 -35.75 -20.16
C GLU M 151 -46.25 -35.30 -19.90
N GLN M 152 -46.07 -34.35 -18.99
CA GLN M 152 -44.72 -33.86 -18.70
C GLN M 152 -43.85 -34.95 -18.10
N GLN M 153 -44.41 -35.72 -17.16
CA GLN M 153 -43.64 -36.80 -16.56
C GLN M 153 -43.23 -37.83 -17.62
N ALA M 154 -44.15 -38.18 -18.52
CA ALA M 154 -43.81 -39.12 -19.57
C ALA M 154 -42.74 -38.56 -20.52
N MET M 155 -42.84 -37.26 -20.85
CA MET M 155 -41.87 -36.66 -21.75
C MET M 155 -40.47 -36.67 -21.14
N LEU M 156 -40.36 -36.46 -19.83
CA LEU M 156 -39.06 -36.54 -19.19
C LEU M 156 -38.42 -37.91 -19.39
N LEU M 157 -39.18 -38.97 -19.17
CA LEU M 157 -38.65 -40.32 -19.38
C LEU M 157 -38.30 -40.55 -20.84
N VAL M 158 -39.13 -40.05 -21.76
CA VAL M 158 -38.83 -40.21 -23.18
C VAL M 158 -37.48 -39.59 -23.51
N GLU M 159 -37.26 -38.36 -23.04
CA GLU M 159 -36.00 -37.68 -23.34
C GLU M 159 -34.82 -38.41 -22.70
N GLU M 160 -34.98 -38.87 -21.46
CA GLU M 160 -33.90 -39.60 -20.80
C GLU M 160 -33.55 -40.86 -21.59
N GLN M 161 -34.56 -41.61 -22.03
CA GLN M 161 -34.31 -42.82 -22.80
C GLN M 161 -33.58 -42.51 -24.10
N HIS M 162 -34.04 -41.48 -24.83
CA HIS M 162 -33.39 -41.12 -26.08
C HIS M 162 -31.94 -40.73 -25.85
N MET M 163 -31.67 -39.95 -24.81
CA MET M 163 -30.29 -39.56 -24.52
C MET M 163 -29.45 -40.79 -24.17
N ARG M 164 -30.03 -41.75 -23.45
CA ARG M 164 -29.29 -42.95 -23.08
C ARG M 164 -28.94 -43.78 -24.31
N ASN M 165 -29.87 -43.93 -25.25
CA ASN M 165 -29.63 -44.84 -26.38
C ASN M 165 -28.58 -44.29 -27.35
N LYS M 166 -28.57 -42.97 -27.56
CA LYS M 166 -27.71 -42.41 -28.60
C LYS M 166 -26.24 -42.59 -28.28
N LYS M 167 -25.87 -42.50 -27.01
CA LYS M 167 -24.48 -42.67 -26.57
C LYS M 167 -23.57 -41.64 -27.22
N HIS M 168 -23.82 -40.37 -26.91
CA HIS M 168 -22.94 -39.30 -27.33
C HIS M 168 -21.69 -39.28 -26.45
N SER M 169 -20.56 -38.92 -27.06
CA SER M 169 -19.31 -38.88 -26.33
C SER M 169 -18.39 -37.85 -26.98
N THR M 170 -17.41 -37.39 -26.21
CA THR M 170 -16.40 -36.47 -26.72
C THR M 170 -15.22 -37.19 -27.37
N ARG M 171 -15.17 -38.52 -27.27
CA ARG M 171 -14.09 -39.28 -27.90
C ARG M 171 -14.33 -39.53 -29.37
N ARG M 172 -15.51 -39.20 -29.88
CA ARG M 172 -15.84 -39.44 -31.29
C ARG M 172 -15.44 -38.29 -32.20
N ARG M 173 -14.97 -37.17 -31.64
CA ARG M 173 -14.53 -36.06 -32.47
C ARG M 173 -13.15 -36.36 -33.05
N ARG M 174 -12.88 -35.78 -34.23
CA ARG M 174 -11.66 -36.11 -34.96
C ARG M 174 -10.40 -35.59 -34.27
N PRO M 175 -10.44 -34.48 -33.52
CA PRO M 175 -9.22 -34.06 -32.83
C PRO M 175 -8.69 -35.11 -31.87
N TRP M 176 -9.59 -35.85 -31.20
CA TRP M 176 -9.15 -36.93 -30.32
C TRP M 176 -8.46 -38.02 -31.12
N GLY M 177 -9.00 -38.37 -32.30
CA GLY M 177 -8.34 -39.35 -33.13
C GLY M 177 -6.96 -38.90 -33.56
N LYS M 178 -6.82 -37.63 -33.94
CA LYS M 178 -5.50 -37.12 -34.32
C LYS M 178 -4.54 -37.16 -33.14
N TYR M 179 -5.02 -36.80 -31.94
CA TYR M 179 -4.17 -36.85 -30.76
C TYR M 179 -3.71 -38.27 -30.47
N GLN M 180 -4.62 -39.24 -30.60
CA GLN M 180 -4.24 -40.63 -30.34
C GLN M 180 -3.26 -41.12 -31.39
N ASN M 181 -3.44 -40.73 -32.65
CA ASN M 181 -2.47 -41.09 -33.68
C ASN M 181 -1.10 -40.50 -33.37
N ALA M 182 -1.08 -39.25 -32.91
CA ALA M 182 0.20 -38.63 -32.54
C ALA M 182 0.86 -39.37 -31.38
N LEU M 183 0.07 -39.82 -30.41
CA LEU M 183 0.59 -40.58 -29.27
C LEU M 183 0.84 -42.03 -29.67
N SER M 184 1.68 -42.20 -30.68
CA SER M 184 2.03 -43.54 -31.17
C SER M 184 3.25 -43.42 -32.06
N GLY M 185 4.29 -44.20 -31.77
CA GLY M 185 5.50 -44.18 -32.56
C GLY M 185 6.53 -45.18 -32.09
N MET N 1 -47.61 -58.50 -1.39
CA MET N 1 -48.90 -57.77 -1.30
C MET N 1 -49.90 -58.33 -2.31
N GLU N 2 -50.92 -59.02 -1.81
CA GLU N 2 -51.90 -59.65 -2.69
C GLU N 2 -52.68 -58.60 -3.46
N LEU N 3 -53.10 -58.96 -4.68
CA LEU N 3 -53.89 -58.06 -5.49
C LEU N 3 -55.20 -57.68 -4.81
N LEU N 4 -55.76 -58.59 -4.01
CA LEU N 4 -57.01 -58.29 -3.32
C LEU N 4 -56.84 -57.11 -2.38
N ASP N 5 -55.68 -57.02 -1.71
CA ASP N 5 -55.42 -55.90 -0.82
C ASP N 5 -55.43 -54.58 -1.57
N ALA N 6 -54.77 -54.55 -2.74
CA ALA N 6 -54.75 -53.32 -3.53
C ALA N 6 -56.15 -52.97 -4.02
N VAL N 7 -56.92 -53.96 -4.45
CA VAL N 7 -58.26 -53.70 -4.93
C VAL N 7 -59.12 -53.12 -3.81
N ASN N 8 -59.01 -53.70 -2.60
CA ASN N 8 -59.78 -53.20 -1.47
C ASN N 8 -59.34 -51.80 -1.09
N THR N 9 -58.04 -51.51 -1.14
CA THR N 9 -57.57 -50.16 -0.86
C THR N 9 -58.15 -49.16 -1.86
N CYS N 10 -58.14 -49.52 -3.15
CA CYS N 10 -58.71 -48.62 -4.15
C CYS N 10 -60.21 -48.41 -3.92
N LEU N 11 -60.93 -49.49 -3.60
CA LEU N 11 -62.36 -49.36 -3.35
C LEU N 11 -62.63 -48.46 -2.14
N THR N 12 -61.86 -48.64 -1.07
CA THR N 12 -62.03 -47.79 0.11
C THR N 12 -61.73 -46.34 -0.22
N ALA N 13 -60.67 -46.08 -1.00
CA ALA N 13 -60.37 -44.72 -1.40
C ALA N 13 -61.48 -44.13 -2.25
N LEU N 14 -62.14 -44.95 -3.06
CA LEU N 14 -63.23 -44.49 -3.91
C LEU N 14 -64.55 -44.35 -3.17
N GLY N 15 -64.67 -44.91 -1.97
CA GLY N 15 -65.85 -44.78 -1.16
C GLY N 15 -66.78 -45.99 -1.17
N GLU N 16 -66.54 -46.96 -2.04
CA GLU N 16 -67.40 -48.13 -2.12
C GLU N 16 -67.00 -49.18 -1.09
N ALA N 17 -67.86 -50.18 -0.93
CA ALA N 17 -67.64 -51.21 0.08
C ALA N 17 -66.54 -52.17 -0.36
N ARG N 18 -65.90 -52.79 0.63
CA ARG N 18 -64.83 -53.73 0.41
C ARG N 18 -65.40 -55.04 -0.18
N VAL N 19 -64.50 -55.88 -0.69
CA VAL N 19 -64.87 -57.13 -1.32
C VAL N 19 -64.07 -58.26 -0.68
N THR N 20 -64.28 -59.48 -1.19
CA THR N 20 -63.64 -60.67 -0.64
C THR N 20 -62.82 -61.46 -1.65
N SER N 21 -63.18 -61.41 -2.94
CA SER N 21 -62.45 -62.14 -3.98
C SER N 21 -62.26 -61.23 -5.18
N THR N 22 -61.08 -61.33 -5.80
CA THR N 22 -60.80 -60.54 -7.00
C THR N 22 -61.62 -60.99 -8.19
N ASP N 23 -62.27 -62.16 -8.11
CA ASP N 23 -63.12 -62.64 -9.18
C ASP N 23 -64.54 -62.13 -9.11
N THR N 24 -64.86 -61.32 -8.09
CA THR N 24 -66.21 -60.79 -7.97
C THR N 24 -66.58 -60.00 -9.22
N ARG N 25 -67.85 -60.10 -9.61
CA ARG N 25 -68.33 -59.56 -10.88
C ARG N 25 -68.63 -58.08 -10.83
N HIS N 26 -68.24 -57.37 -9.77
CA HIS N 26 -68.45 -55.93 -9.71
C HIS N 26 -67.72 -55.27 -10.88
N PRO N 27 -68.35 -54.32 -11.58
CA PRO N 27 -67.72 -53.75 -12.78
C PRO N 27 -66.51 -52.86 -12.50
N SER N 28 -66.38 -52.31 -11.29
CA SER N 28 -65.25 -51.45 -10.99
C SER N 28 -63.96 -52.25 -10.82
N VAL N 29 -64.08 -53.54 -10.49
CA VAL N 29 -62.89 -54.37 -10.27
C VAL N 29 -62.10 -54.51 -11.56
N ALA N 30 -62.79 -54.69 -12.69
CA ALA N 30 -62.08 -54.82 -13.97
C ALA N 30 -61.29 -53.56 -14.29
N LEU N 31 -61.90 -52.40 -14.10
CA LEU N 31 -61.20 -51.14 -14.35
C LEU N 31 -60.01 -50.99 -13.40
N ILE N 32 -60.19 -51.36 -12.13
CA ILE N 32 -59.10 -51.26 -11.17
C ILE N 32 -57.94 -52.15 -11.61
N LEU N 33 -58.25 -53.39 -12.01
CA LEU N 33 -57.19 -54.32 -12.40
C LEU N 33 -56.46 -53.82 -13.66
N GLN N 34 -57.21 -53.32 -14.65
CA GLN N 34 -56.57 -52.81 -15.85
C GLN N 34 -55.67 -51.62 -15.55
N THR N 35 -56.14 -50.69 -14.71
CA THR N 35 -55.32 -49.55 -14.35
C THR N 35 -54.06 -49.99 -13.60
N LEU N 36 -54.21 -50.94 -12.68
CA LEU N 36 -53.05 -51.44 -11.95
C LEU N 36 -52.03 -52.06 -12.90
N ALA N 37 -52.51 -52.87 -13.86
CA ALA N 37 -51.60 -53.49 -14.82
C ALA N 37 -50.87 -52.45 -15.65
N THR N 38 -51.60 -51.44 -16.14
CA THR N 38 -50.97 -50.42 -16.97
C THR N 38 -49.93 -49.64 -16.18
N LYS N 39 -50.25 -49.25 -14.95
CA LYS N 39 -49.30 -48.50 -14.14
C LYS N 39 -48.08 -49.35 -13.82
N GLN N 40 -48.27 -50.63 -13.50
CA GLN N 40 -47.14 -51.50 -13.24
C GLN N 40 -46.24 -51.62 -14.46
N LYS N 41 -46.84 -51.77 -15.65
CA LYS N 41 -46.04 -51.87 -16.86
C LYS N 41 -45.26 -50.59 -17.11
N LEU N 42 -45.88 -49.44 -16.90
CA LEU N 42 -45.20 -48.18 -17.16
C LEU N 42 -44.06 -47.94 -16.17
N LEU N 43 -44.28 -48.24 -14.89
CA LEU N 43 -43.30 -47.88 -13.87
C LEU N 43 -41.96 -48.59 -14.09
N LEU N 44 -42.00 -49.88 -14.40
CA LEU N 44 -40.80 -50.71 -14.45
C LEU N 44 -40.03 -50.56 -15.76
N GLU N 45 -40.44 -49.65 -16.66
CA GLU N 45 -39.80 -49.55 -17.96
C GLU N 45 -38.34 -49.12 -17.83
N ARG N 46 -38.05 -48.17 -16.94
CA ARG N 46 -36.70 -47.64 -16.85
C ARG N 46 -35.70 -48.72 -16.39
N GLY N 47 -36.11 -49.56 -15.45
CA GLY N 47 -35.22 -50.59 -14.94
C GLY N 47 -34.75 -50.30 -13.51
N TRP N 48 -34.69 -51.34 -12.69
CA TRP N 48 -34.32 -51.20 -11.29
C TRP N 48 -33.32 -52.31 -10.95
N TRP N 49 -33.06 -52.48 -9.65
CA TRP N 49 -32.04 -53.42 -9.20
C TRP N 49 -32.52 -54.87 -9.18
N PHE N 50 -33.80 -55.12 -9.44
CA PHE N 50 -34.35 -56.48 -9.35
C PHE N 50 -34.91 -57.00 -10.65
N ASN N 51 -34.88 -56.22 -11.73
CA ASN N 51 -35.45 -56.65 -13.00
C ASN N 51 -34.56 -56.27 -14.19
N THR N 52 -33.24 -56.34 -14.00
CA THR N 52 -32.28 -56.01 -15.05
C THR N 52 -31.21 -57.08 -15.13
N GLN N 53 -31.02 -57.64 -16.32
CA GLN N 53 -30.00 -58.66 -16.54
C GLN N 53 -29.46 -58.54 -17.95
N ASP N 54 -28.25 -59.04 -18.16
CA ASP N 54 -27.65 -59.08 -19.49
C ASP N 54 -27.80 -60.48 -20.09
N GLU N 55 -28.07 -60.54 -21.38
CA GLU N 55 -28.29 -61.80 -22.07
C GLU N 55 -27.77 -61.71 -23.50
N GLU N 56 -27.57 -62.88 -24.10
CA GLU N 56 -27.08 -62.99 -25.47
C GLU N 56 -28.09 -63.78 -26.29
N MET N 57 -28.31 -63.33 -27.52
CA MET N 57 -29.29 -63.94 -28.41
C MET N 57 -28.58 -64.50 -29.65
N PHE N 58 -29.17 -65.53 -30.25
CA PHE N 58 -28.59 -66.18 -31.41
C PHE N 58 -29.55 -66.09 -32.61
N PRO N 59 -29.02 -66.04 -33.83
CA PRO N 59 -29.88 -65.90 -35.00
C PRO N 59 -30.51 -67.22 -35.42
N ASP N 60 -31.58 -67.11 -36.19
CA ASP N 60 -32.28 -68.26 -36.74
C ASP N 60 -31.57 -68.71 -38.02
N LEU N 61 -32.18 -69.64 -38.76
CA LEU N 61 -31.60 -70.08 -40.02
C LEU N 61 -31.54 -68.93 -41.02
N LEU N 62 -32.62 -68.16 -41.13
CA LEU N 62 -32.64 -67.05 -42.07
C LEU N 62 -31.72 -65.93 -41.61
N GLY N 63 -31.68 -65.65 -40.31
CA GLY N 63 -30.84 -64.59 -39.78
C GLY N 63 -31.61 -63.57 -38.94
N ARG N 64 -32.80 -63.94 -38.49
CA ARG N 64 -33.63 -63.07 -37.67
C ARG N 64 -33.51 -63.49 -36.21
N ILE N 65 -33.33 -62.52 -35.32
CA ILE N 65 -33.15 -62.76 -33.89
C ILE N 65 -34.43 -62.32 -33.18
N PRO N 66 -35.16 -63.22 -32.54
CA PRO N 66 -36.33 -62.81 -31.75
C PRO N 66 -35.89 -62.25 -30.40
N TYR N 67 -36.86 -61.69 -29.67
CA TYR N 67 -36.61 -61.08 -28.38
C TYR N 67 -37.52 -61.70 -27.33
N PRO N 68 -37.11 -61.66 -26.06
CA PRO N 68 -37.94 -62.28 -25.00
C PRO N 68 -39.33 -61.68 -24.92
N ALA N 69 -40.31 -62.52 -24.60
CA ALA N 69 -41.71 -62.07 -24.59
C ALA N 69 -41.99 -61.14 -23.42
N ALA N 70 -41.35 -61.38 -22.27
CA ALA N 70 -41.62 -60.60 -21.07
C ALA N 70 -40.87 -59.28 -21.01
N SER N 71 -39.99 -59.01 -21.98
CA SER N 71 -39.19 -57.80 -21.93
C SER N 71 -40.04 -56.56 -22.21
N ILE N 72 -39.55 -55.41 -21.74
CA ILE N 72 -40.21 -54.14 -21.99
C ILE N 72 -39.36 -53.19 -22.83
N SER N 73 -38.04 -53.28 -22.75
CA SER N 73 -37.17 -52.39 -23.50
C SER N 73 -35.88 -53.13 -23.86
N VAL N 74 -35.25 -52.72 -24.95
CA VAL N 74 -34.02 -53.33 -25.44
C VAL N 74 -32.98 -52.25 -25.66
N GLU N 75 -31.72 -52.61 -25.46
CA GLU N 75 -30.60 -51.71 -25.68
C GLU N 75 -29.40 -52.52 -26.13
N SER N 76 -28.48 -51.85 -26.82
CA SER N 76 -27.30 -52.49 -27.37
C SER N 76 -26.10 -52.34 -26.42
N LEU N 77 -25.13 -53.24 -26.59
CA LEU N 77 -23.89 -53.19 -25.83
C LEU N 77 -22.67 -53.44 -26.70
N ASP N 78 -22.81 -53.37 -28.03
CA ASP N 78 -21.72 -53.66 -28.96
C ASP N 78 -21.28 -52.34 -29.58
N GLY N 79 -20.22 -51.75 -29.04
CA GLY N 79 -19.70 -50.52 -29.60
C GLY N 79 -20.76 -49.43 -29.59
N TYR N 80 -20.92 -48.76 -30.74
CA TYR N 80 -21.88 -47.68 -30.89
C TYR N 80 -23.08 -48.10 -31.72
N ASN N 81 -23.40 -49.38 -31.74
CA ASN N 81 -24.53 -49.87 -32.51
C ASN N 81 -25.85 -49.54 -31.80
N ILE N 82 -26.92 -49.50 -32.59
CA ILE N 82 -28.25 -49.20 -32.09
C ILE N 82 -29.21 -50.29 -32.54
N TYR N 83 -30.01 -50.80 -31.61
CA TYR N 83 -31.00 -51.82 -31.90
C TYR N 83 -32.36 -51.38 -31.38
N SER N 84 -33.41 -51.88 -32.04
CA SER N 84 -34.78 -51.55 -31.67
C SER N 84 -35.68 -52.71 -32.08
N LYS N 85 -36.90 -52.70 -31.53
CA LYS N 85 -37.86 -53.76 -31.76
C LYS N 85 -38.83 -53.34 -32.86
N ARG N 86 -39.09 -54.25 -33.80
CA ARG N 86 -40.00 -53.94 -34.92
C ARG N 86 -40.47 -55.26 -35.52
N ASN N 87 -41.79 -55.36 -35.73
CA ASN N 87 -42.40 -56.54 -36.36
C ASN N 87 -42.03 -57.82 -35.62
N ASN N 88 -42.10 -57.78 -34.29
CA ASN N 88 -41.81 -58.94 -33.45
C ASN N 88 -40.41 -59.48 -33.70
N PHE N 89 -39.48 -58.61 -34.06
CA PHE N 89 -38.11 -59.01 -34.30
C PHE N 89 -37.20 -57.82 -34.07
N LEU N 90 -35.92 -58.10 -33.83
CA LEU N 90 -34.95 -57.04 -33.62
C LEU N 90 -34.60 -56.39 -34.95
N PHE N 91 -34.38 -55.08 -34.91
CA PHE N 91 -34.05 -54.29 -36.08
C PHE N 91 -32.68 -53.66 -35.90
N ASN N 92 -31.84 -53.74 -36.92
CA ASN N 92 -30.50 -53.14 -36.92
C ASN N 92 -30.63 -51.73 -37.45
N ASN N 93 -30.70 -50.76 -36.52
CA ASN N 93 -30.91 -49.37 -36.92
C ASN N 93 -29.68 -48.77 -37.56
N THR N 94 -28.48 -49.27 -37.22
CA THR N 94 -27.25 -48.71 -37.76
C THR N 94 -27.01 -49.11 -39.21
N CYS N 95 -27.64 -50.18 -39.70
CA CYS N 95 -27.43 -50.63 -41.07
C CYS N 95 -28.72 -50.76 -41.85
N ASN N 96 -29.88 -50.41 -41.28
CA ASN N 96 -31.16 -50.47 -41.97
C ASN N 96 -31.39 -51.84 -42.59
N THR N 97 -31.30 -52.87 -41.74
CA THR N 97 -31.50 -54.24 -42.18
C THR N 97 -32.09 -55.04 -41.04
N MET N 98 -32.73 -56.15 -41.41
CA MET N 98 -33.39 -57.03 -40.45
C MET N 98 -32.65 -58.34 -40.22
N TYR N 99 -31.69 -58.69 -41.07
CA TYR N 99 -30.98 -59.96 -40.98
C TYR N 99 -29.61 -59.75 -40.37
N PHE N 100 -29.31 -60.50 -39.32
CA PHE N 100 -28.05 -60.41 -38.61
C PHE N 100 -27.11 -61.52 -39.09
N THR N 101 -25.87 -61.48 -38.58
CA THR N 101 -24.85 -62.45 -38.95
C THR N 101 -24.37 -63.30 -37.78
N GLY N 102 -24.53 -62.85 -36.54
CA GLY N 102 -24.07 -63.59 -35.39
C GLY N 102 -24.75 -63.14 -34.11
N PRO N 103 -24.33 -63.72 -32.99
CA PRO N 103 -24.95 -63.36 -31.71
C PRO N 103 -24.65 -61.92 -31.31
N VAL N 104 -25.54 -61.37 -30.49
CA VAL N 104 -25.44 -59.99 -30.03
C VAL N 104 -25.66 -59.95 -28.52
N CYS N 105 -25.21 -58.86 -27.91
CA CYS N 105 -25.39 -58.61 -26.48
C CYS N 105 -26.29 -57.40 -26.31
N ILE N 106 -27.28 -57.51 -25.43
CA ILE N 106 -28.27 -56.46 -25.25
C ILE N 106 -28.76 -56.47 -23.81
N ARG N 107 -29.17 -55.30 -23.33
CA ARG N 107 -29.80 -55.17 -22.02
C ARG N 107 -31.31 -55.41 -22.15
N VAL N 108 -31.88 -56.07 -21.15
CA VAL N 108 -33.30 -56.42 -21.17
C VAL N 108 -33.92 -56.03 -19.83
N THR N 109 -35.12 -55.47 -19.89
CA THR N 109 -35.90 -55.14 -18.70
C THR N 109 -37.16 -56.01 -18.70
N TYR N 110 -37.35 -56.76 -17.64
CA TYR N 110 -38.42 -57.77 -17.57
C TYR N 110 -39.59 -57.27 -16.73
N ASN N 111 -40.76 -57.84 -17.01
CA ASN N 111 -41.97 -57.57 -16.25
C ASN N 111 -42.28 -58.76 -15.36
N LEU N 112 -42.53 -58.49 -14.09
CA LEU N 112 -42.73 -59.52 -13.09
C LEU N 112 -44.15 -59.47 -12.55
N ASP N 113 -44.50 -60.49 -11.77
CA ASP N 113 -45.81 -60.56 -11.16
C ASP N 113 -45.94 -59.52 -10.04
N PHE N 114 -47.18 -59.13 -9.77
CA PHE N 114 -47.42 -58.13 -8.73
C PHE N 114 -47.00 -58.65 -7.36
N GLU N 115 -47.16 -59.95 -7.12
CA GLU N 115 -46.80 -60.50 -5.82
C GLU N 115 -45.31 -60.37 -5.54
N ASP N 116 -44.47 -60.58 -6.55
CA ASP N 116 -43.03 -60.57 -6.34
C ASP N 116 -42.47 -59.16 -6.10
N LEU N 117 -43.23 -58.13 -6.40
CA LEU N 117 -42.73 -56.77 -6.25
C LEU N 117 -42.54 -56.44 -4.78
N PRO N 118 -41.53 -55.63 -4.43
CA PRO N 118 -41.39 -55.18 -3.05
C PRO N 118 -42.59 -54.35 -2.60
N GLU N 119 -42.70 -54.20 -1.28
CA GLU N 119 -43.84 -53.48 -0.71
C GLU N 119 -43.84 -52.02 -1.18
N SER N 120 -42.67 -51.39 -1.20
CA SER N 120 -42.59 -49.98 -1.56
C SER N 120 -43.07 -49.74 -2.99
N VAL N 121 -42.68 -50.61 -3.92
CA VAL N 121 -43.11 -50.47 -5.31
C VAL N 121 -44.62 -50.68 -5.41
N ALA N 122 -45.14 -51.70 -4.71
CA ALA N 122 -46.56 -51.98 -4.77
C ALA N 122 -47.37 -50.81 -4.23
N THR N 123 -46.90 -50.17 -3.15
CA THR N 123 -47.62 -49.01 -2.63
C THR N 123 -47.68 -47.88 -3.65
N VAL N 124 -46.55 -47.62 -4.34
CA VAL N 124 -46.53 -46.56 -5.35
C VAL N 124 -47.52 -46.89 -6.46
N ILE N 125 -47.52 -48.14 -6.93
CA ILE N 125 -48.43 -48.51 -8.02
C ILE N 125 -49.87 -48.37 -7.58
N THR N 126 -50.19 -48.84 -6.38
CA THR N 126 -51.57 -48.77 -5.89
C THR N 126 -52.03 -47.33 -5.77
N TYR N 127 -51.19 -46.46 -5.21
CA TYR N 127 -51.58 -45.07 -5.02
C TYR N 127 -51.61 -44.27 -6.31
N ARG N 128 -50.85 -44.69 -7.33
CA ARG N 128 -51.00 -44.06 -8.64
C ARG N 128 -52.31 -44.48 -9.29
N ALA N 129 -52.64 -45.77 -9.24
CA ALA N 129 -53.89 -46.24 -9.83
C ALA N 129 -55.10 -45.61 -9.13
N ALA N 130 -55.04 -45.48 -7.81
CA ALA N 130 -56.16 -44.91 -7.07
C ALA N 130 -56.45 -43.49 -7.54
N ARG N 131 -55.41 -42.67 -7.66
CA ARG N 131 -55.61 -41.30 -8.13
C ARG N 131 -56.09 -41.27 -9.57
N ALA N 132 -55.48 -42.11 -10.43
CA ALA N 132 -55.89 -42.12 -11.83
C ALA N 132 -57.38 -42.46 -11.98
N VAL N 133 -57.90 -43.31 -11.10
CA VAL N 133 -59.31 -43.67 -11.18
C VAL N 133 -60.17 -42.59 -10.54
N TYR N 134 -59.77 -42.09 -9.37
CA TYR N 134 -60.60 -41.14 -8.65
C TYR N 134 -60.77 -39.85 -9.43
N VAL N 135 -59.68 -39.32 -10.00
CA VAL N 135 -59.77 -38.07 -10.75
C VAL N 135 -60.67 -38.24 -11.97
N GLY N 136 -60.53 -39.36 -12.69
CA GLY N 136 -61.33 -39.54 -13.90
C GLY N 136 -62.78 -39.88 -13.65
N ASP N 137 -63.10 -40.40 -12.45
CA ASP N 137 -64.46 -40.82 -12.17
C ASP N 137 -65.25 -39.85 -11.30
N LEU N 138 -64.59 -38.97 -10.54
CA LEU N 138 -65.27 -38.09 -9.61
C LEU N 138 -64.80 -36.64 -9.67
N GLY N 139 -63.82 -36.31 -10.49
CA GLY N 139 -63.30 -34.96 -10.58
C GLY N 139 -62.13 -34.74 -9.65
N ASN N 140 -61.54 -33.55 -9.76
CA ASN N 140 -60.37 -33.16 -8.98
C ASN N 140 -60.87 -32.46 -7.72
N ASP N 141 -61.05 -33.25 -6.66
CA ASP N 141 -61.49 -32.73 -5.37
C ASP N 141 -60.26 -32.39 -4.52
N ALA N 142 -60.47 -32.10 -3.25
CA ALA N 142 -59.37 -31.75 -2.34
C ALA N 142 -58.74 -32.96 -1.68
N SER N 143 -59.24 -34.17 -1.93
CA SER N 143 -58.72 -35.37 -1.29
C SER N 143 -57.54 -35.98 -2.04
N VAL N 144 -57.26 -35.53 -3.28
CA VAL N 144 -56.14 -36.07 -4.03
C VAL N 144 -54.80 -35.60 -3.45
N GLN N 145 -54.81 -34.54 -2.66
CA GLN N 145 -53.59 -34.03 -2.04
C GLN N 145 -52.99 -35.00 -1.02
N ASP N 146 -53.79 -35.96 -0.53
CA ASP N 146 -53.26 -37.01 0.33
C ASP N 146 -52.70 -38.17 -0.47
N LEU N 147 -53.36 -38.53 -1.57
CA LEU N 147 -52.85 -39.60 -2.43
C LEU N 147 -51.50 -39.22 -3.02
N VAL N 148 -51.37 -37.98 -3.50
CA VAL N 148 -50.09 -37.55 -4.07
C VAL N 148 -49.00 -37.57 -3.00
N LEU N 149 -49.33 -37.13 -1.78
CA LEU N 149 -48.35 -37.12 -0.70
C LEU N 149 -47.90 -38.54 -0.35
N ASN N 150 -48.85 -39.48 -0.28
CA ASN N 150 -48.49 -40.86 -0.01
C ASN N 150 -47.60 -41.42 -1.11
N GLU N 151 -47.93 -41.10 -2.37
CA GLU N 151 -47.10 -41.57 -3.48
C GLU N 151 -45.68 -41.04 -3.37
N GLN N 152 -45.53 -39.76 -3.04
CA GLN N 152 -44.20 -39.17 -2.93
C GLN N 152 -43.40 -39.82 -1.80
N GLN N 153 -44.05 -40.02 -0.64
CA GLN N 153 -43.35 -40.66 0.47
C GLN N 153 -42.90 -42.07 0.08
N ALA N 154 -43.76 -42.82 -0.60
CA ALA N 154 -43.37 -44.17 -1.02
C ALA N 154 -42.23 -44.13 -2.03
N MET N 155 -42.26 -43.18 -2.96
CA MET N 155 -41.21 -43.08 -3.96
C MET N 155 -39.86 -42.78 -3.33
N LEU N 156 -39.84 -41.94 -2.28
CA LEU N 156 -38.59 -41.68 -1.59
C LEU N 156 -37.98 -42.96 -1.04
N LEU N 157 -38.79 -43.79 -0.37
CA LEU N 157 -38.28 -45.05 0.15
C LEU N 157 -37.83 -45.97 -0.97
N VAL N 158 -38.57 -46.00 -2.08
CA VAL N 158 -38.17 -46.84 -3.21
C VAL N 158 -36.79 -46.45 -3.69
N GLU N 159 -36.57 -45.15 -3.89
CA GLU N 159 -35.27 -44.69 -4.39
C GLU N 159 -34.16 -44.99 -3.38
N GLU N 160 -34.43 -44.79 -2.09
CA GLU N 160 -33.42 -45.08 -1.07
C GLU N 160 -33.04 -46.55 -1.11
N GLN N 161 -34.04 -47.44 -1.21
CA GLN N 161 -33.77 -48.88 -1.24
C GLN N 161 -32.95 -49.24 -2.48
N HIS N 162 -33.32 -48.70 -3.64
CA HIS N 162 -32.56 -49.01 -4.85
C HIS N 162 -31.13 -48.55 -4.74
N MET N 163 -30.92 -47.34 -4.21
CA MET N 163 -29.55 -46.85 -4.04
C MET N 163 -28.77 -47.73 -3.06
N ARG N 164 -29.43 -48.21 -2.01
CA ARG N 164 -28.75 -49.07 -1.05
C ARG N 164 -28.33 -50.40 -1.67
N ASN N 165 -29.20 -51.00 -2.48
CA ASN N 165 -28.90 -52.35 -2.99
C ASN N 165 -27.78 -52.33 -4.02
N LYS N 166 -27.71 -51.29 -4.85
CA LYS N 166 -26.76 -51.31 -5.97
C LYS N 166 -25.32 -51.29 -5.48
N LYS N 167 -25.04 -50.58 -4.38
CA LYS N 167 -23.70 -50.49 -3.82
C LYS N 167 -22.71 -49.91 -4.83
N HIS N 168 -22.95 -48.66 -5.20
CA HIS N 168 -22.00 -47.93 -6.03
C HIS N 168 -20.83 -47.47 -5.19
N SER N 169 -19.65 -47.44 -5.80
CA SER N 169 -18.44 -47.03 -5.10
C SER N 169 -17.45 -46.45 -6.09
N THR N 170 -16.52 -45.65 -5.58
CA THR N 170 -15.45 -45.09 -6.40
C THR N 170 -14.25 -46.03 -6.51
N ARG N 171 -14.24 -47.13 -5.77
CA ARG N 171 -13.14 -48.09 -5.84
C ARG N 171 -13.28 -49.04 -7.02
N ARG N 172 -14.41 -49.03 -7.72
CA ARG N 172 -14.64 -49.93 -8.84
C ARG N 172 -14.15 -49.38 -10.17
N ARG N 173 -13.69 -48.12 -10.20
CA ARG N 173 -13.15 -47.56 -11.43
C ARG N 173 -11.75 -48.09 -11.69
N ARG N 174 -11.38 -48.18 -12.97
CA ARG N 174 -10.12 -48.80 -13.34
C ARG N 174 -8.89 -48.00 -12.90
N PRO N 175 -8.96 -46.66 -12.81
CA PRO N 175 -7.78 -45.94 -12.32
C PRO N 175 -7.36 -46.37 -10.93
N TRP N 176 -8.32 -46.69 -10.06
CA TRP N 176 -7.98 -47.19 -8.73
C TRP N 176 -7.26 -48.53 -8.83
N GLY N 177 -7.73 -49.41 -9.72
CA GLY N 177 -7.03 -50.68 -9.90
C GLY N 177 -5.61 -50.49 -10.39
N LYS N 178 -5.41 -49.57 -11.34
CA LYS N 178 -4.05 -49.29 -11.82
C LYS N 178 -3.18 -48.74 -10.70
N TYR N 179 -3.73 -47.83 -9.88
CA TYR N 179 -2.98 -47.29 -8.76
C TYR N 179 -2.57 -48.38 -7.77
N GLN N 180 -3.50 -49.28 -7.47
CA GLN N 180 -3.18 -50.37 -6.54
C GLN N 180 -2.14 -51.30 -7.12
N ASN N 181 -2.22 -51.59 -8.42
CA ASN N 181 -1.19 -52.40 -9.07
C ASN N 181 0.17 -51.71 -8.98
N ALA N 182 0.19 -50.40 -9.19
CA ALA N 182 1.46 -49.66 -9.08
C ALA N 182 2.01 -49.73 -7.66
N LEU N 183 1.14 -49.64 -6.67
CA LEU N 183 1.55 -49.73 -5.26
C LEU N 183 1.80 -51.19 -4.86
N SER N 184 2.70 -51.83 -5.60
CA SER N 184 3.05 -53.24 -5.34
C SER N 184 4.33 -53.55 -6.07
N GLY N 185 5.32 -54.09 -5.35
CA GLY N 185 6.59 -54.43 -5.96
C GLY N 185 7.56 -55.07 -4.97
N MET O 1 -49.04 -52.06 24.02
CA MET O 1 -50.31 -51.40 23.63
C MET O 1 -51.25 -52.40 22.96
N GLU O 2 -52.32 -52.75 23.65
CA GLU O 2 -53.25 -53.74 23.12
C GLU O 2 -53.94 -53.22 21.88
N LEU O 3 -54.28 -54.15 20.97
CA LEU O 3 -54.99 -53.77 19.75
C LEU O 3 -56.33 -53.11 20.06
N LEU O 4 -56.97 -53.52 21.15
CA LEU O 4 -58.26 -52.93 21.51
C LEU O 4 -58.13 -51.44 21.77
N ASP O 5 -57.02 -51.02 22.39
CA ASP O 5 -56.79 -49.60 22.63
C ASP O 5 -56.70 -48.83 21.32
N ALA O 6 -55.96 -49.36 20.34
CA ALA O 6 -55.85 -48.69 19.05
C ALA O 6 -57.20 -48.64 18.33
N VAL O 7 -57.96 -49.74 18.40
CA VAL O 7 -59.26 -49.75 17.75
C VAL O 7 -60.18 -48.71 18.38
N ASN O 8 -60.18 -48.62 19.71
CA ASN O 8 -61.01 -47.63 20.39
C ASN O 8 -60.56 -46.21 20.05
N THR O 9 -59.25 -45.98 19.97
CA THR O 9 -58.76 -44.66 19.58
C THR O 9 -59.24 -44.29 18.19
N CYS O 10 -59.15 -45.23 17.24
CA CYS O 10 -59.62 -44.96 15.89
C CYS O 10 -61.12 -44.69 15.87
N LEU O 11 -61.90 -45.47 16.62
CA LEU O 11 -63.34 -45.25 16.66
C LEU O 11 -63.67 -43.88 17.24
N THR O 12 -62.98 -43.48 18.32
CA THR O 12 -63.22 -42.17 18.91
C THR O 12 -62.85 -41.06 17.93
N ALA O 13 -61.73 -41.22 17.21
CA ALA O 13 -61.36 -40.22 16.21
C ALA O 13 -62.39 -40.14 15.10
N LEU O 14 -63.01 -41.27 14.75
CA LEU O 14 -64.02 -41.30 13.70
C LEU O 14 -65.39 -40.83 14.17
N GLY O 15 -65.61 -40.72 15.48
CA GLY O 15 -66.85 -40.22 16.02
C GLY O 15 -67.81 -41.28 16.54
N GLU O 16 -67.53 -42.56 16.29
CA GLU O 16 -68.42 -43.62 16.72
C GLU O 16 -68.12 -44.02 18.17
N ALA O 17 -69.02 -44.82 18.74
CA ALA O 17 -68.91 -45.21 20.14
C ALA O 17 -67.80 -46.25 20.32
N ARG O 18 -67.26 -46.30 21.54
CA ARG O 18 -66.19 -47.23 21.88
C ARG O 18 -66.76 -48.64 21.97
N VAL O 19 -65.85 -49.62 22.01
CA VAL O 19 -66.21 -51.03 22.06
C VAL O 19 -65.49 -51.68 23.24
N THR O 20 -65.70 -53.00 23.39
CA THR O 20 -65.13 -53.76 24.50
C THR O 20 -64.26 -54.93 24.06
N SER O 21 -64.53 -55.54 22.91
CA SER O 21 -63.75 -56.66 22.42
C SER O 21 -63.44 -56.47 20.95
N THR O 22 -62.22 -56.85 20.55
CA THR O 22 -61.84 -56.75 19.15
C THR O 22 -62.58 -57.74 18.27
N ASP O 23 -63.26 -58.72 18.87
CA ASP O 23 -64.04 -59.69 18.11
C ASP O 23 -65.46 -59.20 17.82
N THR O 24 -65.83 -58.02 18.27
CA THR O 24 -67.17 -57.50 18.01
C THR O 24 -67.42 -57.44 16.51
N ARG O 25 -68.67 -57.73 16.12
CA ARG O 25 -69.03 -57.90 14.73
C ARG O 25 -69.30 -56.60 14.00
N HIS O 26 -68.97 -55.45 14.60
CA HIS O 26 -69.14 -54.18 13.93
C HIS O 26 -68.31 -54.17 12.64
N PRO O 27 -68.85 -53.70 11.52
CA PRO O 27 -68.12 -53.79 10.25
C PRO O 27 -66.91 -52.86 10.15
N SER O 28 -66.86 -51.79 10.93
CA SER O 28 -65.72 -50.87 10.85
C SER O 28 -64.48 -51.47 11.49
N VAL O 29 -64.65 -52.42 12.41
CA VAL O 29 -63.51 -53.03 13.09
C VAL O 29 -62.63 -53.79 12.12
N ALA O 30 -63.24 -54.50 11.17
CA ALA O 30 -62.44 -55.24 10.18
C ALA O 30 -61.59 -54.30 9.34
N LEU O 31 -62.19 -53.19 8.89
CA LEU O 31 -61.43 -52.22 8.10
C LEU O 31 -60.31 -51.61 8.94
N ILE O 32 -60.60 -51.30 10.21
CA ILE O 32 -59.57 -50.73 11.08
C ILE O 32 -58.41 -51.70 11.23
N LEU O 33 -58.72 -52.98 11.47
CA LEU O 33 -57.67 -53.97 11.67
C LEU O 33 -56.84 -54.15 10.40
N GLN O 34 -57.50 -54.21 9.24
CA GLN O 34 -56.75 -54.37 7.99
C GLN O 34 -55.85 -53.18 7.73
N THR O 35 -56.35 -51.96 7.96
CA THR O 35 -55.52 -50.78 7.78
C THR O 35 -54.34 -50.77 8.74
N LEU O 36 -54.58 -51.15 10.00
CA LEU O 36 -53.49 -51.22 10.96
C LEU O 36 -52.42 -52.21 10.52
N ALA O 37 -52.85 -53.38 10.06
CA ALA O 37 -51.89 -54.39 9.61
C ALA O 37 -51.08 -53.89 8.42
N THR O 38 -51.74 -53.26 7.44
CA THR O 38 -51.03 -52.78 6.27
C THR O 38 -50.02 -51.70 6.64
N LYS O 39 -50.42 -50.75 7.50
CA LYS O 39 -49.51 -49.69 7.91
C LYS O 39 -48.33 -50.25 8.69
N GLN O 40 -48.59 -51.21 9.58
CA GLN O 40 -47.51 -51.84 10.33
C GLN O 40 -46.53 -52.52 9.39
N LYS O 41 -47.03 -53.26 8.41
CA LYS O 41 -46.16 -53.93 7.46
C LYS O 41 -45.32 -52.94 6.67
N LEU O 42 -45.93 -51.84 6.23
CA LEU O 42 -45.19 -50.86 5.44
C LEU O 42 -44.12 -50.15 6.27
N LEU O 43 -44.44 -49.79 7.51
CA LEU O 43 -43.53 -48.96 8.29
C LEU O 43 -42.20 -49.67 8.56
N LEU O 44 -42.26 -50.94 8.92
CA LEU O 44 -41.07 -51.67 9.37
C LEU O 44 -40.21 -52.17 8.22
N GLU O 45 -40.53 -51.84 6.98
CA GLU O 45 -39.79 -52.38 5.85
C GLU O 45 -38.33 -51.94 5.87
N ARG O 46 -38.08 -50.67 6.18
CA ARG O 46 -36.72 -50.14 6.10
C ARG O 46 -35.80 -50.84 7.10
N GLY O 47 -36.29 -51.11 8.31
CA GLY O 47 -35.48 -51.74 9.33
C GLY O 47 -35.10 -50.79 10.45
N TRP O 48 -35.13 -51.28 11.69
CA TRP O 48 -34.86 -50.46 12.87
C TRP O 48 -33.92 -51.24 13.78
N TRP O 49 -33.75 -50.76 15.01
CA TRP O 49 -32.80 -51.33 15.94
C TRP O 49 -33.32 -52.58 16.64
N PHE O 50 -34.59 -52.95 16.45
CA PHE O 50 -35.18 -54.08 17.15
C PHE O 50 -35.66 -55.19 16.23
N ASN O 51 -35.53 -55.04 14.90
CA ASN O 51 -36.02 -56.06 13.98
C ASN O 51 -35.03 -56.31 12.84
N THR O 52 -33.74 -56.25 13.13
CA THR O 52 -32.69 -56.48 12.13
C THR O 52 -31.65 -57.44 12.69
N GLN O 53 -31.39 -58.51 11.95
CA GLN O 53 -30.39 -59.49 12.34
C GLN O 53 -29.74 -60.08 11.09
N ASP O 54 -28.53 -60.61 11.25
CA ASP O 54 -27.84 -61.30 10.17
C ASP O 54 -27.98 -62.80 10.33
N GLU O 55 -28.16 -63.50 9.22
CA GLU O 55 -28.36 -64.94 9.23
C GLU O 55 -27.74 -65.56 7.98
N GLU O 56 -27.54 -66.87 8.05
CA GLU O 56 -26.94 -67.64 6.96
C GLU O 56 -27.91 -68.74 6.56
N MET O 57 -28.04 -68.97 5.26
CA MET O 57 -28.96 -69.96 4.72
C MET O 57 -28.18 -71.03 3.97
N PHE O 58 -28.75 -72.24 3.92
CA PHE O 58 -28.11 -73.38 3.28
C PHE O 58 -28.98 -73.89 2.12
N PRO O 59 -28.36 -74.45 1.08
CA PRO O 59 -29.13 -74.92 -0.07
C PRO O 59 -29.76 -76.28 0.17
N ASP O 60 -30.78 -76.57 -0.63
CA ASP O 60 -31.46 -77.85 -0.59
C ASP O 60 -30.68 -78.88 -1.43
N LEU O 61 -31.25 -80.04 -1.65
CA LEU O 61 -30.60 -81.06 -2.48
C LEU O 61 -30.43 -80.55 -3.91
N LEU O 62 -31.48 -79.95 -4.47
CA LEU O 62 -31.40 -79.44 -5.83
C LEU O 62 -30.48 -78.23 -5.92
N GLY O 63 -30.53 -77.33 -4.93
CA GLY O 63 -29.70 -76.15 -4.93
C GLY O 63 -30.50 -74.86 -4.78
N ARG O 64 -31.73 -74.98 -4.28
CA ARG O 64 -32.59 -73.81 -4.07
C ARG O 64 -32.59 -73.45 -2.58
N ILE O 65 -32.45 -72.17 -2.29
CA ILE O 65 -32.38 -71.67 -0.91
C ILE O 65 -33.69 -70.95 -0.61
N PRO O 66 -34.50 -71.42 0.33
CA PRO O 66 -35.71 -70.69 0.72
C PRO O 66 -35.35 -69.53 1.65
N TYR O 67 -36.36 -68.70 1.92
CA TYR O 67 -36.18 -67.52 2.76
C TYR O 67 -37.18 -67.55 3.91
N PRO O 68 -36.87 -66.88 5.03
CA PRO O 68 -37.78 -66.91 6.18
C PRO O 68 -39.16 -66.37 5.84
N ALA O 69 -40.19 -66.94 6.46
CA ALA O 69 -41.57 -66.57 6.15
C ALA O 69 -41.91 -65.18 6.67
N ALA O 70 -41.36 -64.81 7.83
CA ALA O 70 -41.69 -63.55 8.48
C ALA O 70 -40.91 -62.36 7.92
N SER O 71 -39.96 -62.59 7.02
CA SER O 71 -39.12 -61.51 6.52
C SER O 71 -39.92 -60.58 5.61
N ILE O 72 -39.43 -59.35 5.48
CA ILE O 72 -40.04 -58.38 4.59
C ILE O 72 -39.10 -57.95 3.46
N SER O 73 -37.79 -57.98 3.67
CA SER O 73 -36.84 -57.57 2.65
C SER O 73 -35.56 -58.38 2.81
N VAL O 74 -34.84 -58.55 1.70
CA VAL O 74 -33.60 -59.31 1.68
C VAL O 74 -32.51 -58.47 1.04
N GLU O 75 -31.27 -58.67 1.48
CA GLU O 75 -30.12 -57.98 0.93
C GLU O 75 -28.91 -58.89 1.03
N SER O 76 -27.93 -58.63 0.18
CA SER O 76 -26.73 -59.46 0.12
C SER O 76 -25.60 -58.85 0.95
N LEU O 77 -24.64 -59.70 1.33
CA LEU O 77 -23.47 -59.26 2.06
C LEU O 77 -22.19 -59.90 1.52
N ASP O 78 -22.23 -60.50 0.33
CA ASP O 78 -21.09 -61.19 -0.26
C ASP O 78 -20.57 -60.35 -1.42
N GLY O 79 -19.53 -59.57 -1.15
CA GLY O 79 -18.93 -58.77 -2.21
C GLY O 79 -19.95 -57.82 -2.82
N TYR O 80 -20.01 -57.81 -4.15
CA TYR O 80 -20.93 -56.96 -4.90
C TYR O 80 -22.08 -57.74 -5.50
N ASN O 81 -22.44 -58.87 -4.90
CA ASN O 81 -23.52 -59.70 -5.42
C ASN O 81 -24.87 -59.08 -5.08
N ILE O 82 -25.89 -59.43 -5.86
CA ILE O 82 -27.24 -58.94 -5.68
C ILE O 82 -28.19 -60.14 -5.60
N TYR O 83 -29.07 -60.11 -4.60
CA TYR O 83 -30.07 -61.16 -4.42
C TYR O 83 -31.45 -60.53 -4.31
N SER O 84 -32.46 -61.30 -4.71
CA SER O 84 -33.85 -60.85 -4.66
C SER O 84 -34.75 -62.07 -4.51
N LYS O 85 -36.00 -61.81 -4.12
CA LYS O 85 -36.98 -62.85 -3.88
C LYS O 85 -37.85 -63.04 -5.12
N ARG O 86 -38.07 -64.29 -5.50
CA ARG O 86 -38.88 -64.60 -6.68
C ARG O 86 -39.35 -66.04 -6.60
N ASN O 87 -40.65 -66.25 -6.83
CA ASN O 87 -41.24 -67.59 -6.84
C ASN O 87 -40.96 -68.34 -5.54
N ASN O 88 -41.13 -67.64 -4.41
CA ASN O 88 -40.94 -68.24 -3.09
C ASN O 88 -39.54 -68.81 -2.93
N PHE O 89 -38.56 -68.21 -3.60
CA PHE O 89 -37.18 -68.68 -3.51
C PHE O 89 -36.26 -67.51 -3.82
N LEU O 90 -35.02 -67.62 -3.37
CA LEU O 90 -34.03 -66.60 -3.64
C LEU O 90 -33.56 -66.68 -5.09
N PHE O 91 -33.31 -65.52 -5.68
CA PHE O 91 -32.87 -65.41 -7.07
C PHE O 91 -31.50 -64.75 -7.10
N ASN O 92 -30.60 -65.31 -7.90
CA ASN O 92 -29.25 -64.78 -8.07
C ASN O 92 -29.29 -63.81 -9.25
N ASN O 93 -29.40 -62.53 -8.93
CA ASN O 93 -29.55 -61.51 -9.98
C ASN O 93 -28.25 -61.29 -10.74
N THR O 94 -27.10 -61.54 -10.10
CA THR O 94 -25.82 -61.31 -10.75
C THR O 94 -25.48 -62.38 -11.79
N CYS O 95 -26.11 -63.55 -11.73
CA CYS O 95 -25.81 -64.62 -12.67
C CYS O 95 -27.05 -65.14 -13.40
N ASN O 96 -28.23 -64.57 -13.16
CA ASN O 96 -29.46 -64.96 -13.83
C ASN O 96 -29.68 -66.47 -13.71
N THR O 97 -29.68 -66.94 -12.46
CA THR O 97 -29.89 -68.36 -12.18
C THR O 97 -30.59 -68.50 -10.84
N MET O 98 -31.23 -69.65 -10.65
CA MET O 98 -31.98 -69.94 -9.44
C MET O 98 -31.30 -70.95 -8.53
N TYR O 99 -30.29 -71.67 -9.03
CA TYR O 99 -29.63 -72.73 -8.27
C TYR O 99 -28.30 -72.22 -7.74
N PHE O 100 -28.10 -72.35 -6.43
CA PHE O 100 -26.88 -71.91 -5.77
C PHE O 100 -25.95 -73.10 -5.56
N THR O 101 -24.75 -72.80 -5.05
CA THR O 101 -23.73 -73.81 -4.81
C THR O 101 -23.36 -73.97 -3.34
N GLY O 102 -23.59 -72.96 -2.51
CA GLY O 102 -23.24 -73.03 -1.10
C GLY O 102 -24.00 -72.02 -0.27
N PRO O 103 -23.68 -71.95 1.02
CA PRO O 103 -24.38 -71.02 1.91
C PRO O 103 -24.07 -69.58 1.56
N VAL O 104 -25.01 -68.69 1.94
CA VAL O 104 -24.89 -67.27 1.66
C VAL O 104 -25.23 -66.50 2.94
N CYS O 105 -24.79 -65.24 2.96
CA CYS O 105 -25.06 -64.32 4.05
C CYS O 105 -25.94 -63.18 3.53
N ILE O 106 -27.00 -62.85 4.27
CA ILE O 106 -27.97 -61.86 3.83
C ILE O 106 -28.56 -61.17 5.05
N ARG O 107 -28.97 -59.92 4.85
CA ARG O 107 -29.68 -59.18 5.88
C ARG O 107 -31.19 -59.46 5.76
N VAL O 108 -31.85 -59.54 6.91
CA VAL O 108 -33.27 -59.87 6.97
C VAL O 108 -33.97 -58.88 7.88
N THR O 109 -35.16 -58.44 7.47
CA THR O 109 -36.01 -57.57 8.27
C THR O 109 -37.29 -58.34 8.60
N TYR O 110 -37.58 -58.47 9.89
CA TYR O 110 -38.67 -59.32 10.34
C TYR O 110 -39.89 -58.49 10.74
N ASN O 111 -41.06 -59.13 10.69
CA ASN O 111 -42.31 -58.54 11.12
C ASN O 111 -42.72 -59.13 12.45
N LEU O 112 -43.04 -58.27 13.40
CA LEU O 112 -43.35 -58.68 14.77
C LEU O 112 -44.81 -58.39 15.10
N ASP O 113 -45.24 -58.89 16.25
CA ASP O 113 -46.59 -58.66 16.72
C ASP O 113 -46.77 -57.21 17.15
N PHE O 114 -48.01 -56.75 17.11
CA PHE O 114 -48.30 -55.37 17.49
C PHE O 114 -48.00 -55.12 18.97
N GLU O 115 -48.21 -56.14 19.80
CA GLU O 115 -47.96 -55.98 21.23
C GLU O 115 -46.49 -55.71 21.52
N ASP O 116 -45.59 -56.38 20.82
CA ASP O 116 -44.17 -56.25 21.10
C ASP O 116 -43.59 -54.91 20.65
N LEU O 117 -44.30 -54.16 19.83
CA LEU O 117 -43.77 -52.91 19.32
C LEU O 117 -43.67 -51.89 20.45
N PRO O 118 -42.67 -51.00 20.43
CA PRO O 118 -42.62 -49.93 21.42
C PRO O 118 -43.82 -49.00 21.31
N GLU O 119 -44.03 -48.21 22.37
CA GLU O 119 -45.18 -47.31 22.41
C GLU O 119 -45.10 -46.28 21.29
N SER O 120 -43.92 -45.73 21.05
CA SER O 120 -43.78 -44.68 20.05
C SER O 120 -44.14 -45.18 18.65
N VAL O 121 -43.71 -46.40 18.30
CA VAL O 121 -44.03 -46.96 17.00
C VAL O 121 -45.54 -47.23 16.89
N ALA O 122 -46.13 -47.76 17.96
CA ALA O 122 -47.56 -48.05 17.95
C ALA O 122 -48.38 -46.77 17.78
N THR O 123 -47.97 -45.68 18.42
CA THR O 123 -48.68 -44.42 18.25
C THR O 123 -48.63 -43.95 16.80
N VAL O 124 -47.46 -44.05 16.17
CA VAL O 124 -47.33 -43.63 14.78
C VAL O 124 -48.25 -44.48 13.89
N ILE O 125 -48.25 -45.80 14.10
CA ILE O 125 -49.08 -46.67 13.27
C ILE O 125 -50.55 -46.34 13.47
N THR O 126 -50.97 -46.16 14.72
CA THR O 126 -52.38 -45.87 15.01
C THR O 126 -52.81 -44.57 14.36
N TYR O 127 -51.99 -43.53 14.48
CA TYR O 127 -52.34 -42.23 13.93
C TYR O 127 -52.26 -42.17 12.42
N ARG O 128 -51.44 -43.03 11.79
CA ARG O 128 -51.48 -43.13 10.34
C ARG O 128 -52.75 -43.83 9.87
N ALA O 129 -53.12 -44.93 10.54
CA ALA O 129 -54.33 -45.64 10.16
C ALA O 129 -55.57 -44.76 10.35
N ALA O 130 -55.60 -44.00 11.45
CA ALA O 130 -56.76 -43.15 11.72
C ALA O 130 -56.97 -42.15 10.60
N ARG O 131 -55.90 -41.48 10.16
CA ARG O 131 -56.03 -40.53 9.06
C ARG O 131 -56.40 -41.23 7.77
N ALA O 132 -55.76 -42.37 7.48
CA ALA O 132 -56.07 -43.08 6.24
C ALA O 132 -57.54 -43.47 6.16
N VAL O 133 -58.15 -43.79 7.30
CA VAL O 133 -59.57 -44.14 7.30
C VAL O 133 -60.44 -42.90 7.25
N TYR O 134 -60.11 -41.88 8.06
CA TYR O 134 -60.96 -40.70 8.15
C TYR O 134 -61.04 -39.97 6.81
N VAL O 135 -59.89 -39.78 6.15
CA VAL O 135 -59.90 -39.07 4.88
C VAL O 135 -60.70 -39.83 3.83
N GLY O 136 -60.55 -41.15 3.77
CA GLY O 136 -61.26 -41.92 2.75
C GLY O 136 -62.73 -42.10 3.03
N ASP O 137 -63.16 -41.97 4.30
CA ASP O 137 -64.55 -42.21 4.64
C ASP O 137 -65.37 -40.94 4.85
N LEU O 138 -64.74 -39.80 5.13
CA LEU O 138 -65.46 -38.58 5.44
C LEU O 138 -64.95 -37.34 4.71
N GLY O 139 -63.90 -37.46 3.92
CA GLY O 139 -63.34 -36.31 3.22
C GLY O 139 -62.23 -35.65 4.01
N ASN O 140 -61.60 -34.67 3.35
CA ASN O 140 -60.48 -33.93 3.94
C ASN O 140 -61.05 -32.71 4.65
N ASP O 141 -61.33 -32.87 5.94
CA ASP O 141 -61.84 -31.78 6.77
C ASP O 141 -60.67 -31.05 7.43
N ALA O 142 -60.96 -30.16 8.38
CA ALA O 142 -59.93 -29.41 9.06
C ALA O 142 -59.39 -30.13 10.29
N SER O 143 -59.90 -31.31 10.63
CA SER O 143 -59.46 -32.04 11.81
C SER O 143 -58.24 -32.93 11.55
N VAL O 144 -57.87 -33.14 10.29
CA VAL O 144 -56.70 -33.97 9.99
C VAL O 144 -55.40 -33.26 10.36
N GLN O 145 -55.43 -31.94 10.53
CA GLN O 145 -54.25 -31.18 10.91
C GLN O 145 -53.76 -31.52 12.31
N ASP O 146 -54.61 -32.12 13.15
CA ASP O 146 -54.18 -32.59 14.46
C ASP O 146 -53.59 -34.00 14.38
N LEU O 147 -54.18 -34.86 13.55
CA LEU O 147 -53.64 -36.20 13.37
C LEU O 147 -52.24 -36.15 12.77
N VAL O 148 -52.04 -35.31 11.75
CA VAL O 148 -50.71 -35.20 11.15
C VAL O 148 -49.70 -34.69 12.18
N LEU O 149 -50.11 -33.70 12.98
CA LEU O 149 -49.21 -33.15 13.99
C LEU O 149 -48.83 -34.20 15.02
N ASN O 150 -49.81 -34.99 15.48
CA ASN O 150 -49.51 -36.06 16.43
C ASN O 150 -48.56 -37.07 15.81
N GLU O 151 -48.78 -37.43 14.55
CA GLU O 151 -47.89 -38.37 13.88
C GLU O 151 -46.46 -37.84 13.82
N GLN O 152 -46.31 -36.56 13.48
CA GLN O 152 -44.97 -35.98 13.39
C GLN O 152 -44.27 -35.98 14.76
N GLN O 153 -45.01 -35.59 15.81
CA GLN O 153 -44.41 -35.59 17.13
C GLN O 153 -43.98 -37.00 17.54
N ALA O 154 -44.81 -38.00 17.26
CA ALA O 154 -44.43 -39.37 17.59
C ALA O 154 -43.21 -39.83 16.78
N MET O 155 -43.15 -39.45 15.50
CA MET O 155 -42.03 -39.85 14.66
C MET O 155 -40.72 -39.26 15.17
N LEU O 156 -40.75 -38.02 15.66
CA LEU O 156 -39.55 -37.44 16.23
C LEU O 156 -39.02 -38.27 17.38
N LEU O 157 -39.89 -38.68 18.31
CA LEU O 157 -39.46 -39.50 19.42
C LEU O 157 -38.95 -40.86 18.94
N VAL O 158 -39.62 -41.44 17.94
CA VAL O 158 -39.16 -42.72 17.41
C VAL O 158 -37.73 -42.61 16.90
N GLU O 159 -37.46 -41.57 16.11
CA GLU O 159 -36.12 -41.39 15.55
C GLU O 159 -35.10 -41.15 16.65
N GLU O 160 -35.45 -40.34 17.65
CA GLU O 160 -34.53 -40.08 18.75
C GLU O 160 -34.19 -41.38 19.48
N GLN O 161 -35.20 -42.20 19.76
CA GLN O 161 -34.98 -43.46 20.45
C GLN O 161 -34.07 -44.38 19.63
N HIS O 162 -34.35 -44.50 18.33
CA HIS O 162 -33.51 -45.36 17.49
C HIS O 162 -32.08 -44.87 17.47
N MET O 163 -31.87 -43.56 17.35
CA MET O 163 -30.50 -43.04 17.36
C MET O 163 -29.83 -43.31 18.70
N ARG O 164 -30.57 -43.22 19.80
CA ARG O 164 -29.99 -43.48 21.11
C ARG O 164 -29.57 -44.94 21.26
N ASN O 165 -30.39 -45.88 20.79
CA ASN O 165 -30.09 -47.29 21.03
C ASN O 165 -28.89 -47.78 20.22
N LYS O 166 -28.73 -47.29 18.99
CA LYS O 166 -27.71 -47.84 18.11
C LYS O 166 -26.31 -47.56 18.63
N LYS O 167 -26.09 -46.41 19.25
CA LYS O 167 -24.79 -46.04 19.81
C LYS O 167 -23.71 -46.02 18.72
N HIS O 168 -23.89 -45.12 17.76
CA HIS O 168 -22.87 -44.88 16.75
C HIS O 168 -21.74 -44.05 17.35
N SER O 169 -20.52 -44.31 16.89
CA SER O 169 -19.36 -43.59 17.39
C SER O 169 -18.29 -43.57 16.32
N THR O 170 -17.37 -42.62 16.45
CA THR O 170 -16.23 -42.52 15.54
C THR O 170 -15.05 -43.38 16.00
N ARG O 171 -15.13 -43.97 17.19
CA ARG O 171 -14.05 -44.83 17.67
C ARG O 171 -14.13 -46.24 17.11
N ARG O 172 -15.21 -46.58 16.41
CA ARG O 172 -15.38 -47.93 15.88
C ARG O 172 -14.78 -48.09 14.49
N ARG O 173 -14.28 -47.02 13.88
CA ARG O 173 -13.64 -47.13 12.58
C ARG O 173 -12.23 -47.71 12.72
N ARG O 174 -11.78 -48.40 11.69
CA ARG O 174 -10.51 -49.13 11.77
C ARG O 174 -9.30 -48.20 11.84
N PRO O 175 -9.33 -46.99 11.26
CA PRO O 175 -8.17 -46.10 11.41
C PRO O 175 -7.86 -45.79 12.87
N TRP O 176 -8.90 -45.65 13.70
CA TRP O 176 -8.67 -45.42 15.13
C TRP O 176 -7.98 -46.62 15.76
N GLY O 177 -8.41 -47.83 15.40
CA GLY O 177 -7.74 -49.02 15.91
C GLY O 177 -6.28 -49.08 15.51
N LYS O 178 -5.98 -48.75 14.25
CA LYS O 178 -4.59 -48.73 13.80
C LYS O 178 -3.78 -47.68 14.56
N TYR O 179 -4.37 -46.50 14.78
CA TYR O 179 -3.68 -45.46 15.54
C TYR O 179 -3.38 -45.92 16.96
N GLN O 180 -4.36 -46.56 17.61
CA GLN O 180 -4.14 -47.04 18.96
C GLN O 180 -3.08 -48.13 19.00
N ASN O 181 -3.07 -49.03 18.02
CA ASN O 181 -2.03 -50.04 17.94
C ASN O 181 -0.66 -49.38 17.78
N ALA O 182 -0.58 -48.34 16.95
CA ALA O 182 0.69 -47.63 16.78
C ALA O 182 1.14 -46.99 18.08
N LEU O 183 0.20 -46.43 18.84
CA LEU O 183 0.51 -45.80 20.13
C LEU O 183 0.68 -46.87 21.21
N SER O 184 1.61 -47.79 20.96
CA SER O 184 1.90 -48.87 21.91
C SER O 184 3.23 -49.49 21.53
N GLY O 185 4.15 -49.59 22.48
CA GLY O 185 5.44 -50.17 22.24
C GLY O 185 6.32 -50.23 23.47
N MET P 1 -52.12 -33.90 42.73
CA MET P 1 -53.34 -33.53 41.96
C MET P 1 -54.25 -34.75 41.80
N GLU P 2 -55.38 -34.72 42.49
CA GLU P 2 -56.30 -35.86 42.46
C GLU P 2 -56.89 -36.03 41.07
N LEU P 3 -57.19 -37.30 40.71
CA LEU P 3 -57.79 -37.57 39.42
C LEU P 3 -59.13 -36.86 39.26
N LEU P 4 -59.86 -36.68 40.35
CA LEU P 4 -61.16 -36.01 40.28
C LEU P 4 -61.00 -34.58 39.76
N ASP P 5 -59.93 -33.91 40.18
CA ASP P 5 -59.68 -32.54 39.70
C ASP P 5 -59.47 -32.53 38.20
N ALA P 6 -58.68 -33.46 37.67
CA ALA P 6 -58.45 -33.52 36.24
C ALA P 6 -59.74 -33.85 35.49
N VAL P 7 -60.54 -34.76 36.02
CA VAL P 7 -61.79 -35.11 35.37
C VAL P 7 -62.72 -33.91 35.33
N ASN P 8 -62.82 -33.17 36.43
CA ASN P 8 -63.66 -31.99 36.48
C ASN P 8 -63.15 -30.92 35.51
N THR P 9 -61.83 -30.74 35.43
CA THR P 9 -61.28 -29.78 34.47
C THR P 9 -61.64 -30.16 33.05
N CYS P 10 -61.51 -31.44 32.70
CA CYS P 10 -61.88 -31.88 31.36
C CYS P 10 -63.36 -31.67 31.09
N LEU P 11 -64.21 -31.98 32.07
CA LEU P 11 -65.65 -31.78 31.89
C LEU P 11 -65.98 -30.30 31.68
N THR P 12 -65.37 -29.43 32.48
CA THR P 12 -65.60 -28.00 32.32
C THR P 12 -65.13 -27.52 30.95
N ALA P 13 -63.97 -27.99 30.49
CA ALA P 13 -63.50 -27.62 29.17
C ALA P 13 -64.45 -28.11 28.09
N LEU P 14 -65.07 -29.27 28.30
CA LEU P 14 -66.00 -29.83 27.32
C LEU P 14 -67.39 -29.19 27.39
N GLY P 15 -67.70 -28.47 28.45
CA GLY P 15 -68.96 -27.77 28.59
C GLY P 15 -69.98 -28.45 29.48
N GLU P 16 -69.72 -29.68 29.91
CA GLU P 16 -70.67 -30.40 30.75
C GLU P 16 -70.49 -30.03 32.22
N ALA P 17 -71.45 -30.45 33.04
CA ALA P 17 -71.45 -30.10 34.45
C ALA P 17 -70.39 -30.90 35.21
N ARG P 18 -69.94 -30.33 36.32
CA ARG P 18 -68.93 -30.95 37.16
C ARG P 18 -69.54 -32.14 37.90
N VAL P 19 -68.67 -32.97 38.49
CA VAL P 19 -69.06 -34.17 39.20
C VAL P 19 -68.46 -34.14 40.60
N THR P 20 -68.71 -35.22 41.36
CA THR P 20 -68.24 -35.32 42.74
C THR P 20 -67.39 -36.55 43.00
N SER P 21 -67.58 -37.64 42.28
CA SER P 21 -66.80 -38.86 42.48
C SER P 21 -66.38 -39.42 41.13
N THR P 22 -65.15 -39.94 41.07
CA THR P 22 -64.66 -40.54 39.83
C THR P 22 -65.37 -41.84 39.51
N ASP P 23 -66.12 -42.40 40.45
CA ASP P 23 -66.87 -43.63 40.22
C ASP P 23 -68.24 -43.37 39.62
N THR P 24 -68.61 -42.11 39.39
CA THR P 24 -69.91 -41.81 38.81
C THR P 24 -70.06 -42.50 37.46
N ARG P 25 -71.28 -42.95 37.18
CA ARG P 25 -71.54 -43.80 36.02
C ARG P 25 -71.72 -43.02 34.73
N HIS P 26 -71.40 -41.73 34.70
CA HIS P 26 -71.49 -40.96 33.48
C HIS P 26 -70.56 -41.58 32.43
N PRO P 27 -71.01 -41.73 31.18
CA PRO P 27 -70.19 -42.43 30.19
C PRO P 27 -68.95 -41.67 29.73
N SER P 28 -68.93 -40.34 29.88
CA SER P 28 -67.76 -39.58 29.45
C SER P 28 -66.58 -39.77 30.40
N VAL P 29 -66.85 -40.13 31.65
CA VAL P 29 -65.78 -40.31 32.63
C VAL P 29 -64.85 -41.45 32.23
N ALA P 30 -65.42 -42.55 31.70
CA ALA P 30 -64.57 -43.66 31.28
C ALA P 30 -63.63 -43.25 30.15
N LEU P 31 -64.16 -42.53 29.16
CA LEU P 31 -63.32 -42.05 28.07
C LEU P 31 -62.25 -41.10 28.58
N ILE P 32 -62.62 -40.21 29.50
CA ILE P 32 -61.65 -39.27 30.05
C ILE P 32 -60.52 -40.03 30.75
N LEU P 33 -60.89 -41.02 31.56
CA LEU P 33 -59.88 -41.78 32.31
C LEU P 33 -58.97 -42.55 31.37
N GLN P 34 -59.54 -43.19 30.34
CA GLN P 34 -58.71 -43.93 29.39
C GLN P 34 -57.76 -43.00 28.65
N THR P 35 -58.24 -41.84 28.20
CA THR P 35 -57.37 -40.90 27.53
C THR P 35 -56.26 -40.40 28.44
N LEU P 36 -56.59 -40.12 29.71
CA LEU P 36 -55.59 -39.68 30.65
C LEU P 36 -54.52 -40.75 30.85
N ALA P 37 -54.94 -42.01 30.99
CA ALA P 37 -53.98 -43.09 31.18
C ALA P 37 -53.07 -43.23 29.96
N THR P 38 -53.65 -43.18 28.75
CA THR P 38 -52.83 -43.33 27.55
C THR P 38 -51.83 -42.20 27.43
N LYS P 39 -52.26 -40.96 27.66
CA LYS P 39 -51.35 -39.82 27.57
C LYS P 39 -50.25 -39.91 28.62
N GLN P 40 -50.60 -40.30 29.84
CA GLN P 40 -49.59 -40.46 30.88
C GLN P 40 -48.57 -41.52 30.49
N LYS P 41 -49.02 -42.65 29.94
CA LYS P 41 -48.10 -43.69 29.54
C LYS P 41 -47.18 -43.21 28.43
N LEU P 42 -47.72 -42.47 27.45
CA LEU P 42 -46.90 -42.01 26.34
C LEU P 42 -45.87 -40.97 26.79
N LEU P 43 -46.27 -40.05 27.66
CA LEU P 43 -45.40 -38.93 28.00
C LEU P 43 -44.11 -39.39 28.68
N LEU P 44 -44.23 -40.33 29.63
CA LEU P 44 -43.10 -40.72 30.47
C LEU P 44 -42.17 -41.71 29.79
N GLU P 45 -42.39 -42.06 28.52
CA GLU P 45 -41.59 -43.08 27.86
C GLU P 45 -40.12 -42.67 27.77
N ARG P 46 -39.86 -41.40 27.44
CA ARG P 46 -38.49 -40.97 27.22
C ARG P 46 -37.65 -41.07 28.50
N GLY P 47 -38.24 -40.71 29.64
CA GLY P 47 -37.52 -40.74 30.90
C GLY P 47 -37.21 -39.36 31.42
N TRP P 48 -37.34 -39.17 32.74
CA TRP P 48 -37.13 -37.87 33.38
C TRP P 48 -36.28 -38.09 34.63
N TRP P 49 -36.19 -37.06 35.46
CA TRP P 49 -35.33 -37.09 36.63
C TRP P 49 -35.93 -37.84 37.81
N PHE P 50 -37.19 -38.26 37.73
CA PHE P 50 -37.86 -38.90 38.85
C PHE P 50 -38.31 -40.34 38.56
N ASN P 51 -38.08 -40.85 37.35
CA ASN P 51 -38.52 -42.20 37.01
C ASN P 51 -37.46 -42.96 36.23
N THR P 52 -36.19 -42.77 36.55
CA THR P 52 -35.09 -43.44 35.88
C THR P 52 -34.11 -43.99 36.92
N GLN P 53 -33.83 -45.29 36.82
CA GLN P 53 -32.89 -45.94 37.72
C GLN P 53 -32.17 -47.05 36.98
N ASP P 54 -30.99 -47.42 37.47
CA ASP P 54 -30.25 -48.55 36.93
C ASP P 54 -30.44 -49.78 37.81
N GLU P 55 -30.55 -50.94 37.16
CA GLU P 55 -30.80 -52.18 37.88
C GLU P 55 -30.11 -53.33 37.16
N GLU P 56 -29.95 -54.44 37.88
CA GLU P 56 -29.30 -55.63 37.36
C GLU P 56 -30.27 -56.81 37.48
N MET P 57 -30.30 -57.65 36.45
CA MET P 57 -31.21 -58.79 36.40
C MET P 57 -30.41 -60.07 36.35
N PHE P 58 -31.01 -61.16 36.85
CA PHE P 58 -30.36 -62.46 36.91
C PHE P 58 -31.15 -63.49 36.09
N PRO P 59 -30.48 -64.48 35.52
CA PRO P 59 -31.17 -65.46 34.69
C PRO P 59 -31.86 -66.53 35.52
N ASP P 60 -32.82 -67.20 34.90
CA ASP P 60 -33.55 -68.31 35.51
C ASP P 60 -32.73 -69.59 35.35
N LEU P 61 -33.33 -70.73 35.70
CA LEU P 61 -32.64 -72.01 35.52
C LEU P 61 -32.35 -72.28 34.05
N LEU P 62 -33.35 -72.03 33.18
CA LEU P 62 -33.15 -72.27 31.76
C LEU P 62 -32.20 -71.25 31.16
N GLY P 63 -32.29 -69.99 31.57
CA GLY P 63 -31.43 -68.95 31.05
C GLY P 63 -32.20 -67.76 30.49
N ARG P 64 -33.47 -67.62 30.87
CA ARG P 64 -34.30 -66.52 30.42
C ARG P 64 -34.40 -65.48 31.53
N ILE P 65 -34.24 -64.22 31.16
CA ILE P 65 -34.27 -63.10 32.11
C ILE P 65 -35.57 -62.34 31.91
N PRO P 66 -36.46 -62.29 32.90
CA PRO P 66 -37.67 -61.48 32.78
C PRO P 66 -37.35 -60.00 33.05
N TYR P 67 -38.35 -59.16 32.79
CA TYR P 67 -38.20 -57.71 32.95
C TYR P 67 -39.28 -57.19 33.87
N PRO P 68 -39.03 -56.05 34.54
CA PRO P 68 -40.03 -55.51 35.48
C PRO P 68 -41.37 -55.21 34.81
N ALA P 69 -42.45 -55.43 35.56
CA ALA P 69 -43.79 -55.28 34.99
C ALA P 69 -44.13 -53.81 34.74
N ALA P 70 -43.65 -52.91 35.60
CA ALA P 70 -44.00 -51.50 35.51
C ALA P 70 -43.14 -50.74 34.51
N SER P 71 -42.14 -51.37 33.91
CA SER P 71 -41.24 -50.67 33.02
C SER P 71 -41.93 -50.32 31.69
N ILE P 72 -41.41 -49.30 31.02
CA ILE P 72 -41.92 -48.91 29.72
C ILE P 72 -40.89 -49.08 28.60
N SER P 73 -39.60 -48.99 28.89
CA SER P 73 -38.57 -49.13 27.88
C SER P 73 -37.32 -49.73 28.52
N VAL P 74 -36.53 -50.43 27.70
CA VAL P 74 -35.31 -51.08 28.16
C VAL P 74 -34.16 -50.66 27.26
N GLU P 75 -32.96 -50.60 27.84
CA GLU P 75 -31.76 -50.26 27.11
C GLU P 75 -30.58 -50.99 27.74
N SER P 76 -29.53 -51.17 26.97
CA SER P 76 -28.35 -51.91 27.41
C SER P 76 -27.27 -50.96 27.91
N LEU P 77 -26.37 -51.49 28.74
CA LEU P 77 -25.24 -50.74 29.24
C LEU P 77 -23.94 -51.55 29.19
N ASP P 78 -23.92 -52.66 28.45
CA ASP P 78 -22.75 -53.54 28.37
C ASP P 78 -22.13 -53.38 27.00
N GLY P 79 -21.09 -52.55 26.92
CA GLY P 79 -20.39 -52.36 25.65
C GLY P 79 -21.34 -51.86 24.58
N TYR P 80 -21.30 -52.52 23.42
CA TYR P 80 -22.14 -52.14 22.27
C TYR P 80 -23.27 -53.15 22.05
N ASN P 81 -23.70 -53.84 23.10
CA ASN P 81 -24.76 -54.82 22.98
C ASN P 81 -26.12 -54.13 22.86
N ILE P 82 -27.08 -54.84 22.28
CA ILE P 82 -28.43 -54.34 22.09
C ILE P 82 -29.42 -55.34 22.68
N TYR P 83 -30.37 -54.84 23.46
CA TYR P 83 -31.41 -55.67 24.06
C TYR P 83 -32.78 -55.08 23.74
N SER P 84 -33.77 -55.96 23.69
CA SER P 84 -35.14 -55.57 23.41
C SER P 84 -36.09 -56.55 24.07
N LYS P 85 -37.35 -56.16 24.17
CA LYS P 85 -38.38 -56.95 24.83
C LYS P 85 -39.16 -57.73 23.78
N ARG P 86 -39.39 -59.02 24.05
CA ARG P 86 -40.12 -59.87 23.11
C ARG P 86 -40.64 -61.09 23.86
N ASN P 87 -41.92 -61.40 23.66
CA ASN P 87 -42.55 -62.58 24.27
C ASN P 87 -42.39 -62.58 25.79
N ASN P 88 -42.61 -61.42 26.41
CA ASN P 88 -42.54 -61.29 27.86
C ASN P 88 -41.17 -61.69 28.40
N PHE P 89 -40.13 -61.49 27.60
CA PHE P 89 -38.78 -61.83 28.01
C PHE P 89 -37.80 -60.96 27.24
N LEU P 90 -36.60 -60.82 27.78
CA LEU P 90 -35.56 -60.05 27.10
C LEU P 90 -35.00 -60.84 25.93
N PHE P 91 -34.67 -60.12 24.86
CA PHE P 91 -34.13 -60.71 23.65
C PHE P 91 -32.74 -60.13 23.39
N ASN P 92 -31.79 -61.02 23.06
CA ASN P 92 -30.42 -60.62 22.74
C ASN P 92 -30.35 -60.35 21.25
N ASN P 93 -30.45 -59.08 20.87
CA ASN P 93 -30.49 -58.72 19.46
C ASN P 93 -29.14 -58.89 18.79
N THR P 94 -28.04 -58.78 19.55
CA THR P 94 -26.71 -58.89 18.99
C THR P 94 -26.33 -60.32 18.63
N CYS P 95 -27.00 -61.32 19.22
CA CYS P 95 -26.66 -62.72 18.95
C CYS P 95 -27.85 -63.53 18.47
N ASN P 96 -29.03 -62.93 18.31
CA ASN P 96 -30.22 -63.63 17.83
C ASN P 96 -30.49 -64.88 18.67
N THR P 97 -30.60 -64.66 19.97
CA THR P 97 -30.86 -65.76 20.90
C THR P 97 -31.66 -65.23 22.08
N MET P 98 -32.35 -66.14 22.76
CA MET P 98 -33.20 -65.81 23.90
C MET P 98 -32.61 -66.24 25.23
N TYR P 99 -31.59 -67.09 25.24
CA TYR P 99 -31.01 -67.63 26.47
C TYR P 99 -29.71 -66.91 26.78
N PHE P 100 -29.61 -66.38 27.99
CA PHE P 100 -28.43 -65.64 28.44
C PHE P 100 -27.55 -66.57 29.28
N THR P 101 -26.38 -66.04 29.67
CA THR P 101 -25.41 -66.78 30.46
C THR P 101 -25.16 -66.20 31.84
N GLY P 102 -25.42 -64.90 32.05
CA GLY P 102 -25.18 -64.27 33.32
C GLY P 102 -25.96 -62.99 33.48
N PRO P 103 -25.73 -62.29 34.60
CA PRO P 103 -26.47 -61.05 34.86
C PRO P 103 -26.09 -59.96 33.86
N VAL P 104 -27.03 -59.02 33.67
CA VAL P 104 -26.86 -57.91 32.74
C VAL P 104 -27.26 -56.62 33.43
N CYS P 105 -26.79 -55.51 32.87
CA CYS P 105 -27.11 -54.17 33.34
C CYS P 105 -27.92 -53.45 32.26
N ILE P 106 -29.02 -52.81 32.66
CA ILE P 106 -29.93 -52.18 31.71
C ILE P 106 -30.59 -50.98 32.38
N ARG P 107 -30.94 -49.99 31.56
CA ARG P 107 -31.71 -48.85 32.02
C ARG P 107 -33.21 -49.17 31.95
N VAL P 108 -33.96 -48.68 32.93
CA VAL P 108 -35.39 -48.95 33.04
C VAL P 108 -36.12 -47.65 33.29
N THR P 109 -37.26 -47.48 32.61
CA THR P 109 -38.14 -46.34 32.81
C THR P 109 -39.46 -46.86 33.38
N TYR P 110 -39.85 -46.34 34.53
CA TYR P 110 -41.00 -46.86 35.27
C TYR P 110 -42.22 -45.96 35.11
N ASN P 111 -43.40 -46.56 35.29
CA ASN P 111 -44.66 -45.84 35.27
C ASN P 111 -45.18 -45.71 36.69
N LEU P 112 -45.55 -44.48 37.07
CA LEU P 112 -45.97 -44.17 38.42
C LEU P 112 -47.43 -43.78 38.45
N ASP P 113 -47.96 -43.65 39.67
CA ASP P 113 -49.34 -43.22 39.85
C ASP P 113 -49.51 -41.76 39.50
N PHE P 114 -50.73 -41.38 39.13
CA PHE P 114 -51.01 -40.00 38.76
C PHE P 114 -50.80 -39.07 39.94
N GLU P 115 -51.11 -39.53 41.15
CA GLU P 115 -50.96 -38.68 42.34
C GLU P 115 -49.50 -38.28 42.56
N ASP P 116 -48.57 -39.20 42.35
CA ASP P 116 -47.17 -38.94 42.64
C ASP P 116 -46.53 -37.99 41.64
N LEU P 117 -47.15 -37.75 40.50
CA LEU P 117 -46.55 -36.91 39.49
C LEU P 117 -46.51 -35.46 39.97
N PRO P 118 -45.48 -34.69 39.58
CA PRO P 118 -45.47 -33.26 39.92
C PRO P 118 -46.64 -32.53 39.27
N GLU P 119 -46.90 -31.32 39.79
CA GLU P 119 -48.02 -30.53 39.29
C GLU P 119 -47.83 -30.19 37.82
N SER P 120 -46.62 -29.82 37.42
CA SER P 120 -46.38 -29.40 36.05
C SER P 120 -46.65 -30.53 35.06
N VAL P 121 -46.23 -31.75 35.40
CA VAL P 121 -46.48 -32.89 34.51
C VAL P 121 -47.98 -33.19 34.44
N ALA P 122 -48.66 -33.13 35.58
CA ALA P 122 -50.09 -33.41 35.60
C ALA P 122 -50.85 -32.39 34.76
N THR P 123 -50.46 -31.12 34.81
CA THR P 123 -51.13 -30.12 33.99
C THR P 123 -50.96 -30.42 32.50
N VAL P 124 -49.74 -30.80 32.09
CA VAL P 124 -49.51 -31.14 30.69
C VAL P 124 -50.38 -32.31 30.28
N ILE P 125 -50.43 -33.36 31.11
CA ILE P 125 -51.23 -34.54 30.75
C ILE P 125 -52.70 -34.17 30.64
N THR P 126 -53.21 -33.40 31.61
CA THR P 126 -54.62 -33.03 31.60
C THR P 126 -54.96 -32.21 30.37
N TYR P 127 -54.12 -31.24 30.02
CA TYR P 127 -54.40 -30.39 28.88
C TYR P 127 -54.20 -31.09 27.54
N ARG P 128 -53.37 -32.13 27.49
CA ARG P 128 -53.30 -32.95 26.29
C ARG P 128 -54.56 -33.79 26.13
N ALA P 129 -55.01 -34.43 27.22
CA ALA P 129 -56.21 -35.24 27.14
C ALA P 129 -57.43 -34.40 26.79
N ALA P 130 -57.52 -33.19 27.36
CA ALA P 130 -58.67 -32.33 27.08
C ALA P 130 -58.77 -32.03 25.59
N ARG P 131 -57.65 -31.64 24.97
CA ARG P 131 -57.67 -31.36 23.54
C ARG P 131 -57.97 -32.62 22.73
N ALA P 132 -57.34 -33.74 23.10
CA ALA P 132 -57.58 -34.97 22.35
C ALA P 132 -59.06 -35.37 22.36
N VAL P 133 -59.76 -35.08 23.46
CA VAL P 133 -61.18 -35.41 23.53
C VAL P 133 -62.01 -34.36 22.79
N TYR P 134 -61.71 -33.08 23.02
CA TYR P 134 -62.53 -32.01 22.45
C TYR P 134 -62.49 -32.05 20.93
N VAL P 135 -61.29 -32.19 20.35
CA VAL P 135 -61.18 -32.21 18.89
C VAL P 135 -61.94 -33.39 18.30
N GLY P 136 -61.82 -34.58 18.91
CA GLY P 136 -62.47 -35.74 18.35
C GLY P 136 -63.96 -35.79 18.58
N ASP P 137 -64.48 -35.05 19.57
CA ASP P 137 -65.89 -35.10 19.89
C ASP P 137 -66.69 -33.91 19.38
N LEU P 138 -66.05 -32.77 19.10
CA LEU P 138 -66.76 -31.57 18.71
C LEU P 138 -66.16 -30.84 17.51
N GLY P 139 -65.06 -31.32 16.96
CA GLY P 139 -64.42 -30.68 15.83
C GLY P 139 -63.35 -29.69 16.27
N ASN P 140 -62.65 -29.15 15.28
CA ASN P 140 -61.55 -28.21 15.49
C ASN P 140 -62.14 -26.80 15.47
N ASP P 141 -62.51 -26.31 16.64
CA ASP P 141 -63.05 -24.97 16.78
C ASP P 141 -61.91 -23.99 17.08
N ALA P 142 -62.25 -22.75 17.45
CA ALA P 142 -61.24 -21.75 17.75
C ALA P 142 -60.81 -21.76 19.21
N SER P 143 -61.38 -22.62 20.04
CA SER P 143 -61.05 -22.65 21.45
C SER P 143 -59.85 -23.54 21.77
N VAL P 144 -59.38 -24.35 20.81
CA VAL P 144 -58.23 -25.21 21.05
C VAL P 144 -56.94 -24.39 21.13
N GLN P 145 -56.94 -23.16 20.61
CA GLN P 145 -55.77 -22.30 20.65
C GLN P 145 -55.39 -21.90 22.08
N ASP P 146 -56.32 -22.02 23.03
CA ASP P 146 -56.00 -21.77 24.43
C ASP P 146 -55.44 -23.03 25.10
N LEU P 147 -56.00 -24.20 24.77
CA LEU P 147 -55.49 -25.44 25.32
C LEU P 147 -54.05 -25.68 24.88
N VAL P 148 -53.74 -25.45 23.60
CA VAL P 148 -52.37 -25.64 23.13
C VAL P 148 -51.43 -24.67 23.84
N LEU P 149 -51.86 -23.42 24.01
CA LEU P 149 -51.02 -22.44 24.69
C LEU P 149 -50.75 -22.83 26.13
N ASN P 150 -51.78 -23.30 26.84
CA ASN P 150 -51.58 -23.76 28.22
C ASN P 150 -50.62 -24.94 28.26
N GLU P 151 -50.76 -25.88 27.32
CA GLU P 151 -49.85 -27.02 27.28
C GLU P 151 -48.41 -26.57 27.07
N GLN P 152 -48.19 -25.62 26.16
CA GLN P 152 -46.83 -25.14 25.90
C GLN P 152 -46.24 -24.45 27.13
N GLN P 153 -47.04 -23.62 27.79
CA GLN P 153 -46.54 -22.94 28.99
C GLN P 153 -46.17 -23.96 30.07
N ALA P 154 -47.01 -24.98 30.26
CA ALA P 154 -46.69 -26.01 31.25
C ALA P 154 -45.43 -26.79 30.87
N MET P 155 -45.27 -27.10 29.57
CA MET P 155 -44.10 -27.85 29.14
C MET P 155 -42.82 -27.07 29.39
N LEU P 156 -42.85 -25.75 29.19
CA LEU P 156 -41.67 -24.95 29.49
C LEU P 156 -41.25 -25.09 30.95
N LEU P 157 -42.20 -25.00 31.87
CA LEU P 157 -41.88 -25.16 33.29
C LEU P 157 -41.38 -26.57 33.58
N VAL P 158 -41.98 -27.58 32.94
CA VAL P 158 -41.53 -28.95 33.14
C VAL P 158 -40.06 -29.09 32.76
N GLU P 159 -39.71 -28.57 31.59
CA GLU P 159 -38.32 -28.69 31.13
C GLU P 159 -37.37 -27.92 32.04
N GLU P 160 -37.78 -26.71 32.47
CA GLU P 160 -36.93 -25.94 33.38
C GLU P 160 -36.68 -26.70 34.67
N GLN P 161 -37.74 -27.29 35.24
CA GLN P 161 -37.60 -28.04 36.48
C GLN P 161 -36.66 -29.24 36.29
N HIS P 162 -36.84 -29.99 35.20
CA HIS P 162 -35.98 -31.13 34.95
C HIS P 162 -34.53 -30.71 34.81
N MET P 163 -34.28 -29.63 34.08
CA MET P 163 -32.90 -29.15 33.94
C MET P 163 -32.33 -28.73 35.29
N ARG P 164 -33.15 -28.11 36.13
CA ARG P 164 -32.67 -27.67 37.44
C ARG P 164 -32.30 -28.87 38.32
N ASN P 165 -33.11 -29.92 38.32
CA ASN P 165 -32.88 -31.03 39.25
C ASN P 165 -31.64 -31.84 38.88
N LYS P 166 -31.38 -32.02 37.58
CA LYS P 166 -30.31 -32.93 37.17
C LYS P 166 -28.94 -32.42 37.59
N LYS P 167 -28.73 -31.10 37.58
CA LYS P 167 -27.47 -30.49 37.97
C LYS P 167 -26.32 -30.99 37.11
N HIS P 168 -26.40 -30.69 35.82
CA HIS P 168 -25.30 -30.97 34.91
C HIS P 168 -24.19 -29.94 35.09
N SER P 169 -22.95 -30.38 34.93
CA SER P 169 -21.81 -29.50 35.10
C SER P 169 -20.66 -30.00 34.24
N THR P 170 -19.73 -29.09 33.95
CA THR P 170 -18.52 -29.45 33.21
C THR P 170 -17.41 -29.95 34.11
N ARG P 171 -17.58 -29.88 35.44
CA ARG P 171 -16.57 -30.37 36.36
C ARG P 171 -16.65 -31.87 36.57
N ARG P 172 -17.69 -32.54 36.05
CA ARG P 172 -17.86 -33.97 36.23
C ARG P 172 -17.16 -34.79 35.16
N ARG P 173 -16.59 -34.16 34.14
CA ARG P 173 -15.86 -34.89 33.11
C ARG P 173 -14.48 -35.30 33.64
N ARG P 174 -13.97 -36.42 33.12
CA ARG P 174 -12.74 -36.99 33.64
C ARG P 174 -11.51 -36.13 33.35
N PRO P 175 -11.46 -35.37 32.24
CA PRO P 175 -10.30 -34.51 32.03
C PRO P 175 -10.08 -33.51 33.16
N TRP P 176 -11.17 -32.98 33.73
CA TRP P 176 -11.04 -32.08 34.87
C TRP P 176 -10.43 -32.80 36.06
N GLY P 177 -10.87 -34.05 36.31
CA GLY P 177 -10.27 -34.81 37.39
C GLY P 177 -8.79 -35.04 37.18
N LYS P 178 -8.39 -35.37 35.95
CA LYS P 178 -6.97 -35.57 35.66
C LYS P 178 -6.19 -34.27 35.87
N TYR P 179 -6.76 -33.14 35.43
CA TYR P 179 -6.10 -31.86 35.63
C TYR P 179 -5.92 -31.55 37.10
N GLN P 180 -6.95 -31.81 37.91
CA GLN P 180 -6.85 -31.54 39.34
C GLN P 180 -5.83 -32.46 39.99
N ASN P 181 -5.77 -33.73 39.57
CA ASN P 181 -4.76 -34.63 40.09
C ASN P 181 -3.36 -34.13 39.74
N ALA P 182 -3.19 -33.64 38.51
CA ALA P 182 -1.89 -33.09 38.11
C ALA P 182 -1.52 -31.88 38.95
N LEU P 183 -2.49 -31.03 39.26
CA LEU P 183 -2.26 -29.85 40.09
C LEU P 183 -2.20 -30.24 41.57
N SER P 184 -1.28 -31.14 41.88
CA SER P 184 -1.09 -31.61 43.25
C SER P 184 0.24 -32.32 43.34
N GLY P 185 1.08 -31.92 44.29
CA GLY P 185 2.38 -32.54 44.46
C GLY P 185 3.16 -31.97 45.63
N MET Q 1 -56.04 -8.91 49.72
CA MET Q 1 -57.18 -8.98 48.79
C MET Q 1 -58.12 -10.13 49.17
N GLU Q 2 -59.29 -9.78 49.68
CA GLU Q 2 -60.24 -10.78 50.14
C GLU Q 2 -60.73 -11.63 48.97
N LEU Q 3 -61.04 -12.90 49.26
CA LEU Q 3 -61.55 -13.79 48.23
C LEU Q 3 -62.85 -13.28 47.64
N LEU Q 4 -63.66 -12.58 48.44
CA LEU Q 4 -64.92 -12.06 47.94
C LEU Q 4 -64.69 -11.07 46.81
N ASP Q 5 -63.63 -10.26 46.91
CA ASP Q 5 -63.31 -9.31 45.85
C ASP Q 5 -63.00 -10.03 44.55
N ALA Q 6 -62.19 -11.10 44.63
CA ALA Q 6 -61.86 -11.86 43.42
C ALA Q 6 -63.11 -12.52 42.84
N VAL Q 7 -63.97 -13.07 43.69
CA VAL Q 7 -65.18 -13.71 43.21
C VAL Q 7 -66.07 -12.69 42.50
N ASN Q 8 -66.22 -11.50 43.09
CA ASN Q 8 -67.03 -10.46 42.47
C ASN Q 8 -66.42 -10.00 41.15
N THR Q 9 -65.09 -9.88 41.09
CA THR Q 9 -64.45 -9.51 39.84
C THR Q 9 -64.72 -10.55 38.75
N CYS Q 10 -64.60 -11.83 39.10
CA CYS Q 10 -64.88 -12.88 38.13
C CYS Q 10 -66.33 -12.84 37.67
N LEU Q 11 -67.26 -12.65 38.61
CA LEU Q 11 -68.67 -12.57 38.25
C LEU Q 11 -68.94 -11.40 37.31
N THR Q 12 -68.37 -10.24 37.62
CA THR Q 12 -68.55 -9.08 36.75
C THR Q 12 -67.97 -9.33 35.37
N ALA Q 13 -66.79 -9.96 35.30
CA ALA Q 13 -66.21 -10.28 34.00
C ALA Q 13 -67.09 -11.25 33.24
N LEU Q 14 -67.77 -12.17 33.94
CA LEU Q 14 -68.64 -13.14 33.29
C LEU Q 14 -70.00 -12.58 32.93
N GLY Q 15 -70.37 -11.41 33.47
CA GLY Q 15 -71.62 -10.77 33.15
C GLY Q 15 -72.72 -10.92 34.18
N GLU Q 16 -72.53 -11.77 35.18
CA GLU Q 16 -73.56 -11.99 36.18
C GLU Q 16 -73.47 -10.94 37.29
N ALA Q 17 -74.50 -10.92 38.13
CA ALA Q 17 -74.59 -9.91 39.18
C ALA Q 17 -73.62 -10.22 40.32
N ARG Q 18 -73.23 -9.17 41.04
CA ARG Q 18 -72.30 -9.28 42.15
C ARG Q 18 -73.00 -9.96 43.34
N VAL Q 19 -72.20 -10.37 44.31
CA VAL Q 19 -72.68 -11.07 45.49
C VAL Q 19 -72.17 -10.36 46.73
N THR Q 20 -72.51 -10.92 47.90
CA THR Q 20 -72.15 -10.32 49.19
C THR Q 20 -71.35 -11.23 50.09
N SER Q 21 -71.52 -12.55 49.99
CA SER Q 21 -70.79 -13.51 50.83
C SER Q 21 -70.29 -14.65 49.96
N THR Q 22 -69.07 -15.11 50.26
CA THR Q 22 -68.52 -16.25 49.53
C THR Q 22 -69.23 -17.54 49.83
N ASP Q 23 -70.07 -17.58 50.87
CA ASP Q 23 -70.83 -18.76 51.21
C ASP Q 23 -72.15 -18.86 50.46
N THR Q 24 -72.47 -17.88 49.62
CA THR Q 24 -73.71 -17.92 48.87
C THR Q 24 -73.78 -19.19 48.03
N ARG Q 25 -74.99 -19.74 47.91
CA ARG Q 25 -75.19 -21.05 47.30
C ARG Q 25 -75.25 -21.02 45.79
N HIS Q 26 -74.89 -19.90 45.15
CA HIS Q 26 -74.87 -19.83 43.70
C HIS Q 26 -73.89 -20.88 43.17
N PRO Q 27 -74.25 -21.64 42.13
CA PRO Q 27 -73.38 -22.72 41.68
C PRO Q 27 -72.09 -22.27 41.00
N SER Q 28 -72.04 -21.04 40.48
CA SER Q 28 -70.82 -20.57 39.82
C SER Q 28 -69.72 -20.26 40.83
N VAL Q 29 -70.09 -19.97 42.08
CA VAL Q 29 -69.10 -19.63 43.09
C VAL Q 29 -68.18 -20.80 43.37
N ALA Q 30 -68.74 -22.02 43.42
CA ALA Q 30 -67.90 -23.19 43.67
C ALA Q 30 -66.87 -23.38 42.56
N LEU Q 31 -67.30 -23.25 41.31
CA LEU Q 31 -66.37 -23.37 40.19
C LEU Q 31 -65.31 -22.27 40.24
N ILE Q 32 -65.72 -21.05 40.57
CA ILE Q 32 -64.76 -19.95 40.66
C ILE Q 32 -63.71 -20.25 41.73
N LEU Q 33 -64.17 -20.71 42.90
CA LEU Q 33 -63.24 -20.99 43.99
C LEU Q 33 -62.28 -22.13 43.63
N GLN Q 34 -62.79 -23.19 43.01
CA GLN Q 34 -61.92 -24.29 42.61
C GLN Q 34 -60.89 -23.85 41.59
N THR Q 35 -61.31 -23.06 40.59
CA THR Q 35 -60.36 -22.57 39.61
C THR Q 35 -59.30 -21.67 40.25
N LEU Q 36 -59.73 -20.80 41.16
CA LEU Q 36 -58.78 -19.94 41.85
C LEU Q 36 -57.76 -20.76 42.63
N ALA Q 37 -58.23 -21.79 43.35
CA ALA Q 37 -57.32 -22.63 44.12
C ALA Q 37 -56.32 -23.34 43.21
N THR Q 38 -56.80 -23.90 42.08
CA THR Q 38 -55.91 -24.61 41.18
C THR Q 38 -54.87 -23.68 40.59
N LYS Q 39 -55.28 -22.50 40.15
CA LYS Q 39 -54.33 -21.55 39.58
C LYS Q 39 -53.32 -21.09 40.62
N GLN Q 40 -53.77 -20.83 41.85
CA GLN Q 40 -52.84 -20.44 42.89
C GLN Q 40 -51.82 -21.54 43.16
N LYS Q 41 -52.27 -22.80 43.21
CA LYS Q 41 -51.35 -23.90 43.45
C LYS Q 41 -50.34 -24.02 42.31
N LEU Q 42 -50.78 -23.86 41.07
CA LEU Q 42 -49.87 -24.00 39.94
C LEU Q 42 -48.85 -22.86 39.90
N LEU Q 43 -49.28 -21.63 40.16
CA LEU Q 43 -48.40 -20.48 39.97
C LEU Q 43 -47.19 -20.54 40.89
N LEU Q 44 -47.40 -20.89 42.16
CA LEU Q 44 -46.35 -20.80 43.17
C LEU Q 44 -45.40 -21.99 43.15
N GLU Q 45 -45.53 -22.91 42.19
CA GLU Q 45 -44.72 -24.11 42.20
C GLU Q 45 -43.23 -23.79 42.02
N ARG Q 46 -42.92 -22.85 41.13
CA ARG Q 46 -41.52 -22.57 40.83
C ARG Q 46 -40.78 -22.01 42.06
N GLY Q 47 -41.44 -21.14 42.82
CA GLY Q 47 -40.82 -20.54 43.99
C GLY Q 47 -40.50 -19.07 43.78
N TRP Q 48 -40.72 -18.27 44.82
CA TRP Q 48 -40.52 -16.82 44.74
C TRP Q 48 -39.77 -16.38 46.01
N TRP Q 49 -39.71 -15.07 46.21
CA TRP Q 49 -38.94 -14.51 47.31
C TRP Q 49 -39.65 -14.58 48.66
N PHE Q 50 -40.91 -15.01 48.70
CA PHE Q 50 -41.68 -15.01 49.94
C PHE Q 50 -42.14 -16.40 50.36
N ASN Q 51 -41.84 -17.45 49.59
CA ASN Q 51 -42.30 -18.79 49.92
C ASN Q 51 -41.21 -19.84 49.70
N THR Q 52 -39.96 -19.49 49.99
CA THR Q 52 -38.83 -20.40 49.82
C THR Q 52 -37.95 -20.35 51.06
N GLN Q 53 -37.70 -21.53 51.64
CA GLN Q 53 -36.84 -21.63 52.82
C GLN Q 53 -36.10 -22.96 52.79
N ASP Q 54 -34.97 -23.02 53.49
CA ASP Q 54 -34.22 -24.26 53.62
C ASP Q 54 -34.51 -24.90 54.97
N GLU Q 55 -34.62 -26.22 54.99
CA GLU Q 55 -34.95 -26.96 56.20
C GLU Q 55 -34.24 -28.31 56.20
N GLU Q 56 -34.16 -28.90 57.38
CA GLU Q 56 -33.51 -30.20 57.57
C GLU Q 56 -34.52 -31.16 58.18
N MET Q 57 -34.51 -32.40 57.70
CA MET Q 57 -35.44 -33.44 58.14
C MET Q 57 -34.67 -34.57 58.80
N PHE Q 58 -35.34 -35.27 59.73
CA PHE Q 58 -34.73 -36.36 60.47
C PHE Q 58 -35.49 -37.67 60.21
N PRO Q 59 -34.80 -38.81 60.25
CA PRO Q 59 -35.47 -40.07 59.97
C PRO Q 59 -36.25 -40.61 61.17
N ASP Q 60 -37.18 -41.51 60.88
CA ASP Q 60 -37.98 -42.17 61.90
C ASP Q 60 -37.19 -43.36 62.46
N LEU Q 61 -37.84 -44.18 63.27
CA LEU Q 61 -37.18 -45.37 63.81
C LEU Q 61 -36.79 -46.33 62.68
N LEU Q 62 -37.71 -46.56 61.74
CA LEU Q 62 -37.42 -47.47 60.63
C LEU Q 62 -36.40 -46.87 59.69
N GLY Q 63 -36.49 -45.57 59.42
CA GLY Q 63 -35.56 -44.91 58.52
C GLY Q 63 -36.25 -44.16 57.38
N ARG Q 64 -37.54 -43.87 57.55
CA ARG Q 64 -38.31 -43.15 56.55
C ARG Q 64 -38.46 -41.70 56.98
N ILE Q 65 -38.24 -40.77 56.06
CA ILE Q 65 -38.30 -39.33 56.32
C ILE Q 65 -39.56 -38.79 55.68
N PRO Q 66 -40.51 -38.26 56.44
CA PRO Q 66 -41.69 -37.63 55.85
C PRO Q 66 -41.35 -36.22 55.37
N TYR Q 67 -42.30 -35.61 54.65
CA TYR Q 67 -42.13 -34.29 54.09
C TYR Q 67 -43.26 -33.37 54.55
N PRO Q 68 -43.02 -32.05 54.58
CA PRO Q 68 -44.07 -31.14 55.05
C PRO Q 68 -45.35 -31.22 54.24
N ALA Q 69 -46.49 -31.05 54.89
CA ALA Q 69 -47.78 -31.22 54.22
C ALA Q 69 -48.05 -30.07 53.26
N ALA Q 70 -47.62 -28.86 53.60
CA ALA Q 70 -47.91 -27.68 52.79
C ALA Q 70 -46.97 -27.50 51.61
N SER Q 71 -45.94 -28.34 51.49
CA SER Q 71 -44.96 -28.16 50.43
C SER Q 71 -45.54 -28.52 49.07
N ILE Q 72 -44.94 -27.97 48.01
CA ILE Q 72 -45.35 -28.27 46.65
C ILE Q 72 -44.25 -28.97 45.85
N SER Q 73 -42.97 -28.72 46.17
CA SER Q 73 -41.88 -29.33 45.43
C SER Q 73 -40.70 -29.52 46.38
N VAL Q 74 -39.87 -30.52 46.08
CA VAL Q 74 -38.71 -30.86 46.89
C VAL Q 74 -37.48 -30.92 45.99
N GLU Q 75 -36.33 -30.57 46.57
CA GLU Q 75 -35.06 -30.62 45.86
C GLU Q 75 -33.96 -30.93 46.86
N SER Q 76 -32.86 -31.47 46.35
CA SER Q 76 -31.74 -31.87 47.19
C SER Q 76 -30.67 -30.78 47.24
N LEU Q 77 -29.84 -30.83 48.28
CA LEU Q 77 -28.73 -29.92 48.44
C LEU Q 77 -27.46 -30.63 48.89
N ASP Q 78 -27.42 -31.96 48.80
CA ASP Q 78 -26.27 -32.75 49.26
C ASP Q 78 -25.54 -33.28 48.04
N GLY Q 79 -24.48 -32.59 47.64
CA GLY Q 79 -23.69 -33.05 46.51
C GLY Q 79 -24.54 -33.15 45.25
N TYR Q 80 -24.44 -34.29 44.57
CA TYR Q 80 -25.18 -34.55 43.34
C TYR Q 80 -26.32 -35.54 43.55
N ASN Q 81 -26.84 -35.63 44.77
CA ASN Q 81 -27.92 -36.55 45.06
C ASN Q 81 -29.25 -36.01 44.51
N ILE Q 82 -30.18 -36.93 44.30
CA ILE Q 82 -31.50 -36.61 43.77
C ILE Q 82 -32.56 -37.20 44.69
N TYR Q 83 -33.55 -36.40 45.06
CA TYR Q 83 -34.65 -36.83 45.91
C TYR Q 83 -35.97 -36.49 45.24
N SER Q 84 -36.99 -37.29 45.55
CA SER Q 84 -38.32 -37.10 45.00
C SER Q 84 -39.34 -37.65 45.99
N LYS Q 85 -40.60 -37.26 45.79
CA LYS Q 85 -41.69 -37.64 46.67
C LYS Q 85 -42.42 -38.84 46.09
N ARG Q 86 -42.70 -39.83 46.94
CA ARG Q 86 -43.39 -41.05 46.49
C ARG Q 86 -43.99 -41.74 47.71
N ASN Q 87 -45.27 -42.12 47.59
CA ASN Q 87 -45.97 -42.85 48.64
C ASN Q 87 -45.92 -42.10 49.98
N ASN Q 88 -46.16 -40.79 49.92
CA ASN Q 88 -46.18 -39.95 51.12
C ASN Q 88 -44.87 -40.02 51.88
N PHE Q 89 -43.76 -40.24 51.18
CA PHE Q 89 -42.46 -40.31 51.80
C PHE Q 89 -41.41 -39.93 50.78
N LEU Q 90 -40.24 -39.53 51.27
CA LEU Q 90 -39.14 -39.18 50.39
C LEU Q 90 -38.51 -40.43 49.81
N PHE Q 91 -38.09 -40.33 48.55
CA PHE Q 91 -37.47 -41.44 47.83
C PHE Q 91 -36.06 -41.06 47.44
N ASN Q 92 -35.11 -41.97 47.65
CA ASN Q 92 -33.71 -41.77 47.29
C ASN Q 92 -33.53 -42.28 45.87
N ASN Q 93 -33.56 -41.36 44.90
CA ASN Q 93 -33.49 -41.75 43.50
C ASN Q 93 -32.10 -42.20 43.11
N THR Q 94 -31.06 -41.72 43.81
CA THR Q 94 -29.69 -42.08 43.46
C THR Q 94 -29.32 -43.49 43.90
N CYS Q 95 -30.06 -44.09 44.84
CA CYS Q 95 -29.74 -45.43 45.32
C CYS Q 95 -30.92 -46.38 45.23
N ASN Q 96 -32.07 -45.95 44.70
CA ASN Q 96 -33.24 -46.81 44.54
C ASN Q 96 -33.61 -47.49 45.85
N THR Q 97 -33.80 -46.65 46.88
CA THR Q 97 -34.17 -47.15 48.20
C THR Q 97 -35.03 -46.11 48.89
N MET Q 98 -35.79 -46.58 49.88
CA MET Q 98 -36.71 -45.73 50.64
C MET Q 98 -36.23 -45.44 52.05
N TYR Q 99 -35.24 -46.17 52.55
CA TYR Q 99 -34.77 -46.02 53.93
C TYR Q 99 -33.48 -45.23 53.95
N PHE Q 100 -33.45 -44.17 54.74
CA PHE Q 100 -32.29 -43.30 54.86
C PHE Q 100 -31.50 -43.67 56.12
N THR Q 101 -30.35 -43.00 56.28
CA THR Q 101 -29.46 -43.26 57.41
C THR Q 101 -29.29 -42.06 58.33
N GLY Q 102 -29.53 -40.84 57.85
CA GLY Q 102 -29.36 -39.65 58.66
C GLY Q 102 -30.11 -38.47 58.10
N PRO Q 103 -29.95 -37.31 58.74
CA PRO Q 103 -30.67 -36.11 58.29
C PRO Q 103 -30.19 -35.64 56.92
N VAL Q 104 -31.08 -34.94 56.23
CA VAL Q 104 -30.81 -34.44 54.89
C VAL Q 104 -31.22 -32.97 54.81
N CYS Q 105 -30.68 -32.28 53.81
CA CYS Q 105 -31.00 -30.88 53.53
C CYS Q 105 -31.71 -30.80 52.19
N ILE Q 106 -32.81 -30.06 52.13
CA ILE Q 106 -33.63 -29.99 50.93
C ILE Q 106 -34.30 -28.63 50.86
N ARG Q 107 -34.57 -28.18 49.64
CA ARG Q 107 -35.34 -26.96 49.41
C ARG Q 107 -36.83 -27.29 49.39
N VAL Q 108 -37.64 -26.39 49.94
CA VAL Q 108 -39.08 -26.60 50.06
C VAL Q 108 -39.79 -25.34 49.57
N THR Q 109 -40.87 -25.55 48.82
CA THR Q 109 -41.74 -24.46 48.36
C THR Q 109 -43.11 -24.65 49.01
N TYR Q 110 -43.56 -23.64 49.72
CA TYR Q 110 -44.78 -23.74 50.53
C TYR Q 110 -45.95 -23.04 49.85
N ASN Q 111 -47.16 -23.49 50.21
CA ASN Q 111 -48.39 -22.89 49.74
C ASN Q 111 -49.01 -22.07 50.87
N LEU Q 112 -49.38 -20.83 50.56
CA LEU Q 112 -49.88 -19.90 51.54
C LEU Q 112 -51.33 -19.55 51.25
N ASP Q 113 -51.94 -18.84 52.20
CA ASP Q 113 -53.32 -18.41 52.05
C ASP Q 113 -53.42 -17.30 51.00
N PHE Q 114 -54.60 -17.18 50.41
CA PHE Q 114 -54.81 -16.16 49.39
C PHE Q 114 -54.67 -14.75 49.96
N GLU Q 115 -55.07 -14.57 51.22
CA GLU Q 115 -54.98 -13.24 51.83
C GLU Q 115 -53.54 -12.77 51.94
N ASP Q 116 -52.62 -13.67 52.29
CA ASP Q 116 -51.24 -13.27 52.53
C ASP Q 116 -50.50 -12.93 51.23
N LEU Q 117 -51.03 -13.30 50.08
CA LEU Q 117 -50.33 -13.07 48.83
C LEU Q 117 -50.28 -11.56 48.54
N PRO Q 118 -49.21 -11.07 47.91
CA PRO Q 118 -49.18 -9.67 47.49
C PRO Q 118 -50.27 -9.36 46.47
N GLU Q 119 -50.54 -8.06 46.30
CA GLU Q 119 -51.60 -7.64 45.40
C GLU Q 119 -51.30 -8.07 43.96
N SER Q 120 -50.05 -7.93 43.54
CA SER Q 120 -49.69 -8.24 42.16
C SER Q 120 -49.93 -9.71 41.84
N VAL Q 121 -49.57 -10.60 42.76
CA VAL Q 121 -49.78 -12.03 42.55
C VAL Q 121 -51.28 -12.34 42.52
N ALA Q 122 -52.05 -11.73 43.43
CA ALA Q 122 -53.48 -11.98 43.47
C ALA Q 122 -54.15 -11.53 42.18
N THR Q 123 -53.72 -10.40 41.63
CA THR Q 123 -54.30 -9.93 40.36
C THR Q 123 -54.04 -10.93 39.24
N VAL Q 124 -52.80 -11.46 39.17
CA VAL Q 124 -52.47 -12.43 38.13
C VAL Q 124 -53.35 -13.67 38.29
N ILE Q 125 -53.49 -14.17 39.52
CA ILE Q 125 -54.29 -15.37 39.74
C ILE Q 125 -55.74 -15.12 39.35
N THR Q 126 -56.29 -13.98 39.76
CA THR Q 126 -57.69 -13.68 39.47
C THR Q 126 -57.92 -13.58 37.97
N TYR Q 127 -57.03 -12.90 37.25
CA TYR Q 127 -57.20 -12.73 35.82
C TYR Q 127 -56.93 -14.00 35.02
N ARG Q 128 -56.12 -14.91 35.56
CA ARG Q 128 -55.99 -16.22 34.91
C ARG Q 128 -57.25 -17.05 35.11
N ALA Q 129 -57.80 -17.07 36.33
CA ALA Q 129 -59.01 -17.83 36.58
C ALA Q 129 -60.18 -17.28 35.76
N ALA Q 130 -60.28 -15.95 35.64
CA ALA Q 130 -61.38 -15.36 34.89
C ALA Q 130 -61.37 -15.83 33.44
N ARG Q 131 -60.20 -15.80 32.81
CA ARG Q 131 -60.10 -16.25 31.42
C ARG Q 131 -60.38 -17.74 31.32
N ALA Q 132 -59.81 -18.54 32.24
CA ALA Q 132 -60.03 -19.98 32.18
C ALA Q 132 -61.51 -20.33 32.27
N VAL Q 133 -62.28 -19.55 33.03
CA VAL Q 133 -63.71 -19.82 33.14
C VAL Q 133 -64.46 -19.27 31.93
N TYR Q 134 -64.14 -18.05 31.51
CA TYR Q 134 -64.88 -17.42 30.43
C TYR Q 134 -64.73 -18.19 29.13
N VAL Q 135 -63.51 -18.59 28.79
CA VAL Q 135 -63.29 -19.33 27.55
C VAL Q 135 -64.03 -20.65 27.56
N GLY Q 136 -63.99 -21.38 28.68
CA GLY Q 136 -64.63 -22.68 28.73
C GLY Q 136 -66.14 -22.63 28.82
N ASP Q 137 -66.70 -21.50 29.28
CA ASP Q 137 -68.14 -21.40 29.47
C ASP Q 137 -68.86 -20.63 28.38
N LEU Q 138 -68.17 -19.77 27.63
CA LEU Q 138 -68.82 -18.91 26.64
C LEU Q 138 -68.11 -18.88 25.29
N GLY Q 139 -66.99 -19.56 25.14
CA GLY Q 139 -66.25 -19.55 23.88
C GLY Q 139 -65.19 -18.47 23.86
N ASN Q 140 -64.40 -18.47 22.78
CA ASN Q 140 -63.29 -17.54 22.60
C ASN Q 140 -63.84 -16.33 21.83
N ASP Q 141 -64.28 -15.33 22.58
CA ASP Q 141 -64.79 -14.09 21.99
C ASP Q 141 -63.65 -13.09 21.87
N ALA Q 142 -63.97 -11.84 21.54
CA ALA Q 142 -62.97 -10.80 21.38
C ALA Q 142 -62.64 -10.08 22.68
N SER Q 143 -63.30 -10.43 23.79
CA SER Q 143 -63.07 -9.75 25.06
C SER Q 143 -61.92 -10.36 25.85
N VAL Q 144 -61.41 -11.53 25.46
CA VAL Q 144 -60.30 -12.14 26.18
C VAL Q 144 -58.99 -11.39 25.94
N GLN Q 145 -58.93 -10.57 24.89
CA GLN Q 145 -57.73 -9.79 24.60
C GLN Q 145 -57.45 -8.73 25.66
N ASP Q 146 -58.45 -8.37 26.47
CA ASP Q 146 -58.22 -7.47 27.59
C ASP Q 146 -57.75 -8.21 28.83
N LEU Q 147 -58.32 -9.40 29.07
CA LEU Q 147 -57.88 -10.21 30.21
C LEU Q 147 -56.42 -10.61 30.06
N VAL Q 148 -56.02 -11.04 28.86
CA VAL Q 148 -54.62 -11.42 28.65
C VAL Q 148 -53.71 -10.22 28.87
N LEU Q 149 -54.12 -9.05 28.36
CA LEU Q 149 -53.30 -7.85 28.52
C LEU Q 149 -53.14 -7.48 29.99
N ASN Q 150 -54.24 -7.55 30.76
CA ASN Q 150 -54.15 -7.26 32.18
C ASN Q 150 -53.23 -8.26 32.88
N GLU Q 151 -53.33 -9.53 32.51
CA GLU Q 151 -52.45 -10.54 33.11
C GLU Q 151 -50.98 -10.23 32.82
N GLN Q 152 -50.67 -9.86 31.59
CA GLN Q 152 -49.29 -9.57 31.24
C GLN Q 152 -48.77 -8.35 32.00
N GLN Q 153 -49.59 -7.30 32.09
CA GLN Q 153 -49.16 -6.12 32.85
C GLN Q 153 -48.90 -6.47 34.31
N ALA Q 154 -49.78 -7.28 34.91
CA ALA Q 154 -49.56 -7.67 36.30
C ALA Q 154 -48.30 -8.52 36.45
N MET Q 155 -48.06 -9.43 35.50
CA MET Q 155 -46.88 -10.28 35.59
C MET Q 155 -45.59 -9.47 35.51
N LEU Q 156 -45.58 -8.41 34.69
CA LEU Q 156 -44.40 -7.56 34.65
C LEU Q 156 -44.09 -6.96 36.01
N LEU Q 157 -45.11 -6.42 36.69
CA LEU Q 157 -44.89 -5.87 38.02
C LEU Q 157 -44.45 -6.94 39.01
N VAL Q 158 -45.04 -8.14 38.91
CA VAL Q 158 -44.63 -9.22 39.80
C VAL Q 158 -43.15 -9.51 39.65
N GLU Q 159 -42.69 -9.65 38.40
CA GLU Q 159 -41.29 -9.96 38.17
C GLU Q 159 -40.39 -8.83 38.65
N GLU Q 160 -40.78 -7.58 38.41
CA GLU Q 160 -39.98 -6.45 38.86
C GLU Q 160 -39.85 -6.46 40.38
N GLN Q 161 -40.96 -6.71 41.08
CA GLN Q 161 -40.93 -6.75 42.54
C GLN Q 161 -40.02 -7.87 43.04
N HIS Q 162 -40.14 -9.06 42.44
CA HIS Q 162 -39.30 -10.17 42.88
C HIS Q 162 -37.83 -9.86 42.66
N MET Q 163 -37.49 -9.28 41.50
CA MET Q 163 -36.10 -8.92 41.25
C MET Q 163 -35.62 -7.87 42.25
N ARG Q 164 -36.48 -6.92 42.62
CA ARG Q 164 -36.08 -5.90 43.58
C ARG Q 164 -35.81 -6.49 44.96
N ASN Q 165 -36.65 -7.42 45.41
CA ASN Q 165 -36.52 -7.92 46.78
C ASN Q 165 -35.28 -8.79 46.95
N LYS Q 166 -34.93 -9.58 45.94
CA LYS Q 166 -33.86 -10.57 46.12
C LYS Q 166 -32.51 -9.90 46.34
N LYS Q 167 -32.27 -8.76 45.68
CA LYS Q 167 -31.01 -8.01 45.82
C LYS Q 167 -29.82 -8.87 45.41
N HIS Q 168 -29.80 -9.25 44.14
CA HIS Q 168 -28.64 -9.93 43.58
C HIS Q 168 -27.53 -8.92 43.32
N SER Q 169 -26.28 -9.38 43.49
CA SER Q 169 -25.14 -8.51 43.29
C SER Q 169 -23.94 -9.36 42.88
N THR Q 170 -22.97 -8.71 42.25
CA THR Q 170 -21.72 -9.37 41.87
C THR Q 170 -20.69 -9.35 43.00
N ARG Q 171 -20.96 -8.64 44.09
CA ARG Q 171 -20.03 -8.59 45.21
C ARG Q 171 -20.17 -9.80 46.13
N ARG Q 172 -21.18 -10.64 45.93
CA ARG Q 172 -21.40 -11.80 46.78
C ARG Q 172 -20.65 -13.04 46.31
N ARG Q 173 -19.99 -12.98 45.16
CA ARG Q 173 -19.22 -14.12 44.69
C ARG Q 173 -17.89 -14.20 45.44
N ARG Q 174 -17.37 -15.42 45.60
CA ARG Q 174 -16.20 -15.64 46.42
C ARG Q 174 -14.93 -15.03 45.84
N PRO Q 175 -14.78 -14.91 44.51
CA PRO Q 175 -13.58 -14.26 43.99
C PRO Q 175 -13.42 -12.84 44.49
N TRP Q 176 -14.53 -12.11 44.64
CA TRP Q 176 -14.45 -10.76 45.19
C TRP Q 176 -13.96 -10.78 46.63
N GLY Q 177 -14.44 -11.75 47.42
CA GLY Q 177 -13.95 -11.87 48.79
C GLY Q 177 -12.46 -12.16 48.84
N LYS Q 178 -11.99 -13.05 47.96
CA LYS Q 178 -10.56 -13.35 47.92
C LYS Q 178 -9.76 -12.11 47.52
N TYR Q 179 -10.26 -11.35 46.53
CA TYR Q 179 -9.58 -10.13 46.12
C TYR Q 179 -9.50 -9.13 47.27
N GLN Q 180 -10.60 -8.97 48.00
CA GLN Q 180 -10.59 -8.03 49.13
C GLN Q 180 -9.65 -8.49 50.22
N ASN Q 181 -9.59 -9.79 50.49
CA ASN Q 181 -8.64 -10.32 51.46
C ASN Q 181 -7.21 -10.04 51.01
N ALA Q 182 -6.94 -10.22 49.72
CA ALA Q 182 -5.60 -9.93 49.20
C ALA Q 182 -5.26 -8.45 49.36
N LEU Q 183 -6.22 -7.57 49.13
CA LEU Q 183 -6.02 -6.13 49.29
C LEU Q 183 -6.08 -5.73 50.77
N SER Q 184 -5.21 -6.36 51.55
CA SER Q 184 -5.13 -6.08 52.99
C SER Q 184 -3.83 -6.66 53.52
N GLY Q 185 -3.05 -5.82 54.21
CA GLY Q 185 -1.79 -6.27 54.76
C GLY Q 185 -1.08 -5.17 55.56
N MET R 1 -59.73 16.23 43.14
CA MET R 1 -60.81 15.69 42.27
C MET R 1 -61.80 14.88 43.10
N GLU R 2 -63.00 15.41 43.27
CA GLU R 2 -64.00 14.75 44.10
C GLU R 2 -64.43 13.43 43.47
N LEU R 3 -64.80 12.48 44.33
CA LEU R 3 -65.26 11.18 43.83
C LEU R 3 -66.50 11.33 42.96
N LEU R 4 -67.34 12.32 43.25
CA LEU R 4 -68.55 12.52 42.45
C LEU R 4 -68.21 12.82 41.01
N ASP R 5 -67.14 13.59 40.78
CA ASP R 5 -66.71 13.89 39.42
C ASP R 5 -66.33 12.62 38.67
N ALA R 6 -65.56 11.74 39.32
CA ALA R 6 -65.16 10.49 38.68
C ALA R 6 -66.38 9.60 38.41
N VAL R 7 -67.32 9.54 39.36
CA VAL R 7 -68.51 8.73 39.15
C VAL R 7 -69.31 9.25 37.97
N ASN R 8 -69.47 10.58 37.88
CA ASN R 8 -70.21 11.16 36.77
C ASN R 8 -69.49 10.92 35.45
N THR R 9 -68.16 11.02 35.44
CA THR R 9 -67.42 10.72 34.21
C THR R 9 -67.64 9.29 33.77
N CYS R 10 -67.58 8.34 34.71
CA CYS R 10 -67.82 6.95 34.37
C CYS R 10 -69.23 6.74 33.85
N LEU R 11 -70.22 7.36 34.49
CA LEU R 11 -71.60 7.22 34.03
C LEU R 11 -71.77 7.78 32.62
N THR R 12 -71.18 8.94 32.35
CA THR R 12 -71.27 9.53 31.02
C THR R 12 -70.60 8.64 29.99
N ALA R 13 -69.43 8.07 30.33
CA ALA R 13 -68.77 7.15 29.41
C ALA R 13 -69.62 5.90 29.16
N LEU R 14 -70.37 5.46 30.17
CA LEU R 14 -71.22 4.28 30.02
C LEU R 14 -72.54 4.58 29.33
N GLY R 15 -72.91 5.85 29.19
CA GLY R 15 -74.11 6.24 28.49
C GLY R 15 -75.30 6.60 29.37
N GLU R 16 -75.20 6.36 30.68
CA GLU R 16 -76.30 6.65 31.58
C GLU R 16 -76.27 8.12 32.02
N ALA R 17 -77.36 8.54 32.66
CA ALA R 17 -77.49 9.93 33.07
C ALA R 17 -76.61 10.24 34.28
N ARG R 18 -76.25 11.52 34.41
CA ARG R 18 -75.41 11.97 35.51
C ARG R 18 -76.21 11.96 36.81
N VAL R 19 -75.49 12.10 37.92
CA VAL R 19 -76.08 12.06 39.25
C VAL R 19 -75.64 13.32 40.01
N THR R 20 -76.08 13.41 41.27
CA THR R 20 -75.80 14.56 42.12
C THR R 20 -75.09 14.22 43.42
N SER R 21 -75.29 13.02 43.98
CA SER R 21 -74.66 12.62 45.22
C SER R 21 -74.13 11.20 45.08
N THR R 22 -72.95 10.96 45.66
CA THR R 22 -72.37 9.62 45.62
C THR R 22 -73.14 8.63 46.47
N ASP R 23 -74.05 9.11 47.32
CA ASP R 23 -74.87 8.23 48.15
C ASP R 23 -76.14 7.77 47.44
N THR R 24 -76.36 8.20 46.20
CA THR R 24 -77.55 7.78 45.47
C THR R 24 -77.59 6.26 45.37
N ARG R 25 -78.80 5.71 45.44
CA ARG R 25 -79.00 4.27 45.56
C ARG R 25 -78.95 3.54 44.22
N HIS R 26 -78.51 4.21 43.15
CA HIS R 26 -78.38 3.55 41.87
C HIS R 26 -77.40 2.39 41.99
N PRO R 27 -77.71 1.21 41.44
CA PRO R 27 -76.83 0.05 41.65
C PRO R 27 -75.49 0.13 40.94
N SER R 28 -75.36 0.93 39.89
CA SER R 28 -74.09 1.02 39.17
C SER R 28 -73.06 1.80 39.98
N VAL R 29 -73.51 2.67 40.88
CA VAL R 29 -72.58 3.49 41.67
C VAL R 29 -71.72 2.61 42.57
N ALA R 30 -72.31 1.57 43.17
CA ALA R 30 -71.52 0.69 44.03
C ALA R 30 -70.42 -0.01 43.24
N LEU R 31 -70.76 -0.52 42.06
CA LEU R 31 -69.75 -1.17 41.22
C LEU R 31 -68.67 -0.18 40.81
N ILE R 32 -69.06 1.05 40.45
CA ILE R 32 -68.09 2.06 40.06
C ILE R 32 -67.13 2.33 41.22
N LEU R 33 -67.68 2.50 42.43
CA LEU R 33 -66.84 2.81 43.58
C LEU R 33 -65.89 1.65 43.90
N GLN R 34 -66.39 0.42 43.84
CA GLN R 34 -65.52 -0.72 44.12
C GLN R 34 -64.41 -0.83 43.10
N THR R 35 -64.73 -0.64 41.81
CA THR R 35 -63.70 -0.69 40.79
C THR R 35 -62.67 0.42 40.98
N LEU R 36 -63.13 1.62 41.31
CA LEU R 36 -62.21 2.72 41.56
C LEU R 36 -61.27 2.40 42.72
N ALA R 37 -61.82 1.86 43.80
CA ALA R 37 -60.99 1.52 44.96
C ALA R 37 -59.95 0.45 44.59
N THR R 38 -60.37 -0.58 43.86
CA THR R 38 -59.44 -1.64 43.51
C THR R 38 -58.33 -1.12 42.61
N LYS R 39 -58.67 -0.30 41.61
CA LYS R 39 -57.66 0.25 40.72
C LYS R 39 -56.71 1.16 41.47
N GLN R 40 -57.23 1.99 42.38
CA GLN R 40 -56.38 2.86 43.17
C GLN R 40 -55.41 2.04 44.01
N LYS R 41 -55.90 0.98 44.65
CA LYS R 41 -55.03 0.15 45.46
C LYS R 41 -53.94 -0.50 44.62
N LEU R 42 -54.29 -0.99 43.43
CA LEU R 42 -53.31 -1.66 42.59
C LEU R 42 -52.25 -0.68 42.08
N LEU R 43 -52.67 0.52 41.66
CA LEU R 43 -51.74 1.43 41.00
C LEU R 43 -50.60 1.85 41.92
N LEU R 44 -50.91 2.17 43.17
CA LEU R 44 -49.94 2.76 44.08
C LEU R 44 -49.02 1.72 44.72
N GLU R 45 -49.12 0.46 44.34
CA GLU R 45 -48.33 -0.58 45.00
C GLU R 45 -46.84 -0.36 44.81
N ARG R 46 -46.43 0.01 43.59
CA ARG R 46 -45.00 0.12 43.30
C ARG R 46 -44.34 1.22 44.14
N GLY R 47 -45.03 2.35 44.33
CA GLY R 47 -44.48 3.46 45.09
C GLY R 47 -44.10 4.63 44.21
N TRP R 48 -44.38 5.84 44.69
CA TRP R 48 -44.13 7.06 43.93
C TRP R 48 -43.46 8.07 44.85
N TRP R 49 -43.38 9.32 44.41
CA TRP R 49 -42.67 10.36 45.13
C TRP R 49 -43.48 10.96 46.28
N PHE R 50 -44.75 10.59 46.43
CA PHE R 50 -45.61 11.18 47.44
C PHE R 50 -46.14 10.18 48.46
N ASN R 51 -45.81 8.89 48.33
CA ASN R 51 -46.33 7.89 49.26
C ASN R 51 -45.26 6.89 49.66
N THR R 52 -44.03 7.34 49.82
CA THR R 52 -42.91 6.49 50.23
C THR R 52 -42.12 7.15 51.35
N GLN R 53 -41.95 6.42 52.44
CA GLN R 53 -41.18 6.92 53.58
C GLN R 53 -40.48 5.76 54.27
N ASP R 54 -39.41 6.06 54.99
CA ASP R 54 -38.71 5.06 55.78
C ASP R 54 -39.11 5.17 57.24
N GLU R 55 -39.25 4.03 57.91
CA GLU R 55 -39.70 3.98 59.29
C GLU R 55 -39.03 2.81 60.00
N GLU R 56 -39.05 2.88 61.33
CA GLU R 56 -38.46 1.86 62.19
C GLU R 56 -39.53 1.31 63.11
N MET R 57 -39.52 0.00 63.31
CA MET R 57 -40.51 -0.68 64.14
C MET R 57 -39.82 -1.35 65.32
N PHE R 58 -40.58 -1.50 66.42
CA PHE R 58 -40.06 -2.07 67.65
C PHE R 58 -40.83 -3.35 68.01
N PRO R 59 -40.18 -4.31 68.66
CA PRO R 59 -40.86 -5.56 69.00
C PRO R 59 -41.74 -5.44 70.23
N ASP R 60 -42.67 -6.37 70.35
CA ASP R 60 -43.56 -6.44 71.50
C ASP R 60 -42.85 -7.19 72.64
N LEU R 61 -43.58 -7.52 73.70
CA LEU R 61 -43.00 -8.28 74.80
C LEU R 61 -42.56 -9.66 74.33
N LEU R 62 -43.41 -10.34 73.56
CA LEU R 62 -43.07 -11.68 73.07
C LEU R 62 -41.96 -11.62 72.03
N GLY R 63 -41.99 -10.62 71.14
CA GLY R 63 -40.98 -10.48 70.11
C GLY R 63 -41.57 -10.39 68.71
N ARG R 64 -42.86 -10.08 68.62
CA ARG R 64 -43.53 -9.95 67.33
C ARG R 64 -43.67 -8.47 66.97
N ILE R 65 -43.36 -8.13 65.74
CA ILE R 65 -43.39 -6.75 65.25
C ILE R 65 -44.59 -6.61 64.33
N PRO R 66 -45.58 -5.79 64.65
CA PRO R 66 -46.70 -5.54 63.72
C PRO R 66 -46.28 -4.54 62.64
N TYR R 67 -47.16 -4.39 61.66
CA TYR R 67 -46.91 -3.51 60.53
C TYR R 67 -48.04 -2.51 60.39
N PRO R 68 -47.77 -1.34 59.78
CA PRO R 68 -48.82 -0.32 59.65
C PRO R 68 -50.04 -0.82 58.89
N ALA R 69 -51.22 -0.35 59.29
CA ALA R 69 -52.46 -0.84 58.69
C ALA R 69 -52.63 -0.33 57.26
N ALA R 70 -52.19 0.90 56.99
CA ALA R 70 -52.39 1.52 55.69
C ALA R 70 -51.36 1.10 54.65
N SER R 71 -50.35 0.33 55.04
CA SER R 71 -49.29 -0.03 54.11
C SER R 71 -49.78 -1.02 53.06
N ILE R 72 -49.09 -1.05 51.93
CA ILE R 72 -49.41 -2.00 50.87
C ILE R 72 -48.27 -2.98 50.60
N SER R 73 -47.02 -2.60 50.85
CA SER R 73 -45.89 -3.48 50.61
C SER R 73 -44.79 -3.17 51.61
N VAL R 74 -43.96 -4.18 51.91
CA VAL R 74 -42.88 -4.06 52.86
C VAL R 74 -41.59 -4.54 52.21
N GLU R 75 -40.47 -3.94 52.62
CA GLU R 75 -39.16 -4.32 52.13
C GLU R 75 -38.14 -4.08 53.23
N SER R 76 -37.02 -4.79 53.14
CA SER R 76 -35.98 -4.71 54.15
C SER R 76 -34.89 -3.72 53.74
N LEU R 77 -34.14 -3.24 54.74
CA LEU R 77 -33.02 -2.36 54.50
C LEU R 77 -31.80 -2.74 55.35
N ASP R 78 -31.79 -3.94 55.93
CA ASP R 78 -30.71 -4.39 56.81
C ASP R 78 -29.91 -5.44 56.07
N GLY R 79 -28.80 -5.03 55.47
CA GLY R 79 -27.94 -5.98 54.77
C GLY R 79 -28.70 -6.70 53.67
N TYR R 80 -28.58 -8.03 53.65
CA TYR R 80 -29.24 -8.87 52.65
C TYR R 80 -30.41 -9.64 53.24
N ASN R 81 -31.03 -9.11 54.29
CA ASN R 81 -32.15 -9.79 54.92
C ASN R 81 -33.42 -9.61 54.09
N ILE R 82 -34.36 -10.52 54.27
CA ILE R 82 -35.63 -10.51 53.56
C ILE R 82 -36.77 -10.59 54.58
N TYR R 83 -37.76 -9.71 54.41
CA TYR R 83 -38.93 -9.68 55.27
C TYR R 83 -40.19 -9.75 54.42
N SER R 84 -41.25 -10.29 55.01
CA SER R 84 -42.54 -10.41 54.33
C SER R 84 -43.64 -10.41 55.39
N LYS R 85 -44.87 -10.18 54.92
CA LYS R 85 -46.03 -10.09 55.79
C LYS R 85 -46.75 -11.44 55.83
N ARG R 86 -47.12 -11.87 57.03
CA ARG R 86 -47.80 -13.16 57.19
C ARG R 86 -48.51 -13.16 58.54
N ASN R 87 -49.79 -13.57 58.52
CA ASN R 87 -50.59 -13.70 59.74
C ASN R 87 -50.61 -12.38 60.53
N ASN R 88 -50.81 -11.27 59.82
CA ASN R 88 -50.90 -9.95 60.43
C ASN R 88 -49.65 -9.62 61.23
N PHE R 89 -48.50 -10.14 60.81
CA PHE R 89 -47.24 -9.88 61.50
C PHE R 89 -46.11 -10.05 60.50
N LEU R 90 -44.97 -9.44 60.81
CA LEU R 90 -43.80 -9.56 59.98
C LEU R 90 -43.17 -10.93 60.14
N PHE R 91 -42.65 -11.46 59.03
CA PHE R 91 -42.02 -12.77 58.99
C PHE R 91 -40.57 -12.62 58.57
N ASN R 92 -39.67 -13.30 59.28
CA ASN R 92 -38.24 -13.28 58.98
C ASN R 92 -37.97 -14.43 58.01
N ASN R 93 -37.90 -14.10 56.73
CA ASN R 93 -37.74 -15.13 55.70
C ASN R 93 -36.33 -15.71 55.70
N THR R 94 -35.34 -14.93 56.14
CA THR R 94 -33.96 -15.40 56.13
C THR R 94 -33.67 -16.42 57.24
N CYS R 95 -34.49 -16.46 58.29
CA CYS R 95 -34.24 -17.38 59.39
C CYS R 95 -35.44 -18.28 59.70
N ASN R 96 -36.53 -18.18 58.94
CA ASN R 96 -37.71 -19.02 59.12
C ASN R 96 -38.19 -18.96 60.57
N THR R 97 -38.44 -17.73 61.04
CA THR R 97 -38.91 -17.51 62.39
C THR R 97 -39.80 -16.28 62.42
N MET R 98 -40.64 -16.20 63.45
CA MET R 98 -41.58 -15.11 63.61
C MET R 98 -41.20 -14.14 64.72
N TYR R 99 -40.27 -14.52 65.60
CA TYR R 99 -39.90 -13.71 66.75
C TYR R 99 -38.58 -13.00 66.47
N PHE R 100 -38.59 -11.67 66.64
CA PHE R 100 -37.41 -10.85 66.40
C PHE R 100 -36.72 -10.55 67.73
N THR R 101 -35.57 -9.88 67.64
CA THR R 101 -34.77 -9.53 68.81
C THR R 101 -34.64 -8.03 69.02
N GLY R 102 -34.81 -7.21 67.99
CA GLY R 102 -34.66 -5.77 68.12
C GLY R 102 -35.34 -5.02 66.99
N PRO R 103 -35.19 -3.70 66.99
CA PRO R 103 -35.84 -2.89 65.95
C PRO R 103 -35.25 -3.16 64.58
N VAL R 104 -36.07 -2.89 63.55
CA VAL R 104 -35.69 -3.12 62.17
C VAL R 104 -36.05 -1.88 61.35
N CYS R 105 -35.42 -1.78 60.18
CA CYS R 105 -35.68 -0.70 59.23
C CYS R 105 -36.28 -1.31 57.96
N ILE R 106 -37.36 -0.71 57.46
CA ILE R 106 -38.08 -1.25 56.32
C ILE R 106 -38.71 -0.10 55.54
N ARG R 107 -38.87 -0.33 54.23
CA ARG R 107 -39.59 0.61 53.39
C ARG R 107 -41.09 0.30 53.42
N VAL R 108 -41.90 1.35 53.38
CA VAL R 108 -43.35 1.21 53.47
C VAL R 108 -44.00 2.05 52.38
N THR R 109 -45.02 1.49 51.73
CA THR R 109 -45.82 2.19 50.75
C THR R 109 -47.24 2.34 51.29
N TYR R 110 -47.72 3.57 51.37
CA TYR R 110 -48.99 3.86 52.03
C TYR R 110 -50.09 4.12 51.00
N ASN R 111 -51.33 3.90 51.44
CA ASN R 111 -52.51 4.17 50.65
C ASN R 111 -53.19 5.43 51.17
N LEU R 112 -53.49 6.35 50.26
CA LEU R 112 -54.04 7.66 50.62
C LEU R 112 -55.46 7.80 50.09
N ASP R 113 -56.11 8.87 50.51
CA ASP R 113 -57.47 9.16 50.06
C ASP R 113 -57.46 9.60 48.60
N PHE R 114 -58.59 9.41 47.93
CA PHE R 114 -58.69 9.78 46.52
C PHE R 114 -58.55 11.28 46.33
N GLU R 115 -59.04 12.06 47.30
CA GLU R 115 -58.96 13.52 47.19
C GLU R 115 -57.51 14.00 47.16
N ASP R 116 -56.65 13.41 47.98
CA ASP R 116 -55.27 13.88 48.08
C ASP R 116 -54.43 13.54 46.86
N LEU R 117 -54.89 12.65 46.01
CA LEU R 117 -54.10 12.24 44.86
C LEU R 117 -53.98 13.40 43.87
N PRO R 118 -52.86 13.52 43.16
CA PRO R 118 -52.76 14.54 42.11
C PRO R 118 -53.76 14.29 40.99
N GLU R 119 -53.98 15.34 40.19
CA GLU R 119 -54.96 15.24 39.10
C GLU R 119 -54.56 14.17 38.10
N SER R 120 -53.28 14.09 37.76
CA SER R 120 -52.84 13.14 36.74
C SER R 120 -53.09 11.71 37.18
N VAL R 121 -52.82 11.39 38.45
CA VAL R 121 -53.06 10.04 38.94
C VAL R 121 -54.56 9.73 38.95
N ALA R 122 -55.38 10.70 39.38
CA ALA R 122 -56.81 10.49 39.43
C ALA R 122 -57.38 10.25 38.03
N THR R 123 -56.88 10.96 37.03
CA THR R 123 -57.35 10.73 35.66
C THR R 123 -57.03 9.31 35.21
N VAL R 124 -55.81 8.84 35.50
CA VAL R 124 -55.44 7.48 35.11
C VAL R 124 -56.36 6.46 35.79
N ILE R 125 -56.60 6.64 37.09
CA ILE R 125 -57.45 5.69 37.81
C ILE R 125 -58.86 5.70 37.25
N THR R 126 -59.41 6.89 37.00
CA THR R 126 -60.77 7.00 36.48
C THR R 126 -60.89 6.33 35.12
N TYR R 127 -59.93 6.58 34.23
CA TYR R 127 -59.99 6.02 32.89
C TYR R 127 -59.70 4.53 32.85
N ARG R 128 -58.96 4.00 33.83
CA ARG R 128 -58.82 2.55 33.93
C ARG R 128 -60.12 1.90 34.40
N ALA R 129 -60.75 2.49 35.43
CA ALA R 129 -62.00 1.94 35.92
C ALA R 129 -63.09 1.99 34.85
N ALA R 130 -63.14 3.09 34.09
CA ALA R 130 -64.17 3.23 33.06
C ALA R 130 -64.06 2.11 32.04
N ARG R 131 -62.85 1.84 31.56
CA ARG R 131 -62.67 0.75 30.60
C ARG R 131 -62.98 -0.61 31.23
N ALA R 132 -62.50 -0.83 32.46
CA ALA R 132 -62.75 -2.11 33.11
C ALA R 132 -64.25 -2.39 33.24
N VAL R 133 -65.05 -1.34 33.45
CA VAL R 133 -66.49 -1.54 33.57
C VAL R 133 -67.13 -1.68 32.20
N TYR R 134 -66.75 -0.81 31.25
CA TYR R 134 -67.39 -0.81 29.94
C TYR R 134 -67.17 -2.13 29.21
N VAL R 135 -65.93 -2.63 29.21
CA VAL R 135 -65.65 -3.87 28.51
C VAL R 135 -66.43 -5.03 29.12
N GLY R 136 -66.49 -5.11 30.45
CA GLY R 136 -67.17 -6.23 31.09
C GLY R 136 -68.68 -6.14 31.02
N ASP R 137 -69.24 -4.94 30.82
CA ASP R 137 -70.68 -4.78 30.83
C ASP R 137 -71.30 -4.65 29.44
N LEU R 138 -70.54 -4.27 28.42
CA LEU R 138 -71.08 -4.03 27.10
C LEU R 138 -70.28 -4.66 25.96
N GLY R 139 -69.17 -5.31 26.25
CA GLY R 139 -68.34 -5.91 25.22
C GLY R 139 -67.25 -4.96 24.74
N ASN R 140 -66.38 -5.50 23.89
CA ASN R 140 -65.24 -4.77 23.34
C ASN R 140 -65.69 -4.10 22.05
N ASP R 141 -66.17 -2.87 22.16
CA ASP R 141 -66.60 -2.09 21.00
C ASP R 141 -65.42 -1.27 20.48
N ALA R 142 -65.68 -0.34 19.55
CA ALA R 142 -64.64 0.49 18.99
C ALA R 142 -64.39 1.76 19.78
N SER R 143 -65.13 2.00 20.87
CA SER R 143 -64.98 3.21 21.65
C SER R 143 -63.90 3.10 22.72
N VAL R 144 -63.40 1.89 23.00
CA VAL R 144 -62.36 1.73 24.02
C VAL R 144 -61.02 2.28 23.54
N GLN R 145 -60.86 2.47 22.23
CA GLN R 145 -59.63 3.02 21.68
C GLN R 145 -59.39 4.46 22.10
N ASP R 146 -60.43 5.17 22.54
CA ASP R 146 -60.26 6.52 23.09
C ASP R 146 -59.91 6.48 24.57
N LEU R 147 -60.52 5.56 25.32
CA LEU R 147 -60.19 5.43 26.73
C LEU R 147 -58.74 5.02 26.92
N VAL R 148 -58.26 4.05 26.12
CA VAL R 148 -56.86 3.63 26.23
C VAL R 148 -55.93 4.79 25.90
N LEU R 149 -56.27 5.56 24.86
CA LEU R 149 -55.44 6.69 24.46
C LEU R 149 -55.37 7.74 25.57
N ASN R 150 -56.52 8.04 26.18
CA ASN R 150 -56.53 9.00 27.28
C ASN R 150 -55.69 8.49 28.44
N GLU R 151 -55.80 7.20 28.75
CA GLU R 151 -55.00 6.63 29.83
C GLU R 151 -53.50 6.77 29.54
N GLN R 152 -53.10 6.49 28.31
CA GLN R 152 -51.68 6.58 27.96
C GLN R 152 -51.18 8.03 28.08
N GLN R 153 -51.97 8.98 27.57
CA GLN R 153 -51.57 10.38 27.67
C GLN R 153 -51.43 10.80 29.13
N ALA R 154 -52.37 10.39 29.99
CA ALA R 154 -52.27 10.74 31.40
C ALA R 154 -51.05 10.08 32.05
N MET R 155 -50.76 8.84 31.69
CA MET R 155 -49.61 8.14 32.27
C MET R 155 -48.30 8.83 31.91
N LEU R 156 -48.20 9.34 30.68
CA LEU R 156 -47.00 10.07 30.31
C LEU R 156 -46.77 11.27 31.22
N LEU R 157 -47.82 12.07 31.47
CA LEU R 157 -47.68 13.21 32.36
C LEU R 157 -47.35 12.76 33.78
N VAL R 158 -47.96 11.67 34.25
CA VAL R 158 -47.65 11.17 35.58
C VAL R 158 -46.17 10.86 35.71
N GLU R 159 -45.63 10.14 34.73
CA GLU R 159 -44.22 9.76 34.78
C GLU R 159 -43.32 10.99 34.71
N GLU R 160 -43.66 11.95 33.86
CA GLU R 160 -42.87 13.17 33.76
C GLU R 160 -42.85 13.91 35.09
N GLN R 161 -44.01 14.04 35.73
CA GLN R 161 -44.09 14.72 37.01
C GLN R 161 -43.25 14.01 38.07
N HIS R 162 -43.36 12.68 38.14
CA HIS R 162 -42.58 11.93 39.12
C HIS R 162 -41.10 12.11 38.88
N MET R 163 -40.66 12.05 37.63
CA MET R 163 -39.24 12.26 37.34
C MET R 163 -38.80 13.66 37.73
N ARG R 164 -39.66 14.66 37.51
CA ARG R 164 -39.31 16.03 37.86
C ARG R 164 -39.15 16.20 39.37
N ASN R 165 -40.05 15.60 40.16
CA ASN R 165 -40.03 15.85 41.61
C ASN R 165 -38.83 15.19 42.28
N LYS R 166 -38.43 14.01 41.83
CA LYS R 166 -37.41 13.25 42.54
C LYS R 166 -36.06 13.96 42.50
N LYS R 167 -35.74 14.63 41.40
CA LYS R 167 -34.48 15.36 41.26
C LYS R 167 -33.28 14.42 41.41
N HIS R 168 -33.17 13.46 40.50
CA HIS R 168 -32.00 12.61 40.43
C HIS R 168 -30.84 13.36 39.80
N SER R 169 -29.63 13.06 40.26
CA SER R 169 -28.45 13.72 39.75
C SER R 169 -27.25 12.81 39.91
N THR R 170 -26.21 13.07 39.12
CA THR R 170 -24.96 12.32 39.22
C THR R 170 -24.01 12.92 40.26
N ARG R 171 -24.34 14.08 40.82
CA ARG R 171 -23.50 14.67 41.85
C ARG R 171 -23.74 14.08 43.23
N ARG R 172 -24.76 13.23 43.39
CA ARG R 172 -25.07 12.65 44.69
C ARG R 172 -24.33 11.35 44.95
N ARG R 173 -23.58 10.83 43.97
CA ARG R 173 -22.81 9.62 44.19
C ARG R 173 -21.54 9.94 45.00
N ARG R 174 -21.07 8.96 45.76
CA ARG R 174 -19.97 9.19 46.69
C ARG R 174 -18.64 9.44 45.97
N PRO R 175 -18.40 8.89 44.77
CA PRO R 175 -17.14 9.21 44.09
C PRO R 175 -16.97 10.70 43.83
N TRP R 176 -18.07 11.39 43.52
CA TRP R 176 -18.00 12.84 43.34
C TRP R 176 -17.61 13.53 44.64
N GLY R 177 -18.18 13.09 45.75
CA GLY R 177 -17.79 13.66 47.04
C GLY R 177 -16.32 13.45 47.35
N LYS R 178 -15.81 12.25 47.06
CA LYS R 178 -14.39 11.99 47.28
C LYS R 178 -13.52 12.87 46.38
N TYR R 179 -13.93 13.04 45.12
CA TYR R 179 -13.19 13.90 44.21
C TYR R 179 -13.16 15.33 44.71
N GLN R 180 -14.31 15.84 45.19
CA GLN R 180 -14.35 17.20 45.69
C GLN R 180 -13.51 17.35 46.95
N ASN R 181 -13.51 16.35 47.83
CA ASN R 181 -12.65 16.39 49.00
C ASN R 181 -11.18 16.42 48.58
N ALA R 182 -10.82 15.64 47.57
CA ALA R 182 -9.44 15.65 47.08
C ALA R 182 -9.07 17.01 46.53
N LEU R 183 -9.99 17.66 45.82
CA LEU R 183 -9.76 18.99 45.25
C LEU R 183 -9.91 20.06 46.34
N SER R 184 -9.12 19.91 47.39
CA SER R 184 -9.14 20.87 48.50
C SER R 184 -7.90 20.65 49.34
N GLY R 185 -7.14 21.71 49.59
CA GLY R 185 -5.94 21.62 50.38
C GLY R 185 -5.26 22.97 50.59
N MET S 1 -62.22 34.78 24.73
CA MET S 1 -63.24 33.86 24.16
C MET S 1 -64.32 33.56 25.21
N GLU S 2 -65.51 34.10 24.99
CA GLU S 2 -66.59 33.92 25.95
C GLU S 2 -67.01 32.46 26.03
N LEU S 3 -67.46 32.04 27.23
CA LEU S 3 -67.92 30.67 27.40
C LEU S 3 -69.09 30.35 26.47
N LEU S 4 -69.93 31.35 26.17
CA LEU S 4 -71.07 31.12 25.30
C LEU S 4 -70.61 30.66 23.91
N ASP S 5 -69.51 31.23 23.43
CA ASP S 5 -68.98 30.82 22.12
C ASP S 5 -68.57 29.35 22.14
N ALA S 6 -67.88 28.92 23.19
CA ALA S 6 -67.48 27.52 23.29
C ALA S 6 -68.69 26.61 23.40
N VAL S 7 -69.70 27.00 24.17
CA VAL S 7 -70.89 26.19 24.30
C VAL S 7 -71.60 26.06 22.96
N ASN S 8 -71.71 27.16 22.21
CA ASN S 8 -72.35 27.11 20.91
C ASN S 8 -71.54 26.25 19.94
N THR S 9 -70.21 26.34 19.99
CA THR S 9 -69.39 25.49 19.13
C THR S 9 -69.62 24.02 19.44
N CYS S 10 -69.66 23.67 20.73
CA CYS S 10 -69.91 22.28 21.10
C CYS S 10 -71.29 21.83 20.64
N LEU S 11 -72.30 22.67 20.80
CA LEU S 11 -73.64 22.31 20.38
C LEU S 11 -73.70 22.10 18.86
N THR S 12 -73.06 22.99 18.10
CA THR S 12 -73.03 22.83 16.66
C THR S 12 -72.31 21.54 16.25
N ALA S 13 -71.19 21.23 16.91
CA ALA S 13 -70.50 19.99 16.63
C ALA S 13 -71.36 18.78 16.96
N LEU S 14 -72.19 18.88 17.99
CA LEU S 14 -73.06 17.78 18.39
C LEU S 14 -74.32 17.68 17.53
N GLY S 15 -74.64 18.71 16.76
CA GLY S 15 -75.78 18.70 15.86
C GLY S 15 -77.01 19.43 16.37
N GLU S 16 -77.02 19.87 17.62
CA GLU S 16 -78.17 20.56 18.17
C GLU S 16 -78.13 22.04 17.84
N ALA S 17 -79.25 22.72 18.10
CA ALA S 17 -79.38 24.12 17.75
C ALA S 17 -78.58 25.01 18.71
N ARG S 18 -78.19 26.18 18.22
CA ARG S 18 -77.42 27.13 19.01
C ARG S 18 -78.31 27.76 20.08
N VAL S 19 -77.67 28.43 21.04
CA VAL S 19 -78.35 29.05 22.16
C VAL S 19 -77.94 30.53 22.23
N THR S 20 -78.46 31.22 23.24
CA THR S 20 -78.21 32.64 23.43
C THR S 20 -77.61 32.99 24.79
N SER S 21 -77.88 32.23 25.83
CA SER S 21 -77.35 32.50 27.16
C SER S 21 -76.85 31.20 27.79
N THR S 22 -75.73 31.29 28.50
CA THR S 22 -75.19 30.12 29.17
C THR S 22 -76.05 29.67 30.34
N ASP S 23 -77.00 30.50 30.77
CA ASP S 23 -77.91 30.15 31.85
C ASP S 23 -79.13 29.36 31.37
N THR S 24 -79.25 29.13 30.07
CA THR S 24 -80.39 28.39 29.55
C THR S 24 -80.47 27.02 30.21
N ARG S 25 -81.70 26.57 30.45
CA ARG S 25 -81.95 25.37 31.24
C ARG S 25 -81.82 24.08 30.44
N HIS S 26 -81.29 24.13 29.22
CA HIS S 26 -81.08 22.92 28.45
C HIS S 26 -80.14 21.98 29.21
N PRO S 27 -80.44 20.68 29.29
CA PRO S 27 -79.62 19.79 30.11
C PRO S 27 -78.23 19.52 29.57
N SER S 28 -78.00 19.70 28.26
CA SER S 28 -76.68 19.44 27.71
C SER S 28 -75.69 20.53 28.10
N VAL S 29 -76.18 21.73 28.41
CA VAL S 29 -75.29 22.84 28.76
C VAL S 29 -74.52 22.53 30.04
N ALA S 30 -75.18 21.92 31.03
CA ALA S 30 -74.48 21.58 32.27
C ALA S 30 -73.35 20.60 32.01
N LEU S 31 -73.61 19.56 31.22
CA LEU S 31 -72.57 18.60 30.89
C LEU S 31 -71.43 19.27 30.13
N ILE S 32 -71.76 20.15 29.18
CA ILE S 32 -70.73 20.85 28.42
C ILE S 32 -69.85 21.67 29.36
N LEU S 33 -70.48 22.40 30.28
CA LEU S 33 -69.72 23.25 31.19
C LEU S 33 -68.83 22.43 32.11
N GLN S 34 -69.36 21.32 32.64
CA GLN S 34 -68.55 20.46 33.51
C GLN S 34 -67.36 19.87 32.75
N THR S 35 -67.58 19.40 31.53
CA THR S 35 -66.49 18.86 30.74
C THR S 35 -65.44 19.93 30.44
N LEU S 36 -65.89 21.14 30.11
CA LEU S 36 -64.96 22.22 29.84
C LEU S 36 -64.12 22.54 31.07
N ALA S 37 -64.76 22.59 32.25
CA ALA S 37 -64.03 22.88 33.47
C ALA S 37 -63.00 21.79 33.76
N THR S 38 -63.39 20.52 33.61
CA THR S 38 -62.46 19.42 33.90
C THR S 38 -61.27 19.46 32.95
N LYS S 39 -61.53 19.66 31.66
CA LYS S 39 -60.43 19.71 30.69
C LYS S 39 -59.51 20.90 30.96
N GLN S 40 -60.08 22.06 31.29
CA GLN S 40 -59.26 23.21 31.61
C GLN S 40 -58.38 22.93 32.82
N LYS S 41 -58.94 22.31 33.87
CA LYS S 41 -58.16 22.01 35.05
C LYS S 41 -57.03 21.04 34.72
N LEU S 42 -57.31 20.02 33.91
CA LEU S 42 -56.29 19.04 33.59
C LEU S 42 -55.17 19.64 32.74
N LEU S 43 -55.52 20.47 31.76
CA LEU S 43 -54.52 20.94 30.80
C LEU S 43 -53.44 21.78 31.48
N LEU S 44 -53.83 22.68 32.38
CA LEU S 44 -52.91 23.64 32.96
C LEU S 44 -52.07 23.08 34.09
N GLU S 45 -52.17 21.78 34.39
CA GLU S 45 -51.47 21.21 35.53
C GLU S 45 -49.96 21.32 35.37
N ARG S 46 -49.45 21.05 34.16
CA ARG S 46 -48.01 21.03 33.97
C ARG S 46 -47.38 22.40 34.21
N GLY S 47 -48.05 23.47 33.76
CA GLY S 47 -47.52 24.81 33.91
C GLY S 47 -47.05 25.40 32.59
N TRP S 48 -47.32 26.69 32.39
CA TRP S 48 -46.99 27.37 31.15
C TRP S 48 -46.36 28.73 31.51
N TRP S 49 -46.21 29.59 30.50
CA TRP S 49 -45.52 30.85 30.67
C TRP S 49 -46.39 31.93 31.31
N PHE S 50 -47.68 31.67 31.52
CA PHE S 50 -48.60 32.68 32.04
C PHE S 50 -49.23 32.31 33.38
N ASN S 51 -48.93 31.12 33.93
CA ASN S 51 -49.54 30.70 35.18
C ASN S 51 -48.53 30.04 36.11
N THR S 52 -47.30 30.53 36.13
CA THR S 52 -46.24 30.00 36.98
C THR S 52 -45.52 31.14 37.68
N GLN S 53 -45.45 31.06 39.01
CA GLN S 53 -44.75 32.06 39.80
C GLN S 53 -44.14 31.39 41.03
N ASP S 54 -43.11 32.03 41.59
CA ASP S 54 -42.49 31.56 42.82
C ASP S 54 -43.00 32.37 44.01
N GLU S 55 -43.22 31.70 45.13
CA GLU S 55 -43.77 32.34 46.31
C GLU S 55 -43.18 31.69 47.56
N GLU S 56 -43.30 32.40 48.68
CA GLU S 56 -42.80 31.95 49.97
C GLU S 56 -43.96 31.92 50.96
N MET S 57 -44.00 30.87 51.78
CA MET S 57 -45.07 30.67 52.76
C MET S 57 -44.49 30.70 54.16
N PHE S 58 -45.32 31.10 55.12
CA PHE S 58 -44.91 31.21 56.52
C PHE S 58 -45.74 30.27 57.40
N PRO S 59 -45.17 29.77 58.49
CA PRO S 59 -45.90 28.84 59.34
C PRO S 59 -46.87 29.55 60.28
N ASP S 60 -47.83 28.79 60.78
CA ASP S 60 -48.81 29.28 61.75
C ASP S 60 -48.20 29.20 63.15
N LEU S 61 -49.01 29.43 64.17
CA LEU S 61 -48.54 29.32 65.55
C LEU S 61 -48.10 27.89 65.87
N LEU S 62 -48.92 26.91 65.46
CA LEU S 62 -48.58 25.52 65.72
C LEU S 62 -47.39 25.07 64.87
N GLY S 63 -47.33 25.49 63.62
CA GLY S 63 -46.25 25.11 62.74
C GLY S 63 -46.73 24.49 61.44
N ARG S 64 -48.00 24.71 61.09
CA ARG S 64 -48.58 24.17 59.87
C ARG S 64 -48.64 25.28 58.82
N ILE S 65 -48.23 24.97 57.60
CA ILE S 65 -48.19 25.93 56.49
C ILE S 65 -49.32 25.58 55.53
N PRO S 66 -50.31 26.44 55.33
CA PRO S 66 -51.34 26.18 54.33
C PRO S 66 -50.82 26.52 52.92
N TYR S 67 -51.62 26.16 51.93
CA TYR S 67 -51.26 26.36 50.53
C TYR S 67 -52.35 27.16 49.83
N PRO S 68 -52.01 27.88 48.75
CA PRO S 68 -53.02 28.68 48.05
C PRO S 68 -54.19 27.86 47.54
N ALA S 69 -55.38 28.45 47.56
CA ALA S 69 -56.59 27.71 47.19
C ALA S 69 -56.64 27.46 45.69
N ALA S 70 -56.14 28.39 44.89
CA ALA S 70 -56.23 28.28 43.44
C ALA S 70 -55.14 27.42 42.82
N SER S 71 -54.18 26.95 43.62
CA SER S 71 -53.07 26.20 43.06
C SER S 71 -53.52 24.80 42.62
N ILE S 72 -52.74 24.22 41.70
CA ILE S 72 -53.01 22.88 41.22
C ILE S 72 -51.88 21.90 41.57
N SER S 73 -50.64 22.36 41.69
CA SER S 73 -49.52 21.49 42.00
C SER S 73 -48.49 22.27 42.80
N VAL S 74 -47.72 21.55 43.62
CA VAL S 74 -46.70 22.15 44.47
C VAL S 74 -45.38 21.41 44.24
N GLU S 75 -44.28 22.15 44.39
CA GLU S 75 -42.95 21.59 44.25
C GLU S 75 -42.01 22.36 45.17
N SER S 76 -40.91 21.72 45.53
CA SER S 76 -39.94 22.30 46.45
C SER S 76 -38.79 22.96 45.69
N LEU S 77 -38.11 23.88 46.37
CA LEU S 77 -36.94 24.55 45.82
C LEU S 77 -35.80 24.64 46.83
N ASP S 78 -35.87 23.89 47.93
CA ASP S 78 -34.86 23.94 49.00
C ASP S 78 -34.04 22.67 48.94
N GLY S 79 -32.88 22.74 48.30
CA GLY S 79 -32.00 21.58 48.23
C GLY S 79 -32.71 20.41 47.58
N TYR S 80 -32.62 19.25 48.22
CA TYR S 80 -33.22 18.01 47.72
C TYR S 80 -34.46 17.62 48.52
N ASN S 81 -35.14 18.59 49.13
CA ASN S 81 -36.32 18.31 49.92
C ASN S 81 -37.52 18.03 49.01
N ILE S 82 -38.50 17.31 49.55
CA ILE S 82 -39.71 16.96 48.83
C ILE S 82 -40.92 17.38 49.65
N TYR S 83 -41.87 18.05 49.00
CA TYR S 83 -43.10 18.49 49.65
C TYR S 83 -44.30 18.01 48.84
N SER S 84 -45.41 17.81 49.54
CA SER S 84 -46.65 17.36 48.92
C SER S 84 -47.82 17.87 49.73
N LYS S 85 -49.01 17.82 49.13
CA LYS S 85 -50.23 18.31 49.75
C LYS S 85 -50.99 17.16 50.38
N ARG S 86 -51.45 17.36 51.62
CA ARG S 86 -52.19 16.32 52.33
C ARG S 86 -52.99 16.98 53.45
N ASN S 87 -54.27 16.59 53.54
CA ASN S 87 -55.17 17.08 54.59
C ASN S 87 -55.21 18.62 54.62
N ASN S 88 -55.32 19.23 53.44
CA ASN S 88 -55.41 20.67 53.33
C ASN S 88 -54.22 21.38 53.95
N PHE S 89 -53.06 20.73 53.93
CA PHE S 89 -51.85 21.30 54.49
C PHE S 89 -50.65 20.68 53.80
N LEU S 90 -49.52 21.38 53.86
CA LEU S 90 -48.29 20.87 53.28
C LEU S 90 -47.71 19.76 54.14
N PHE S 91 -47.14 18.76 53.49
CA PHE S 91 -46.54 17.62 54.16
C PHE S 91 -45.06 17.55 53.82
N ASN S 92 -44.23 17.33 54.85
CA ASN S 92 -42.78 17.20 54.69
C ASN S 92 -42.48 15.74 54.44
N ASN S 93 -42.31 15.38 53.16
CA ASN S 93 -42.10 13.99 52.80
C ASN S 93 -40.72 13.49 53.19
N THR S 94 -39.73 14.39 53.27
CA THR S 94 -38.37 14.01 53.60
C THR S 94 -38.19 13.67 55.08
N CYS S 95 -39.08 14.14 55.95
CA CYS S 95 -38.95 13.89 57.38
C CYS S 95 -40.19 13.24 57.99
N ASN S 96 -41.22 12.94 57.20
CA ASN S 96 -42.44 12.29 57.69
C ASN S 96 -43.02 13.07 58.87
N THR S 97 -43.26 14.36 58.65
CA THR S 97 -43.82 15.21 59.68
C THR S 97 -44.67 16.28 59.03
N MET S 98 -45.58 16.85 59.81
CA MET S 98 -46.51 17.87 59.34
C MET S 98 -46.18 19.26 59.87
N TYR S 99 -45.33 19.38 60.87
CA TYR S 99 -45.02 20.66 61.50
C TYR S 99 -43.67 21.16 61.00
N PHE S 100 -43.64 22.38 60.50
CA PHE S 100 -42.43 23.00 59.98
C PHE S 100 -41.83 23.93 61.04
N THR S 101 -40.65 24.47 60.71
CA THR S 101 -39.94 25.37 61.60
C THR S 101 -39.78 26.78 61.07
N GLY S 102 -39.84 26.98 59.75
CA GLY S 102 -39.67 28.29 59.17
C GLY S 102 -40.24 28.38 57.77
N PRO S 103 -40.05 29.53 57.12
CA PRO S 103 -40.60 29.72 55.78
C PRO S 103 -39.92 28.80 54.76
N VAL S 104 -40.66 28.52 53.68
CA VAL S 104 -40.18 27.64 52.62
C VAL S 104 -40.45 28.30 51.28
N CYS S 105 -39.73 27.83 50.26
CA CYS S 105 -39.89 28.28 48.89
C CYS S 105 -40.42 27.12 48.04
N ILE S 106 -41.43 27.39 47.22
CA ILE S 106 -42.09 26.36 46.46
C ILE S 106 -42.63 26.95 45.16
N ARG S 107 -42.70 26.11 44.12
CA ARG S 107 -43.33 26.49 42.87
C ARG S 107 -44.83 26.22 42.94
N VAL S 108 -45.61 27.11 42.33
CA VAL S 108 -47.07 27.02 42.36
C VAL S 108 -47.61 27.20 40.95
N THR S 109 -48.60 26.39 40.60
CA THR S 109 -49.30 26.49 39.33
C THR S 109 -50.75 26.87 39.62
N TYR S 110 -51.20 27.97 39.04
CA TYR S 110 -52.51 28.55 39.36
C TYR S 110 -53.53 28.25 38.27
N ASN S 111 -54.80 28.26 38.67
CA ASN S 111 -55.91 28.09 37.75
C ASN S 111 -56.59 29.44 37.53
N LEU S 112 -56.80 29.78 36.26
CA LEU S 112 -57.33 31.08 35.88
C LEU S 112 -58.70 30.93 35.24
N ASP S 113 -59.36 32.07 35.03
CA ASP S 113 -60.66 32.08 34.38
C ASP S 113 -60.54 31.74 32.91
N PHE S 114 -61.62 31.23 32.33
CA PHE S 114 -61.61 30.85 30.92
C PHE S 114 -61.42 32.07 30.04
N GLU S 115 -61.95 33.22 30.44
CA GLU S 115 -61.82 34.43 29.64
C GLU S 115 -60.36 34.86 29.49
N ASP S 116 -59.57 34.75 30.55
CA ASP S 116 -58.20 35.23 30.52
C ASP S 116 -57.28 34.34 29.69
N LEU S 117 -57.70 33.13 29.36
CA LEU S 117 -56.84 32.22 28.62
C LEU S 117 -56.62 32.74 27.20
N PRO S 118 -55.44 32.51 26.61
CA PRO S 118 -55.24 32.87 25.21
C PRO S 118 -56.17 32.10 24.29
N GLU S 119 -56.29 32.60 23.05
CA GLU S 119 -57.19 31.98 22.09
C GLU S 119 -56.76 30.54 21.78
N SER S 120 -55.46 30.33 21.62
CA SER S 120 -54.97 29.01 21.24
C SER S 120 -55.30 27.96 22.32
N VAL S 121 -55.13 28.33 23.59
CA VAL S 121 -55.44 27.40 24.67
C VAL S 121 -56.95 27.12 24.72
N ALA S 122 -57.76 28.16 24.54
CA ALA S 122 -59.20 27.99 24.58
C ALA S 122 -59.67 27.08 23.45
N THR S 123 -59.08 27.21 22.26
CA THR S 123 -59.46 26.33 21.16
C THR S 123 -59.15 24.87 21.49
N VAL S 124 -57.97 24.61 22.07
CA VAL S 124 -57.61 23.25 22.44
C VAL S 124 -58.60 22.69 23.45
N ILE S 125 -58.93 23.49 24.47
CA ILE S 125 -59.86 23.01 25.50
C ILE S 125 -61.22 22.72 24.89
N THR S 126 -61.72 23.63 24.05
CA THR S 126 -63.04 23.44 23.44
C THR S 126 -63.07 22.20 22.58
N TYR S 127 -62.05 21.98 21.76
CA TYR S 127 -62.03 20.83 20.88
C TYR S 127 -61.77 19.52 21.61
N ARG S 128 -61.12 19.55 22.77
CA ARG S 128 -61.03 18.35 23.58
C ARG S 128 -62.38 18.01 24.21
N ALA S 129 -63.07 19.01 24.76
CA ALA S 129 -64.36 18.76 25.36
C ALA S 129 -65.37 18.27 24.32
N ALA S 130 -65.34 18.85 23.12
CA ALA S 130 -66.28 18.44 22.08
C ALA S 130 -66.13 16.96 21.77
N ARG S 131 -64.89 16.50 21.57
CA ARG S 131 -64.67 15.09 21.29
C ARG S 131 -65.07 14.22 22.48
N ALA S 132 -64.69 14.64 23.69
CA ALA S 132 -65.02 13.84 24.87
C ALA S 132 -66.54 13.65 25.00
N VAL S 133 -67.32 14.65 24.61
CA VAL S 133 -68.77 14.52 24.69
C VAL S 133 -69.31 13.72 23.52
N TYR S 134 -68.84 14.01 22.31
CA TYR S 134 -69.39 13.36 21.12
C TYR S 134 -69.15 11.86 21.16
N VAL S 135 -67.93 11.44 21.50
CA VAL S 135 -67.63 10.01 21.53
C VAL S 135 -68.48 9.29 22.57
N GLY S 136 -68.64 9.89 23.77
CA GLY S 136 -69.40 9.22 24.81
C GLY S 136 -70.90 9.24 24.60
N ASP S 137 -71.41 10.18 23.79
CA ASP S 137 -72.84 10.31 23.60
C ASP S 137 -73.36 9.72 22.29
N LEU S 138 -72.51 9.56 21.28
CA LEU S 138 -72.95 9.11 19.97
C LEU S 138 -72.09 8.02 19.35
N GLY S 139 -71.01 7.60 20.02
CA GLY S 139 -70.13 6.58 19.49
C GLY S 139 -68.98 7.18 18.69
N ASN S 140 -68.07 6.30 18.28
CA ASN S 140 -66.87 6.68 17.53
C ASN S 140 -67.21 6.60 16.04
N ASP S 141 -67.65 7.73 15.50
CA ASP S 141 -67.98 7.83 14.08
C ASP S 141 -66.74 8.30 13.31
N ALA S 142 -66.91 8.64 12.03
CA ALA S 142 -65.80 9.10 11.21
C ALA S 142 -65.58 10.60 11.30
N SER S 143 -66.39 11.33 12.05
CA SER S 143 -66.26 12.78 12.15
C SER S 143 -65.27 13.22 13.21
N VAL S 144 -64.83 12.32 14.09
CA VAL S 144 -63.87 12.69 15.13
C VAL S 144 -62.48 12.95 14.54
N GLN S 145 -62.21 12.46 13.33
CA GLN S 145 -60.93 12.68 12.68
C GLN S 145 -60.68 14.15 12.34
N ASP S 146 -61.74 14.97 12.30
CA ASP S 146 -61.57 16.41 12.11
C ASP S 146 -61.32 17.12 13.44
N LEU S 147 -62.02 16.68 14.51
CA LEU S 147 -61.79 17.27 15.82
C LEU S 147 -60.37 17.02 16.29
N VAL S 148 -59.87 15.79 16.11
CA VAL S 148 -58.49 15.50 16.54
C VAL S 148 -57.51 16.36 15.74
N LEU S 149 -57.75 16.50 14.43
CA LEU S 149 -56.85 17.29 13.60
C LEU S 149 -56.84 18.75 14.04
N ASN S 150 -58.02 19.31 14.33
CA ASN S 150 -58.08 20.68 14.81
C ASN S 150 -57.34 20.83 16.13
N GLU S 151 -57.51 19.86 17.04
CA GLU S 151 -56.81 19.91 18.32
C GLU S 151 -55.29 19.91 18.11
N GLN S 152 -54.81 19.05 17.22
CA GLN S 152 -53.36 18.99 16.97
C GLN S 152 -52.83 20.29 16.39
N GLN S 153 -53.56 20.86 15.43
CA GLN S 153 -53.13 22.13 14.85
C GLN S 153 -53.08 23.23 15.92
N ALA S 154 -54.09 23.28 16.79
CA ALA S 154 -54.08 24.28 17.85
C ALA S 154 -52.93 24.05 18.83
N MET S 155 -52.65 22.78 19.16
CA MET S 155 -51.57 22.49 20.10
C MET S 155 -50.22 22.92 19.54
N LEU S 156 -50.01 22.76 18.23
CA LEU S 156 -48.77 23.22 17.64
C LEU S 156 -48.57 24.72 17.85
N LEU S 157 -49.61 25.51 17.60
CA LEU S 157 -49.51 26.95 17.82
C LEU S 157 -49.29 27.27 19.29
N VAL S 158 -49.96 26.54 20.19
CA VAL S 158 -49.77 26.78 21.61
C VAL S 158 -48.31 26.58 22.00
N GLU S 159 -47.72 25.48 21.54
CA GLU S 159 -46.33 25.20 21.89
C GLU S 159 -45.39 26.24 21.29
N GLU S 160 -45.65 26.65 20.04
CA GLU S 160 -44.81 27.67 19.41
C GLU S 160 -44.87 28.97 20.20
N GLN S 161 -46.07 29.38 20.61
CA GLN S 161 -46.22 30.61 21.38
C GLN S 161 -45.48 30.52 22.71
N HIS S 162 -45.64 29.40 23.42
CA HIS S 162 -44.95 29.24 24.69
C HIS S 162 -43.45 29.31 24.52
N MET S 163 -42.92 28.64 23.49
CA MET S 163 -41.48 28.68 23.26
C MET S 163 -41.03 30.10 22.93
N ARG S 164 -41.84 30.85 22.18
CA ARG S 164 -41.48 32.22 21.84
C ARG S 164 -41.43 33.11 23.07
N ASN S 165 -42.40 32.98 23.98
CA ASN S 165 -42.48 33.90 25.11
C ASN S 165 -41.35 33.68 26.12
N LYS S 166 -40.95 32.43 26.34
CA LYS S 166 -40.00 32.14 27.41
C LYS S 166 -38.64 32.75 27.14
N LYS S 167 -38.21 32.79 25.88
CA LYS S 167 -36.93 33.37 25.48
C LYS S 167 -35.77 32.64 26.17
N HIS S 168 -35.63 31.37 25.86
CA HIS S 168 -34.48 30.60 26.32
C HIS S 168 -33.26 30.95 25.48
N SER S 169 -32.09 30.94 26.13
CA SER S 169 -30.86 31.28 25.45
C SER S 169 -29.70 30.56 26.13
N THR S 170 -28.60 30.41 25.39
CA THR S 170 -27.38 29.83 25.95
C THR S 170 -26.50 30.86 26.64
N ARG S 171 -26.83 32.16 26.53
CA ARG S 171 -26.05 33.19 27.19
C ARG S 171 -26.40 33.35 28.65
N ARG S 172 -27.45 32.69 29.14
CA ARG S 172 -27.88 32.82 30.52
C ARG S 172 -27.19 31.83 31.45
N ARG S 173 -26.39 30.90 30.91
CA ARG S 173 -25.67 29.96 31.76
C ARG S 173 -24.46 30.66 32.39
N ARG S 174 -24.08 30.18 33.58
CA ARG S 174 -23.04 30.86 34.35
C ARG S 174 -21.65 30.73 33.70
N PRO S 175 -21.34 29.66 32.96
CA PRO S 175 -20.02 29.63 32.32
C PRO S 175 -19.80 30.79 31.36
N TRP S 176 -20.86 31.23 30.66
CA TRP S 176 -20.72 32.40 29.80
C TRP S 176 -20.41 33.64 30.61
N GLY S 177 -21.07 33.81 31.77
CA GLY S 177 -20.76 34.93 32.62
C GLY S 177 -19.32 34.92 33.09
N LYS S 178 -18.83 33.74 33.49
CA LYS S 178 -17.43 33.64 33.91
C LYS S 178 -16.48 33.97 32.77
N TYR S 179 -16.79 33.49 31.56
CA TYR S 179 -15.96 33.80 30.41
C TYR S 179 -15.93 35.29 30.13
N GLN S 180 -17.09 35.95 30.21
CA GLN S 180 -17.13 37.39 29.97
C GLN S 180 -16.38 38.15 31.04
N ASN S 181 -16.48 37.71 32.30
CA ASN S 181 -15.70 38.34 33.36
C ASN S 181 -14.20 38.18 33.10
N ALA S 182 -13.79 37.00 32.64
CA ALA S 182 -12.38 36.78 32.32
C ALA S 182 -11.93 37.69 31.19
N LEU S 183 -12.78 37.89 30.19
CA LEU S 183 -12.47 38.77 29.06
C LEU S 183 -12.67 40.24 29.45
N SER S 184 -11.96 40.64 30.50
CA SER S 184 -12.04 42.02 30.99
C SER S 184 -10.87 42.27 31.92
N GLY S 185 -10.10 43.32 31.67
CA GLY S 185 -8.96 43.65 32.49
C GLY S 185 -8.26 44.92 32.06
N MET T 1 -62.83 41.76 -0.57
CA MET T 1 -63.84 40.68 -0.69
C MET T 1 -64.99 40.91 0.29
N GLU T 2 -66.15 41.27 -0.26
CA GLU T 2 -67.30 41.58 0.58
C GLU T 2 -67.77 40.34 1.33
N LEU T 3 -68.32 40.57 2.53
CA LEU T 3 -68.83 39.45 3.33
C LEU T 3 -69.94 38.70 2.60
N LEU T 4 -70.72 39.41 1.78
CA LEU T 4 -71.80 38.76 1.05
C LEU T 4 -71.26 37.69 0.12
N ASP T 5 -70.10 37.95 -0.51
CA ASP T 5 -69.49 36.96 -1.39
C ASP T 5 -69.13 35.69 -0.63
N ALA T 6 -68.53 35.85 0.56
CA ALA T 6 -68.17 34.69 1.37
C ALA T 6 -69.42 33.93 1.81
N VAL T 7 -70.47 34.65 2.21
CA VAL T 7 -71.69 34.00 2.63
C VAL T 7 -72.30 33.20 1.48
N ASN T 8 -72.33 33.79 0.28
CA ASN T 8 -72.87 33.09 -0.87
C ASN T 8 -72.02 31.88 -1.23
N THR T 9 -70.70 31.99 -1.13
CA THR T 9 -69.84 30.85 -1.38
C THR T 9 -70.13 29.71 -0.40
N CYS T 10 -70.28 30.05 0.88
CA CYS T 10 -70.59 29.02 1.86
C CYS T 10 -71.95 28.38 1.59
N LEU T 11 -72.94 29.19 1.24
CA LEU T 11 -74.26 28.65 0.93
C LEU T 11 -74.21 27.71 -0.27
N THR T 12 -73.49 28.12 -1.32
CA THR T 12 -73.36 27.26 -2.50
C THR T 12 -72.66 25.96 -2.15
N ALA T 13 -71.60 26.04 -1.34
CA ALA T 13 -70.92 24.81 -0.92
C ALA T 13 -71.84 23.92 -0.11
N LEU T 14 -72.74 24.50 0.68
CA LEU T 14 -73.67 23.73 1.50
C LEU T 14 -74.86 23.20 0.71
N GLY T 15 -75.10 23.72 -0.50
CA GLY T 15 -76.17 23.25 -1.34
C GLY T 15 -77.41 24.13 -1.38
N GLU T 16 -77.50 25.12 -0.51
CA GLU T 16 -78.67 25.98 -0.46
C GLU T 16 -78.56 27.11 -1.48
N ALA T 17 -79.67 27.81 -1.68
CA ALA T 17 -79.73 28.86 -2.68
C ALA T 17 -78.98 30.11 -2.21
N ARG T 18 -78.53 30.90 -3.18
CA ARG T 18 -77.79 32.12 -2.92
C ARG T 18 -78.74 33.19 -2.37
N VAL T 19 -78.15 34.25 -1.82
CA VAL T 19 -78.89 35.34 -1.21
C VAL T 19 -78.44 36.65 -1.84
N THR T 20 -79.02 37.75 -1.34
CA THR T 20 -78.74 39.09 -1.87
C THR T 20 -78.23 40.07 -0.83
N SER T 21 -78.60 39.93 0.43
CA SER T 21 -78.16 40.82 1.50
C SER T 21 -77.74 40.00 2.71
N THR T 22 -76.67 40.45 3.37
CA THR T 22 -76.21 39.77 4.58
C THR T 22 -77.17 39.94 5.74
N ASP T 23 -78.13 40.87 5.63
CA ASP T 23 -79.12 41.08 6.67
C ASP T 23 -80.33 40.16 6.55
N THR T 24 -80.36 39.30 5.53
CA THR T 24 -81.48 38.40 5.36
C THR T 24 -81.65 37.53 6.60
N ARG T 25 -82.90 37.24 6.95
CA ARG T 25 -83.24 36.58 8.20
C ARG T 25 -83.09 35.08 8.16
N HIS T 26 -82.47 34.52 7.11
CA HIS T 26 -82.24 33.08 7.06
C HIS T 26 -81.39 32.66 8.25
N PRO T 27 -81.74 31.57 8.94
CA PRO T 27 -81.00 31.21 10.15
C PRO T 27 -79.58 30.71 9.92
N SER T 28 -79.25 30.23 8.72
CA SER T 28 -77.90 29.75 8.46
C SER T 28 -76.91 30.90 8.34
N VAL T 29 -77.39 32.09 7.99
CA VAL T 29 -76.49 33.23 7.82
C VAL T 29 -75.83 33.60 9.13
N ALA T 30 -76.58 33.56 10.23
CA ALA T 30 -75.98 33.88 11.53
C ALA T 30 -74.86 32.92 11.89
N LEU T 31 -75.10 31.63 11.69
CA LEU T 31 -74.06 30.63 11.96
C LEU T 31 -72.85 30.84 11.06
N ILE T 32 -73.09 31.15 9.78
CA ILE T 32 -71.98 31.39 8.86
C ILE T 32 -71.15 32.58 9.33
N LEU T 33 -71.83 33.66 9.71
CA LEU T 33 -71.11 34.86 10.14
C LEU T 33 -70.31 34.60 11.42
N GLN T 34 -70.91 33.90 12.39
CA GLN T 34 -70.19 33.60 13.62
C GLN T 34 -68.97 32.72 13.35
N THR T 35 -69.11 31.70 12.50
CA THR T 35 -67.98 30.86 12.17
C THR T 35 -66.88 31.65 11.47
N LEU T 36 -67.27 32.52 10.53
CA LEU T 36 -66.29 33.35 9.85
C LEU T 36 -65.53 34.24 10.83
N ALA T 37 -66.26 34.87 11.77
CA ALA T 37 -65.61 35.72 12.75
C ALA T 37 -64.64 34.94 13.61
N THR T 38 -65.05 33.75 14.08
CA THR T 38 -64.18 32.96 14.93
C THR T 38 -62.92 32.53 14.19
N LYS T 39 -63.08 32.07 12.95
CA LYS T 39 -61.92 31.64 12.18
C LYS T 39 -60.99 32.81 11.89
N GLN T 40 -61.54 33.98 11.56
CA GLN T 40 -60.71 35.15 11.34
C GLN T 40 -59.93 35.52 12.59
N LYS T 41 -60.58 35.48 13.76
CA LYS T 41 -59.90 35.81 14.99
C LYS T 41 -58.78 34.82 15.28
N LEU T 42 -59.03 33.53 15.05
CA LEU T 42 -58.01 32.53 15.34
C LEU T 42 -56.82 32.65 14.39
N LEU T 43 -57.07 32.88 13.10
CA LEU T 43 -55.99 32.83 12.12
C LEU T 43 -54.94 33.90 12.38
N LEU T 44 -55.37 35.12 12.68
CA LEU T 44 -54.46 36.26 12.77
C LEU T 44 -53.73 36.34 14.11
N GLU T 45 -53.89 35.35 14.99
CA GLU T 45 -53.29 35.44 16.32
C GLU T 45 -51.76 35.46 16.24
N ARG T 46 -51.18 34.64 15.37
CA ARG T 46 -49.72 34.54 15.32
C ARG T 46 -49.08 35.86 14.90
N GLY T 47 -49.68 36.55 13.93
CA GLY T 47 -49.12 37.80 13.45
C GLY T 47 -48.54 37.67 12.05
N TRP T 48 -48.76 38.69 11.22
CA TRP T 48 -48.32 38.67 9.83
C TRP T 48 -47.68 40.03 9.52
N TRP T 49 -47.44 40.28 8.23
CA TRP T 49 -46.73 41.48 7.81
C TRP T 49 -47.61 42.72 7.76
N PHE T 50 -48.92 42.58 7.98
CA PHE T 50 -49.84 43.71 7.85
C PHE T 50 -50.58 44.04 9.14
N ASN T 51 -50.36 43.29 10.23
CA ASN T 51 -51.07 43.53 11.47
C ASN T 51 -50.15 43.43 12.69
N THR T 52 -48.91 43.88 12.55
CA THR T 52 -47.93 43.85 13.64
C THR T 52 -47.23 45.19 13.74
N GLN T 53 -47.25 45.77 14.94
CA GLN T 53 -46.59 47.05 15.18
C GLN T 53 -46.09 47.09 16.62
N ASP T 54 -45.09 47.93 16.87
CA ASP T 54 -44.57 48.13 18.21
C ASP T 54 -45.14 49.42 18.80
N GLU T 55 -45.47 49.39 20.08
CA GLU T 55 -46.07 50.52 20.76
C GLU T 55 -45.60 50.59 22.21
N GLU T 56 -45.78 51.76 22.81
CA GLU T 56 -45.39 52.00 24.19
C GLU T 56 -46.61 52.46 24.97
N MET T 57 -46.74 51.95 26.20
CA MET T 57 -47.88 52.24 27.06
C MET T 57 -47.41 52.98 28.31
N PHE T 58 -48.30 53.79 28.88
CA PHE T 58 -47.98 54.57 30.06
C PHE T 58 -48.91 54.19 31.23
N PRO T 59 -48.43 54.30 32.46
CA PRO T 59 -49.25 53.91 33.60
C PRO T 59 -50.26 54.98 34.00
N ASP T 60 -51.28 54.55 34.73
CA ASP T 60 -52.31 55.45 35.25
C ASP T 60 -51.81 56.07 36.55
N LEU T 61 -52.68 56.78 37.26
CA LEU T 61 -52.31 57.36 38.54
C LEU T 61 -51.94 56.28 39.55
N LEU T 62 -52.75 55.22 39.62
CA LEU T 62 -52.48 54.15 40.56
C LEU T 62 -51.24 53.35 40.14
N GLY T 63 -51.08 53.10 38.85
CA GLY T 63 -49.95 52.35 38.35
C GLY T 63 -50.35 51.15 37.51
N ARG T 64 -51.58 51.15 37.00
CA ARG T 64 -52.08 50.08 36.16
C ARG T 64 -52.04 50.52 34.70
N ILE T 65 -51.55 49.65 33.83
CA ILE T 65 -51.41 49.94 32.40
C ILE T 65 -52.47 49.14 31.65
N PRO T 66 -53.42 49.79 30.97
CA PRO T 66 -54.38 49.06 30.15
C PRO T 66 -53.75 48.66 28.82
N TYR T 67 -54.48 47.84 28.06
CA TYR T 67 -54.02 47.34 26.78
C TYR T 67 -55.03 47.66 25.69
N PRO T 68 -54.59 47.76 24.43
CA PRO T 68 -55.52 48.11 23.35
C PRO T 68 -56.68 47.13 23.22
N ALA T 69 -57.85 47.63 22.86
CA ALA T 69 -59.05 46.79 22.81
C ALA T 69 -59.00 45.83 21.64
N ALA T 70 -58.42 46.25 20.51
CA ALA T 70 -58.41 45.43 19.30
C ALA T 70 -57.30 44.40 19.28
N SER T 71 -56.41 44.39 20.28
CA SER T 71 -55.28 43.48 20.27
C SER T 71 -55.74 42.04 20.52
N ILE T 72 -54.92 41.08 20.08
CA ILE T 72 -55.18 39.68 20.31
C ILE T 72 -54.12 39.01 21.18
N SER T 73 -52.88 39.49 21.15
CA SER T 73 -51.81 38.90 21.93
C SER T 73 -50.82 39.99 22.32
N VAL T 74 -50.13 39.78 23.45
CA VAL T 74 -49.16 40.72 23.97
C VAL T 74 -47.85 39.99 24.23
N GLU T 75 -46.74 40.72 24.08
CA GLU T 75 -45.42 40.18 24.34
C GLU T 75 -44.53 41.31 24.83
N SER T 76 -43.47 40.94 25.55
CA SER T 76 -42.56 41.91 26.13
C SER T 76 -41.34 42.12 25.23
N LEU T 77 -40.67 43.26 25.42
CA LEU T 77 -39.46 43.58 24.71
C LEU T 77 -38.39 44.18 25.62
N ASP T 78 -38.56 44.07 26.93
CA ASP T 78 -37.63 44.66 27.91
C ASP T 78 -36.85 43.53 28.56
N GLY T 79 -35.64 43.29 28.05
CA GLY T 79 -34.79 42.25 28.64
C GLY T 79 -35.48 40.90 28.59
N TYR T 80 -35.47 40.21 29.74
CA TYR T 80 -36.07 38.89 29.87
C TYR T 80 -37.38 38.93 30.66
N ASN T 81 -38.07 40.07 30.66
CA ASN T 81 -39.31 40.19 31.38
C ASN T 81 -40.45 39.49 30.63
N ILE T 82 -41.49 39.13 31.38
CA ILE T 82 -42.65 38.45 30.84
C ILE T 82 -43.91 39.21 31.25
N TYR T 83 -44.79 39.46 30.29
CA TYR T 83 -46.05 40.14 30.54
C TYR T 83 -47.20 39.31 29.98
N SER T 84 -48.37 39.48 30.60
CA SER T 84 -49.57 38.76 30.19
C SER T 84 -50.78 39.60 30.56
N LYS T 85 -51.92 39.24 29.96
CA LYS T 85 -53.17 39.96 30.15
C LYS T 85 -54.00 39.26 31.22
N ARG T 86 -54.55 40.05 32.15
CA ARG T 86 -55.36 39.49 33.23
C ARG T 86 -56.23 40.60 33.81
N ASN T 87 -57.52 40.31 33.98
CA ASN T 87 -58.48 41.24 34.58
C ASN T 87 -58.47 42.58 33.85
N ASN T 88 -58.48 42.53 32.52
CA ASN T 88 -58.53 43.73 31.68
C ASN T 88 -57.36 44.66 31.97
N PHE T 89 -56.22 44.10 32.37
CA PHE T 89 -55.04 44.89 32.66
C PHE T 89 -53.81 44.02 32.46
N LEU T 90 -52.67 44.67 32.26
CA LEU T 90 -51.42 43.95 32.10
C LEU T 90 -50.94 43.42 33.44
N PHE T 91 -50.34 42.24 33.42
CA PHE T 91 -49.83 41.58 34.60
C PHE T 91 -48.33 41.38 34.47
N ASN T 92 -47.59 41.70 35.52
CA ASN T 92 -46.13 41.53 35.56
C ASN T 92 -45.85 40.13 36.10
N ASN T 93 -45.60 39.19 35.18
CA ASN T 93 -45.41 37.80 35.58
C ASN T 93 -44.07 37.58 36.26
N THR T 94 -43.07 38.42 35.96
CA THR T 94 -41.75 38.25 36.54
C THR T 94 -41.68 38.70 37.99
N CYS T 95 -42.62 39.53 38.46
CA CYS T 95 -42.60 40.02 39.83
C CYS T 95 -43.90 39.75 40.57
N ASN T 96 -44.88 39.08 39.96
CA ASN T 96 -46.15 38.74 40.61
C ASN T 96 -46.79 39.99 41.22
N THR T 97 -46.98 41.00 40.36
CA THR T 97 -47.59 42.25 40.79
C THR T 97 -48.36 42.84 39.62
N MET T 98 -49.31 43.72 39.96
CA MET T 98 -50.16 44.36 38.97
C MET T 98 -49.84 45.83 38.76
N TYR T 99 -49.06 46.44 39.65
CA TYR T 99 -48.76 47.87 39.58
C TYR T 99 -47.36 48.08 39.01
N PHE T 100 -47.26 48.89 37.97
CA PHE T 100 -46.00 49.18 37.31
C PHE T 100 -45.45 50.52 37.81
N THR T 101 -44.24 50.85 37.34
CA THR T 101 -43.56 52.08 37.74
C THR T 101 -43.32 53.04 36.59
N GLY T 102 -43.29 52.56 35.35
CA GLY T 102 -43.04 53.41 34.21
C GLY T 102 -43.51 52.79 32.91
N PRO T 103 -43.24 53.47 31.80
CA PRO T 103 -43.68 52.95 30.50
C PRO T 103 -42.95 51.67 30.11
N VAL T 104 -43.62 50.89 29.27
CA VAL T 104 -43.09 49.60 28.82
C VAL T 104 -43.24 49.51 27.30
N CYS T 105 -42.47 48.60 26.71
CA CYS T 105 -42.51 48.31 25.28
C CYS T 105 -43.01 46.89 25.09
N ILE T 106 -43.96 46.71 24.17
CA ILE T 106 -44.59 45.41 23.97
C ILE T 106 -45.01 45.28 22.51
N ARG T 107 -45.03 44.05 22.02
CA ARG T 107 -45.55 43.75 20.70
C ARG T 107 -47.07 43.52 20.77
N VAL T 108 -47.78 43.99 19.74
CA VAL T 108 -49.23 43.91 19.71
C VAL T 108 -49.66 43.36 18.35
N THR T 109 -50.65 42.46 18.37
CA THR T 109 -51.25 41.93 17.16
C THR T 109 -52.71 42.38 17.12
N TYR T 110 -53.08 43.05 16.04
CA TYR T 110 -54.39 43.69 15.93
C TYR T 110 -55.33 42.88 15.05
N ASN T 111 -56.63 43.07 15.29
CA ASN T 111 -57.68 42.46 14.49
C ASN T 111 -58.30 43.51 13.59
N LEU T 112 -58.41 43.19 12.31
CA LEU T 112 -58.88 44.12 11.30
C LEU T 112 -60.20 43.66 10.71
N ASP T 113 -60.80 44.53 9.91
CA ASP T 113 -62.06 44.21 9.26
C ASP T 113 -61.83 43.18 8.14
N PHE T 114 -62.89 42.44 7.82
CA PHE T 114 -62.79 41.42 6.79
C PHE T 114 -62.49 42.04 5.43
N GLU T 115 -63.02 43.24 5.18
CA GLU T 115 -62.80 43.89 3.89
C GLU T 115 -61.32 44.20 3.66
N ASP T 116 -60.62 44.64 4.70
CA ASP T 116 -59.23 45.07 4.53
C ASP T 116 -58.28 43.89 4.32
N LEU T 117 -58.71 42.67 4.60
CA LEU T 117 -57.83 41.52 4.49
C LEU T 117 -57.49 41.28 3.01
N PRO T 118 -56.28 40.80 2.71
CA PRO T 118 -55.96 40.42 1.33
C PRO T 118 -56.84 39.28 0.84
N GLU T 119 -56.87 39.12 -0.48
CA GLU T 119 -57.71 38.08 -1.08
C GLU T 119 -57.30 36.69 -0.61
N SER T 120 -55.99 36.43 -0.54
CA SER T 120 -55.52 35.10 -0.17
C SER T 120 -55.95 34.72 1.24
N VAL T 121 -55.87 35.67 2.18
CA VAL T 121 -56.28 35.40 3.55
C VAL T 121 -57.80 35.16 3.61
N ALA T 122 -58.57 35.98 2.89
CA ALA T 122 -60.01 35.82 2.89
C ALA T 122 -60.42 34.47 2.33
N THR T 123 -59.74 34.00 1.28
CA THR T 123 -60.06 32.68 0.73
C THR T 123 -59.82 31.58 1.76
N VAL T 124 -58.69 31.66 2.48
CA VAL T 124 -58.40 30.66 3.50
C VAL T 124 -59.48 30.67 4.57
N ILE T 125 -59.86 31.86 5.04
CA ILE T 125 -60.87 31.94 6.09
C ILE T 125 -62.19 31.38 5.60
N THR T 126 -62.60 31.74 4.39
CA THR T 126 -63.88 31.27 3.86
C THR T 126 -63.89 29.76 3.73
N TYR T 127 -62.81 29.18 3.20
CA TYR T 127 -62.76 27.74 3.00
C TYR T 127 -62.59 26.96 4.30
N ARG T 128 -62.03 27.58 5.34
CA ARG T 128 -62.03 26.92 6.64
C ARG T 128 -63.43 26.93 7.25
N ALA T 129 -64.13 28.07 7.18
CA ALA T 129 -65.47 28.14 7.73
C ALA T 129 -66.42 27.19 6.99
N ALA T 130 -66.28 27.09 5.67
CA ALA T 130 -67.16 26.22 4.90
C ALA T 130 -67.02 24.77 5.36
N ARG T 131 -65.79 24.29 5.53
CA ARG T 131 -65.59 22.93 5.99
C ARG T 131 -66.10 22.76 7.41
N ALA T 132 -65.80 23.72 8.29
CA ALA T 132 -66.24 23.60 9.68
C ALA T 132 -67.76 23.49 9.78
N VAL T 133 -68.48 24.16 8.87
CA VAL T 133 -69.94 24.08 8.90
C VAL T 133 -70.42 22.79 8.24
N TYR T 134 -69.85 22.44 7.09
CA TYR T 134 -70.33 21.28 6.34
C TYR T 134 -70.14 20.00 7.13
N VAL T 135 -68.96 19.82 7.72
CA VAL T 135 -68.70 18.60 8.49
C VAL T 135 -69.65 18.48 9.67
N GLY T 136 -69.88 19.58 10.39
CA GLY T 136 -70.73 19.52 11.57
C GLY T 136 -72.20 19.41 11.26
N ASP T 137 -72.63 19.82 10.06
CA ASP T 137 -74.04 19.82 9.72
C ASP T 137 -74.48 18.66 8.84
N LEU T 138 -73.56 18.03 8.10
CA LEU T 138 -73.92 16.98 7.16
C LEU T 138 -73.04 15.74 7.23
N GLY T 139 -72.03 15.72 8.10
CA GLY T 139 -71.14 14.57 8.21
C GLY T 139 -69.93 14.72 7.32
N ASN T 140 -69.01 13.75 7.46
CA ASN T 140 -67.75 13.73 6.72
C ASN T 140 -67.98 12.93 5.44
N ASP T 141 -68.35 13.63 4.38
CA ASP T 141 -68.57 13.01 3.07
C ASP T 141 -67.27 13.06 2.27
N ALA T 142 -67.34 12.72 0.99
CA ALA T 142 -66.16 12.72 0.13
C ALA T 142 -65.90 14.07 -0.52
N SER T 143 -66.74 15.07 -0.29
CA SER T 143 -66.57 16.38 -0.92
C SER T 143 -65.66 17.31 -0.13
N VAL T 144 -65.30 16.95 1.11
CA VAL T 144 -64.41 17.80 1.90
C VAL T 144 -62.98 17.75 1.38
N GLN T 145 -62.64 16.73 0.58
CA GLN T 145 -61.30 16.61 0.01
C GLN T 145 -60.99 17.72 -0.99
N ASP T 146 -62.01 18.41 -1.51
CA ASP T 146 -61.79 19.57 -2.36
C ASP T 146 -61.62 20.84 -1.55
N LEU T 147 -62.40 20.98 -0.47
CA LEU T 147 -62.26 22.15 0.40
C LEU T 147 -60.88 22.18 1.04
N VAL T 148 -60.40 21.04 1.53
CA VAL T 148 -59.07 21.00 2.14
C VAL T 148 -58.01 21.36 1.11
N LEU T 149 -58.15 20.83 -0.11
CA LEU T 149 -57.17 21.13 -1.16
C LEU T 149 -57.15 22.61 -1.50
N ASN T 150 -58.33 23.23 -1.61
CA ASN T 150 -58.39 24.66 -1.88
C ASN T 150 -57.74 25.45 -0.74
N GLU T 151 -58.01 25.04 0.50
CA GLU T 151 -57.39 25.73 1.64
C GLU T 151 -55.87 25.64 1.57
N GLN T 152 -55.34 24.46 1.26
CA GLN T 152 -53.89 24.30 1.20
C GLN T 152 -53.28 25.16 0.09
N GLN T 153 -53.92 25.16 -1.08
CA GLN T 153 -53.41 25.99 -2.18
C GLN T 153 -53.41 27.47 -1.78
N ALA T 154 -54.48 27.93 -1.14
CA ALA T 154 -54.52 29.33 -0.71
C ALA T 154 -53.45 29.63 0.34
N MET T 155 -53.23 28.70 1.28
CA MET T 155 -52.23 28.91 2.31
C MET T 155 -50.83 29.03 1.73
N LEU T 156 -50.53 28.24 0.69
CA LEU T 156 -49.24 28.37 0.04
C LEU T 156 -49.02 29.77 -0.50
N LEU T 157 -50.01 30.32 -1.19
CA LEU T 157 -49.88 31.69 -1.71
C LEU T 157 -49.76 32.69 -0.57
N VAL T 158 -50.52 32.50 0.51
CA VAL T 158 -50.42 33.41 1.65
C VAL T 158 -49.00 33.44 2.18
N GLU T 159 -48.41 32.27 2.39
CA GLU T 159 -47.06 32.21 2.94
C GLU T 159 -46.05 32.83 1.96
N GLU T 160 -46.20 32.57 0.67
CA GLU T 160 -45.29 33.15 -0.31
C GLU T 160 -45.37 34.67 -0.28
N GLN T 161 -46.59 35.21 -0.22
CA GLN T 161 -46.76 36.67 -0.18
C GLN T 161 -46.12 37.25 1.09
N HIS T 162 -46.36 36.62 2.24
CA HIS T 162 -45.77 37.13 3.47
C HIS T 162 -44.26 37.12 3.41
N MET T 163 -43.68 36.03 2.89
CA MET T 163 -42.22 35.97 2.77
C MET T 163 -41.71 37.05 1.82
N ARG T 164 -42.44 37.32 0.74
CA ARG T 164 -42.02 38.34 -0.20
C ARG T 164 -42.04 39.73 0.42
N ASN T 165 -43.07 40.05 1.21
CA ASN T 165 -43.20 41.41 1.72
C ASN T 165 -42.16 41.73 2.79
N LYS T 166 -41.81 40.75 3.62
CA LYS T 166 -40.96 41.04 4.77
C LYS T 166 -39.55 41.45 4.34
N LYS T 167 -39.04 40.86 3.25
CA LYS T 167 -37.71 41.18 2.73
C LYS T 167 -36.63 40.92 3.78
N HIS T 168 -36.50 39.64 4.15
CA HIS T 168 -35.41 39.23 5.02
C HIS T 168 -34.12 39.14 4.21
N SER T 169 -33.01 39.45 4.87
CA SER T 169 -31.72 39.43 4.20
C SER T 169 -30.63 39.16 5.24
N THR T 170 -29.49 38.67 4.77
CA THR T 170 -28.33 38.45 5.62
C THR T 170 -27.47 39.70 5.78
N ARG T 171 -27.76 40.77 5.03
CA ARG T 171 -27.00 42.00 5.14
C ARG T 171 -27.45 42.86 6.30
N ARG T 172 -28.55 42.51 6.96
CA ARG T 172 -29.08 43.30 8.07
C ARG T 172 -28.48 42.91 9.42
N ARG T 173 -27.68 41.85 9.47
CA ARG T 173 -27.04 41.47 10.72
C ARG T 173 -25.86 42.40 11.02
N ARG T 174 -25.58 42.57 12.31
CA ARG T 174 -24.58 43.54 12.73
C ARG T 174 -23.16 43.14 12.34
N PRO T 175 -22.82 41.84 12.25
CA PRO T 175 -21.46 41.50 11.80
C PRO T 175 -21.14 42.05 10.43
N TRP T 176 -22.13 42.07 9.52
CA TRP T 176 -21.90 42.66 8.20
C TRP T 176 -21.61 44.16 8.31
N GLY T 177 -22.35 44.85 9.19
CA GLY T 177 -22.07 46.26 9.39
C GLY T 177 -20.67 46.50 9.92
N LYS T 178 -20.24 45.68 10.88
CA LYS T 178 -18.88 45.81 11.41
C LYS T 178 -17.84 45.55 10.33
N TYR T 179 -18.08 44.53 9.49
CA TYR T 179 -17.15 44.23 8.40
C TYR T 179 -17.06 45.40 7.43
N GLN T 180 -18.21 45.99 7.09
CA GLN T 180 -18.19 47.13 6.16
C GLN T 180 -17.49 48.32 6.77
N ASN T 181 -17.69 48.57 8.07
CA ASN T 181 -16.98 49.64 8.74
C ASN T 181 -15.47 49.39 8.71
N ALA T 182 -15.07 48.15 8.93
CA ALA T 182 -13.64 47.81 8.87
C ALA T 182 -13.08 48.05 7.47
N LEU T 183 -13.85 47.72 6.44
CA LEU T 183 -13.44 47.93 5.05
C LEU T 183 -13.62 49.39 4.65
N SER T 184 -12.98 50.27 5.41
CA SER T 184 -13.05 51.72 5.15
C SER T 184 -11.94 52.39 5.94
N GLY T 185 -11.14 53.21 5.25
CA GLY T 185 -10.05 53.90 5.90
C GLY T 185 -9.28 54.81 4.94
N MET U 1 -61.40 35.31 -25.97
CA MET U 1 -62.43 34.30 -25.62
C MET U 1 -63.65 34.98 -24.98
N GLU U 2 -64.75 35.00 -25.71
CA GLU U 2 -65.95 35.67 -25.23
C GLU U 2 -66.50 34.96 -24.00
N LEU U 3 -67.13 35.75 -23.12
CA LEU U 3 -67.74 35.17 -21.92
C LEU U 3 -68.81 34.14 -22.27
N LEU U 4 -69.51 34.34 -23.39
CA LEU U 4 -70.55 33.40 -23.78
C LEU U 4 -69.97 32.02 -24.03
N ASP U 5 -68.77 31.95 -24.61
CA ASP U 5 -68.12 30.66 -24.83
C ASP U 5 -67.86 29.94 -23.51
N ALA U 6 -67.34 30.67 -22.52
CA ALA U 6 -67.07 30.06 -21.22
C ALA U 6 -68.37 29.61 -20.55
N VAL U 7 -69.43 30.42 -20.65
CA VAL U 7 -70.69 30.05 -20.04
C VAL U 7 -71.24 28.78 -20.70
N ASN U 8 -71.16 28.71 -22.03
CA ASN U 8 -71.64 27.52 -22.73
C ASN U 8 -70.80 26.30 -22.37
N THR U 9 -69.49 26.46 -22.24
CA THR U 9 -68.64 25.34 -21.83
C THR U 9 -69.04 24.84 -20.45
N CYS U 10 -69.27 25.76 -19.51
CA CYS U 10 -69.68 25.36 -18.17
C CYS U 10 -71.03 24.65 -18.21
N LEU U 11 -71.98 25.17 -18.98
CA LEU U 11 -73.29 24.53 -19.07
C LEU U 11 -73.17 23.13 -19.66
N THR U 12 -72.37 22.96 -20.70
CA THR U 12 -72.18 21.64 -21.30
C THR U 12 -71.54 20.69 -20.29
N ALA U 13 -70.54 21.16 -19.55
CA ALA U 13 -69.92 20.32 -18.53
C ALA U 13 -70.93 19.93 -17.45
N LEU U 14 -71.87 20.82 -17.13
CA LEU U 14 -72.87 20.54 -16.11
C LEU U 14 -74.02 19.69 -16.63
N GLY U 15 -74.16 19.53 -17.95
CA GLY U 15 -75.17 18.70 -18.53
C GLY U 15 -76.38 19.42 -19.09
N GLU U 16 -76.50 20.72 -18.83
CA GLU U 16 -77.65 21.48 -19.30
C GLU U 16 -77.44 21.95 -20.74
N ALA U 17 -78.51 22.45 -21.34
CA ALA U 17 -78.47 22.87 -22.74
C ALA U 17 -77.72 24.19 -22.89
N ARG U 18 -77.17 24.40 -24.09
CA ARG U 18 -76.42 25.60 -24.40
C ARG U 18 -77.38 26.79 -24.52
N VAL U 19 -76.80 27.99 -24.53
CA VAL U 19 -77.55 29.23 -24.60
C VAL U 19 -77.02 30.07 -25.76
N THR U 20 -77.60 31.26 -25.92
CA THR U 20 -77.25 32.17 -27.01
C THR U 20 -76.79 33.54 -26.56
N SER U 21 -77.25 34.04 -25.41
CA SER U 21 -76.86 35.34 -24.90
C SER U 21 -76.56 35.24 -23.42
N THR U 22 -75.53 35.96 -22.98
CA THR U 22 -75.18 35.98 -21.56
C THR U 22 -76.21 36.70 -20.71
N ASP U 23 -77.13 37.43 -21.35
CA ASP U 23 -78.19 38.12 -20.62
C ASP U 23 -79.41 37.24 -20.37
N THR U 24 -79.39 36.00 -20.83
CA THR U 24 -80.53 35.11 -20.61
C THR U 24 -80.80 34.97 -19.12
N ARG U 25 -82.09 34.87 -18.79
CA ARG U 25 -82.54 34.92 -17.40
C ARG U 25 -82.43 33.59 -16.67
N HIS U 26 -81.75 32.60 -17.26
CA HIS U 26 -81.56 31.33 -16.58
C HIS U 26 -80.81 31.56 -15.27
N PRO U 27 -81.23 30.95 -14.17
CA PRO U 27 -80.60 31.24 -12.87
C PRO U 27 -79.18 30.71 -12.73
N SER U 28 -78.78 29.70 -13.50
CA SER U 28 -77.43 29.17 -13.38
C SER U 28 -76.40 30.12 -13.97
N VAL U 29 -76.81 30.97 -14.91
CA VAL U 29 -75.88 31.89 -15.56
C VAL U 29 -75.30 32.88 -14.55
N ALA U 30 -76.13 33.37 -13.62
CA ALA U 30 -75.62 34.31 -12.62
C ALA U 30 -74.55 33.66 -11.75
N LEU U 31 -74.81 32.42 -11.30
CA LEU U 31 -73.83 31.71 -10.49
C LEU U 31 -72.55 31.47 -11.28
N ILE U 32 -72.68 31.09 -12.56
CA ILE U 32 -71.51 30.86 -13.40
C ILE U 32 -70.68 32.13 -13.51
N LEU U 33 -71.35 33.26 -13.77
CA LEU U 33 -70.63 34.52 -13.93
C LEU U 33 -69.94 34.93 -12.63
N GLN U 34 -70.62 34.79 -11.50
CA GLN U 34 -70.00 35.15 -10.23
C GLN U 34 -68.79 34.27 -9.93
N THR U 35 -68.90 32.97 -10.17
CA THR U 35 -67.77 32.08 -9.95
C THR U 35 -66.61 32.43 -10.87
N LEU U 36 -66.90 32.73 -12.14
CA LEU U 36 -65.85 33.12 -13.06
C LEU U 36 -65.14 34.38 -12.59
N ALA U 37 -65.92 35.38 -12.15
CA ALA U 37 -65.31 36.61 -11.67
C ALA U 37 -64.43 36.37 -10.45
N THR U 38 -64.91 35.57 -9.50
CA THR U 38 -64.12 35.32 -8.30
C THR U 38 -62.83 34.59 -8.63
N LYS U 39 -62.91 33.57 -9.50
CA LYS U 39 -61.71 32.83 -9.87
C LYS U 39 -60.73 33.72 -10.61
N GLN U 40 -61.22 34.56 -11.52
CA GLN U 40 -60.35 35.49 -12.23
C GLN U 40 -59.65 36.42 -11.26
N LYS U 41 -60.38 36.97 -10.29
CA LYS U 41 -59.78 37.87 -9.33
C LYS U 41 -58.72 37.17 -8.51
N LEU U 42 -58.98 35.93 -8.08
CA LEU U 42 -58.02 35.21 -7.26
C LEU U 42 -56.76 34.86 -8.05
N LEU U 43 -56.91 34.42 -9.30
CA LEU U 43 -55.77 33.90 -10.04
C LEU U 43 -54.70 34.97 -10.27
N LEU U 44 -55.12 36.18 -10.64
CA LEU U 44 -54.19 37.22 -11.06
C LEU U 44 -53.55 37.96 -9.88
N GLU U 45 -53.80 37.54 -8.65
CA GLU U 45 -53.30 38.27 -7.49
C GLU U 45 -51.77 38.28 -7.46
N ARG U 46 -51.15 37.14 -7.76
CA ARG U 46 -49.70 37.04 -7.63
C ARG U 46 -48.99 37.98 -8.60
N GLY U 47 -49.50 38.11 -9.83
CA GLY U 47 -48.87 38.95 -10.83
C GLY U 47 -48.20 38.16 -11.92
N TRP U 48 -48.32 38.63 -13.16
CA TRP U 48 -47.78 37.93 -14.33
C TRP U 48 -47.08 38.96 -15.21
N TRP U 49 -46.74 38.55 -16.43
CA TRP U 49 -45.97 39.39 -17.33
C TRP U 49 -46.81 40.44 -18.05
N PHE U 50 -48.14 40.40 -17.90
CA PHE U 50 -49.01 41.31 -18.63
C PHE U 50 -49.83 42.23 -17.74
N ASN U 51 -49.71 42.11 -16.41
CA ASN U 51 -50.51 42.94 -15.51
C ASN U 51 -49.67 43.46 -14.34
N THR U 52 -48.42 43.79 -14.58
CA THR U 52 -47.52 44.32 -13.55
C THR U 52 -46.79 45.55 -14.07
N GLN U 53 -46.89 46.64 -13.33
CA GLN U 53 -46.21 47.88 -13.69
C GLN U 53 -45.81 48.62 -12.43
N ASP U 54 -44.80 49.49 -12.55
CA ASP U 54 -44.39 50.35 -11.44
C ASP U 54 -44.96 51.74 -11.62
N GLU U 55 -45.37 52.35 -10.51
CA GLU U 55 -46.00 53.67 -10.54
C GLU U 55 -45.63 54.43 -9.28
N GLU U 56 -45.82 55.75 -9.35
CA GLU U 56 -45.52 56.65 -8.24
C GLU U 56 -46.79 57.42 -7.88
N MET U 57 -47.02 57.59 -6.58
CA MET U 57 -48.21 58.26 -6.08
C MET U 57 -47.81 59.51 -5.31
N PHE U 58 -48.71 60.50 -5.29
CA PHE U 58 -48.46 61.77 -4.63
C PHE U 58 -49.48 62.00 -3.50
N PRO U 59 -49.09 62.71 -2.45
CA PRO U 59 -50.00 62.92 -1.33
C PRO U 59 -51.01 64.03 -1.60
N ASP U 60 -52.09 64.01 -0.83
CA ASP U 60 -53.12 65.04 -0.90
C ASP U 60 -52.70 66.22 -0.05
N LEU U 61 -53.61 67.18 0.15
CA LEU U 61 -53.31 68.32 1.00
C LEU U 61 -53.05 67.90 2.44
N LEU U 62 -53.89 67.00 2.96
CA LEU U 62 -53.71 66.53 4.34
C LEU U 62 -52.48 65.65 4.46
N GLY U 63 -52.23 64.79 3.47
CA GLY U 63 -51.08 63.90 3.50
C GLY U 63 -51.46 62.44 3.32
N ARG U 64 -52.65 62.18 2.79
CA ARG U 64 -53.12 60.82 2.56
C ARG U 64 -52.96 60.48 1.07
N ILE U 65 -52.43 59.31 0.79
CA ILE U 65 -52.18 58.85 -0.58
C ILE U 65 -53.20 57.78 -0.92
N PRO U 66 -54.08 57.99 -1.89
CA PRO U 66 -55.00 56.93 -2.32
C PRO U 66 -54.29 55.94 -3.24
N TYR U 67 -54.99 54.85 -3.53
CA TYR U 67 -54.45 53.78 -4.36
C TYR U 67 -55.37 53.52 -5.54
N PRO U 68 -54.83 52.98 -6.65
CA PRO U 68 -55.68 52.74 -7.83
C PRO U 68 -56.85 51.81 -7.54
N ALA U 69 -57.98 52.06 -8.20
CA ALA U 69 -59.19 51.29 -7.92
C ALA U 69 -59.08 49.87 -8.46
N ALA U 70 -58.41 49.69 -9.59
CA ALA U 70 -58.33 48.39 -10.24
C ALA U 70 -57.26 47.48 -9.65
N SER U 71 -56.45 47.98 -8.72
CA SER U 71 -55.34 47.18 -8.19
C SER U 71 -55.86 46.06 -7.30
N ILE U 72 -55.04 45.03 -7.15
CA ILE U 72 -55.36 43.91 -6.27
C ILE U 72 -54.38 43.78 -5.11
N SER U 73 -53.12 44.19 -5.28
CA SER U 73 -52.13 44.08 -4.22
C SER U 73 -51.14 45.23 -4.34
N VAL U 74 -50.54 45.60 -3.21
CA VAL U 74 -49.58 46.70 -3.15
C VAL U 74 -48.32 46.21 -2.46
N GLU U 75 -47.18 46.77 -2.87
CA GLU U 75 -45.90 46.45 -2.27
C GLU U 75 -45.01 47.68 -2.33
N SER U 76 -44.02 47.72 -1.45
CA SER U 76 -43.13 48.88 -1.35
C SER U 76 -41.84 48.62 -2.14
N LEU U 77 -41.16 49.72 -2.49
CA LEU U 77 -39.89 49.66 -3.18
C LEU U 77 -38.87 50.64 -2.59
N ASP U 78 -39.14 51.20 -1.41
CA ASP U 78 -38.27 52.19 -0.79
C ASP U 78 -37.56 51.54 0.39
N GLY U 79 -36.33 51.10 0.16
CA GLY U 79 -35.56 50.50 1.24
C GLY U 79 -36.28 49.30 1.83
N TYR U 80 -36.38 49.26 3.16
CA TYR U 80 -37.02 48.17 3.87
C TYR U 80 -38.38 48.58 4.44
N ASN U 81 -39.03 49.55 3.81
CA ASN U 81 -40.32 50.02 4.29
C ASN U 81 -41.42 49.02 3.91
N ILE U 82 -42.52 49.06 4.65
CA ILE U 82 -43.66 48.19 4.43
C ILE U 82 -44.92 49.05 4.31
N TYR U 83 -45.72 48.77 3.28
CA TYR U 83 -46.98 49.48 3.06
C TYR U 83 -48.11 48.47 2.91
N SER U 84 -49.31 48.90 3.27
CA SER U 84 -50.50 48.06 3.17
C SER U 84 -51.71 48.96 2.99
N LYS U 85 -52.82 48.34 2.55
CA LYS U 85 -54.05 49.05 2.28
C LYS U 85 -54.98 48.97 3.48
N ARG U 86 -55.57 50.10 3.85
CA ARG U 86 -56.48 50.14 5.00
C ARG U 86 -57.35 51.38 4.89
N ASN U 87 -58.66 51.19 5.08
CA ASN U 87 -59.63 52.30 5.07
C ASN U 87 -59.54 53.10 3.77
N ASN U 88 -59.45 52.39 2.64
CA ASN U 88 -59.40 53.02 1.32
C ASN U 88 -58.23 53.98 1.20
N PHE U 89 -57.14 53.70 1.91
CA PHE U 89 -55.96 54.55 1.86
C PHE U 89 -54.75 53.71 2.22
N LEU U 90 -53.58 54.19 1.81
CA LEU U 90 -52.34 53.51 2.12
C LEU U 90 -51.97 53.72 3.58
N PHE U 91 -51.41 52.67 4.19
CA PHE U 91 -51.00 52.69 5.59
C PHE U 91 -49.50 52.47 5.68
N ASN U 92 -48.83 53.28 6.50
CA ASN U 92 -47.39 53.16 6.72
C ASN U 92 -47.19 52.21 7.90
N ASN U 93 -46.90 50.96 7.59
CA ASN U 93 -46.77 49.94 8.63
C ASN U 93 -45.50 50.11 9.43
N THR U 94 -44.45 50.69 8.84
CA THR U 94 -43.18 50.85 9.53
C THR U 94 -43.21 51.97 10.58
N CYS U 95 -44.16 52.90 10.49
CA CYS U 95 -44.22 54.00 11.43
C CYS U 95 -45.58 54.13 12.12
N ASN U 96 -46.53 53.23 11.84
CA ASN U 96 -47.85 53.24 12.47
C ASN U 96 -48.50 54.62 12.33
N THR U 97 -48.60 55.07 11.08
CA THR U 97 -49.20 56.36 10.78
C THR U 97 -49.86 56.30 9.42
N MET U 98 -50.81 57.21 9.20
CA MET U 98 -51.58 57.27 7.97
C MET U 98 -51.19 58.45 7.08
N TYR U 99 -50.46 59.43 7.61
CA TYR U 99 -50.11 60.64 6.87
C TYR U 99 -48.68 60.55 6.39
N PHE U 100 -48.48 60.74 5.08
CA PHE U 100 -47.16 60.68 4.46
C PHE U 100 -46.62 62.09 4.28
N THR U 101 -45.37 62.17 3.82
CA THR U 101 -44.68 63.44 3.60
C THR U 101 -44.34 63.71 2.14
N GLY U 102 -44.23 62.68 1.31
CA GLY U 102 -43.86 62.86 -0.08
C GLY U 102 -44.26 61.67 -0.93
N PRO U 103 -43.88 61.71 -2.22
CA PRO U 103 -44.25 60.62 -3.12
C PRO U 103 -43.53 59.32 -2.75
N VAL U 104 -44.16 58.21 -3.16
CA VAL U 104 -43.64 56.88 -2.87
C VAL U 104 -43.68 56.05 -4.15
N CYS U 105 -42.89 54.98 -4.15
CA CYS U 105 -42.84 54.03 -5.25
C CYS U 105 -43.36 52.68 -4.75
N ILE U 106 -44.24 52.05 -5.53
CA ILE U 106 -44.89 50.82 -5.11
C ILE U 106 -45.21 49.99 -6.35
N ARG U 107 -45.24 48.66 -6.16
CA ARG U 107 -45.66 47.75 -7.20
C ARG U 107 -47.19 47.58 -7.14
N VAL U 108 -47.81 47.47 -8.31
CA VAL U 108 -49.26 47.35 -8.42
C VAL U 108 -49.60 46.21 -9.36
N THR U 109 -50.61 45.42 -8.98
CA THR U 109 -51.14 44.36 -9.80
C THR U 109 -52.58 44.71 -10.18
N TYR U 110 -52.85 44.76 -11.48
CA TYR U 110 -54.13 45.25 -11.98
C TYR U 110 -55.03 44.09 -12.42
N ASN U 111 -56.34 44.36 -12.41
CA ASN U 111 -57.34 43.43 -12.88
C ASN U 111 -57.86 43.88 -14.23
N LEU U 112 -57.89 42.97 -15.18
CA LEU U 112 -58.26 43.28 -16.57
C LEU U 112 -59.55 42.57 -16.94
N ASP U 113 -60.07 42.93 -18.11
CA ASP U 113 -61.28 42.31 -18.62
C ASP U 113 -61.00 40.87 -19.05
N PHE U 114 -62.05 40.06 -19.05
CA PHE U 114 -61.91 38.66 -19.43
C PHE U 114 -61.50 38.52 -20.89
N GLU U 115 -61.97 39.44 -21.75
CA GLU U 115 -61.63 39.37 -23.17
C GLU U 115 -60.14 39.54 -23.40
N ASP U 116 -59.50 40.45 -22.67
CA ASP U 116 -58.10 40.75 -22.91
C ASP U 116 -57.17 39.64 -22.43
N LEU U 117 -57.65 38.71 -21.63
CA LEU U 117 -56.79 37.67 -21.09
C LEU U 117 -56.35 36.72 -22.22
N PRO U 118 -55.14 36.17 -22.15
CA PRO U 118 -54.74 35.17 -23.14
C PRO U 118 -55.61 33.92 -23.06
N GLU U 119 -55.54 33.12 -24.13
CA GLU U 119 -56.37 31.92 -24.20
C GLU U 119 -56.03 30.94 -23.07
N SER U 120 -54.74 30.78 -22.79
CA SER U 120 -54.33 29.80 -21.78
C SER U 120 -54.88 30.17 -20.40
N VAL U 121 -54.83 31.46 -20.04
CA VAL U 121 -55.36 31.89 -18.75
C VAL U 121 -56.88 31.70 -18.70
N ALA U 122 -57.57 32.04 -19.79
CA ALA U 122 -59.01 31.89 -19.83
C ALA U 122 -59.42 30.43 -19.68
N THR U 123 -58.68 29.51 -20.30
CA THR U 123 -59.00 28.09 -20.15
C THR U 123 -58.86 27.66 -18.70
N VAL U 124 -57.79 28.09 -18.03
CA VAL U 124 -57.60 27.73 -16.63
C VAL U 124 -58.75 28.26 -15.77
N ILE U 125 -59.13 29.51 -15.99
CA ILE U 125 -60.22 30.09 -15.20
C ILE U 125 -61.52 29.35 -15.44
N THR U 126 -61.82 29.06 -16.71
CA THR U 126 -63.07 28.37 -17.04
C THR U 126 -63.11 26.99 -16.41
N TYR U 127 -62.02 26.24 -16.49
CA TYR U 127 -61.99 24.89 -15.95
C TYR U 127 -61.94 24.86 -14.43
N ARG U 128 -61.44 25.91 -13.78
CA ARG U 128 -61.56 26.00 -12.34
C ARG U 128 -62.99 26.28 -11.91
N ALA U 129 -63.65 27.23 -12.60
CA ALA U 129 -65.03 27.54 -12.26
C ALA U 129 -65.95 26.34 -12.50
N ALA U 130 -65.72 25.61 -13.59
CA ALA U 130 -66.56 24.46 -13.90
C ALA U 130 -66.50 23.43 -12.77
N ARG U 131 -65.30 23.11 -12.29
CA ARG U 131 -65.17 22.16 -11.20
C ARG U 131 -65.79 22.71 -9.92
N ALA U 132 -65.52 23.99 -9.62
CA ALA U 132 -66.06 24.56 -8.39
C ALA U 132 -67.59 24.50 -8.38
N VAL U 133 -68.23 24.62 -9.54
CA VAL U 133 -69.68 24.54 -9.58
C VAL U 133 -70.15 23.10 -9.55
N TYR U 134 -69.51 22.23 -10.35
CA TYR U 134 -69.97 20.85 -10.45
C TYR U 134 -69.87 20.12 -9.12
N VAL U 135 -68.74 20.27 -8.42
CA VAL U 135 -68.58 19.59 -7.15
C VAL U 135 -69.61 20.07 -6.13
N GLY U 136 -69.86 21.38 -6.07
CA GLY U 136 -70.80 21.90 -5.08
C GLY U 136 -72.25 21.63 -5.41
N ASP U 137 -72.57 21.39 -6.69
CA ASP U 137 -73.95 21.21 -7.09
C ASP U 137 -74.36 19.76 -7.32
N LEU U 138 -73.41 18.86 -7.57
CA LEU U 138 -73.73 17.48 -7.90
C LEU U 138 -72.90 16.44 -7.14
N GLY U 139 -71.95 16.86 -6.32
CA GLY U 139 -71.11 15.94 -5.59
C GLY U 139 -69.82 15.62 -6.34
N ASN U 140 -68.95 14.87 -5.67
CA ASN U 140 -67.64 14.50 -6.19
C ASN U 140 -67.80 13.17 -6.93
N ASP U 141 -68.07 13.25 -8.23
CA ASP U 141 -68.21 12.06 -9.06
C ASP U 141 -66.86 11.73 -9.68
N ALA U 142 -66.84 10.79 -10.63
CA ALA U 142 -65.60 10.38 -11.28
C ALA U 142 -65.25 11.23 -12.49
N SER U 143 -66.08 12.21 -12.85
CA SER U 143 -65.83 13.03 -14.02
C SER U 143 -64.95 14.25 -13.73
N VAL U 144 -64.70 14.56 -12.45
CA VAL U 144 -63.84 15.69 -12.12
C VAL U 144 -62.38 15.40 -12.44
N GLN U 145 -62.01 14.13 -12.60
CA GLN U 145 -60.64 13.76 -12.94
C GLN U 145 -60.23 14.24 -14.32
N ASP U 146 -61.19 14.56 -15.19
CA ASP U 146 -60.87 15.15 -16.49
C ASP U 146 -60.73 16.66 -16.40
N LEU U 147 -61.58 17.31 -15.59
CA LEU U 147 -61.47 18.75 -15.40
C LEU U 147 -60.14 19.11 -14.76
N VAL U 148 -59.73 18.37 -13.73
CA VAL U 148 -58.45 18.65 -13.08
C VAL U 148 -57.30 18.47 -14.06
N LEU U 149 -57.37 17.41 -14.87
CA LEU U 149 -56.31 17.15 -15.85
C LEU U 149 -56.22 18.28 -16.87
N ASN U 150 -57.37 18.74 -17.37
CA ASN U 150 -57.37 19.85 -18.31
C ASN U 150 -56.79 21.10 -17.67
N GLU U 151 -57.15 21.36 -16.42
CA GLU U 151 -56.60 22.53 -15.72
C GLU U 151 -55.08 22.44 -15.61
N GLN U 152 -54.57 21.27 -15.26
CA GLN U 152 -53.12 21.11 -15.12
C GLN U 152 -52.41 21.32 -16.46
N GLN U 153 -52.96 20.73 -17.53
CA GLN U 153 -52.35 20.92 -18.85
C GLN U 153 -52.33 22.39 -19.24
N ALA U 154 -53.43 23.10 -18.99
CA ALA U 154 -53.46 24.53 -19.32
C ALA U 154 -52.47 25.32 -18.46
N MET U 155 -52.34 24.97 -17.19
CA MET U 155 -51.42 25.69 -16.31
C MET U 155 -49.97 25.51 -16.77
N LEU U 156 -49.62 24.32 -17.26
CA LEU U 156 -48.28 24.12 -17.78
C LEU U 156 -47.98 25.08 -18.92
N LEU U 157 -48.90 25.20 -19.88
CA LEU U 157 -48.70 26.14 -20.98
C LEU U 157 -48.63 27.58 -20.48
N VAL U 158 -49.47 27.94 -19.51
CA VAL U 158 -49.44 29.29 -18.97
C VAL U 158 -48.06 29.60 -18.41
N GLU U 159 -47.52 28.69 -17.61
CA GLU U 159 -46.21 28.91 -17.01
C GLU U 159 -45.12 28.99 -18.06
N GLU U 160 -45.18 28.12 -19.07
CA GLU U 160 -44.19 28.15 -20.14
C GLU U 160 -44.22 29.49 -20.87
N GLN U 161 -45.42 29.97 -21.18
CA GLN U 161 -45.56 31.25 -21.87
C GLN U 161 -45.00 32.39 -21.03
N HIS U 162 -45.34 32.42 -19.74
CA HIS U 162 -44.82 33.47 -18.86
C HIS U 162 -43.31 33.44 -18.80
N MET U 163 -42.73 32.25 -18.67
CA MET U 163 -41.27 32.16 -18.63
C MET U 163 -40.66 32.63 -19.94
N ARG U 164 -41.30 32.32 -21.07
CA ARG U 164 -40.78 32.75 -22.36
C ARG U 164 -40.80 34.27 -22.51
N ASN U 165 -41.88 34.92 -22.07
CA ASN U 165 -42.01 36.36 -22.31
C ASN U 165 -41.04 37.17 -21.45
N LYS U 166 -40.78 36.75 -20.22
CA LYS U 166 -40.00 37.57 -19.30
C LYS U 166 -38.56 37.73 -19.78
N LYS U 167 -37.99 36.70 -20.38
CA LYS U 167 -36.62 36.73 -20.89
C LYS U 167 -35.62 37.02 -19.77
N HIS U 168 -35.56 36.11 -18.80
CA HIS U 168 -34.55 36.17 -17.77
C HIS U 168 -33.21 35.72 -18.32
N SER U 169 -32.13 36.32 -17.82
CA SER U 169 -30.80 35.99 -18.27
C SER U 169 -29.80 36.28 -17.17
N THR U 170 -28.64 35.64 -17.26
CA THR U 170 -27.55 35.89 -16.31
C THR U 170 -26.67 37.05 -16.74
N ARG U 171 -26.87 37.60 -17.93
CA ARG U 171 -26.09 38.74 -18.38
C ARG U 171 -26.60 40.06 -17.83
N ARG U 172 -27.76 40.07 -17.17
CA ARG U 172 -28.34 41.30 -16.65
C ARG U 172 -27.85 41.62 -15.24
N ARG U 173 -27.08 40.75 -14.61
CA ARG U 173 -26.55 41.03 -13.29
C ARG U 173 -25.37 42.00 -13.39
N ARG U 174 -25.18 42.80 -12.34
CA ARG U 174 -24.19 43.87 -12.38
C ARG U 174 -22.75 43.34 -12.41
N PRO U 175 -22.44 42.17 -11.82
CA PRO U 175 -21.07 41.67 -11.93
C PRO U 175 -20.63 41.47 -13.37
N TRP U 176 -21.55 41.03 -14.24
CA TRP U 176 -21.21 40.89 -15.66
C TRP U 176 -20.89 42.25 -16.27
N GLY U 177 -21.67 43.27 -15.93
CA GLY U 177 -21.37 44.61 -16.43
C GLY U 177 -20.00 45.10 -15.97
N LYS U 178 -19.66 44.86 -14.71
CA LYS U 178 -18.35 45.25 -14.21
C LYS U 178 -17.24 44.49 -14.93
N TYR U 179 -17.44 43.19 -15.17
CA TYR U 179 -16.45 42.41 -15.89
C TYR U 179 -16.25 42.94 -17.30
N GLN U 180 -17.35 43.27 -17.99
CA GLN U 180 -17.24 43.80 -19.34
C GLN U 180 -16.55 45.16 -19.35
N ASN U 181 -16.84 46.01 -18.37
CA ASN U 181 -16.14 47.28 -18.26
C ASN U 181 -14.65 47.06 -18.05
N ALA U 182 -14.29 46.09 -17.21
CA ALA U 182 -12.87 45.78 -16.99
C ALA U 182 -12.21 45.31 -18.27
N LEU U 183 -12.92 44.50 -19.07
CA LEU U 183 -12.39 44.00 -20.34
C LEU U 183 -12.51 45.08 -21.42
N SER U 184 -11.90 46.23 -21.14
CA SER U 184 -11.91 47.35 -22.09
C SER U 184 -10.84 48.34 -21.66
N GLY U 185 -9.96 48.70 -22.59
CA GLY U 185 -8.91 49.66 -22.30
C GLY U 185 -8.04 49.97 -23.51
N MET V 1 -58.32 17.16 -44.68
CA MET V 1 -59.40 16.44 -43.94
C MET V 1 -60.64 17.33 -43.83
N GLU V 2 -61.68 16.97 -44.56
CA GLU V 2 -62.90 17.79 -44.56
C GLU V 2 -63.56 17.77 -43.19
N LEU V 3 -64.23 18.89 -42.86
CA LEU V 3 -64.93 18.97 -41.58
C LEU V 3 -66.01 17.89 -41.46
N LEU V 4 -66.62 17.51 -42.59
CA LEU V 4 -67.65 16.48 -42.55
C LEU V 4 -67.10 15.16 -42.02
N ASP V 5 -65.86 14.83 -42.40
CA ASP V 5 -65.24 13.60 -41.91
C ASP V 5 -65.09 13.64 -40.39
N ALA V 6 -64.62 14.77 -39.85
CA ALA V 6 -64.47 14.88 -38.41
C ALA V 6 -65.83 14.81 -37.71
N VAL V 7 -66.85 15.45 -38.27
CA VAL V 7 -68.16 15.41 -37.66
C VAL V 7 -68.70 13.98 -37.65
N ASN V 8 -68.53 13.26 -38.76
CA ASN V 8 -68.98 11.87 -38.82
C ASN V 8 -68.21 11.00 -37.83
N THR V 9 -66.90 11.21 -37.70
CA THR V 9 -66.13 10.46 -36.72
C THR V 9 -66.63 10.71 -35.31
N CYS V 10 -66.90 11.97 -34.98
CA CYS V 10 -67.43 12.27 -33.64
C CYS V 10 -68.79 11.63 -33.43
N LEU V 11 -69.66 11.69 -34.43
CA LEU V 11 -70.98 11.07 -34.30
C LEU V 11 -70.86 9.57 -34.10
N THR V 12 -69.99 8.91 -34.87
CA THR V 12 -69.80 7.48 -34.71
C THR V 12 -69.25 7.14 -33.32
N ALA V 13 -68.30 7.93 -32.83
CA ALA V 13 -67.78 7.71 -31.49
C ALA V 13 -68.87 7.90 -30.44
N LEU V 14 -69.81 8.82 -30.68
CA LEU V 14 -70.89 9.07 -29.73
C LEU V 14 -72.02 8.06 -29.85
N GLY V 15 -72.07 7.27 -30.92
CA GLY V 15 -73.06 6.24 -31.09
C GLY V 15 -74.21 6.59 -32.02
N GLU V 16 -74.31 7.84 -32.46
CA GLU V 16 -75.40 8.25 -33.33
C GLU V 16 -75.07 7.95 -34.78
N ALA V 17 -76.08 8.09 -35.64
CA ALA V 17 -75.93 7.76 -37.05
C ALA V 17 -75.13 8.84 -37.78
N ARG V 18 -74.49 8.43 -38.87
CA ARG V 18 -73.68 9.33 -39.68
C ARG V 18 -74.59 10.29 -40.45
N VAL V 19 -73.98 11.34 -41.00
CA VAL V 19 -74.69 12.38 -41.73
C VAL V 19 -74.06 12.53 -43.12
N THR V 20 -74.59 13.48 -43.89
CA THR V 20 -74.13 13.74 -45.25
C THR V 20 -73.66 15.16 -45.49
N SER V 21 -74.20 16.15 -44.78
CA SER V 21 -73.81 17.54 -44.96
C SER V 21 -73.62 18.20 -43.60
N THR V 22 -72.60 19.05 -43.50
CA THR V 22 -72.36 19.76 -42.25
C THR V 22 -73.43 20.80 -41.96
N ASP V 23 -74.28 21.11 -42.94
CA ASP V 23 -75.37 22.06 -42.73
C ASP V 23 -76.62 21.41 -42.16
N THR V 24 -76.61 20.09 -41.95
CA THR V 24 -77.78 19.41 -41.41
C THR V 24 -78.17 20.03 -40.07
N ARG V 25 -79.48 20.10 -39.84
CA ARG V 25 -80.03 20.83 -38.70
C ARG V 25 -80.01 20.02 -37.40
N HIS V 26 -79.32 18.88 -37.36
CA HIS V 26 -79.21 18.11 -36.14
C HIS V 26 -78.55 18.97 -35.06
N PRO V 27 -79.07 18.98 -33.83
CA PRO V 27 -78.53 19.88 -32.81
C PRO V 27 -77.14 19.52 -32.31
N SER V 28 -76.71 18.26 -32.45
CA SER V 28 -75.39 17.87 -31.98
C SER V 28 -74.29 18.42 -32.88
N VAL V 29 -74.61 18.69 -34.14
CA VAL V 29 -73.61 19.17 -35.09
C VAL V 29 -73.07 20.54 -34.66
N ALA V 30 -73.95 21.42 -34.16
CA ALA V 30 -73.49 22.73 -33.71
C ALA V 30 -72.51 22.60 -32.55
N LEU V 31 -72.84 21.76 -31.58
CA LEU V 31 -71.93 21.55 -30.46
C LEU V 31 -70.61 20.96 -30.92
N ILE V 32 -70.66 20.00 -31.85
CA ILE V 32 -69.44 19.40 -32.37
C ILE V 32 -68.57 20.46 -33.03
N LEU V 33 -69.19 21.30 -33.86
CA LEU V 33 -68.42 22.33 -34.57
C LEU V 33 -67.81 23.33 -33.60
N GLN V 34 -68.58 23.76 -32.60
CA GLN V 34 -68.04 24.72 -31.62
C GLN V 34 -66.88 24.10 -30.84
N THR V 35 -67.01 22.85 -30.41
CA THR V 35 -65.93 22.20 -29.70
C THR V 35 -64.69 22.07 -30.58
N LEU V 36 -64.88 21.70 -31.85
CA LEU V 36 -63.76 21.59 -32.76
C LEU V 36 -63.05 22.92 -32.92
N ALA V 37 -63.82 24.00 -33.09
CA ALA V 37 -63.22 25.32 -33.24
C ALA V 37 -62.43 25.72 -32.00
N THR V 38 -63.01 25.49 -30.81
CA THR V 38 -62.32 25.87 -29.58
C THR V 38 -61.03 25.09 -29.42
N LYS V 39 -61.07 23.78 -29.66
CA LYS V 39 -59.86 22.96 -29.53
C LYS V 39 -58.81 23.37 -30.54
N GLN V 40 -59.21 23.65 -31.78
CA GLN V 40 -58.26 24.12 -32.78
C GLN V 40 -57.61 25.42 -32.35
N LYS V 41 -58.40 26.36 -31.84
CA LYS V 41 -57.84 27.63 -31.41
C LYS V 41 -56.86 27.43 -30.26
N LEU V 42 -57.19 26.56 -29.31
CA LEU V 42 -56.31 26.36 -28.17
C LEU V 42 -55.00 25.68 -28.57
N LEU V 43 -55.08 24.68 -29.45
CA LEU V 43 -53.90 23.87 -29.75
C LEU V 43 -52.79 24.70 -30.39
N LEU V 44 -53.15 25.57 -31.34
CA LEU V 44 -52.16 26.28 -32.14
C LEU V 44 -51.59 27.50 -31.44
N GLU V 45 -51.94 27.75 -30.18
CA GLU V 45 -51.50 28.96 -29.51
C GLU V 45 -49.98 29.00 -29.36
N ARG V 46 -49.37 27.87 -29.01
CA ARG V 46 -47.94 27.86 -28.75
C ARG V 46 -47.13 28.21 -29.99
N GLY V 47 -47.55 27.71 -31.16
CA GLY V 47 -46.82 27.95 -32.39
C GLY V 47 -46.09 26.73 -32.89
N TRP V 48 -46.12 26.52 -34.21
CA TRP V 48 -45.51 25.34 -34.83
C TRP V 48 -44.72 25.82 -36.06
N TRP V 49 -44.30 24.85 -36.88
CA TRP V 49 -43.44 25.15 -38.01
C TRP V 49 -44.20 25.69 -39.23
N PHE V 50 -45.53 25.72 -39.19
CA PHE V 50 -46.33 26.14 -40.33
C PHE V 50 -47.19 27.38 -40.07
N ASN V 51 -47.16 27.93 -38.85
CA ASN V 51 -48.00 29.08 -38.54
C ASN V 51 -47.24 30.12 -37.72
N THR V 52 -45.96 30.31 -38.00
CA THR V 52 -45.13 31.28 -37.30
C THR V 52 -44.32 32.10 -38.30
N GLN V 53 -44.44 33.42 -38.20
CA GLN V 53 -43.70 34.32 -39.07
C GLN V 53 -43.38 35.60 -38.31
N ASP V 54 -42.34 36.30 -38.77
CA ASP V 54 -41.98 37.60 -38.20
C ASP V 54 -42.50 38.72 -39.09
N GLU V 55 -42.98 39.79 -38.46
CA GLU V 55 -43.56 40.91 -39.19
C GLU V 55 -43.26 42.21 -38.44
N GLU V 56 -43.41 43.32 -39.17
CA GLU V 56 -43.16 44.65 -38.64
C GLU V 56 -44.43 45.48 -38.80
N MET V 57 -44.75 46.27 -37.78
CA MET V 57 -45.96 47.09 -37.76
C MET V 57 -45.57 48.55 -37.69
N PHE V 58 -46.45 49.41 -38.22
CA PHE V 58 -46.22 50.85 -38.26
C PHE V 58 -47.30 51.59 -37.48
N PRO V 59 -46.97 52.74 -36.88
CA PRO V 59 -47.96 53.47 -36.08
C PRO V 59 -48.90 54.29 -36.95
N ASP V 60 -50.04 54.64 -36.36
CA ASP V 60 -51.04 55.48 -37.01
C ASP V 60 -50.64 56.95 -36.83
N LEU V 61 -51.54 57.86 -37.19
CA LEU V 61 -51.27 59.28 -37.00
C LEU V 61 -51.12 59.61 -35.52
N LEU V 62 -52.03 59.09 -34.69
CA LEU V 62 -51.96 59.36 -33.26
C LEU V 62 -50.77 58.67 -32.62
N GLY V 63 -50.47 57.44 -33.03
CA GLY V 63 -49.36 56.70 -32.47
C GLY V 63 -49.76 55.34 -31.94
N ARG V 64 -50.92 54.83 -32.36
CA ARG V 64 -51.41 53.53 -31.93
C ARG V 64 -51.15 52.51 -33.04
N ILE V 65 -50.64 51.35 -32.66
CA ILE V 65 -50.30 50.28 -33.60
C ILE V 65 -51.32 49.17 -33.44
N PRO V 66 -52.12 48.86 -34.46
CA PRO V 66 -53.04 47.72 -34.38
C PRO V 66 -52.29 46.41 -34.63
N TYR V 67 -53.00 45.31 -34.40
CA TYR V 67 -52.43 43.97 -34.54
C TYR V 67 -53.27 43.15 -35.51
N PRO V 68 -52.67 42.14 -36.16
CA PRO V 68 -53.43 41.34 -37.13
C PRO V 68 -54.64 40.66 -36.51
N ALA V 69 -55.72 40.54 -37.29
CA ALA V 69 -56.97 40.00 -36.77
C ALA V 69 -56.87 38.50 -36.53
N ALA V 70 -56.12 37.79 -37.36
CA ALA V 70 -56.03 36.34 -37.27
C ALA V 70 -55.02 35.85 -36.24
N SER V 71 -54.27 36.75 -35.61
CA SER V 71 -53.23 36.33 -34.68
C SER V 71 -53.84 35.80 -33.38
N ILE V 72 -53.06 34.98 -32.68
CA ILE V 72 -53.48 34.44 -31.40
C ILE V 72 -52.59 34.91 -30.25
N SER V 73 -51.31 35.20 -30.50
CA SER V 73 -50.41 35.64 -29.45
C SER V 73 -49.38 36.59 -30.05
N VAL V 74 -48.85 37.48 -29.21
CA VAL V 74 -47.87 38.47 -29.62
C VAL V 74 -46.67 38.40 -28.68
N GLU V 75 -45.49 38.71 -29.23
CA GLU V 75 -44.27 38.73 -28.45
C GLU V 75 -43.34 39.78 -29.05
N SER V 76 -42.42 40.27 -28.24
CA SER V 76 -41.50 41.32 -28.65
C SER V 76 -40.17 40.73 -29.10
N LEU V 77 -39.43 41.52 -29.90
CA LEU V 77 -38.11 41.14 -30.36
C LEU V 77 -37.12 42.29 -30.26
N ASP V 78 -37.45 43.36 -29.53
CA ASP V 78 -36.60 44.54 -29.42
C ASP V 78 -36.00 44.56 -28.02
N GLY V 79 -34.77 44.09 -27.90
CA GLY V 79 -34.10 44.10 -26.61
C GLY V 79 -34.89 43.34 -25.58
N TYR V 80 -35.09 43.97 -24.41
CA TYR V 80 -35.81 43.36 -23.30
C TYR V 80 -37.20 43.98 -23.11
N ASN V 81 -37.78 44.52 -24.19
CA ASN V 81 -39.08 45.14 -24.10
C ASN V 81 -40.18 44.07 -24.03
N ILE V 82 -41.33 44.47 -23.49
CA ILE V 82 -42.47 43.59 -23.34
C ILE V 82 -43.70 44.26 -23.96
N TYR V 83 -44.43 43.50 -24.78
CA TYR V 83 -45.64 43.99 -25.42
C TYR V 83 -46.79 43.02 -25.14
N SER V 84 -48.00 43.57 -25.13
CA SER V 84 -49.20 42.78 -24.90
C SER V 84 -50.37 43.45 -25.60
N LYS V 85 -51.46 42.69 -25.74
CA LYS V 85 -52.65 43.15 -26.43
C LYS V 85 -53.67 43.66 -25.42
N ARG V 86 -54.25 44.82 -25.70
CA ARG V 86 -55.24 45.41 -24.80
C ARG V 86 -56.07 46.43 -25.58
N ASN V 87 -57.39 46.35 -25.42
CA ASN V 87 -58.32 47.28 -26.04
C ASN V 87 -58.11 47.34 -27.56
N ASN V 88 -57.96 46.17 -28.18
CA ASN V 88 -57.80 46.07 -29.63
C ASN V 88 -56.60 46.86 -30.12
N PHE V 89 -55.57 46.98 -29.29
CA PHE V 89 -54.37 47.71 -29.65
C PHE V 89 -53.21 47.17 -28.84
N LEU V 90 -52.00 47.39 -29.34
CA LEU V 90 -50.80 46.96 -28.63
C LEU V 90 -50.54 47.87 -27.44
N PHE V 91 -50.05 47.27 -26.36
CA PHE V 91 -49.75 47.99 -25.13
C PHE V 91 -48.26 47.85 -24.82
N ASN V 92 -47.63 48.97 -24.46
CA ASN V 92 -46.21 49.00 -24.10
C ASN V 92 -46.12 48.76 -22.60
N ASN V 93 -45.85 47.51 -22.22
CA ASN V 93 -45.83 47.15 -20.81
C ASN V 93 -44.61 47.70 -20.09
N THR V 94 -43.51 47.93 -20.82
CA THR V 94 -42.29 48.42 -20.21
C THR V 94 -42.36 49.91 -19.84
N CYS V 95 -43.27 50.66 -20.46
CA CYS V 95 -43.37 52.10 -20.19
C CYS V 95 -44.77 52.52 -19.75
N ASN V 96 -45.73 51.60 -19.63
CA ASN V 96 -47.09 51.90 -19.19
C ASN V 96 -47.68 53.02 -20.05
N THR V 97 -47.68 52.80 -21.37
CA THR V 97 -48.22 53.77 -22.30
C THR V 97 -48.79 53.02 -23.50
N MET V 98 -49.69 53.71 -24.21
CA MET V 98 -50.36 53.14 -25.38
C MET V 98 -49.88 53.73 -26.69
N TYR V 99 -49.16 54.84 -26.67
CA TYR V 99 -48.73 55.54 -27.87
C TYR V 99 -47.26 55.23 -28.14
N PHE V 100 -46.97 54.77 -29.34
CA PHE V 100 -45.61 54.42 -29.75
C PHE V 100 -45.01 55.57 -30.56
N THR V 101 -43.73 55.41 -30.91
CA THR V 101 -43.00 56.41 -31.67
C THR V 101 -42.54 55.93 -33.03
N GLY V 102 -42.39 54.62 -33.25
CA GLY V 102 -41.93 54.10 -34.50
C GLY V 102 -42.29 52.64 -34.69
N PRO V 103 -41.83 52.05 -35.79
CA PRO V 103 -42.16 50.65 -36.07
C PRO V 103 -41.51 49.71 -35.05
N VAL V 104 -42.13 48.54 -34.90
CA VAL V 104 -41.67 47.52 -33.95
C VAL V 104 -41.64 46.17 -34.65
N CYS V 105 -40.89 45.25 -34.06
CA CYS V 105 -40.78 43.88 -34.54
C CYS V 105 -41.38 42.94 -33.48
N ILE V 106 -42.22 42.01 -33.92
CA ILE V 106 -42.93 41.14 -33.00
C ILE V 106 -43.18 39.80 -33.68
N ARG V 107 -43.26 38.74 -32.87
CA ARG V 107 -43.64 37.42 -33.35
C ARG V 107 -45.17 37.28 -33.33
N VAL V 108 -45.70 36.60 -34.34
CA VAL V 108 -47.14 36.44 -34.49
C VAL V 108 -47.45 34.98 -34.76
N THR V 109 -48.51 34.48 -34.13
CA THR V 109 -49.01 33.13 -34.35
C THR V 109 -50.40 33.24 -34.96
N TYR V 110 -50.58 32.63 -36.13
CA TYR V 110 -51.81 32.79 -36.91
C TYR V 110 -52.70 31.57 -36.78
N ASN V 111 -54.00 31.79 -37.00
CA ASN V 111 -54.99 30.73 -37.03
C ASN V 111 -55.40 30.46 -38.47
N LEU V 112 -55.38 29.18 -38.85
CA LEU V 112 -55.64 28.77 -40.22
C LEU V 112 -56.92 27.95 -40.30
N ASP V 113 -57.34 27.68 -41.53
CA ASP V 113 -58.53 26.87 -41.75
C ASP V 113 -58.27 25.42 -41.40
N PHE V 114 -59.34 24.69 -41.07
CA PHE V 114 -59.20 23.29 -40.71
C PHE V 114 -58.69 22.47 -41.87
N GLU V 115 -59.08 22.82 -43.10
CA GLU V 115 -58.64 22.07 -44.27
C GLU V 115 -57.13 22.12 -44.45
N ASP V 116 -56.52 23.27 -44.21
CA ASP V 116 -55.09 23.44 -44.45
C ASP V 116 -54.23 22.71 -43.42
N LEU V 117 -54.79 22.30 -42.29
CA LEU V 117 -54.01 21.66 -41.26
C LEU V 117 -53.52 20.30 -41.74
N PRO V 118 -52.33 19.86 -41.31
CA PRO V 118 -51.88 18.50 -41.64
C PRO V 118 -52.80 17.45 -41.03
N GLU V 119 -52.67 16.23 -41.55
CA GLU V 119 -53.53 15.13 -41.08
C GLU V 119 -53.30 14.86 -39.59
N SER V 120 -52.04 14.86 -39.16
CA SER V 120 -51.73 14.52 -37.78
C SER V 120 -52.37 15.52 -36.81
N VAL V 121 -52.31 16.81 -37.13
CA VAL V 121 -52.92 17.82 -36.27
C VAL V 121 -54.44 17.66 -36.25
N ALA V 122 -55.04 17.41 -37.41
CA ALA V 122 -56.48 17.25 -37.48
C ALA V 122 -56.94 16.05 -36.66
N THR V 123 -56.19 14.95 -36.69
CA THR V 123 -56.55 13.80 -35.88
C THR V 123 -56.54 14.12 -34.40
N VAL V 124 -55.50 14.86 -33.95
CA VAL V 124 -55.42 15.23 -32.54
C VAL V 124 -56.62 16.09 -32.15
N ILE V 125 -56.95 17.08 -33.00
CA ILE V 125 -58.07 17.97 -32.68
C ILE V 125 -59.37 17.18 -32.62
N THR V 126 -59.59 16.30 -33.60
CA THR V 126 -60.83 15.52 -33.64
C THR V 126 -60.96 14.64 -32.42
N TYR V 127 -59.88 13.96 -32.04
CA TYR V 127 -59.94 13.05 -30.90
C TYR V 127 -60.00 13.78 -29.56
N ARG V 128 -59.51 15.02 -29.49
CA ARG V 128 -59.73 15.81 -28.28
C ARG V 128 -61.19 16.24 -28.17
N ALA V 129 -61.76 16.72 -29.28
CA ALA V 129 -63.15 17.14 -29.26
C ALA V 129 -64.09 15.97 -28.93
N ALA V 130 -63.80 14.81 -29.50
CA ALA V 130 -64.65 13.64 -29.25
C ALA V 130 -64.70 13.31 -27.77
N ARG V 131 -63.55 13.27 -27.11
CA ARG V 131 -63.53 12.99 -25.68
C ARG V 131 -64.22 14.09 -24.89
N ALA V 132 -63.94 15.36 -25.24
CA ALA V 132 -64.55 16.46 -24.51
C ALA V 132 -66.08 16.40 -24.57
N VAL V 133 -66.62 15.92 -25.69
CA VAL V 133 -68.07 15.81 -25.81
C VAL V 133 -68.58 14.56 -25.11
N TYR V 134 -67.91 13.43 -25.31
CA TYR V 134 -68.40 12.16 -24.76
C TYR V 134 -68.42 12.20 -23.24
N VAL V 135 -67.34 12.69 -22.62
CA VAL V 135 -67.29 12.73 -21.16
C VAL V 135 -68.38 13.63 -20.60
N GLY V 136 -68.60 14.81 -21.21
CA GLY V 136 -69.58 15.72 -20.68
C GLY V 136 -71.02 15.32 -20.95
N ASP V 137 -71.25 14.47 -21.96
CA ASP V 137 -72.61 14.10 -22.33
C ASP V 137 -73.03 12.72 -21.84
N LEU V 138 -72.09 11.82 -21.54
CA LEU V 138 -72.43 10.45 -21.16
C LEU V 138 -71.68 9.94 -19.94
N GLY V 139 -70.79 10.73 -19.35
CA GLY V 139 -70.03 10.29 -18.21
C GLY V 139 -68.70 9.67 -18.60
N ASN V 140 -67.90 9.36 -17.58
CA ASN V 140 -66.57 8.78 -17.75
C ASN V 140 -66.71 7.26 -17.74
N ASP V 141 -66.89 6.69 -18.92
CA ASP V 141 -67.00 5.25 -19.08
C ASP V 141 -65.61 4.66 -19.33
N ALA V 142 -65.55 3.37 -19.70
CA ALA V 142 -64.29 2.71 -19.96
C ALA V 142 -63.83 2.86 -21.41
N SER V 143 -64.60 3.52 -22.27
CA SER V 143 -64.24 3.67 -23.66
C SER V 143 -63.35 4.87 -23.94
N VAL V 144 -63.18 5.77 -22.97
CA VAL V 144 -62.32 6.93 -23.18
C VAL V 144 -60.84 6.55 -23.21
N GLN V 145 -60.50 5.36 -22.68
CA GLN V 145 -59.13 4.88 -22.68
C GLN V 145 -58.60 4.62 -24.09
N ASP V 146 -59.48 4.46 -25.08
CA ASP V 146 -59.06 4.34 -26.46
C ASP V 146 -58.88 5.69 -27.12
N LEU V 147 -59.76 6.65 -26.81
CA LEU V 147 -59.62 7.99 -27.35
C LEU V 147 -58.34 8.64 -26.86
N VAL V 148 -58.02 8.50 -25.57
CA VAL V 148 -56.79 9.09 -25.05
C VAL V 148 -55.58 8.45 -25.73
N LEU V 149 -55.61 7.13 -25.91
CA LEU V 149 -54.50 6.44 -26.55
C LEU V 149 -54.30 6.90 -27.98
N ASN V 150 -55.40 7.05 -28.73
CA ASN V 150 -55.30 7.55 -30.09
C ASN V 150 -54.73 8.96 -30.12
N GLU V 151 -55.17 9.81 -29.19
CA GLU V 151 -54.64 11.18 -29.12
C GLU V 151 -53.14 11.17 -28.86
N GLN V 152 -52.69 10.33 -27.94
CA GLN V 152 -51.26 10.27 -27.63
C GLN V 152 -50.44 9.80 -28.83
N GLN V 153 -50.93 8.76 -29.52
CA GLN V 153 -50.22 8.27 -30.69
C GLN V 153 -50.14 9.36 -31.76
N ALA V 154 -51.23 10.09 -31.99
CA ALA V 154 -51.20 11.17 -32.97
C ALA V 154 -50.24 12.29 -32.55
N MET V 155 -50.22 12.62 -31.25
CA MET V 155 -49.34 13.69 -30.79
C MET V 155 -47.88 13.32 -30.99
N LEU V 156 -47.52 12.05 -30.79
CA LEU V 156 -46.15 11.63 -31.04
C LEU V 156 -45.74 11.91 -32.48
N LEU V 157 -46.59 11.54 -33.44
CA LEU V 157 -46.28 11.80 -34.84
C LEU V 157 -46.21 13.29 -35.12
N VAL V 158 -47.11 14.07 -34.51
CA VAL V 158 -47.07 15.52 -34.72
C VAL V 158 -45.73 16.08 -34.28
N GLU V 159 -45.27 15.69 -33.09
CA GLU V 159 -44.01 16.20 -32.58
C GLU V 159 -42.84 15.76 -33.45
N GLU V 160 -42.85 14.49 -33.90
CA GLU V 160 -41.78 14.01 -34.76
C GLU V 160 -41.73 14.81 -36.06
N GLN V 161 -42.89 15.06 -36.66
CA GLN V 161 -42.94 15.83 -37.90
C GLN V 161 -42.41 17.25 -37.69
N HIS V 162 -42.84 17.91 -36.60
CA HIS V 162 -42.36 19.26 -36.34
C HIS V 162 -40.86 19.28 -36.15
N MET V 163 -40.32 18.32 -35.40
CA MET V 163 -38.87 18.27 -35.20
C MET V 163 -38.16 18.04 -36.53
N ARG V 164 -38.72 17.21 -37.40
CA ARG V 164 -38.09 16.94 -38.70
C ARG V 164 -38.06 18.20 -39.57
N ASN V 165 -39.15 18.96 -39.59
CA ASN V 165 -39.23 20.10 -40.52
C ASN V 165 -38.29 21.24 -40.11
N LYS V 166 -38.14 21.48 -38.81
CA LYS V 166 -37.41 22.66 -38.36
C LYS V 166 -35.93 22.58 -38.74
N LYS V 167 -35.35 21.39 -38.71
CA LYS V 167 -33.94 21.18 -39.07
C LYS V 167 -33.02 21.99 -38.15
N HIS V 168 -33.06 21.68 -36.87
CA HIS V 168 -32.12 22.27 -35.92
C HIS V 168 -30.75 21.61 -36.06
N SER V 169 -29.70 22.40 -35.86
CA SER V 169 -28.35 21.89 -35.99
C SER V 169 -27.43 22.71 -35.09
N THR V 170 -26.28 22.11 -34.76
CA THR V 170 -25.26 22.81 -33.98
C THR V 170 -24.31 23.63 -34.85
N ARG V 171 -24.41 23.51 -36.18
CA ARG V 171 -23.57 24.29 -37.07
C ARG V 171 -24.08 25.70 -37.29
N ARG V 172 -25.28 26.01 -36.81
CA ARG V 172 -25.86 27.35 -37.01
C ARG V 172 -25.47 28.33 -35.91
N ARG V 173 -24.78 27.88 -34.87
CA ARG V 173 -24.34 28.80 -33.82
C ARG V 173 -23.12 29.60 -34.31
N ARG V 174 -22.98 30.81 -33.77
CA ARG V 174 -21.96 31.73 -34.26
C ARG V 174 -20.54 31.27 -33.91
N PRO V 175 -20.31 30.55 -32.80
CA PRO V 175 -18.95 30.08 -32.55
C PRO V 175 -18.41 29.19 -33.66
N TRP V 176 -19.28 28.37 -34.27
CA TRP V 176 -18.84 27.55 -35.40
C TRP V 176 -18.44 28.42 -36.57
N GLY V 177 -19.21 29.49 -36.84
CA GLY V 177 -18.83 30.40 -37.90
C GLY V 177 -17.49 31.06 -37.64
N LYS V 178 -17.25 31.48 -36.40
CA LYS V 178 -15.96 32.09 -36.07
C LYS V 178 -14.83 31.09 -36.24
N TYR V 179 -15.05 29.84 -35.82
CA TYR V 179 -14.03 28.81 -35.98
C TYR V 179 -13.72 28.57 -37.45
N GLN V 180 -14.76 28.52 -38.29
CA GLN V 180 -14.53 28.30 -39.72
C GLN V 180 -13.81 29.49 -40.34
N ASN V 181 -14.14 30.71 -39.92
CA ASN V 181 -13.42 31.87 -40.41
C ASN V 181 -11.95 31.81 -40.01
N ALA V 182 -11.68 31.38 -38.77
CA ALA V 182 -10.29 31.25 -38.32
C ALA V 182 -9.55 30.20 -39.15
N LEU V 183 -10.22 29.10 -39.49
CA LEU V 183 -9.62 28.04 -40.30
C LEU V 183 -9.63 28.44 -41.78
N SER V 184 -9.00 29.58 -42.06
CA SER V 184 -8.92 30.09 -43.43
C SER V 184 -7.86 31.17 -43.48
N GLY V 185 -6.90 31.04 -44.39
CA GLY V 185 -5.84 32.02 -44.52
C GLY V 185 -4.88 31.71 -45.66
N MET W 1 -54.41 -7.83 -51.67
CA MET W 1 -55.56 -8.11 -50.77
C MET W 1 -56.78 -7.29 -51.20
N GLU W 2 -57.78 -7.97 -51.74
CA GLU W 2 -58.96 -7.29 -52.24
C GLU W 2 -59.72 -6.63 -51.10
N LEU W 3 -60.38 -5.51 -51.41
CA LEU W 3 -61.17 -4.81 -50.40
C LEU W 3 -62.28 -5.70 -49.85
N LEU W 4 -62.82 -6.59 -50.68
CA LEU W 4 -63.89 -7.47 -50.22
C LEU W 4 -63.41 -8.35 -49.07
N ASP W 5 -62.16 -8.82 -49.13
CA ASP W 5 -61.61 -9.63 -48.05
C ASP W 5 -61.56 -8.86 -46.74
N ALA W 6 -61.11 -7.60 -46.80
CA ALA W 6 -61.06 -6.78 -45.59
C ALA W 6 -62.46 -6.52 -45.05
N VAL W 7 -63.42 -6.25 -45.94
CA VAL W 7 -64.78 -6.00 -45.50
C VAL W 7 -65.35 -7.23 -44.81
N ASN W 8 -65.12 -8.41 -45.40
CA ASN W 8 -65.62 -9.65 -44.81
C ASN W 8 -64.94 -9.91 -43.47
N THR W 9 -63.64 -9.64 -43.36
CA THR W 9 -62.96 -9.81 -42.08
C THR W 9 -63.56 -8.90 -41.01
N CYS W 10 -63.82 -7.64 -41.37
CA CYS W 10 -64.43 -6.73 -40.41
C CYS W 10 -65.82 -7.19 -40.00
N LEU W 11 -66.61 -7.65 -40.97
CA LEU W 11 -67.95 -8.13 -40.66
C LEU W 11 -67.90 -9.35 -39.73
N THR W 12 -66.99 -10.29 -40.01
CA THR W 12 -66.85 -11.45 -39.14
C THR W 12 -66.42 -11.04 -37.74
N ALA W 13 -65.48 -10.10 -37.64
CA ALA W 13 -65.07 -9.63 -36.31
C ALA W 13 -66.23 -8.96 -35.59
N LEU W 14 -67.12 -8.28 -36.32
CA LEU W 14 -68.26 -7.61 -35.71
C LEU W 14 -69.41 -8.56 -35.40
N GLY W 15 -69.39 -9.78 -35.94
CA GLY W 15 -70.40 -10.77 -35.65
C GLY W 15 -71.47 -10.94 -36.72
N GLU W 16 -71.50 -10.06 -37.72
CA GLU W 16 -72.51 -10.16 -38.76
C GLU W 16 -72.08 -11.13 -39.85
N ALA W 17 -73.03 -11.45 -40.73
CA ALA W 17 -72.78 -12.43 -41.78
C ALA W 17 -71.90 -11.84 -42.89
N ARG W 18 -71.20 -12.72 -43.58
CA ARG W 18 -70.31 -12.34 -44.67
C ARG W 18 -71.13 -11.89 -45.88
N VAL W 19 -70.46 -11.25 -46.83
CA VAL W 19 -71.08 -10.72 -48.03
C VAL W 19 -70.34 -11.25 -49.25
N THR W 20 -70.79 -10.81 -50.43
CA THR W 20 -70.23 -11.27 -51.70
C THR W 20 -69.70 -10.15 -52.58
N SER W 21 -70.26 -8.95 -52.50
CA SER W 21 -69.82 -7.81 -53.31
C SER W 21 -69.71 -6.57 -52.43
N THR W 22 -68.67 -5.77 -52.69
CA THR W 22 -68.50 -4.53 -51.94
C THR W 22 -69.56 -3.50 -52.28
N ASP W 23 -70.33 -3.71 -53.35
CA ASP W 23 -71.40 -2.81 -53.72
C ASP W 23 -72.71 -3.10 -53.02
N THR W 24 -72.75 -4.14 -52.18
CA THR W 24 -73.98 -4.47 -51.47
C THR W 24 -74.45 -3.28 -50.64
N ARG W 25 -75.77 -3.12 -50.57
CA ARG W 25 -76.38 -1.93 -49.98
C ARG W 25 -76.47 -1.99 -48.47
N HIS W 26 -75.82 -2.96 -47.81
CA HIS W 26 -75.83 -3.02 -46.36
C HIS W 26 -75.23 -1.73 -45.80
N PRO W 27 -75.83 -1.13 -44.78
CA PRO W 27 -75.34 0.17 -44.30
C PRO W 27 -74.00 0.12 -43.58
N SER W 28 -73.60 -1.04 -43.05
CA SER W 28 -72.32 -1.13 -42.35
C SER W 28 -71.15 -1.09 -43.31
N VAL W 29 -71.37 -1.48 -44.57
CA VAL W 29 -70.29 -1.51 -45.55
C VAL W 29 -69.75 -0.11 -45.80
N ALA W 30 -70.63 0.89 -45.88
CA ALA W 30 -70.17 2.26 -46.10
C ALA W 30 -69.28 2.74 -44.96
N LEU W 31 -69.70 2.48 -43.73
CA LEU W 31 -68.89 2.86 -42.57
C LEU W 31 -67.55 2.13 -42.58
N ILE W 32 -67.56 0.84 -42.92
CA ILE W 32 -66.32 0.07 -42.97
C ILE W 32 -65.37 0.68 -44.01
N LEU W 33 -65.91 0.99 -45.19
CA LEU W 33 -65.06 1.54 -46.25
C LEU W 33 -64.50 2.91 -45.86
N GLN W 34 -65.33 3.77 -45.27
CA GLN W 34 -64.83 5.08 -44.86
C GLN W 34 -63.75 4.95 -43.78
N THR W 35 -63.95 4.07 -42.80
CA THR W 35 -62.93 3.87 -41.78
C THR W 35 -61.64 3.34 -42.38
N LEU W 36 -61.75 2.38 -43.31
CA LEU W 36 -60.56 1.84 -43.96
C LEU W 36 -59.81 2.93 -44.70
N ALA W 37 -60.54 3.78 -45.44
CA ALA W 37 -59.89 4.86 -46.18
C ALA W 37 -59.18 5.83 -45.24
N THR W 38 -59.85 6.21 -44.14
CA THR W 38 -59.24 7.15 -43.21
C THR W 38 -57.99 6.57 -42.58
N LYS W 39 -58.05 5.31 -42.15
CA LYS W 39 -56.88 4.69 -41.54
C LYS W 39 -55.74 4.55 -42.54
N GLN W 40 -56.05 4.18 -43.78
CA GLN W 40 -55.01 4.09 -44.80
C GLN W 40 -54.35 5.44 -45.03
N LYS W 41 -55.15 6.51 -45.11
CA LYS W 41 -54.59 7.84 -45.31
C LYS W 41 -53.70 8.24 -44.15
N LEU W 42 -54.13 7.96 -42.92
CA LEU W 42 -53.34 8.35 -41.76
C LEU W 42 -52.02 7.57 -41.68
N LEU W 43 -52.07 6.27 -41.95
CA LEU W 43 -50.89 5.43 -41.72
C LEU W 43 -49.72 5.85 -42.60
N LEU W 44 -49.98 6.12 -43.88
CA LEU W 44 -48.91 6.35 -44.85
C LEU W 44 -48.36 7.77 -44.80
N GLU W 45 -48.80 8.61 -43.86
CA GLU W 45 -48.37 10.00 -43.84
C GLU W 45 -46.87 10.13 -43.61
N ARG W 46 -46.31 9.32 -42.70
CA ARG W 46 -44.91 9.46 -42.36
C ARG W 46 -44.00 9.15 -43.55
N GLY W 47 -44.35 8.14 -44.33
CA GLY W 47 -43.53 7.76 -45.47
C GLY W 47 -42.80 6.44 -45.25
N TRP W 48 -42.74 5.61 -46.29
CA TRP W 48 -42.12 4.29 -46.20
C TRP W 48 -41.23 4.10 -47.43
N TRP W 49 -40.78 2.87 -47.63
CA TRP W 49 -39.83 2.57 -48.70
C TRP W 49 -40.49 2.43 -50.07
N PHE W 50 -41.82 2.47 -50.16
CA PHE W 50 -42.51 2.26 -51.43
C PHE W 50 -43.35 3.44 -51.87
N ASN W 51 -43.40 4.53 -51.10
CA ASN W 51 -44.22 5.67 -51.45
C ASN W 51 -43.50 7.00 -51.20
N THR W 52 -42.19 7.03 -51.44
CA THR W 52 -41.39 8.24 -51.23
C THR W 52 -40.49 8.46 -52.44
N GLN W 53 -40.58 9.66 -53.02
CA GLN W 53 -39.75 10.02 -54.17
C GLN W 53 -39.44 11.50 -54.12
N ASP W 54 -38.36 11.90 -54.78
CA ASP W 54 -38.00 13.31 -54.90
C ASP W 54 -38.43 13.84 -56.26
N GLU W 55 -38.91 15.07 -56.29
CA GLU W 55 -39.41 15.68 -57.51
C GLU W 55 -39.13 17.19 -57.49
N GLU W 56 -39.19 17.78 -58.68
CA GLU W 56 -38.95 19.21 -58.85
C GLU W 56 -40.18 19.84 -59.50
N MET W 57 -40.55 21.03 -59.03
CA MET W 57 -41.73 21.73 -59.50
C MET W 57 -41.31 23.05 -60.15
N PHE W 58 -42.12 23.52 -61.09
CA PHE W 58 -41.84 24.75 -61.82
C PHE W 58 -42.96 25.77 -61.59
N PRO W 59 -42.64 27.07 -61.62
CA PRO W 59 -43.66 28.08 -61.37
C PRO W 59 -44.52 28.36 -62.59
N ASP W 60 -45.69 28.94 -62.34
CA ASP W 60 -46.61 29.35 -63.40
C ASP W 60 -46.19 30.71 -63.93
N LEU W 61 -47.02 31.32 -64.77
CA LEU W 61 -46.73 32.65 -65.29
C LEU W 61 -46.68 33.68 -64.15
N LEU W 62 -47.66 33.62 -63.24
CA LEU W 62 -47.69 34.56 -62.14
C LEU W 62 -46.57 34.29 -61.15
N GLY W 63 -46.28 33.02 -60.88
CA GLY W 63 -45.23 32.66 -59.95
C GLY W 63 -45.71 31.73 -58.83
N ARG W 64 -46.85 31.08 -59.04
CA ARG W 64 -47.40 30.16 -58.07
C ARG W 64 -47.10 28.73 -58.49
N ILE W 65 -46.64 27.90 -57.56
CA ILE W 65 -46.27 26.51 -57.82
C ILE W 65 -47.34 25.62 -57.21
N PRO W 66 -48.06 24.83 -58.00
CA PRO W 66 -49.02 23.87 -57.45
C PRO W 66 -48.29 22.63 -56.95
N TYR W 67 -49.04 21.77 -56.26
CA TYR W 67 -48.51 20.55 -55.69
C TYR W 67 -49.30 19.34 -56.18
N PRO W 68 -48.68 18.16 -56.20
CA PRO W 68 -49.39 16.97 -56.70
C PRO W 68 -50.66 16.67 -55.93
N ALA W 69 -51.68 16.17 -56.63
CA ALA W 69 -52.98 15.94 -56.00
C ALA W 69 -52.94 14.76 -55.04
N ALA W 70 -52.15 13.73 -55.36
CA ALA W 70 -52.11 12.52 -54.55
C ALA W 70 -51.20 12.62 -53.34
N SER W 71 -50.47 13.73 -53.19
CA SER W 71 -49.51 13.84 -52.10
C SER W 71 -50.23 14.00 -50.76
N ILE W 72 -49.53 13.64 -49.68
CA ILE W 72 -50.05 13.81 -48.34
C ILE W 72 -49.23 14.79 -47.50
N SER W 73 -47.94 14.94 -47.77
CA SER W 73 -47.09 15.84 -47.00
C SER W 73 -46.00 16.39 -47.91
N VAL W 74 -45.51 17.58 -47.59
CA VAL W 74 -44.47 18.25 -48.36
C VAL W 74 -43.35 18.66 -47.42
N GLU W 75 -42.13 18.67 -47.95
CA GLU W 75 -40.96 19.09 -47.20
C GLU W 75 -39.96 19.72 -48.16
N SER W 76 -39.09 20.56 -47.62
CA SER W 76 -38.11 21.28 -48.43
C SER W 76 -36.77 20.55 -48.43
N LEU W 77 -35.96 20.85 -49.44
CA LEU W 77 -34.62 20.31 -49.56
C LEU W 77 -33.60 21.37 -49.97
N ASP W 78 -33.96 22.66 -49.89
CA ASP W 78 -33.08 23.75 -50.31
C ASP W 78 -32.59 24.47 -49.06
N GLY W 79 -31.38 24.12 -48.63
CA GLY W 79 -30.80 24.78 -47.46
C GLY W 79 -31.69 24.62 -46.25
N TYR W 80 -31.95 25.74 -45.57
CA TYR W 80 -32.77 25.76 -44.36
C TYR W 80 -34.15 26.38 -44.62
N ASN W 81 -34.63 26.31 -45.86
CA ASN W 81 -35.92 26.87 -46.18
C ASN W 81 -37.05 25.96 -45.68
N ILE W 82 -38.23 26.56 -45.51
CA ILE W 82 -39.40 25.86 -45.02
C ILE W 82 -40.56 26.12 -45.98
N TYR W 83 -41.25 25.06 -46.38
CA TYR W 83 -42.40 25.15 -47.26
C TYR W 83 -43.59 24.43 -46.64
N SER W 84 -44.79 24.89 -47.00
CA SER W 84 -46.02 24.31 -46.49
C SER W 84 -47.12 24.54 -47.52
N LYS W 85 -48.21 23.79 -47.35
CA LYS W 85 -49.34 23.84 -48.27
C LYS W 85 -50.41 24.77 -47.72
N ARG W 86 -50.94 25.64 -48.59
CA ARG W 86 -51.97 26.59 -48.17
C ARG W 86 -52.71 27.07 -49.41
N ASN W 87 -54.05 27.07 -49.34
CA ASN W 87 -54.90 27.56 -50.42
C ASN W 87 -54.58 26.86 -51.74
N ASN W 88 -54.42 25.54 -51.69
CA ASN W 88 -54.16 24.73 -52.89
C ASN W 88 -52.90 25.20 -53.61
N PHE W 89 -51.93 25.73 -52.86
CA PHE W 89 -50.68 26.18 -53.44
C PHE W 89 -49.60 26.13 -52.38
N LEU W 90 -48.36 26.10 -52.83
CA LEU W 90 -47.23 26.08 -51.92
C LEU W 90 -47.02 27.47 -51.31
N PHE W 91 -46.63 27.49 -50.04
CA PHE W 91 -46.40 28.72 -49.31
C PHE W 91 -44.95 28.77 -48.86
N ASN W 92 -44.31 29.93 -49.04
CA ASN W 92 -42.92 30.15 -48.64
C ASN W 92 -42.95 30.69 -47.22
N ASN W 93 -42.74 29.79 -46.25
CA ASN W 93 -42.83 30.18 -44.85
C ASN W 93 -41.65 31.02 -44.41
N THR W 94 -40.50 30.87 -45.07
CA THR W 94 -39.31 31.62 -44.68
C THR W 94 -39.36 33.08 -45.11
N CYS W 95 -40.21 33.44 -46.08
CA CYS W 95 -40.29 34.81 -46.56
C CYS W 95 -41.70 35.37 -46.51
N ASN W 96 -42.69 34.62 -46.02
CA ASN W 96 -44.06 35.09 -45.90
C ASN W 96 -44.57 35.63 -47.23
N THR W 97 -44.47 34.78 -48.26
CA THR W 97 -44.92 35.15 -49.60
C THR W 97 -45.42 33.92 -50.31
N MET W 98 -46.24 34.14 -51.33
CA MET W 98 -46.85 33.07 -52.11
C MET W 98 -46.25 32.93 -53.50
N TYR W 99 -45.51 33.93 -53.98
CA TYR W 99 -44.97 33.93 -55.33
C TYR W 99 -43.49 33.56 -55.31
N PHE W 100 -43.13 32.56 -56.09
CA PHE W 100 -41.76 32.07 -56.17
C PHE W 100 -41.07 32.67 -57.40
N THR W 101 -39.77 32.37 -57.51
CA THR W 101 -38.95 32.88 -58.62
C THR W 101 -38.41 31.79 -59.52
N GLY W 102 -38.29 30.56 -59.05
CA GLY W 102 -37.75 29.48 -59.84
C GLY W 102 -38.14 28.12 -59.31
N PRO W 103 -37.61 27.07 -59.94
CA PRO W 103 -37.96 25.71 -59.50
C PRO W 103 -37.41 25.39 -58.11
N VAL W 104 -38.08 24.45 -57.45
CA VAL W 104 -37.72 24.05 -56.10
C VAL W 104 -37.68 22.52 -56.03
N CYS W 105 -37.00 22.02 -55.01
CA CYS W 105 -36.90 20.59 -54.73
C CYS W 105 -37.59 20.30 -53.41
N ILE W 106 -38.43 19.26 -53.39
CA ILE W 106 -39.23 18.95 -52.22
C ILE W 106 -39.47 17.44 -52.16
N ARG W 107 -39.63 16.93 -50.94
CA ARG W 107 -40.01 15.54 -50.74
C ARG W 107 -41.54 15.41 -50.77
N VAL W 108 -42.02 14.31 -51.35
CA VAL W 108 -43.45 14.09 -51.51
C VAL W 108 -43.78 12.67 -51.05
N THR W 109 -44.90 12.54 -50.33
CA THR W 109 -45.42 11.25 -49.90
C THR W 109 -46.76 11.03 -50.59
N TYR W 110 -46.87 9.93 -51.31
CA TYR W 110 -48.03 9.66 -52.16
C TYR W 110 -48.97 8.65 -51.52
N ASN W 111 -50.24 8.72 -51.92
CA ASN W 111 -51.26 7.78 -51.50
C ASN W 111 -51.57 6.82 -52.64
N LEU W 112 -51.56 5.53 -52.34
CA LEU W 112 -51.73 4.49 -53.33
C LEU W 112 -53.02 3.73 -53.10
N ASP W 113 -53.36 2.88 -54.06
CA ASP W 113 -54.55 2.05 -53.95
C ASP W 113 -54.35 0.96 -52.91
N PHE W 114 -55.47 0.49 -52.35
CA PHE W 114 -55.40 -0.55 -51.33
C PHE W 114 -54.83 -1.85 -51.90
N GLU W 115 -55.12 -2.14 -53.16
CA GLU W 115 -54.61 -3.37 -53.76
C GLU W 115 -53.09 -3.40 -53.83
N ASP W 116 -52.47 -2.27 -54.15
CA ASP W 116 -51.02 -2.24 -54.33
C ASP W 116 -50.26 -2.35 -53.01
N LEU W 117 -50.92 -2.16 -51.88
CA LEU W 117 -50.23 -2.19 -50.60
C LEU W 117 -49.74 -3.60 -50.30
N PRO W 118 -48.60 -3.76 -49.63
CA PRO W 118 -48.17 -5.09 -49.21
C PRO W 118 -49.16 -5.71 -48.23
N GLU W 119 -49.03 -7.03 -48.07
CA GLU W 119 -49.95 -7.76 -47.19
C GLU W 119 -49.84 -7.27 -45.75
N SER W 120 -48.61 -7.03 -45.28
CA SER W 120 -48.42 -6.64 -43.89
C SER W 120 -49.09 -5.30 -43.59
N VAL W 121 -48.98 -4.34 -44.50
CA VAL W 121 -49.61 -3.04 -44.31
C VAL W 121 -51.14 -3.19 -44.33
N ALA W 122 -51.66 -3.99 -45.26
CA ALA W 122 -53.09 -4.18 -45.35
C ALA W 122 -53.65 -4.81 -44.08
N THR W 123 -52.92 -5.78 -43.51
CA THR W 123 -53.38 -6.40 -42.26
C THR W 123 -53.46 -5.37 -41.13
N VAL W 124 -52.44 -4.50 -41.02
CA VAL W 124 -52.45 -3.48 -39.98
C VAL W 124 -53.65 -2.55 -40.18
N ILE W 125 -53.89 -2.11 -41.41
CA ILE W 125 -55.00 -1.20 -41.66
C ILE W 125 -56.33 -1.87 -41.33
N THR W 126 -56.50 -3.12 -41.75
CA THR W 126 -57.76 -3.83 -41.51
C THR W 126 -58.00 -3.99 -40.01
N TYR W 127 -56.97 -4.38 -39.26
CA TYR W 127 -57.14 -4.61 -37.84
C TYR W 127 -57.27 -3.32 -37.04
N ARG W 128 -56.76 -2.20 -37.55
CA ARG W 128 -57.04 -0.92 -36.91
C ARG W 128 -58.49 -0.50 -37.15
N ALA W 129 -58.97 -0.64 -38.39
CA ALA W 129 -60.35 -0.27 -38.68
C ALA W 129 -61.33 -1.14 -37.90
N ALA W 130 -61.04 -2.44 -37.78
CA ALA W 130 -61.93 -3.33 -37.07
C ALA W 130 -62.11 -2.89 -35.62
N ARG W 131 -61.00 -2.59 -34.94
CA ARG W 131 -61.10 -2.12 -33.56
C ARG W 131 -61.81 -0.78 -33.48
N ALA W 132 -61.47 0.15 -34.38
CA ALA W 132 -62.10 1.46 -34.34
C ALA W 132 -63.62 1.36 -34.48
N VAL W 133 -64.10 0.38 -35.26
CA VAL W 133 -65.54 0.22 -35.42
C VAL W 133 -66.13 -0.53 -34.24
N TYR W 134 -65.48 -1.60 -33.80
CA TYR W 134 -66.04 -2.43 -32.74
C TYR W 134 -66.17 -1.66 -31.44
N VAL W 135 -65.13 -0.91 -31.06
CA VAL W 135 -65.19 -0.15 -29.81
C VAL W 135 -66.28 0.89 -29.86
N GLY W 136 -66.42 1.61 -30.98
CA GLY W 136 -67.42 2.66 -31.06
C GLY W 136 -68.84 2.16 -31.20
N ASP W 137 -69.03 0.92 -31.68
CA ASP W 137 -70.36 0.40 -31.91
C ASP W 137 -70.86 -0.56 -30.84
N LEU W 138 -69.97 -1.18 -30.07
CA LEU W 138 -70.37 -2.19 -29.09
C LEU W 138 -69.73 -2.02 -27.72
N GLY W 139 -68.86 -1.04 -27.53
CA GLY W 139 -68.20 -0.84 -26.25
C GLY W 139 -66.87 -1.56 -26.19
N ASN W 140 -66.15 -1.32 -25.10
CA ASN W 140 -64.83 -1.89 -24.86
C ASN W 140 -65.02 -3.20 -24.10
N ASP W 141 -65.12 -4.29 -24.86
CA ASP W 141 -65.26 -5.63 -24.28
C ASP W 141 -63.88 -6.25 -24.12
N ALA W 142 -63.83 -7.53 -23.79
CA ALA W 142 -62.56 -8.24 -23.60
C ALA W 142 -62.00 -8.81 -24.88
N SER W 143 -62.69 -8.67 -26.01
CA SER W 143 -62.22 -9.24 -27.27
C SER W 143 -61.28 -8.32 -28.04
N VAL W 144 -61.15 -7.05 -27.62
CA VAL W 144 -60.25 -6.13 -28.31
C VAL W 144 -58.79 -6.47 -28.02
N GLN W 145 -58.52 -7.23 -26.96
CA GLN W 145 -57.16 -7.63 -26.63
C GLN W 145 -56.53 -8.55 -27.67
N ASP W 146 -57.35 -9.19 -28.51
CA ASP W 146 -56.83 -9.98 -29.62
C ASP W 146 -56.56 -9.12 -30.85
N LEU W 147 -57.45 -8.15 -31.12
CA LEU W 147 -57.23 -7.25 -32.24
C LEU W 147 -55.96 -6.43 -32.04
N VAL W 148 -55.75 -5.91 -30.83
CA VAL W 148 -54.53 -5.13 -30.58
C VAL W 148 -53.30 -6.00 -30.75
N LEU W 149 -53.36 -7.24 -30.26
CA LEU W 149 -52.22 -8.15 -30.38
C LEU W 149 -51.90 -8.45 -31.85
N ASN W 150 -52.94 -8.70 -32.65
CA ASN W 150 -52.73 -8.94 -34.07
C ASN W 150 -52.12 -7.72 -34.74
N GLU W 151 -52.61 -6.53 -34.38
CA GLU W 151 -52.04 -5.30 -34.96
C GLU W 151 -50.56 -5.17 -34.62
N GLN W 152 -50.20 -5.43 -33.37
CA GLN W 152 -48.80 -5.31 -32.97
C GLN W 152 -47.92 -6.31 -33.71
N GLN W 153 -48.38 -7.56 -33.82
CA GLN W 153 -47.60 -8.55 -34.55
C GLN W 153 -47.41 -8.13 -36.01
N ALA W 154 -48.47 -7.62 -36.64
CA ALA W 154 -48.33 -7.17 -38.03
C ALA W 154 -47.37 -5.98 -38.14
N MET W 155 -47.44 -5.05 -37.19
CA MET W 155 -46.56 -3.89 -37.23
C MET W 155 -45.10 -4.28 -37.11
N LEU W 156 -44.80 -5.29 -36.29
CA LEU W 156 -43.42 -5.76 -36.20
C LEU W 156 -42.90 -6.23 -37.55
N LEU W 157 -43.69 -7.04 -38.25
CA LEU W 157 -43.27 -7.50 -39.58
C LEU W 157 -43.14 -6.34 -40.55
N VAL W 158 -44.06 -5.37 -40.48
CA VAL W 158 -43.96 -4.21 -41.37
C VAL W 158 -42.64 -3.49 -41.16
N GLU W 159 -42.29 -3.23 -39.90
CA GLU W 159 -41.04 -2.52 -39.62
C GLU W 159 -39.83 -3.34 -40.06
N GLU W 160 -39.85 -4.65 -39.83
CA GLU W 160 -38.73 -5.49 -40.25
C GLU W 160 -38.56 -5.43 -41.76
N GLN W 161 -39.67 -5.51 -42.50
CA GLN W 161 -39.60 -5.46 -43.97
C GLN W 161 -39.05 -4.12 -44.44
N HIS W 162 -39.54 -3.02 -43.85
CA HIS W 162 -39.04 -1.71 -44.26
C HIS W 162 -37.56 -1.57 -43.99
N MET W 163 -37.11 -2.03 -42.82
CA MET W 163 -35.67 -1.97 -42.52
C MET W 163 -34.87 -2.82 -43.50
N ARG W 164 -35.40 -3.98 -43.88
CA ARG W 164 -34.68 -4.83 -44.83
C ARG W 164 -34.55 -4.18 -46.20
N ASN W 165 -35.62 -3.53 -46.68
CA ASN W 165 -35.59 -3.01 -48.05
C ASN W 165 -34.66 -1.81 -48.19
N LYS W 166 -34.59 -0.96 -47.17
CA LYS W 166 -33.86 0.30 -47.31
C LYS W 166 -32.36 0.06 -47.48
N LYS W 167 -31.82 -0.96 -46.81
CA LYS W 167 -30.40 -1.30 -46.91
C LYS W 167 -29.52 -0.12 -46.46
N HIS W 168 -29.66 0.23 -45.19
CA HIS W 168 -28.78 1.22 -44.59
C HIS W 168 -27.42 0.59 -44.29
N SER W 169 -26.37 1.40 -44.41
CA SER W 169 -25.03 0.92 -44.17
C SER W 169 -24.15 2.07 -43.73
N THR W 170 -23.05 1.74 -43.06
CA THR W 170 -22.06 2.74 -42.64
C THR W 170 -21.03 3.03 -43.73
N ARG W 171 -21.04 2.27 -44.83
CA ARG W 171 -20.11 2.50 -45.92
C ARG W 171 -20.56 3.62 -46.85
N ARG W 172 -21.78 4.12 -46.69
CA ARG W 172 -22.31 5.17 -47.55
C ARG W 172 -21.98 6.58 -47.07
N ARG W 173 -21.37 6.71 -45.89
CA ARG W 173 -20.98 8.02 -45.40
C ARG W 173 -19.72 8.50 -46.12
N ARG W 174 -19.58 9.82 -46.25
CA ARG W 174 -18.50 10.38 -47.03
C ARG W 174 -17.12 10.17 -46.40
N PRO W 175 -16.99 10.10 -45.07
CA PRO W 175 -15.67 9.82 -44.50
C PRO W 175 -15.08 8.52 -44.99
N TRP W 176 -15.92 7.49 -45.18
CA TRP W 176 -15.42 6.23 -45.72
C TRP W 176 -14.91 6.40 -47.14
N GLY W 177 -15.63 7.19 -47.95
CA GLY W 177 -15.15 7.46 -49.29
C GLY W 177 -13.82 8.18 -49.30
N LYS W 178 -13.66 9.17 -48.41
CA LYS W 178 -12.38 9.87 -48.32
C LYS W 178 -11.26 8.93 -47.89
N TYR W 179 -11.55 8.04 -46.92
CA TYR W 179 -10.55 7.08 -46.48
C TYR W 179 -10.14 6.15 -47.61
N GLN W 180 -11.12 5.68 -48.39
CA GLN W 180 -10.79 4.79 -49.51
C GLN W 180 -9.99 5.51 -50.57
N ASN W 181 -10.32 6.78 -50.84
CA ASN W 181 -9.53 7.56 -51.78
C ASN W 181 -8.10 7.72 -51.28
N ALA W 182 -7.93 7.96 -49.98
CA ALA W 182 -6.59 8.08 -49.42
C ALA W 182 -5.82 6.77 -49.56
N LEU W 183 -6.49 5.65 -49.36
CA LEU W 183 -5.86 4.33 -49.50
C LEU W 183 -5.75 3.94 -50.97
N SER W 184 -5.08 4.81 -51.73
CA SER W 184 -4.87 4.56 -53.17
C SER W 184 -3.78 5.51 -53.65
N GLY W 185 -2.77 4.94 -54.32
CA GLY W 185 -1.68 5.74 -54.82
C GLY W 185 -0.65 4.91 -55.59
N MET X 1 -50.71 -32.97 -45.09
CA MET X 1 -51.93 -32.78 -44.25
C MET X 1 -53.09 -32.30 -45.13
N GLU X 2 -54.07 -33.16 -45.34
CA GLU X 2 -55.20 -32.82 -46.20
C GLU X 2 -56.02 -31.70 -45.59
N LEU X 3 -56.62 -30.88 -46.47
CA LEU X 3 -57.46 -29.79 -46.00
C LEU X 3 -58.63 -30.30 -45.17
N LEU X 4 -59.14 -31.49 -45.48
CA LEU X 4 -60.26 -32.05 -44.73
C LEU X 4 -59.89 -32.24 -43.27
N ASP X 5 -58.65 -32.65 -43.00
CA ASP X 5 -58.20 -32.83 -41.62
C ASP X 5 -58.23 -31.50 -40.87
N ALA X 6 -57.74 -30.43 -41.50
CA ALA X 6 -57.76 -29.12 -40.85
C ALA X 6 -59.19 -28.64 -40.62
N VAL X 7 -60.07 -28.86 -41.60
CA VAL X 7 -61.45 -28.43 -41.44
C VAL X 7 -62.11 -29.18 -40.29
N ASN X 8 -61.87 -30.50 -40.20
CA ASN X 8 -62.44 -31.27 -39.11
C ASN X 8 -61.87 -30.84 -37.77
N THR X 9 -60.57 -30.54 -37.71
CA THR X 9 -59.99 -30.04 -36.46
C THR X 9 -60.64 -28.73 -36.04
N CYS X 10 -60.83 -27.81 -36.98
CA CYS X 10 -61.49 -26.55 -36.65
C CYS X 10 -62.92 -26.78 -36.18
N LEU X 11 -63.65 -27.65 -36.85
CA LEU X 11 -65.02 -27.94 -36.44
C LEU X 11 -65.07 -28.53 -35.04
N THR X 12 -64.17 -29.46 -34.74
CA THR X 12 -64.13 -30.06 -33.40
C THR X 12 -63.79 -29.01 -32.36
N ALA X 13 -62.84 -28.12 -32.66
CA ALA X 13 -62.51 -27.05 -31.72
C ALA X 13 -63.70 -26.13 -31.51
N LEU X 14 -64.51 -25.91 -32.55
CA LEU X 14 -65.68 -25.04 -32.44
C LEU X 14 -66.87 -25.72 -31.79
N GLY X 15 -66.85 -27.04 -31.66
CA GLY X 15 -67.91 -27.77 -31.00
C GLY X 15 -68.90 -28.47 -31.92
N GLU X 16 -68.83 -28.20 -33.22
CA GLU X 16 -69.77 -28.80 -34.16
C GLU X 16 -69.29 -30.19 -34.59
N ALA X 17 -70.18 -30.91 -35.27
CA ALA X 17 -69.88 -32.28 -35.67
C ALA X 17 -68.91 -32.30 -36.84
N ARG X 18 -68.18 -33.41 -36.96
CA ARG X 18 -67.20 -33.60 -38.02
C ARG X 18 -67.93 -33.81 -39.35
N VAL X 19 -67.16 -33.72 -40.44
CA VAL X 19 -67.68 -33.86 -41.79
C VAL X 19 -66.87 -34.92 -42.53
N THR X 20 -67.22 -35.13 -43.81
CA THR X 20 -66.58 -36.14 -44.63
C THR X 20 -65.96 -35.60 -45.91
N SER X 21 -66.49 -34.52 -46.48
CA SER X 21 -65.96 -33.93 -47.70
C SER X 21 -65.88 -32.43 -47.55
N THR X 22 -64.80 -31.84 -48.09
CA THR X 22 -64.65 -30.39 -48.04
C THR X 22 -65.65 -29.67 -48.92
N ASP X 23 -66.35 -30.40 -49.80
CA ASP X 23 -67.36 -29.80 -50.66
C ASP X 23 -68.73 -29.73 -49.99
N THR X 24 -68.86 -30.22 -48.77
CA THR X 24 -70.14 -30.17 -48.08
C THR X 24 -70.64 -28.73 -47.99
N ARG X 25 -71.96 -28.56 -48.10
CA ARG X 25 -72.57 -27.25 -48.23
C ARG X 25 -72.78 -26.55 -46.90
N HIS X 26 -72.20 -27.06 -45.81
CA HIS X 26 -72.32 -26.40 -44.52
C HIS X 26 -71.72 -24.99 -44.63
N PRO X 27 -72.38 -23.97 -44.09
CA PRO X 27 -71.89 -22.60 -44.27
C PRO X 27 -70.60 -22.28 -43.51
N SER X 28 -70.28 -23.01 -42.46
CA SER X 28 -69.06 -22.73 -41.70
C SER X 28 -67.82 -23.16 -42.46
N VAL X 29 -67.96 -24.12 -43.38
CA VAL X 29 -66.81 -24.62 -44.12
C VAL X 29 -66.21 -23.53 -45.00
N ALA X 30 -67.06 -22.71 -45.63
CA ALA X 30 -66.54 -21.62 -46.47
C ALA X 30 -65.73 -20.63 -45.65
N LEU X 31 -66.24 -20.25 -44.47
CA LEU X 31 -65.50 -19.34 -43.61
C LEU X 31 -64.19 -19.96 -43.15
N ILE X 32 -64.21 -21.25 -42.80
CA ILE X 32 -63.00 -21.93 -42.38
C ILE X 32 -61.96 -21.90 -43.50
N LEU X 33 -62.39 -22.23 -44.72
CA LEU X 33 -61.46 -22.26 -45.84
C LEU X 33 -60.88 -20.88 -46.13
N GLN X 34 -61.73 -19.85 -46.10
CA GLN X 34 -61.23 -18.50 -46.36
C GLN X 34 -60.23 -18.07 -45.29
N THR X 35 -60.53 -18.35 -44.02
CA THR X 35 -59.60 -18.00 -42.96
C THR X 35 -58.28 -18.75 -43.11
N LEU X 36 -58.35 -20.04 -43.45
CA LEU X 36 -57.14 -20.81 -43.66
C LEU X 36 -56.29 -20.23 -44.79
N ALA X 37 -56.95 -19.87 -45.90
CA ALA X 37 -56.21 -19.29 -47.02
C ALA X 37 -55.55 -17.97 -46.63
N THR X 38 -56.28 -17.10 -45.92
CA THR X 38 -55.71 -15.82 -45.54
C THR X 38 -54.53 -15.99 -44.60
N LYS X 39 -54.66 -16.88 -43.61
CA LYS X 39 -53.56 -17.11 -42.68
C LYS X 39 -52.35 -17.70 -43.39
N GLN X 40 -52.58 -18.64 -44.31
CA GLN X 40 -51.47 -19.22 -45.08
C GLN X 40 -50.76 -18.14 -45.88
N LYS X 41 -51.52 -17.27 -46.54
CA LYS X 41 -50.91 -16.21 -47.33
C LYS X 41 -50.10 -15.27 -46.46
N LEU X 42 -50.62 -14.92 -45.28
CA LEU X 42 -49.90 -13.99 -44.41
C LEU X 42 -48.62 -14.61 -43.86
N LEU X 43 -48.68 -15.88 -43.45
CA LEU X 43 -47.55 -16.48 -42.75
C LEU X 43 -46.30 -16.54 -43.63
N LEU X 44 -46.46 -16.93 -44.89
CA LEU X 44 -45.32 -17.21 -45.76
C LEU X 44 -44.74 -15.94 -46.38
N GLU X 45 -45.21 -14.76 -46.00
CA GLU X 45 -44.75 -13.53 -46.64
C GLU X 45 -43.26 -13.30 -46.40
N ARG X 46 -42.80 -13.54 -45.16
CA ARG X 46 -41.42 -13.23 -44.82
C ARG X 46 -40.44 -14.07 -45.64
N GLY X 47 -40.76 -15.36 -45.85
CA GLY X 47 -39.87 -16.24 -46.57
C GLY X 47 -39.20 -17.26 -45.68
N TRP X 48 -39.08 -18.50 -46.16
CA TRP X 48 -38.51 -19.59 -45.39
C TRP X 48 -37.54 -20.36 -46.28
N TRP X 49 -37.11 -21.53 -45.83
CA TRP X 49 -36.10 -22.30 -46.52
C TRP X 49 -36.66 -23.11 -47.70
N PHE X 50 -37.97 -23.13 -47.89
CA PHE X 50 -38.58 -23.95 -48.93
C PHE X 50 -39.35 -23.15 -49.97
N ASN X 51 -39.42 -21.81 -49.83
CA ASN X 51 -40.19 -21.01 -50.78
C ASN X 51 -39.44 -19.73 -51.16
N THR X 52 -38.13 -19.80 -51.27
CA THR X 52 -37.30 -18.65 -51.64
C THR X 52 -36.31 -19.04 -52.73
N GLN X 53 -36.33 -18.29 -53.82
CA GLN X 53 -35.41 -18.53 -54.93
C GLN X 53 -35.06 -17.21 -55.60
N ASP X 54 -33.92 -17.18 -56.28
CA ASP X 54 -33.52 -16.01 -57.05
C ASP X 54 -33.83 -16.23 -58.53
N GLU X 55 -34.28 -15.17 -59.20
CA GLU X 55 -34.67 -15.25 -60.60
C GLU X 55 -34.35 -13.94 -61.30
N GLU X 56 -34.30 -14.00 -62.62
CA GLU X 56 -34.01 -12.85 -63.46
C GLU X 56 -35.17 -12.64 -64.43
N MET X 57 -35.54 -11.38 -64.64
CA MET X 57 -36.66 -11.02 -65.50
C MET X 57 -36.16 -10.17 -66.66
N PHE X 58 -36.89 -10.25 -67.79
CA PHE X 58 -36.52 -9.54 -69.00
C PHE X 58 -37.62 -8.55 -69.39
N PRO X 59 -37.26 -7.44 -70.03
CA PRO X 59 -38.27 -6.44 -70.39
C PRO X 59 -39.03 -6.81 -71.66
N ASP X 60 -40.19 -6.19 -71.81
CA ASP X 60 -41.02 -6.38 -73.00
C ASP X 60 -40.53 -5.45 -74.10
N LEU X 61 -41.28 -5.35 -75.19
CA LEU X 61 -40.91 -4.44 -76.27
C LEU X 61 -40.92 -2.99 -75.81
N LEU X 62 -41.96 -2.60 -75.07
CA LEU X 62 -42.05 -1.24 -74.57
C LEU X 62 -41.01 -0.96 -73.50
N GLY X 63 -40.77 -1.93 -72.60
CA GLY X 63 -39.80 -1.77 -71.53
C GLY X 63 -40.39 -2.02 -70.16
N ARG X 64 -41.53 -2.72 -70.11
CA ARG X 64 -42.18 -3.04 -68.84
C ARG X 64 -41.88 -4.50 -68.48
N ILE X 65 -41.52 -4.74 -67.23
CA ILE X 65 -41.17 -6.07 -66.74
C ILE X 65 -42.30 -6.57 -65.86
N PRO X 66 -42.99 -7.64 -66.21
CA PRO X 66 -44.02 -8.21 -65.32
C PRO X 66 -43.36 -9.05 -64.22
N TYR X 67 -44.19 -9.46 -63.27
CA TYR X 67 -43.73 -10.23 -62.12
C TYR X 67 -44.51 -11.53 -62.02
N PRO X 68 -43.93 -12.57 -61.40
CA PRO X 68 -44.64 -13.85 -61.30
C PRO X 68 -45.97 -13.74 -60.59
N ALA X 69 -46.95 -14.53 -61.02
CA ALA X 69 -48.30 -14.44 -60.46
C ALA X 69 -48.36 -14.98 -59.04
N ALA X 70 -47.58 -16.03 -58.75
CA ALA X 70 -47.63 -16.69 -57.46
C ALA X 70 -46.81 -15.98 -56.38
N SER X 71 -46.06 -14.94 -56.74
CA SER X 71 -45.18 -14.29 -55.77
C SER X 71 -45.99 -13.50 -54.75
N ILE X 72 -45.38 -13.27 -53.59
CA ILE X 72 -45.99 -12.47 -52.55
C ILE X 72 -45.21 -11.19 -52.25
N SER X 73 -43.89 -11.18 -52.45
CA SER X 73 -43.09 -10.01 -52.18
C SER X 73 -41.91 -9.97 -53.14
N VAL X 74 -41.41 -8.76 -53.41
CA VAL X 74 -40.30 -8.56 -54.33
C VAL X 74 -39.24 -7.72 -53.64
N GLU X 75 -37.98 -7.96 -54.00
CA GLU X 75 -36.86 -7.21 -53.47
C GLU X 75 -35.78 -7.12 -54.53
N SER X 76 -34.93 -6.12 -54.41
CA SER X 76 -33.87 -5.88 -55.40
C SER X 76 -32.55 -6.50 -54.93
N LEU X 77 -31.66 -6.73 -55.90
CA LEU X 77 -30.33 -7.25 -55.63
C LEU X 77 -29.26 -6.51 -56.42
N ASP X 78 -29.58 -5.36 -57.02
CA ASP X 78 -28.65 -4.61 -57.86
C ASP X 78 -28.22 -3.37 -57.09
N GLY X 79 -27.06 -3.44 -56.45
CA GLY X 79 -26.55 -2.28 -55.74
C GLY X 79 -27.53 -1.83 -54.67
N TYR X 80 -27.81 -0.52 -54.64
CA TYR X 80 -28.72 0.08 -53.68
C TYR X 80 -30.05 0.47 -54.30
N ASN X 81 -30.44 -0.21 -55.38
CA ASN X 81 -31.69 0.11 -56.05
C ASN X 81 -32.88 -0.44 -55.26
N ILE X 82 -34.05 0.15 -55.48
CA ILE X 82 -35.27 -0.24 -54.81
C ILE X 82 -36.35 -0.49 -55.87
N TYR X 83 -37.04 -1.63 -55.73
CA TYR X 83 -38.12 -2.00 -56.63
C TYR X 83 -39.37 -2.32 -55.83
N SER X 84 -40.52 -2.11 -56.45
CA SER X 84 -41.81 -2.38 -55.82
C SER X 84 -42.82 -2.70 -56.91
N LYS X 85 -43.95 -3.29 -56.49
CA LYS X 85 -45.00 -3.71 -57.40
C LYS X 85 -46.08 -2.64 -57.46
N ARG X 86 -46.52 -2.32 -58.68
CA ARG X 86 -47.55 -1.30 -58.87
C ARG X 86 -48.19 -1.50 -60.24
N ASN X 87 -49.52 -1.49 -60.27
CA ASN X 87 -50.28 -1.60 -61.52
C ASN X 87 -49.89 -2.85 -62.30
N ASN X 88 -49.77 -3.98 -61.59
CA ASN X 88 -49.44 -5.26 -62.20
C ASN X 88 -48.12 -5.21 -62.96
N PHE X 89 -47.20 -4.37 -62.50
CA PHE X 89 -45.90 -4.24 -63.13
C PHE X 89 -44.90 -3.75 -62.11
N LEU X 90 -43.62 -4.00 -62.38
CA LEU X 90 -42.57 -3.54 -61.50
C LEU X 90 -42.37 -2.04 -61.64
N PHE X 91 -42.07 -1.39 -60.52
CA PHE X 91 -41.85 0.06 -60.47
C PHE X 91 -40.44 0.33 -60.00
N ASN X 92 -39.76 1.25 -60.69
CA ASN X 92 -38.40 1.66 -60.33
C ASN X 92 -38.51 2.83 -59.36
N ASN X 93 -38.40 2.53 -58.08
CA ASN X 93 -38.58 3.56 -57.05
C ASN X 93 -37.41 4.53 -57.01
N THR X 94 -36.22 4.08 -57.41
CA THR X 94 -35.04 4.94 -57.35
C THR X 94 -35.02 6.00 -58.45
N CYS X 95 -35.78 5.81 -59.54
CA CYS X 95 -35.79 6.76 -60.62
C CYS X 95 -37.18 7.27 -60.98
N ASN X 96 -38.22 6.85 -60.25
CA ASN X 96 -39.59 7.30 -60.49
C ASN X 96 -39.98 7.11 -61.95
N THR X 97 -39.84 5.86 -62.42
CA THR X 97 -40.18 5.52 -63.79
C THR X 97 -40.66 4.08 -63.84
N MET X 98 -41.40 3.76 -64.89
CA MET X 98 -41.97 2.44 -65.08
C MET X 98 -41.29 1.64 -66.18
N TYR X 99 -40.48 2.28 -67.03
CA TYR X 99 -39.84 1.62 -68.16
C TYR X 99 -38.39 1.33 -67.83
N PHE X 100 -37.99 0.06 -67.99
CA PHE X 100 -36.63 -0.38 -67.71
C PHE X 100 -35.84 -0.46 -69.01
N THR X 101 -34.54 -0.75 -68.88
CA THR X 101 -33.64 -0.85 -70.01
C THR X 101 -33.06 -2.24 -70.23
N GLY X 102 -33.01 -3.07 -69.19
CA GLY X 102 -32.45 -4.40 -69.31
C GLY X 102 -32.91 -5.32 -68.20
N PRO X 103 -32.37 -6.55 -68.18
CA PRO X 103 -32.79 -7.52 -67.16
C PRO X 103 -32.35 -7.09 -65.76
N VAL X 104 -33.09 -7.59 -64.77
CA VAL X 104 -32.84 -7.27 -63.38
C VAL X 104 -32.85 -8.57 -62.56
N CYS X 105 -32.26 -8.49 -61.37
CA CYS X 105 -32.22 -9.59 -60.43
C CYS X 105 -33.02 -9.19 -59.19
N ILE X 106 -33.88 -10.09 -58.71
CA ILE X 106 -34.78 -9.80 -57.61
C ILE X 106 -35.06 -11.08 -56.84
N ARG X 107 -35.33 -10.93 -55.54
CA ARG X 107 -35.76 -12.04 -54.71
C ARG X 107 -37.29 -12.18 -54.80
N VAL X 108 -37.76 -13.42 -54.79
CA VAL X 108 -39.18 -13.73 -54.92
C VAL X 108 -39.58 -14.72 -53.85
N THR X 109 -40.75 -14.50 -53.26
CA THR X 109 -41.33 -15.41 -52.28
C THR X 109 -42.63 -15.96 -52.87
N TYR X 110 -42.72 -17.28 -52.96
CA TYR X 110 -43.82 -17.93 -53.65
C TYR X 110 -44.83 -18.51 -52.67
N ASN X 111 -46.06 -18.67 -53.16
CA ASN X 111 -47.14 -19.28 -52.41
C ASN X 111 -47.39 -20.68 -52.94
N LEU X 112 -47.44 -21.65 -52.04
CA LEU X 112 -47.57 -23.06 -52.41
C LEU X 112 -48.90 -23.62 -51.93
N ASP X 113 -49.19 -24.83 -52.37
CA ASP X 113 -50.41 -25.52 -51.96
C ASP X 113 -50.32 -25.94 -50.49
N PHE X 114 -51.48 -26.09 -49.87
CA PHE X 114 -51.52 -26.48 -48.46
C PHE X 114 -50.94 -27.89 -48.26
N GLU X 115 -51.15 -28.77 -49.25
CA GLU X 115 -50.64 -30.14 -49.12
C GLU X 115 -49.12 -30.17 -49.04
N ASP X 116 -48.44 -29.34 -49.83
CA ASP X 116 -46.99 -29.39 -49.89
C ASP X 116 -46.32 -28.82 -48.64
N LEU X 117 -47.05 -28.10 -47.80
CA LEU X 117 -46.46 -27.49 -46.63
C LEU X 117 -46.04 -28.56 -45.63
N PRO X 118 -44.95 -28.36 -44.88
CA PRO X 118 -44.60 -29.30 -43.82
C PRO X 118 -45.67 -29.37 -42.75
N GLU X 119 -45.59 -30.43 -41.94
CA GLU X 119 -46.59 -30.64 -40.90
C GLU X 119 -46.57 -29.50 -39.88
N SER X 120 -45.38 -29.05 -39.50
CA SER X 120 -45.27 -28.02 -38.47
C SER X 120 -45.93 -26.71 -38.92
N VAL X 121 -45.72 -26.33 -40.18
CA VAL X 121 -46.33 -25.11 -40.70
C VAL X 121 -47.85 -25.26 -40.77
N ALA X 122 -48.33 -26.42 -41.21
CA ALA X 122 -49.76 -26.65 -41.31
C ALA X 122 -50.42 -26.59 -39.93
N THR X 123 -49.77 -27.13 -38.91
CA THR X 123 -50.33 -27.05 -37.56
C THR X 123 -50.46 -25.61 -37.11
N VAL X 124 -49.43 -24.79 -37.36
CA VAL X 124 -49.49 -23.39 -36.97
C VAL X 124 -50.64 -22.68 -37.68
N ILE X 125 -50.78 -22.92 -38.99
CA ILE X 125 -51.85 -22.26 -39.74
C ILE X 125 -53.21 -22.69 -39.22
N THR X 126 -53.39 -23.99 -38.99
CA THR X 126 -54.67 -24.50 -38.52
C THR X 126 -55.03 -23.91 -37.17
N TYR X 127 -54.07 -23.87 -36.24
CA TYR X 127 -54.34 -23.35 -34.91
C TYR X 127 -54.50 -21.85 -34.86
N ARG X 128 -53.92 -21.11 -35.82
CA ARG X 128 -54.21 -19.69 -35.92
C ARG X 128 -55.63 -19.45 -36.44
N ALA X 129 -56.02 -20.19 -37.49
CA ALA X 129 -57.36 -20.04 -38.02
C ALA X 129 -58.43 -20.41 -36.99
N ALA X 130 -58.18 -21.49 -36.23
CA ALA X 130 -59.15 -21.93 -35.24
C ALA X 130 -59.41 -20.83 -34.22
N ARG X 131 -58.35 -20.21 -33.70
CA ARG X 131 -58.53 -19.12 -32.74
C ARG X 131 -59.21 -17.93 -33.39
N ALA X 132 -58.78 -17.56 -34.60
CA ALA X 132 -59.38 -16.40 -35.26
C ALA X 132 -60.89 -16.58 -35.45
N VAL X 133 -61.33 -17.82 -35.68
CA VAL X 133 -62.76 -18.05 -35.85
C VAL X 133 -63.46 -18.12 -34.50
N TYR X 134 -62.87 -18.84 -33.54
CA TYR X 134 -63.53 -19.05 -32.25
C TYR X 134 -63.74 -17.72 -31.52
N VAL X 135 -62.70 -16.87 -31.48
CA VAL X 135 -62.82 -15.61 -30.78
C VAL X 135 -63.89 -14.72 -31.42
N GLY X 136 -63.92 -14.66 -32.76
CA GLY X 136 -64.88 -13.80 -33.42
C GLY X 136 -66.30 -14.32 -33.41
N ASP X 137 -66.49 -15.64 -33.22
CA ASP X 137 -67.82 -16.22 -33.28
C ASP X 137 -68.42 -16.53 -31.91
N LEU X 138 -67.61 -16.68 -30.86
CA LEU X 138 -68.11 -17.07 -29.56
C LEU X 138 -67.57 -16.24 -28.39
N GLY X 139 -66.68 -15.29 -28.65
CA GLY X 139 -66.11 -14.48 -27.60
C GLY X 139 -64.80 -15.06 -27.07
N ASN X 140 -64.17 -14.30 -26.19
CA ASN X 140 -62.88 -14.66 -25.60
C ASN X 140 -63.16 -15.43 -24.32
N ASP X 141 -63.24 -16.75 -24.44
CA ASP X 141 -63.46 -17.63 -23.30
C ASP X 141 -62.11 -18.07 -22.74
N ALA X 142 -62.12 -19.03 -21.81
CA ALA X 142 -60.89 -19.52 -21.20
C ALA X 142 -60.25 -20.65 -21.98
N SER X 143 -60.85 -21.10 -23.09
CA SER X 143 -60.32 -22.21 -23.85
C SER X 143 -59.29 -21.78 -24.90
N VAL X 144 -59.16 -20.47 -25.17
CA VAL X 144 -58.18 -20.00 -26.14
C VAL X 144 -56.76 -20.14 -25.61
N GLN X 145 -56.59 -20.28 -24.30
CA GLN X 145 -55.27 -20.44 -23.70
C GLN X 145 -54.60 -21.74 -24.11
N ASP X 146 -55.37 -22.73 -24.59
CA ASP X 146 -54.79 -23.96 -25.12
C ASP X 146 -54.41 -23.82 -26.58
N LEU X 147 -55.24 -23.11 -27.36
CA LEU X 147 -54.92 -22.88 -28.77
C LEU X 147 -53.65 -22.06 -28.90
N VAL X 148 -53.51 -21.00 -28.10
CA VAL X 148 -52.29 -20.18 -28.16
C VAL X 148 -51.07 -21.01 -27.79
N LEU X 149 -51.21 -21.85 -26.76
CA LEU X 149 -50.09 -22.69 -26.33
C LEU X 149 -49.68 -23.66 -27.42
N ASN X 150 -50.66 -24.30 -28.07
CA ASN X 150 -50.35 -25.21 -29.17
C ASN X 150 -49.66 -24.46 -30.30
N GLU X 151 -50.14 -23.26 -30.62
CA GLU X 151 -49.50 -22.47 -31.68
C GLU X 151 -48.04 -22.17 -31.33
N GLN X 152 -47.78 -21.78 -30.09
CA GLN X 152 -46.41 -21.46 -29.69
C GLN X 152 -45.50 -22.69 -29.78
N GLN X 153 -45.99 -23.84 -29.30
CA GLN X 153 -45.19 -25.05 -29.38
C GLN X 153 -44.88 -25.40 -30.83
N ALA X 154 -45.87 -25.29 -31.71
CA ALA X 154 -45.62 -25.58 -33.12
C ALA X 154 -44.63 -24.59 -33.74
N MET X 155 -44.74 -23.32 -33.37
CA MET X 155 -43.83 -22.31 -33.92
C MET X 155 -42.39 -22.58 -33.51
N LEU X 156 -42.18 -23.04 -32.27
CA LEU X 156 -40.83 -23.39 -31.86
C LEU X 156 -40.23 -24.46 -32.75
N LEU X 157 -40.98 -25.53 -33.03
CA LEU X 157 -40.48 -26.57 -33.91
C LEU X 157 -40.24 -26.04 -35.32
N VAL X 158 -41.13 -25.17 -35.82
CA VAL X 158 -40.94 -24.61 -37.15
C VAL X 158 -39.62 -23.87 -37.22
N GLU X 159 -39.35 -23.02 -36.23
CA GLU X 159 -38.11 -22.25 -36.23
C GLU X 159 -36.89 -23.15 -36.13
N GLU X 160 -36.97 -24.18 -35.28
CA GLU X 160 -35.85 -25.11 -35.14
C GLU X 160 -35.57 -25.80 -36.47
N GLN X 161 -36.62 -26.26 -37.15
CA GLN X 161 -36.44 -26.93 -38.43
C GLN X 161 -35.82 -26.00 -39.46
N HIS X 162 -36.32 -24.76 -39.54
CA HIS X 162 -35.76 -23.82 -40.51
C HIS X 162 -34.29 -23.54 -40.21
N MET X 163 -33.94 -23.36 -38.94
CA MET X 163 -32.53 -23.14 -38.61
C MET X 163 -31.69 -24.35 -38.97
N ARG X 164 -32.21 -25.56 -38.77
CA ARG X 164 -31.46 -26.76 -39.11
C ARG X 164 -31.21 -26.87 -40.61
N ASN X 165 -32.22 -26.56 -41.44
CA ASN X 165 -32.08 -26.78 -42.88
C ASN X 165 -31.10 -25.79 -43.51
N LYS X 166 -31.09 -24.55 -43.05
CA LYS X 166 -30.31 -23.52 -43.74
C LYS X 166 -28.81 -23.79 -43.65
N LYS X 167 -28.35 -24.34 -42.53
CA LYS X 167 -26.93 -24.67 -42.34
C LYS X 167 -26.06 -23.42 -42.46
N HIS X 168 -26.28 -22.48 -41.55
CA HIS X 168 -25.42 -21.31 -41.44
C HIS X 168 -24.11 -21.70 -40.77
N SER X 169 -23.02 -21.04 -41.19
CA SER X 169 -21.71 -21.33 -40.64
C SER X 169 -20.84 -20.10 -40.75
N THR X 170 -19.80 -20.05 -39.93
CA THR X 170 -18.82 -18.96 -39.99
C THR X 170 -17.71 -19.24 -40.99
N ARG X 171 -17.66 -20.44 -41.57
CA ARG X 171 -16.64 -20.76 -42.56
C ARG X 171 -16.99 -20.25 -43.95
N ARG X 172 -18.21 -19.75 -44.15
CA ARG X 172 -18.64 -19.28 -45.46
C ARG X 172 -18.30 -17.81 -45.70
N ARG X 173 -17.78 -17.10 -44.70
CA ARG X 173 -17.39 -15.72 -44.90
C ARG X 173 -16.07 -15.64 -45.65
N ARG X 174 -15.88 -14.56 -46.41
CA ARG X 174 -14.73 -14.45 -47.30
C ARG X 174 -13.41 -14.30 -46.53
N PRO X 175 -13.38 -13.70 -45.33
CA PRO X 175 -12.11 -13.64 -44.61
C PRO X 175 -11.52 -15.02 -44.34
N TRP X 176 -12.38 -16.01 -44.06
CA TRP X 176 -11.88 -17.37 -43.86
C TRP X 176 -11.26 -17.91 -45.15
N GLY X 177 -11.90 -17.64 -46.28
CA GLY X 177 -11.31 -18.07 -47.56
C GLY X 177 -9.96 -17.43 -47.81
N LYS X 178 -9.84 -16.14 -47.52
CA LYS X 178 -8.55 -15.47 -47.68
C LYS X 178 -7.50 -16.06 -46.75
N TYR X 179 -7.88 -16.34 -45.50
CA TYR X 179 -6.94 -16.95 -44.56
C TYR X 179 -6.48 -18.31 -45.06
N GLN X 180 -7.40 -19.13 -45.57
CA GLN X 180 -7.03 -20.44 -46.07
C GLN X 180 -6.13 -20.33 -47.29
N ASN X 181 -6.40 -19.37 -48.18
CA ASN X 181 -5.52 -19.15 -49.32
C ASN X 181 -4.13 -18.75 -48.85
N ALA X 182 -4.05 -17.89 -47.83
CA ALA X 182 -2.75 -17.50 -47.30
C ALA X 182 -2.01 -18.69 -46.72
N LEU X 183 -2.72 -19.59 -46.04
CA LEU X 183 -2.13 -20.79 -45.46
C LEU X 183 -1.92 -21.86 -46.54
N SER X 184 -1.17 -21.47 -47.57
CA SER X 184 -0.87 -22.39 -48.68
C SER X 184 0.28 -21.80 -49.48
N GLY X 185 1.33 -22.59 -49.69
CA GLY X 185 2.48 -22.15 -50.45
C GLY X 185 3.53 -23.22 -50.62
#